data_9IOV
#
_entry.id   9IOV
#
_cell.length_a   84.369
_cell.length_b   110.924
_cell.length_c   217.546
_cell.angle_alpha   89.98
_cell.angle_beta   90.04
_cell.angle_gamma   88.37
#
_symmetry.space_group_name_H-M   'P 1'
#
loop_
_entity.id
_entity.type
_entity.pdbx_description
1 polymer 'L-lactate dehydrogenase A chain'
2 non-polymer Gossypol
#
_entity_poly.entity_id   1
_entity_poly.type   'polypeptide(L)'
_entity_poly.pdbx_seq_one_letter_code
;ATLKDQLIYNLLKEEQTPQNKITVVGVGAVGMACAISILMKDLADELALVDVIEDKLKGEMMDLQHGSLFLRTPKIVSGK
DYNVTANSKLVIITAGARQQEGESRLNLVQRNVNIFKFIIPNVVKYSPNCKLLIVSNPVDILTYVAWKISGFPKNRVIGS
GCNLDSARFRYLMGERLGVHPLSCHGWVLGEHGDSSVPVWSGMNVAGVSLKTLHPDLGTDKDKEQWKEVHKQVVESAYEV
IKLKGYTSWAIGLSVADLAESIMKNLRRVHPVSTMIKGLYGIKDDVFLSVPCILGQNGISDLVKVTLTSEEEARLKKSAD
TLWGIQKELQF
;
_entity_poly.pdbx_strand_id   A,B,C,D,E,F,G,H,I,J,K,L,M,N,O,P,Q,R,S,T,U,V,W,X
#
# COMPACT_ATOMS: atom_id res chain seq x y z
N ALA A 1 17.16 71.07 40.90
CA ALA A 1 16.68 69.82 41.60
C ALA A 1 17.81 68.85 41.94
N THR A 2 17.59 68.14 43.05
CA THR A 2 18.53 67.10 43.51
C THR A 2 18.38 65.86 42.61
N LEU A 3 19.39 64.97 42.65
CA LEU A 3 19.35 63.71 41.94
C LEU A 3 18.15 62.89 42.41
N LYS A 4 17.92 62.87 43.73
CA LYS A 4 16.82 62.13 44.34
C LYS A 4 15.49 62.58 43.72
N ASP A 5 15.31 63.90 43.57
CA ASP A 5 14.08 64.48 43.03
C ASP A 5 13.95 64.23 41.53
N GLN A 6 15.07 64.23 40.81
CA GLN A 6 15.06 63.92 39.39
C GLN A 6 14.63 62.47 39.17
N LEU A 7 15.03 61.59 40.10
CA LEU A 7 14.84 60.16 39.92
C LEU A 7 13.47 59.73 40.47
N ILE A 8 13.05 60.32 41.59
CA ILE A 8 11.94 59.80 42.36
C ILE A 8 10.89 60.89 42.55
N TYR A 9 9.64 60.57 42.17
CA TYR A 9 8.50 61.42 42.46
C TYR A 9 7.82 60.85 43.71
N ASN A 10 7.60 61.72 44.69
CA ASN A 10 7.17 61.33 46.01
C ASN A 10 5.67 61.41 46.14
N LEU A 11 5.00 60.33 46.58
CA LEU A 11 3.59 60.34 46.92
C LEU A 11 3.44 60.54 48.42
N LEU A 12 4.36 59.91 49.18
CA LEU A 12 4.14 59.60 50.58
C LEU A 12 5.41 59.91 51.35
N LYS A 13 5.22 60.50 52.52
CA LYS A 13 6.33 61.10 53.29
C LYS A 13 6.89 60.23 54.41
N GLU A 14 6.23 60.18 55.59
CA GLU A 14 6.91 59.77 56.80
C GLU A 14 7.22 58.27 56.83
N GLU A 15 6.28 57.48 56.25
CA GLU A 15 6.34 56.03 56.18
C GLU A 15 6.29 55.45 57.58
N GLN A 16 7.27 54.61 58.00
CA GLN A 16 7.65 54.48 59.38
C GLN A 16 6.69 53.59 60.17
N THR A 17 7.02 53.60 61.47
CA THR A 17 6.69 52.65 62.55
C THR A 17 6.87 51.17 62.19
N PRO A 18 7.76 50.45 62.91
CA PRO A 18 8.00 49.04 62.58
C PRO A 18 6.81 48.18 62.97
N GLN A 19 6.51 47.17 62.16
CA GLN A 19 5.39 46.29 62.43
C GLN A 19 5.89 45.00 63.10
N ASN A 20 7.15 44.64 62.85
CA ASN A 20 7.66 43.34 63.25
C ASN A 20 9.11 43.48 63.72
N LYS A 21 9.32 44.33 64.72
CA LYS A 21 10.65 44.69 65.15
C LYS A 21 11.16 43.75 66.23
N ILE A 22 12.42 43.35 66.09
CA ILE A 22 13.10 42.56 67.09
C ILE A 22 14.33 43.34 67.57
N THR A 23 14.51 43.36 68.90
CA THR A 23 15.70 43.92 69.51
C THR A 23 16.54 42.80 70.13
N VAL A 24 17.85 42.86 69.88
CA VAL A 24 18.80 42.02 70.58
C VAL A 24 19.66 42.92 71.46
N VAL A 25 19.59 42.67 72.78
CA VAL A 25 20.41 43.37 73.75
C VAL A 25 21.63 42.50 74.02
N GLY A 26 22.83 43.07 73.82
CA GLY A 26 24.09 42.35 73.94
C GLY A 26 24.60 41.90 72.57
N VAL A 27 25.79 42.40 72.16
CA VAL A 27 26.35 42.04 70.87
C VAL A 27 27.63 41.22 71.05
N GLY A 28 27.62 40.40 72.12
CA GLY A 28 28.59 39.32 72.28
C GLY A 28 28.32 38.23 71.27
N ALA A 29 29.11 37.14 71.31
CA ALA A 29 29.01 36.10 70.30
C ALA A 29 27.59 35.55 70.24
N VAL A 30 26.94 35.45 71.40
CA VAL A 30 25.59 34.90 71.48
C VAL A 30 24.60 35.86 70.82
N GLY A 31 24.68 37.13 71.20
CA GLY A 31 23.80 38.16 70.66
C GLY A 31 23.86 38.21 69.13
N MET A 32 25.07 38.13 68.59
CA MET A 32 25.27 38.28 67.17
C MET A 32 24.86 37.02 66.41
N ALA A 33 24.98 35.85 67.07
CA ALA A 33 24.50 34.61 66.48
C ALA A 33 22.96 34.62 66.42
N CYS A 34 22.33 35.20 67.45
CA CYS A 34 20.89 35.40 67.44
C CYS A 34 20.51 36.35 66.31
N ALA A 35 21.28 37.44 66.16
CA ALA A 35 21.03 38.45 65.14
C ALA A 35 21.08 37.84 63.74
N ILE A 36 22.19 37.16 63.40
CA ILE A 36 22.38 36.61 62.06
C ILE A 36 21.29 35.57 61.75
N SER A 37 20.96 34.76 62.76
CA SER A 37 19.99 33.68 62.61
C SER A 37 18.60 34.27 62.33
N ILE A 38 18.25 35.33 63.06
CA ILE A 38 16.98 36.02 62.88
C ILE A 38 16.96 36.72 61.52
N LEU A 39 18.08 37.35 61.14
CA LEU A 39 18.14 38.04 59.86
C LEU A 39 17.93 37.07 58.71
N MET A 40 18.46 35.85 58.84
CA MET A 40 18.40 34.95 57.72
C MET A 40 17.10 34.15 57.70
N LYS A 41 16.28 34.27 58.75
CA LYS A 41 14.99 33.61 58.77
C LYS A 41 13.84 34.57 58.49
N ASP A 42 14.18 35.84 58.21
CA ASP A 42 13.28 36.90 57.80
C ASP A 42 12.20 37.15 58.84
N LEU A 43 12.55 37.12 60.12
CA LEU A 43 11.55 37.18 61.18
C LEU A 43 11.18 38.63 61.52
N ALA A 44 11.98 39.59 61.04
CA ALA A 44 11.86 40.98 61.46
C ALA A 44 11.90 41.94 60.27
N ASP A 45 11.14 43.04 60.37
CA ASP A 45 11.20 44.14 59.42
C ASP A 45 12.19 45.20 59.91
N GLU A 46 12.58 45.10 61.18
CA GLU A 46 13.57 45.98 61.77
C GLU A 46 14.29 45.22 62.88
N LEU A 47 15.63 45.28 62.86
CA LEU A 47 16.46 44.72 63.91
C LEU A 47 17.21 45.85 64.59
N ALA A 48 17.09 45.89 65.92
CA ALA A 48 17.84 46.84 66.72
C ALA A 48 18.83 46.08 67.60
N LEU A 49 20.07 46.56 67.66
CA LEU A 49 21.07 46.02 68.56
C LEU A 49 21.40 47.08 69.61
N VAL A 50 21.52 46.64 70.87
CA VAL A 50 21.94 47.52 71.94
C VAL A 50 23.05 46.86 72.76
N ASP A 51 24.04 47.67 73.13
CA ASP A 51 25.09 47.26 74.06
C ASP A 51 25.65 48.51 74.73
N VAL A 52 26.65 48.32 75.60
CA VAL A 52 27.30 49.43 76.28
C VAL A 52 28.62 49.78 75.58
N ILE A 53 29.21 48.79 74.89
CA ILE A 53 30.46 48.99 74.18
C ILE A 53 30.13 49.58 72.83
N GLU A 54 30.44 50.86 72.64
CA GLU A 54 29.92 51.63 71.53
C GLU A 54 30.64 51.31 70.23
N ASP A 55 31.95 51.08 70.31
CA ASP A 55 32.74 50.76 69.13
C ASP A 55 32.32 49.42 68.54
N LYS A 56 32.27 48.39 69.39
CA LYS A 56 31.88 47.04 69.00
C LYS A 56 30.48 47.05 68.40
N LEU A 57 29.58 47.80 69.04
CA LEU A 57 28.18 47.87 68.68
C LEU A 57 28.04 48.41 67.26
N LYS A 58 28.70 49.55 66.98
CA LYS A 58 28.62 50.17 65.68
C LYS A 58 29.23 49.26 64.61
N GLY A 59 30.34 48.58 64.96
CA GLY A 59 31.01 47.70 64.03
C GLY A 59 30.14 46.52 63.60
N GLU A 60 29.47 45.91 64.59
CA GLU A 60 28.58 44.79 64.37
C GLU A 60 27.42 45.21 63.47
N MET A 61 26.77 46.33 63.81
CA MET A 61 25.67 46.87 63.03
C MET A 61 26.11 47.04 61.57
N MET A 62 27.24 47.73 61.36
CA MET A 62 27.77 48.00 60.03
C MET A 62 28.04 46.69 59.27
N ASP A 63 28.59 45.68 59.92
CA ASP A 63 28.92 44.44 59.24
C ASP A 63 27.65 43.79 58.71
N LEU A 64 26.59 43.79 59.53
CA LEU A 64 25.30 43.25 59.12
C LEU A 64 24.73 44.11 57.98
N GLN A 65 24.82 45.43 58.12
CA GLN A 65 24.29 46.34 57.13
C GLN A 65 24.92 46.13 55.76
N HIS A 66 26.22 45.82 55.73
CA HIS A 66 26.90 45.65 54.45
C HIS A 66 26.37 44.42 53.70
N GLY A 67 25.71 43.51 54.42
CA GLY A 67 25.16 42.32 53.81
C GLY A 67 23.67 42.46 53.46
N SER A 68 23.15 43.69 53.50
CA SER A 68 21.73 43.97 53.32
C SER A 68 21.21 43.45 51.98
N LEU A 69 22.08 43.45 50.97
CA LEU A 69 21.74 42.96 49.64
C LEU A 69 21.22 41.53 49.73
N PHE A 70 21.70 40.76 50.71
CA PHE A 70 21.43 39.34 50.79
C PHE A 70 20.39 39.03 51.87
N LEU A 71 19.81 40.07 52.46
CA LEU A 71 18.80 39.89 53.50
C LEU A 71 17.49 40.53 53.07
N ARG A 72 16.45 40.30 53.85
CA ARG A 72 15.14 40.86 53.63
C ARG A 72 14.67 41.56 54.91
N THR A 73 15.64 42.10 55.66
CA THR A 73 15.32 42.95 56.80
C THR A 73 15.84 44.35 56.47
N PRO A 74 14.95 45.29 56.09
CA PRO A 74 15.39 46.56 55.51
C PRO A 74 15.99 47.58 56.48
N LYS A 75 15.73 47.41 57.79
CA LYS A 75 16.23 48.38 58.75
C LYS A 75 17.00 47.67 59.86
N ILE A 76 18.30 47.97 59.95
CA ILE A 76 19.16 47.52 61.04
C ILE A 76 19.69 48.77 61.72
N VAL A 77 19.43 48.88 63.02
CA VAL A 77 19.90 50.02 63.82
C VAL A 77 20.61 49.50 65.06
N SER A 78 21.45 50.37 65.63
CA SER A 78 22.09 50.11 66.91
C SER A 78 22.26 51.41 67.69
N GLY A 79 22.48 51.27 68.99
CA GLY A 79 22.71 52.42 69.86
C GLY A 79 22.86 51.98 71.31
N LYS A 80 23.63 52.76 72.09
CA LYS A 80 23.69 52.65 73.53
C LYS A 80 22.32 53.00 74.14
N ASP A 81 21.65 53.96 73.51
CA ASP A 81 20.39 54.48 74.00
C ASP A 81 19.29 53.50 73.61
N TYR A 82 18.41 53.18 74.57
CA TYR A 82 17.34 52.21 74.36
C TYR A 82 16.21 52.75 73.49
N ASN A 83 16.33 54.00 73.04
CA ASN A 83 15.27 54.55 72.19
C ASN A 83 15.32 53.88 70.81
N VAL A 84 16.45 53.26 70.45
CA VAL A 84 16.55 52.54 69.18
C VAL A 84 15.71 51.27 69.25
N THR A 85 15.21 50.94 70.45
CA THR A 85 14.54 49.68 70.76
C THR A 85 13.02 49.83 70.64
N ALA A 86 12.53 51.06 70.38
CA ALA A 86 11.12 51.39 70.54
C ALA A 86 10.25 50.53 69.62
N ASN A 87 9.10 50.09 70.17
CA ASN A 87 8.06 49.34 69.48
C ASN A 87 8.56 48.00 68.98
N SER A 88 9.41 47.33 69.79
CA SER A 88 9.80 45.96 69.52
C SER A 88 8.65 45.03 69.86
N LYS A 89 8.42 44.01 69.02
CA LYS A 89 7.50 42.93 69.33
C LYS A 89 8.20 41.97 70.30
N LEU A 90 9.50 41.78 70.09
CA LEU A 90 10.28 40.80 70.81
C LEU A 90 11.64 41.42 71.13
N VAL A 91 12.03 41.33 72.41
CA VAL A 91 13.31 41.82 72.87
C VAL A 91 14.08 40.64 73.46
N ILE A 92 15.25 40.36 72.88
CA ILE A 92 16.06 39.23 73.29
C ILE A 92 17.25 39.74 74.11
N ILE A 93 17.34 39.32 75.39
CA ILE A 93 18.39 39.77 76.27
C ILE A 93 19.50 38.71 76.29
N THR A 94 20.69 39.10 75.79
CA THR A 94 21.84 38.21 75.78
C THR A 94 23.01 38.87 76.53
N ALA A 95 22.77 40.03 77.14
CA ALA A 95 23.83 40.78 77.78
C ALA A 95 24.11 40.21 79.16
N GLY A 96 25.35 40.44 79.63
CA GLY A 96 25.73 39.94 80.94
C GLY A 96 27.03 39.15 80.90
N ALA A 97 27.42 38.65 82.06
CA ALA A 97 28.58 37.77 82.17
C ALA A 97 28.17 36.38 81.70
N ARG A 98 29.12 35.66 81.12
CA ARG A 98 28.92 34.27 80.73
C ARG A 98 29.96 33.42 81.46
N GLN A 99 29.69 32.10 81.55
CA GLN A 99 30.52 31.24 82.36
C GLN A 99 31.86 30.97 81.67
N GLN A 100 32.89 30.87 82.48
CA GLN A 100 34.18 30.36 82.04
C GLN A 100 34.16 28.84 82.13
N GLU A 101 35.22 28.25 81.61
CA GLU A 101 35.49 26.82 81.68
C GLU A 101 35.40 26.42 83.16
N GLY A 102 34.53 25.44 83.43
CA GLY A 102 34.35 24.92 84.77
C GLY A 102 33.37 25.70 85.65
N GLU A 103 32.94 26.89 85.20
CA GLU A 103 32.10 27.76 86.02
C GLU A 103 30.62 27.45 85.79
N SER A 104 29.89 27.22 86.90
CA SER A 104 28.46 27.01 86.88
C SER A 104 27.75 28.30 86.45
N ARG A 105 26.72 28.18 85.62
CA ARG A 105 25.90 29.32 85.24
C ARG A 105 25.32 30.00 86.46
N LEU A 106 25.11 29.25 87.54
CA LEU A 106 24.48 29.78 88.76
C LEU A 106 25.43 30.80 89.42
N ASN A 107 26.71 30.77 89.03
CA ASN A 107 27.73 31.64 89.60
C ASN A 107 27.67 33.03 88.97
N LEU A 108 26.87 33.20 87.92
CA LEU A 108 26.71 34.47 87.22
C LEU A 108 25.60 35.31 87.83
N VAL A 109 24.95 34.81 88.90
CA VAL A 109 23.62 35.31 89.22
C VAL A 109 23.63 36.78 89.64
N GLN A 110 24.49 37.13 90.60
CA GLN A 110 24.43 38.46 91.16
C GLN A 110 24.92 39.49 90.16
N ARG A 111 25.93 39.12 89.37
CA ARG A 111 26.48 40.03 88.37
C ARG A 111 25.39 40.39 87.35
N ASN A 112 24.66 39.35 86.89
CA ASN A 112 23.71 39.54 85.83
C ASN A 112 22.40 40.10 86.37
N VAL A 113 22.08 39.86 87.65
CA VAL A 113 20.91 40.46 88.27
C VAL A 113 21.12 41.98 88.28
N ASN A 114 22.34 42.40 88.64
CA ASN A 114 22.67 43.81 88.67
C ASN A 114 22.47 44.45 87.30
N ILE A 115 22.92 43.73 86.27
CA ILE A 115 22.86 44.20 84.88
C ILE A 115 21.39 44.37 84.49
N PHE A 116 20.56 43.38 84.88
CA PHE A 116 19.15 43.34 84.51
C PHE A 116 18.38 44.50 85.14
N LYS A 117 18.83 44.95 86.33
CA LYS A 117 18.24 46.10 86.99
C LYS A 117 18.32 47.35 86.13
N PHE A 118 19.31 47.39 85.22
CA PHE A 118 19.46 48.52 84.32
C PHE A 118 18.70 48.26 83.02
N ILE A 119 18.87 47.04 82.49
CA ILE A 119 18.42 46.69 81.15
C ILE A 119 16.90 46.64 81.09
N ILE A 120 16.28 45.91 82.02
CA ILE A 120 14.89 45.51 81.87
C ILE A 120 13.97 46.74 81.89
N PRO A 121 14.11 47.69 82.85
CA PRO A 121 13.28 48.90 82.87
C PRO A 121 13.39 49.75 81.60
N ASN A 122 14.59 49.75 81.01
CA ASN A 122 14.82 50.50 79.79
C ASN A 122 14.13 49.86 78.59
N VAL A 123 14.17 48.52 78.53
CA VAL A 123 13.50 47.78 77.47
C VAL A 123 12.00 48.06 77.56
N VAL A 124 11.47 47.97 78.78
CA VAL A 124 10.04 48.08 79.04
C VAL A 124 9.56 49.50 78.73
N LYS A 125 10.40 50.49 79.04
CA LYS A 125 10.10 51.88 78.76
C LYS A 125 9.70 52.07 77.29
N TYR A 126 10.48 51.48 76.38
CA TYR A 126 10.37 51.77 74.95
C TYR A 126 9.52 50.76 74.19
N SER A 127 9.35 49.55 74.75
CA SER A 127 8.53 48.52 74.14
C SER A 127 7.67 47.85 75.22
N PRO A 128 6.67 48.55 75.79
CA PRO A 128 5.89 48.02 76.91
C PRO A 128 5.09 46.76 76.59
N ASN A 129 4.83 46.52 75.30
CA ASN A 129 3.98 45.41 74.91
C ASN A 129 4.78 44.28 74.28
N CYS A 130 6.10 44.33 74.44
CA CYS A 130 6.95 43.32 73.82
C CYS A 130 6.84 42.00 74.59
N LYS A 131 7.33 40.93 73.96
CA LYS A 131 7.69 39.74 74.68
C LYS A 131 9.17 39.81 74.99
N LEU A 132 9.53 39.40 76.21
CA LEU A 132 10.90 39.34 76.65
C LEU A 132 11.39 37.90 76.52
N LEU A 133 12.46 37.70 75.73
CA LEU A 133 13.10 36.41 75.65
C LEU A 133 14.47 36.51 76.31
N ILE A 134 14.62 35.85 77.47
CA ILE A 134 15.85 35.93 78.25
C ILE A 134 16.77 34.79 77.81
N VAL A 135 18.03 35.14 77.50
CA VAL A 135 19.00 34.16 77.07
C VAL A 135 20.19 34.13 78.05
N SER A 136 20.43 35.28 78.71
CA SER A 136 21.49 35.44 79.71
C SER A 136 21.33 34.40 80.80
N ASN A 137 22.47 33.99 81.39
CA ASN A 137 22.50 32.90 82.34
C ASN A 137 22.69 33.42 83.77
N PRO A 138 22.22 32.73 84.83
CA PRO A 138 21.40 31.52 84.68
C PRO A 138 19.99 31.89 84.22
N VAL A 139 19.60 31.35 83.06
CA VAL A 139 18.45 31.82 82.32
C VAL A 139 17.17 31.65 83.15
N ASP A 140 17.10 30.61 83.96
CA ASP A 140 15.86 30.28 84.67
C ASP A 140 15.60 31.31 85.76
N ILE A 141 16.66 31.64 86.51
CA ILE A 141 16.56 32.66 87.55
C ILE A 141 16.40 34.02 86.91
N LEU A 142 17.15 34.30 85.84
CA LEU A 142 17.10 35.61 85.22
C LEU A 142 15.76 35.86 84.52
N THR A 143 15.06 34.79 84.14
CA THR A 143 13.71 34.93 83.58
C THR A 143 12.78 35.44 84.68
N TYR A 144 12.91 34.83 85.86
CA TYR A 144 12.17 35.22 87.05
C TYR A 144 12.49 36.69 87.37
N VAL A 145 13.78 37.05 87.30
CA VAL A 145 14.22 38.41 87.59
C VAL A 145 13.58 39.39 86.60
N ALA A 146 13.67 39.08 85.31
CA ALA A 146 13.10 39.92 84.28
C ALA A 146 11.59 40.07 84.51
N TRP A 147 10.95 39.04 85.05
CA TRP A 147 9.51 39.05 85.29
C TRP A 147 9.19 40.00 86.43
N LYS A 148 9.94 39.88 87.54
CA LYS A 148 9.77 40.73 88.70
C LYS A 148 10.06 42.19 88.34
N ILE A 149 11.14 42.44 87.59
CA ILE A 149 11.56 43.81 87.30
C ILE A 149 10.59 44.46 86.33
N SER A 150 10.26 43.77 85.24
CA SER A 150 9.46 44.32 84.15
C SER A 150 8.03 44.63 84.60
N GLY A 151 7.47 43.79 85.47
CA GLY A 151 6.08 43.87 85.87
C GLY A 151 5.13 43.32 84.81
N PHE A 152 5.70 42.63 83.81
CA PHE A 152 4.94 42.02 82.74
C PHE A 152 4.15 40.84 83.27
N PRO A 153 3.04 40.47 82.60
CA PRO A 153 2.38 39.20 82.89
C PRO A 153 3.35 38.09 82.48
N LYS A 154 3.19 36.91 83.10
CA LYS A 154 4.20 35.86 83.00
C LYS A 154 4.28 35.28 81.60
N ASN A 155 3.21 35.45 80.82
CA ASN A 155 3.19 34.91 79.46
C ASN A 155 4.17 35.66 78.56
N ARG A 156 4.54 36.89 78.93
CA ARG A 156 5.39 37.71 78.08
C ARG A 156 6.85 37.72 78.56
N VAL A 157 7.21 36.80 79.48
CA VAL A 157 8.58 36.68 79.90
C VAL A 157 9.00 35.21 79.74
N ILE A 158 9.88 34.96 78.77
CA ILE A 158 10.23 33.62 78.33
C ILE A 158 11.75 33.47 78.43
N GLY A 159 12.22 32.39 79.08
CA GLY A 159 13.64 32.09 79.08
C GLY A 159 13.95 31.03 78.02
N SER A 160 15.07 31.20 77.31
CA SER A 160 15.46 30.27 76.26
C SER A 160 15.53 28.84 76.82
N GLY A 161 15.84 28.73 78.10
CA GLY A 161 15.68 27.51 78.88
C GLY A 161 16.38 26.32 78.23
N CYS A 162 15.64 25.21 78.16
CA CYS A 162 16.20 23.94 77.71
C CYS A 162 15.90 23.65 76.24
N ASN A 163 15.51 24.68 75.47
CA ASN A 163 15.28 24.52 74.05
C ASN A 163 16.56 23.98 73.43
N LEU A 164 17.72 24.53 73.85
CA LEU A 164 19.00 24.11 73.31
C LEU A 164 19.39 22.74 73.84
N ASP A 165 19.15 22.49 75.13
CA ASP A 165 19.50 21.21 75.75
C ASP A 165 18.76 20.09 75.04
N SER A 166 17.48 20.30 74.75
CA SER A 166 16.66 19.32 74.07
C SER A 166 17.18 19.12 72.64
N ALA A 167 17.59 20.21 71.98
CA ALA A 167 18.15 20.17 70.63
C ALA A 167 19.41 19.33 70.60
N ARG A 168 20.29 19.54 71.58
CA ARG A 168 21.52 18.77 71.72
C ARG A 168 21.16 17.29 71.94
N PHE A 169 20.21 17.06 72.85
CA PHE A 169 19.76 15.72 73.20
C PHE A 169 19.31 14.97 71.96
N ARG A 170 18.49 15.65 71.15
CA ARG A 170 17.94 15.04 69.95
C ARG A 170 19.01 14.83 68.89
N TYR A 171 20.02 15.71 68.87
CA TYR A 171 21.13 15.54 67.95
C TYR A 171 21.86 14.25 68.27
N LEU A 172 22.19 14.06 69.56
CA LEU A 172 22.94 12.90 70.02
C LEU A 172 22.11 11.64 69.87
N MET A 173 20.82 11.72 70.18
CA MET A 173 19.89 10.63 69.98
C MET A 173 19.96 10.18 68.52
N GLY A 174 19.87 11.16 67.62
CA GLY A 174 19.90 10.92 66.18
C GLY A 174 21.20 10.28 65.72
N GLU A 175 22.32 10.69 66.32
CA GLU A 175 23.64 10.17 65.99
C GLU A 175 23.67 8.68 66.26
N ARG A 176 23.12 8.30 67.42
CA ARG A 176 23.11 6.91 67.86
C ARG A 176 22.19 6.07 66.98
N LEU A 177 21.05 6.64 66.56
CA LEU A 177 20.02 5.83 65.92
C LEU A 177 20.10 5.88 64.40
N GLY A 178 20.87 6.83 63.83
CA GLY A 178 20.97 7.02 62.40
C GLY A 178 19.72 7.67 61.82
N VAL A 179 19.12 8.58 62.60
CA VAL A 179 17.90 9.28 62.25
C VAL A 179 18.14 10.78 62.41
N HIS A 180 17.54 11.58 61.51
CA HIS A 180 17.64 13.03 61.65
C HIS A 180 17.04 13.45 62.98
N PRO A 181 17.65 14.41 63.70
CA PRO A 181 17.10 14.89 64.97
C PRO A 181 15.63 15.28 64.90
N LEU A 182 15.17 15.70 63.73
CA LEU A 182 13.78 16.13 63.56
C LEU A 182 12.85 14.96 63.86
N SER A 183 13.30 13.73 63.61
CA SER A 183 12.48 12.54 63.80
C SER A 183 12.79 11.82 65.11
N CYS A 184 13.72 12.39 65.91
CA CYS A 184 14.06 11.89 67.23
C CYS A 184 13.45 12.79 68.31
N HIS A 185 12.64 12.21 69.20
CA HIS A 185 11.91 12.98 70.18
C HIS A 185 12.37 12.63 71.58
N GLY A 186 12.45 13.66 72.43
CA GLY A 186 12.98 13.55 73.78
C GLY A 186 13.18 14.94 74.36
N TRP A 187 12.80 15.08 75.63
CA TRP A 187 12.75 16.37 76.29
C TRP A 187 13.75 16.39 77.45
N VAL A 188 14.53 17.48 77.51
CA VAL A 188 15.31 17.80 78.69
C VAL A 188 14.65 19.01 79.35
N LEU A 189 14.24 18.83 80.61
CA LEU A 189 13.47 19.84 81.32
C LEU A 189 14.20 20.31 82.58
N GLY A 190 13.62 21.32 83.24
CA GLY A 190 14.19 21.84 84.47
C GLY A 190 15.19 22.97 84.21
N GLU A 191 16.29 22.96 84.98
CA GLU A 191 17.35 23.95 84.86
C GLU A 191 18.10 23.75 83.55
N HIS A 192 18.32 24.87 82.85
CA HIS A 192 19.31 24.89 81.79
C HIS A 192 20.67 24.89 82.47
N GLY A 193 21.16 23.70 82.80
CA GLY A 193 22.38 23.58 83.58
C GLY A 193 22.57 22.17 84.08
N ASP A 194 23.32 22.04 85.18
CA ASP A 194 23.79 20.75 85.67
C ASP A 194 22.63 19.88 86.17
N SER A 195 21.52 20.49 86.60
CA SER A 195 20.43 19.74 87.19
C SER A 195 19.29 19.49 86.20
N SER A 196 19.60 19.52 84.90
CA SER A 196 18.58 19.24 83.89
C SER A 196 18.09 17.79 84.00
N VAL A 197 16.83 17.60 83.61
CA VAL A 197 16.17 16.31 83.75
C VAL A 197 15.85 15.75 82.36
N PRO A 198 16.46 14.62 81.94
CA PRO A 198 16.08 13.96 80.69
C PRO A 198 14.86 13.07 80.94
N VAL A 199 13.83 13.27 80.12
CA VAL A 199 12.58 12.55 80.29
C VAL A 199 12.63 11.28 79.44
N TRP A 200 13.23 10.22 80.01
CA TRP A 200 13.40 8.92 79.39
C TRP A 200 12.05 8.34 78.95
N SER A 201 11.03 8.60 79.76
CA SER A 201 9.70 8.04 79.51
C SER A 201 9.11 8.55 78.18
N GLY A 202 9.58 9.72 77.73
CA GLY A 202 9.03 10.42 76.58
C GLY A 202 9.84 10.19 75.29
N MET A 203 11.04 9.60 75.42
CA MET A 203 11.93 9.40 74.30
C MET A 203 11.32 8.42 73.30
N ASN A 204 11.26 8.83 72.03
CA ASN A 204 10.61 8.00 71.03
C ASN A 204 11.06 8.37 69.62
N VAL A 205 10.93 7.40 68.71
CA VAL A 205 11.01 7.63 67.28
C VAL A 205 9.72 7.07 66.68
N ALA A 206 9.07 7.87 65.83
CA ALA A 206 7.83 7.49 65.15
C ALA A 206 6.78 6.98 66.14
N GLY A 207 6.79 7.52 67.36
CA GLY A 207 5.79 7.22 68.36
C GLY A 207 6.10 5.95 69.16
N VAL A 208 7.23 5.31 68.85
CA VAL A 208 7.62 4.09 69.52
C VAL A 208 8.47 4.44 70.73
N SER A 209 7.97 4.16 71.94
CA SER A 209 8.66 4.45 73.18
C SER A 209 9.97 3.65 73.29
N LEU A 210 11.08 4.36 73.46
CA LEU A 210 12.39 3.74 73.54
C LEU A 210 12.55 3.01 74.86
N LYS A 211 11.92 3.54 75.92
CA LYS A 211 11.97 2.93 77.25
C LYS A 211 11.21 1.60 77.24
N THR A 212 10.13 1.54 76.46
CA THR A 212 9.36 0.31 76.29
C THR A 212 10.24 -0.76 75.63
N LEU A 213 10.97 -0.36 74.58
CA LEU A 213 11.84 -1.26 73.84
C LEU A 213 13.02 -1.68 74.71
N HIS A 214 13.47 -0.77 75.57
CA HIS A 214 14.74 -0.92 76.29
C HIS A 214 14.56 -0.37 77.70
N PRO A 215 14.02 -1.16 78.64
CA PRO A 215 13.69 -0.66 79.98
C PRO A 215 14.88 -0.15 80.78
N ASP A 216 16.08 -0.55 80.41
CA ASP A 216 17.29 -0.10 81.11
C ASP A 216 17.61 1.36 80.74
N LEU A 217 16.96 1.90 79.68
CA LEU A 217 17.24 3.23 79.18
C LEU A 217 17.21 4.25 80.32
N GLY A 218 18.34 4.96 80.49
CA GLY A 218 18.40 6.03 81.47
C GLY A 218 18.93 5.61 82.85
N THR A 219 19.14 4.31 83.04
CA THR A 219 19.67 3.82 84.30
C THR A 219 21.16 3.57 84.16
N ASP A 220 21.82 3.37 85.29
CA ASP A 220 23.26 3.08 85.33
C ASP A 220 23.52 1.66 84.85
N LYS A 221 22.52 0.76 85.01
CA LYS A 221 22.69 -0.62 84.64
C LYS A 221 22.68 -0.78 83.12
N ASP A 222 22.19 0.24 82.40
CA ASP A 222 22.05 0.25 80.96
C ASP A 222 23.35 -0.10 80.25
N LYS A 223 23.33 -1.26 79.57
CA LYS A 223 24.45 -1.79 78.80
C LYS A 223 24.84 -0.79 77.70
N GLU A 224 23.86 -0.04 77.19
CA GLU A 224 24.06 0.87 76.08
C GLU A 224 24.45 2.27 76.55
N GLN A 225 24.27 2.51 77.84
CA GLN A 225 24.73 3.73 78.49
C GLN A 225 24.04 4.95 77.90
N TRP A 226 22.71 4.92 77.84
CA TRP A 226 21.98 6.08 77.33
C TRP A 226 22.06 7.25 78.28
N LYS A 227 22.37 6.99 79.55
CA LYS A 227 22.51 8.04 80.54
C LYS A 227 23.62 9.01 80.09
N GLU A 228 24.61 8.47 79.36
CA GLU A 228 25.73 9.24 78.85
C GLU A 228 25.30 10.30 77.85
N VAL A 229 24.19 10.05 77.14
CA VAL A 229 23.68 11.04 76.21
C VAL A 229 23.29 12.30 76.99
N HIS A 230 22.62 12.14 78.13
CA HIS A 230 22.26 13.29 78.94
C HIS A 230 23.52 13.92 79.54
N LYS A 231 24.50 13.09 79.89
CA LYS A 231 25.70 13.62 80.52
C LYS A 231 26.41 14.53 79.52
N GLN A 232 26.32 14.15 78.25
CA GLN A 232 26.93 14.92 77.18
C GLN A 232 26.17 16.21 76.97
N VAL A 233 24.87 16.21 77.28
CA VAL A 233 24.07 17.41 77.15
C VAL A 233 24.50 18.43 78.19
N VAL A 234 24.63 17.96 79.44
CA VAL A 234 25.06 18.80 80.54
C VAL A 234 26.45 19.37 80.25
N GLU A 235 27.29 18.57 79.64
CA GLU A 235 28.71 18.90 79.50
C GLU A 235 29.02 19.63 78.20
N SER A 236 28.03 19.74 77.30
CA SER A 236 28.21 20.33 75.98
C SER A 236 28.81 21.72 76.10
N ALA A 237 28.10 22.59 76.82
CA ALA A 237 28.48 23.99 76.97
C ALA A 237 29.93 24.10 77.44
N TYR A 238 30.27 23.31 78.46
CA TYR A 238 31.59 23.35 79.04
C TYR A 238 32.64 22.85 78.04
N GLU A 239 32.29 21.82 77.27
CA GLU A 239 33.26 21.28 76.34
C GLU A 239 33.48 22.23 75.17
N VAL A 240 32.42 22.86 74.69
CA VAL A 240 32.56 23.83 73.60
C VAL A 240 33.36 25.03 74.11
N ILE A 241 33.06 25.49 75.33
CA ILE A 241 33.78 26.60 75.96
C ILE A 241 35.25 26.23 76.03
N LYS A 242 35.54 25.01 76.50
CA LYS A 242 36.91 24.52 76.62
C LYS A 242 37.59 24.58 75.26
N LEU A 243 36.87 24.24 74.18
CA LEU A 243 37.49 24.08 72.88
C LEU A 243 37.63 25.40 72.13
N LYS A 244 36.61 26.27 72.20
CA LYS A 244 36.61 27.47 71.37
C LYS A 244 36.39 28.75 72.18
N GLY A 245 36.17 28.62 73.49
CA GLY A 245 36.13 29.77 74.38
C GLY A 245 34.70 30.20 74.75
N TYR A 246 33.73 29.83 73.91
CA TYR A 246 32.34 30.22 74.13
C TYR A 246 31.44 29.35 73.28
N THR A 247 30.12 29.44 73.50
CA THR A 247 29.18 28.86 72.56
C THR A 247 28.41 29.99 71.90
N SER A 248 28.03 29.80 70.62
CA SER A 248 27.34 30.86 69.89
C SER A 248 26.30 30.29 68.93
N TRP A 249 26.73 29.40 68.03
CA TRP A 249 25.89 29.07 66.88
C TRP A 249 24.61 28.34 67.30
N ALA A 250 24.76 27.36 68.21
CA ALA A 250 23.65 26.51 68.61
C ALA A 250 22.60 27.32 69.36
N ILE A 251 23.05 28.15 70.31
CA ILE A 251 22.14 28.98 71.08
C ILE A 251 21.47 30.00 70.17
N GLY A 252 22.22 30.50 69.19
CA GLY A 252 21.71 31.45 68.21
C GLY A 252 20.53 30.88 67.43
N LEU A 253 20.74 29.68 66.89
CA LEU A 253 19.72 28.98 66.13
C LEU A 253 18.53 28.66 67.04
N SER A 254 18.83 28.23 68.28
CA SER A 254 17.79 27.88 69.24
C SER A 254 16.88 29.08 69.51
N VAL A 255 17.49 30.27 69.65
CA VAL A 255 16.78 31.51 69.94
C VAL A 255 15.94 31.93 68.73
N ALA A 256 16.48 31.76 67.52
CA ALA A 256 15.74 32.12 66.31
C ALA A 256 14.55 31.18 66.17
N ASP A 257 14.73 29.94 66.64
CA ASP A 257 13.66 28.96 66.63
C ASP A 257 12.49 29.46 67.47
N LEU A 258 12.80 29.98 68.66
CA LEU A 258 11.79 30.48 69.56
C LEU A 258 11.17 31.75 68.99
N ALA A 259 12.02 32.63 68.44
CA ALA A 259 11.59 33.88 67.82
C ALA A 259 10.59 33.60 66.70
N GLU A 260 10.86 32.54 65.91
CA GLU A 260 10.00 32.17 64.79
C GLU A 260 8.60 31.83 65.29
N SER A 261 8.51 31.05 66.37
CA SER A 261 7.24 30.64 66.92
C SER A 261 6.48 31.84 67.47
N ILE A 262 7.20 32.77 68.09
CA ILE A 262 6.56 33.94 68.67
C ILE A 262 6.04 34.86 67.55
N MET A 263 6.93 35.23 66.62
CA MET A 263 6.64 36.21 65.59
C MET A 263 5.54 35.74 64.64
N LYS A 264 5.54 34.44 64.33
CA LYS A 264 4.61 33.89 63.36
C LYS A 264 3.40 33.24 64.04
N ASN A 265 3.32 33.32 65.37
CA ASN A 265 2.20 32.84 66.17
C ASN A 265 1.91 31.36 65.87
N LEU A 266 2.96 30.53 65.84
CA LEU A 266 2.85 29.16 65.38
C LEU A 266 2.12 28.26 66.38
N ARG A 267 2.24 28.57 67.68
CA ARG A 267 1.71 27.71 68.73
C ARG A 267 2.39 26.34 68.67
N ARG A 268 3.71 26.37 68.44
CA ARG A 268 4.55 25.20 68.59
C ARG A 268 4.92 25.03 70.05
N VAL A 269 5.36 23.81 70.38
CA VAL A 269 5.71 23.48 71.76
C VAL A 269 7.23 23.46 71.90
N HIS A 270 7.75 24.25 72.86
CA HIS A 270 9.17 24.37 73.12
C HIS A 270 9.40 24.26 74.62
N PRO A 271 10.51 23.63 75.07
CA PRO A 271 10.87 23.60 76.48
C PRO A 271 11.59 24.90 76.85
N VAL A 272 10.88 25.81 77.51
CA VAL A 272 11.37 27.15 77.77
C VAL A 272 11.10 27.49 79.23
N SER A 273 11.84 28.46 79.78
CA SER A 273 11.73 28.80 81.18
C SER A 273 10.46 29.60 81.44
N THR A 274 9.65 29.10 82.37
CA THR A 274 8.43 29.79 82.75
C THR A 274 8.11 29.43 84.20
N MET A 275 7.13 30.15 84.76
CA MET A 275 6.77 29.88 86.13
C MET A 275 5.98 28.56 86.19
N ILE A 276 6.44 27.65 87.06
CA ILE A 276 5.84 26.31 87.17
C ILE A 276 5.18 26.09 88.52
N LYS A 277 5.03 27.16 89.31
CA LYS A 277 4.30 27.10 90.57
C LYS A 277 2.96 26.36 90.34
N GLY A 278 2.68 25.39 91.23
CA GLY A 278 1.46 24.60 91.18
C GLY A 278 1.60 23.27 90.43
N LEU A 279 2.74 23.06 89.76
CA LEU A 279 2.99 21.79 89.08
C LEU A 279 4.06 21.00 89.83
N TYR A 280 3.89 19.68 89.83
CA TYR A 280 4.83 18.73 90.41
C TYR A 280 5.13 19.08 91.87
N GLY A 281 4.15 19.67 92.55
CA GLY A 281 4.23 19.94 93.98
C GLY A 281 5.18 21.10 94.32
N ILE A 282 5.56 21.88 93.30
CA ILE A 282 6.34 23.08 93.51
C ILE A 282 5.37 24.19 93.93
N LYS A 283 5.68 24.86 95.05
CA LYS A 283 4.76 25.81 95.66
C LYS A 283 5.28 27.24 95.57
N ASP A 284 6.53 27.40 95.09
CA ASP A 284 7.15 28.71 95.04
C ASP A 284 7.20 29.24 93.61
N ASP A 285 7.66 30.49 93.48
CA ASP A 285 7.65 31.21 92.22
C ASP A 285 8.87 30.80 91.40
N VAL A 286 9.06 29.49 91.18
CA VAL A 286 10.24 29.01 90.50
C VAL A 286 9.99 29.05 89.00
N PHE A 287 10.99 29.51 88.25
CA PHE A 287 10.97 29.37 86.80
C PHE A 287 11.91 28.24 86.39
N LEU A 288 11.40 27.33 85.57
CA LEU A 288 12.28 26.40 84.87
C LEU A 288 11.59 25.95 83.58
N SER A 289 12.28 25.07 82.84
CA SER A 289 11.81 24.67 81.54
C SER A 289 10.81 23.51 81.65
N VAL A 290 9.62 23.73 81.09
CA VAL A 290 8.65 22.71 80.78
C VAL A 290 8.18 22.98 79.35
N PRO A 291 7.56 22.01 78.64
CA PRO A 291 7.06 22.26 77.29
C PRO A 291 5.92 23.28 77.33
N CYS A 292 6.10 24.36 76.56
CA CYS A 292 5.13 25.44 76.51
C CYS A 292 4.70 25.70 75.07
N ILE A 293 3.44 26.14 74.91
CA ILE A 293 2.92 26.57 73.62
C ILE A 293 3.30 28.04 73.42
N LEU A 294 4.01 28.30 72.32
CA LEU A 294 4.60 29.61 72.05
C LEU A 294 3.91 30.26 70.87
N GLY A 295 3.46 31.49 71.07
CA GLY A 295 2.83 32.27 70.02
C GLY A 295 3.02 33.75 70.25
N GLN A 296 2.14 34.54 69.61
CA GLN A 296 2.30 35.99 69.55
C GLN A 296 2.04 36.64 70.91
N ASN A 297 1.47 35.89 71.88
CA ASN A 297 1.32 36.42 73.23
C ASN A 297 2.34 35.78 74.16
N GLY A 298 3.37 35.14 73.57
CA GLY A 298 4.36 34.42 74.34
C GLY A 298 3.86 33.03 74.73
N ILE A 299 3.99 32.69 76.02
CA ILE A 299 3.58 31.39 76.51
C ILE A 299 2.10 31.45 76.86
N SER A 300 1.28 30.82 76.02
CA SER A 300 -0.16 30.80 76.25
C SER A 300 -0.56 29.61 77.10
N ASP A 301 0.25 28.54 77.07
CA ASP A 301 -0.13 27.25 77.66
C ASP A 301 1.12 26.46 78.02
N LEU A 302 0.99 25.59 79.04
CA LEU A 302 2.02 24.63 79.41
C LEU A 302 1.49 23.23 79.13
N VAL A 303 2.37 22.33 78.66
CA VAL A 303 2.05 20.93 78.63
C VAL A 303 2.43 20.35 79.98
N LYS A 304 1.50 19.62 80.59
CA LYS A 304 1.75 18.97 81.87
C LYS A 304 2.31 17.58 81.60
N VAL A 305 3.63 17.51 81.43
CA VAL A 305 4.26 16.24 81.08
C VAL A 305 4.11 15.28 82.26
N THR A 306 3.81 14.02 81.94
CA THR A 306 3.82 12.96 82.92
C THR A 306 5.25 12.47 83.14
N LEU A 307 5.66 12.47 84.41
CA LEU A 307 7.02 12.09 84.78
C LEU A 307 7.01 10.84 85.65
N THR A 308 8.01 9.99 85.48
CA THR A 308 8.24 8.94 86.47
C THR A 308 8.55 9.63 87.81
N SER A 309 8.31 8.93 88.91
CA SER A 309 8.57 9.45 90.24
C SER A 309 10.01 9.95 90.37
N GLU A 310 10.94 9.28 89.70
CA GLU A 310 12.33 9.68 89.75
C GLU A 310 12.55 10.95 88.90
N GLU A 311 11.99 10.95 87.69
CA GLU A 311 12.04 12.12 86.82
C GLU A 311 11.44 13.31 87.55
N GLU A 312 10.35 13.09 88.27
CA GLU A 312 9.70 14.15 89.04
C GLU A 312 10.58 14.57 90.20
N ALA A 313 11.23 13.60 90.84
CA ALA A 313 12.14 13.88 91.95
C ALA A 313 13.28 14.78 91.49
N ARG A 314 13.85 14.47 90.31
CA ARG A 314 14.95 15.23 89.71
C ARG A 314 14.51 16.67 89.41
N LEU A 315 13.26 16.82 88.94
CA LEU A 315 12.72 18.13 88.60
C LEU A 315 12.45 18.95 89.86
N LYS A 316 12.04 18.30 90.94
CA LYS A 316 11.81 18.97 92.21
C LYS A 316 13.15 19.41 92.79
N LYS A 317 14.20 18.61 92.56
CA LYS A 317 15.55 18.92 92.98
C LYS A 317 16.07 20.16 92.24
N SER A 318 15.81 20.18 90.92
CA SER A 318 16.18 21.30 90.07
C SER A 318 15.46 22.56 90.60
N ALA A 319 14.17 22.40 90.90
CA ALA A 319 13.34 23.50 91.41
C ALA A 319 13.93 24.04 92.71
N ASP A 320 14.34 23.15 93.62
CA ASP A 320 14.88 23.52 94.91
C ASP A 320 16.16 24.32 94.75
N THR A 321 17.08 23.80 93.93
CA THR A 321 18.35 24.47 93.65
C THR A 321 18.06 25.91 93.27
N LEU A 322 17.15 26.08 92.30
CA LEU A 322 16.85 27.38 91.72
C LEU A 322 16.20 28.29 92.75
N TRP A 323 15.23 27.73 93.49
CA TRP A 323 14.51 28.52 94.48
C TRP A 323 15.44 28.97 95.59
N GLY A 324 16.41 28.12 95.93
CA GLY A 324 17.40 28.45 96.93
C GLY A 324 18.10 29.76 96.61
N ILE A 325 18.42 29.96 95.33
CA ILE A 325 19.12 31.17 94.91
C ILE A 325 18.12 32.32 94.78
N GLN A 326 16.95 32.01 94.23
CA GLN A 326 15.93 33.00 93.95
C GLN A 326 15.48 33.71 95.21
N LYS A 327 15.31 32.96 96.28
CA LYS A 327 14.77 33.52 97.52
C LYS A 327 15.72 34.57 98.09
N GLU A 328 17.01 34.47 97.77
CA GLU A 328 17.98 35.37 98.36
C GLU A 328 18.08 36.70 97.60
N LEU A 329 17.41 36.78 96.46
CA LEU A 329 17.54 37.90 95.55
C LEU A 329 16.71 39.06 96.03
N GLN A 330 17.30 40.25 95.80
CA GLN A 330 17.12 41.56 96.35
C GLN A 330 17.22 42.43 95.09
N PHE A 331 16.69 43.67 95.14
CA PHE A 331 16.15 44.31 93.97
C PHE A 331 16.60 45.77 93.97
N ALA B 1 19.81 -6.67 68.74
CA ALA B 1 19.99 -6.82 70.20
C ALA B 1 19.85 -5.46 70.88
N THR B 2 20.51 -4.45 70.28
CA THR B 2 20.55 -3.10 70.81
C THR B 2 19.19 -2.43 70.63
N LEU B 3 18.95 -1.33 71.35
CA LEU B 3 17.72 -0.54 71.23
C LEU B 3 17.57 -0.06 69.78
N LYS B 4 18.68 0.41 69.18
CA LYS B 4 18.67 0.92 67.82
C LYS B 4 18.17 -0.16 66.87
N ASP B 5 18.64 -1.40 67.06
CA ASP B 5 18.28 -2.53 66.21
C ASP B 5 16.83 -2.99 66.44
N GLN B 6 16.37 -2.89 67.70
CA GLN B 6 14.99 -3.22 68.01
C GLN B 6 14.05 -2.21 67.34
N LEU B 7 14.50 -0.96 67.23
CA LEU B 7 13.63 0.11 66.77
C LEU B 7 13.69 0.25 65.25
N ILE B 8 14.89 0.05 64.68
CA ILE B 8 15.15 0.42 63.30
C ILE B 8 15.67 -0.78 62.52
N TYR B 9 15.02 -1.07 61.38
CA TYR B 9 15.34 -2.26 60.60
C TYR B 9 16.69 -2.32 59.84
N ASN B 10 16.77 -1.63 58.76
CA ASN B 10 17.82 -1.64 57.75
C ASN B 10 17.55 -2.45 56.50
N LEU B 11 17.31 -1.76 55.38
CA LEU B 11 17.29 -2.33 54.03
C LEU B 11 18.65 -2.15 53.37
N LEU B 12 19.26 -0.99 53.64
CA LEU B 12 20.38 -0.54 52.82
C LEU B 12 21.45 0.06 53.69
N LYS B 13 22.71 -0.42 53.53
CA LYS B 13 23.74 -0.09 54.53
C LYS B 13 24.76 0.91 53.97
N GLU B 14 25.76 0.51 53.13
CA GLU B 14 27.07 1.14 53.18
C GLU B 14 27.00 2.56 52.63
N GLU B 15 26.48 2.67 51.41
CA GLU B 15 26.16 3.90 50.71
C GLU B 15 27.29 4.91 50.79
N GLN B 16 26.98 6.18 51.03
CA GLN B 16 27.92 7.19 51.45
C GLN B 16 28.82 7.81 50.34
N THR B 17 28.25 8.33 49.28
CA THR B 17 28.88 9.42 48.53
C THR B 17 28.07 10.67 48.67
N PRO B 18 28.65 11.82 49.10
CA PRO B 18 27.88 13.06 49.21
C PRO B 18 27.58 13.60 47.81
N GLN B 19 26.37 14.17 47.65
CA GLN B 19 25.96 14.64 46.34
C GLN B 19 26.18 16.15 46.23
N ASN B 20 26.19 16.85 47.37
CA ASN B 20 26.22 18.29 47.38
C ASN B 20 27.09 18.79 48.52
N LYS B 21 28.35 18.35 48.54
CA LYS B 21 29.23 18.60 49.67
C LYS B 21 29.98 19.91 49.48
N ILE B 22 30.04 20.70 50.56
CA ILE B 22 30.82 21.92 50.59
C ILE B 22 31.85 21.81 51.71
N THR B 23 33.09 22.21 51.40
CA THR B 23 34.15 22.29 52.38
C THR B 23 34.51 23.77 52.60
N VAL B 24 34.64 24.13 53.88
CA VAL B 24 35.21 25.42 54.24
C VAL B 24 36.54 25.17 54.92
N VAL B 25 37.61 25.70 54.31
CA VAL B 25 38.95 25.64 54.86
C VAL B 25 39.20 26.93 55.64
N GLY B 26 39.55 26.81 56.91
CA GLY B 26 39.71 27.95 57.81
C GLY B 26 38.45 28.17 58.65
N VAL B 27 38.56 28.06 59.99
CA VAL B 27 37.42 28.27 60.88
C VAL B 27 37.62 29.53 61.72
N GLY B 28 38.28 30.53 61.12
CA GLY B 28 38.31 31.89 61.64
C GLY B 28 36.92 32.52 61.47
N ALA B 29 36.79 33.81 61.86
CA ALA B 29 35.48 34.43 61.87
C ALA B 29 34.83 34.37 60.48
N VAL B 30 35.66 34.50 59.45
CA VAL B 30 35.17 34.52 58.07
C VAL B 30 34.68 33.13 57.69
N GLY B 31 35.50 32.12 57.97
CA GLY B 31 35.16 30.74 57.66
C GLY B 31 33.84 30.32 58.28
N MET B 32 33.65 30.71 59.54
CA MET B 32 32.47 30.27 60.27
C MET B 32 31.24 31.06 59.85
N ALA B 33 31.42 32.32 59.41
CA ALA B 33 30.32 33.09 58.86
C ALA B 33 29.87 32.49 57.52
N CYS B 34 30.84 32.00 56.73
CA CYS B 34 30.54 31.28 55.51
C CYS B 34 29.77 30.01 55.85
N ALA B 35 30.23 29.27 56.86
CA ALA B 35 29.62 28.02 57.29
C ALA B 35 28.16 28.23 57.69
N ILE B 36 27.90 29.16 58.63
CA ILE B 36 26.55 29.37 59.13
C ILE B 36 25.62 29.81 58.00
N SER B 37 26.13 30.68 57.12
CA SER B 37 25.36 31.23 56.03
C SER B 37 24.95 30.12 55.06
N ILE B 38 25.91 29.23 54.75
CA ILE B 38 25.65 28.10 53.88
C ILE B 38 24.70 27.13 54.54
N LEU B 39 24.87 26.88 55.84
CA LEU B 39 24.01 25.95 56.55
C LEU B 39 22.57 26.44 56.51
N MET B 40 22.38 27.76 56.63
CA MET B 40 21.02 28.26 56.75
C MET B 40 20.38 28.49 55.39
N LYS B 41 21.15 28.35 54.30
CA LYS B 41 20.58 28.47 52.96
C LYS B 41 20.38 27.11 52.30
N ASP B 42 20.68 26.03 53.04
CA ASP B 42 20.46 24.65 52.65
C ASP B 42 21.20 24.29 51.37
N LEU B 43 22.44 24.77 51.21
CA LEU B 43 23.16 24.62 49.96
C LEU B 43 23.89 23.28 49.89
N ALA B 44 24.02 22.60 51.04
CA ALA B 44 24.89 21.42 51.15
C ALA B 44 24.18 20.27 51.88
N ASP B 45 24.48 19.04 51.46
CA ASP B 45 24.05 17.83 52.14
C ASP B 45 25.13 17.37 53.11
N GLU B 46 26.33 17.93 52.97
CA GLU B 46 27.44 17.67 53.86
C GLU B 46 28.33 18.90 53.90
N LEU B 47 28.69 19.33 55.12
CA LEU B 47 29.63 20.42 55.32
C LEU B 47 30.85 19.87 56.04
N ALA B 48 32.02 20.13 55.46
CA ALA B 48 33.29 19.77 56.09
C ALA B 48 34.04 21.04 56.45
N LEU B 49 34.59 21.08 57.66
CA LEU B 49 35.46 22.17 58.09
C LEU B 49 36.87 21.62 58.26
N VAL B 50 37.86 22.38 57.78
CA VAL B 50 39.25 22.02 58.00
C VAL B 50 40.03 23.23 58.50
N ASP B 51 40.92 22.97 59.48
CA ASP B 51 41.86 23.97 59.96
C ASP B 51 43.07 23.24 60.55
N VAL B 52 44.02 24.01 61.06
CA VAL B 52 45.21 23.45 61.70
C VAL B 52 45.05 23.47 63.22
N ILE B 53 44.23 24.38 63.73
CA ILE B 53 44.00 24.50 65.16
C ILE B 53 42.90 23.50 65.53
N GLU B 54 43.30 22.44 66.23
CA GLU B 54 42.48 21.25 66.37
C GLU B 54 41.36 21.47 67.39
N ASP B 55 41.68 22.19 68.47
CA ASP B 55 40.71 22.44 69.53
C ASP B 55 39.57 23.32 69.00
N LYS B 56 39.94 24.44 68.37
CA LYS B 56 38.99 25.38 67.82
C LYS B 56 38.09 24.72 66.79
N LEU B 57 38.71 23.88 65.95
CA LEU B 57 38.06 23.19 64.84
C LEU B 57 36.95 22.29 65.38
N LYS B 58 37.30 21.44 66.37
CA LYS B 58 36.35 20.52 66.95
C LYS B 58 35.21 21.28 67.64
N GLY B 59 35.56 22.38 68.32
CA GLY B 59 34.57 23.17 69.04
C GLY B 59 33.52 23.77 68.10
N GLU B 60 34.01 24.33 66.98
CA GLU B 60 33.16 24.94 65.97
C GLU B 60 32.21 23.89 65.38
N MET B 61 32.78 22.75 64.96
CA MET B 61 32.01 21.65 64.42
C MET B 61 30.88 21.27 65.39
N MET B 62 31.25 21.03 66.66
CA MET B 62 30.28 20.63 67.68
C MET B 62 29.19 21.67 67.86
N ASP B 63 29.54 22.96 67.84
CA ASP B 63 28.55 24.01 68.06
C ASP B 63 27.50 23.96 66.95
N LEU B 64 27.96 23.79 65.71
CA LEU B 64 27.08 23.68 64.56
C LEU B 64 26.23 22.43 64.69
N GLN B 65 26.87 21.31 65.06
CA GLN B 65 26.20 20.03 65.17
C GLN B 65 25.05 20.10 66.18
N HIS B 66 25.23 20.84 67.27
CA HIS B 66 24.21 20.90 68.30
C HIS B 66 22.94 21.59 67.79
N GLY B 67 23.09 22.35 66.70
CA GLY B 67 21.94 23.05 66.13
C GLY B 67 21.31 22.30 64.96
N SER B 68 21.66 21.02 64.79
CA SER B 68 21.25 20.21 63.65
C SER B 68 19.73 20.14 63.53
N LEU B 69 19.04 20.17 64.68
CA LEU B 69 17.58 20.12 64.71
C LEU B 69 16.99 21.23 63.84
N PHE B 70 17.72 22.36 63.75
CA PHE B 70 17.19 23.55 63.12
C PHE B 70 17.77 23.77 61.73
N LEU B 71 18.54 22.78 61.24
CA LEU B 71 19.14 22.86 59.91
C LEU B 71 18.62 21.71 59.05
N ARG B 72 19.01 21.73 57.78
CA ARG B 72 18.67 20.69 56.84
C ARG B 72 19.97 20.22 56.16
N THR B 73 21.07 20.28 56.89
CA THR B 73 22.32 19.71 56.44
C THR B 73 22.67 18.58 57.40
N PRO B 74 22.48 17.31 57.00
CA PRO B 74 22.53 16.19 57.94
C PRO B 74 23.93 15.77 58.39
N LYS B 75 24.97 16.16 57.64
CA LYS B 75 26.31 15.74 57.98
C LYS B 75 27.25 16.95 58.07
N ILE B 76 27.77 17.18 59.28
CA ILE B 76 28.80 18.17 59.52
C ILE B 76 30.01 17.43 60.08
N VAL B 77 31.15 17.57 59.40
CA VAL B 77 32.39 16.93 59.81
C VAL B 77 33.50 17.98 59.86
N SER B 78 34.55 17.67 60.63
CA SER B 78 35.76 18.46 60.67
C SER B 78 36.98 17.57 60.88
N GLY B 79 38.15 18.12 60.56
CA GLY B 79 39.40 17.40 60.75
C GLY B 79 40.58 18.22 60.24
N LYS B 80 41.75 18.02 60.83
CA LYS B 80 43.02 18.52 60.34
C LYS B 80 43.35 17.86 58.99
N ASP B 81 42.95 16.59 58.87
CA ASP B 81 43.26 15.80 57.69
C ASP B 81 42.26 16.15 56.60
N TYR B 82 42.78 16.36 55.38
CA TYR B 82 41.95 16.77 54.25
C TYR B 82 41.07 15.65 53.71
N ASN B 83 41.16 14.46 54.30
CA ASN B 83 40.33 13.37 53.82
C ASN B 83 38.86 13.61 54.20
N VAL B 84 38.61 14.49 55.17
CA VAL B 84 37.24 14.84 55.53
C VAL B 84 36.61 15.68 54.42
N THR B 85 37.44 16.10 53.44
CA THR B 85 37.07 17.05 52.40
C THR B 85 36.63 16.33 51.13
N ALA B 86 36.73 14.99 51.11
CA ALA B 86 36.63 14.21 49.88
C ALA B 86 35.27 14.41 49.20
N ASN B 87 35.32 14.54 47.88
CA ASN B 87 34.15 14.63 47.00
C ASN B 87 33.34 15.88 47.27
N SER B 88 34.03 16.98 47.56
CA SER B 88 33.38 18.28 47.65
C SER B 88 33.04 18.79 46.25
N LYS B 89 31.86 19.39 46.10
CA LYS B 89 31.52 20.10 44.87
C LYS B 89 32.19 21.46 44.88
N LEU B 90 32.27 22.06 46.07
CA LEU B 90 32.76 23.41 46.25
C LEU B 90 33.62 23.44 47.50
N VAL B 91 34.83 24.00 47.35
CA VAL B 91 35.77 24.15 48.45
C VAL B 91 36.07 25.64 48.62
N ILE B 92 35.73 26.18 49.79
CA ILE B 92 35.91 27.60 50.07
C ILE B 92 37.13 27.79 50.96
N ILE B 93 38.13 28.53 50.46
CA ILE B 93 39.36 28.76 51.20
C ILE B 93 39.28 30.11 51.90
N THR B 94 39.29 30.08 53.24
CA THR B 94 39.26 31.29 54.04
C THR B 94 40.47 31.33 54.98
N ALA B 95 41.37 30.35 54.84
CA ALA B 95 42.50 30.24 55.75
C ALA B 95 43.60 31.20 55.33
N GLY B 96 44.44 31.57 56.29
CA GLY B 96 45.55 32.47 56.04
C GLY B 96 45.58 33.62 57.04
N ALA B 97 46.53 34.54 56.82
CA ALA B 97 46.59 35.77 57.58
C ALA B 97 45.53 36.72 57.03
N ARG B 98 44.95 37.56 57.91
CA ARG B 98 44.05 38.61 57.47
C ARG B 98 44.61 39.95 57.94
N GLN B 99 44.15 41.03 57.30
CA GLN B 99 44.75 42.33 57.53
C GLN B 99 44.35 42.91 58.86
N GLN B 100 45.35 43.53 59.54
CA GLN B 100 45.03 44.32 60.72
C GLN B 100 44.67 45.72 60.28
N GLU B 101 44.31 46.52 61.30
CA GLU B 101 44.01 47.92 61.19
C GLU B 101 45.16 48.59 60.45
N GLY B 102 44.81 49.26 59.35
CA GLY B 102 45.77 50.02 58.56
C GLY B 102 46.51 49.19 57.52
N GLU B 103 46.40 47.85 57.57
CA GLU B 103 47.24 46.98 56.74
C GLU B 103 46.53 46.68 55.42
N SER B 104 47.26 46.90 54.31
CA SER B 104 46.79 46.56 52.97
C SER B 104 46.69 45.03 52.84
N ARG B 105 45.64 44.57 52.17
CA ARG B 105 45.49 43.15 51.88
C ARG B 105 46.69 42.64 51.09
N LEU B 106 47.32 43.52 50.31
CA LEU B 106 48.45 43.13 49.45
C LEU B 106 49.65 42.75 50.32
N ASN B 107 49.62 43.14 51.59
CA ASN B 107 50.72 42.88 52.53
C ASN B 107 50.66 41.45 53.05
N LEU B 108 49.57 40.74 52.76
CA LEU B 108 49.37 39.36 53.21
C LEU B 108 49.93 38.37 52.20
N VAL B 109 50.54 38.85 51.09
CA VAL B 109 50.66 38.02 49.91
C VAL B 109 51.57 36.82 50.15
N GLN B 110 52.77 37.08 50.64
CA GLN B 110 53.79 36.05 50.73
C GLN B 110 53.39 35.00 51.79
N ARG B 111 52.81 35.50 52.89
CA ARG B 111 52.41 34.63 53.98
C ARG B 111 51.35 33.66 53.48
N ASN B 112 50.36 34.19 52.74
CA ASN B 112 49.23 33.39 52.34
C ASN B 112 49.58 32.54 51.11
N VAL B 113 50.53 32.98 50.29
CA VAL B 113 50.99 32.16 49.17
C VAL B 113 51.62 30.89 49.75
N ASN B 114 52.42 31.06 50.81
CA ASN B 114 53.06 29.92 51.45
C ASN B 114 52.00 28.93 51.96
N ILE B 115 50.95 29.48 52.58
CA ILE B 115 49.87 28.67 53.14
C ILE B 115 49.18 27.88 52.03
N PHE B 116 48.95 28.55 50.89
CA PHE B 116 48.25 27.97 49.75
C PHE B 116 49.02 26.81 49.16
N LYS B 117 50.36 26.88 49.22
CA LYS B 117 51.22 25.80 48.76
C LYS B 117 50.94 24.49 49.50
N PHE B 118 50.39 24.60 50.72
CA PHE B 118 50.04 23.42 51.49
C PHE B 118 48.59 23.03 51.23
N ILE B 119 47.71 24.05 51.24
CA ILE B 119 46.27 23.85 51.24
C ILE B 119 45.81 23.31 49.89
N ILE B 120 46.21 23.99 48.81
CA ILE B 120 45.57 23.77 47.52
C ILE B 120 45.80 22.34 47.03
N PRO B 121 47.04 21.79 47.04
CA PRO B 121 47.28 20.41 46.62
C PRO B 121 46.50 19.38 47.42
N ASN B 122 46.27 19.65 48.70
CA ASN B 122 45.52 18.76 49.56
C ASN B 122 44.04 18.78 49.20
N VAL B 123 43.50 19.96 48.92
CA VAL B 123 42.12 20.10 48.50
C VAL B 123 41.90 19.32 47.20
N VAL B 124 42.83 19.51 46.26
CA VAL B 124 42.74 18.94 44.92
C VAL B 124 42.86 17.43 44.99
N LYS B 125 43.71 16.94 45.89
CA LYS B 125 43.90 15.51 46.08
C LYS B 125 42.55 14.82 46.32
N TYR B 126 41.71 15.40 47.19
CA TYR B 126 40.51 14.73 47.70
C TYR B 126 39.24 15.13 46.94
N SER B 127 39.26 16.28 46.27
CA SER B 127 38.12 16.74 45.49
C SER B 127 38.62 17.30 44.15
N PRO B 128 39.12 16.45 43.23
CA PRO B 128 39.73 16.94 41.99
C PRO B 128 38.77 17.67 41.06
N ASN B 129 37.46 17.46 41.24
CA ASN B 129 36.48 18.02 40.33
C ASN B 129 35.70 19.16 40.98
N CYS B 130 36.21 19.65 42.12
CA CYS B 130 35.51 20.70 42.83
C CYS B 130 35.69 22.04 42.10
N LYS B 131 34.86 23.01 42.50
CA LYS B 131 35.14 24.40 42.23
C LYS B 131 35.85 24.95 43.46
N LEU B 132 36.87 25.77 43.22
CA LEU B 132 37.60 26.45 44.27
C LEU B 132 37.08 27.87 44.37
N LEU B 133 36.59 28.24 45.55
CA LEU B 133 36.21 29.63 45.80
C LEU B 133 37.18 30.21 46.82
N ILE B 134 38.02 31.16 46.36
CA ILE B 134 39.06 31.75 47.18
C ILE B 134 38.50 32.99 47.86
N VAL B 135 38.67 33.06 49.18
CA VAL B 135 38.18 34.19 49.96
C VAL B 135 39.34 34.89 50.65
N SER B 136 40.42 34.13 50.94
CA SER B 136 41.63 34.63 51.56
C SER B 136 42.21 35.79 50.73
N ASN B 137 42.87 36.72 51.44
CA ASN B 137 43.33 37.96 50.83
C ASN B 137 44.85 37.93 50.62
N PRO B 138 45.40 38.65 49.62
CA PRO B 138 44.63 39.39 48.63
C PRO B 138 43.99 38.43 47.63
N VAL B 139 42.65 38.46 47.57
CA VAL B 139 41.87 37.42 46.93
C VAL B 139 42.21 37.32 45.44
N ASP B 140 42.54 38.45 44.80
CA ASP B 140 42.72 38.45 43.36
C ASP B 140 44.01 37.72 43.00
N ILE B 141 45.08 38.03 43.74
CA ILE B 141 46.36 37.36 43.54
C ILE B 141 46.24 35.90 43.98
N LEU B 142 45.59 35.65 45.13
CA LEU B 142 45.50 34.31 45.65
C LEU B 142 44.62 33.41 44.78
N THR B 143 43.70 33.99 44.01
CA THR B 143 42.91 33.23 43.05
C THR B 143 43.83 32.72 41.95
N TYR B 144 44.71 33.61 41.47
CA TYR B 144 45.72 33.29 40.49
C TYR B 144 46.62 32.19 41.03
N VAL B 145 47.03 32.33 42.31
CA VAL B 145 47.90 31.36 42.94
C VAL B 145 47.22 29.99 43.00
N ALA B 146 45.96 29.96 43.47
CA ALA B 146 45.21 28.73 43.57
C ALA B 146 45.07 28.09 42.19
N TRP B 147 45.00 28.92 41.14
CA TRP B 147 44.85 28.44 39.78
C TRP B 147 46.14 27.77 39.30
N LYS B 148 47.28 28.44 39.54
CA LYS B 148 48.58 27.91 39.18
C LYS B 148 48.86 26.62 39.95
N ILE B 149 48.57 26.60 41.26
CA ILE B 149 48.92 25.47 42.10
C ILE B 149 48.04 24.27 41.78
N SER B 150 46.72 24.49 41.70
CA SER B 150 45.74 23.42 41.53
C SER B 150 45.88 22.72 40.18
N GLY B 151 46.21 23.49 39.13
CA GLY B 151 46.24 23.00 37.76
C GLY B 151 44.84 22.87 37.16
N PHE B 152 43.85 23.45 37.86
CA PHE B 152 42.47 23.43 37.41
C PHE B 152 42.31 24.33 36.19
N PRO B 153 41.29 24.08 35.35
CA PRO B 153 40.90 25.05 34.32
C PRO B 153 40.39 26.29 35.05
N LYS B 154 40.47 27.45 34.37
CA LYS B 154 40.26 28.73 35.03
C LYS B 154 38.80 28.91 35.46
N ASN B 155 37.89 28.15 34.84
CA ASN B 155 36.49 28.27 35.19
C ASN B 155 36.20 27.73 36.59
N ARG B 156 37.08 26.87 37.10
CA ARG B 156 36.85 26.23 38.39
C ARG B 156 37.66 26.89 39.51
N VAL B 157 38.24 28.08 39.25
CA VAL B 157 38.94 28.81 40.30
C VAL B 157 38.37 30.23 40.34
N ILE B 158 37.63 30.53 41.41
CA ILE B 158 36.83 31.74 41.54
C ILE B 158 37.26 32.46 42.81
N GLY B 159 37.57 33.76 42.70
CA GLY B 159 37.82 34.56 43.89
C GLY B 159 36.57 35.35 44.27
N SER B 160 36.28 35.42 45.58
CA SER B 160 35.11 36.13 46.07
C SER B 160 35.09 37.56 45.54
N GLY B 161 36.28 38.11 45.32
CA GLY B 161 36.47 39.34 44.57
C GLY B 161 35.63 40.50 45.10
N CYS B 162 34.97 41.20 44.18
CA CYS B 162 34.25 42.41 44.49
C CYS B 162 32.75 42.18 44.67
N ASN B 163 32.35 40.92 44.90
CA ASN B 163 30.95 40.61 45.17
C ASN B 163 30.52 41.41 46.39
N LEU B 164 31.39 41.46 47.41
CA LEU B 164 31.09 42.17 48.65
C LEU B 164 31.17 43.68 48.42
N ASP B 165 32.16 44.14 47.68
CA ASP B 165 32.34 45.56 47.40
C ASP B 165 31.10 46.11 46.72
N SER B 166 30.60 45.36 45.74
CA SER B 166 29.41 45.76 45.00
C SER B 166 28.19 45.76 45.92
N ALA B 167 28.11 44.78 46.84
CA ALA B 167 27.04 44.67 47.81
C ALA B 167 27.03 45.90 48.73
N ARG B 168 28.21 46.29 49.21
CA ARG B 168 28.37 47.48 50.03
C ARG B 168 27.94 48.70 49.24
N PHE B 169 28.42 48.79 47.99
CA PHE B 169 28.13 49.90 47.11
C PHE B 169 26.62 50.08 46.96
N ARG B 170 25.93 48.97 46.72
CA ARG B 170 24.50 48.99 46.50
C ARG B 170 23.75 49.32 47.80
N TYR B 171 24.31 48.91 48.94
CA TYR B 171 23.73 49.25 50.22
C TYR B 171 23.74 50.77 50.40
N LEU B 172 24.90 51.38 50.15
CA LEU B 172 25.09 52.80 50.34
C LEU B 172 24.29 53.59 49.32
N MET B 173 24.25 53.10 48.08
CA MET B 173 23.43 53.67 47.02
C MET B 173 21.98 53.73 47.51
N GLY B 174 21.51 52.59 48.03
CA GLY B 174 20.15 52.46 48.52
C GLY B 174 19.83 53.42 49.66
N GLU B 175 20.81 53.62 50.57
CA GLU B 175 20.66 54.50 51.71
C GLU B 175 20.39 55.91 51.21
N ARG B 176 21.15 56.33 50.19
CA ARG B 176 21.05 57.67 49.65
C ARG B 176 19.73 57.86 48.92
N LEU B 177 19.25 56.83 48.22
CA LEU B 177 18.13 57.00 47.30
C LEU B 177 16.80 56.61 47.94
N GLY B 178 16.83 55.91 49.09
CA GLY B 178 15.63 55.43 49.76
C GLY B 178 15.01 54.24 49.03
N VAL B 179 15.90 53.39 48.48
CA VAL B 179 15.50 52.21 47.72
C VAL B 179 16.24 51.01 48.29
N HIS B 180 15.57 49.85 48.32
CA HIS B 180 16.23 48.62 48.75
C HIS B 180 17.43 48.35 47.85
N PRO B 181 18.57 47.90 48.40
CA PRO B 181 19.74 47.58 47.58
C PRO B 181 19.44 46.65 46.41
N LEU B 182 18.42 45.80 46.56
CA LEU B 182 18.07 44.87 45.50
C LEU B 182 17.68 45.61 44.24
N SER B 183 17.13 46.81 44.40
CA SER B 183 16.65 47.61 43.27
C SER B 183 17.65 48.70 42.86
N CYS B 184 18.81 48.73 43.55
CA CYS B 184 19.90 49.64 43.22
C CYS B 184 21.03 48.87 42.51
N HIS B 185 21.40 49.30 41.31
CA HIS B 185 22.35 48.58 40.50
C HIS B 185 23.60 49.43 40.29
N GLY B 186 24.76 48.76 40.31
CA GLY B 186 26.05 49.41 40.25
C GLY B 186 27.15 48.42 40.59
N TRP B 187 28.24 48.48 39.82
CA TRP B 187 29.31 47.49 39.89
C TRP B 187 30.60 48.14 40.36
N VAL B 188 31.25 47.48 41.31
CA VAL B 188 32.63 47.80 41.67
C VAL B 188 33.49 46.65 41.17
N LEU B 189 34.45 46.95 40.28
CA LEU B 189 35.25 45.95 39.63
C LEU B 189 36.74 46.15 39.93
N GLY B 190 37.55 45.21 39.43
CA GLY B 190 38.99 45.27 39.63
C GLY B 190 39.43 44.59 40.93
N GLU B 191 40.39 45.21 41.63
CA GLU B 191 40.92 44.69 42.88
C GLU B 191 39.87 44.81 43.98
N HIS B 192 39.71 43.71 44.74
CA HIS B 192 39.04 43.78 46.01
C HIS B 192 40.00 44.47 46.98
N GLY B 193 39.94 45.81 46.97
CA GLY B 193 40.87 46.57 47.76
C GLY B 193 40.87 48.04 47.35
N ASP B 194 42.02 48.69 47.57
CA ASP B 194 42.15 50.13 47.44
C ASP B 194 41.97 50.61 46.00
N SER B 195 42.30 49.73 45.02
CA SER B 195 42.26 50.17 43.61
C SER B 195 40.99 49.74 42.90
N SER B 196 39.92 49.48 43.67
CA SER B 196 38.66 49.08 43.05
C SER B 196 38.08 50.20 42.18
N VAL B 197 37.33 49.81 41.16
CA VAL B 197 36.82 50.74 40.17
C VAL B 197 35.29 50.75 40.22
N PRO B 198 34.65 51.87 40.61
CA PRO B 198 33.20 52.01 40.55
C PRO B 198 32.78 52.39 39.13
N VAL B 199 31.85 51.62 38.56
CA VAL B 199 31.41 51.82 37.20
C VAL B 199 30.19 52.74 37.23
N TRP B 200 30.46 54.05 37.27
CA TRP B 200 29.44 55.10 37.33
C TRP B 200 28.49 55.00 36.14
N SER B 201 29.04 54.61 34.99
CA SER B 201 28.27 54.53 33.75
C SER B 201 27.13 53.51 33.86
N GLY B 202 27.28 52.53 34.75
CA GLY B 202 26.36 51.41 34.88
C GLY B 202 25.36 51.58 36.02
N MET B 203 25.56 52.58 36.87
CA MET B 203 24.72 52.82 38.02
C MET B 203 23.32 53.22 37.58
N ASN B 204 22.31 52.51 38.11
CA ASN B 204 20.95 52.75 37.67
C ASN B 204 19.95 52.25 38.71
N VAL B 205 18.74 52.82 38.66
CA VAL B 205 17.56 52.30 39.34
C VAL B 205 16.49 52.15 38.26
N ALA B 206 15.86 50.97 38.22
CA ALA B 206 14.78 50.67 37.29
C ALA B 206 15.20 50.96 35.85
N GLY B 207 16.48 50.79 35.55
CA GLY B 207 17.00 50.93 34.19
C GLY B 207 17.34 52.37 33.82
N VAL B 208 17.12 53.30 34.76
CA VAL B 208 17.38 54.71 34.51
C VAL B 208 18.82 55.02 34.92
N SER B 209 19.66 55.38 33.94
CA SER B 209 21.05 55.70 34.17
C SER B 209 21.20 56.94 35.07
N LEU B 210 21.91 56.77 36.18
CA LEU B 210 22.11 57.86 37.13
C LEU B 210 23.08 58.89 36.57
N LYS B 211 24.05 58.43 35.76
CA LYS B 211 25.02 59.31 35.15
C LYS B 211 24.34 60.20 34.10
N THR B 212 23.32 59.67 33.43
CA THR B 212 22.51 60.42 32.48
C THR B 212 21.78 61.55 33.21
N LEU B 213 21.19 61.22 34.37
CA LEU B 213 20.45 62.18 35.17
C LEU B 213 21.40 63.23 35.76
N HIS B 214 22.62 62.79 36.09
CA HIS B 214 23.55 63.57 36.88
C HIS B 214 24.97 63.35 36.35
N PRO B 215 25.37 64.07 35.30
CA PRO B 215 26.66 63.83 34.63
C PRO B 215 27.89 64.00 35.53
N ASP B 216 27.74 64.78 36.60
CA ASP B 216 28.86 64.98 37.53
C ASP B 216 29.11 63.75 38.38
N LEU B 217 28.18 62.80 38.38
CA LEU B 217 28.27 61.58 39.18
C LEU B 217 29.65 60.95 39.03
N GLY B 218 30.35 60.79 40.15
CA GLY B 218 31.63 60.11 40.18
C GLY B 218 32.85 61.00 40.03
N THR B 219 32.61 62.29 39.77
CA THR B 219 33.70 63.24 39.62
C THR B 219 33.88 64.01 40.92
N ASP B 220 35.00 64.72 41.04
CA ASP B 220 35.29 65.55 42.20
C ASP B 220 34.42 66.80 42.21
N LYS B 221 34.00 67.23 41.03
CA LYS B 221 33.20 68.45 40.90
C LYS B 221 31.79 68.22 41.40
N ASP B 222 31.37 66.94 41.51
CA ASP B 222 30.03 66.54 41.90
C ASP B 222 29.63 67.17 43.24
N LYS B 223 28.61 68.02 43.18
CA LYS B 223 28.04 68.70 44.33
C LYS B 223 27.53 67.70 45.36
N GLU B 224 27.08 66.54 44.87
CA GLU B 224 26.49 65.52 45.73
C GLU B 224 27.53 64.54 46.26
N GLN B 225 28.73 64.58 45.69
CA GLN B 225 29.86 63.82 46.19
C GLN B 225 29.58 62.32 46.14
N TRP B 226 29.18 61.84 44.97
CA TRP B 226 28.93 60.40 44.86
C TRP B 226 30.21 59.60 44.93
N LYS B 227 31.34 60.25 44.66
CA LYS B 227 32.64 59.60 44.73
C LYS B 227 32.87 59.07 46.14
N GLU B 228 32.27 59.73 47.16
CA GLU B 228 32.39 59.36 48.54
C GLU B 228 31.76 58.00 48.82
N VAL B 229 30.75 57.62 48.02
CA VAL B 229 30.14 56.32 48.21
C VAL B 229 31.18 55.23 47.93
N HIS B 230 31.96 55.41 46.85
CA HIS B 230 32.99 54.43 46.56
C HIS B 230 34.10 54.50 47.60
N LYS B 231 34.38 55.70 48.11
CA LYS B 231 35.45 55.84 49.09
C LYS B 231 35.08 55.07 50.34
N GLN B 232 33.77 55.05 50.64
CA GLN B 232 33.27 54.33 51.78
C GLN B 232 33.35 52.83 51.56
N VAL B 233 33.28 52.43 50.28
CA VAL B 233 33.38 51.02 49.96
C VAL B 233 34.81 50.53 50.21
N VAL B 234 35.78 51.30 49.73
CA VAL B 234 37.19 51.00 49.92
C VAL B 234 37.52 50.94 51.41
N GLU B 235 36.88 51.83 52.18
CA GLU B 235 37.27 52.03 53.58
C GLU B 235 36.46 51.18 54.54
N SER B 236 35.44 50.49 54.03
CA SER B 236 34.53 49.68 54.84
C SER B 236 35.31 48.70 55.71
N ALA B 237 36.10 47.85 55.03
CA ALA B 237 36.84 46.78 55.68
C ALA B 237 37.69 47.35 56.82
N TYR B 238 38.39 48.44 56.53
CA TYR B 238 39.27 49.05 57.50
C TYR B 238 38.49 49.62 58.67
N GLU B 239 37.32 50.21 58.38
CA GLU B 239 36.55 50.82 59.44
C GLU B 239 35.92 49.75 60.35
N VAL B 240 35.43 48.67 59.74
CA VAL B 240 34.87 47.59 60.54
C VAL B 240 35.97 46.95 61.36
N ILE B 241 37.15 46.72 60.75
CA ILE B 241 38.30 46.15 61.44
C ILE B 241 38.64 47.04 62.64
N LYS B 242 38.68 48.36 62.40
CA LYS B 242 38.98 49.33 63.44
C LYS B 242 37.97 49.18 64.59
N LEU B 243 36.70 48.95 64.25
CA LEU B 243 35.65 48.99 65.26
C LEU B 243 35.50 47.66 66.00
N LYS B 244 35.60 46.53 65.30
CA LYS B 244 35.31 45.24 65.92
C LYS B 244 36.43 44.22 65.74
N GLY B 245 37.50 44.59 65.02
CA GLY B 245 38.70 43.77 64.95
C GLY B 245 38.80 42.96 63.66
N TYR B 246 37.66 42.72 63.01
CA TYR B 246 37.62 41.90 61.80
C TYR B 246 36.30 42.15 61.09
N THR B 247 36.16 41.63 59.87
CA THR B 247 34.86 41.56 59.23
C THR B 247 34.49 40.09 59.08
N SER B 248 33.19 39.78 59.16
CA SER B 248 32.75 38.40 59.12
C SER B 248 31.40 38.25 58.40
N TRP B 249 30.38 38.97 58.87
CA TRP B 249 29.02 38.65 58.48
C TRP B 249 28.79 38.94 57.00
N ALA B 250 29.26 40.09 56.53
CA ALA B 250 29.03 40.54 55.17
C ALA B 250 29.72 39.62 54.16
N ILE B 251 30.99 39.29 54.43
CA ILE B 251 31.75 38.42 53.56
C ILE B 251 31.14 37.02 53.57
N GLY B 252 30.63 36.59 54.74
CA GLY B 252 29.99 35.31 54.89
C GLY B 252 28.77 35.17 53.98
N LEU B 253 27.90 36.18 54.05
CA LEU B 253 26.69 36.24 53.24
C LEU B 253 27.07 36.32 51.77
N SER B 254 28.09 37.12 51.45
CA SER B 254 28.55 37.29 50.08
C SER B 254 28.99 35.96 49.48
N VAL B 255 29.72 35.16 50.28
CA VAL B 255 30.26 33.87 49.89
C VAL B 255 29.12 32.87 49.69
N ALA B 256 28.10 32.91 50.58
CA ALA B 256 26.97 32.00 50.45
C ALA B 256 26.19 32.35 49.19
N ASP B 257 26.19 33.64 48.85
CA ASP B 257 25.55 34.13 47.64
C ASP B 257 26.18 33.47 46.42
N LEU B 258 27.52 33.43 46.41
CA LEU B 258 28.25 32.83 45.30
C LEU B 258 28.03 31.32 45.29
N ALA B 259 28.09 30.72 46.49
CA ALA B 259 27.88 29.29 46.65
C ALA B 259 26.52 28.88 46.10
N GLU B 260 25.50 29.71 46.36
CA GLU B 260 24.14 29.44 45.91
C GLU B 260 24.09 29.34 44.38
N SER B 261 24.74 30.29 43.71
CA SER B 261 24.76 30.31 42.26
C SER B 261 25.48 29.11 41.69
N ILE B 262 26.58 28.71 42.35
CA ILE B 262 27.35 27.57 41.88
C ILE B 262 26.56 26.28 42.08
N MET B 263 26.09 26.04 43.32
CA MET B 263 25.46 24.78 43.70
C MET B 263 24.16 24.56 42.94
N LYS B 264 23.39 25.63 42.70
CA LYS B 264 22.08 25.52 42.08
C LYS B 264 22.14 25.83 40.58
N ASN B 265 23.35 26.07 40.05
CA ASN B 265 23.60 26.30 38.63
C ASN B 265 22.70 27.41 38.08
N LEU B 266 22.64 28.53 38.81
CA LEU B 266 21.69 29.60 38.52
C LEU B 266 22.06 30.39 37.26
N ARG B 267 23.36 30.50 36.97
CA ARG B 267 23.84 31.35 35.88
C ARG B 267 23.46 32.81 36.15
N ARG B 268 23.61 33.19 37.42
CA ARG B 268 23.54 34.59 37.81
C ARG B 268 24.89 35.26 37.55
N VAL B 269 24.84 36.59 37.50
CA VAL B 269 26.04 37.37 37.22
C VAL B 269 26.56 38.00 38.53
N HIS B 270 27.84 37.73 38.83
CA HIS B 270 28.50 38.22 40.04
C HIS B 270 29.85 38.79 39.66
N PRO B 271 30.30 39.89 40.32
CA PRO B 271 31.64 40.41 40.10
C PRO B 271 32.63 39.63 40.95
N VAL B 272 33.37 38.71 40.33
CA VAL B 272 34.23 37.76 41.03
C VAL B 272 35.59 37.74 40.34
N SER B 273 36.63 37.29 41.06
CA SER B 273 37.98 37.32 40.53
C SER B 273 38.19 36.19 39.52
N THR B 274 38.63 36.59 38.32
CA THR B 274 38.91 35.62 37.28
C THR B 274 39.99 36.19 36.37
N MET B 275 40.09 35.30 35.37
CA MET B 275 40.94 35.64 34.23
C MET B 275 40.28 36.80 33.53
N ILE B 276 41.09 37.68 33.06
CA ILE B 276 40.88 38.95 32.45
C ILE B 276 41.82 39.24 31.27
N LYS B 277 42.87 38.44 31.15
CA LYS B 277 43.80 38.58 30.04
C LYS B 277 43.02 38.66 28.73
N GLY B 278 43.36 39.65 27.90
CA GLY B 278 42.73 39.87 26.60
C GLY B 278 41.59 40.88 26.62
N LEU B 279 41.18 41.32 27.82
CA LEU B 279 40.16 42.35 27.93
C LEU B 279 40.79 43.67 28.40
N TYR B 280 40.26 44.77 27.86
CA TYR B 280 40.64 46.13 28.23
C TYR B 280 42.15 46.33 28.10
N GLY B 281 42.76 45.62 27.15
CA GLY B 281 44.16 45.81 26.81
C GLY B 281 45.12 45.23 27.85
N ILE B 282 44.58 44.41 28.76
CA ILE B 282 45.42 43.69 29.71
C ILE B 282 45.97 42.46 28.98
N LYS B 283 47.31 42.28 29.05
CA LYS B 283 47.98 41.26 28.27
C LYS B 283 48.58 40.17 29.14
N ASP B 284 48.50 40.34 30.47
CA ASP B 284 49.14 39.42 31.39
C ASP B 284 48.08 38.56 32.09
N ASP B 285 48.57 37.58 32.87
CA ASP B 285 47.71 36.63 33.55
C ASP B 285 47.16 37.24 34.83
N VAL B 286 46.51 38.40 34.72
CA VAL B 286 46.01 39.06 35.90
C VAL B 286 44.62 38.53 36.21
N PHE B 287 44.38 38.28 37.51
CA PHE B 287 43.03 38.00 37.96
C PHE B 287 42.48 39.23 38.66
N LEU B 288 41.27 39.65 38.24
CA LEU B 288 40.53 40.62 39.02
C LEU B 288 39.05 40.43 38.76
N SER B 289 38.23 41.26 39.42
CA SER B 289 36.80 41.12 39.37
C SER B 289 36.21 41.80 38.13
N VAL B 290 35.49 41.00 37.33
CA VAL B 290 34.58 41.47 36.30
C VAL B 290 33.27 40.70 36.49
N PRO B 291 32.13 41.15 35.94
CA PRO B 291 30.88 40.39 36.06
C PRO B 291 31.00 39.07 35.30
N CYS B 292 30.77 37.97 36.03
CA CYS B 292 30.87 36.64 35.48
C CYS B 292 29.55 35.88 35.68
N ILE B 293 29.24 34.98 34.74
CA ILE B 293 28.12 34.07 34.86
C ILE B 293 28.58 32.85 35.66
N LEU B 294 27.88 32.60 36.79
CA LEU B 294 28.26 31.57 37.74
C LEU B 294 27.25 30.42 37.69
N GLY B 295 27.79 29.22 37.57
CA GLY B 295 26.97 28.03 37.61
C GLY B 295 27.78 26.82 38.09
N GLN B 296 27.28 25.63 37.76
CA GLN B 296 27.79 24.39 38.31
C GLN B 296 29.19 24.07 37.76
N ASN B 297 29.63 24.76 36.70
CA ASN B 297 31.00 24.59 36.22
C ASN B 297 31.85 25.80 36.61
N GLY B 298 31.36 26.59 37.56
CA GLY B 298 32.04 27.80 37.98
C GLY B 298 31.74 28.96 37.02
N ILE B 299 32.79 29.64 36.58
CA ILE B 299 32.64 30.78 35.70
C ILE B 299 32.60 30.25 34.26
N SER B 300 31.41 30.29 33.66
CA SER B 300 31.24 29.83 32.30
C SER B 300 31.46 30.96 31.31
N ASP B 301 31.24 32.20 31.74
CA ASP B 301 31.22 33.36 30.85
C ASP B 301 31.58 34.63 31.62
N LEU B 302 32.12 35.61 30.90
CA LEU B 302 32.35 36.95 31.43
C LEU B 302 31.47 37.93 30.68
N VAL B 303 30.90 38.90 31.40
CA VAL B 303 30.21 40.00 30.77
C VAL B 303 31.24 41.06 30.44
N LYS B 304 31.21 41.52 29.19
CA LYS B 304 32.16 42.51 28.72
C LYS B 304 31.57 43.89 28.96
N VAL B 305 31.78 44.42 30.17
CA VAL B 305 31.21 45.70 30.55
C VAL B 305 31.85 46.79 29.68
N THR B 306 31.04 47.72 29.21
CA THR B 306 31.55 48.91 28.55
C THR B 306 31.98 49.93 29.60
N LEU B 307 33.23 50.38 29.48
CA LEU B 307 33.80 51.33 30.45
C LEU B 307 34.12 52.65 29.77
N THR B 308 33.90 53.75 30.50
CA THR B 308 34.45 55.03 30.06
C THR B 308 35.97 54.88 30.03
N SER B 309 36.63 55.71 29.22
CA SER B 309 38.08 55.70 29.12
C SER B 309 38.75 55.81 30.49
N GLU B 310 38.14 56.59 31.38
CA GLU B 310 38.69 56.77 32.72
C GLU B 310 38.45 55.50 33.55
N GLU B 311 37.23 54.97 33.50
CA GLU B 311 36.90 53.73 34.18
C GLU B 311 37.84 52.64 33.70
N GLU B 312 38.13 52.61 32.40
CA GLU B 312 39.04 51.62 31.83
C GLU B 312 40.47 51.89 32.31
N ALA B 313 40.84 53.16 32.39
CA ALA B 313 42.16 53.55 32.87
C ALA B 313 42.36 53.07 34.31
N ARG B 314 41.34 53.23 35.16
CA ARG B 314 41.39 52.82 36.56
C ARG B 314 41.53 51.30 36.67
N LEU B 315 40.85 50.57 35.78
CA LEU B 315 40.90 49.11 35.77
C LEU B 315 42.27 48.61 35.30
N LYS B 316 42.88 49.32 34.35
CA LYS B 316 44.22 48.99 33.88
C LYS B 316 45.23 49.26 34.99
N LYS B 317 44.98 50.30 35.78
CA LYS B 317 45.81 50.66 36.92
C LYS B 317 45.74 49.58 37.99
N SER B 318 44.52 49.09 38.25
CA SER B 318 44.27 48.00 39.18
C SER B 318 45.04 46.76 38.70
N ALA B 319 44.93 46.49 37.39
CA ALA B 319 45.59 45.36 36.77
C ALA B 319 47.10 45.44 36.97
N ASP B 320 47.67 46.63 36.76
CA ASP B 320 49.10 46.84 36.87
C ASP B 320 49.58 46.58 38.30
N THR B 321 48.88 47.17 39.28
CA THR B 321 49.20 46.99 40.69
C THR B 321 49.33 45.49 40.97
N LEU B 322 48.30 44.75 40.56
CA LEU B 322 48.19 43.33 40.86
C LEU B 322 49.29 42.55 40.16
N TRP B 323 49.50 42.86 38.87
CA TRP B 323 50.49 42.15 38.08
C TRP B 323 51.89 42.40 38.63
N GLY B 324 52.11 43.62 39.14
CA GLY B 324 53.38 43.97 39.74
C GLY B 324 53.76 42.99 40.84
N ILE B 325 52.77 42.60 41.65
CA ILE B 325 53.04 41.68 42.76
C ILE B 325 53.10 40.26 42.24
N GLN B 326 52.21 39.93 41.30
CA GLN B 326 52.07 38.58 40.77
C GLN B 326 53.36 38.11 40.11
N LYS B 327 53.99 39.01 39.35
CA LYS B 327 55.17 38.65 38.58
C LYS B 327 56.31 38.24 39.52
N GLU B 328 56.29 38.73 40.76
CA GLU B 328 57.42 38.49 41.65
C GLU B 328 57.23 37.21 42.47
N LEU B 329 56.15 36.46 42.23
CA LEU B 329 55.76 35.40 43.12
C LEU B 329 56.66 34.20 43.22
N GLN B 330 56.81 33.72 44.44
CA GLN B 330 57.88 32.80 44.84
C GLN B 330 57.26 31.44 45.25
N PHE B 331 56.57 30.75 44.36
CA PHE B 331 56.54 29.31 44.26
C PHE B 331 57.33 28.87 43.02
N ALA C 1 29.34 40.44 15.68
CA ALA C 1 28.26 39.36 15.55
C ALA C 1 26.97 39.75 16.29
N THR C 2 26.36 38.77 16.92
CA THR C 2 25.08 38.85 17.60
C THR C 2 25.22 39.71 18.86
N LEU C 3 24.08 40.17 19.39
CA LEU C 3 24.02 40.93 20.64
C LEU C 3 24.62 40.10 21.77
N LYS C 4 24.28 38.81 21.82
CA LYS C 4 24.78 37.89 22.84
C LYS C 4 26.31 37.88 22.84
N ASP C 5 26.90 37.82 21.63
CA ASP C 5 28.35 37.78 21.46
C ASP C 5 29.01 39.12 21.78
N GLN C 6 28.33 40.22 21.46
CA GLN C 6 28.82 41.54 21.81
C GLN C 6 28.87 41.70 23.33
N LEU C 7 27.90 41.08 24.03
CA LEU C 7 27.74 41.30 25.45
C LEU C 7 28.59 40.30 26.25
N ILE C 8 28.66 39.06 25.78
CA ILE C 8 29.16 37.95 26.58
C ILE C 8 30.30 37.24 25.84
N TYR C 9 31.44 37.03 26.52
CA TYR C 9 32.48 36.16 26.01
C TYR C 9 32.33 34.78 26.62
N ASN C 10 32.23 33.75 25.77
CA ASN C 10 31.93 32.39 26.14
C ASN C 10 33.22 31.62 26.36
N LEU C 11 33.31 30.93 27.52
CA LEU C 11 34.40 30.02 27.81
C LEU C 11 34.02 28.59 27.43
N LEU C 12 32.75 28.25 27.60
CA LEU C 12 32.34 26.86 27.65
C LEU C 12 31.18 26.56 26.68
N LYS C 13 30.10 25.98 27.15
CA LYS C 13 28.87 25.90 26.39
C LYS C 13 27.90 24.98 27.09
N GLU C 14 27.90 23.70 26.71
CA GLU C 14 26.90 22.72 27.11
C GLU C 14 26.98 22.47 28.61
N GLU C 15 28.22 22.32 29.10
CA GLU C 15 28.55 22.24 30.53
C GLU C 15 27.51 21.38 31.25
N GLN C 16 27.03 20.30 30.58
CA GLN C 16 25.74 19.71 30.86
C GLN C 16 25.72 18.80 32.11
N THR C 17 24.61 18.10 32.11
CA THR C 17 24.07 17.10 33.02
C THR C 17 23.47 17.65 34.31
N PRO C 18 22.16 17.44 34.58
CA PRO C 18 21.56 17.94 35.83
C PRO C 18 22.07 17.14 37.02
N GLN C 19 22.25 17.81 38.14
CA GLN C 19 22.78 17.18 39.33
C GLN C 19 21.67 16.83 40.29
N ASN C 20 20.53 17.52 40.19
CA ASN C 20 19.46 17.40 41.17
C ASN C 20 18.11 17.50 40.47
N LYS C 21 17.90 16.61 39.49
CA LYS C 21 16.74 16.71 38.62
C LYS C 21 15.57 15.92 39.19
N ILE C 22 14.39 16.55 39.13
CA ILE C 22 13.15 15.90 39.52
C ILE C 22 12.22 15.89 38.31
N THR C 23 11.58 14.74 38.07
CA THR C 23 10.56 14.59 37.06
C THR C 23 9.21 14.38 37.74
N VAL C 24 8.20 15.11 37.25
CA VAL C 24 6.82 14.84 37.62
C VAL C 24 6.10 14.32 36.39
N VAL C 25 5.59 13.09 36.48
CA VAL C 25 4.80 12.46 35.45
C VAL C 25 3.33 12.71 35.78
N GLY C 26 2.59 13.32 34.85
CA GLY C 26 1.21 13.71 35.06
C GLY C 26 1.10 15.18 35.44
N VAL C 27 0.41 15.99 34.62
CA VAL C 27 0.25 17.42 34.89
C VAL C 27 -1.21 17.73 35.18
N GLY C 28 -1.90 16.76 35.82
CA GLY C 28 -3.19 17.01 36.45
C GLY C 28 -3.01 17.89 37.68
N ALA C 29 -4.10 18.17 38.40
CA ALA C 29 -4.04 19.11 39.52
C ALA C 29 -2.99 18.65 40.54
N VAL C 30 -2.90 17.32 40.73
CA VAL C 30 -1.97 16.76 41.71
C VAL C 30 -0.53 16.98 41.25
N GLY C 31 -0.26 16.62 40.00
CA GLY C 31 1.07 16.77 39.41
C GLY C 31 1.58 18.19 39.52
N MET C 32 0.70 19.15 39.23
CA MET C 32 1.11 20.54 39.17
C MET C 32 1.25 21.12 40.58
N ALA C 33 0.48 20.60 41.55
CA ALA C 33 0.66 21.00 42.94
C ALA C 33 2.00 20.48 43.48
N CYS C 34 2.39 19.27 43.04
CA CYS C 34 3.70 18.73 43.36
C CYS C 34 4.77 19.62 42.74
N ALA C 35 4.58 20.00 41.47
CA ALA C 35 5.53 20.82 40.73
C ALA C 35 5.76 22.16 41.44
N ILE C 36 4.68 22.91 41.72
CA ILE C 36 4.80 24.24 42.31
C ILE C 36 5.46 24.14 43.69
N SER C 37 5.08 23.11 44.46
CA SER C 37 5.58 22.91 45.81
C SER C 37 7.09 22.65 45.78
N ILE C 38 7.51 21.81 44.84
CA ILE C 38 8.91 21.48 44.66
C ILE C 38 9.68 22.70 44.17
N LEU C 39 9.09 23.46 43.22
CA LEU C 39 9.76 24.64 42.71
C LEU C 39 9.99 25.66 43.82
N MET C 40 9.04 25.77 44.74
CA MET C 40 9.15 26.83 45.73
C MET C 40 9.98 26.37 46.94
N LYS C 41 10.35 25.08 46.99
CA LYS C 41 11.20 24.61 48.08
C LYS C 41 12.65 24.41 47.62
N ASP C 42 12.92 24.76 46.35
CA ASP C 42 14.25 24.76 45.75
C ASP C 42 14.89 23.38 45.80
N LEU C 43 14.10 22.32 45.55
CA LEU C 43 14.62 20.96 45.73
C LEU C 43 15.34 20.47 44.47
N ALA C 44 15.18 21.19 43.34
CA ALA C 44 15.64 20.70 42.05
C ALA C 44 16.40 21.79 41.29
N ASP C 45 17.42 21.37 40.53
CA ASP C 45 18.12 22.24 39.59
C ASP C 45 17.50 22.12 38.20
N GLU C 46 16.67 21.09 38.01
CA GLU C 46 15.93 20.89 36.78
C GLU C 46 14.64 20.17 37.10
N LEU C 47 13.52 20.68 36.56
CA LEU C 47 12.22 20.04 36.67
C LEU C 47 11.75 19.66 35.28
N ALA C 48 11.39 18.38 35.13
CA ALA C 48 10.82 17.88 33.90
C ALA C 48 9.37 17.47 34.17
N LEU C 49 8.47 17.87 33.26
CA LEU C 49 7.08 17.43 33.31
C LEU C 49 6.82 16.53 32.10
N VAL C 50 6.11 15.42 32.34
CA VAL C 50 5.69 14.55 31.25
C VAL C 50 4.20 14.24 31.38
N ASP C 51 3.51 14.23 30.24
CA ASP C 51 2.13 13.80 30.15
C ASP C 51 1.86 13.31 28.72
N VAL C 52 0.62 12.87 28.47
CA VAL C 52 0.22 12.46 27.14
C VAL C 52 -0.55 13.56 26.43
N ILE C 53 -1.18 14.44 27.21
CA ILE C 53 -1.93 15.56 26.67
C ILE C 53 -0.96 16.70 26.39
N GLU C 54 -0.72 16.94 25.10
CA GLU C 54 0.43 17.73 24.67
C GLU C 54 0.17 19.22 24.87
N ASP C 55 -1.07 19.66 24.61
CA ASP C 55 -1.42 21.06 24.75
C ASP C 55 -1.33 21.51 26.19
N LYS C 56 -1.97 20.73 27.09
CA LYS C 56 -1.99 21.01 28.51
C LYS C 56 -0.56 21.03 29.07
N LEU C 57 0.25 20.07 28.61
CA LEU C 57 1.62 19.88 29.08
C LEU C 57 2.44 21.11 28.77
N LYS C 58 2.39 21.58 27.52
CA LYS C 58 3.16 22.75 27.09
C LYS C 58 2.69 23.98 27.85
N GLY C 59 1.37 24.10 28.04
CA GLY C 59 0.79 25.25 28.74
C GLY C 59 1.27 25.36 30.18
N GLU C 60 1.28 24.22 30.87
CA GLU C 60 1.71 24.13 32.26
C GLU C 60 3.18 24.51 32.37
N MET C 61 4.02 23.90 31.53
CA MET C 61 5.45 24.21 31.48
C MET C 61 5.65 25.72 31.33
N MET C 62 5.00 26.31 30.32
CA MET C 62 5.12 27.73 30.03
C MET C 62 4.70 28.58 31.23
N ASP C 63 3.61 28.21 31.91
CA ASP C 63 3.11 28.99 33.03
C ASP C 63 4.17 29.03 34.13
N LEU C 64 4.79 27.88 34.42
CA LEU C 64 5.85 27.81 35.41
C LEU C 64 7.04 28.63 34.94
N GLN C 65 7.40 28.49 33.66
CA GLN C 65 8.55 29.18 33.09
C GLN C 65 8.42 30.71 33.22
N HIS C 66 7.19 31.21 33.07
CA HIS C 66 6.99 32.66 33.12
C HIS C 66 7.26 33.21 34.52
N GLY C 67 7.25 32.32 35.52
CA GLY C 67 7.50 32.72 36.89
C GLY C 67 8.96 32.51 37.32
N SER C 68 9.85 32.24 36.35
CA SER C 68 11.22 31.86 36.61
C SER C 68 11.96 32.92 37.43
N LEU C 69 11.58 34.18 37.23
CA LEU C 69 12.19 35.30 37.95
C LEU C 69 12.08 35.07 39.46
N PHE C 70 11.02 34.38 39.88
CA PHE C 70 10.69 34.25 41.30
C PHE C 70 11.06 32.87 41.84
N LEU C 71 11.74 32.07 41.02
CA LEU C 71 12.14 30.73 41.43
C LEU C 71 13.67 30.60 41.37
N ARG C 72 14.15 29.47 41.87
CA ARG C 72 15.58 29.18 41.85
C ARG C 72 15.79 27.82 41.24
N THR C 73 14.91 27.44 40.31
CA THR C 73 15.10 26.25 39.51
C THR C 73 15.28 26.71 38.07
N PRO C 74 16.52 26.68 37.56
CA PRO C 74 16.84 27.34 36.29
C PRO C 74 16.35 26.64 35.02
N LYS C 75 16.05 25.35 35.11
CA LYS C 75 15.64 24.61 33.93
C LYS C 75 14.31 23.89 34.18
N ILE C 76 13.29 24.28 33.42
CA ILE C 76 11.99 23.61 33.41
C ILE C 76 11.75 23.14 31.99
N VAL C 77 11.54 21.83 31.84
CA VAL C 77 11.28 21.23 30.54
C VAL C 77 10.03 20.36 30.62
N SER C 78 9.43 20.12 29.45
CA SER C 78 8.32 19.18 29.33
C SER C 78 8.37 18.48 27.98
N GLY C 79 7.66 17.35 27.89
CA GLY C 79 7.57 16.60 26.65
C GLY C 79 6.75 15.33 26.84
N LYS C 80 6.11 14.88 25.76
CA LYS C 80 5.50 13.57 25.68
C LYS C 80 6.58 12.48 25.75
N ASP C 81 7.73 12.79 25.17
CA ASP C 81 8.84 11.86 25.07
C ASP C 81 9.56 11.84 26.41
N TYR C 82 9.85 10.63 26.91
CA TYR C 82 10.48 10.46 28.22
C TYR C 82 11.96 10.82 28.22
N ASN C 83 12.49 11.24 27.07
CA ASN C 83 13.89 11.61 27.04
C ASN C 83 14.12 12.93 27.79
N VAL C 84 13.05 13.71 28.01
CA VAL C 84 13.15 14.93 28.79
C VAL C 84 13.37 14.58 30.26
N THR C 85 13.23 13.30 30.61
CA THR C 85 13.25 12.83 31.99
C THR C 85 14.64 12.34 32.40
N ALA C 86 15.58 12.35 31.47
CA ALA C 86 16.87 11.68 31.64
C ALA C 86 17.64 12.22 32.85
N ASN C 87 18.24 11.29 33.60
CA ASN C 87 19.12 11.57 34.73
C ASN C 87 18.36 12.25 35.87
N SER C 88 17.11 11.85 36.08
CA SER C 88 16.37 12.30 37.25
C SER C 88 16.88 11.58 38.49
N LYS C 89 17.00 12.30 39.61
CA LYS C 89 17.27 11.68 40.89
C LYS C 89 15.98 11.08 41.44
N LEU C 90 14.87 11.78 41.17
CA LEU C 90 13.57 11.45 41.72
C LEU C 90 12.53 11.64 40.64
N VAL C 91 11.70 10.61 40.43
CA VAL C 91 10.61 10.64 39.47
C VAL C 91 9.30 10.43 40.22
N ILE C 92 8.41 11.42 40.15
CA ILE C 92 7.15 11.38 40.86
C ILE C 92 6.03 11.05 39.87
N ILE C 93 5.34 9.93 40.08
CA ILE C 93 4.27 9.49 39.20
C ILE C 93 2.93 9.92 39.78
N THR C 94 2.23 10.82 39.06
CA THR C 94 0.92 11.29 39.46
C THR C 94 -0.11 11.02 38.37
N ALA C 95 0.33 10.33 37.30
CA ALA C 95 -0.53 10.11 36.16
C ALA C 95 -1.49 8.96 36.42
N GLY C 96 -2.58 8.94 35.69
CA GLY C 96 -3.56 7.88 35.84
C GLY C 96 -4.96 8.42 35.88
N ALA C 97 -5.91 7.58 36.31
CA ALA C 97 -7.25 8.01 36.61
C ALA C 97 -7.29 8.85 37.89
N ARG C 98 -8.16 8.63 38.80
CA ARG C 98 -8.34 9.43 40.01
C ARG C 98 -9.80 9.29 40.36
N GLN C 99 -10.09 9.16 41.68
CA GLN C 99 -11.42 8.76 42.11
C GLN C 99 -12.38 9.94 41.98
N GLN C 100 -13.61 9.61 41.55
CA GLN C 100 -14.72 10.53 41.60
C GLN C 100 -15.35 10.45 42.99
N GLU C 101 -16.34 11.31 43.17
CA GLU C 101 -17.19 11.36 44.32
C GLU C 101 -17.77 9.96 44.52
N GLY C 102 -17.55 9.42 45.72
CA GLY C 102 -18.07 8.12 46.11
C GLY C 102 -17.18 6.95 45.70
N GLU C 103 -16.16 7.18 44.85
CA GLU C 103 -15.40 6.09 44.26
C GLU C 103 -14.19 5.75 45.13
N SER C 104 -14.06 4.45 45.46
CA SER C 104 -12.91 3.94 46.19
C SER C 104 -11.66 4.02 45.31
N ARG C 105 -10.53 4.39 45.90
CA ARG C 105 -9.26 4.39 45.19
C ARG C 105 -8.96 3.01 44.61
N LEU C 106 -9.46 1.96 45.27
CA LEU C 106 -9.18 0.59 44.86
C LEU C 106 -9.84 0.29 43.53
N ASN C 107 -10.81 1.13 43.14
CA ASN C 107 -11.57 0.97 41.91
C ASN C 107 -10.77 1.46 40.69
N LEU C 108 -9.64 2.12 40.94
CA LEU C 108 -8.80 2.67 39.89
C LEU C 108 -7.75 1.65 39.43
N VAL C 109 -7.77 0.44 40.02
CA VAL C 109 -6.55 -0.38 40.01
C VAL C 109 -6.17 -0.81 38.58
N GLN C 110 -7.13 -1.38 37.85
CA GLN C 110 -6.77 -1.98 36.59
C GLN C 110 -6.43 -0.92 35.55
N ARG C 111 -7.15 0.21 35.61
CA ARG C 111 -6.92 1.30 34.68
C ARG C 111 -5.50 1.83 34.86
N ASN C 112 -5.10 2.02 36.12
CA ASN C 112 -3.84 2.65 36.41
C ASN C 112 -2.69 1.64 36.30
N VAL C 113 -2.97 0.34 36.51
CA VAL C 113 -1.95 -0.68 36.29
C VAL C 113 -1.56 -0.67 34.82
N ASN C 114 -2.59 -0.56 33.95
CA ASN C 114 -2.35 -0.53 32.52
C ASN C 114 -1.47 0.65 32.16
N ILE C 115 -1.76 1.81 32.76
CA ILE C 115 -1.03 3.05 32.51
C ILE C 115 0.43 2.87 32.92
N PHE C 116 0.64 2.23 34.08
CA PHE C 116 1.97 2.04 34.67
C PHE C 116 2.83 1.13 33.79
N LYS C 117 2.18 0.20 33.08
CA LYS C 117 2.87 -0.68 32.14
C LYS C 117 3.58 0.11 31.05
N PHE C 118 3.08 1.32 30.77
CA PHE C 118 3.69 2.19 29.77
C PHE C 118 4.70 3.11 30.42
N ILE C 119 4.30 3.70 31.56
CA ILE C 119 5.05 4.78 32.19
C ILE C 119 6.35 4.26 32.77
N ILE C 120 6.26 3.18 33.58
CA ILE C 120 7.37 2.80 34.45
C ILE C 120 8.61 2.41 33.63
N PRO C 121 8.49 1.54 32.59
CA PRO C 121 9.64 1.17 31.77
C PRO C 121 10.31 2.35 31.08
N ASN C 122 9.51 3.36 30.72
CA ASN C 122 10.03 4.56 30.08
C ASN C 122 10.82 5.42 31.06
N VAL C 123 10.30 5.54 32.29
CA VAL C 123 10.99 6.28 33.35
C VAL C 123 12.34 5.61 33.61
N VAL C 124 12.32 4.28 33.74
CA VAL C 124 13.49 3.50 34.11
C VAL C 124 14.53 3.56 32.99
N LYS C 125 14.07 3.56 31.75
CA LYS C 125 14.94 3.66 30.59
C LYS C 125 15.89 4.86 30.73
N TYR C 126 15.35 6.03 31.11
CA TYR C 126 16.07 7.29 31.03
C TYR C 126 16.69 7.71 32.37
N SER C 127 16.18 7.16 33.48
CA SER C 127 16.72 7.44 34.81
C SER C 127 16.81 6.14 35.60
N PRO C 128 17.72 5.21 35.23
CA PRO C 128 17.78 3.90 35.89
C PRO C 128 18.13 3.93 37.37
N ASN C 129 18.72 5.04 37.83
CA ASN C 129 19.19 5.11 39.20
C ASN C 129 18.31 6.04 40.04
N CYS C 130 17.14 6.39 39.51
CA CYS C 130 16.27 7.32 40.22
C CYS C 130 15.59 6.60 41.38
N LYS C 131 15.00 7.41 42.27
CA LYS C 131 14.00 6.91 43.19
C LYS C 131 12.65 7.18 42.54
N LEU C 132 11.74 6.20 42.66
CA LEU C 132 10.38 6.32 42.19
C LEU C 132 9.48 6.68 43.36
N LEU C 133 8.79 7.81 43.27
CA LEU C 133 7.79 8.16 44.26
C LEU C 133 6.41 8.07 43.60
N ILE C 134 5.62 7.08 44.02
CA ILE C 134 4.31 6.82 43.43
C ILE C 134 3.26 7.60 44.21
N VAL C 135 2.43 8.34 43.48
CA VAL C 135 1.39 9.15 44.10
C VAL C 135 0.02 8.70 43.59
N SER C 136 -0.02 8.15 42.36
CA SER C 136 -1.21 7.63 41.72
C SER C 136 -1.87 6.58 42.61
N ASN C 137 -3.21 6.49 42.52
CA ASN C 137 -3.99 5.65 43.42
C ASN C 137 -4.48 4.40 42.69
N PRO C 138 -4.71 3.27 43.38
CA PRO C 138 -4.41 3.12 44.81
C PRO C 138 -2.91 3.00 45.02
N VAL C 139 -2.35 3.93 45.79
CA VAL C 139 -0.91 4.16 45.84
C VAL C 139 -0.19 2.91 46.36
N ASP C 140 -0.83 2.16 47.28
CA ASP C 140 -0.14 1.05 47.92
C ASP C 140 0.07 -0.08 46.93
N ILE C 141 -0.99 -0.39 46.17
CA ILE C 141 -0.93 -1.41 45.14
C ILE C 141 -0.02 -0.93 44.00
N LEU C 142 -0.17 0.33 43.60
CA LEU C 142 0.58 0.85 42.47
C LEU C 142 2.07 0.98 42.80
N THR C 143 2.42 1.10 44.09
CA THR C 143 3.83 1.10 44.49
C THR C 143 4.40 -0.29 44.22
N TYR C 144 3.63 -1.32 44.60
CA TYR C 144 3.98 -2.70 44.35
C TYR C 144 4.14 -2.93 42.84
N VAL C 145 3.19 -2.38 42.06
CA VAL C 145 3.22 -2.52 40.62
C VAL C 145 4.49 -1.88 40.06
N ALA C 146 4.77 -0.64 40.46
CA ALA C 146 5.95 0.07 39.99
C ALA C 146 7.21 -0.72 40.35
N TRP C 147 7.18 -1.42 41.49
CA TRP C 147 8.32 -2.19 41.96
C TRP C 147 8.54 -3.41 41.06
N LYS C 148 7.44 -4.14 40.78
CA LYS C 148 7.49 -5.31 39.91
C LYS C 148 7.93 -4.90 38.50
N ILE C 149 7.37 -3.81 37.98
CA ILE C 149 7.61 -3.42 36.59
C ILE C 149 9.04 -2.91 36.42
N SER C 150 9.46 -1.99 37.32
CA SER C 150 10.75 -1.32 37.22
C SER C 150 11.92 -2.28 37.39
N GLY C 151 11.76 -3.28 38.26
CA GLY C 151 12.85 -4.17 38.63
C GLY C 151 13.84 -3.54 39.61
N PHE C 152 13.45 -2.39 40.16
CA PHE C 152 14.26 -1.66 41.11
C PHE C 152 14.32 -2.42 42.43
N PRO C 153 15.37 -2.21 43.25
CA PRO C 153 15.36 -2.67 44.63
C PRO C 153 14.27 -1.91 45.35
N LYS C 154 13.73 -2.49 46.43
CA LYS C 154 12.52 -1.99 47.07
C LYS C 154 12.75 -0.64 47.74
N ASN C 155 14.03 -0.32 48.04
CA ASN C 155 14.33 0.94 48.69
C ASN C 155 14.09 2.13 47.75
N ARG C 156 14.10 1.88 46.44
CA ARG C 156 13.97 2.95 45.46
C ARG C 156 12.56 3.06 44.89
N VAL C 157 11.59 2.37 45.51
CA VAL C 157 10.20 2.51 45.09
C VAL C 157 9.36 2.85 46.32
N ILE C 158 8.87 4.09 46.36
CA ILE C 158 8.23 4.68 47.54
C ILE C 158 6.85 5.15 47.12
N GLY C 159 5.81 4.76 47.89
CA GLY C 159 4.48 5.31 47.67
C GLY C 159 4.21 6.44 48.67
N SER C 160 3.58 7.52 48.21
CA SER C 160 3.28 8.66 49.06
C SER C 160 2.50 8.22 50.29
N GLY C 161 1.72 7.14 50.13
CA GLY C 161 1.13 6.40 51.23
C GLY C 161 0.34 7.30 52.18
N CYS C 162 0.59 7.12 53.48
CA CYS C 162 -0.19 7.78 54.52
C CYS C 162 0.49 9.03 55.06
N ASN C 163 1.48 9.56 54.32
CA ASN C 163 2.13 10.81 54.72
C ASN C 163 1.06 11.88 54.84
N LEU C 164 0.14 11.92 53.88
CA LEU C 164 -0.93 12.91 53.87
C LEU C 164 -1.96 12.61 54.95
N ASP C 165 -2.32 11.33 55.12
CA ASP C 165 -3.31 10.92 56.12
C ASP C 165 -2.83 11.35 57.51
N SER C 166 -1.54 11.12 57.78
CA SER C 166 -0.96 11.48 59.06
C SER C 166 -0.96 13.00 59.22
N ALA C 167 -0.68 13.72 58.14
CA ALA C 167 -0.68 15.19 58.13
C ALA C 167 -2.06 15.72 58.48
N ARG C 168 -3.09 15.14 57.86
CA ARG C 168 -4.48 15.49 58.14
C ARG C 168 -4.80 15.19 59.61
N PHE C 169 -4.40 14.00 60.06
CA PHE C 169 -4.62 13.55 61.42
C PHE C 169 -4.06 14.56 62.41
N ARG C 170 -2.83 14.99 62.16
CA ARG C 170 -2.13 15.91 63.05
C ARG C 170 -2.77 17.30 62.98
N TYR C 171 -3.30 17.67 61.82
CA TYR C 171 -3.98 18.94 61.69
C TYR C 171 -5.21 18.95 62.60
N LEU C 172 -6.01 17.88 62.51
CA LEU C 172 -7.24 17.78 63.28
C LEU C 172 -6.95 17.64 64.76
N MET C 173 -5.91 16.86 65.10
CA MET C 173 -5.43 16.73 66.47
C MET C 173 -5.14 18.13 67.03
N GLY C 174 -4.38 18.91 66.24
CA GLY C 174 -3.98 20.25 66.61
C GLY C 174 -5.17 21.18 66.82
N GLU C 175 -6.19 21.05 65.96
CA GLU C 175 -7.39 21.85 66.04
C GLU C 175 -8.07 21.64 67.38
N ARG C 176 -8.15 20.37 67.79
CA ARG C 176 -8.81 20.00 69.03
C ARG C 176 -8.03 20.49 70.24
N LEU C 177 -6.68 20.45 70.16
CA LEU C 177 -5.87 20.66 71.34
C LEU C 177 -5.37 22.10 71.44
N GLY C 178 -5.49 22.89 70.36
CA GLY C 178 -4.99 24.25 70.32
C GLY C 178 -3.46 24.31 70.22
N VAL C 179 -2.90 23.34 69.49
CA VAL C 179 -1.46 23.19 69.31
C VAL C 179 -1.19 23.10 67.81
N HIS C 180 -0.06 23.68 67.36
CA HIS C 180 0.33 23.56 65.97
C HIS C 180 0.53 22.09 65.64
N PRO C 181 0.09 21.62 64.45
CA PRO C 181 0.30 20.23 64.05
C PRO C 181 1.74 19.74 64.20
N LEU C 182 2.70 20.65 64.09
CA LEU C 182 4.12 20.30 64.19
C LEU C 182 4.39 19.69 65.58
N SER C 183 3.64 20.12 66.59
CA SER C 183 3.84 19.66 67.96
C SER C 183 2.84 18.57 68.36
N CYS C 184 1.99 18.16 67.42
CA CYS C 184 1.03 17.07 67.62
C CYS C 184 1.52 15.83 66.88
N HIS C 185 1.65 14.71 67.58
CA HIS C 185 2.21 13.50 67.00
C HIS C 185 1.19 12.40 67.02
N GLY C 186 1.19 11.60 65.95
CA GLY C 186 0.21 10.56 65.73
C GLY C 186 0.33 10.02 64.31
N TRP C 187 0.25 8.70 64.18
CA TRP C 187 0.51 8.01 62.91
C TRP C 187 -0.74 7.32 62.42
N VAL C 188 -1.03 7.52 61.14
CA VAL C 188 -2.03 6.72 60.43
C VAL C 188 -1.27 5.83 59.46
N LEU C 189 -1.42 4.51 59.61
CA LEU C 189 -0.65 3.54 58.86
C LEU C 189 -1.56 2.62 58.03
N GLY C 190 -0.93 1.75 57.23
CA GLY C 190 -1.67 0.82 56.40
C GLY C 190 -2.03 1.41 55.04
N GLU C 191 -3.26 1.11 54.58
CA GLU C 191 -3.76 1.59 53.30
C GLU C 191 -4.00 3.10 53.38
N HIS C 192 -3.53 3.80 52.34
CA HIS C 192 -3.99 5.15 52.09
C HIS C 192 -5.40 5.02 51.53
N GLY C 193 -6.36 4.96 52.44
CA GLY C 193 -7.74 4.70 52.04
C GLY C 193 -8.59 4.33 53.24
N ASP C 194 -9.67 3.58 52.95
CA ASP C 194 -10.72 3.33 53.91
C ASP C 194 -10.24 2.48 55.08
N SER C 195 -9.22 1.64 54.85
CA SER C 195 -8.76 0.70 55.88
C SER C 195 -7.52 1.21 56.62
N SER C 196 -7.32 2.53 56.64
CA SER C 196 -6.19 3.08 57.36
C SER C 196 -6.32 2.84 58.88
N VAL C 197 -5.17 2.73 59.54
CA VAL C 197 -5.11 2.38 60.95
C VAL C 197 -4.53 3.54 61.74
N PRO C 198 -5.30 4.18 62.64
CA PRO C 198 -4.78 5.22 63.53
C PRO C 198 -4.13 4.57 64.74
N VAL C 199 -2.87 4.94 65.00
CA VAL C 199 -2.12 4.34 66.09
C VAL C 199 -2.31 5.20 67.34
N TRP C 200 -3.40 4.92 68.05
CA TRP C 200 -3.80 5.65 69.27
C TRP C 200 -2.69 5.54 70.32
N SER C 201 -2.00 4.38 70.35
CA SER C 201 -0.97 4.14 71.34
C SER C 201 0.20 5.14 71.21
N GLY C 202 0.38 5.70 70.01
CA GLY C 202 1.51 6.56 69.69
C GLY C 202 1.20 8.05 69.77
N MET C 203 -0.10 8.40 69.89
CA MET C 203 -0.54 9.78 69.88
C MET C 203 0.00 10.51 71.12
N ASN C 204 0.66 11.65 70.90
CA ASN C 204 1.28 12.36 72.00
C ASN C 204 1.51 13.82 71.66
N VAL C 205 1.60 14.65 72.72
CA VAL C 205 2.11 16.01 72.65
C VAL C 205 3.24 16.09 73.67
N ALA C 206 4.39 16.63 73.24
CA ALA C 206 5.56 16.82 74.08
C ALA C 206 5.93 15.52 74.81
N GLY C 207 5.70 14.38 74.17
CA GLY C 207 6.10 13.08 74.68
C GLY C 207 5.10 12.50 75.67
N VAL C 208 4.00 13.21 75.92
CA VAL C 208 2.99 12.76 76.86
C VAL C 208 1.95 11.94 76.09
N SER C 209 1.85 10.64 76.39
CA SER C 209 0.91 9.75 75.75
C SER C 209 -0.53 10.15 76.04
N LEU C 210 -1.30 10.40 74.97
CA LEU C 210 -2.68 10.82 75.10
C LEU C 210 -3.56 9.66 75.59
N LYS C 211 -3.20 8.44 75.18
CA LYS C 211 -3.93 7.25 75.59
C LYS C 211 -3.75 7.00 77.09
N THR C 212 -2.56 7.33 77.61
CA THR C 212 -2.28 7.24 79.03
C THR C 212 -3.18 8.20 79.80
N LEU C 213 -3.30 9.43 79.29
CA LEU C 213 -4.10 10.47 79.92
C LEU C 213 -5.58 10.13 79.81
N HIS C 214 -5.96 9.47 78.71
CA HIS C 214 -7.36 9.27 78.34
C HIS C 214 -7.51 7.89 77.72
N PRO C 215 -7.67 6.83 78.55
CA PRO C 215 -7.68 5.46 78.06
C PRO C 215 -8.80 5.14 77.08
N ASP C 216 -9.88 5.94 77.09
CA ASP C 216 -10.97 5.72 76.16
C ASP C 216 -10.59 6.13 74.73
N LEU C 217 -9.49 6.87 74.58
CA LEU C 217 -9.04 7.38 73.29
C LEU C 217 -9.06 6.28 72.24
N GLY C 218 -9.83 6.50 71.16
CA GLY C 218 -9.89 5.61 70.02
C GLY C 218 -10.96 4.50 70.10
N THR C 219 -11.68 4.46 71.22
CA THR C 219 -12.73 3.48 71.38
C THR C 219 -14.08 4.15 71.11
N ASP C 220 -15.12 3.33 70.93
CA ASP C 220 -16.47 3.81 70.72
C ASP C 220 -17.06 4.40 71.99
N LYS C 221 -16.59 3.93 73.14
CA LYS C 221 -17.08 4.40 74.42
C LYS C 221 -16.65 5.84 74.70
N ASP C 222 -15.61 6.27 74.03
CA ASP C 222 -14.92 7.56 74.17
C ASP C 222 -15.92 8.71 74.12
N LYS C 223 -16.11 9.39 75.29
CA LYS C 223 -16.99 10.53 75.42
C LYS C 223 -16.57 11.65 74.48
N GLU C 224 -15.26 11.74 74.19
CA GLU C 224 -14.74 12.83 73.40
C GLU C 224 -14.74 12.53 71.91
N GLN C 225 -14.95 11.24 71.59
CA GLN C 225 -15.18 10.83 70.19
C GLN C 225 -13.91 11.08 69.39
N TRP C 226 -12.75 10.64 69.90
CA TRP C 226 -11.53 10.80 69.18
C TRP C 226 -11.48 9.92 67.93
N LYS C 227 -12.30 8.87 67.93
CA LYS C 227 -12.36 7.97 66.78
C LYS C 227 -12.81 8.75 65.54
N GLU C 228 -13.59 9.80 65.76
CA GLU C 228 -14.13 10.66 64.72
C GLU C 228 -13.02 11.42 64.01
N VAL C 229 -11.90 11.69 64.70
CA VAL C 229 -10.78 12.34 64.05
C VAL C 229 -10.25 11.45 62.94
N HIS C 230 -10.12 10.14 63.20
CA HIS C 230 -9.68 9.24 62.15
C HIS C 230 -10.74 9.11 61.07
N LYS C 231 -12.01 9.15 61.46
CA LYS C 231 -13.07 9.01 60.48
C LYS C 231 -13.01 10.17 59.49
N GLN C 232 -12.62 11.33 60.02
CA GLN C 232 -12.49 12.53 59.21
C GLN C 232 -11.29 12.41 58.30
N VAL C 233 -10.28 11.64 58.72
CA VAL C 233 -9.10 11.44 57.90
C VAL C 233 -9.47 10.60 56.68
N VAL C 234 -10.19 9.50 56.93
CA VAL C 234 -10.64 8.60 55.88
C VAL C 234 -11.52 9.36 54.89
N GLU C 235 -12.34 10.29 55.41
CA GLU C 235 -13.38 10.92 54.62
C GLU C 235 -12.92 12.23 53.97
N SER C 236 -11.71 12.69 54.32
CA SER C 236 -11.18 13.96 53.85
C SER C 236 -11.22 14.03 52.33
N ALA C 237 -10.57 13.05 51.69
CA ALA C 237 -10.44 13.03 50.24
C ALA C 237 -11.81 13.14 49.59
N TYR C 238 -12.76 12.35 50.09
CA TYR C 238 -14.10 12.31 49.53
C TYR C 238 -14.80 13.64 49.73
N GLU C 239 -14.59 14.26 50.90
CA GLU C 239 -15.29 15.50 51.18
C GLU C 239 -14.72 16.64 50.33
N VAL C 240 -13.39 16.66 50.17
CA VAL C 240 -12.79 17.70 49.35
C VAL C 240 -13.22 17.49 47.89
N ILE C 241 -13.21 16.23 47.43
CA ILE C 241 -13.65 15.89 46.08
C ILE C 241 -15.08 16.38 45.88
N LYS C 242 -15.94 16.09 46.88
CA LYS C 242 -17.32 16.52 46.84
C LYS C 242 -17.42 18.02 46.69
N LEU C 243 -16.53 18.77 47.37
CA LEU C 243 -16.66 20.21 47.46
C LEU C 243 -16.01 20.91 46.27
N LYS C 244 -14.85 20.44 45.81
CA LYS C 244 -14.10 21.17 44.78
C LYS C 244 -13.74 20.30 43.57
N GLY C 245 -14.07 19.00 43.63
CA GLY C 245 -13.93 18.13 42.48
C GLY C 245 -12.69 17.24 42.54
N TYR C 246 -11.69 17.66 43.31
CA TYR C 246 -10.43 16.93 43.41
C TYR C 246 -9.68 17.42 44.65
N THR C 247 -8.58 16.73 44.99
CA THR C 247 -7.65 17.25 45.96
C THR C 247 -6.33 17.54 45.26
N SER C 248 -5.62 18.59 45.71
CA SER C 248 -4.40 19.00 45.05
C SER C 248 -3.36 19.52 46.04
N TRP C 249 -3.72 20.54 46.82
CA TRP C 249 -2.72 21.31 47.54
C TRP C 249 -2.05 20.46 48.63
N ALA C 250 -2.85 19.71 49.38
CA ALA C 250 -2.36 18.94 50.52
C ALA C 250 -1.43 17.82 50.05
N ILE C 251 -1.86 17.10 49.02
CA ILE C 251 -1.04 16.01 48.48
C ILE C 251 0.24 16.57 47.87
N GLY C 252 0.13 17.76 47.26
CA GLY C 252 1.27 18.44 46.65
C GLY C 252 2.35 18.74 47.69
N LEU C 253 1.92 19.37 48.79
CA LEU C 253 2.81 19.70 49.89
C LEU C 253 3.39 18.43 50.50
N SER C 254 2.54 17.40 50.66
CA SER C 254 2.95 16.14 51.25
C SER C 254 4.08 15.51 50.42
N VAL C 255 3.95 15.57 49.09
CA VAL C 255 4.89 15.00 48.14
C VAL C 255 6.20 15.78 48.19
N ALA C 256 6.12 17.12 48.30
CA ALA C 256 7.32 17.94 48.36
C ALA C 256 8.05 17.65 49.67
N ASP C 257 7.28 17.32 50.71
CA ASP C 257 7.83 16.96 51.99
C ASP C 257 8.72 15.72 51.85
N LEU C 258 8.20 14.72 51.12
CA LEU C 258 8.93 13.49 50.91
C LEU C 258 10.13 13.75 50.01
N ALA C 259 9.93 14.55 48.96
CA ALA C 259 10.99 14.92 48.02
C ALA C 259 12.14 15.59 48.78
N GLU C 260 11.80 16.45 49.74
CA GLU C 260 12.80 17.18 50.52
C GLU C 260 13.70 16.20 51.27
N SER C 261 13.09 15.19 51.90
CA SER C 261 13.84 14.21 52.67
C SER C 261 14.74 13.38 51.76
N ILE C 262 14.24 13.05 50.58
CA ILE C 262 15.01 12.23 49.64
C ILE C 262 16.19 13.05 49.10
N MET C 263 15.91 14.24 48.55
CA MET C 263 16.89 15.05 47.86
C MET C 263 18.00 15.52 48.80
N LYS C 264 17.63 15.85 50.05
CA LYS C 264 18.59 16.41 50.99
C LYS C 264 19.13 15.34 51.94
N ASN C 265 18.74 14.07 51.73
CA ASN C 265 19.23 12.93 52.49
C ASN C 265 19.05 13.14 53.99
N LEU C 266 17.85 13.59 54.40
CA LEU C 266 17.61 14.02 55.76
C LEU C 266 17.55 12.84 56.74
N ARG C 267 17.08 11.68 56.27
CA ARG C 267 16.84 10.53 57.14
C ARG C 267 15.77 10.88 58.18
N ARG C 268 14.75 11.59 57.71
CA ARG C 268 13.54 11.80 58.48
C ARG C 268 12.63 10.58 58.34
N VAL C 269 11.68 10.47 59.28
CA VAL C 269 10.76 9.35 59.31
C VAL C 269 9.40 9.79 58.75
N HIS C 270 8.91 9.07 57.74
CA HIS C 270 7.64 9.37 57.09
C HIS C 270 6.87 8.06 56.95
N PRO C 271 5.52 8.09 57.09
CA PRO C 271 4.70 6.91 56.84
C PRO C 271 4.42 6.81 55.34
N VAL C 272 5.13 5.90 54.65
CA VAL C 272 5.10 5.81 53.20
C VAL C 272 4.93 4.35 52.82
N SER C 273 4.45 4.08 51.59
CA SER C 273 4.16 2.72 51.16
C SER C 273 5.44 1.98 50.82
N THR C 274 5.61 0.83 51.47
CA THR C 274 6.77 -0.01 51.21
C THR C 274 6.38 -1.45 51.48
N MET C 275 7.26 -2.37 51.09
CA MET C 275 6.97 -3.77 51.30
C MET C 275 7.14 -4.11 52.77
N ILE C 276 6.09 -4.70 53.36
CA ILE C 276 6.06 -5.02 54.79
C ILE C 276 6.05 -6.53 55.05
N LYS C 277 6.27 -7.33 54.00
CA LYS C 277 6.39 -8.77 54.15
C LYS C 277 7.35 -9.07 55.31
N GLY C 278 6.92 -9.96 56.20
CA GLY C 278 7.71 -10.39 57.37
C GLY C 278 7.41 -9.60 58.64
N LEU C 279 6.62 -8.54 58.55
CA LEU C 279 6.23 -7.77 59.73
C LEU C 279 4.77 -7.98 60.03
N TYR C 280 4.45 -8.04 61.34
CA TYR C 280 3.09 -8.16 61.84
C TYR C 280 2.39 -9.39 61.25
N GLY C 281 3.18 -10.43 60.94
CA GLY C 281 2.65 -11.70 60.50
C GLY C 281 2.12 -11.68 59.06
N ILE C 282 2.45 -10.61 58.32
CA ILE C 282 2.12 -10.54 56.91
C ILE C 282 3.17 -11.35 56.15
N LYS C 283 2.70 -12.27 55.29
CA LYS C 283 3.58 -13.23 54.64
C LYS C 283 3.70 -12.99 53.14
N ASP C 284 2.88 -12.05 52.61
CA ASP C 284 2.83 -11.82 51.18
C ASP C 284 3.49 -10.50 50.83
N ASP C 285 3.65 -10.25 49.53
CA ASP C 285 4.35 -9.09 49.02
C ASP C 285 3.46 -7.85 49.07
N VAL C 286 2.94 -7.54 50.25
CA VAL C 286 2.02 -6.42 50.39
C VAL C 286 2.84 -5.16 50.60
N PHE C 287 2.42 -4.09 49.92
CA PHE C 287 2.94 -2.76 50.23
C PHE C 287 1.89 -1.97 51.01
N LEU C 288 2.30 -1.40 52.14
CA LEU C 288 1.47 -0.39 52.78
C LEU C 288 2.36 0.54 53.59
N SER C 289 1.73 1.51 54.24
CA SER C 289 2.45 2.56 54.94
C SER C 289 2.85 2.10 56.34
N VAL C 290 4.16 2.17 56.61
CA VAL C 290 4.75 2.12 57.93
C VAL C 290 5.75 3.26 58.01
N PRO C 291 6.18 3.71 59.22
CA PRO C 291 7.19 4.77 59.32
C PRO C 291 8.53 4.27 58.76
N CYS C 292 9.04 5.02 57.78
CA CYS C 292 10.29 4.67 57.11
C CYS C 292 11.27 5.83 57.21
N ILE C 293 12.56 5.50 57.26
CA ILE C 293 13.63 6.49 57.19
C ILE C 293 13.92 6.78 55.72
N LEU C 294 13.79 8.06 55.34
CA LEU C 294 13.87 8.50 53.96
C LEU C 294 15.16 9.30 53.76
N GLY C 295 15.90 8.91 52.72
CA GLY C 295 17.10 9.63 52.35
C GLY C 295 17.40 9.44 50.88
N GLN C 296 18.67 9.67 50.52
CA GLN C 296 19.10 9.74 49.14
C GLN C 296 19.07 8.36 48.47
N ASN C 297 18.92 7.27 49.25
CA ASN C 297 18.75 5.95 48.67
C ASN C 297 17.30 5.50 48.79
N GLY C 298 16.41 6.44 49.08
CA GLY C 298 15.01 6.14 49.30
C GLY C 298 14.77 5.64 50.73
N ILE C 299 14.07 4.51 50.85
CA ILE C 299 13.77 3.94 52.14
C ILE C 299 14.93 3.06 52.55
N SER C 300 15.72 3.53 53.52
CA SER C 300 16.87 2.79 54.00
C SER C 300 16.48 1.87 55.16
N ASP C 301 15.41 2.23 55.89
CA ASP C 301 15.04 1.56 57.12
C ASP C 301 13.54 1.73 57.36
N LEU C 302 12.97 0.76 58.09
CA LEU C 302 11.60 0.84 58.60
C LEU C 302 11.68 0.95 60.12
N VAL C 303 10.78 1.74 60.71
CA VAL C 303 10.57 1.69 62.14
C VAL C 303 9.54 0.60 62.40
N LYS C 304 9.87 -0.31 63.33
CA LYS C 304 8.99 -1.38 63.71
C LYS C 304 8.09 -0.89 64.83
N VAL C 305 6.98 -0.25 64.46
CA VAL C 305 6.08 0.34 65.45
C VAL C 305 5.47 -0.78 66.27
N THR C 306 5.38 -0.55 67.58
CA THR C 306 4.62 -1.44 68.45
C THR C 306 3.14 -1.09 68.36
N LEU C 307 2.34 -2.11 68.06
CA LEU C 307 0.90 -1.94 67.89
C LEU C 307 0.16 -2.73 68.97
N THR C 308 -0.95 -2.17 69.44
CA THR C 308 -1.88 -2.96 70.22
C THR C 308 -2.38 -4.10 69.33
N SER C 309 -2.82 -5.19 69.95
CA SER C 309 -3.33 -6.34 69.21
C SER C 309 -4.44 -5.93 68.24
N GLU C 310 -5.25 -4.94 68.63
CA GLU C 310 -6.31 -4.46 67.76
C GLU C 310 -5.74 -3.63 66.62
N GLU C 311 -4.81 -2.72 66.93
CA GLU C 311 -4.13 -1.92 65.93
C GLU C 311 -3.45 -2.86 64.93
N GLU C 312 -2.85 -3.94 65.43
CA GLU C 312 -2.19 -4.92 64.57
C GLU C 312 -3.22 -5.68 63.75
N ALA C 313 -4.37 -6.00 64.37
CA ALA C 313 -5.44 -6.68 63.67
C ALA C 313 -5.94 -5.84 62.50
N ARG C 314 -6.10 -4.53 62.72
CA ARG C 314 -6.57 -3.59 61.71
C ARG C 314 -5.57 -3.51 60.54
N LEU C 315 -4.27 -3.55 60.88
CA LEU C 315 -3.21 -3.47 59.87
C LEU C 315 -3.15 -4.77 59.05
N LYS C 316 -3.42 -5.91 59.69
CA LYS C 316 -3.45 -7.19 58.99
C LYS C 316 -4.67 -7.23 58.06
N LYS C 317 -5.77 -6.59 58.49
CA LYS C 317 -6.98 -6.47 57.70
C LYS C 317 -6.73 -5.62 56.46
N SER C 318 -6.01 -4.50 56.66
CA SER C 318 -5.61 -3.61 55.58
C SER C 318 -4.76 -4.40 54.59
N ALA C 319 -3.81 -5.18 55.13
CA ALA C 319 -2.91 -5.99 54.32
C ALA C 319 -3.69 -6.98 53.48
N ASP C 320 -4.69 -7.63 54.08
CA ASP C 320 -5.50 -8.64 53.41
C ASP C 320 -6.27 -8.02 52.24
N THR C 321 -6.94 -6.89 52.51
CA THR C 321 -7.69 -6.17 51.50
C THR C 321 -6.80 -5.94 50.29
N LEU C 322 -5.60 -5.41 50.54
CA LEU C 322 -4.69 -5.02 49.50
C LEU C 322 -4.17 -6.24 48.74
N TRP C 323 -3.80 -7.28 49.50
CA TRP C 323 -3.28 -8.49 48.88
C TRP C 323 -4.33 -9.16 48.02
N GLY C 324 -5.59 -9.08 48.46
CA GLY C 324 -6.69 -9.63 47.70
C GLY C 324 -6.72 -9.08 46.27
N ILE C 325 -6.45 -7.78 46.13
CA ILE C 325 -6.49 -7.15 44.83
C ILE C 325 -5.18 -7.42 44.09
N GLN C 326 -4.08 -7.38 44.83
CA GLN C 326 -2.74 -7.53 44.27
C GLN C 326 -2.58 -8.88 43.59
N LYS C 327 -3.10 -9.92 44.22
CA LYS C 327 -2.91 -11.29 43.74
C LYS C 327 -3.59 -11.47 42.39
N GLU C 328 -4.63 -10.65 42.09
CA GLU C 328 -5.35 -10.87 40.86
C GLU C 328 -4.71 -10.16 39.67
N LEU C 329 -3.67 -9.40 39.92
CA LEU C 329 -3.10 -8.50 38.93
C LEU C 329 -2.24 -9.27 37.92
N GLN C 330 -2.27 -8.82 36.68
CA GLN C 330 -1.08 -8.81 35.81
C GLN C 330 -0.32 -7.48 35.98
N PHE C 331 0.77 -7.56 36.70
CA PHE C 331 1.71 -6.46 36.85
C PHE C 331 2.58 -6.34 35.60
N ALA D 1 -13.01 16.43 82.83
CA ALA D 1 -12.40 17.44 81.93
C ALA D 1 -12.03 16.81 80.59
N THR D 2 -11.87 17.67 79.58
CA THR D 2 -11.46 17.27 78.23
C THR D 2 -9.98 16.86 78.25
N LEU D 3 -9.55 16.14 77.20
CA LEU D 3 -8.15 15.74 77.04
C LEU D 3 -7.26 16.98 77.01
N LYS D 4 -7.70 18.02 76.28
CA LYS D 4 -6.96 19.26 76.16
C LYS D 4 -6.69 19.85 77.55
N ASP D 5 -7.71 19.85 78.41
CA ASP D 5 -7.62 20.41 79.75
C ASP D 5 -6.77 19.55 80.67
N GLN D 6 -6.84 18.23 80.50
CA GLN D 6 -6.01 17.32 81.27
C GLN D 6 -4.54 17.54 80.93
N LEU D 7 -4.26 17.87 79.66
CA LEU D 7 -2.90 17.94 79.16
C LEU D 7 -2.31 19.32 79.36
N ILE D 8 -3.14 20.36 79.17
CA ILE D 8 -2.64 21.73 79.04
C ILE D 8 -3.31 22.63 80.07
N TYR D 9 -2.50 23.38 80.83
CA TYR D 9 -3.00 24.43 81.70
C TYR D 9 -2.88 25.76 80.95
N ASN D 10 -4.00 26.49 80.88
CA ASN D 10 -4.14 27.71 80.12
C ASN D 10 -3.85 28.91 81.00
N LEU D 11 -2.99 29.81 80.51
CA LEU D 11 -2.74 31.10 81.14
C LEU D 11 -3.62 32.17 80.52
N LEU D 12 -3.82 32.06 79.21
CA LEU D 12 -4.28 33.18 78.41
C LEU D 12 -5.31 32.73 77.40
N LYS D 13 -6.44 33.48 77.30
CA LYS D 13 -7.43 33.16 76.28
C LYS D 13 -7.43 34.15 75.13
N GLU D 14 -7.76 33.59 73.97
CA GLU D 14 -7.88 34.27 72.67
C GLU D 14 -6.56 34.82 72.10
N GLU D 15 -6.00 34.09 71.12
CA GLU D 15 -4.81 34.51 70.39
C GLU D 15 -5.19 35.74 69.55
N GLN D 16 -5.39 36.88 70.22
CA GLN D 16 -6.32 37.90 69.70
C GLN D 16 -5.68 38.91 68.77
N THR D 17 -6.32 39.01 67.61
CA THR D 17 -6.09 39.90 66.47
C THR D 17 -4.90 39.51 65.62
N PRO D 18 -5.09 39.25 64.29
CA PRO D 18 -3.98 38.88 63.41
C PRO D 18 -3.08 40.10 63.18
N GLN D 19 -1.77 39.84 63.10
CA GLN D 19 -0.81 40.91 62.96
C GLN D 19 -0.37 41.06 61.51
N ASN D 20 -0.50 39.98 60.72
CA ASN D 20 0.01 39.94 59.38
C ASN D 20 -0.94 39.17 58.48
N LYS D 21 -2.19 39.64 58.42
CA LYS D 21 -3.24 38.87 57.76
C LYS D 21 -3.34 39.28 56.29
N ILE D 22 -3.49 38.27 55.44
CA ILE D 22 -3.72 38.49 54.01
C ILE D 22 -5.04 37.82 53.64
N THR D 23 -5.85 38.56 52.87
CA THR D 23 -7.08 38.02 52.31
C THR D 23 -6.93 37.89 50.80
N VAL D 24 -7.36 36.74 50.28
CA VAL D 24 -7.51 36.55 48.85
C VAL D 24 -8.99 36.42 48.53
N VAL D 25 -9.49 37.35 47.73
CA VAL D 25 -10.87 37.32 47.25
C VAL D 25 -10.87 36.65 45.88
N GLY D 26 -11.66 35.58 45.74
CA GLY D 26 -11.70 34.77 44.54
C GLY D 26 -10.84 33.51 44.69
N VAL D 27 -11.46 32.33 44.60
CA VAL D 27 -10.73 31.07 44.74
C VAL D 27 -10.74 30.31 43.41
N GLY D 28 -10.71 31.07 42.31
CA GLY D 28 -10.42 30.54 40.98
C GLY D 28 -8.94 30.16 40.91
N ALA D 29 -8.49 29.69 39.75
CA ALA D 29 -7.12 29.17 39.64
C ALA D 29 -6.11 30.23 40.05
N VAL D 30 -6.40 31.49 39.72
CA VAL D 30 -5.49 32.58 40.03
C VAL D 30 -5.44 32.82 41.52
N GLY D 31 -6.62 32.91 42.14
CA GLY D 31 -6.73 33.13 43.59
C GLY D 31 -5.96 32.08 44.38
N MET D 32 -6.11 30.82 43.96
CA MET D 32 -5.52 29.73 44.71
C MET D 32 -4.01 29.64 44.47
N ALA D 33 -3.56 30.07 43.28
CA ALA D 33 -2.12 30.14 43.01
C ALA D 33 -1.49 31.25 43.86
N CYS D 34 -2.21 32.35 44.04
CA CYS D 34 -1.79 33.42 44.94
C CYS D 34 -1.72 32.88 46.37
N ALA D 35 -2.75 32.13 46.78
CA ALA D 35 -2.85 31.56 48.12
C ALA D 35 -1.66 30.65 48.41
N ILE D 36 -1.42 29.65 47.54
CA ILE D 36 -0.36 28.67 47.78
C ILE D 36 1.00 29.36 47.82
N SER D 37 1.19 30.32 46.91
CA SER D 37 2.45 31.04 46.78
C SER D 37 2.74 31.84 48.06
N ILE D 38 1.70 32.50 48.57
CA ILE D 38 1.80 33.28 49.80
C ILE D 38 2.03 32.34 50.99
N LEU D 39 1.33 31.21 51.02
CA LEU D 39 1.47 30.27 52.11
C LEU D 39 2.89 29.75 52.18
N MET D 40 3.51 29.52 51.01
CA MET D 40 4.81 28.89 51.01
C MET D 40 5.93 29.92 51.17
N LYS D 41 5.60 31.21 51.14
CA LYS D 41 6.62 32.24 51.37
C LYS D 41 6.52 32.83 52.77
N ASP D 42 5.59 32.30 53.59
CA ASP D 42 5.40 32.64 55.00
C ASP D 42 5.10 34.12 55.18
N LEU D 43 4.29 34.72 54.29
CA LEU D 43 4.08 36.15 54.31
C LEU D 43 2.96 36.53 55.30
N ALA D 44 2.19 35.54 55.75
CA ALA D 44 0.99 35.81 56.53
C ALA D 44 0.92 34.92 57.78
N ASP D 45 0.36 35.47 58.87
CA ASP D 45 0.04 34.72 60.07
C ASP D 45 -1.40 34.23 60.01
N GLU D 46 -2.17 34.79 59.07
CA GLU D 46 -3.54 34.36 58.84
C GLU D 46 -3.88 34.61 57.38
N LEU D 47 -4.46 33.60 56.73
CA LEU D 47 -4.95 33.70 55.36
C LEU D 47 -6.45 33.51 55.37
N ALA D 48 -7.15 34.48 54.78
CA ALA D 48 -8.59 34.38 54.60
C ALA D 48 -8.90 34.28 53.11
N LEU D 49 -9.79 33.35 52.75
CA LEU D 49 -10.29 33.23 51.40
C LEU D 49 -11.77 33.61 51.37
N VAL D 50 -12.17 34.36 50.35
CA VAL D 50 -13.57 34.68 50.16
C VAL D 50 -13.97 34.43 48.71
N ASP D 51 -15.19 33.92 48.52
CA ASP D 51 -15.80 33.76 47.21
C ASP D 51 -17.31 33.70 47.40
N VAL D 52 -18.03 33.54 46.28
CA VAL D 52 -19.48 33.43 46.32
C VAL D 52 -19.90 31.96 46.20
N ILE D 53 -19.03 31.13 45.59
CA ILE D 53 -19.31 29.72 45.42
C ILE D 53 -18.89 29.01 46.69
N GLU D 54 -19.88 28.55 47.46
CA GLU D 54 -19.65 28.15 48.83
C GLU D 54 -18.99 26.79 48.93
N ASP D 55 -19.38 25.87 48.03
CA ASP D 55 -18.83 24.52 48.03
C ASP D 55 -17.34 24.55 47.70
N LYS D 56 -17.00 25.24 46.58
CA LYS D 56 -15.64 25.35 46.11
C LYS D 56 -14.76 26.01 47.17
N LEU D 57 -15.30 27.05 47.81
CA LEU D 57 -14.62 27.86 48.80
C LEU D 57 -14.20 26.99 49.98
N LYS D 58 -15.17 26.23 50.53
CA LYS D 58 -14.91 25.38 51.68
C LYS D 58 -13.90 24.29 51.31
N GLY D 59 -14.03 23.73 50.09
CA GLY D 59 -13.13 22.69 49.65
C GLY D 59 -11.68 23.14 49.56
N GLU D 60 -11.49 24.33 48.98
CA GLU D 60 -10.17 24.94 48.82
C GLU D 60 -9.54 25.17 50.19
N MET D 61 -10.30 25.82 51.09
CA MET D 61 -9.84 26.08 52.44
C MET D 61 -9.36 24.78 53.10
N MET D 62 -10.22 23.75 53.07
CA MET D 62 -9.93 22.46 53.68
C MET D 62 -8.66 21.84 53.09
N ASP D 63 -8.49 21.93 51.77
CA ASP D 63 -7.33 21.31 51.12
C ASP D 63 -6.05 21.95 51.64
N LEU D 64 -6.05 23.29 51.76
CA LEU D 64 -4.92 24.01 52.30
C LEU D 64 -4.70 23.62 53.76
N GLN D 65 -5.80 23.57 54.52
CA GLN D 65 -5.73 23.26 55.95
C GLN D 65 -5.10 21.90 56.19
N HIS D 66 -5.38 20.92 55.32
CA HIS D 66 -4.87 19.58 55.52
C HIS D 66 -3.34 19.55 55.38
N GLY D 67 -2.78 20.58 54.73
CA GLY D 67 -1.35 20.65 54.53
C GLY D 67 -0.65 21.52 55.58
N SER D 68 -1.36 21.86 56.67
CA SER D 68 -0.90 22.78 57.69
C SER D 68 0.44 22.33 58.29
N LEU D 69 0.63 21.01 58.37
CA LEU D 69 1.85 20.43 58.91
C LEU D 69 3.07 20.99 58.17
N PHE D 70 2.89 21.33 56.88
CA PHE D 70 4.01 21.68 56.02
C PHE D 70 4.07 23.18 55.79
N LEU D 71 3.23 23.94 56.49
CA LEU D 71 3.21 25.38 56.34
C LEU D 71 3.52 26.05 57.68
N ARG D 72 3.71 27.38 57.63
CA ARG D 72 3.96 28.17 58.82
C ARG D 72 2.97 29.32 58.84
N THR D 73 1.76 29.07 58.31
CA THR D 73 0.66 29.99 58.47
C THR D 73 -0.40 29.28 59.29
N PRO D 74 -0.54 29.63 60.59
CA PRO D 74 -1.33 28.83 61.52
C PRO D 74 -2.85 28.95 61.39
N LYS D 75 -3.34 30.01 60.74
CA LYS D 75 -4.77 30.21 60.64
C LYS D 75 -5.17 30.43 59.17
N ILE D 76 -5.97 29.50 58.66
CA ILE D 76 -6.57 29.59 57.34
C ILE D 76 -8.08 29.55 57.54
N VAL D 77 -8.76 30.60 57.05
CA VAL D 77 -10.20 30.70 57.17
C VAL D 77 -10.79 31.04 55.80
N SER D 78 -12.08 30.72 55.64
CA SER D 78 -12.83 31.11 54.46
C SER D 78 -14.29 31.39 54.84
N GLY D 79 -14.97 32.10 53.93
CA GLY D 79 -16.38 32.42 54.13
C GLY D 79 -16.90 33.28 52.99
N LYS D 80 -18.20 33.16 52.71
CA LYS D 80 -18.92 34.08 51.84
C LYS D 80 -18.98 35.46 52.48
N ASP D 81 -19.07 35.48 53.82
CA ASP D 81 -19.20 36.69 54.58
C ASP D 81 -17.83 37.34 54.73
N TYR D 82 -17.75 38.65 54.47
CA TYR D 82 -16.49 39.37 54.50
C TYR D 82 -15.97 39.61 55.90
N ASN D 83 -16.69 39.14 56.92
CA ASN D 83 -16.20 39.32 58.27
C ASN D 83 -14.97 38.44 58.53
N VAL D 84 -14.78 37.41 57.70
CA VAL D 84 -13.60 36.54 57.83
C VAL D 84 -12.37 37.32 57.37
N THR D 85 -12.58 38.51 56.78
CA THR D 85 -11.53 39.29 56.15
C THR D 85 -10.96 40.34 57.09
N ALA D 86 -11.54 40.46 58.29
CA ALA D 86 -11.30 41.58 59.19
C ALA D 86 -9.81 41.70 59.55
N ASN D 87 -9.33 42.95 59.55
CA ASN D 87 -7.98 43.32 59.99
C ASN D 87 -6.92 42.73 59.06
N SER D 88 -7.21 42.67 57.76
CA SER D 88 -6.21 42.30 56.78
C SER D 88 -5.24 43.46 56.58
N LYS D 89 -3.95 43.15 56.46
CA LYS D 89 -2.96 44.13 56.04
C LYS D 89 -3.05 44.32 54.53
N LEU D 90 -3.33 43.23 53.83
CA LEU D 90 -3.31 43.19 52.38
C LEU D 90 -4.48 42.33 51.92
N VAL D 91 -5.27 42.89 50.99
CA VAL D 91 -6.41 42.19 50.40
C VAL D 91 -6.16 42.09 48.89
N ILE D 92 -6.10 40.84 48.39
CA ILE D 92 -5.82 40.59 46.99
C ILE D 92 -7.12 40.20 46.29
N ILE D 93 -7.54 41.00 45.30
CA ILE D 93 -8.77 40.75 44.58
C ILE D 93 -8.46 40.01 43.28
N THR D 94 -8.94 38.77 43.17
CA THR D 94 -8.76 37.96 41.98
C THR D 94 -10.11 37.53 41.42
N ALA D 95 -11.20 38.02 42.01
CA ALA D 95 -12.53 37.60 41.63
C ALA D 95 -12.98 38.33 40.38
N GLY D 96 -13.91 37.70 39.66
CA GLY D 96 -14.45 38.28 38.45
C GLY D 96 -14.40 37.32 37.29
N ALA D 97 -14.82 37.83 36.12
CA ALA D 97 -14.71 37.08 34.87
C ALA D 97 -13.25 37.16 34.41
N ARG D 98 -12.79 36.09 33.76
CA ARG D 98 -11.48 36.09 33.13
C ARG D 98 -11.66 35.82 31.63
N GLN D 99 -10.65 36.18 30.85
CA GLN D 99 -10.78 36.16 29.42
C GLN D 99 -10.71 34.73 28.89
N GLN D 100 -11.54 34.46 27.87
CA GLN D 100 -11.42 33.23 27.12
C GLN D 100 -10.39 33.42 26.02
N GLU D 101 -10.13 32.31 25.33
CA GLU D 101 -9.30 32.24 24.16
C GLU D 101 -9.77 33.31 23.18
N GLY D 102 -8.83 34.18 22.80
CA GLY D 102 -9.08 35.23 21.83
C GLY D 102 -9.64 36.52 22.44
N GLU D 103 -10.07 36.48 23.71
CA GLU D 103 -10.80 37.60 24.29
C GLU D 103 -9.84 38.58 24.96
N SER D 104 -9.97 39.86 24.62
CA SER D 104 -9.23 40.95 25.24
C SER D 104 -9.67 41.10 26.70
N ARG D 105 -8.71 41.35 27.58
CA ARG D 105 -8.99 41.63 28.99
C ARG D 105 -9.94 42.83 29.09
N LEU D 106 -9.88 43.76 28.12
CA LEU D 106 -10.67 44.97 28.16
C LEU D 106 -12.16 44.63 28.01
N ASN D 107 -12.45 43.42 27.53
CA ASN D 107 -13.81 42.96 27.28
C ASN D 107 -14.48 42.51 28.57
N LEU D 108 -13.71 42.42 29.66
CA LEU D 108 -14.21 41.99 30.97
C LEU D 108 -14.70 43.18 31.78
N VAL D 109 -14.65 44.40 31.22
CA VAL D 109 -14.65 45.58 32.08
C VAL D 109 -15.96 45.75 32.84
N GLN D 110 -17.08 45.71 32.12
CA GLN D 110 -18.35 46.05 32.75
C GLN D 110 -18.78 44.95 33.73
N ARG D 111 -18.48 43.70 33.37
CA ARG D 111 -18.83 42.57 34.22
C ARG D 111 -18.10 42.70 35.55
N ASN D 112 -16.80 43.01 35.48
CA ASN D 112 -15.97 43.02 36.66
C ASN D 112 -16.15 44.32 37.43
N VAL D 113 -16.53 45.42 36.77
CA VAL D 113 -16.84 46.66 37.46
C VAL D 113 -18.05 46.41 38.36
N ASN D 114 -19.05 45.69 37.83
CA ASN D 114 -20.24 45.37 38.59
C ASN D 114 -19.88 44.57 39.84
N ILE D 115 -18.98 43.60 39.66
CA ILE D 115 -18.54 42.71 40.74
C ILE D 115 -17.85 43.54 41.82
N PHE D 116 -17.01 44.49 41.39
CA PHE D 116 -16.21 45.32 42.28
C PHE D 116 -17.09 46.22 43.13
N LYS D 117 -18.25 46.63 42.59
CA LYS D 117 -19.22 47.42 43.32
C LYS D 117 -19.71 46.70 44.57
N PHE D 118 -19.63 45.36 44.56
CA PHE D 118 -20.03 44.58 45.71
C PHE D 118 -18.81 44.31 46.61
N ILE D 119 -17.70 43.93 45.99
CA ILE D 119 -16.54 43.42 46.69
C ILE D 119 -15.86 44.52 47.47
N ILE D 120 -15.57 45.65 46.80
CA ILE D 120 -14.64 46.64 47.34
C ILE D 120 -15.18 47.25 48.65
N PRO D 121 -16.46 47.70 48.70
CA PRO D 121 -17.02 48.25 49.95
C PRO D 121 -17.00 47.28 51.12
N ASN D 122 -17.17 45.98 50.81
CA ASN D 122 -17.16 44.95 51.83
C ASN D 122 -15.75 44.74 52.39
N VAL D 123 -14.75 44.75 51.50
CA VAL D 123 -13.36 44.63 51.91
C VAL D 123 -13.02 45.80 52.83
N VAL D 124 -13.40 47.00 52.41
CA VAL D 124 -13.04 48.23 53.10
C VAL D 124 -13.73 48.28 54.47
N LYS D 125 -14.97 47.78 54.53
CA LYS D 125 -15.72 47.73 55.77
C LYS D 125 -14.90 47.04 56.87
N TYR D 126 -14.27 45.90 56.55
CA TYR D 126 -13.67 45.02 57.54
C TYR D 126 -12.16 45.24 57.71
N SER D 127 -11.52 45.81 56.69
CA SER D 127 -10.09 46.12 56.74
C SER D 127 -9.85 47.52 56.19
N PRO D 128 -10.26 48.59 56.89
CA PRO D 128 -10.17 49.94 56.35
C PRO D 128 -8.75 50.43 56.09
N ASN D 129 -7.76 49.80 56.74
CA ASN D 129 -6.38 50.28 56.63
C ASN D 129 -5.53 49.34 55.78
N CYS D 130 -6.19 48.44 55.05
CA CYS D 130 -5.45 47.47 54.25
C CYS D 130 -4.87 48.16 53.00
N LYS D 131 -3.94 47.45 52.36
CA LYS D 131 -3.59 47.75 50.99
C LYS D 131 -4.41 46.83 50.10
N LEU D 132 -4.91 47.40 49.01
CA LEU D 132 -5.66 46.65 48.01
C LEU D 132 -4.73 46.31 46.86
N LEU D 133 -4.57 45.01 46.58
CA LEU D 133 -3.83 44.57 45.41
C LEU D 133 -4.81 43.96 44.42
N ILE D 134 -5.02 44.65 43.30
CA ILE D 134 -5.99 44.24 42.29
C ILE D 134 -5.29 43.34 41.27
N VAL D 135 -5.88 42.17 41.01
CA VAL D 135 -5.31 41.22 40.07
C VAL D 135 -6.30 40.97 38.93
N SER D 136 -7.61 41.13 39.23
CA SER D 136 -8.69 40.97 38.27
C SER D 136 -8.46 41.88 37.07
N ASN D 137 -8.94 41.42 35.89
CA ASN D 137 -8.66 42.10 34.64
C ASN D 137 -9.91 42.84 34.16
N PRO D 138 -9.79 43.94 33.38
CA PRO D 138 -8.50 44.55 33.06
C PRO D 138 -7.94 45.28 34.28
N VAL D 139 -6.75 44.87 34.72
CA VAL D 139 -6.24 45.23 36.03
C VAL D 139 -6.04 46.75 36.15
N ASP D 140 -5.68 47.40 35.04
CA ASP D 140 -5.34 48.82 35.11
C ASP D 140 -6.60 49.65 35.36
N ILE D 141 -7.66 49.32 34.63
CA ILE D 141 -8.94 49.99 34.80
C ILE D 141 -9.53 49.61 36.15
N LEU D 142 -9.45 48.32 36.51
CA LEU D 142 -10.07 47.86 37.75
C LEU D 142 -9.33 48.40 38.98
N THR D 143 -8.04 48.76 38.83
CA THR D 143 -7.32 49.40 39.92
C THR D 143 -7.92 50.78 40.17
N TYR D 144 -8.17 51.50 39.07
CA TYR D 144 -8.81 52.79 39.10
C TYR D 144 -10.19 52.66 39.74
N VAL D 145 -10.93 51.62 39.35
CA VAL D 145 -12.27 51.38 39.88
C VAL D 145 -12.20 51.14 41.39
N ALA D 146 -11.29 50.26 41.82
CA ALA D 146 -11.13 49.95 43.24
C ALA D 146 -10.77 51.22 44.00
N TRP D 147 -10.03 52.13 43.36
CA TRP D 147 -9.60 53.37 43.98
C TRP D 147 -10.78 54.30 44.19
N LYS D 148 -11.61 54.46 43.13
CA LYS D 148 -12.79 55.28 43.19
C LYS D 148 -13.78 54.73 44.21
N ILE D 149 -13.99 53.41 44.22
CA ILE D 149 -15.02 52.80 45.05
C ILE D 149 -14.59 52.84 46.52
N SER D 150 -13.35 52.42 46.80
CA SER D 150 -12.83 52.29 48.15
C SER D 150 -12.73 53.63 48.88
N GLY D 151 -12.36 54.67 48.15
CA GLY D 151 -12.07 55.98 48.72
C GLY D 151 -10.71 56.04 49.40
N PHE D 152 -9.90 55.01 49.17
CA PHE D 152 -8.56 54.92 49.73
C PHE D 152 -7.65 55.95 49.06
N PRO D 153 -6.57 56.37 49.74
CA PRO D 153 -5.53 57.15 49.08
C PRO D 153 -4.88 56.25 48.04
N LYS D 154 -4.29 56.85 47.01
CA LYS D 154 -3.87 56.11 45.83
C LYS D 154 -2.69 55.17 46.14
N ASN D 155 -1.98 55.45 47.24
CA ASN D 155 -0.84 54.62 47.60
C ASN D 155 -1.29 53.23 48.06
N ARG D 156 -2.55 53.12 48.50
CA ARG D 156 -3.04 51.86 49.05
C ARG D 156 -3.89 51.07 48.03
N VAL D 157 -3.85 51.48 46.76
CA VAL D 157 -4.55 50.71 45.72
C VAL D 157 -3.56 50.42 44.60
N ILE D 158 -3.18 49.14 44.49
CA ILE D 158 -2.09 48.68 43.64
C ILE D 158 -2.65 47.63 42.68
N GLY D 159 -2.40 47.78 41.38
CA GLY D 159 -2.73 46.74 40.43
C GLY D 159 -1.50 45.89 40.11
N SER D 160 -1.68 44.56 40.02
CA SER D 160 -0.58 43.66 39.74
C SER D 160 0.15 44.07 38.46
N GLY D 161 -0.60 44.69 37.55
CA GLY D 161 -0.05 45.40 36.41
C GLY D 161 0.91 44.55 35.59
N CYS D 162 2.07 45.14 35.27
CA CYS D 162 3.03 44.53 34.36
C CYS D 162 4.17 43.83 35.10
N ASN D 163 3.97 43.53 36.40
CA ASN D 163 4.97 42.79 37.15
C ASN D 163 5.20 41.46 36.44
N LEU D 164 4.12 40.82 35.99
CA LEU D 164 4.22 39.53 35.32
C LEU D 164 4.79 39.69 33.91
N ASP D 165 4.36 40.74 33.19
CA ASP D 165 4.83 40.99 31.84
C ASP D 165 6.35 41.16 31.84
N SER D 166 6.85 41.93 32.82
CA SER D 166 8.27 42.17 32.95
C SER D 166 8.99 40.87 33.30
N ALA D 167 8.37 40.04 34.15
CA ALA D 167 8.93 38.76 34.54
C ALA D 167 9.08 37.84 33.34
N ARG D 168 8.03 37.79 32.50
CA ARG D 168 8.04 37.02 31.26
C ARG D 168 9.15 37.56 30.35
N PHE D 169 9.21 38.88 30.21
CA PHE D 169 10.17 39.56 29.36
C PHE D 169 11.59 39.15 29.76
N ARG D 170 11.86 39.18 31.06
CA ARG D 170 13.18 38.87 31.57
C ARG D 170 13.50 37.39 31.42
N TYR D 171 12.46 36.55 31.51
CA TYR D 171 12.66 35.12 31.29
C TYR D 171 13.14 34.88 29.88
N LEU D 172 12.44 35.48 28.91
CA LEU D 172 12.74 35.30 27.50
C LEU D 172 14.09 35.92 27.14
N MET D 173 14.36 37.10 27.72
CA MET D 173 15.65 37.77 27.57
C MET D 173 16.75 36.80 28.00
N GLY D 174 16.56 36.21 29.18
CA GLY D 174 17.51 35.27 29.75
C GLY D 174 17.74 34.04 28.89
N GLU D 175 16.66 33.54 28.27
CA GLU D 175 16.71 32.37 27.41
C GLU D 175 17.63 32.65 26.24
N ARG D 176 17.49 33.85 25.66
CA ARG D 176 18.25 34.25 24.50
C ARG D 176 19.73 34.45 24.86
N LEU D 177 20.00 34.99 26.05
CA LEU D 177 21.35 35.43 26.38
C LEU D 177 22.12 34.39 27.19
N GLY D 178 21.44 33.36 27.71
CA GLY D 178 22.06 32.33 28.54
C GLY D 178 22.40 32.86 29.94
N VAL D 179 21.52 33.73 30.45
CA VAL D 179 21.69 34.35 31.75
C VAL D 179 20.40 34.14 32.56
N HIS D 180 20.53 33.95 33.87
CA HIS D 180 19.36 33.85 34.72
C HIS D 180 18.56 35.14 34.62
N PRO D 181 17.20 35.07 34.57
CA PRO D 181 16.38 36.27 34.52
C PRO D 181 16.71 37.30 35.59
N LEU D 182 17.23 36.85 36.74
CA LEU D 182 17.56 37.75 37.83
C LEU D 182 18.61 38.76 37.38
N SER D 183 19.47 38.34 36.44
CA SER D 183 20.57 39.17 35.97
C SER D 183 20.25 39.84 34.63
N CYS D 184 19.03 39.64 34.12
CA CYS D 184 18.53 40.26 32.91
C CYS D 184 17.52 41.35 33.28
N HIS D 185 17.77 42.59 32.84
CA HIS D 185 16.96 43.72 33.26
C HIS D 185 16.27 44.31 32.04
N GLY D 186 15.01 44.72 32.24
CA GLY D 186 14.16 45.21 31.17
C GLY D 186 12.73 45.34 31.70
N TRP D 187 12.08 46.44 31.32
CA TRP D 187 10.78 46.80 31.86
C TRP D 187 9.74 46.81 30.75
N VAL D 188 8.59 46.18 31.02
CA VAL D 188 7.41 46.32 30.21
C VAL D 188 6.41 47.15 31.02
N LEU D 189 6.01 48.30 30.47
CA LEU D 189 5.19 49.26 31.18
C LEU D 189 3.87 49.50 30.44
N GLY D 190 3.00 50.30 31.06
CA GLY D 190 1.72 50.63 30.48
C GLY D 190 0.62 49.62 30.83
N GLU D 191 -0.22 49.29 29.85
CA GLU D 191 -1.31 48.34 30.03
C GLU D 191 -0.75 46.93 30.18
N HIS D 192 -1.28 46.22 31.19
CA HIS D 192 -1.12 44.78 31.24
C HIS D 192 -2.05 44.22 30.17
N GLY D 193 -1.55 44.14 28.94
CA GLY D 193 -2.38 43.77 27.81
C GLY D 193 -1.67 44.08 26.50
N ASP D 194 -2.48 44.23 25.45
CA ASP D 194 -2.00 44.31 24.09
C ASP D 194 -1.14 45.53 23.83
N SER D 195 -1.37 46.61 24.58
CA SER D 195 -0.68 47.88 24.33
C SER D 195 0.50 48.10 25.29
N SER D 196 1.05 47.01 25.84
CA SER D 196 2.20 47.14 26.73
C SER D 196 3.41 47.70 25.97
N VAL D 197 4.27 48.40 26.71
CA VAL D 197 5.41 49.10 26.13
C VAL D 197 6.71 48.50 26.65
N PRO D 198 7.53 47.86 25.79
CA PRO D 198 8.85 47.39 26.19
C PRO D 198 9.85 48.54 26.12
N VAL D 199 10.56 48.76 27.23
CA VAL D 199 11.50 49.87 27.33
C VAL D 199 12.87 49.38 26.90
N TRP D 200 13.11 49.40 25.58
CA TRP D 200 14.34 48.97 24.94
C TRP D 200 15.55 49.73 25.51
N SER D 201 15.33 51.00 25.81
CA SER D 201 16.40 51.88 26.29
C SER D 201 16.96 51.41 27.64
N GLY D 202 16.15 50.66 28.40
CA GLY D 202 16.47 50.24 29.76
C GLY D 202 17.01 48.82 29.85
N MET D 203 16.91 48.07 28.74
CA MET D 203 17.35 46.68 28.71
C MET D 203 18.85 46.58 28.90
N ASN D 204 19.28 45.77 29.86
CA ASN D 204 20.69 45.68 30.17
C ASN D 204 21.02 44.38 30.89
N VAL D 205 22.28 43.96 30.78
CA VAL D 205 22.87 42.93 31.62
C VAL D 205 24.12 43.56 32.23
N ALA D 206 24.28 43.40 33.56
CA ALA D 206 25.42 43.91 34.29
C ALA D 206 25.66 45.40 34.01
N GLY D 207 24.58 46.13 33.75
CA GLY D 207 24.64 47.58 33.58
C GLY D 207 25.02 47.99 32.15
N VAL D 208 25.21 47.01 31.27
CA VAL D 208 25.59 47.27 29.89
C VAL D 208 24.32 47.40 29.06
N SER D 209 24.06 48.60 28.52
CA SER D 209 22.89 48.87 27.71
C SER D 209 22.91 48.05 26.42
N LEU D 210 21.84 47.26 26.22
CA LEU D 210 21.75 46.39 25.06
C LEU D 210 21.50 47.20 23.80
N LYS D 211 20.77 48.32 23.95
CA LYS D 211 20.47 49.21 22.83
C LYS D 211 21.73 49.90 22.35
N THR D 212 22.65 50.19 23.28
CA THR D 212 23.95 50.77 22.96
C THR D 212 24.75 49.78 22.10
N LEU D 213 24.74 48.51 22.52
CA LEU D 213 25.48 47.45 21.84
C LEU D 213 24.84 47.17 20.48
N HIS D 214 23.51 47.31 20.40
CA HIS D 214 22.73 46.86 19.26
C HIS D 214 21.61 47.87 19.01
N PRO D 215 21.89 48.96 18.28
CA PRO D 215 20.92 50.05 18.11
C PRO D 215 19.63 49.64 17.41
N ASP D 216 19.67 48.52 16.66
CA ASP D 216 18.47 48.04 15.99
C ASP D 216 17.49 47.41 16.97
N LEU D 217 17.93 47.15 18.20
CA LEU D 217 17.12 46.47 19.22
C LEU D 217 15.75 47.14 19.31
N GLY D 218 14.70 46.34 19.10
CA GLY D 218 13.32 46.81 19.26
C GLY D 218 12.67 47.25 17.96
N THR D 219 13.46 47.40 16.90
CA THR D 219 12.91 47.95 15.65
C THR D 219 12.64 46.82 14.67
N ASP D 220 11.98 47.15 13.56
CA ASP D 220 11.64 46.23 12.49
C ASP D 220 12.89 45.86 11.70
N LYS D 221 13.88 46.76 11.67
CA LYS D 221 15.11 46.52 10.92
C LYS D 221 15.95 45.42 11.59
N ASP D 222 15.72 45.21 12.89
CA ASP D 222 16.52 44.33 13.74
C ASP D 222 16.60 42.92 13.15
N LYS D 223 17.83 42.55 12.74
CA LYS D 223 18.13 41.24 12.20
C LYS D 223 17.82 40.15 13.21
N GLU D 224 17.95 40.48 14.50
CA GLU D 224 17.79 39.51 15.57
C GLU D 224 16.35 39.46 16.06
N GLN D 225 15.53 40.44 15.64
CA GLN D 225 14.12 40.44 15.91
C GLN D 225 13.83 40.43 17.41
N TRP D 226 14.43 41.39 18.13
CA TRP D 226 14.16 41.45 19.55
C TRP D 226 12.73 41.90 19.85
N LYS D 227 12.10 42.53 18.85
CA LYS D 227 10.73 42.98 18.98
C LYS D 227 9.83 41.79 19.28
N GLU D 228 10.22 40.62 18.75
CA GLU D 228 9.47 39.38 18.89
C GLU D 228 9.41 38.93 20.37
N VAL D 229 10.43 39.30 21.15
CA VAL D 229 10.41 38.98 22.57
C VAL D 229 9.21 39.64 23.24
N HIS D 230 8.97 40.91 22.90
CA HIS D 230 7.82 41.60 23.48
C HIS D 230 6.54 41.01 22.85
N LYS D 231 6.80 40.43 21.72
CA LYS D 231 5.72 39.87 20.91
C LYS D 231 5.12 38.71 21.69
N GLN D 232 6.03 37.97 22.25
CA GLN D 232 5.79 36.75 23.02
C GLN D 232 5.15 37.16 24.33
N VAL D 233 5.51 38.32 24.85
CA VAL D 233 5.03 38.74 26.15
C VAL D 233 3.55 39.05 26.09
N VAL D 234 3.15 39.81 25.09
CA VAL D 234 1.77 40.19 24.85
C VAL D 234 0.92 38.92 24.66
N GLU D 235 1.51 37.94 23.96
CA GLU D 235 0.76 36.78 23.51
C GLU D 235 0.79 35.62 24.50
N SER D 236 1.61 35.74 25.55
CA SER D 236 1.80 34.68 26.54
C SER D 236 0.46 34.21 27.09
N ALA D 237 -0.30 35.16 27.65
CA ALA D 237 -1.55 34.86 28.32
C ALA D 237 -2.48 34.09 27.37
N TYR D 238 -2.58 34.57 26.13
CA TYR D 238 -3.45 33.97 25.15
C TYR D 238 -2.99 32.57 24.79
N GLU D 239 -1.66 32.39 24.69
CA GLU D 239 -1.16 31.09 24.29
C GLU D 239 -1.33 30.08 25.41
N VAL D 240 -1.09 30.50 26.66
CA VAL D 240 -1.29 29.60 27.79
C VAL D 240 -2.76 29.26 27.91
N ILE D 241 -3.64 30.27 27.75
CA ILE D 241 -5.08 30.06 27.80
C ILE D 241 -5.47 29.02 26.73
N LYS D 242 -4.93 29.23 25.52
CA LYS D 242 -5.19 28.32 24.41
C LYS D 242 -4.79 26.89 24.78
N LEU D 243 -3.66 26.76 25.50
CA LEU D 243 -3.08 25.44 25.72
C LEU D 243 -3.71 24.73 26.93
N LYS D 244 -3.96 25.48 28.03
CA LYS D 244 -4.40 24.83 29.26
C LYS D 244 -5.70 25.44 29.82
N GLY D 245 -6.22 26.48 29.17
CA GLY D 245 -7.53 27.01 29.52
C GLY D 245 -7.47 28.28 30.36
N TYR D 246 -6.36 28.48 31.06
CA TYR D 246 -6.21 29.63 31.93
C TYR D 246 -4.74 29.82 32.26
N THR D 247 -4.39 30.94 32.91
CA THR D 247 -3.07 31.07 33.50
C THR D 247 -3.24 31.14 35.02
N SER D 248 -2.27 30.61 35.75
CA SER D 248 -2.36 30.56 37.20
C SER D 248 -0.99 30.75 37.88
N TRP D 249 -0.03 29.90 37.52
CA TRP D 249 1.17 29.79 38.33
C TRP D 249 2.00 31.07 38.30
N ALA D 250 2.18 31.64 37.10
CA ALA D 250 3.04 32.79 36.91
C ALA D 250 2.47 34.03 37.62
N ILE D 251 1.16 34.24 37.43
CA ILE D 251 0.50 35.37 38.06
C ILE D 251 0.51 35.20 39.59
N GLY D 252 0.37 33.94 40.05
CA GLY D 252 0.39 33.61 41.47
C GLY D 252 1.71 34.02 42.10
N LEU D 253 2.80 33.59 41.48
CA LEU D 253 4.14 33.90 41.94
C LEU D 253 4.37 35.41 41.88
N SER D 254 3.91 36.04 40.79
CA SER D 254 4.07 37.47 40.61
C SER D 254 3.40 38.25 41.75
N VAL D 255 2.21 37.80 42.15
CA VAL D 255 1.40 38.43 43.19
C VAL D 255 2.09 38.23 44.55
N ALA D 256 2.65 37.04 44.79
CA ALA D 256 3.34 36.78 46.05
C ALA D 256 4.59 37.65 46.13
N ASP D 257 5.18 37.91 44.96
CA ASP D 257 6.35 38.78 44.86
C ASP D 257 5.99 40.18 45.38
N LEU D 258 4.84 40.69 44.92
CA LEU D 258 4.38 42.00 45.33
C LEU D 258 4.01 42.00 46.80
N ALA D 259 3.30 40.94 47.23
CA ALA D 259 2.90 40.76 48.62
C ALA D 259 4.11 40.80 49.54
N GLU D 260 5.20 40.15 49.10
CA GLU D 260 6.43 40.09 49.89
C GLU D 260 6.97 41.49 50.15
N SER D 261 7.00 42.33 49.10
CA SER D 261 7.51 43.68 49.21
C SER D 261 6.64 44.52 50.12
N ILE D 262 5.32 44.32 50.05
CA ILE D 262 4.40 45.10 50.86
C ILE D 262 4.54 44.67 52.32
N MET D 263 4.41 43.36 52.60
CA MET D 263 4.36 42.83 53.95
C MET D 263 5.67 43.07 54.70
N LYS D 264 6.80 42.97 54.00
CA LYS D 264 8.11 43.08 54.64
C LYS D 264 8.70 44.47 54.47
N ASN D 265 7.94 45.40 53.87
CA ASN D 265 8.31 46.81 53.70
C ASN D 265 9.68 46.94 53.04
N LEU D 266 9.88 46.19 51.95
CA LEU D 266 11.20 46.07 51.33
C LEU D 266 11.60 47.35 50.60
N ARG D 267 10.63 48.09 50.05
CA ARG D 267 10.91 49.24 49.20
C ARG D 267 11.68 48.80 47.96
N ARG D 268 11.25 47.65 47.41
CA ARG D 268 11.70 47.20 46.10
C ARG D 268 10.88 47.91 45.03
N VAL D 269 11.42 47.89 43.81
CA VAL D 269 10.79 48.55 42.68
C VAL D 269 10.10 47.50 41.80
N HIS D 270 8.79 47.69 41.55
CA HIS D 270 8.00 46.78 40.75
C HIS D 270 7.17 47.61 39.77
N PRO D 271 6.95 47.11 38.53
CA PRO D 271 6.06 47.78 37.58
C PRO D 271 4.62 47.37 37.88
N VAL D 272 3.87 48.27 38.53
CA VAL D 272 2.54 47.96 39.02
C VAL D 272 1.59 49.09 38.62
N SER D 273 0.28 48.81 38.59
CA SER D 273 -0.69 49.80 38.12
C SER D 273 -0.92 50.86 39.20
N THR D 274 -0.74 52.12 38.79
CA THR D 274 -0.97 53.23 39.68
C THR D 274 -1.36 54.45 38.85
N MET D 275 -1.82 55.48 39.53
CA MET D 275 -2.23 56.68 38.82
C MET D 275 -0.98 57.42 38.31
N ILE D 276 -0.94 57.70 37.00
CA ILE D 276 0.20 58.32 36.36
C ILE D 276 -0.10 59.72 35.84
N LYS D 277 -1.27 60.25 36.22
CA LYS D 277 -1.62 61.62 35.89
C LYS D 277 -0.45 62.55 36.22
N GLY D 278 -0.10 63.41 35.26
CA GLY D 278 0.99 64.38 35.41
C GLY D 278 2.33 63.90 34.85
N LEU D 279 2.43 62.62 34.47
CA LEU D 279 3.65 62.09 33.87
C LEU D 279 3.42 61.83 32.38
N TYR D 280 4.47 62.08 31.59
CA TYR D 280 4.50 61.80 30.17
C TYR D 280 3.33 62.48 29.45
N GLY D 281 2.89 63.62 29.98
CA GLY D 281 1.88 64.44 29.35
C GLY D 281 0.47 63.85 29.44
N ILE D 282 0.30 62.85 30.30
CA ILE D 282 -1.02 62.30 30.60
C ILE D 282 -1.69 63.24 31.60
N LYS D 283 -2.92 63.65 31.30
CA LYS D 283 -3.60 64.68 32.08
C LYS D 283 -4.83 64.11 32.79
N ASP D 284 -5.15 62.85 32.55
CA ASP D 284 -6.36 62.22 33.04
C ASP D 284 -6.00 61.24 34.16
N ASP D 285 -7.06 60.72 34.82
CA ASP D 285 -6.90 59.85 35.96
C ASP D 285 -6.62 58.42 35.48
N VAL D 286 -5.60 58.23 34.64
CA VAL D 286 -5.32 56.93 34.07
C VAL D 286 -4.45 56.15 35.05
N PHE D 287 -4.79 54.87 35.22
CA PHE D 287 -3.88 53.97 35.92
C PHE D 287 -3.18 53.07 34.91
N LEU D 288 -1.85 53.01 35.00
CA LEU D 288 -1.13 51.96 34.29
C LEU D 288 0.18 51.69 35.02
N SER D 289 0.95 50.74 34.49
CA SER D 289 2.16 50.28 35.15
C SER D 289 3.34 51.19 34.84
N VAL D 290 3.95 51.71 35.92
CA VAL D 290 5.24 52.34 35.94
C VAL D 290 6.01 51.74 37.11
N PRO D 291 7.36 51.83 37.15
CA PRO D 291 8.12 51.27 38.27
C PRO D 291 7.81 52.07 39.54
N CYS D 292 7.35 51.35 40.57
CA CYS D 292 6.97 51.95 41.82
C CYS D 292 7.74 51.31 42.98
N ILE D 293 8.01 52.13 44.01
CA ILE D 293 8.61 51.64 45.24
C ILE D 293 7.48 51.11 46.14
N LEU D 294 7.61 49.82 46.52
CA LEU D 294 6.55 49.11 47.22
C LEU D 294 7.00 48.81 48.64
N GLY D 295 6.15 49.18 49.59
CA GLY D 295 6.40 48.91 50.99
C GLY D 295 5.09 48.80 51.77
N GLN D 296 5.21 48.98 53.09
CA GLN D 296 4.11 48.72 54.00
C GLN D 296 3.00 49.76 53.86
N ASN D 297 3.26 50.88 53.15
CA ASN D 297 2.18 51.83 52.88
C ASN D 297 1.74 51.72 51.42
N GLY D 298 2.12 50.62 50.76
CA GLY D 298 1.83 50.43 49.35
C GLY D 298 2.86 51.16 48.49
N ILE D 299 2.35 51.93 47.52
CA ILE D 299 3.21 52.66 46.60
C ILE D 299 3.56 54.00 47.25
N SER D 300 4.81 54.11 47.70
CA SER D 300 5.27 55.35 48.33
C SER D 300 5.86 56.30 47.29
N ASP D 301 6.34 55.76 46.17
CA ASP D 301 7.09 56.53 45.19
C ASP D 301 6.98 55.89 43.80
N LEU D 302 7.12 56.72 42.76
CA LEU D 302 7.28 56.26 41.40
C LEU D 302 8.67 56.57 40.90
N VAL D 303 9.24 55.67 40.10
CA VAL D 303 10.43 55.99 39.34
C VAL D 303 9.97 56.64 38.04
N LYS D 304 10.57 57.79 37.74
CA LYS D 304 10.26 58.51 36.51
C LYS D 304 11.19 58.03 35.41
N VAL D 305 10.80 56.93 34.75
CA VAL D 305 11.65 56.34 33.74
C VAL D 305 11.79 57.31 32.57
N THR D 306 13.01 57.42 32.06
CA THR D 306 13.26 58.14 30.82
C THR D 306 12.91 57.26 29.63
N LEU D 307 12.06 57.79 28.76
CA LEU D 307 11.59 57.05 27.59
C LEU D 307 12.05 57.72 26.30
N THR D 308 12.39 56.93 25.29
CA THR D 308 12.54 57.47 23.96
C THR D 308 11.19 58.05 23.54
N SER D 309 11.20 59.00 22.61
CA SER D 309 9.99 59.62 22.11
C SER D 309 8.98 58.57 21.63
N GLU D 310 9.49 57.47 21.04
CA GLU D 310 8.62 56.42 20.56
C GLU D 310 8.07 55.62 21.74
N GLU D 311 8.94 55.25 22.68
CA GLU D 311 8.52 54.56 23.89
C GLU D 311 7.47 55.39 24.61
N GLU D 312 7.67 56.72 24.65
CA GLU D 312 6.71 57.60 25.29
C GLU D 312 5.42 57.66 24.48
N ALA D 313 5.54 57.66 23.16
CA ALA D 313 4.38 57.66 22.28
C ALA D 313 3.52 56.42 22.52
N ARG D 314 4.17 55.26 22.65
CA ARG D 314 3.50 53.99 22.89
C ARG D 314 2.77 54.00 24.23
N LEU D 315 3.39 54.64 25.25
CA LEU D 315 2.81 54.74 26.58
C LEU D 315 1.62 55.68 26.59
N LYS D 316 1.69 56.76 25.79
CA LYS D 316 0.57 57.70 25.68
C LYS D 316 -0.59 57.01 24.96
N LYS D 317 -0.26 56.12 24.00
CA LYS D 317 -1.24 55.35 23.28
C LYS D 317 -1.96 54.37 24.21
N SER D 318 -1.18 53.72 25.08
CA SER D 318 -1.69 52.82 26.09
C SER D 318 -2.62 53.59 27.01
N ALA D 319 -2.18 54.79 27.42
CA ALA D 319 -2.95 55.65 28.30
C ALA D 319 -4.30 55.99 27.66
N ASP D 320 -4.27 56.34 26.37
CA ASP D 320 -5.47 56.74 25.65
C ASP D 320 -6.47 55.59 25.59
N THR D 321 -6.00 54.40 25.20
CA THR D 321 -6.82 53.21 25.13
C THR D 321 -7.59 53.05 26.44
N LEU D 322 -6.82 53.11 27.55
CA LEU D 322 -7.36 52.84 28.87
C LEU D 322 -8.34 53.93 29.28
N TRP D 323 -7.96 55.19 29.03
CA TRP D 323 -8.80 56.31 29.40
C TRP D 323 -10.10 56.28 28.62
N GLY D 324 -10.03 55.83 27.36
CA GLY D 324 -11.21 55.70 26.53
C GLY D 324 -12.27 54.86 27.22
N ILE D 325 -11.85 53.77 27.86
CA ILE D 325 -12.80 52.89 28.51
C ILE D 325 -13.19 53.45 29.88
N GLN D 326 -12.20 54.01 30.58
CA GLN D 326 -12.38 54.53 31.94
C GLN D 326 -13.44 55.63 31.97
N LYS D 327 -13.39 56.51 30.98
CA LYS D 327 -14.29 57.67 30.96
C LYS D 327 -15.75 57.23 30.86
N GLU D 328 -15.99 56.04 30.30
CA GLU D 328 -17.36 55.63 30.07
C GLU D 328 -17.96 54.95 31.28
N LEU D 329 -17.15 54.73 32.34
CA LEU D 329 -17.53 53.87 33.44
C LEU D 329 -18.28 54.80 34.40
N GLN D 330 -19.58 54.96 34.19
CA GLN D 330 -20.49 55.28 35.27
C GLN D 330 -20.97 53.90 35.76
N PHE D 331 -20.68 53.66 37.05
CA PHE D 331 -20.79 52.36 37.64
C PHE D 331 -21.72 52.49 38.84
N ALA E 1 -16.48 9.28 -69.73
CA ALA E 1 -16.93 8.31 -68.73
C ALA E 1 -15.73 7.69 -68.01
N THR E 2 -16.02 7.08 -66.84
CA THR E 2 -15.02 6.39 -66.04
C THR E 2 -14.60 5.09 -66.74
N LEU E 3 -13.45 4.51 -66.32
CA LEU E 3 -12.97 3.25 -66.86
C LEU E 3 -14.02 2.16 -66.62
N LYS E 4 -14.60 2.15 -65.42
CA LYS E 4 -15.61 1.17 -65.06
C LYS E 4 -16.77 1.21 -66.04
N ASP E 5 -17.22 2.42 -66.41
CA ASP E 5 -18.35 2.61 -67.31
C ASP E 5 -17.99 2.27 -68.75
N GLN E 6 -16.74 2.55 -69.14
CA GLN E 6 -16.27 2.18 -70.47
C GLN E 6 -16.24 0.66 -70.61
N LEU E 7 -15.92 -0.04 -69.51
CA LEU E 7 -15.69 -1.47 -69.55
C LEU E 7 -16.99 -2.24 -69.34
N ILE E 8 -17.84 -1.73 -68.44
CA ILE E 8 -18.97 -2.50 -67.93
C ILE E 8 -20.28 -1.73 -68.16
N TYR E 9 -21.24 -2.41 -68.79
CA TYR E 9 -22.60 -1.91 -68.91
C TYR E 9 -23.42 -2.58 -67.81
N ASN E 10 -24.13 -1.75 -67.04
CA ASN E 10 -24.89 -2.17 -65.87
C ASN E 10 -26.32 -2.51 -66.26
N LEU E 11 -26.79 -3.68 -65.84
CA LEU E 11 -28.18 -4.09 -65.97
C LEU E 11 -28.93 -3.76 -64.68
N LEU E 12 -28.25 -3.93 -63.55
CA LEU E 12 -28.88 -4.16 -62.27
C LEU E 12 -28.20 -3.29 -61.21
N LYS E 13 -28.99 -2.69 -60.34
CA LYS E 13 -28.68 -1.44 -59.67
C LYS E 13 -28.28 -1.64 -58.20
N GLU E 14 -29.03 -2.47 -57.46
CA GLU E 14 -28.90 -2.54 -56.02
C GLU E 14 -29.20 -3.94 -55.50
N GLU E 15 -30.18 -4.03 -54.60
CA GLU E 15 -30.63 -5.21 -53.89
C GLU E 15 -29.53 -5.82 -53.07
N GLN E 16 -29.69 -7.07 -52.65
CA GLN E 16 -28.68 -7.84 -51.91
C GLN E 16 -29.33 -8.78 -50.91
N THR E 17 -28.99 -8.60 -49.61
CA THR E 17 -29.03 -9.53 -48.50
C THR E 17 -28.24 -10.82 -48.75
N PRO E 18 -27.26 -11.14 -47.87
CA PRO E 18 -26.47 -12.36 -48.00
C PRO E 18 -27.34 -13.60 -47.72
N GLN E 19 -27.07 -14.66 -48.48
CA GLN E 19 -27.90 -15.85 -48.40
C GLN E 19 -27.31 -16.90 -47.49
N ASN E 20 -25.98 -16.86 -47.32
CA ASN E 20 -25.27 -17.90 -46.59
C ASN E 20 -24.14 -17.27 -45.79
N LYS E 21 -24.51 -16.32 -44.92
CA LYS E 21 -23.52 -15.52 -44.22
C LYS E 21 -23.14 -16.17 -42.90
N ILE E 22 -21.83 -16.18 -42.62
CA ILE E 22 -21.30 -16.64 -41.36
C ILE E 22 -20.53 -15.50 -40.70
N THR E 23 -20.77 -15.32 -39.39
CA THR E 23 -20.02 -14.38 -38.60
C THR E 23 -19.15 -15.13 -37.61
N VAL E 24 -17.89 -14.70 -37.51
CA VAL E 24 -17.01 -15.15 -36.45
C VAL E 24 -16.73 -13.96 -35.52
N VAL E 25 -17.14 -14.11 -34.26
CA VAL E 25 -16.86 -13.13 -33.22
C VAL E 25 -15.59 -13.56 -32.50
N GLY E 26 -14.59 -12.66 -32.47
CA GLY E 26 -13.28 -12.95 -31.90
C GLY E 26 -12.28 -13.33 -32.99
N VAL E 27 -11.21 -12.53 -33.12
CA VAL E 27 -10.19 -12.80 -34.15
C VAL E 27 -8.87 -13.18 -33.49
N GLY E 28 -8.98 -13.88 -32.35
CA GLY E 28 -7.86 -14.59 -31.74
C GLY E 28 -7.49 -15.79 -32.59
N ALA E 29 -6.51 -16.58 -32.15
CA ALA E 29 -6.01 -17.68 -32.98
C ALA E 29 -7.14 -18.64 -33.34
N VAL E 30 -8.06 -18.84 -32.39
CA VAL E 30 -9.17 -19.77 -32.59
C VAL E 30 -10.13 -19.21 -33.64
N GLY E 31 -10.51 -17.94 -33.47
CA GLY E 31 -11.42 -17.28 -34.40
C GLY E 31 -10.92 -17.34 -35.83
N MET E 32 -9.62 -17.08 -35.99
CA MET E 32 -9.04 -16.99 -37.33
C MET E 32 -8.86 -18.37 -37.94
N ALA E 33 -8.63 -19.40 -37.10
CA ALA E 33 -8.57 -20.76 -37.59
C ALA E 33 -9.96 -21.23 -38.05
N CYS E 34 -11.00 -20.79 -37.34
CA CYS E 34 -12.37 -21.03 -37.77
C CYS E 34 -12.61 -20.34 -39.11
N ALA E 35 -12.17 -19.08 -39.23
CA ALA E 35 -12.35 -18.28 -40.42
C ALA E 35 -11.71 -18.96 -41.64
N ILE E 36 -10.41 -19.29 -41.54
CA ILE E 36 -9.69 -19.87 -42.67
C ILE E 36 -10.32 -21.20 -43.08
N SER E 37 -10.70 -22.00 -42.09
CA SER E 37 -11.27 -23.32 -42.31
C SER E 37 -12.60 -23.20 -43.05
N ILE E 38 -13.43 -22.24 -42.63
CA ILE E 38 -14.71 -21.99 -43.26
C ILE E 38 -14.49 -21.43 -44.66
N LEU E 39 -13.52 -20.54 -44.83
CA LEU E 39 -13.26 -19.95 -46.13
C LEU E 39 -12.84 -21.03 -47.12
N MET E 40 -12.08 -22.02 -46.65
CA MET E 40 -11.55 -23.00 -47.59
C MET E 40 -12.52 -24.14 -47.82
N LYS E 41 -13.62 -24.19 -47.06
CA LYS E 41 -14.63 -25.22 -47.29
C LYS E 41 -15.85 -24.67 -48.02
N ASP E 42 -15.78 -23.38 -48.40
CA ASP E 42 -16.77 -22.68 -49.22
C ASP E 42 -18.15 -22.70 -48.56
N LEU E 43 -18.21 -22.53 -47.23
CA LEU E 43 -19.47 -22.69 -46.51
C LEU E 43 -20.29 -21.40 -46.53
N ALA E 44 -19.66 -20.27 -46.91
CA ALA E 44 -20.27 -18.96 -46.78
C ALA E 44 -20.13 -18.14 -48.05
N ASP E 45 -21.15 -17.33 -48.35
CA ASP E 45 -21.10 -16.34 -49.41
C ASP E 45 -20.65 -14.99 -48.86
N GLU E 46 -20.66 -14.87 -47.53
CA GLU E 46 -20.16 -13.68 -46.85
C GLU E 46 -19.64 -14.09 -45.48
N LEU E 47 -18.44 -13.61 -45.15
CA LEU E 47 -17.84 -13.83 -43.84
C LEU E 47 -17.67 -12.46 -43.18
N ALA E 48 -18.20 -12.35 -41.96
CA ALA E 48 -18.00 -11.16 -41.14
C ALA E 48 -17.16 -11.52 -39.92
N LEU E 49 -16.18 -10.67 -39.61
CA LEU E 49 -15.39 -10.80 -38.39
C LEU E 49 -15.71 -9.62 -37.48
N VAL E 50 -15.88 -9.91 -36.18
CA VAL E 50 -16.05 -8.86 -35.19
C VAL E 50 -15.11 -9.08 -34.02
N ASP E 51 -14.54 -7.99 -33.52
CA ASP E 51 -13.75 -7.99 -32.31
C ASP E 51 -13.76 -6.58 -31.72
N VAL E 52 -13.07 -6.40 -30.58
CA VAL E 52 -12.99 -5.10 -29.94
C VAL E 52 -11.66 -4.43 -30.27
N ILE E 53 -10.65 -5.23 -30.60
CA ILE E 53 -9.33 -4.72 -30.95
C ILE E 53 -9.35 -4.35 -32.42
N GLU E 54 -9.33 -3.05 -32.71
CA GLU E 54 -9.69 -2.54 -34.02
C GLU E 54 -8.55 -2.75 -35.03
N ASP E 55 -7.31 -2.58 -34.55
CA ASP E 55 -6.15 -2.73 -35.42
C ASP E 55 -6.01 -4.17 -35.89
N LYS E 56 -6.05 -5.11 -34.93
CA LYS E 56 -5.92 -6.54 -35.19
C LYS E 56 -7.03 -6.99 -36.14
N LEU E 57 -8.24 -6.50 -35.90
CA LEU E 57 -9.44 -6.87 -36.63
C LEU E 57 -9.28 -6.51 -38.10
N LYS E 58 -8.89 -5.25 -38.36
CA LYS E 58 -8.73 -4.76 -39.73
C LYS E 58 -7.61 -5.54 -40.43
N GLY E 59 -6.52 -5.81 -39.69
CA GLY E 59 -5.39 -6.53 -40.25
C GLY E 59 -5.74 -7.93 -40.71
N GLU E 60 -6.49 -8.64 -39.86
CA GLU E 60 -6.93 -10.00 -40.13
C GLU E 60 -7.82 -10.02 -41.36
N MET E 61 -8.84 -9.13 -41.38
CA MET E 61 -9.74 -9.00 -42.52
C MET E 61 -8.93 -8.81 -43.81
N MET E 62 -8.02 -7.83 -43.81
CA MET E 62 -7.21 -7.51 -44.97
C MET E 62 -6.38 -8.71 -45.41
N ASP E 63 -5.80 -9.46 -44.47
CA ASP E 63 -4.95 -10.59 -44.83
C ASP E 63 -5.77 -11.63 -45.58
N LEU E 64 -6.99 -11.89 -45.09
CA LEU E 64 -7.90 -12.83 -45.75
C LEU E 64 -8.29 -12.28 -47.11
N GLN E 65 -8.62 -10.99 -47.17
CA GLN E 65 -9.04 -10.34 -48.40
C GLN E 65 -7.99 -10.45 -49.50
N HIS E 66 -6.70 -10.37 -49.12
CA HIS E 66 -5.64 -10.42 -50.11
C HIS E 66 -5.56 -11.79 -50.78
N GLY E 67 -6.15 -12.80 -50.13
CA GLY E 67 -6.14 -14.14 -50.66
C GLY E 67 -7.42 -14.49 -51.42
N SER E 68 -8.25 -13.49 -51.72
CA SER E 68 -9.57 -13.67 -52.31
C SER E 68 -9.49 -14.42 -53.63
N LEU E 69 -8.39 -14.22 -54.37
CA LEU E 69 -8.16 -14.87 -55.65
C LEU E 69 -8.27 -16.39 -55.48
N PHE E 70 -7.91 -16.89 -54.30
CA PHE E 70 -7.78 -18.32 -54.08
C PHE E 70 -8.97 -18.87 -53.29
N LEU E 71 -9.97 -18.03 -53.04
CA LEU E 71 -11.15 -18.45 -52.28
C LEU E 71 -12.40 -18.29 -53.15
N ARG E 72 -13.52 -18.80 -52.61
CA ARG E 72 -14.80 -18.68 -53.28
C ARG E 72 -15.81 -18.08 -52.30
N THR E 73 -15.32 -17.20 -51.42
CA THR E 73 -16.19 -16.42 -50.58
C THR E 73 -16.00 -14.96 -50.98
N PRO E 74 -16.95 -14.37 -51.73
CA PRO E 74 -16.72 -13.07 -52.37
C PRO E 74 -16.75 -11.85 -51.47
N LYS E 75 -17.35 -11.97 -50.28
CA LYS E 75 -17.46 -10.83 -49.39
C LYS E 75 -16.91 -11.16 -48.00
N ILE E 76 -15.83 -10.47 -47.62
CA ILE E 76 -15.26 -10.55 -46.30
C ILE E 76 -15.32 -9.14 -45.70
N VAL E 77 -15.98 -9.02 -44.55
CA VAL E 77 -16.10 -7.74 -43.87
C VAL E 77 -15.70 -7.92 -42.41
N SER E 78 -15.33 -6.79 -41.77
CA SER E 78 -15.07 -6.74 -40.35
C SER E 78 -15.51 -5.40 -39.78
N GLY E 79 -15.67 -5.37 -38.45
CA GLY E 79 -16.03 -4.15 -37.75
C GLY E 79 -16.22 -4.40 -36.27
N LYS E 80 -15.96 -3.36 -35.47
CA LYS E 80 -16.31 -3.33 -34.06
C LYS E 80 -17.82 -3.33 -33.90
N ASP E 81 -18.51 -2.70 -34.85
CA ASP E 81 -19.94 -2.55 -34.81
C ASP E 81 -20.58 -3.85 -35.31
N TYR E 82 -21.58 -4.35 -34.58
CA TYR E 82 -22.21 -5.62 -34.92
C TYR E 82 -23.14 -5.52 -36.13
N ASN E 83 -23.25 -4.34 -36.73
CA ASN E 83 -24.08 -4.21 -37.91
C ASN E 83 -23.45 -4.92 -39.10
N VAL E 84 -22.14 -5.20 -39.04
CA VAL E 84 -21.47 -5.95 -40.09
C VAL E 84 -21.92 -7.40 -40.04
N THR E 85 -22.65 -7.78 -38.98
CA THR E 85 -23.02 -9.16 -38.67
C THR E 85 -24.41 -9.49 -39.21
N ALA E 86 -25.11 -8.50 -39.78
CA ALA E 86 -26.53 -8.61 -40.07
C ALA E 86 -26.82 -9.76 -41.02
N ASN E 87 -27.91 -10.49 -40.73
CA ASN E 87 -28.45 -11.56 -41.55
C ASN E 87 -27.48 -12.73 -41.66
N SER E 88 -26.78 -13.03 -40.56
CA SER E 88 -25.97 -14.23 -40.50
C SER E 88 -26.88 -15.44 -40.32
N LYS E 89 -26.55 -16.54 -41.02
CA LYS E 89 -27.20 -17.82 -40.77
C LYS E 89 -26.60 -18.45 -39.53
N LEU E 90 -25.30 -18.25 -39.35
CA LEU E 90 -24.54 -18.88 -38.29
C LEU E 90 -23.56 -17.86 -37.73
N VAL E 91 -23.57 -17.73 -36.39
CA VAL E 91 -22.67 -16.83 -35.69
C VAL E 91 -21.83 -17.66 -34.74
N ILE E 92 -20.51 -17.62 -34.93
CA ILE E 92 -19.59 -18.42 -34.13
C ILE E 92 -18.89 -17.50 -33.13
N ILE E 93 -19.08 -17.77 -31.83
CA ILE E 93 -18.50 -16.96 -30.77
C ILE E 93 -17.21 -17.61 -30.30
N THR E 94 -16.08 -16.93 -30.51
CA THR E 94 -14.78 -17.42 -30.06
C THR E 94 -14.12 -16.38 -29.16
N ALA E 95 -14.86 -15.30 -28.84
CA ALA E 95 -14.28 -14.21 -28.08
C ALA E 95 -14.30 -14.54 -26.60
N GLY E 96 -13.38 -13.90 -25.86
CA GLY E 96 -13.27 -14.13 -24.44
C GLY E 96 -11.84 -14.47 -24.03
N ALA E 97 -11.68 -14.75 -22.73
CA ALA E 97 -10.42 -15.22 -22.21
C ALA E 97 -10.28 -16.70 -22.55
N ARG E 98 -9.06 -17.16 -22.76
CA ARG E 98 -8.78 -18.57 -22.94
C ARG E 98 -7.77 -19.00 -21.90
N GLN E 99 -7.69 -20.31 -21.65
CA GLN E 99 -6.93 -20.82 -20.52
C GLN E 99 -5.44 -20.76 -20.82
N GLN E 100 -4.68 -20.38 -19.78
CA GLN E 100 -3.23 -20.47 -19.79
C GLN E 100 -2.86 -21.87 -19.37
N GLU E 101 -1.53 -22.09 -19.41
CA GLU E 101 -0.87 -23.28 -18.95
C GLU E 101 -1.32 -23.51 -17.50
N GLY E 102 -1.87 -24.69 -17.26
CA GLY E 102 -2.31 -25.11 -15.94
C GLY E 102 -3.73 -24.69 -15.60
N GLU E 103 -4.35 -23.80 -16.39
CA GLU E 103 -5.63 -23.18 -16.02
C GLU E 103 -6.79 -24.02 -16.56
N SER E 104 -7.72 -24.36 -15.66
CA SER E 104 -8.96 -25.03 -16.01
C SER E 104 -9.84 -24.09 -16.83
N ARG E 105 -10.50 -24.60 -17.86
CA ARG E 105 -11.46 -23.82 -18.63
C ARG E 105 -12.55 -23.25 -17.73
N LEU E 106 -12.85 -23.95 -16.63
CA LEU E 106 -13.93 -23.55 -15.73
C LEU E 106 -13.55 -22.26 -15.01
N ASN E 107 -12.25 -21.91 -15.03
CA ASN E 107 -11.73 -20.73 -14.37
C ASN E 107 -11.99 -19.47 -15.19
N LEU E 108 -12.44 -19.63 -16.44
CA LEU E 108 -12.71 -18.53 -17.33
C LEU E 108 -14.16 -18.03 -17.18
N VAL E 109 -14.94 -18.63 -16.27
CA VAL E 109 -16.38 -18.55 -16.40
C VAL E 109 -16.90 -17.12 -16.23
N GLN E 110 -16.50 -16.45 -15.14
CA GLN E 110 -17.07 -15.18 -14.84
C GLN E 110 -16.63 -14.10 -15.83
N ARG E 111 -15.37 -14.19 -16.25
CA ARG E 111 -14.82 -13.24 -17.21
C ARG E 111 -15.60 -13.33 -18.52
N ASN E 112 -15.84 -14.55 -18.96
CA ASN E 112 -16.45 -14.75 -20.27
C ASN E 112 -17.96 -14.58 -20.19
N VAL E 113 -18.57 -14.82 -19.01
CA VAL E 113 -19.99 -14.55 -18.85
C VAL E 113 -20.22 -13.05 -19.02
N ASN E 114 -19.33 -12.25 -18.42
CA ASN E 114 -19.43 -10.81 -18.54
C ASN E 114 -19.36 -10.38 -20.00
N ILE E 115 -18.43 -10.99 -20.75
CA ILE E 115 -18.22 -10.67 -22.15
C ILE E 115 -19.48 -11.01 -22.95
N PHE E 116 -20.09 -12.16 -22.63
CA PHE E 116 -21.26 -12.66 -23.35
C PHE E 116 -22.45 -11.74 -23.15
N LYS E 117 -22.53 -11.09 -21.97
CA LYS E 117 -23.58 -10.13 -21.69
C LYS E 117 -23.59 -8.98 -22.69
N PHE E 118 -22.42 -8.72 -23.30
CA PHE E 118 -22.31 -7.68 -24.31
C PHE E 118 -22.54 -8.26 -25.70
N ILE E 119 -21.90 -9.39 -25.95
CA ILE E 119 -21.82 -9.97 -27.29
C ILE E 119 -23.18 -10.49 -27.74
N ILE E 120 -23.81 -11.31 -26.89
CA ILE E 120 -24.94 -12.12 -27.34
C ILE E 120 -26.11 -11.23 -27.78
N PRO E 121 -26.54 -10.22 -26.99
CA PRO E 121 -27.63 -9.32 -27.39
C PRO E 121 -27.36 -8.58 -28.69
N ASN E 122 -26.09 -8.25 -28.95
CA ASN E 122 -25.69 -7.57 -30.17
C ASN E 122 -25.80 -8.49 -31.38
N VAL E 123 -25.38 -9.74 -31.21
CA VAL E 123 -25.49 -10.74 -32.26
C VAL E 123 -26.97 -10.93 -32.62
N VAL E 124 -27.80 -11.08 -31.59
CA VAL E 124 -29.21 -11.39 -31.73
C VAL E 124 -29.93 -10.21 -32.40
N LYS E 125 -29.52 -8.98 -32.04
CA LYS E 125 -30.09 -7.77 -32.61
C LYS E 125 -30.07 -7.84 -34.14
N TYR E 126 -28.92 -8.24 -34.72
CA TYR E 126 -28.66 -8.11 -36.15
C TYR E 126 -28.93 -9.40 -36.93
N SER E 127 -28.93 -10.55 -36.23
CA SER E 127 -29.23 -11.84 -36.86
C SER E 127 -30.16 -12.64 -35.95
N PRO E 128 -31.43 -12.24 -35.80
CA PRO E 128 -32.33 -12.89 -34.85
C PRO E 128 -32.64 -14.35 -35.16
N ASN E 129 -32.42 -14.77 -36.40
CA ASN E 129 -32.78 -16.11 -36.82
C ASN E 129 -31.56 -16.99 -37.02
N CYS E 130 -30.41 -16.53 -36.54
CA CYS E 130 -29.18 -17.28 -36.74
C CYS E 130 -29.15 -18.49 -35.81
N LYS E 131 -28.22 -19.40 -36.10
CA LYS E 131 -27.79 -20.38 -35.12
C LYS E 131 -26.55 -19.82 -34.45
N LEU E 132 -26.49 -20.01 -33.12
CA LEU E 132 -25.34 -19.61 -32.33
C LEU E 132 -24.47 -20.84 -32.09
N LEU E 133 -23.22 -20.77 -32.53
CA LEU E 133 -22.26 -21.81 -32.21
C LEU E 133 -21.22 -21.24 -31.25
N ILE E 134 -21.25 -21.73 -29.99
CA ILE E 134 -20.39 -21.22 -28.94
C ILE E 134 -19.11 -22.05 -28.92
N VAL E 135 -17.96 -21.37 -28.95
CA VAL E 135 -16.68 -22.05 -28.94
C VAL E 135 -15.89 -21.61 -27.71
N SER E 136 -16.16 -20.40 -27.20
CA SER E 136 -15.53 -19.84 -26.01
C SER E 136 -15.72 -20.79 -24.83
N ASN E 137 -14.74 -20.78 -23.92
CA ASN E 137 -14.70 -21.73 -22.83
C ASN E 137 -15.09 -21.05 -21.52
N PRO E 138 -15.64 -21.78 -20.52
CA PRO E 138 -16.03 -23.18 -20.66
C PRO E 138 -17.28 -23.30 -21.52
N VAL E 139 -17.15 -24.03 -22.63
CA VAL E 139 -18.12 -23.99 -23.72
C VAL E 139 -19.49 -24.48 -23.23
N ASP E 140 -19.50 -25.43 -22.29
CA ASP E 140 -20.77 -26.05 -21.90
C ASP E 140 -21.60 -25.06 -21.10
N ILE E 141 -20.95 -24.38 -20.16
CA ILE E 141 -21.61 -23.36 -19.36
C ILE E 141 -21.95 -22.17 -20.23
N LEU E 142 -21.02 -21.75 -21.10
CA LEU E 142 -21.24 -20.58 -21.93
C LEU E 142 -22.32 -20.80 -22.98
N THR E 143 -22.57 -22.07 -23.36
CA THR E 143 -23.67 -22.38 -24.25
C THR E 143 -24.98 -22.10 -23.54
N TYR E 144 -25.06 -22.54 -22.28
CA TYR E 144 -26.20 -22.29 -21.41
C TYR E 144 -26.39 -20.79 -21.26
N VAL E 145 -25.29 -20.05 -21.05
CA VAL E 145 -25.35 -18.61 -20.88
C VAL E 145 -25.89 -17.96 -22.16
N ALA E 146 -25.34 -18.33 -23.31
CA ALA E 146 -25.78 -17.77 -24.59
C ALA E 146 -27.27 -18.07 -24.78
N TRP E 147 -27.75 -19.22 -24.28
CA TRP E 147 -29.13 -19.62 -24.43
C TRP E 147 -30.03 -18.73 -23.58
N LYS E 148 -29.64 -18.52 -22.31
CA LYS E 148 -30.38 -17.67 -21.40
C LYS E 148 -30.41 -16.24 -21.91
N ILE E 149 -29.26 -15.73 -22.37
CA ILE E 149 -29.15 -14.33 -22.76
C ILE E 149 -29.92 -14.07 -24.06
N SER E 150 -29.70 -14.92 -25.07
CA SER E 150 -30.26 -14.74 -26.39
C SER E 150 -31.78 -14.83 -26.42
N GLY E 151 -32.33 -15.74 -25.59
CA GLY E 151 -33.75 -16.05 -25.59
C GLY E 151 -34.15 -16.95 -26.77
N PHE E 152 -33.14 -17.51 -27.43
CA PHE E 152 -33.35 -18.39 -28.56
C PHE E 152 -33.91 -19.73 -28.06
N PRO E 153 -34.63 -20.48 -28.93
CA PRO E 153 -34.98 -21.86 -28.62
C PRO E 153 -33.67 -22.64 -28.56
N LYS E 154 -33.68 -23.75 -27.81
CA LYS E 154 -32.45 -24.45 -27.47
C LYS E 154 -31.80 -25.10 -28.69
N ASN E 155 -32.59 -25.32 -29.75
CA ASN E 155 -32.05 -25.93 -30.95
C ASN E 155 -31.09 -25.01 -31.68
N ARG E 156 -31.19 -23.69 -31.43
CA ARG E 156 -30.37 -22.73 -32.15
C ARG E 156 -29.20 -22.23 -31.30
N VAL E 157 -28.90 -22.92 -30.19
CA VAL E 157 -27.72 -22.58 -29.41
C VAL E 157 -26.92 -23.86 -29.20
N ILE E 158 -25.75 -23.91 -29.86
CA ILE E 158 -24.94 -25.11 -29.97
C ILE E 158 -23.54 -24.78 -29.44
N GLY E 159 -23.02 -25.61 -28.51
CA GLY E 159 -21.64 -25.47 -28.10
C GLY E 159 -20.75 -26.47 -28.84
N SER E 160 -19.56 -26.02 -29.26
CA SER E 160 -18.64 -26.87 -30.00
C SER E 160 -18.36 -28.16 -29.23
N GLY E 161 -18.43 -28.06 -27.90
CA GLY E 161 -18.48 -29.21 -27.01
C GLY E 161 -17.34 -30.19 -27.25
N CYS E 162 -17.69 -31.47 -27.33
CA CYS E 162 -16.71 -32.54 -27.41
C CYS E 162 -16.48 -33.03 -28.83
N ASN E 163 -16.88 -32.23 -29.84
CA ASN E 163 -16.62 -32.56 -31.22
C ASN E 163 -15.10 -32.74 -31.39
N LEU E 164 -14.33 -31.85 -30.78
CA LEU E 164 -12.88 -31.88 -30.89
C LEU E 164 -12.32 -33.04 -30.07
N ASP E 165 -12.85 -33.24 -28.83
CA ASP E 165 -12.40 -34.30 -27.96
C ASP E 165 -12.54 -35.66 -28.67
N SER E 166 -13.69 -35.85 -29.30
CA SER E 166 -13.97 -37.08 -30.02
C SER E 166 -13.03 -37.23 -31.21
N ALA E 167 -12.74 -36.12 -31.89
CA ALA E 167 -11.81 -36.09 -33.02
C ALA E 167 -10.42 -36.52 -32.59
N ARG E 168 -9.96 -35.98 -31.46
CA ARG E 168 -8.68 -36.34 -30.87
C ARG E 168 -8.69 -37.83 -30.51
N PHE E 169 -9.77 -38.26 -29.86
CA PHE E 169 -9.93 -39.64 -29.43
C PHE E 169 -9.77 -40.59 -30.61
N ARG E 170 -10.45 -40.25 -31.71
CA ARG E 170 -10.44 -41.09 -32.90
C ARG E 170 -9.08 -41.05 -33.59
N TYR E 171 -8.39 -39.92 -33.48
CA TYR E 171 -7.05 -39.81 -34.04
C TYR E 171 -6.13 -40.80 -33.32
N LEU E 172 -6.17 -40.78 -31.98
CA LEU E 172 -5.32 -41.62 -31.16
C LEU E 172 -5.70 -43.09 -31.31
N MET E 173 -7.01 -43.37 -31.38
CA MET E 173 -7.52 -44.70 -31.63
C MET E 173 -6.90 -45.22 -32.93
N GLY E 174 -6.95 -44.38 -33.97
CA GLY E 174 -6.43 -44.71 -35.28
C GLY E 174 -4.94 -44.98 -35.28
N GLU E 175 -4.20 -44.21 -34.48
CA GLU E 175 -2.75 -44.34 -34.36
C GLU E 175 -2.42 -45.74 -33.83
N ARG E 176 -3.18 -46.17 -32.81
CA ARG E 176 -2.96 -47.46 -32.18
C ARG E 176 -3.32 -48.60 -33.12
N LEU E 177 -4.38 -48.42 -33.92
CA LEU E 177 -4.95 -49.55 -34.67
C LEU E 177 -4.42 -49.60 -36.11
N GLY E 178 -3.78 -48.52 -36.59
CA GLY E 178 -3.31 -48.42 -37.97
C GLY E 178 -4.46 -48.21 -38.96
N VAL E 179 -5.47 -47.46 -38.51
CA VAL E 179 -6.67 -47.18 -39.29
C VAL E 179 -6.88 -45.67 -39.32
N HIS E 180 -7.37 -45.15 -40.45
CA HIS E 180 -7.70 -43.74 -40.54
C HIS E 180 -8.76 -43.42 -39.48
N PRO E 181 -8.68 -42.25 -38.81
CA PRO E 181 -9.68 -41.86 -37.83
C PRO E 181 -11.12 -41.94 -38.35
N LEU E 182 -11.31 -41.76 -39.66
CA LEU E 182 -12.63 -41.79 -40.26
C LEU E 182 -13.27 -43.15 -40.02
N SER E 183 -12.45 -44.21 -39.94
CA SER E 183 -12.95 -45.57 -39.80
C SER E 183 -12.87 -46.06 -38.34
N CYS E 184 -12.42 -45.18 -37.43
CA CYS E 184 -12.38 -45.46 -36.00
C CYS E 184 -13.51 -44.71 -35.29
N HIS E 185 -14.36 -45.43 -34.57
CA HIS E 185 -15.54 -44.84 -33.96
C HIS E 185 -15.43 -44.93 -32.45
N GLY E 186 -15.89 -43.86 -31.78
CA GLY E 186 -15.77 -43.71 -30.34
C GLY E 186 -16.12 -42.28 -29.95
N TRP E 187 -16.87 -42.16 -28.86
CA TRP E 187 -17.44 -40.89 -28.43
C TRP E 187 -16.87 -40.48 -27.09
N VAL E 188 -16.47 -39.21 -27.00
CA VAL E 188 -16.18 -38.57 -25.73
C VAL E 188 -17.31 -37.57 -25.46
N LEU E 189 -18.02 -37.75 -24.35
CA LEU E 189 -19.21 -36.97 -24.05
C LEU E 189 -19.04 -36.21 -22.72
N GLY E 190 -20.04 -35.39 -22.41
CA GLY E 190 -20.02 -34.62 -21.17
C GLY E 190 -19.32 -33.27 -21.34
N GLU E 191 -18.54 -32.88 -20.31
CA GLU E 191 -17.81 -31.63 -20.30
C GLU E 191 -16.67 -31.69 -21.32
N HIS E 192 -16.56 -30.62 -22.10
CA HIS E 192 -15.34 -30.38 -22.85
C HIS E 192 -14.31 -29.91 -21.85
N GLY E 193 -13.63 -30.85 -21.21
CA GLY E 193 -12.73 -30.53 -20.12
C GLY E 193 -12.34 -31.80 -19.38
N ASP E 194 -11.94 -31.62 -18.12
CA ASP E 194 -11.31 -32.64 -17.31
C ASP E 194 -12.26 -33.79 -17.00
N SER E 195 -13.57 -33.54 -16.98
CA SER E 195 -14.55 -34.54 -16.59
C SER E 195 -15.23 -35.20 -17.79
N SER E 196 -14.57 -35.17 -18.95
CA SER E 196 -15.14 -35.81 -20.14
C SER E 196 -15.24 -37.32 -19.94
N VAL E 197 -16.22 -37.93 -20.62
CA VAL E 197 -16.54 -39.34 -20.45
C VAL E 197 -16.29 -40.07 -21.77
N PRO E 198 -15.30 -41.00 -21.82
CA PRO E 198 -15.10 -41.85 -22.99
C PRO E 198 -16.05 -43.03 -22.95
N VAL E 199 -16.80 -43.21 -24.04
CA VAL E 199 -17.80 -44.26 -24.11
C VAL E 199 -17.16 -45.52 -24.70
N TRP E 200 -16.51 -46.30 -23.83
CA TRP E 200 -15.80 -47.52 -24.18
C TRP E 200 -16.75 -48.52 -24.84
N SER E 201 -18.01 -48.53 -24.38
CA SER E 201 -19.02 -49.47 -24.86
C SER E 201 -19.31 -49.27 -26.34
N GLY E 202 -19.05 -48.06 -26.86
CA GLY E 202 -19.39 -47.66 -28.22
C GLY E 202 -18.22 -47.73 -29.18
N MET E 203 -17.01 -47.92 -28.65
CA MET E 203 -15.79 -47.91 -29.47
C MET E 203 -15.79 -49.11 -30.40
N ASN E 204 -15.58 -48.84 -31.70
CA ASN E 204 -15.67 -49.91 -32.68
C ASN E 204 -14.92 -49.53 -33.96
N VAL E 205 -14.52 -50.58 -34.70
CA VAL E 205 -14.07 -50.44 -36.09
C VAL E 205 -14.93 -51.40 -36.90
N ALA E 206 -15.49 -50.92 -38.02
CA ALA E 206 -16.31 -51.71 -38.92
C ALA E 206 -17.44 -52.42 -38.17
N GLY E 207 -17.94 -51.80 -37.10
CA GLY E 207 -19.08 -52.31 -36.36
C GLY E 207 -18.71 -53.36 -35.32
N VAL E 208 -17.40 -53.65 -35.20
CA VAL E 208 -16.93 -54.66 -34.27
C VAL E 208 -16.60 -53.96 -32.95
N SER E 209 -17.36 -54.28 -31.89
CA SER E 209 -17.16 -53.70 -30.57
C SER E 209 -15.80 -54.07 -30.00
N LEU E 210 -15.01 -53.03 -29.66
CA LEU E 210 -13.66 -53.24 -29.13
C LEU E 210 -13.73 -53.78 -27.71
N LYS E 211 -14.76 -53.36 -26.96
CA LYS E 211 -14.95 -53.82 -25.59
C LYS E 211 -15.29 -55.32 -25.57
N THR E 212 -16.03 -55.77 -26.59
CA THR E 212 -16.36 -57.18 -26.76
C THR E 212 -15.08 -57.99 -26.97
N LEU E 213 -14.20 -57.47 -27.84
CA LEU E 213 -12.95 -58.13 -28.18
C LEU E 213 -12.00 -58.10 -26.98
N HIS E 214 -12.09 -57.03 -26.18
CA HIS E 214 -11.11 -56.75 -25.14
C HIS E 214 -11.84 -56.15 -23.93
N PRO E 215 -12.41 -57.01 -23.06
CA PRO E 215 -13.25 -56.53 -21.96
C PRO E 215 -12.55 -55.61 -20.96
N ASP E 216 -11.22 -55.68 -20.92
CA ASP E 216 -10.47 -54.80 -20.03
C ASP E 216 -10.46 -53.36 -20.52
N LEU E 217 -10.86 -53.13 -21.77
CA LEU E 217 -10.81 -51.82 -22.40
C LEU E 217 -11.47 -50.78 -21.48
N GLY E 218 -10.68 -49.75 -21.12
CA GLY E 218 -11.15 -48.62 -20.33
C GLY E 218 -11.01 -48.76 -18.82
N THR E 219 -10.56 -49.94 -18.38
CA THR E 219 -10.41 -50.19 -16.96
C THR E 219 -8.95 -50.02 -16.57
N ASP E 220 -8.69 -50.00 -15.26
CA ASP E 220 -7.36 -49.88 -14.69
C ASP E 220 -6.58 -51.19 -14.89
N LYS E 221 -7.29 -52.31 -14.97
CA LYS E 221 -6.65 -53.60 -15.12
C LYS E 221 -6.06 -53.76 -16.52
N ASP E 222 -6.54 -52.96 -17.47
CA ASP E 222 -6.20 -53.05 -18.89
C ASP E 222 -4.70 -53.06 -19.12
N LYS E 223 -4.19 -54.20 -19.60
CA LYS E 223 -2.79 -54.40 -19.92
C LYS E 223 -2.35 -53.44 -21.00
N GLU E 224 -3.27 -53.06 -21.88
CA GLU E 224 -2.98 -52.23 -23.04
C GLU E 224 -3.16 -50.75 -22.72
N GLN E 225 -3.79 -50.46 -21.57
CA GLN E 225 -3.89 -49.12 -21.05
C GLN E 225 -4.64 -48.21 -22.02
N TRP E 226 -5.83 -48.64 -22.43
CA TRP E 226 -6.62 -47.80 -23.31
C TRP E 226 -7.15 -46.56 -22.61
N LYS E 227 -7.18 -46.62 -21.27
CA LYS E 227 -7.63 -45.49 -20.47
C LYS E 227 -6.74 -44.27 -20.76
N GLU E 228 -5.48 -44.54 -21.11
CA GLU E 228 -4.48 -43.53 -21.37
C GLU E 228 -4.83 -42.74 -22.65
N VAL E 229 -5.56 -43.36 -23.58
CA VAL E 229 -5.99 -42.65 -24.77
C VAL E 229 -6.90 -41.51 -24.35
N HIS E 230 -7.85 -41.77 -23.43
CA HIS E 230 -8.72 -40.70 -22.97
C HIS E 230 -7.94 -39.68 -22.16
N LYS E 231 -6.93 -40.15 -21.42
CA LYS E 231 -6.17 -39.23 -20.59
C LYS E 231 -5.44 -38.25 -21.48
N GLN E 232 -5.03 -38.73 -22.66
CA GLN E 232 -4.34 -37.90 -23.63
C GLN E 232 -5.31 -36.90 -24.25
N VAL E 233 -6.59 -37.28 -24.30
CA VAL E 233 -7.60 -36.38 -24.84
C VAL E 233 -7.80 -35.20 -23.89
N VAL E 234 -7.94 -35.51 -22.61
CA VAL E 234 -8.12 -34.51 -21.57
C VAL E 234 -6.92 -33.56 -21.55
N GLU E 235 -5.73 -34.13 -21.79
CA GLU E 235 -4.49 -33.39 -21.57
C GLU E 235 -3.99 -32.69 -22.83
N SER E 236 -4.65 -32.96 -23.99
CA SER E 236 -4.22 -32.43 -25.27
C SER E 236 -4.09 -30.92 -25.21
N ALA E 237 -5.19 -30.26 -24.83
CA ALA E 237 -5.27 -28.81 -24.81
C ALA E 237 -4.12 -28.22 -23.99
N TYR E 238 -3.91 -28.79 -22.81
CA TYR E 238 -2.90 -28.32 -21.90
C TYR E 238 -1.51 -28.52 -22.48
N GLU E 239 -1.31 -29.67 -23.15
CA GLU E 239 0.02 -29.95 -23.66
C GLU E 239 0.33 -29.05 -24.86
N VAL E 240 -0.66 -28.82 -25.73
CA VAL E 240 -0.44 -27.94 -26.87
C VAL E 240 -0.22 -26.52 -26.36
N ILE E 241 -1.01 -26.09 -25.36
CA ILE E 241 -0.85 -24.77 -24.76
C ILE E 241 0.56 -24.64 -24.22
N LYS E 242 1.01 -25.67 -23.50
CA LYS E 242 2.35 -25.70 -22.93
C LYS E 242 3.39 -25.52 -24.03
N LEU E 243 3.16 -26.14 -25.19
CA LEU E 243 4.19 -26.21 -26.23
C LEU E 243 4.17 -24.97 -27.13
N LYS E 244 2.98 -24.46 -27.49
CA LYS E 244 2.90 -23.38 -28.47
C LYS E 244 2.10 -22.17 -27.97
N GLY E 245 1.53 -22.27 -26.77
CA GLY E 245 0.89 -21.13 -26.13
C GLY E 245 -0.64 -21.15 -26.25
N TYR E 246 -1.15 -21.86 -27.25
CA TYR E 246 -2.59 -21.91 -27.49
C TYR E 246 -2.89 -23.09 -28.40
N THR E 247 -4.18 -23.40 -28.56
CA THR E 247 -4.60 -24.32 -29.62
C THR E 247 -5.42 -23.53 -30.63
N SER E 248 -5.33 -23.93 -31.91
CA SER E 248 -6.01 -23.20 -32.97
C SER E 248 -6.52 -24.13 -34.07
N TRP E 249 -5.62 -24.92 -34.66
CA TRP E 249 -5.94 -25.57 -35.92
C TRP E 249 -7.04 -26.61 -35.75
N ALA E 250 -6.93 -27.44 -34.70
CA ALA E 250 -7.83 -28.56 -34.48
C ALA E 250 -9.24 -28.05 -34.17
N ILE E 251 -9.33 -27.05 -33.28
CA ILE E 251 -10.62 -26.47 -32.93
C ILE E 251 -11.24 -25.78 -34.15
N GLY E 252 -10.38 -25.15 -34.97
CA GLY E 252 -10.81 -24.48 -36.17
C GLY E 252 -11.51 -25.43 -37.14
N LEU E 253 -10.82 -26.55 -37.41
CA LEU E 253 -11.34 -27.59 -38.28
C LEU E 253 -12.61 -28.19 -37.69
N SER E 254 -12.61 -28.40 -36.37
CA SER E 254 -13.75 -28.99 -35.69
C SER E 254 -14.99 -28.10 -35.87
N VAL E 255 -14.79 -26.78 -35.76
CA VAL E 255 -15.86 -25.79 -35.86
C VAL E 255 -16.37 -25.73 -37.30
N ALA E 256 -15.46 -25.83 -38.29
CA ALA E 256 -15.88 -25.81 -39.69
C ALA E 256 -16.68 -27.07 -39.99
N ASP E 257 -16.33 -28.16 -39.30
CA ASP E 257 -17.04 -29.42 -39.43
C ASP E 257 -18.50 -29.23 -39.03
N LEU E 258 -18.69 -28.56 -37.89
CA LEU E 258 -20.04 -28.30 -37.39
C LEU E 258 -20.77 -27.34 -38.31
N ALA E 259 -20.07 -26.30 -38.74
CA ALA E 259 -20.61 -25.29 -39.65
C ALA E 259 -21.10 -25.96 -40.93
N GLU E 260 -20.33 -26.93 -41.44
CA GLU E 260 -20.69 -27.63 -42.67
C GLU E 260 -22.04 -28.33 -42.51
N SER E 261 -22.22 -29.02 -41.38
CA SER E 261 -23.45 -29.74 -41.13
C SER E 261 -24.64 -28.80 -41.00
N ILE E 262 -24.41 -27.64 -40.37
CA ILE E 262 -25.49 -26.68 -40.19
C ILE E 262 -25.86 -26.05 -41.53
N MET E 263 -24.86 -25.51 -42.24
CA MET E 263 -25.08 -24.74 -43.46
C MET E 263 -25.68 -25.61 -44.58
N LYS E 264 -25.25 -26.86 -44.66
CA LYS E 264 -25.68 -27.75 -45.73
C LYS E 264 -26.80 -28.67 -45.30
N ASN E 265 -27.29 -28.51 -44.06
CA ASN E 265 -28.42 -29.25 -43.51
C ASN E 265 -28.23 -30.75 -43.63
N LEU E 266 -27.03 -31.23 -43.26
CA LEU E 266 -26.62 -32.61 -43.50
C LEU E 266 -27.36 -33.60 -42.60
N ARG E 267 -27.72 -33.18 -41.38
CA ARG E 267 -28.29 -34.08 -40.38
C ARG E 267 -27.28 -35.17 -40.04
N ARG E 268 -26.01 -34.76 -39.92
CA ARG E 268 -24.97 -35.60 -39.37
C ARG E 268 -25.02 -35.54 -37.84
N VAL E 269 -24.40 -36.54 -37.21
CA VAL E 269 -24.39 -36.63 -35.77
C VAL E 269 -23.04 -36.17 -35.22
N HIS E 270 -23.07 -35.19 -34.30
CA HIS E 270 -21.88 -34.62 -33.70
C HIS E 270 -22.09 -34.54 -32.19
N PRO E 271 -21.04 -34.76 -31.37
CA PRO E 271 -21.12 -34.58 -29.93
C PRO E 271 -20.93 -33.10 -29.60
N VAL E 272 -22.03 -32.39 -29.30
CA VAL E 272 -22.00 -30.94 -29.14
C VAL E 272 -22.79 -30.59 -27.88
N SER E 273 -22.53 -29.40 -27.31
CA SER E 273 -23.14 -29.01 -26.05
C SER E 273 -24.60 -28.60 -26.27
N THR E 274 -25.48 -29.25 -25.52
CA THR E 274 -26.89 -28.94 -25.59
C THR E 274 -27.51 -29.26 -24.23
N MET E 275 -28.77 -28.83 -24.06
CA MET E 275 -29.44 -29.09 -22.80
C MET E 275 -29.82 -30.56 -22.71
N ILE E 276 -29.43 -31.23 -21.62
CA ILE E 276 -29.68 -32.70 -21.51
C ILE E 276 -30.68 -32.97 -20.39
N LYS E 277 -31.20 -31.92 -19.74
CA LYS E 277 -32.21 -32.10 -18.69
C LYS E 277 -33.19 -33.21 -19.12
N GLY E 278 -33.43 -34.15 -18.20
CA GLY E 278 -34.35 -35.26 -18.42
C GLY E 278 -33.67 -36.54 -18.92
N LEU E 279 -32.38 -36.47 -19.25
CA LEU E 279 -31.63 -37.65 -19.66
C LEU E 279 -30.65 -38.05 -18.56
N TYR E 280 -30.47 -39.36 -18.40
CA TYR E 280 -29.51 -39.95 -17.47
C TYR E 280 -29.72 -39.42 -16.05
N GLY E 281 -30.97 -39.09 -15.71
CA GLY E 281 -31.34 -38.69 -14.37
C GLY E 281 -30.86 -37.30 -14.00
N ILE E 282 -30.43 -36.51 -15.00
CA ILE E 282 -30.10 -35.12 -14.79
C ILE E 282 -31.40 -34.32 -14.77
N LYS E 283 -31.58 -33.49 -13.75
CA LYS E 283 -32.84 -32.83 -13.49
C LYS E 283 -32.74 -31.32 -13.68
N ASP E 284 -31.52 -30.82 -13.91
CA ASP E 284 -31.29 -29.38 -13.95
C ASP E 284 -30.98 -28.97 -15.37
N ASP E 285 -30.86 -27.64 -15.59
CA ASP E 285 -30.68 -27.06 -16.90
C ASP E 285 -29.23 -27.15 -17.32
N VAL E 286 -28.66 -28.36 -17.29
CA VAL E 286 -27.25 -28.52 -17.59
C VAL E 286 -27.08 -28.66 -19.09
N PHE E 287 -26.06 -27.98 -19.63
CA PHE E 287 -25.63 -28.23 -21.00
C PHE E 287 -24.36 -29.06 -20.98
N LEU E 288 -24.34 -30.16 -21.74
CA LEU E 288 -23.10 -30.83 -22.03
C LEU E 288 -23.23 -31.57 -23.35
N SER E 289 -22.14 -32.25 -23.74
CA SER E 289 -22.07 -32.89 -25.05
C SER E 289 -22.72 -34.27 -25.00
N VAL E 290 -23.70 -34.46 -25.90
CA VAL E 290 -24.22 -35.77 -26.29
C VAL E 290 -24.27 -35.76 -27.82
N PRO E 291 -24.36 -36.92 -28.51
CA PRO E 291 -24.49 -36.94 -29.96
C PRO E 291 -25.81 -36.31 -30.38
N CYS E 292 -25.71 -35.28 -31.23
CA CYS E 292 -26.87 -34.55 -31.72
C CYS E 292 -26.91 -34.56 -33.24
N ILE E 293 -28.12 -34.54 -33.79
CA ILE E 293 -28.34 -34.40 -35.22
C ILE E 293 -28.32 -32.91 -35.56
N LEU E 294 -27.41 -32.53 -36.47
CA LEU E 294 -27.14 -31.14 -36.78
C LEU E 294 -27.59 -30.82 -38.20
N GLY E 295 -28.39 -29.76 -38.32
CA GLY E 295 -28.85 -29.30 -39.61
C GLY E 295 -29.15 -27.80 -39.58
N GLN E 296 -29.97 -27.37 -40.53
CA GLN E 296 -30.20 -25.96 -40.78
C GLN E 296 -31.03 -25.33 -39.67
N ASN E 297 -31.63 -26.15 -38.78
CA ASN E 297 -32.32 -25.60 -37.62
C ASN E 297 -31.50 -25.81 -36.36
N GLY E 298 -30.21 -26.14 -36.54
CA GLY E 298 -29.32 -26.45 -35.43
C GLY E 298 -29.52 -27.90 -34.97
N ILE E 299 -29.70 -28.07 -33.66
CA ILE E 299 -29.87 -29.40 -33.09
C ILE E 299 -31.35 -29.76 -33.16
N SER E 300 -31.69 -30.67 -34.06
CA SER E 300 -33.06 -31.10 -34.21
C SER E 300 -33.37 -32.29 -33.29
N ASP E 301 -32.34 -33.07 -32.96
CA ASP E 301 -32.50 -34.33 -32.26
C ASP E 301 -31.25 -34.68 -31.46
N LEU E 302 -31.43 -35.45 -30.38
CA LEU E 302 -30.35 -36.05 -29.63
C LEU E 302 -30.39 -37.57 -29.81
N VAL E 303 -29.21 -38.18 -29.90
CA VAL E 303 -29.12 -39.63 -29.83
C VAL E 303 -29.00 -39.99 -28.35
N LYS E 304 -29.83 -40.93 -27.92
CA LYS E 304 -29.83 -41.39 -26.55
C LYS E 304 -28.85 -42.55 -26.42
N VAL E 305 -27.58 -42.23 -26.18
CA VAL E 305 -26.55 -43.26 -26.09
C VAL E 305 -26.83 -44.13 -24.87
N THR E 306 -26.70 -45.43 -25.03
CA THR E 306 -26.72 -46.35 -23.90
C THR E 306 -25.34 -46.36 -23.23
N LEU E 307 -25.35 -46.12 -21.92
CA LEU E 307 -24.12 -46.04 -21.15
C LEU E 307 -24.06 -47.16 -20.11
N THR E 308 -22.85 -47.69 -19.87
CA THR E 308 -22.68 -48.53 -18.70
C THR E 308 -22.97 -47.68 -17.47
N SER E 309 -23.34 -48.33 -16.36
CA SER E 309 -23.62 -47.64 -15.10
C SER E 309 -22.46 -46.73 -14.70
N GLU E 310 -21.22 -47.14 -14.99
CA GLU E 310 -20.07 -46.33 -14.66
C GLU E 310 -19.96 -45.13 -15.62
N GLU E 311 -20.13 -45.39 -16.93
CA GLU E 311 -20.13 -44.35 -17.93
C GLU E 311 -21.21 -43.33 -17.59
N GLU E 312 -22.38 -43.82 -17.14
CA GLU E 312 -23.47 -42.93 -16.76
C GLU E 312 -23.12 -42.17 -15.47
N ALA E 313 -22.45 -42.86 -14.55
CA ALA E 313 -22.02 -42.22 -13.31
C ALA E 313 -21.06 -41.06 -13.60
N ARG E 314 -20.11 -41.28 -14.54
CA ARG E 314 -19.15 -40.27 -14.92
C ARG E 314 -19.83 -39.07 -15.56
N LEU E 315 -20.89 -39.33 -16.37
CA LEU E 315 -21.64 -38.28 -17.04
C LEU E 315 -22.46 -37.47 -16.03
N LYS E 316 -22.99 -38.13 -15.00
CA LYS E 316 -23.74 -37.46 -13.96
C LYS E 316 -22.79 -36.60 -13.13
N LYS E 317 -21.55 -37.07 -12.96
CA LYS E 317 -20.51 -36.34 -12.25
C LYS E 317 -20.13 -35.08 -13.01
N SER E 318 -19.99 -35.22 -14.33
CA SER E 318 -19.71 -34.11 -15.24
C SER E 318 -20.83 -33.09 -15.11
N ALA E 319 -22.08 -33.59 -15.13
CA ALA E 319 -23.26 -32.74 -15.03
C ALA E 319 -23.24 -31.96 -13.73
N ASP E 320 -22.90 -32.63 -12.62
CA ASP E 320 -22.88 -32.02 -11.30
C ASP E 320 -21.85 -30.89 -11.25
N THR E 321 -20.62 -31.18 -11.70
CA THR E 321 -19.54 -30.20 -11.75
C THR E 321 -20.07 -28.93 -12.43
N LEU E 322 -20.68 -29.11 -13.61
CA LEU E 322 -21.10 -28.00 -14.44
C LEU E 322 -22.24 -27.24 -13.77
N TRP E 323 -23.21 -27.99 -13.22
CA TRP E 323 -24.35 -27.38 -12.58
C TRP E 323 -23.92 -26.59 -11.36
N GLY E 324 -22.91 -27.09 -10.66
CA GLY E 324 -22.37 -26.41 -9.49
C GLY E 324 -21.95 -24.99 -9.84
N ILE E 325 -21.35 -24.81 -11.01
CA ILE E 325 -20.90 -23.49 -11.41
C ILE E 325 -22.06 -22.68 -11.97
N GLN E 326 -22.92 -23.35 -12.73
CA GLN E 326 -24.03 -22.72 -13.41
C GLN E 326 -24.99 -22.08 -12.42
N LYS E 327 -25.26 -22.76 -11.31
CA LYS E 327 -26.23 -22.29 -10.34
C LYS E 327 -25.76 -20.98 -9.72
N GLU E 328 -24.46 -20.72 -9.69
CA GLU E 328 -23.94 -19.54 -9.03
C GLU E 328 -24.00 -18.30 -9.94
N LEU E 329 -24.36 -18.48 -11.19
CA LEU E 329 -24.28 -17.42 -12.19
C LEU E 329 -25.53 -16.57 -12.07
N GLN E 330 -25.33 -15.26 -12.24
CA GLN E 330 -26.44 -14.29 -12.30
C GLN E 330 -26.22 -13.31 -13.43
N PHE E 331 -26.95 -13.45 -14.53
CA PHE E 331 -27.30 -12.35 -15.43
C PHE E 331 -28.79 -12.53 -15.74
N ALA F 1 -3.22 -61.71 -27.14
CA ALA F 1 -2.94 -60.70 -28.20
C ALA F 1 -3.54 -59.35 -27.81
N THR F 2 -3.05 -58.29 -28.46
CA THR F 2 -3.54 -56.94 -28.31
C THR F 2 -4.93 -56.80 -28.94
N LEU F 3 -5.64 -55.72 -28.58
CA LEU F 3 -6.96 -55.42 -29.15
C LEU F 3 -6.85 -55.29 -30.67
N LYS F 4 -5.79 -54.60 -31.13
CA LYS F 4 -5.55 -54.38 -32.55
C LYS F 4 -5.47 -55.74 -33.27
N ASP F 5 -4.76 -56.70 -32.69
CA ASP F 5 -4.56 -58.02 -33.27
C ASP F 5 -5.83 -58.87 -33.21
N GLN F 6 -6.62 -58.70 -32.14
CA GLN F 6 -7.90 -59.39 -32.03
C GLN F 6 -8.84 -58.89 -33.12
N LEU F 7 -8.74 -57.61 -33.46
CA LEU F 7 -9.71 -56.99 -34.35
C LEU F 7 -9.27 -57.11 -35.81
N ILE F 8 -7.96 -57.00 -36.06
CA ILE F 8 -7.45 -56.82 -37.41
C ILE F 8 -6.43 -57.90 -37.73
N TYR F 9 -6.58 -58.56 -38.89
CA TYR F 9 -5.58 -59.49 -39.39
C TYR F 9 -4.68 -58.75 -40.38
N ASN F 10 -3.37 -58.83 -40.14
CA ASN F 10 -2.34 -58.09 -40.85
C ASN F 10 -1.80 -59.00 -41.96
N LEU F 11 -1.74 -58.43 -43.18
CA LEU F 11 -1.09 -59.09 -44.32
C LEU F 11 0.35 -58.61 -44.44
N LEU F 12 0.55 -57.32 -44.16
CA LEU F 12 1.74 -56.63 -44.62
C LEU F 12 2.33 -55.79 -43.50
N LYS F 13 3.66 -55.94 -43.28
CA LYS F 13 4.39 -55.21 -42.27
C LYS F 13 5.30 -54.23 -43.03
N GLU F 14 5.61 -54.62 -44.26
CA GLU F 14 6.58 -53.95 -45.12
C GLU F 14 5.97 -52.67 -45.74
N GLU F 15 6.54 -51.52 -45.35
CA GLU F 15 6.09 -50.21 -45.77
C GLU F 15 7.24 -49.19 -45.73
N GLN F 16 7.03 -48.11 -46.46
CA GLN F 16 7.78 -46.87 -46.30
C GLN F 16 7.09 -45.82 -47.20
N THR F 17 7.47 -45.76 -48.49
CA THR F 17 7.78 -44.53 -49.26
C THR F 17 6.56 -43.65 -49.44
N PRO F 18 6.60 -42.35 -49.04
CA PRO F 18 5.56 -41.38 -49.45
C PRO F 18 5.64 -41.13 -50.96
N GLN F 19 4.48 -40.98 -51.59
CA GLN F 19 4.43 -40.74 -53.01
C GLN F 19 4.26 -39.28 -53.33
N ASN F 20 3.72 -38.51 -52.38
CA ASN F 20 3.35 -37.13 -52.62
C ASN F 20 3.63 -36.29 -51.38
N LYS F 21 4.89 -36.31 -50.94
CA LYS F 21 5.25 -35.72 -49.67
C LYS F 21 5.65 -34.26 -49.86
N ILE F 22 5.16 -33.41 -48.96
CA ILE F 22 5.54 -32.01 -48.91
C ILE F 22 6.16 -31.72 -47.54
N THR F 23 7.28 -30.99 -47.57
CA THR F 23 7.93 -30.51 -46.36
C THR F 23 7.79 -28.99 -46.29
N VAL F 24 7.42 -28.50 -45.10
CA VAL F 24 7.48 -27.08 -44.80
C VAL F 24 8.56 -26.87 -43.76
N VAL F 25 9.59 -26.09 -44.13
CA VAL F 25 10.65 -25.70 -43.23
C VAL F 25 10.29 -24.34 -42.64
N GLY F 26 10.24 -24.26 -41.30
CA GLY F 26 9.80 -23.07 -40.59
C GLY F 26 8.34 -23.17 -40.17
N VAL F 27 8.06 -23.14 -38.87
CA VAL F 27 6.70 -23.23 -38.36
C VAL F 27 6.29 -21.91 -37.70
N GLY F 28 6.80 -20.81 -38.26
CA GLY F 28 6.29 -19.47 -37.97
C GLY F 28 4.92 -19.31 -38.61
N ALA F 29 4.32 -18.12 -38.47
CA ALA F 29 2.94 -17.92 -38.93
C ALA F 29 2.81 -18.27 -40.40
N VAL F 30 3.85 -17.94 -41.18
CA VAL F 30 3.82 -18.18 -42.61
C VAL F 30 3.86 -19.68 -42.90
N GLY F 31 4.79 -20.37 -42.26
CA GLY F 31 4.96 -21.81 -42.42
C GLY F 31 3.66 -22.56 -42.13
N MET F 32 3.01 -22.17 -41.04
CA MET F 32 1.83 -22.89 -40.59
C MET F 32 0.62 -22.55 -41.46
N ALA F 33 0.58 -21.33 -42.02
CA ALA F 33 -0.47 -20.97 -42.97
C ALA F 33 -0.30 -21.76 -44.27
N CYS F 34 0.95 -21.99 -44.67
CA CYS F 34 1.25 -22.86 -45.80
C CYS F 34 0.78 -24.27 -45.49
N ALA F 35 1.08 -24.75 -44.28
CA ALA F 35 0.74 -26.10 -43.85
C ALA F 35 -0.77 -26.31 -43.89
N ILE F 36 -1.55 -25.44 -43.23
CA ILE F 36 -2.99 -25.63 -43.14
C ILE F 36 -3.61 -25.57 -44.54
N SER F 37 -3.11 -24.64 -45.38
CA SER F 37 -3.63 -24.45 -46.72
C SER F 37 -3.40 -25.70 -47.57
N ILE F 38 -2.20 -26.26 -47.45
CA ILE F 38 -1.85 -27.48 -48.17
C ILE F 38 -2.66 -28.66 -47.65
N LEU F 39 -2.83 -28.74 -46.33
CA LEU F 39 -3.58 -29.83 -45.74
C LEU F 39 -5.03 -29.81 -46.23
N MET F 40 -5.59 -28.61 -46.39
CA MET F 40 -7.01 -28.54 -46.72
C MET F 40 -7.23 -28.62 -48.23
N LYS F 41 -6.15 -28.60 -49.03
CA LYS F 41 -6.31 -28.75 -50.47
C LYS F 41 -5.91 -30.14 -50.94
N ASP F 42 -5.57 -31.03 -49.98
CA ASP F 42 -5.28 -32.44 -50.19
C ASP F 42 -4.11 -32.64 -51.16
N LEU F 43 -3.07 -31.81 -51.04
CA LEU F 43 -1.99 -31.83 -52.02
C LEU F 43 -0.94 -32.89 -51.67
N ALA F 44 -0.99 -33.41 -50.44
CA ALA F 44 0.09 -34.26 -49.91
C ALA F 44 -0.47 -35.51 -49.24
N ASP F 45 0.26 -36.63 -49.37
CA ASP F 45 -0.02 -37.85 -48.63
C ASP F 45 0.80 -37.89 -47.33
N GLU F 46 1.78 -36.99 -47.24
CA GLU F 46 2.59 -36.84 -46.04
C GLU F 46 3.06 -35.39 -45.96
N LEU F 47 2.90 -34.79 -44.78
CA LEU F 47 3.41 -33.45 -44.50
C LEU F 47 4.45 -33.55 -43.39
N ALA F 48 5.62 -32.99 -43.67
CA ALA F 48 6.68 -32.91 -42.68
C ALA F 48 6.92 -31.44 -42.34
N LEU F 49 7.04 -31.14 -41.04
CA LEU F 49 7.42 -29.82 -40.58
C LEU F 49 8.80 -29.90 -39.94
N VAL F 50 9.65 -28.91 -40.24
CA VAL F 50 10.94 -28.81 -39.60
C VAL F 50 11.16 -27.38 -39.10
N ASP F 51 11.75 -27.28 -37.90
CA ASP F 51 12.19 -26.01 -37.34
C ASP F 51 13.32 -26.29 -36.35
N VAL F 52 13.83 -25.23 -35.73
CA VAL F 52 14.87 -25.35 -34.72
C VAL F 52 14.27 -25.26 -33.32
N ILE F 53 13.10 -24.61 -33.19
CA ILE F 53 12.42 -24.48 -31.93
C ILE F 53 11.59 -25.74 -31.71
N GLU F 54 12.02 -26.58 -30.77
CA GLU F 54 11.55 -27.95 -30.68
C GLU F 54 10.16 -28.01 -30.05
N ASP F 55 9.93 -27.15 -29.05
CA ASP F 55 8.65 -27.12 -28.35
C ASP F 55 7.54 -26.67 -29.28
N LYS F 56 7.77 -25.55 -29.97
CA LYS F 56 6.80 -24.96 -30.90
C LYS F 56 6.48 -25.97 -32.00
N LEU F 57 7.52 -26.63 -32.50
CA LEU F 57 7.44 -27.56 -33.61
C LEU F 57 6.52 -28.72 -33.25
N LYS F 58 6.76 -29.34 -32.09
CA LYS F 58 5.97 -30.48 -31.64
C LYS F 58 4.52 -30.04 -31.42
N GLY F 59 4.33 -28.85 -30.84
CA GLY F 59 3.00 -28.34 -30.56
C GLY F 59 2.17 -28.15 -31.82
N GLU F 60 2.79 -27.56 -32.85
CA GLU F 60 2.16 -27.32 -34.13
C GLU F 60 1.76 -28.64 -34.77
N MET F 61 2.71 -29.58 -34.84
CA MET F 61 2.46 -30.90 -35.39
C MET F 61 1.24 -31.53 -34.71
N MET F 62 1.25 -31.56 -33.37
CA MET F 62 0.17 -32.16 -32.59
C MET F 62 -1.17 -31.49 -32.88
N ASP F 63 -1.19 -30.15 -33.00
CA ASP F 63 -2.43 -29.45 -33.23
C ASP F 63 -3.04 -29.88 -34.56
N LEU F 64 -2.20 -29.99 -35.59
CA LEU F 64 -2.65 -30.44 -36.89
C LEU F 64 -3.11 -31.89 -36.80
N GLN F 65 -2.34 -32.72 -36.10
CA GLN F 65 -2.67 -34.14 -35.98
C GLN F 65 -4.03 -34.36 -35.34
N HIS F 66 -4.38 -33.51 -34.36
CA HIS F 66 -5.65 -33.68 -33.67
C HIS F 66 -6.83 -33.43 -34.59
N GLY F 67 -6.58 -32.76 -35.72
CA GLY F 67 -7.63 -32.47 -36.68
C GLY F 67 -7.66 -33.45 -37.84
N SER F 68 -6.95 -34.59 -37.70
CA SER F 68 -6.77 -35.56 -38.76
C SER F 68 -8.11 -36.08 -39.28
N LEU F 69 -9.10 -36.17 -38.39
CA LEU F 69 -10.43 -36.63 -38.75
C LEU F 69 -10.99 -35.81 -39.92
N PHE F 70 -10.58 -34.54 -39.99
CA PHE F 70 -11.18 -33.60 -40.93
C PHE F 70 -10.25 -33.34 -42.13
N LEU F 71 -9.16 -34.10 -42.21
CA LEU F 71 -8.22 -33.95 -43.31
C LEU F 71 -8.11 -35.27 -44.09
N ARG F 72 -7.39 -35.22 -45.20
CA ARG F 72 -7.14 -36.38 -46.02
C ARG F 72 -5.63 -36.49 -46.26
N THR F 73 -4.85 -36.04 -45.29
CA THR F 73 -3.42 -36.25 -45.30
C THR F 73 -3.08 -37.15 -44.12
N PRO F 74 -2.81 -38.45 -44.36
CA PRO F 74 -2.74 -39.43 -43.27
C PRO F 74 -1.49 -39.38 -42.40
N LYS F 75 -0.42 -38.74 -42.89
CA LYS F 75 0.82 -38.72 -42.13
C LYS F 75 1.33 -37.29 -41.98
N ILE F 76 1.37 -36.82 -40.74
CA ILE F 76 1.96 -35.54 -40.38
C ILE F 76 3.10 -35.83 -39.40
N VAL F 77 4.30 -35.40 -39.76
CA VAL F 77 5.48 -35.59 -38.93
C VAL F 77 6.20 -34.27 -38.76
N SER F 78 7.00 -34.18 -37.69
CA SER F 78 7.88 -33.05 -37.45
C SER F 78 9.17 -33.52 -36.77
N GLY F 79 10.18 -32.66 -36.84
CA GLY F 79 11.46 -32.94 -36.20
C GLY F 79 12.47 -31.84 -36.49
N LYS F 80 13.42 -31.65 -35.56
CA LYS F 80 14.58 -30.82 -35.78
C LYS F 80 15.47 -31.43 -36.85
N ASP F 81 15.50 -32.77 -36.87
CA ASP F 81 16.35 -33.51 -37.77
C ASP F 81 15.69 -33.56 -39.14
N TYR F 82 16.46 -33.28 -40.19
CA TYR F 82 15.95 -33.22 -41.55
C TYR F 82 15.63 -34.59 -42.13
N ASN F 83 15.84 -35.66 -41.36
CA ASN F 83 15.54 -36.99 -41.86
C ASN F 83 14.03 -37.18 -41.95
N VAL F 84 13.25 -36.35 -41.24
CA VAL F 84 11.79 -36.42 -41.32
C VAL F 84 11.33 -35.89 -42.69
N THR F 85 12.27 -35.31 -43.45
CA THR F 85 12.01 -34.59 -44.69
C THR F 85 12.19 -35.51 -45.91
N ALA F 86 12.65 -36.75 -45.68
CA ALA F 86 13.13 -37.61 -46.75
C ALA F 86 12.05 -37.88 -47.78
N ASN F 87 12.47 -37.85 -49.07
CA ASN F 87 11.65 -38.19 -50.22
C ASN F 87 10.49 -37.21 -50.39
N SER F 88 10.73 -35.93 -50.10
CA SER F 88 9.75 -34.90 -50.41
C SER F 88 9.75 -34.63 -51.91
N LYS F 89 8.56 -34.42 -52.47
CA LYS F 89 8.44 -33.95 -53.84
C LYS F 89 8.68 -32.44 -53.87
N LEU F 90 8.23 -31.77 -52.81
CA LEU F 90 8.26 -30.32 -52.74
C LEU F 90 8.65 -29.94 -51.32
N VAL F 91 9.65 -29.05 -51.21
CA VAL F 91 10.10 -28.54 -49.93
C VAL F 91 9.93 -27.02 -49.95
N ILE F 92 9.12 -26.52 -49.00
CA ILE F 92 8.81 -25.11 -48.92
C ILE F 92 9.60 -24.49 -47.76
N ILE F 93 10.48 -23.52 -48.09
CA ILE F 93 11.31 -22.87 -47.08
C ILE F 93 10.66 -21.57 -46.66
N THR F 94 10.26 -21.50 -45.38
CA THR F 94 9.66 -20.30 -44.82
C THR F 94 10.47 -19.83 -43.61
N ALA F 95 11.60 -20.49 -43.33
CA ALA F 95 12.37 -20.19 -42.14
C ALA F 95 13.26 -18.98 -42.40
N GLY F 96 13.61 -18.29 -41.30
CA GLY F 96 14.43 -17.09 -41.41
C GLY F 96 13.83 -15.93 -40.65
N ALA F 97 14.53 -14.79 -40.72
CA ALA F 97 14.03 -13.55 -40.16
C ALA F 97 12.99 -12.97 -41.12
N ARG F 98 11.98 -12.28 -40.57
CA ARG F 98 11.02 -11.58 -41.39
C ARG F 98 11.03 -10.11 -41.01
N GLN F 99 10.51 -9.25 -41.89
CA GLN F 99 10.63 -7.82 -41.73
C GLN F 99 9.69 -7.32 -40.64
N GLN F 100 10.20 -6.37 -39.88
CA GLN F 100 9.42 -5.62 -38.91
C GLN F 100 8.79 -4.44 -39.65
N GLU F 101 7.96 -3.74 -38.87
CA GLU F 101 7.31 -2.50 -39.26
C GLU F 101 7.85 -1.81 -40.51
N GLY F 102 8.82 -0.89 -40.43
CA GLY F 102 9.27 -0.15 -41.59
C GLY F 102 10.42 -0.83 -42.33
N GLU F 103 10.66 -2.13 -42.10
CA GLU F 103 11.88 -2.79 -42.55
C GLU F 103 11.70 -3.37 -43.95
N SER F 104 12.63 -3.04 -44.84
CA SER F 104 12.70 -3.59 -46.19
C SER F 104 13.06 -5.06 -46.11
N ARG F 105 12.44 -5.88 -46.95
CA ARG F 105 12.79 -7.29 -47.06
C ARG F 105 14.27 -7.46 -47.39
N LEU F 106 14.84 -6.49 -48.10
CA LEU F 106 16.23 -6.57 -48.55
C LEU F 106 17.17 -6.50 -47.35
N ASN F 107 16.65 -6.04 -46.21
CA ASN F 107 17.42 -5.87 -44.99
C ASN F 107 17.60 -7.21 -44.26
N LEU F 108 16.90 -8.25 -44.71
CA LEU F 108 16.96 -9.58 -44.11
C LEU F 108 18.06 -10.42 -44.76
N VAL F 109 18.81 -9.86 -45.71
CA VAL F 109 19.50 -10.70 -46.68
C VAL F 109 20.59 -11.54 -46.01
N GLN F 110 21.47 -10.89 -45.24
CA GLN F 110 22.63 -11.59 -44.73
C GLN F 110 22.24 -12.60 -43.66
N ARG F 111 21.24 -12.23 -42.85
CA ARG F 111 20.76 -13.11 -41.79
C ARG F 111 20.21 -14.39 -42.40
N ASN F 112 19.40 -14.24 -43.46
CA ASN F 112 18.71 -15.36 -44.02
C ASN F 112 19.62 -16.15 -44.97
N VAL F 113 20.64 -15.50 -45.56
CA VAL F 113 21.62 -16.21 -46.36
C VAL F 113 22.36 -17.19 -45.45
N ASN F 114 22.72 -16.71 -44.24
CA ASN F 114 23.41 -17.54 -43.28
C ASN F 114 22.57 -18.77 -42.93
N ILE F 115 21.26 -18.54 -42.71
CA ILE F 115 20.32 -19.59 -42.35
C ILE F 115 20.24 -20.63 -43.46
N PHE F 116 20.21 -20.14 -44.71
CA PHE F 116 20.08 -20.99 -45.89
C PHE F 116 21.28 -21.89 -46.06
N LYS F 117 22.46 -21.42 -45.63
CA LYS F 117 23.69 -22.20 -45.67
C LYS F 117 23.55 -23.49 -44.84
N PHE F 118 22.65 -23.47 -43.85
CA PHE F 118 22.40 -24.64 -43.03
C PHE F 118 21.26 -25.46 -43.61
N ILE F 119 20.18 -24.77 -44.00
CA ILE F 119 18.93 -25.40 -44.36
C ILE F 119 19.06 -26.15 -45.67
N ILE F 120 19.58 -25.47 -46.70
CA ILE F 120 19.45 -25.96 -48.07
C ILE F 120 20.20 -27.28 -48.25
N PRO F 121 21.48 -27.43 -47.80
CA PRO F 121 22.20 -28.69 -47.91
C PRO F 121 21.51 -29.86 -47.21
N ASN F 122 20.84 -29.57 -46.09
CA ASN F 122 20.13 -30.57 -45.34
C ASN F 122 18.88 -31.06 -46.09
N VAL F 123 18.16 -30.11 -46.69
CA VAL F 123 16.99 -30.43 -47.49
C VAL F 123 17.41 -31.33 -48.65
N VAL F 124 18.49 -30.93 -49.33
CA VAL F 124 18.96 -31.59 -50.54
C VAL F 124 19.46 -33.00 -50.19
N LYS F 125 20.09 -33.13 -49.02
CA LYS F 125 20.59 -34.42 -48.56
C LYS F 125 19.48 -35.47 -48.59
N TYR F 126 18.29 -35.12 -48.09
CA TYR F 126 17.23 -36.08 -47.83
C TYR F 126 16.18 -36.15 -48.95
N SER F 127 16.10 -35.10 -49.77
CA SER F 127 15.18 -35.06 -50.91
C SER F 127 15.90 -34.48 -52.12
N PRO F 128 16.88 -35.19 -52.71
CA PRO F 128 17.68 -34.65 -53.81
C PRO F 128 16.89 -34.31 -55.08
N ASN F 129 15.70 -34.91 -55.22
CA ASN F 129 14.94 -34.73 -56.45
C ASN F 129 13.73 -33.83 -56.23
N CYS F 130 13.69 -33.13 -55.09
CA CYS F 130 12.54 -32.30 -54.78
C CYS F 130 12.57 -31.02 -55.63
N LYS F 131 11.44 -30.34 -55.65
CA LYS F 131 11.40 -28.94 -56.04
C LYS F 131 11.52 -28.11 -54.77
N LEU F 132 12.30 -27.04 -54.85
CA LEU F 132 12.46 -26.10 -53.76
C LEU F 132 11.57 -24.89 -54.04
N LEU F 133 10.64 -24.61 -53.12
CA LEU F 133 9.85 -23.40 -53.19
C LEU F 133 10.28 -22.47 -52.06
N ILE F 134 10.92 -21.35 -52.42
CA ILE F 134 11.47 -20.42 -51.44
C ILE F 134 10.41 -19.35 -51.15
N VAL F 135 10.14 -19.14 -49.86
CA VAL F 135 9.15 -18.16 -49.45
C VAL F 135 9.82 -17.09 -48.58
N SER F 136 10.91 -17.46 -47.90
CA SER F 136 11.69 -16.57 -47.06
C SER F 136 12.15 -15.35 -47.86
N ASN F 137 12.29 -14.22 -47.16
CA ASN F 137 12.56 -12.95 -47.81
C ASN F 137 14.01 -12.53 -47.59
N PRO F 138 14.64 -11.75 -48.49
CA PRO F 138 14.04 -11.34 -49.77
C PRO F 138 14.02 -12.53 -50.73
N VAL F 139 12.81 -12.90 -51.17
CA VAL F 139 12.57 -14.18 -51.82
C VAL F 139 13.37 -14.28 -53.13
N ASP F 140 13.56 -13.15 -53.82
CA ASP F 140 14.18 -13.20 -55.14
C ASP F 140 15.66 -13.52 -55.01
N ILE F 141 16.32 -12.86 -54.06
CA ILE F 141 17.72 -13.11 -53.79
C ILE F 141 17.89 -14.50 -53.17
N LEU F 142 17.00 -14.85 -52.24
CA LEU F 142 17.12 -16.12 -51.55
C LEU F 142 16.84 -17.31 -52.47
N THR F 143 16.07 -17.09 -53.54
CA THR F 143 15.85 -18.12 -54.55
C THR F 143 17.17 -18.40 -55.25
N TYR F 144 17.87 -17.32 -55.61
CA TYR F 144 19.18 -17.38 -56.22
C TYR F 144 20.14 -18.11 -55.28
N VAL F 145 20.08 -17.77 -53.99
CA VAL F 145 20.94 -18.39 -53.00
C VAL F 145 20.67 -19.88 -52.90
N ALA F 146 19.39 -20.26 -52.80
CA ALA F 146 19.01 -21.66 -52.72
C ALA F 146 19.48 -22.39 -53.96
N TRP F 147 19.51 -21.71 -55.11
CA TRP F 147 19.93 -22.31 -56.37
C TRP F 147 21.42 -22.59 -56.35
N LYS F 148 22.21 -21.59 -55.93
CA LYS F 148 23.65 -21.72 -55.82
C LYS F 148 24.01 -22.80 -54.81
N ILE F 149 23.35 -22.81 -53.65
CA ILE F 149 23.73 -23.72 -52.58
C ILE F 149 23.35 -25.15 -52.93
N SER F 150 22.10 -25.36 -53.39
CA SER F 150 21.55 -26.68 -53.65
C SER F 150 22.28 -27.39 -54.79
N GLY F 151 22.70 -26.64 -55.81
CA GLY F 151 23.27 -27.19 -57.02
C GLY F 151 22.21 -27.79 -57.96
N PHE F 152 20.94 -27.50 -57.66
CA PHE F 152 19.82 -27.97 -58.45
C PHE F 152 19.81 -27.25 -59.79
N PRO F 153 19.19 -27.85 -60.83
CA PRO F 153 18.89 -27.14 -62.07
C PRO F 153 17.88 -26.05 -61.72
N LYS F 154 17.85 -24.99 -62.52
CA LYS F 154 17.11 -23.78 -62.16
C LYS F 154 15.60 -24.03 -62.18
N ASN F 155 15.17 -25.07 -62.88
CA ASN F 155 13.74 -25.36 -62.96
C ASN F 155 13.20 -25.85 -61.62
N ARG F 156 14.08 -26.38 -60.76
CA ARG F 156 13.65 -26.96 -59.50
C ARG F 156 13.86 -26.00 -58.32
N VAL F 157 14.14 -24.72 -58.60
CA VAL F 157 14.25 -23.73 -57.54
C VAL F 157 13.34 -22.56 -57.88
N ILE F 158 12.26 -22.42 -57.11
CA ILE F 158 11.17 -21.50 -57.41
C ILE F 158 10.98 -20.60 -56.20
N GLY F 159 10.94 -19.28 -56.42
CA GLY F 159 10.59 -18.34 -55.36
C GLY F 159 9.12 -17.96 -55.46
N SER F 160 8.43 -17.87 -54.31
CA SER F 160 7.02 -17.54 -54.28
C SER F 160 6.78 -16.21 -55.01
N GLY F 161 7.79 -15.34 -54.98
CA GLY F 161 7.86 -14.17 -55.83
C GLY F 161 6.62 -13.30 -55.74
N CYS F 162 6.10 -12.90 -56.91
CA CYS F 162 5.02 -11.93 -56.99
C CYS F 162 3.66 -12.61 -57.19
N ASN F 163 3.57 -13.92 -56.90
CA ASN F 163 2.29 -14.62 -56.96
C ASN F 163 1.31 -13.90 -56.04
N LEU F 164 1.79 -13.52 -54.84
CA LEU F 164 0.96 -12.86 -53.86
C LEU F 164 0.67 -11.42 -54.27
N ASP F 165 1.69 -10.71 -54.80
CA ASP F 165 1.52 -9.34 -55.23
C ASP F 165 0.44 -9.25 -56.29
N SER F 166 0.49 -10.19 -57.24
CA SER F 166 -0.49 -10.23 -58.32
C SER F 166 -1.88 -10.54 -57.77
N ALA F 167 -1.94 -11.44 -56.77
CA ALA F 167 -3.19 -11.81 -56.11
C ALA F 167 -3.81 -10.60 -55.43
N ARG F 168 -2.99 -9.83 -54.72
CA ARG F 168 -3.42 -8.59 -54.08
C ARG F 168 -3.92 -7.61 -55.14
N PHE F 169 -3.13 -7.47 -56.21
CA PHE F 169 -3.45 -6.56 -57.30
C PHE F 169 -4.83 -6.86 -57.87
N ARG F 170 -5.07 -8.15 -58.11
CA ARG F 170 -6.32 -8.60 -58.71
C ARG F 170 -7.47 -8.43 -57.72
N TYR F 171 -7.19 -8.58 -56.42
CA TYR F 171 -8.21 -8.36 -55.41
C TYR F 171 -8.67 -6.91 -55.46
N LEU F 172 -7.72 -5.98 -55.48
CA LEU F 172 -8.01 -4.55 -55.46
C LEU F 172 -8.67 -4.13 -56.77
N MET F 173 -8.18 -4.69 -57.90
CA MET F 173 -8.78 -4.47 -59.20
C MET F 173 -10.25 -4.84 -59.14
N GLY F 174 -10.52 -6.04 -58.59
CA GLY F 174 -11.87 -6.57 -58.45
C GLY F 174 -12.78 -5.70 -57.59
N GLU F 175 -12.22 -5.15 -56.52
CA GLU F 175 -12.93 -4.28 -55.60
C GLU F 175 -13.45 -3.06 -56.35
N ARG F 176 -12.57 -2.48 -57.18
CA ARG F 176 -12.91 -1.29 -57.94
C ARG F 176 -13.95 -1.58 -59.01
N LEU F 177 -13.86 -2.76 -59.63
CA LEU F 177 -14.67 -3.03 -60.83
C LEU F 177 -15.96 -3.78 -60.50
N GLY F 178 -16.07 -4.35 -59.28
CA GLY F 178 -17.21 -5.15 -58.88
C GLY F 178 -17.21 -6.51 -59.54
N VAL F 179 -16.01 -7.07 -59.72
CA VAL F 179 -15.80 -8.35 -60.37
C VAL F 179 -14.94 -9.22 -59.45
N HIS F 180 -15.21 -10.53 -59.44
CA HIS F 180 -14.37 -11.45 -58.68
C HIS F 180 -12.94 -11.37 -59.21
N PRO F 181 -11.92 -11.41 -58.33
CA PRO F 181 -10.53 -11.38 -58.77
C PRO F 181 -10.20 -12.42 -59.85
N LEU F 182 -10.93 -13.54 -59.86
CA LEU F 182 -10.67 -14.60 -60.82
C LEU F 182 -10.88 -14.07 -62.24
N SER F 183 -11.78 -13.09 -62.40
CA SER F 183 -12.10 -12.53 -63.70
C SER F 183 -11.39 -11.21 -63.97
N CYS F 184 -10.54 -10.78 -63.04
CA CYS F 184 -9.71 -9.60 -63.17
C CYS F 184 -8.26 -10.00 -63.42
N HIS F 185 -7.67 -9.55 -64.52
CA HIS F 185 -6.33 -10.00 -64.92
C HIS F 185 -5.37 -8.82 -64.90
N GLY F 186 -4.14 -9.10 -64.46
CA GLY F 186 -3.12 -8.09 -64.26
C GLY F 186 -1.94 -8.70 -63.53
N TRP F 187 -0.73 -8.36 -63.98
CA TRP F 187 0.49 -8.96 -63.47
C TRP F 187 1.36 -7.91 -62.79
N VAL F 188 1.85 -8.28 -61.60
CA VAL F 188 2.90 -7.53 -60.94
C VAL F 188 4.16 -8.39 -61.00
N LEU F 189 5.21 -7.85 -61.62
CA LEU F 189 6.43 -8.60 -61.88
C LEU F 189 7.65 -7.95 -61.21
N GLY F 190 8.79 -8.62 -61.32
CA GLY F 190 10.03 -8.11 -60.76
C GLY F 190 10.24 -8.53 -59.31
N GLU F 191 10.72 -7.58 -58.48
CA GLU F 191 10.99 -7.85 -57.07
C GLU F 191 9.66 -7.98 -56.32
N HIS F 192 9.58 -9.02 -55.48
CA HIS F 192 8.55 -9.06 -54.46
C HIS F 192 8.95 -8.05 -53.40
N GLY F 193 8.58 -6.80 -53.61
CA GLY F 193 9.02 -5.72 -52.75
C GLY F 193 8.71 -4.36 -53.38
N ASP F 194 9.48 -3.36 -52.96
CA ASP F 194 9.20 -1.96 -53.27
C ASP F 194 9.34 -1.66 -54.77
N SER F 195 10.17 -2.43 -55.49
CA SER F 195 10.44 -2.16 -56.89
C SER F 195 9.63 -3.06 -57.83
N SER F 196 8.49 -3.56 -57.36
CA SER F 196 7.63 -4.36 -58.20
C SER F 196 7.06 -3.52 -59.36
N VAL F 197 6.79 -4.20 -60.47
CA VAL F 197 6.37 -3.55 -61.70
C VAL F 197 4.96 -4.01 -62.06
N PRO F 198 3.95 -3.10 -62.04
CA PRO F 198 2.61 -3.43 -62.50
C PRO F 198 2.54 -3.29 -64.03
N VAL F 199 2.08 -4.35 -64.69
CA VAL F 199 2.04 -4.38 -66.13
C VAL F 199 0.67 -3.88 -66.60
N TRP F 200 0.56 -2.54 -66.69
CA TRP F 200 -0.66 -1.85 -67.09
C TRP F 200 -1.14 -2.32 -68.46
N SER F 201 -0.18 -2.62 -69.34
CA SER F 201 -0.49 -3.02 -70.71
C SER F 201 -1.29 -4.34 -70.75
N GLY F 202 -1.16 -5.15 -69.69
CA GLY F 202 -1.73 -6.49 -69.63
C GLY F 202 -3.05 -6.56 -68.85
N MET F 203 -3.39 -5.47 -68.14
CA MET F 203 -4.58 -5.43 -67.31
C MET F 203 -5.84 -5.52 -68.16
N ASN F 204 -6.72 -6.46 -67.83
CA ASN F 204 -7.89 -6.69 -68.64
C ASN F 204 -8.99 -7.41 -67.86
N VAL F 205 -10.23 -7.23 -68.32
CA VAL F 205 -11.37 -8.04 -67.91
C VAL F 205 -11.97 -8.58 -69.20
N ALA F 206 -12.23 -9.90 -69.23
CA ALA F 206 -12.84 -10.58 -70.37
C ALA F 206 -12.09 -10.27 -71.66
N GLY F 207 -10.78 -10.07 -71.57
CA GLY F 207 -9.93 -9.87 -72.72
C GLY F 207 -9.90 -8.43 -73.22
N VAL F 208 -10.64 -7.54 -72.54
CA VAL F 208 -10.72 -6.15 -72.93
C VAL F 208 -9.61 -5.38 -72.20
N SER F 209 -8.64 -4.85 -72.95
CA SER F 209 -7.53 -4.09 -72.40
C SER F 209 -8.02 -2.81 -71.71
N LEU F 210 -7.68 -2.67 -70.42
CA LEU F 210 -8.10 -1.52 -69.64
C LEU F 210 -7.35 -0.27 -70.07
N LYS F 211 -6.09 -0.45 -70.49
CA LYS F 211 -5.26 0.66 -70.94
C LYS F 211 -5.80 1.22 -72.26
N THR F 212 -6.35 0.33 -73.10
CA THR F 212 -7.00 0.73 -74.35
C THR F 212 -8.21 1.61 -74.05
N LEU F 213 -9.02 1.18 -73.07
CA LEU F 213 -10.22 1.89 -72.67
C LEU F 213 -9.85 3.22 -72.00
N HIS F 214 -8.73 3.23 -71.28
CA HIS F 214 -8.36 4.31 -70.40
C HIS F 214 -6.86 4.52 -70.45
N PRO F 215 -6.36 5.28 -71.44
CA PRO F 215 -4.92 5.41 -71.67
C PRO F 215 -4.15 6.02 -70.50
N ASP F 216 -4.84 6.74 -69.62
CA ASP F 216 -4.19 7.34 -68.46
C ASP F 216 -3.84 6.29 -67.41
N LEU F 217 -4.40 5.07 -67.54
CA LEU F 217 -4.23 4.00 -66.57
C LEU F 217 -2.73 3.84 -66.25
N GLY F 218 -2.40 3.97 -64.96
CA GLY F 218 -1.04 3.73 -64.50
C GLY F 218 -0.17 4.97 -64.40
N THR F 219 -0.68 6.09 -64.91
CA THR F 219 0.10 7.32 -64.91
C THR F 219 -0.37 8.20 -63.75
N ASP F 220 0.43 9.24 -63.45
CA ASP F 220 0.10 10.19 -62.40
C ASP F 220 -1.04 11.10 -62.82
N LYS F 221 -1.21 11.30 -64.14
CA LYS F 221 -2.25 12.17 -64.65
C LYS F 221 -3.62 11.54 -64.48
N ASP F 222 -3.66 10.22 -64.30
CA ASP F 222 -4.87 9.41 -64.21
C ASP F 222 -5.83 9.97 -63.16
N LYS F 223 -6.99 10.44 -63.64
CA LYS F 223 -8.06 10.98 -62.81
C LYS F 223 -8.57 9.92 -61.83
N GLU F 224 -8.48 8.65 -62.24
CA GLU F 224 -9.01 7.55 -61.46
C GLU F 224 -7.95 6.97 -60.50
N GLN F 225 -6.70 7.37 -60.72
CA GLN F 225 -5.61 7.04 -59.82
C GLN F 225 -5.41 5.53 -59.73
N TRP F 226 -5.28 4.87 -60.87
CA TRP F 226 -5.06 3.44 -60.85
C TRP F 226 -3.66 3.09 -60.35
N LYS F 227 -2.76 4.06 -60.41
CA LYS F 227 -1.41 3.87 -59.93
C LYS F 227 -1.42 3.52 -58.44
N GLU F 228 -2.43 4.03 -57.75
CA GLU F 228 -2.63 3.82 -56.32
C GLU F 228 -2.92 2.36 -56.00
N VAL F 229 -3.49 1.63 -56.95
CA VAL F 229 -3.73 0.21 -56.74
C VAL F 229 -2.39 -0.51 -56.56
N HIS F 230 -1.41 -0.17 -57.41
CA HIS F 230 -0.10 -0.78 -57.26
C HIS F 230 0.58 -0.30 -55.98
N LYS F 231 0.33 0.97 -55.62
CA LYS F 231 0.97 1.49 -54.42
C LYS F 231 0.47 0.73 -53.20
N GLN F 232 -0.80 0.33 -53.27
CA GLN F 232 -1.42 -0.42 -52.20
C GLN F 232 -0.85 -1.83 -52.16
N VAL F 233 -0.41 -2.33 -53.32
CA VAL F 233 0.17 -3.66 -53.38
C VAL F 233 1.51 -3.66 -52.66
N VAL F 234 2.34 -2.66 -52.98
CA VAL F 234 3.65 -2.50 -52.38
C VAL F 234 3.51 -2.34 -50.86
N GLU F 235 2.46 -1.64 -50.45
CA GLU F 235 2.33 -1.22 -49.05
C GLU F 235 1.53 -2.21 -48.21
N SER F 236 0.94 -3.22 -48.86
CA SER F 236 0.08 -4.21 -48.20
C SER F 236 0.81 -4.84 -47.02
N ALA F 237 1.96 -5.44 -47.32
CA ALA F 237 2.75 -6.18 -46.35
C ALA F 237 3.03 -5.31 -45.12
N TYR F 238 3.46 -4.08 -45.39
CA TYR F 238 3.81 -3.16 -44.33
C TYR F 238 2.59 -2.79 -43.50
N GLU F 239 1.46 -2.60 -44.18
CA GLU F 239 0.28 -2.19 -43.44
C GLU F 239 -0.27 -3.33 -42.60
N VAL F 240 -0.25 -4.55 -43.13
CA VAL F 240 -0.71 -5.69 -42.36
C VAL F 240 0.24 -5.91 -41.19
N ILE F 241 1.56 -5.81 -41.43
CA ILE F 241 2.55 -5.95 -40.37
C ILE F 241 2.27 -4.93 -39.28
N LYS F 242 2.02 -3.68 -39.70
CA LYS F 242 1.72 -2.59 -38.78
C LYS F 242 0.51 -2.96 -37.93
N LEU F 243 -0.50 -3.61 -38.54
CA LEU F 243 -1.78 -3.80 -37.88
C LEU F 243 -1.78 -5.06 -37.01
N LYS F 244 -1.17 -6.16 -37.48
CA LYS F 244 -1.28 -7.43 -36.78
C LYS F 244 0.08 -8.06 -36.48
N GLY F 245 1.16 -7.44 -36.95
CA GLY F 245 2.51 -7.86 -36.58
C GLY F 245 3.20 -8.69 -37.65
N TYR F 246 2.41 -9.31 -38.54
CA TYR F 246 2.97 -10.17 -39.57
C TYR F 246 1.90 -10.39 -40.63
N THR F 247 2.29 -11.00 -41.76
CA THR F 247 1.30 -11.52 -42.71
C THR F 247 1.41 -13.03 -42.72
N SER F 248 0.28 -13.71 -42.94
CA SER F 248 0.26 -15.16 -42.89
C SER F 248 -0.70 -15.76 -43.92
N TRP F 249 -1.98 -15.36 -43.86
CA TRP F 249 -3.01 -16.09 -44.56
C TRP F 249 -2.85 -15.99 -46.08
N ALA F 250 -2.57 -14.78 -46.58
CA ALA F 250 -2.50 -14.53 -48.00
C ALA F 250 -1.31 -15.27 -48.63
N ILE F 251 -0.16 -15.17 -47.98
CA ILE F 251 1.04 -15.84 -48.46
C ILE F 251 0.85 -17.36 -48.39
N GLY F 252 0.15 -17.82 -47.35
CA GLY F 252 -0.15 -19.24 -47.18
C GLY F 252 -0.94 -19.80 -48.34
N LEU F 253 -2.03 -19.10 -48.67
CA LEU F 253 -2.89 -19.47 -49.78
C LEU F 253 -2.11 -19.40 -51.09
N SER F 254 -1.31 -18.34 -51.24
CA SER F 254 -0.52 -18.14 -52.45
C SER F 254 0.43 -19.32 -52.67
N VAL F 255 1.07 -19.80 -51.59
CA VAL F 255 2.03 -20.89 -51.62
C VAL F 255 1.31 -22.20 -51.95
N ALA F 256 0.10 -22.40 -51.39
CA ALA F 256 -0.65 -23.62 -51.68
C ALA F 256 -1.08 -23.62 -53.15
N ASP F 257 -1.31 -22.42 -53.67
CA ASP F 257 -1.66 -22.24 -55.07
C ASP F 257 -0.53 -22.77 -55.95
N LEU F 258 0.70 -22.38 -55.60
CA LEU F 258 1.88 -22.81 -56.35
C LEU F 258 2.09 -24.31 -56.17
N ALA F 259 1.94 -24.79 -54.93
CA ALA F 259 2.08 -26.20 -54.60
C ALA F 259 1.12 -27.04 -55.43
N GLU F 260 -0.12 -26.53 -55.60
CA GLU F 260 -1.14 -27.24 -56.35
C GLU F 260 -0.69 -27.46 -57.79
N SER F 261 -0.14 -26.41 -58.41
CA SER F 261 0.31 -26.48 -59.79
C SER F 261 1.48 -27.44 -59.94
N ILE F 262 2.37 -27.45 -58.94
CA ILE F 262 3.54 -28.32 -59.00
C ILE F 262 3.09 -29.78 -58.82
N MET F 263 2.35 -30.07 -57.74
CA MET F 263 1.99 -31.42 -57.35
C MET F 263 1.10 -32.09 -58.40
N LYS F 264 0.19 -31.31 -59.00
CA LYS F 264 -0.79 -31.86 -59.93
C LYS F 264 -0.35 -31.66 -61.39
N ASN F 265 0.85 -31.09 -61.60
CA ASN F 265 1.45 -30.91 -62.91
C ASN F 265 0.50 -30.15 -63.85
N LEU F 266 -0.07 -29.06 -63.36
CA LEU F 266 -1.13 -28.35 -64.06
C LEU F 266 -0.62 -27.59 -65.28
N ARG F 267 0.63 -27.10 -65.21
CA ARG F 267 1.17 -26.23 -66.25
C ARG F 267 0.35 -24.95 -66.33
N ARG F 268 -0.01 -24.43 -65.16
CA ARG F 268 -0.57 -23.11 -65.04
C ARG F 268 0.56 -22.07 -65.02
N VAL F 269 0.18 -20.82 -65.28
CA VAL F 269 1.13 -19.74 -65.35
C VAL F 269 1.05 -18.91 -64.07
N HIS F 270 2.19 -18.74 -63.38
CA HIS F 270 2.28 -17.99 -62.14
C HIS F 270 3.47 -17.06 -62.21
N PRO F 271 3.39 -15.84 -61.64
CA PRO F 271 4.54 -14.94 -61.56
C PRO F 271 5.39 -15.33 -60.35
N VAL F 272 6.52 -16.02 -60.60
CA VAL F 272 7.33 -16.60 -59.55
C VAL F 272 8.78 -16.26 -59.83
N SER F 273 9.64 -16.31 -58.79
CA SER F 273 11.03 -15.91 -58.93
C SER F 273 11.83 -16.99 -59.65
N THR F 274 12.49 -16.57 -60.73
CA THR F 274 13.33 -17.47 -61.49
C THR F 274 14.44 -16.66 -62.15
N MET F 275 15.40 -17.38 -62.72
CA MET F 275 16.50 -16.69 -63.36
C MET F 275 16.02 -16.09 -64.69
N ILE F 276 16.23 -14.79 -64.87
CA ILE F 276 15.76 -14.08 -66.05
C ILE F 276 16.90 -13.57 -66.93
N LYS F 277 18.13 -14.02 -66.63
CA LYS F 277 19.28 -13.70 -67.46
C LYS F 277 18.93 -13.95 -68.93
N GLY F 278 19.24 -12.97 -69.78
CA GLY F 278 19.00 -13.05 -71.22
C GLY F 278 17.68 -12.41 -71.67
N LEU F 279 16.82 -12.03 -70.72
CA LEU F 279 15.58 -11.36 -71.04
C LEU F 279 15.64 -9.89 -70.65
N TYR F 280 15.02 -9.04 -71.47
CA TYR F 280 14.90 -7.60 -71.22
C TYR F 280 16.26 -6.97 -70.99
N GLY F 281 17.31 -7.53 -71.61
CA GLY F 281 18.64 -6.96 -71.59
C GLY F 281 19.35 -7.15 -70.25
N ILE F 282 18.81 -8.02 -69.39
CA ILE F 282 19.48 -8.38 -68.15
C ILE F 282 20.54 -9.42 -68.48
N LYS F 283 21.79 -9.16 -68.02
CA LYS F 283 22.92 -9.97 -68.43
C LYS F 283 23.48 -10.80 -67.27
N ASP F 284 22.95 -10.58 -66.06
CA ASP F 284 23.51 -11.21 -64.86
C ASP F 284 22.54 -12.26 -64.35
N ASP F 285 22.99 -13.01 -63.32
CA ASP F 285 22.26 -14.13 -62.77
C ASP F 285 21.19 -13.63 -61.81
N VAL F 286 20.32 -12.73 -62.29
CA VAL F 286 19.31 -12.15 -61.43
C VAL F 286 18.10 -13.07 -61.41
N PHE F 287 17.53 -13.28 -60.21
CA PHE F 287 16.23 -13.92 -60.10
C PHE F 287 15.18 -12.85 -59.80
N LEU F 288 14.09 -12.85 -60.57
CA LEU F 288 12.91 -12.11 -60.18
C LEU F 288 11.69 -12.75 -60.81
N SER F 289 10.53 -12.16 -60.53
CA SER F 289 9.26 -12.76 -60.95
C SER F 289 8.93 -12.37 -62.39
N VAL F 290 8.72 -13.40 -63.21
CA VAL F 290 8.14 -13.34 -64.53
C VAL F 290 7.08 -14.44 -64.57
N PRO F 291 6.09 -14.40 -65.50
CA PRO F 291 5.11 -15.49 -65.60
C PRO F 291 5.80 -16.76 -66.07
N CYS F 292 5.65 -17.82 -65.28
CA CYS F 292 6.27 -19.11 -65.56
C CYS F 292 5.22 -20.21 -65.60
N ILE F 293 5.47 -21.22 -66.42
CA ILE F 293 4.66 -22.42 -66.48
C ILE F 293 5.16 -23.38 -65.40
N LEU F 294 4.23 -23.75 -64.48
CA LEU F 294 4.56 -24.54 -63.31
C LEU F 294 3.97 -25.94 -63.45
N GLY F 295 4.82 -26.93 -63.22
CA GLY F 295 4.39 -28.31 -63.22
C GLY F 295 5.29 -29.17 -62.36
N GLN F 296 5.26 -30.48 -62.61
CA GLN F 296 5.90 -31.45 -61.75
C GLN F 296 7.42 -31.39 -61.86
N ASN F 297 7.96 -30.66 -62.85
CA ASN F 297 9.40 -30.44 -62.92
C ASN F 297 9.75 -29.02 -62.50
N GLY F 298 8.79 -28.35 -61.85
CA GLY F 298 8.95 -26.96 -61.46
C GLY F 298 8.66 -26.02 -62.62
N ILE F 299 9.58 -25.09 -62.87
CA ILE F 299 9.41 -24.11 -63.92
C ILE F 299 9.96 -24.72 -65.21
N SER F 300 9.04 -25.10 -66.11
CA SER F 300 9.43 -25.68 -67.38
C SER F 300 9.64 -24.62 -68.45
N ASP F 301 8.97 -23.47 -68.29
CA ASP F 301 8.91 -22.44 -69.32
C ASP F 301 8.66 -21.07 -68.69
N LEU F 302 9.10 -20.02 -69.37
CA LEU F 302 8.79 -18.63 -69.04
C LEU F 302 7.93 -18.04 -70.15
N VAL F 303 6.97 -17.21 -69.77
CA VAL F 303 6.27 -16.39 -70.75
C VAL F 303 7.08 -15.11 -70.92
N LYS F 304 7.35 -14.77 -72.18
CA LYS F 304 8.06 -13.55 -72.51
C LYS F 304 7.06 -12.41 -72.66
N VAL F 305 6.71 -11.78 -71.55
CA VAL F 305 5.72 -10.72 -71.59
C VAL F 305 6.28 -9.54 -72.39
N THR F 306 5.44 -8.97 -73.24
CA THR F 306 5.76 -7.73 -73.92
C THR F 306 5.49 -6.55 -72.97
N LEU F 307 6.51 -5.72 -72.78
CA LEU F 307 6.45 -4.60 -71.87
C LEU F 307 6.57 -3.28 -72.59
N THR F 308 5.85 -2.26 -72.12
CA THR F 308 6.14 -0.90 -72.56
C THR F 308 7.58 -0.58 -72.16
N SER F 309 8.20 0.36 -72.87
CA SER F 309 9.57 0.77 -72.57
C SER F 309 9.72 1.18 -71.10
N GLU F 310 8.67 1.78 -70.53
CA GLU F 310 8.71 2.19 -69.14
C GLU F 310 8.58 0.98 -68.23
N GLU F 311 7.64 0.08 -68.53
CA GLU F 311 7.46 -1.16 -67.79
C GLU F 311 8.78 -1.93 -67.83
N GLU F 312 9.44 -1.96 -68.99
CA GLU F 312 10.71 -2.65 -69.11
C GLU F 312 11.80 -1.92 -68.32
N ALA F 313 11.76 -0.59 -68.33
CA ALA F 313 12.72 0.21 -67.58
C ALA F 313 12.61 -0.09 -66.09
N ARG F 314 11.37 -0.18 -65.58
CA ARG F 314 11.11 -0.47 -64.18
C ARG F 314 11.62 -1.86 -63.79
N LEU F 315 11.47 -2.83 -64.72
CA LEU F 315 11.92 -4.20 -64.48
C LEU F 315 13.44 -4.28 -64.49
N LYS F 316 14.10 -3.48 -65.34
CA LYS F 316 15.55 -3.44 -65.37
C LYS F 316 16.07 -2.79 -64.09
N LYS F 317 15.32 -1.81 -63.56
CA LYS F 317 15.64 -1.14 -62.31
C LYS F 317 15.55 -2.12 -61.14
N SER F 318 14.48 -2.94 -61.15
CA SER F 318 14.27 -3.97 -60.15
C SER F 318 15.44 -4.96 -60.23
N ALA F 319 15.82 -5.33 -61.46
CA ALA F 319 16.91 -6.26 -61.68
C ALA F 319 18.22 -5.71 -61.10
N ASP F 320 18.48 -4.42 -61.33
CA ASP F 320 19.70 -3.77 -60.88
C ASP F 320 19.77 -3.77 -59.36
N THR F 321 18.68 -3.35 -58.72
CA THR F 321 18.57 -3.34 -57.25
C THR F 321 19.01 -4.70 -56.71
N LEU F 322 18.39 -5.76 -57.28
CA LEU F 322 18.59 -7.10 -56.78
C LEU F 322 20.02 -7.58 -57.03
N TRP F 323 20.52 -7.29 -58.25
CA TRP F 323 21.87 -7.72 -58.60
C TRP F 323 22.90 -7.00 -57.74
N GLY F 324 22.61 -5.75 -57.40
CA GLY F 324 23.48 -4.98 -56.53
C GLY F 324 23.76 -5.71 -55.22
N ILE F 325 22.72 -6.35 -54.67
CA ILE F 325 22.88 -7.04 -53.41
C ILE F 325 23.48 -8.42 -53.64
N GLN F 326 23.05 -9.07 -54.74
CA GLN F 326 23.45 -10.43 -55.06
C GLN F 326 24.95 -10.51 -55.27
N LYS F 327 25.53 -9.53 -55.95
CA LYS F 327 26.95 -9.55 -56.29
C LYS F 327 27.79 -9.51 -55.02
N GLU F 328 27.27 -9.00 -53.92
CA GLU F 328 28.06 -8.84 -52.72
C GLU F 328 28.09 -10.12 -51.87
N LEU F 329 27.30 -11.12 -52.27
CA LEU F 329 27.05 -12.28 -51.43
C LEU F 329 28.22 -13.25 -51.46
N GLN F 330 28.48 -13.85 -50.32
CA GLN F 330 29.71 -14.51 -49.95
C GLN F 330 29.49 -16.01 -49.74
N PHE F 331 30.06 -16.79 -50.68
CA PHE F 331 30.25 -18.22 -50.48
C PHE F 331 31.77 -18.54 -50.31
N ALA G 1 10.78 -18.22 -83.62
CA ALA G 1 10.26 -17.87 -84.98
C ALA G 1 8.75 -18.08 -85.02
N THR G 2 8.30 -19.22 -84.49
CA THR G 2 6.89 -19.56 -84.37
C THR G 2 6.22 -18.68 -83.31
N LEU G 3 4.89 -18.61 -83.31
CA LEU G 3 4.12 -17.89 -82.29
C LEU G 3 4.45 -18.44 -80.90
N LYS G 4 4.51 -19.77 -80.80
CA LYS G 4 4.81 -20.44 -79.54
C LYS G 4 6.15 -19.94 -78.98
N ASP G 5 7.15 -19.84 -79.86
CA ASP G 5 8.50 -19.42 -79.48
C ASP G 5 8.56 -17.92 -79.15
N GLN G 6 7.77 -17.12 -79.85
CA GLN G 6 7.68 -15.69 -79.56
C GLN G 6 7.07 -15.49 -78.17
N LEU G 7 6.13 -16.36 -77.80
CA LEU G 7 5.35 -16.16 -76.58
C LEU G 7 6.04 -16.81 -75.39
N ILE G 8 6.67 -17.97 -75.61
CA ILE G 8 7.13 -18.81 -74.51
C ILE G 8 8.62 -19.10 -74.66
N TYR G 9 9.41 -18.85 -73.60
CA TYR G 9 10.79 -19.30 -73.55
C TYR G 9 10.87 -20.60 -72.79
N ASN G 10 11.45 -21.63 -73.42
CA ASN G 10 11.52 -22.98 -72.93
C ASN G 10 12.84 -23.17 -72.20
N LEU G 11 12.80 -23.69 -70.98
CA LEU G 11 13.99 -24.08 -70.24
C LEU G 11 14.27 -25.57 -70.46
N LEU G 12 13.19 -26.36 -70.52
CA LEU G 12 13.26 -27.78 -70.29
C LEU G 12 12.45 -28.53 -71.34
N LYS G 13 13.07 -29.54 -71.96
CA LYS G 13 12.38 -30.37 -72.94
C LYS G 13 12.16 -31.77 -72.36
N GLU G 14 13.26 -32.33 -71.82
CA GLU G 14 13.25 -33.71 -71.34
C GLU G 14 12.50 -33.88 -70.01
N GLU G 15 11.36 -34.57 -70.09
CA GLU G 15 10.45 -34.89 -69.01
C GLU G 15 9.47 -35.94 -69.48
N GLN G 16 8.89 -36.62 -68.51
CA GLN G 16 7.85 -37.63 -68.73
C GLN G 16 7.24 -38.09 -67.43
N THR G 17 6.99 -39.39 -67.36
CA THR G 17 6.30 -40.28 -66.47
C THR G 17 5.22 -39.70 -65.58
N PRO G 18 3.95 -40.18 -65.68
CA PRO G 18 2.87 -39.73 -64.78
C PRO G 18 3.14 -40.25 -63.36
N GLN G 19 2.79 -39.44 -62.38
CA GLN G 19 3.06 -39.78 -60.99
C GLN G 19 1.83 -40.36 -60.32
N ASN G 20 0.64 -40.05 -60.84
CA ASN G 20 -0.60 -40.42 -60.19
C ASN G 20 -1.63 -40.79 -61.25
N LYS G 21 -1.30 -41.77 -62.09
CA LYS G 21 -2.11 -42.09 -63.25
C LYS G 21 -3.15 -43.14 -62.89
N ILE G 22 -4.38 -42.91 -63.38
CA ILE G 22 -5.46 -43.88 -63.26
C ILE G 22 -5.94 -44.26 -64.65
N THR G 23 -6.14 -45.56 -64.86
CA THR G 23 -6.72 -46.08 -66.07
C THR G 23 -8.11 -46.64 -65.77
N VAL G 24 -9.07 -46.30 -66.63
CA VAL G 24 -10.38 -46.94 -66.61
C VAL G 24 -10.51 -47.75 -67.90
N VAL G 25 -10.67 -49.06 -67.73
CA VAL G 25 -10.91 -49.97 -68.84
C VAL G 25 -12.42 -50.16 -68.96
N GLY G 26 -12.97 -49.88 -70.15
CA GLY G 26 -14.40 -49.90 -70.39
C GLY G 26 -15.02 -48.51 -70.30
N VAL G 27 -15.61 -48.02 -71.39
CA VAL G 27 -16.22 -46.69 -71.41
C VAL G 27 -17.73 -46.80 -71.58
N GLY G 28 -18.29 -47.88 -71.01
CA GLY G 28 -19.73 -48.00 -70.81
C GLY G 28 -20.18 -47.02 -69.73
N ALA G 29 -21.48 -47.04 -69.38
CA ALA G 29 -22.02 -46.05 -68.46
C ALA G 29 -21.26 -46.07 -67.13
N VAL G 30 -20.87 -47.28 -66.71
CA VAL G 30 -20.18 -47.45 -65.44
C VAL G 30 -18.78 -46.85 -65.52
N GLY G 31 -18.06 -47.21 -66.58
CA GLY G 31 -16.70 -46.70 -66.80
C GLY G 31 -16.64 -45.19 -66.79
N MET G 32 -17.61 -44.57 -67.46
CA MET G 32 -17.59 -43.13 -67.62
C MET G 32 -18.04 -42.44 -66.35
N ALA G 33 -18.89 -43.09 -65.55
CA ALA G 33 -19.28 -42.54 -64.25
C ALA G 33 -18.09 -42.60 -63.29
N CYS G 34 -17.27 -43.66 -63.40
CA CYS G 34 -16.03 -43.76 -62.66
C CYS G 34 -15.09 -42.64 -63.09
N ALA G 35 -14.98 -42.42 -64.41
CA ALA G 35 -14.10 -41.42 -64.99
C ALA G 35 -14.46 -40.02 -64.47
N ILE G 36 -15.73 -39.61 -64.62
CA ILE G 36 -16.15 -38.28 -64.24
C ILE G 36 -15.95 -38.06 -62.74
N SER G 37 -16.27 -39.09 -61.94
CA SER G 37 -16.18 -39.02 -60.50
C SER G 37 -14.73 -38.83 -60.07
N ILE G 38 -13.82 -39.58 -60.71
CA ILE G 38 -12.40 -39.47 -60.43
C ILE G 38 -11.87 -38.11 -60.89
N LEU G 39 -12.32 -37.64 -62.06
CA LEU G 39 -11.86 -36.36 -62.56
C LEU G 39 -12.26 -35.24 -61.61
N MET G 40 -13.45 -35.34 -61.02
CA MET G 40 -13.93 -34.24 -60.22
C MET G 40 -13.42 -34.32 -58.78
N LYS G 41 -12.76 -35.43 -58.41
CA LYS G 41 -12.20 -35.55 -57.08
C LYS G 41 -10.68 -35.33 -57.09
N ASP G 42 -10.12 -35.01 -58.27
CA ASP G 42 -8.73 -34.65 -58.50
C ASP G 42 -7.78 -35.77 -58.05
N LEU G 43 -8.14 -37.02 -58.33
CA LEU G 43 -7.37 -38.15 -57.81
C LEU G 43 -6.19 -38.49 -58.72
N ALA G 44 -6.17 -37.94 -59.94
CA ALA G 44 -5.22 -38.36 -60.96
C ALA G 44 -4.57 -37.16 -61.65
N ASP G 45 -3.30 -37.31 -62.04
CA ASP G 45 -2.59 -36.35 -62.87
C ASP G 45 -2.71 -36.76 -64.34
N GLU G 46 -3.14 -38.00 -64.57
CA GLU G 46 -3.38 -38.51 -65.91
C GLU G 46 -4.48 -39.56 -65.84
N LEU G 47 -5.47 -39.44 -66.73
CA LEU G 47 -6.52 -40.44 -66.87
C LEU G 47 -6.42 -41.06 -68.26
N ALA G 48 -6.36 -42.39 -68.29
CA ALA G 48 -6.39 -43.13 -69.54
C ALA G 48 -7.68 -43.93 -69.63
N LEU G 49 -8.33 -43.90 -70.79
CA LEU G 49 -9.49 -44.74 -71.05
C LEU G 49 -9.11 -45.76 -72.12
N VAL G 50 -9.57 -47.00 -71.91
CA VAL G 50 -9.36 -48.04 -72.92
C VAL G 50 -10.69 -48.78 -73.16
N ASP G 51 -10.96 -49.07 -74.44
CA ASP G 51 -12.07 -49.91 -74.82
C ASP G 51 -11.77 -50.53 -76.18
N VAL G 52 -12.71 -51.34 -76.69
CA VAL G 52 -12.56 -51.97 -77.99
C VAL G 52 -13.34 -51.19 -79.05
N ILE G 53 -14.38 -50.47 -78.63
CA ILE G 53 -15.18 -49.67 -79.53
C ILE G 53 -14.49 -48.32 -79.71
N GLU G 54 -13.91 -48.12 -80.90
CA GLU G 54 -12.95 -47.05 -81.10
C GLU G 54 -13.64 -45.70 -81.23
N ASP G 55 -14.80 -45.69 -81.89
CA ASP G 55 -15.55 -44.46 -82.08
C ASP G 55 -16.03 -43.90 -80.76
N LYS G 56 -16.69 -44.76 -79.96
CA LYS G 56 -17.22 -44.40 -78.67
C LYS G 56 -16.11 -43.90 -77.75
N LEU G 57 -14.97 -44.60 -77.80
CA LEU G 57 -13.82 -44.34 -76.95
C LEU G 57 -13.30 -42.93 -77.20
N LYS G 58 -13.07 -42.61 -78.48
CA LYS G 58 -12.55 -41.30 -78.86
C LYS G 58 -13.55 -40.20 -78.48
N GLY G 59 -14.85 -40.48 -78.68
CA GLY G 59 -15.89 -39.50 -78.37
C GLY G 59 -15.92 -39.14 -76.88
N GLU G 60 -15.83 -40.18 -76.04
CA GLU G 60 -15.84 -40.03 -74.59
C GLU G 60 -14.63 -39.21 -74.15
N MET G 61 -13.44 -39.60 -74.62
CA MET G 61 -12.20 -38.90 -74.33
C MET G 61 -12.37 -37.41 -74.66
N MET G 62 -12.80 -37.11 -75.88
CA MET G 62 -12.98 -35.74 -76.35
C MET G 62 -13.96 -34.97 -75.47
N ASP G 63 -15.07 -35.61 -75.06
CA ASP G 63 -16.07 -34.92 -74.25
C ASP G 63 -15.45 -34.47 -72.93
N LEU G 64 -14.66 -35.37 -72.32
CA LEU G 64 -13.98 -35.07 -71.08
C LEU G 64 -12.96 -33.96 -71.32
N GLN G 65 -12.20 -34.08 -72.41
CA GLN G 65 -11.16 -33.12 -72.74
C GLN G 65 -11.72 -31.70 -72.89
N HIS G 66 -12.93 -31.59 -73.46
CA HIS G 66 -13.51 -30.27 -73.68
C HIS G 66 -13.84 -29.57 -72.36
N GLY G 67 -13.91 -30.36 -71.28
CA GLY G 67 -14.21 -29.80 -69.98
C GLY G 67 -12.97 -29.55 -69.12
N SER G 68 -11.78 -29.61 -69.76
CA SER G 68 -10.50 -29.53 -69.08
C SER G 68 -10.37 -28.24 -68.27
N LEU G 69 -10.99 -27.16 -68.77
CA LEU G 69 -10.96 -25.87 -68.11
C LEU G 69 -11.45 -26.00 -66.67
N PHE G 70 -12.37 -26.95 -66.45
CA PHE G 70 -13.07 -27.06 -65.17
C PHE G 70 -12.52 -28.20 -64.32
N LEU G 71 -11.45 -28.83 -64.79
CA LEU G 71 -10.83 -29.94 -64.08
C LEU G 71 -9.40 -29.59 -63.71
N ARG G 72 -8.79 -30.48 -62.92
CA ARG G 72 -7.41 -30.34 -62.51
C ARG G 72 -6.66 -31.63 -62.81
N THR G 73 -7.10 -32.30 -63.88
CA THR G 73 -6.37 -33.45 -64.41
C THR G 73 -5.88 -33.06 -65.80
N PRO G 74 -4.58 -32.76 -65.96
CA PRO G 74 -4.08 -32.13 -67.19
C PRO G 74 -3.96 -33.05 -68.40
N LYS G 75 -3.93 -34.37 -68.18
CA LYS G 75 -3.76 -35.29 -69.29
C LYS G 75 -4.85 -36.35 -69.29
N ILE G 76 -5.66 -36.34 -70.35
CA ILE G 76 -6.67 -37.36 -70.60
C ILE G 76 -6.33 -37.99 -71.96
N VAL G 77 -6.13 -39.32 -71.93
CA VAL G 77 -5.81 -40.05 -73.14
C VAL G 77 -6.75 -41.25 -73.26
N SER G 78 -6.88 -41.76 -74.50
CA SER G 78 -7.60 -42.99 -74.77
C SER G 78 -6.94 -43.74 -75.92
N GLY G 79 -7.26 -45.03 -76.01
CA GLY G 79 -6.76 -45.87 -77.09
C GLY G 79 -7.24 -47.31 -76.92
N LYS G 80 -7.36 -48.01 -78.03
CA LYS G 80 -7.55 -49.45 -78.10
C LYS G 80 -6.32 -50.15 -77.55
N ASP G 81 -5.15 -49.56 -77.82
CA ASP G 81 -3.88 -50.13 -77.46
C ASP G 81 -3.61 -49.83 -75.98
N TYR G 82 -3.19 -50.85 -75.23
CA TYR G 82 -2.96 -50.73 -73.79
C TYR G 82 -1.70 -49.94 -73.45
N ASN G 83 -0.98 -49.47 -74.46
CA ASN G 83 0.21 -48.69 -74.17
C ASN G 83 -0.17 -47.31 -73.61
N VAL G 84 -1.42 -46.88 -73.83
CA VAL G 84 -1.90 -45.62 -73.27
C VAL G 84 -2.06 -45.78 -71.75
N THR G 85 -1.94 -47.01 -71.24
CA THR G 85 -2.24 -47.35 -69.86
C THR G 85 -0.97 -47.35 -69.01
N ALA G 86 0.18 -47.14 -69.63
CA ALA G 86 1.48 -47.38 -69.01
C ALA G 86 1.68 -46.54 -67.74
N ASN G 87 2.24 -47.18 -66.72
CA ASN G 87 2.60 -46.56 -65.44
C ASN G 87 1.38 -46.06 -64.69
N SER G 88 0.29 -46.79 -64.76
CA SER G 88 -0.87 -46.50 -63.93
C SER G 88 -0.59 -46.94 -62.49
N LYS G 89 -1.02 -46.12 -61.53
CA LYS G 89 -1.01 -46.53 -60.14
C LYS G 89 -2.21 -47.44 -59.86
N LEU G 90 -3.31 -47.13 -60.53
CA LEU G 90 -4.58 -47.80 -60.31
C LEU G 90 -5.26 -48.01 -61.66
N VAL G 91 -5.68 -49.26 -61.90
CA VAL G 91 -6.38 -49.63 -63.13
C VAL G 91 -7.75 -50.18 -62.73
N ILE G 92 -8.81 -49.51 -63.21
CA ILE G 92 -10.16 -49.88 -62.88
C ILE G 92 -10.80 -50.60 -64.07
N ILE G 93 -11.19 -51.86 -63.86
CA ILE G 93 -11.77 -52.67 -64.92
C ILE G 93 -13.30 -52.62 -64.81
N THR G 94 -13.95 -52.03 -65.83
CA THR G 94 -15.39 -51.96 -65.88
C THR G 94 -15.91 -52.61 -67.17
N ALA G 95 -15.01 -53.21 -67.94
CA ALA G 95 -15.37 -53.77 -69.23
C ALA G 95 -16.02 -55.14 -69.04
N GLY G 96 -16.85 -55.52 -70.03
CA GLY G 96 -17.51 -56.79 -70.00
C GLY G 96 -19.02 -56.65 -70.23
N ALA G 97 -19.70 -57.80 -70.15
CA ALA G 97 -21.15 -57.82 -70.21
C ALA G 97 -21.70 -57.39 -68.86
N ARG G 98 -22.85 -56.72 -68.86
CA ARG G 98 -23.53 -56.37 -67.62
C ARG G 98 -24.94 -56.97 -67.65
N GLN G 99 -25.55 -57.08 -66.47
CA GLN G 99 -26.79 -57.85 -66.37
C GLN G 99 -27.97 -57.03 -66.95
N GLN G 100 -28.85 -57.74 -67.61
CA GLN G 100 -30.11 -57.20 -68.08
C GLN G 100 -31.11 -57.38 -66.93
N GLU G 101 -32.32 -56.84 -67.21
CA GLU G 101 -33.48 -56.99 -66.38
C GLU G 101 -33.68 -58.48 -66.13
N GLY G 102 -33.73 -58.84 -64.85
CA GLY G 102 -33.97 -60.21 -64.42
C GLY G 102 -32.70 -61.06 -64.32
N GLU G 103 -31.57 -60.59 -64.88
CA GLU G 103 -30.39 -61.44 -65.04
C GLU G 103 -29.49 -61.32 -63.80
N SER G 104 -29.13 -62.49 -63.25
CA SER G 104 -28.16 -62.57 -62.15
C SER G 104 -26.77 -62.18 -62.65
N ARG G 105 -26.03 -61.45 -61.85
CA ARG G 105 -24.64 -61.11 -62.16
C ARG G 105 -23.82 -62.38 -62.39
N LEU G 106 -24.20 -63.48 -61.74
CA LEU G 106 -23.45 -64.73 -61.82
C LEU G 106 -23.57 -65.31 -63.24
N ASN G 107 -24.55 -64.82 -64.01
CA ASN G 107 -24.81 -65.30 -65.36
C ASN G 107 -23.83 -64.69 -66.36
N LEU G 108 -23.06 -63.69 -65.91
CA LEU G 108 -22.10 -62.99 -66.76
C LEU G 108 -20.74 -63.69 -66.74
N VAL G 109 -20.61 -64.80 -65.99
CA VAL G 109 -19.29 -65.22 -65.54
C VAL G 109 -18.39 -65.62 -66.71
N GLN G 110 -18.88 -66.51 -67.57
CA GLN G 110 -18.03 -67.07 -68.59
C GLN G 110 -17.66 -66.04 -69.64
N ARG G 111 -18.63 -65.17 -69.97
CA ARG G 111 -18.42 -64.12 -70.95
C ARG G 111 -17.31 -63.20 -70.48
N ASN G 112 -17.40 -62.80 -69.20
CA ASN G 112 -16.48 -61.81 -68.68
C ASN G 112 -15.14 -62.44 -68.31
N VAL G 113 -15.12 -63.74 -67.98
CA VAL G 113 -13.86 -64.44 -67.74
C VAL G 113 -13.06 -64.43 -69.04
N ASN G 114 -13.75 -64.69 -70.15
CA ASN G 114 -13.09 -64.70 -71.46
C ASN G 114 -12.48 -63.33 -71.74
N ILE G 115 -13.23 -62.27 -71.43
CA ILE G 115 -12.80 -60.90 -71.67
C ILE G 115 -11.55 -60.60 -70.85
N PHE G 116 -11.56 -61.05 -69.58
CA PHE G 116 -10.48 -60.80 -68.63
C PHE G 116 -9.19 -61.46 -69.08
N LYS G 117 -9.31 -62.61 -69.77
CA LYS G 117 -8.16 -63.31 -70.32
C LYS G 117 -7.38 -62.43 -71.30
N PHE G 118 -8.06 -61.46 -71.90
CA PHE G 118 -7.42 -60.53 -72.82
C PHE G 118 -6.95 -59.29 -72.07
N ILE G 119 -7.82 -58.76 -71.20
CA ILE G 119 -7.63 -57.46 -70.58
C ILE G 119 -6.49 -57.51 -69.58
N ILE G 120 -6.53 -58.50 -68.66
CA ILE G 120 -5.70 -58.46 -67.47
C ILE G 120 -4.21 -58.52 -67.85
N PRO G 121 -3.77 -59.46 -68.72
CA PRO G 121 -2.36 -59.53 -69.12
C PRO G 121 -1.84 -58.26 -69.78
N ASN G 122 -2.73 -57.57 -70.51
CA ASN G 122 -2.38 -56.33 -71.17
C ASN G 122 -2.19 -55.19 -70.17
N VAL G 123 -3.08 -55.14 -69.17
CA VAL G 123 -2.97 -54.15 -68.10
C VAL G 123 -1.64 -54.35 -67.37
N VAL G 124 -1.35 -55.61 -67.03
CA VAL G 124 -0.18 -55.97 -66.23
C VAL G 124 1.09 -55.68 -67.01
N LYS G 125 1.06 -55.91 -68.33
CA LYS G 125 2.19 -55.65 -69.20
C LYS G 125 2.69 -54.21 -69.00
N TYR G 126 1.76 -53.24 -69.00
CA TYR G 126 2.10 -51.83 -69.07
C TYR G 126 2.15 -51.14 -67.71
N SER G 127 1.48 -51.73 -66.69
CA SER G 127 1.50 -51.20 -65.34
C SER G 127 1.69 -52.34 -64.35
N PRO G 128 2.87 -52.97 -64.28
CA PRO G 128 3.07 -54.14 -63.44
C PRO G 128 2.91 -53.88 -61.94
N ASN G 129 3.03 -52.61 -61.52
CA ASN G 129 3.00 -52.31 -60.10
C ASN G 129 1.69 -51.63 -59.70
N CYS G 130 0.69 -51.69 -60.59
CA CYS G 130 -0.56 -51.02 -60.31
C CYS G 130 -1.36 -51.80 -59.27
N LYS G 131 -2.38 -51.16 -58.72
CA LYS G 131 -3.46 -51.85 -58.05
C LYS G 131 -4.56 -52.06 -59.07
N LEU G 132 -5.16 -53.26 -59.06
CA LEU G 132 -6.29 -53.60 -59.90
C LEU G 132 -7.56 -53.44 -59.09
N LEU G 133 -8.48 -52.58 -59.55
CA LEU G 133 -9.79 -52.47 -58.95
C LEU G 133 -10.81 -53.02 -59.93
N ILE G 134 -11.40 -54.17 -59.59
CA ILE G 134 -12.34 -54.87 -60.46
C ILE G 134 -13.75 -54.38 -60.14
N VAL G 135 -14.49 -53.96 -61.18
CA VAL G 135 -15.85 -53.47 -61.00
C VAL G 135 -16.82 -54.36 -61.80
N SER G 136 -16.31 -54.98 -62.88
CA SER G 136 -17.07 -55.89 -63.74
C SER G 136 -17.67 -57.02 -62.89
N ASN G 137 -18.84 -57.51 -63.34
CA ASN G 137 -19.61 -58.47 -62.56
C ASN G 137 -19.50 -59.86 -63.18
N PRO G 138 -19.63 -60.96 -62.41
CA PRO G 138 -19.76 -60.90 -60.95
C PRO G 138 -18.41 -60.54 -60.32
N VAL G 139 -18.40 -59.43 -59.58
CA VAL G 139 -17.16 -58.77 -59.17
C VAL G 139 -16.33 -59.69 -58.28
N ASP G 140 -16.99 -60.53 -57.47
CA ASP G 140 -16.27 -61.33 -56.48
C ASP G 140 -15.48 -62.43 -57.18
N ILE G 141 -16.12 -63.09 -58.14
CA ILE G 141 -15.48 -64.13 -58.92
C ILE G 141 -14.42 -63.49 -59.84
N LEU G 142 -14.77 -62.36 -60.47
CA LEU G 142 -13.87 -61.72 -61.41
C LEU G 142 -12.64 -61.13 -60.72
N THR G 143 -12.75 -60.80 -59.42
CA THR G 143 -11.60 -60.35 -58.66
C THR G 143 -10.62 -61.51 -58.51
N TYR G 144 -11.16 -62.69 -58.20
CA TYR G 144 -10.41 -63.92 -58.11
C TYR G 144 -9.74 -64.20 -59.45
N VAL G 145 -10.49 -64.03 -60.54
CA VAL G 145 -9.98 -64.27 -61.88
C VAL G 145 -8.82 -63.33 -62.18
N ALA G 146 -9.02 -62.03 -61.92
CA ALA G 146 -7.98 -61.04 -62.16
C ALA G 146 -6.74 -61.37 -61.34
N TRP G 147 -6.93 -61.96 -60.15
CA TRP G 147 -5.84 -62.31 -59.27
C TRP G 147 -5.03 -63.47 -59.86
N LYS G 148 -5.74 -64.51 -60.31
CA LYS G 148 -5.12 -65.68 -60.92
C LYS G 148 -4.39 -65.28 -62.20
N ILE G 149 -5.03 -64.45 -63.04
CA ILE G 149 -4.47 -64.12 -64.34
C ILE G 149 -3.26 -63.21 -64.19
N SER G 150 -3.40 -62.15 -63.38
CA SER G 150 -2.37 -61.12 -63.23
C SER G 150 -1.10 -61.67 -62.59
N GLY G 151 -1.25 -62.59 -61.63
CA GLY G 151 -0.14 -63.10 -60.83
C GLY G 151 0.28 -62.12 -59.74
N PHE G 152 -0.55 -61.09 -59.52
CA PHE G 152 -0.29 -60.07 -58.51
C PHE G 152 -0.47 -60.67 -57.12
N PRO G 153 0.19 -60.10 -56.09
CA PRO G 153 -0.13 -60.43 -54.70
C PRO G 153 -1.56 -59.97 -54.45
N LYS G 154 -2.23 -60.60 -53.48
CA LYS G 154 -3.66 -60.45 -53.31
C LYS G 154 -4.01 -59.04 -52.82
N ASN G 155 -3.03 -58.33 -52.24
CA ASN G 155 -3.29 -56.99 -51.75
C ASN G 155 -3.53 -56.00 -52.89
N ARG G 156 -3.05 -56.34 -54.09
CA ARG G 156 -3.14 -55.43 -55.23
C ARG G 156 -4.28 -55.82 -56.18
N VAL G 157 -5.18 -56.71 -55.75
CA VAL G 157 -6.34 -57.03 -56.55
C VAL G 157 -7.59 -56.87 -55.68
N ILE G 158 -8.38 -55.83 -55.98
CA ILE G 158 -9.48 -55.38 -55.13
C ILE G 158 -10.74 -55.38 -55.99
N GLY G 159 -11.82 -56.00 -55.49
CA GLY G 159 -13.11 -55.90 -56.15
C GLY G 159 -13.97 -54.84 -55.46
N SER G 160 -14.69 -54.04 -56.25
CA SER G 160 -15.53 -52.97 -55.72
C SER G 160 -16.51 -53.53 -54.69
N GLY G 161 -16.88 -54.80 -54.88
CA GLY G 161 -17.57 -55.59 -53.87
C GLY G 161 -18.83 -54.90 -53.34
N CYS G 162 -18.95 -54.90 -52.01
CA CYS G 162 -20.16 -54.43 -51.36
C CYS G 162 -20.04 -52.99 -50.85
N ASN G 163 -19.06 -52.23 -51.37
CA ASN G 163 -18.91 -50.82 -51.02
C ASN G 163 -20.23 -50.11 -51.35
N LEU G 164 -20.79 -50.43 -52.52
CA LEU G 164 -22.02 -49.81 -52.97
C LEU G 164 -23.22 -50.34 -52.18
N ASP G 165 -23.25 -51.65 -51.92
CA ASP G 165 -24.35 -52.27 -51.17
C ASP G 165 -24.45 -51.63 -49.80
N SER G 166 -23.30 -51.42 -49.15
CA SER G 166 -23.26 -50.82 -47.83
C SER G 166 -23.73 -49.36 -47.91
N ALA G 167 -23.34 -48.66 -48.99
CA ALA G 167 -23.74 -47.28 -49.22
C ALA G 167 -25.26 -47.17 -49.35
N ARG G 168 -25.85 -48.09 -50.12
CA ARG G 168 -27.28 -48.16 -50.29
C ARG G 168 -27.95 -48.43 -48.94
N PHE G 169 -27.39 -49.42 -48.21
CA PHE G 169 -27.89 -49.82 -46.91
C PHE G 169 -27.97 -48.63 -45.98
N ARG G 170 -26.88 -47.86 -45.94
CA ARG G 170 -26.79 -46.71 -45.05
C ARG G 170 -27.72 -45.60 -45.49
N TYR G 171 -27.95 -45.49 -46.81
CA TYR G 171 -28.89 -44.50 -47.31
C TYR G 171 -30.29 -44.81 -46.78
N LEU G 172 -30.70 -46.08 -46.92
CA LEU G 172 -32.02 -46.51 -46.53
C LEU G 172 -32.18 -46.47 -45.01
N MET G 173 -31.12 -46.86 -44.29
CA MET G 173 -31.08 -46.76 -42.83
C MET G 173 -31.36 -45.31 -42.44
N GLY G 174 -30.65 -44.38 -43.08
CA GLY G 174 -30.78 -42.96 -42.81
C GLY G 174 -32.18 -42.43 -43.08
N GLU G 175 -32.81 -42.93 -44.16
CA GLU G 175 -34.15 -42.53 -44.54
C GLU G 175 -35.12 -42.87 -43.43
N ARG G 176 -34.98 -44.08 -42.88
CA ARG G 176 -35.86 -44.57 -41.83
C ARG G 176 -35.65 -43.80 -40.53
N LEU G 177 -34.39 -43.44 -40.22
CA LEU G 177 -34.08 -42.91 -38.90
C LEU G 177 -34.06 -41.38 -38.87
N GLY G 178 -34.04 -40.74 -40.04
CA GLY G 178 -33.96 -39.28 -40.14
C GLY G 178 -32.56 -38.77 -39.81
N VAL G 179 -31.56 -39.55 -40.22
CA VAL G 179 -30.15 -39.23 -39.99
C VAL G 179 -29.41 -39.31 -41.32
N HIS G 180 -28.42 -38.43 -41.52
CA HIS G 180 -27.60 -38.50 -42.71
C HIS G 180 -26.90 -39.86 -42.76
N PRO G 181 -26.80 -40.49 -43.95
CA PRO G 181 -26.10 -41.77 -44.08
C PRO G 181 -24.71 -41.79 -43.47
N LEU G 182 -24.06 -40.63 -43.44
CA LEU G 182 -22.70 -40.53 -42.90
C LEU G 182 -22.69 -40.95 -41.43
N SER G 183 -23.81 -40.70 -40.74
CA SER G 183 -23.92 -40.99 -39.30
C SER G 183 -24.66 -42.30 -39.04
N CYS G 184 -25.03 -43.03 -40.10
CA CYS G 184 -25.66 -44.33 -40.03
C CYS G 184 -24.65 -45.41 -40.41
N HIS G 185 -24.41 -46.38 -39.51
CA HIS G 185 -23.39 -47.36 -39.72
C HIS G 185 -24.02 -48.74 -39.80
N GLY G 186 -23.46 -49.57 -40.69
CA GLY G 186 -23.99 -50.88 -41.00
C GLY G 186 -23.30 -51.44 -42.25
N TRP G 187 -22.98 -52.72 -42.20
CA TRP G 187 -22.17 -53.36 -43.22
C TRP G 187 -22.98 -54.45 -43.92
N VAL G 188 -22.91 -54.44 -45.26
CA VAL G 188 -23.37 -55.55 -46.07
C VAL G 188 -22.13 -56.24 -46.64
N LEU G 189 -21.96 -57.52 -46.33
CA LEU G 189 -20.77 -58.27 -46.68
C LEU G 189 -21.10 -59.47 -47.55
N GLY G 190 -20.07 -60.19 -48.00
CA GLY G 190 -20.24 -61.36 -48.83
C GLY G 190 -20.30 -61.00 -50.33
N GLU G 191 -21.20 -61.68 -51.06
CA GLU G 191 -21.39 -61.47 -52.47
C GLU G 191 -22.03 -60.11 -52.72
N HIS G 192 -21.46 -59.39 -53.69
CA HIS G 192 -22.16 -58.26 -54.27
C HIS G 192 -23.24 -58.84 -55.17
N GLY G 193 -24.38 -59.15 -54.58
CA GLY G 193 -25.44 -59.86 -55.29
C GLY G 193 -26.49 -60.37 -54.33
N ASP G 194 -27.20 -61.41 -54.76
CA ASP G 194 -28.40 -61.88 -54.10
C ASP G 194 -28.11 -62.46 -52.71
N SER G 195 -26.89 -62.97 -52.50
CA SER G 195 -26.55 -63.65 -51.25
C SER G 195 -25.77 -62.73 -50.29
N SER G 196 -25.92 -61.42 -50.45
CA SER G 196 -25.25 -60.49 -49.55
C SER G 196 -25.76 -60.65 -48.11
N VAL G 197 -24.90 -60.34 -47.14
CA VAL G 197 -25.17 -60.56 -45.74
C VAL G 197 -25.19 -59.21 -45.00
N PRO G 198 -26.35 -58.78 -44.47
CA PRO G 198 -26.43 -57.58 -43.64
C PRO G 198 -26.03 -57.92 -42.21
N VAL G 199 -25.06 -57.17 -41.67
CA VAL G 199 -24.54 -57.43 -40.34
C VAL G 199 -25.34 -56.59 -39.33
N TRP G 200 -26.48 -57.13 -38.92
CA TRP G 200 -27.42 -56.50 -37.99
C TRP G 200 -26.71 -56.18 -36.68
N SER G 201 -25.78 -57.05 -36.27
CA SER G 201 -25.08 -56.90 -35.00
C SER G 201 -24.25 -55.61 -34.95
N GLY G 202 -23.87 -55.11 -36.14
CA GLY G 202 -22.96 -53.97 -36.27
C GLY G 202 -23.69 -52.65 -36.53
N MET G 203 -24.99 -52.71 -36.82
CA MET G 203 -25.78 -51.55 -37.17
C MET G 203 -25.89 -50.62 -35.96
N ASN G 204 -25.54 -49.34 -36.17
CA ASN G 204 -25.53 -48.41 -35.05
C ASN G 204 -25.62 -46.97 -35.56
N VAL G 205 -26.11 -46.10 -34.66
CA VAL G 205 -26.01 -44.66 -34.81
C VAL G 205 -25.33 -44.14 -33.54
N ALA G 206 -24.31 -43.30 -33.72
CA ALA G 206 -23.56 -42.69 -32.63
C ALA G 206 -23.08 -43.75 -31.63
N GLY G 207 -22.77 -44.94 -32.11
CA GLY G 207 -22.20 -46.00 -31.31
C GLY G 207 -23.25 -46.82 -30.55
N VAL G 208 -24.53 -46.47 -30.74
CA VAL G 208 -25.63 -47.16 -30.07
C VAL G 208 -26.10 -48.31 -30.94
N SER G 209 -25.91 -49.55 -30.46
CA SER G 209 -26.31 -50.74 -31.19
C SER G 209 -27.83 -50.80 -31.37
N LEU G 210 -28.25 -50.89 -32.64
CA LEU G 210 -29.67 -50.93 -32.97
C LEU G 210 -30.28 -52.27 -32.56
N LYS G 211 -29.47 -53.34 -32.66
CA LYS G 211 -29.92 -54.67 -32.28
C LYS G 211 -30.15 -54.76 -30.78
N THR G 212 -29.33 -54.02 -30.01
CA THR G 212 -29.50 -53.92 -28.56
C THR G 212 -30.83 -53.26 -28.24
N LEU G 213 -31.13 -52.17 -28.95
CA LEU G 213 -32.36 -51.42 -28.74
C LEU G 213 -33.57 -52.23 -29.20
N HIS G 214 -33.37 -53.05 -30.25
CA HIS G 214 -34.46 -53.72 -30.93
C HIS G 214 -34.00 -55.12 -31.33
N PRO G 215 -34.09 -56.11 -30.41
CA PRO G 215 -33.54 -57.44 -30.66
C PRO G 215 -34.15 -58.17 -31.86
N ASP G 216 -35.37 -57.77 -32.25
CA ASP G 216 -36.01 -58.39 -33.41
C ASP G 216 -35.36 -57.97 -34.72
N LEU G 217 -34.52 -56.93 -34.68
CA LEU G 217 -33.89 -56.36 -35.87
C LEU G 217 -33.26 -57.46 -36.72
N GLY G 218 -33.71 -57.57 -37.97
CA GLY G 218 -33.16 -58.49 -38.93
C GLY G 218 -33.80 -59.87 -38.98
N THR G 219 -34.76 -60.10 -38.09
CA THR G 219 -35.47 -61.37 -38.07
C THR G 219 -36.81 -61.20 -38.78
N ASP G 220 -37.46 -62.35 -39.08
CA ASP G 220 -38.77 -62.35 -39.71
C ASP G 220 -39.85 -61.91 -38.74
N LYS G 221 -39.62 -62.10 -37.45
CA LYS G 221 -40.59 -61.74 -36.43
C LYS G 221 -40.70 -60.22 -36.28
N ASP G 222 -39.67 -59.50 -36.75
CA ASP G 222 -39.53 -58.06 -36.61
C ASP G 222 -40.77 -57.32 -37.13
N LYS G 223 -41.48 -56.68 -36.19
CA LYS G 223 -42.66 -55.88 -36.47
C LYS G 223 -42.33 -54.73 -37.42
N GLU G 224 -41.10 -54.25 -37.32
CA GLU G 224 -40.67 -53.07 -38.08
C GLU G 224 -40.09 -53.48 -39.44
N GLN G 225 -39.82 -54.77 -39.61
CA GLN G 225 -39.43 -55.33 -40.89
C GLN G 225 -38.12 -54.71 -41.37
N TRP G 226 -37.10 -54.73 -40.52
CA TRP G 226 -35.83 -54.17 -40.94
C TRP G 226 -35.16 -55.02 -42.02
N LYS G 227 -35.58 -56.29 -42.10
CA LYS G 227 -35.07 -57.21 -43.10
C LYS G 227 -35.32 -56.64 -44.50
N GLU G 228 -36.40 -55.87 -44.64
CA GLU G 228 -36.80 -55.26 -45.90
C GLU G 228 -35.78 -54.24 -46.39
N VAL G 229 -35.04 -53.62 -45.45
CA VAL G 229 -34.00 -52.69 -45.86
C VAL G 229 -32.94 -53.43 -46.67
N HIS G 230 -32.55 -54.63 -46.18
CA HIS G 230 -31.57 -55.41 -46.92
C HIS G 230 -32.17 -55.93 -48.22
N LYS G 231 -33.46 -56.24 -48.21
CA LYS G 231 -34.09 -56.76 -49.41
C LYS G 231 -34.05 -55.71 -50.51
N GLN G 232 -34.17 -54.45 -50.07
CA GLN G 232 -34.14 -53.33 -50.98
C GLN G 232 -32.73 -53.13 -51.53
N VAL G 233 -31.74 -53.52 -50.71
CA VAL G 233 -30.36 -53.40 -51.15
C VAL G 233 -30.09 -54.39 -52.28
N VAL G 234 -30.51 -55.63 -52.08
CA VAL G 234 -30.36 -56.70 -53.06
C VAL G 234 -31.07 -56.31 -54.36
N GLU G 235 -32.22 -55.65 -54.22
CA GLU G 235 -33.11 -55.43 -55.35
C GLU G 235 -32.86 -54.10 -56.04
N SER G 236 -31.99 -53.25 -55.46
CA SER G 236 -31.69 -51.92 -55.97
C SER G 236 -31.28 -51.98 -57.43
N ALA G 237 -30.22 -52.76 -57.69
CA ALA G 237 -29.63 -52.88 -59.01
C ALA G 237 -30.69 -53.25 -60.04
N TYR G 238 -31.51 -54.25 -59.69
CA TYR G 238 -32.53 -54.75 -60.58
C TYR G 238 -33.59 -53.69 -60.82
N GLU G 239 -33.95 -52.94 -59.77
CA GLU G 239 -35.02 -51.96 -59.92
C GLU G 239 -34.52 -50.79 -60.77
N VAL G 240 -33.27 -50.35 -60.56
CA VAL G 240 -32.74 -49.26 -61.36
C VAL G 240 -32.61 -49.72 -62.80
N ILE G 241 -32.11 -50.95 -63.01
CA ILE G 241 -31.98 -51.53 -64.34
C ILE G 241 -33.36 -51.52 -65.02
N LYS G 242 -34.37 -51.98 -64.28
CA LYS G 242 -35.74 -52.01 -64.77
C LYS G 242 -36.18 -50.63 -65.22
N LEU G 243 -35.80 -49.60 -64.44
CA LEU G 243 -36.33 -48.27 -64.68
C LEU G 243 -35.55 -47.50 -65.76
N LYS G 244 -34.22 -47.62 -65.76
CA LYS G 244 -33.41 -46.79 -66.64
C LYS G 244 -32.45 -47.61 -67.52
N GLY G 245 -32.41 -48.93 -67.33
CA GLY G 245 -31.68 -49.82 -68.22
C GLY G 245 -30.34 -50.26 -67.65
N TYR G 246 -29.79 -49.48 -66.71
CA TYR G 246 -28.48 -49.76 -66.14
C TYR G 246 -28.32 -48.97 -64.86
N THR G 247 -27.26 -49.25 -64.10
CA THR G 247 -26.86 -48.37 -63.01
C THR G 247 -25.52 -47.76 -63.36
N SER G 248 -25.27 -46.52 -62.92
CA SER G 248 -24.05 -45.83 -63.30
C SER G 248 -23.53 -44.92 -62.17
N TRP G 249 -24.37 -44.01 -61.71
CA TRP G 249 -23.88 -42.91 -60.88
C TRP G 249 -23.38 -43.42 -59.52
N ALA G 250 -24.15 -44.31 -58.90
CA ALA G 250 -23.86 -44.80 -57.56
C ALA G 250 -22.57 -45.62 -57.56
N ILE G 251 -22.44 -46.53 -58.53
CA ILE G 251 -21.25 -47.35 -58.63
C ILE G 251 -20.04 -46.49 -58.96
N GLY G 252 -20.25 -45.44 -59.77
CA GLY G 252 -19.20 -44.51 -60.15
C GLY G 252 -18.61 -43.81 -58.92
N LEU G 253 -19.52 -43.26 -58.10
CA LEU G 253 -19.13 -42.59 -56.87
C LEU G 253 -18.46 -43.57 -55.92
N SER G 254 -19.02 -44.79 -55.83
CA SER G 254 -18.48 -45.82 -54.95
C SER G 254 -17.04 -46.14 -55.32
N VAL G 255 -16.76 -46.24 -56.63
CA VAL G 255 -15.45 -46.57 -57.16
C VAL G 255 -14.47 -45.42 -56.90
N ALA G 256 -14.94 -44.17 -57.04
CA ALA G 256 -14.07 -43.02 -56.79
C ALA G 256 -13.74 -42.96 -55.30
N ASP G 257 -14.68 -43.43 -54.48
CA ASP G 257 -14.48 -43.51 -53.04
C ASP G 257 -13.30 -44.41 -52.74
N LEU G 258 -13.28 -45.58 -53.40
CA LEU G 258 -12.22 -46.56 -53.20
C LEU G 258 -10.91 -46.02 -53.76
N ALA G 259 -10.98 -45.40 -54.95
CA ALA G 259 -9.83 -44.80 -55.60
C ALA G 259 -9.19 -43.76 -54.69
N GLU G 260 -10.02 -42.95 -54.01
CA GLU G 260 -9.53 -41.91 -53.13
C GLU G 260 -8.69 -42.50 -52.01
N SER G 261 -9.18 -43.59 -51.40
CA SER G 261 -8.47 -44.23 -50.32
C SER G 261 -7.14 -44.82 -50.78
N ILE G 262 -7.15 -45.38 -51.99
CA ILE G 262 -5.93 -45.99 -52.53
C ILE G 262 -4.91 -44.90 -52.86
N MET G 263 -5.32 -43.91 -53.67
CA MET G 263 -4.42 -42.88 -54.19
C MET G 263 -3.83 -42.03 -53.08
N LYS G 264 -4.63 -41.73 -52.06
CA LYS G 264 -4.20 -40.83 -50.99
C LYS G 264 -3.69 -41.61 -49.78
N ASN G 265 -3.66 -42.94 -49.86
CA ASN G 265 -3.13 -43.83 -48.82
C ASN G 265 -4.13 -44.03 -47.72
N LEU G 266 -4.88 -43.07 -47.28
CA LEU G 266 -5.94 -43.04 -46.30
C LEU G 266 -5.99 -44.09 -45.18
N ARG G 267 -5.96 -45.38 -45.55
CA ARG G 267 -6.15 -46.48 -44.62
C ARG G 267 -7.55 -46.38 -44.00
N ARG G 268 -8.52 -46.04 -44.85
CA ARG G 268 -9.92 -46.15 -44.48
C ARG G 268 -10.39 -47.59 -44.67
N VAL G 269 -11.51 -47.92 -44.03
CA VAL G 269 -12.05 -49.26 -44.07
C VAL G 269 -13.25 -49.29 -45.03
N HIS G 270 -13.19 -50.20 -46.01
CA HIS G 270 -14.23 -50.36 -47.02
C HIS G 270 -14.54 -51.84 -47.16
N PRO G 271 -15.82 -52.22 -47.40
CA PRO G 271 -16.19 -53.60 -47.67
C PRO G 271 -15.94 -53.90 -49.15
N VAL G 272 -14.85 -54.60 -49.46
CA VAL G 272 -14.39 -54.81 -50.82
C VAL G 272 -14.05 -56.28 -50.99
N SER G 273 -14.03 -56.77 -52.24
CA SER G 273 -13.81 -58.18 -52.51
C SER G 273 -12.33 -58.53 -52.34
N THR G 274 -12.07 -59.52 -51.50
CA THR G 274 -10.72 -59.99 -51.29
C THR G 274 -10.77 -61.47 -50.90
N MET G 275 -9.60 -62.09 -50.87
CA MET G 275 -9.55 -63.50 -50.53
C MET G 275 -9.79 -63.66 -49.02
N ILE G 276 -10.77 -64.49 -48.65
CA ILE G 276 -11.15 -64.67 -47.25
C ILE G 276 -10.85 -66.09 -46.75
N LYS G 277 -10.11 -66.87 -47.56
CA LYS G 277 -9.72 -68.21 -47.15
C LYS G 277 -9.11 -68.15 -45.75
N GLY G 278 -9.57 -69.06 -44.88
CA GLY G 278 -9.09 -69.16 -43.50
C GLY G 278 -9.95 -68.41 -42.48
N LEU G 279 -10.92 -67.61 -42.96
CA LEU G 279 -11.85 -66.95 -42.07
C LEU G 279 -13.23 -67.54 -42.16
N TYR G 280 -13.91 -67.58 -41.01
CA TYR G 280 -15.29 -68.06 -40.89
C TYR G 280 -15.43 -69.47 -41.44
N GLY G 281 -14.35 -70.26 -41.35
CA GLY G 281 -14.38 -71.67 -41.73
C GLY G 281 -14.42 -71.89 -43.23
N ILE G 282 -14.15 -70.83 -44.01
CA ILE G 282 -14.03 -70.95 -45.45
C ILE G 282 -12.63 -71.49 -45.75
N LYS G 283 -12.55 -72.54 -46.56
CA LYS G 283 -11.29 -73.27 -46.76
C LYS G 283 -10.77 -73.11 -48.19
N ASP G 284 -11.57 -72.49 -49.06
CA ASP G 284 -11.27 -72.41 -50.47
C ASP G 284 -10.87 -70.97 -50.81
N ASP G 285 -10.36 -70.78 -52.03
CA ASP G 285 -9.85 -69.52 -52.52
C ASP G 285 -11.00 -68.61 -52.93
N VAL G 286 -11.95 -68.38 -52.02
CA VAL G 286 -13.10 -67.58 -52.35
C VAL G 286 -12.77 -66.12 -52.10
N PHE G 287 -13.19 -65.26 -53.05
CA PHE G 287 -13.17 -63.83 -52.82
C PHE G 287 -14.57 -63.35 -52.50
N LEU G 288 -14.72 -62.59 -51.40
CA LEU G 288 -15.93 -61.84 -51.20
C LEU G 288 -15.62 -60.61 -50.34
N SER G 289 -16.65 -59.83 -50.05
CA SER G 289 -16.48 -58.56 -49.37
C SER G 289 -16.44 -58.76 -47.85
N VAL G 290 -15.35 -58.29 -47.25
CA VAL G 290 -15.23 -58.05 -45.81
C VAL G 290 -14.63 -56.65 -45.65
N PRO G 291 -14.73 -56.00 -44.47
CA PRO G 291 -14.12 -54.69 -44.28
C PRO G 291 -12.60 -54.80 -44.36
N CYS G 292 -12.01 -54.01 -45.27
CA CYS G 292 -10.58 -54.02 -45.50
C CYS G 292 -10.02 -52.61 -45.34
N ILE G 293 -8.77 -52.53 -44.88
CA ILE G 293 -8.03 -51.29 -44.80
C ILE G 293 -7.38 -51.02 -46.16
N LEU G 294 -7.71 -49.88 -46.75
CA LEU G 294 -7.33 -49.54 -48.12
C LEU G 294 -6.33 -48.39 -48.11
N GLY G 295 -5.21 -48.63 -48.81
CA GLY G 295 -4.18 -47.62 -48.96
C GLY G 295 -3.40 -47.82 -50.24
N GLN G 296 -2.19 -47.25 -50.28
CA GLN G 296 -1.39 -47.16 -51.48
C GLN G 296 -0.85 -48.53 -51.90
N ASN G 297 -0.94 -49.55 -51.02
CA ASN G 297 -0.57 -50.90 -51.39
C ASN G 297 -1.80 -51.76 -51.59
N GLY G 298 -2.96 -51.11 -51.72
CA GLY G 298 -4.24 -51.80 -51.83
C GLY G 298 -4.76 -52.23 -50.46
N ILE G 299 -5.12 -53.51 -50.35
CA ILE G 299 -5.66 -54.05 -49.12
C ILE G 299 -4.48 -54.49 -48.25
N SER G 300 -4.20 -53.72 -47.21
CA SER G 300 -3.10 -54.05 -46.30
C SER G 300 -3.58 -54.95 -45.17
N ASP G 301 -4.88 -54.88 -44.83
CA ASP G 301 -5.42 -55.54 -43.67
C ASP G 301 -6.91 -55.82 -43.87
N LEU G 302 -7.41 -56.86 -43.18
CA LEU G 302 -8.84 -57.14 -43.08
C LEU G 302 -9.27 -56.91 -41.64
N VAL G 303 -10.49 -56.38 -41.47
CA VAL G 303 -11.11 -56.37 -40.17
C VAL G 303 -11.85 -57.70 -40.01
N LYS G 304 -11.61 -58.35 -38.88
CA LYS G 304 -12.24 -59.63 -38.59
C LYS G 304 -13.54 -59.37 -37.86
N VAL G 305 -14.61 -59.12 -38.63
CA VAL G 305 -15.89 -58.78 -38.04
C VAL G 305 -16.41 -59.98 -37.26
N THR G 306 -16.94 -59.71 -36.07
CA THR G 306 -17.65 -60.72 -35.31
C THR G 306 -19.08 -60.86 -35.84
N LEU G 307 -19.44 -62.10 -36.18
CA LEU G 307 -20.74 -62.38 -36.78
C LEU G 307 -21.56 -63.27 -35.83
N THR G 308 -22.87 -63.02 -35.78
CA THR G 308 -23.76 -64.00 -35.17
C THR G 308 -23.65 -65.29 -35.97
N SER G 309 -23.98 -66.41 -35.34
CA SER G 309 -23.94 -67.71 -36.00
C SER G 309 -24.75 -67.70 -37.30
N GLU G 310 -25.86 -66.95 -37.31
CA GLU G 310 -26.68 -66.87 -38.50
C GLU G 310 -26.01 -66.00 -39.56
N GLU G 311 -25.47 -64.84 -39.14
CA GLU G 311 -24.75 -63.96 -40.04
C GLU G 311 -23.58 -64.74 -40.64
N GLU G 312 -22.91 -65.55 -39.82
CA GLU G 312 -21.80 -66.36 -40.31
C GLU G 312 -22.29 -67.45 -41.25
N ALA G 313 -23.45 -68.04 -40.93
CA ALA G 313 -24.05 -69.05 -41.78
C ALA G 313 -24.35 -68.48 -43.17
N ARG G 314 -24.90 -67.26 -43.21
CA ARG G 314 -25.25 -66.58 -44.45
C ARG G 314 -23.99 -66.30 -45.29
N LEU G 315 -22.88 -65.94 -44.60
CA LEU G 315 -21.62 -65.64 -45.25
C LEU G 315 -20.99 -66.91 -45.81
N LYS G 316 -21.13 -68.03 -45.10
CA LYS G 316 -20.63 -69.31 -45.57
C LYS G 316 -21.44 -69.77 -46.78
N LYS G 317 -22.74 -69.45 -46.79
CA LYS G 317 -23.63 -69.76 -47.89
C LYS G 317 -23.23 -68.96 -49.15
N SER G 318 -22.91 -67.67 -48.92
CA SER G 318 -22.43 -66.79 -49.97
C SER G 318 -21.14 -67.36 -50.54
N ALA G 319 -20.24 -67.79 -49.64
CA ALA G 319 -18.96 -68.36 -50.02
C ALA G 319 -19.17 -69.60 -50.89
N ASP G 320 -20.10 -70.47 -50.49
CA ASP G 320 -20.37 -71.72 -51.19
C ASP G 320 -20.86 -71.44 -52.61
N THR G 321 -21.85 -70.53 -52.72
CA THR G 321 -22.40 -70.14 -54.02
C THR G 321 -21.25 -69.76 -54.96
N LEU G 322 -20.38 -68.88 -54.45
CA LEU G 322 -19.31 -68.31 -55.26
C LEU G 322 -18.29 -69.38 -55.64
N TRP G 323 -17.93 -70.21 -54.64
CA TRP G 323 -16.94 -71.24 -54.87
C TRP G 323 -17.46 -72.28 -55.87
N GLY G 324 -18.76 -72.53 -55.82
CA GLY G 324 -19.38 -73.44 -56.76
C GLY G 324 -19.09 -73.06 -58.20
N ILE G 325 -19.14 -71.74 -58.48
CA ILE G 325 -18.90 -71.27 -59.83
C ILE G 325 -17.40 -71.21 -60.11
N GLN G 326 -16.65 -70.77 -59.10
CA GLN G 326 -15.22 -70.54 -59.22
C GLN G 326 -14.49 -71.83 -59.57
N LYS G 327 -14.89 -72.93 -58.94
CA LYS G 327 -14.20 -74.21 -59.12
C LYS G 327 -14.33 -74.68 -60.56
N GLU G 328 -15.37 -74.26 -61.27
CA GLU G 328 -15.58 -74.75 -62.62
C GLU G 328 -14.77 -73.98 -63.67
N LEU G 329 -14.12 -72.91 -63.25
CA LEU G 329 -13.53 -71.96 -64.18
C LEU G 329 -12.20 -72.46 -64.69
N GLN G 330 -11.95 -72.17 -65.96
CA GLN G 330 -10.92 -72.78 -66.78
C GLN G 330 -9.75 -71.83 -67.00
N PHE G 331 -8.63 -72.15 -66.38
CA PHE G 331 -7.40 -71.41 -66.45
C PHE G 331 -6.64 -71.80 -65.17
N ALA H 1 -42.66 -48.54 -27.93
CA ALA H 1 -42.22 -47.45 -28.83
C ALA H 1 -41.46 -48.04 -30.03
N THR H 2 -41.39 -47.23 -31.10
CA THR H 2 -40.67 -47.58 -32.32
C THR H 2 -39.16 -47.53 -32.06
N LEU H 3 -38.38 -48.17 -32.95
CA LEU H 3 -36.93 -48.16 -32.87
C LEU H 3 -36.42 -46.72 -32.92
N LYS H 4 -37.01 -45.91 -33.81
CA LYS H 4 -36.62 -44.52 -33.98
C LYS H 4 -36.75 -43.78 -32.65
N ASP H 5 -37.86 -44.01 -31.94
CA ASP H 5 -38.13 -43.33 -30.67
C ASP H 5 -37.23 -43.85 -29.55
N GLN H 6 -36.92 -45.16 -29.58
CA GLN H 6 -36.01 -45.72 -28.60
C GLN H 6 -34.61 -45.11 -28.77
N LEU H 7 -34.24 -44.82 -30.02
CA LEU H 7 -32.88 -44.40 -30.33
C LEU H 7 -32.73 -42.89 -30.23
N ILE H 8 -33.77 -42.15 -30.65
CA ILE H 8 -33.64 -40.72 -30.90
C ILE H 8 -34.69 -39.96 -30.09
N TYR H 9 -34.23 -38.95 -29.34
CA TYR H 9 -35.11 -38.01 -28.67
C TYR H 9 -35.22 -36.77 -29.57
N ASN H 10 -36.47 -36.38 -29.83
CA ASN H 10 -36.79 -35.32 -30.77
C ASN H 10 -36.90 -33.99 -30.05
N LEU H 11 -36.21 -32.96 -30.54
CA LEU H 11 -36.36 -31.59 -30.07
C LEU H 11 -37.35 -30.84 -30.96
N LEU H 12 -37.30 -31.15 -32.25
CA LEU H 12 -37.79 -30.24 -33.28
C LEU H 12 -38.55 -31.04 -34.33
N LYS H 13 -39.71 -30.52 -34.72
CA LYS H 13 -40.62 -31.24 -35.61
C LYS H 13 -40.59 -30.83 -37.08
N GLU H 14 -41.51 -30.01 -37.52
CA GLU H 14 -41.66 -29.50 -38.86
C GLU H 14 -41.21 -30.49 -39.93
N GLU H 15 -40.14 -30.18 -40.66
CA GLU H 15 -39.77 -30.57 -42.02
C GLU H 15 -40.15 -29.52 -43.09
N GLN H 16 -39.17 -28.75 -43.61
CA GLN H 16 -39.52 -27.69 -44.53
C GLN H 16 -38.33 -27.13 -45.30
N THR H 17 -38.32 -25.81 -45.47
CA THR H 17 -37.89 -25.01 -46.62
C THR H 17 -36.44 -25.27 -47.04
N PRO H 18 -36.18 -25.58 -48.33
CA PRO H 18 -34.81 -25.59 -48.85
C PRO H 18 -34.26 -24.17 -48.90
N GLN H 19 -32.98 -24.02 -48.62
CA GLN H 19 -32.34 -22.71 -48.63
C GLN H 19 -31.57 -22.54 -49.93
N ASN H 20 -31.15 -23.64 -50.56
CA ASN H 20 -30.24 -23.60 -51.69
C ASN H 20 -30.61 -24.68 -52.70
N LYS H 21 -31.86 -24.63 -53.17
CA LYS H 21 -32.40 -25.70 -53.99
C LYS H 21 -32.13 -25.43 -55.47
N ILE H 22 -31.71 -26.49 -56.17
CA ILE H 22 -31.54 -26.46 -57.61
C ILE H 22 -32.45 -27.51 -58.24
N THR H 23 -33.14 -27.11 -59.31
CA THR H 23 -33.94 -28.01 -60.11
C THR H 23 -33.29 -28.20 -61.47
N VAL H 24 -33.21 -29.46 -61.92
CA VAL H 24 -32.84 -29.77 -63.27
C VAL H 24 -34.06 -30.36 -63.97
N VAL H 25 -34.52 -29.68 -65.02
CA VAL H 25 -35.60 -30.15 -65.86
C VAL H 25 -35.00 -30.88 -67.05
N GLY H 26 -35.39 -32.15 -67.24
CA GLY H 26 -34.83 -33.02 -68.26
C GLY H 26 -33.76 -33.94 -67.70
N VAL H 27 -33.98 -35.26 -67.75
CA VAL H 27 -33.03 -36.23 -67.23
C VAL H 27 -32.43 -37.05 -68.36
N GLY H 28 -32.25 -36.39 -69.52
CA GLY H 28 -31.41 -36.91 -70.60
C GLY H 28 -29.95 -36.85 -70.20
N ALA H 29 -29.04 -37.24 -71.10
CA ALA H 29 -27.63 -37.33 -70.74
C ALA H 29 -27.12 -35.98 -70.23
N VAL H 30 -27.62 -34.90 -70.82
CA VAL H 30 -27.17 -33.56 -70.46
C VAL H 30 -27.67 -33.22 -69.05
N GLY H 31 -28.96 -33.44 -68.81
CA GLY H 31 -29.57 -33.17 -67.52
C GLY H 31 -28.85 -33.87 -66.39
N MET H 32 -28.51 -35.14 -66.62
CA MET H 32 -27.92 -35.96 -65.58
C MET H 32 -26.46 -35.61 -65.37
N ALA H 33 -25.77 -35.16 -66.42
CA ALA H 33 -24.40 -34.68 -66.29
C ALA H 33 -24.38 -33.37 -65.48
N CYS H 34 -25.39 -32.52 -65.69
CA CYS H 34 -25.57 -31.33 -64.89
C CYS H 34 -25.81 -31.73 -63.43
N ALA H 35 -26.68 -32.71 -63.22
CA ALA H 35 -27.03 -33.18 -61.88
C ALA H 35 -25.80 -33.68 -61.13
N ILE H 36 -25.05 -34.63 -61.72
CA ILE H 36 -23.90 -35.22 -61.04
C ILE H 36 -22.86 -34.15 -60.75
N SER H 37 -22.65 -33.23 -61.69
CA SER H 37 -21.65 -32.19 -61.57
C SER H 37 -22.01 -31.25 -60.41
N ILE H 38 -23.30 -30.90 -60.32
CA ILE H 38 -23.79 -30.04 -59.26
C ILE H 38 -23.71 -30.78 -57.92
N LEU H 39 -24.06 -32.07 -57.91
CA LEU H 39 -24.03 -32.84 -56.67
C LEU H 39 -22.61 -32.91 -56.13
N MET H 40 -21.62 -33.02 -57.03
CA MET H 40 -20.27 -33.22 -56.56
C MET H 40 -19.57 -31.90 -56.25
N LYS H 41 -20.20 -30.76 -56.58
CA LYS H 41 -19.62 -29.48 -56.26
C LYS H 41 -20.32 -28.83 -55.04
N ASP H 42 -21.27 -29.56 -54.45
CA ASP H 42 -21.98 -29.21 -53.22
C ASP H 42 -22.70 -27.87 -53.36
N LEU H 43 -23.33 -27.63 -54.51
CA LEU H 43 -23.92 -26.32 -54.78
C LEU H 43 -25.35 -26.23 -54.21
N ALA H 44 -25.92 -27.37 -53.84
CA ALA H 44 -27.34 -27.43 -53.49
C ALA H 44 -27.55 -28.22 -52.19
N ASP H 45 -28.56 -27.78 -51.41
CA ASP H 45 -29.02 -28.52 -50.23
C ASP H 45 -30.19 -29.42 -50.63
N GLU H 46 -30.76 -29.18 -51.81
CA GLU H 46 -31.82 -30.01 -52.35
C GLU H 46 -31.72 -29.97 -53.87
N LEU H 47 -31.77 -31.15 -54.49
CA LEU H 47 -31.81 -31.28 -55.94
C LEU H 47 -33.14 -31.92 -56.33
N ALA H 48 -33.84 -31.26 -57.25
CA ALA H 48 -35.07 -31.78 -57.80
C ALA H 48 -34.86 -32.09 -59.28
N LEU H 49 -35.31 -33.26 -59.73
CA LEU H 49 -35.31 -33.61 -61.14
C LEU H 49 -36.75 -33.69 -61.63
N VAL H 50 -36.99 -33.13 -62.82
CA VAL H 50 -38.30 -33.25 -63.46
C VAL H 50 -38.13 -33.71 -64.91
N ASP H 51 -39.03 -34.60 -65.33
CA ASP H 51 -39.14 -35.04 -66.70
C ASP H 51 -40.56 -35.54 -66.97
N VAL H 52 -40.82 -35.99 -68.20
CA VAL H 52 -42.11 -36.53 -68.56
C VAL H 52 -42.09 -38.06 -68.52
N ILE H 53 -40.88 -38.63 -68.75
CA ILE H 53 -40.74 -40.07 -68.73
C ILE H 53 -40.54 -40.50 -67.28
N GLU H 54 -41.57 -41.17 -66.73
CA GLU H 54 -41.66 -41.37 -65.31
C GLU H 54 -40.74 -42.48 -64.84
N ASP H 55 -40.59 -43.52 -65.64
CA ASP H 55 -39.73 -44.64 -65.28
C ASP H 55 -38.27 -44.22 -65.20
N LYS H 56 -37.80 -43.54 -66.25
CA LYS H 56 -36.43 -43.06 -66.35
C LYS H 56 -36.13 -42.09 -65.22
N LEU H 57 -37.10 -41.22 -64.93
CA LEU H 57 -36.99 -40.16 -63.94
C LEU H 57 -36.75 -40.78 -62.56
N LYS H 58 -37.60 -41.75 -62.18
CA LYS H 58 -37.50 -42.40 -60.89
C LYS H 58 -36.18 -43.16 -60.78
N GLY H 59 -35.77 -43.82 -61.87
CA GLY H 59 -34.54 -44.59 -61.90
C GLY H 59 -33.31 -43.73 -61.65
N GLU H 60 -33.26 -42.58 -62.32
CA GLU H 60 -32.18 -41.63 -62.20
C GLU H 60 -32.08 -41.12 -60.77
N MET H 61 -33.23 -40.66 -60.23
CA MET H 61 -33.32 -40.19 -58.85
C MET H 61 -32.75 -41.24 -57.90
N MET H 62 -33.24 -42.47 -58.01
CA MET H 62 -32.81 -43.57 -57.14
C MET H 62 -31.31 -43.82 -57.25
N ASP H 63 -30.75 -43.78 -58.47
CA ASP H 63 -29.35 -44.06 -58.66
C ASP H 63 -28.51 -43.02 -57.90
N LEU H 64 -28.90 -41.76 -58.00
CA LEU H 64 -28.24 -40.68 -57.29
C LEU H 64 -28.40 -40.87 -55.79
N GLN H 65 -29.63 -41.21 -55.36
CA GLN H 65 -29.92 -41.38 -53.95
C GLN H 65 -29.06 -42.46 -53.32
N HIS H 66 -28.78 -43.54 -54.06
CA HIS H 66 -28.00 -44.64 -53.52
C HIS H 66 -26.57 -44.22 -53.23
N GLY H 67 -26.14 -43.11 -53.85
CA GLY H 67 -24.79 -42.61 -53.64
C GLY H 67 -24.72 -41.51 -52.59
N SER H 68 -25.80 -41.32 -51.82
CA SER H 68 -25.94 -40.21 -50.88
C SER H 68 -24.80 -40.19 -49.87
N LEU H 69 -24.30 -41.37 -49.51
CA LEU H 69 -23.21 -41.51 -48.55
C LEU H 69 -22.01 -40.67 -49.01
N PHE H 70 -21.85 -40.53 -50.33
CA PHE H 70 -20.65 -39.92 -50.89
C PHE H 70 -20.90 -38.49 -51.36
N LEU H 71 -22.09 -37.97 -51.05
CA LEU H 71 -22.43 -36.60 -51.43
C LEU H 71 -22.73 -35.78 -50.17
N ARG H 72 -22.96 -34.49 -50.36
CA ARG H 72 -23.30 -33.58 -49.28
C ARG H 72 -24.56 -32.81 -49.67
N THR H 73 -25.42 -33.46 -50.47
CA THR H 73 -26.72 -32.91 -50.80
C THR H 73 -27.75 -33.86 -50.20
N PRO H 74 -28.39 -33.48 -49.07
CA PRO H 74 -29.20 -34.42 -48.30
C PRO H 74 -30.57 -34.78 -48.89
N LYS H 75 -31.07 -33.95 -49.82
CA LYS H 75 -32.41 -34.20 -50.35
C LYS H 75 -32.35 -34.22 -51.88
N ILE H 76 -32.67 -35.37 -52.46
CA ILE H 76 -32.82 -35.55 -53.89
C ILE H 76 -34.26 -36.02 -54.13
N VAL H 77 -35.00 -35.26 -54.93
CA VAL H 77 -36.38 -35.59 -55.25
C VAL H 77 -36.58 -35.55 -56.77
N SER H 78 -37.61 -36.24 -57.24
CA SER H 78 -38.03 -36.18 -58.63
C SER H 78 -39.54 -36.32 -58.73
N GLY H 79 -40.08 -35.91 -59.88
CA GLY H 79 -41.51 -36.02 -60.15
C GLY H 79 -41.85 -35.41 -61.50
N LYS H 80 -42.92 -35.94 -62.13
CA LYS H 80 -43.54 -35.34 -63.29
C LYS H 80 -44.16 -33.99 -62.90
N ASP H 81 -44.66 -33.93 -61.66
CA ASP H 81 -45.36 -32.75 -61.17
C ASP H 81 -44.31 -31.72 -60.75
N TYR H 82 -44.52 -30.47 -61.18
CA TYR H 82 -43.56 -29.40 -60.92
C TYR H 82 -43.58 -28.92 -59.46
N ASN H 83 -44.44 -29.52 -58.64
CA ASN H 83 -44.47 -29.11 -57.24
C ASN H 83 -43.21 -29.57 -56.51
N VAL H 84 -42.49 -30.56 -57.09
CA VAL H 84 -41.23 -31.00 -56.51
C VAL H 84 -40.16 -29.94 -56.70
N THR H 85 -40.48 -28.90 -57.49
CA THR H 85 -39.55 -27.87 -57.94
C THR H 85 -39.61 -26.65 -57.04
N ALA H 86 -40.54 -26.64 -56.06
CA ALA H 86 -40.89 -25.42 -55.34
C ALA H 86 -39.69 -24.85 -54.60
N ASN H 87 -39.58 -23.51 -54.64
CA ASN H 87 -38.59 -22.73 -53.92
C ASN H 87 -37.17 -23.04 -54.40
N SER H 88 -37.02 -23.27 -55.70
CA SER H 88 -35.70 -23.39 -56.29
C SER H 88 -35.05 -22.00 -56.38
N LYS H 89 -33.75 -21.92 -56.10
CA LYS H 89 -32.98 -20.73 -56.36
C LYS H 89 -32.62 -20.67 -57.84
N LEU H 90 -32.37 -21.84 -58.41
CA LEU H 90 -31.89 -21.98 -59.77
C LEU H 90 -32.58 -23.18 -60.41
N VAL H 91 -33.16 -22.94 -61.60
CA VAL H 91 -33.82 -23.98 -62.37
C VAL H 91 -33.10 -24.11 -63.71
N ILE H 92 -32.56 -25.29 -63.98
CA ILE H 92 -31.80 -25.55 -65.19
C ILE H 92 -32.65 -26.36 -66.16
N ILE H 93 -32.93 -25.78 -67.34
CA ILE H 93 -33.76 -26.44 -68.34
C ILE H 93 -32.87 -27.14 -69.35
N THR H 94 -32.96 -28.48 -69.40
CA THR H 94 -32.20 -29.26 -70.37
C THR H 94 -33.16 -30.12 -71.21
N ALA H 95 -34.46 -29.93 -71.02
CA ALA H 95 -35.45 -30.76 -71.69
C ALA H 95 -35.67 -30.26 -73.11
N GLY H 96 -36.12 -31.18 -73.97
CA GLY H 96 -36.38 -30.86 -75.35
C GLY H 96 -35.69 -31.83 -76.30
N ALA H 97 -35.84 -31.56 -77.60
CA ALA H 97 -35.15 -32.31 -78.62
C ALA H 97 -33.71 -31.83 -78.68
N ARG H 98 -32.79 -32.74 -79.01
CA ARG H 98 -31.40 -32.38 -79.24
C ARG H 98 -31.04 -32.81 -80.66
N GLN H 99 -29.97 -32.21 -81.19
CA GLN H 99 -29.65 -32.39 -82.60
C GLN H 99 -29.02 -33.75 -82.84
N GLN H 100 -29.40 -34.33 -83.99
CA GLN H 100 -28.73 -35.51 -84.47
C GLN H 100 -27.50 -35.09 -85.26
N GLU H 101 -26.75 -36.12 -85.66
CA GLU H 101 -25.60 -36.03 -86.53
C GLU H 101 -26.02 -35.22 -87.76
N GLY H 102 -25.29 -34.14 -88.01
CA GLY H 102 -25.50 -33.28 -89.16
C GLY H 102 -26.53 -32.18 -88.94
N GLU H 103 -27.31 -32.26 -87.84
CA GLU H 103 -28.46 -31.36 -87.67
C GLU H 103 -28.04 -30.09 -86.92
N SER H 104 -28.40 -28.93 -87.49
CA SER H 104 -28.22 -27.65 -86.85
C SER H 104 -29.09 -27.53 -85.60
N ARG H 105 -28.55 -26.96 -84.54
CA ARG H 105 -29.32 -26.68 -83.33
C ARG H 105 -30.53 -25.80 -83.66
N LEU H 106 -30.41 -24.97 -84.70
CA LEU H 106 -31.47 -24.04 -85.06
C LEU H 106 -32.69 -24.81 -85.58
N ASN H 107 -32.49 -26.08 -85.93
CA ASN H 107 -33.53 -26.94 -86.50
C ASN H 107 -34.42 -27.50 -85.38
N LEU H 108 -34.03 -27.28 -84.11
CA LEU H 108 -34.78 -27.75 -82.95
C LEU H 108 -35.81 -26.71 -82.50
N VAL H 109 -35.91 -25.58 -83.20
CA VAL H 109 -36.49 -24.40 -82.58
C VAL H 109 -37.98 -24.58 -82.25
N GLN H 110 -38.76 -25.00 -83.25
CA GLN H 110 -40.20 -25.01 -83.06
C GLN H 110 -40.60 -26.12 -82.08
N ARG H 111 -39.89 -27.26 -82.14
CA ARG H 111 -40.18 -28.37 -81.26
C ARG H 111 -39.97 -27.94 -79.82
N ASN H 112 -38.84 -27.27 -79.57
CA ASN H 112 -38.46 -26.93 -78.22
C ASN H 112 -39.20 -25.69 -77.73
N VAL H 113 -39.63 -24.80 -78.65
CA VAL H 113 -40.46 -23.66 -78.26
C VAL H 113 -41.78 -24.21 -77.71
N ASN H 114 -42.33 -25.22 -78.39
CA ASN H 114 -43.57 -25.82 -77.95
C ASN H 114 -43.42 -26.40 -76.55
N ILE H 115 -42.29 -27.08 -76.32
CA ILE H 115 -42.00 -27.71 -75.03
C ILE H 115 -41.93 -26.65 -73.94
N PHE H 116 -41.27 -25.52 -74.25
CA PHE H 116 -41.04 -24.44 -73.31
C PHE H 116 -42.35 -23.79 -72.89
N LYS H 117 -43.34 -23.78 -73.80
CA LYS H 117 -44.67 -23.27 -73.49
C LYS H 117 -45.32 -24.02 -72.33
N PHE H 118 -44.89 -25.27 -72.13
CA PHE H 118 -45.40 -26.07 -71.03
C PHE H 118 -44.52 -25.90 -69.80
N ILE H 119 -43.20 -25.97 -70.02
CA ILE H 119 -42.22 -26.07 -68.94
C ILE H 119 -42.15 -24.75 -68.17
N ILE H 120 -41.98 -23.64 -68.89
CA ILE H 120 -41.57 -22.40 -68.26
C ILE H 120 -42.63 -21.89 -67.29
N PRO H 121 -43.93 -21.84 -67.65
CA PRO H 121 -44.98 -21.39 -66.72
C PRO H 121 -45.07 -22.25 -65.45
N ASN H 122 -44.78 -23.55 -65.60
CA ASN H 122 -44.82 -24.46 -64.47
C ASN H 122 -43.65 -24.21 -63.52
N VAL H 123 -42.46 -23.95 -64.08
CA VAL H 123 -41.29 -23.63 -63.29
C VAL H 123 -41.56 -22.35 -62.50
N VAL H 124 -42.10 -21.34 -63.19
CA VAL H 124 -42.31 -20.01 -62.62
C VAL H 124 -43.39 -20.09 -61.53
N LYS H 125 -44.40 -20.92 -61.74
CA LYS H 125 -45.46 -21.12 -60.77
C LYS H 125 -44.88 -21.46 -59.39
N TYR H 126 -43.91 -22.38 -59.35
CA TYR H 126 -43.45 -22.97 -58.10
C TYR H 126 -42.18 -22.31 -57.55
N SER H 127 -41.42 -21.63 -58.42
CA SER H 127 -40.22 -20.91 -58.01
C SER H 127 -40.18 -19.55 -58.69
N PRO H 128 -41.06 -18.60 -58.31
CA PRO H 128 -41.16 -17.32 -59.00
C PRO H 128 -39.91 -16.45 -58.91
N ASN H 129 -39.05 -16.72 -57.91
CA ASN H 129 -37.89 -15.87 -57.71
C ASN H 129 -36.60 -16.56 -58.13
N CYS H 130 -36.73 -17.66 -58.87
CA CYS H 130 -35.55 -18.40 -59.27
C CYS H 130 -34.81 -17.66 -60.38
N LYS H 131 -33.57 -18.10 -60.62
CA LYS H 131 -32.90 -17.81 -61.87
C LYS H 131 -33.14 -18.98 -62.80
N LEU H 132 -33.40 -18.67 -64.07
CA LEU H 132 -33.57 -19.67 -65.11
C LEU H 132 -32.26 -19.79 -65.88
N LEU H 133 -31.69 -20.99 -65.90
CA LEU H 133 -30.53 -21.27 -66.73
C LEU H 133 -30.96 -22.20 -67.85
N ILE H 134 -30.98 -21.68 -69.08
CA ILE H 134 -31.45 -22.44 -70.25
C ILE H 134 -30.25 -23.14 -70.88
N VAL H 135 -30.39 -24.45 -71.11
CA VAL H 135 -29.33 -25.25 -71.70
C VAL H 135 -29.81 -25.85 -73.02
N SER H 136 -31.14 -26.07 -73.13
CA SER H 136 -31.78 -26.61 -74.32
C SER H 136 -31.45 -25.75 -75.54
N ASN H 137 -31.39 -26.40 -76.71
CA ASN H 137 -30.93 -25.76 -77.92
C ASN H 137 -32.10 -25.46 -78.84
N PRO H 138 -32.04 -24.43 -79.72
CA PRO H 138 -30.93 -23.48 -79.75
C PRO H 138 -31.01 -22.53 -78.55
N VAL H 139 -29.95 -22.54 -77.73
CA VAL H 139 -29.98 -21.97 -76.39
C VAL H 139 -30.24 -20.46 -76.46
N ASP H 140 -29.75 -19.79 -77.51
CA ASP H 140 -29.83 -18.34 -77.56
C ASP H 140 -31.26 -17.91 -77.80
N ILE H 141 -31.93 -18.58 -78.75
CA ILE H 141 -33.32 -18.31 -79.03
C ILE H 141 -34.19 -18.77 -77.86
N LEU H 142 -33.89 -19.95 -77.30
CA LEU H 142 -34.70 -20.49 -76.23
C LEU H 142 -34.57 -19.68 -74.94
N THR H 143 -33.44 -18.96 -74.77
CA THR H 143 -33.28 -18.07 -73.64
C THR H 143 -34.27 -16.91 -73.79
N TYR H 144 -34.35 -16.37 -75.01
CA TYR H 144 -35.29 -15.32 -75.36
C TYR H 144 -36.71 -15.82 -75.11
N VAL H 145 -37.00 -17.06 -75.53
CA VAL H 145 -38.31 -17.66 -75.36
C VAL H 145 -38.65 -17.75 -73.87
N ALA H 146 -37.74 -18.31 -73.08
CA ALA H 146 -37.94 -18.45 -71.65
C ALA H 146 -38.18 -17.09 -71.02
N TRP H 147 -37.55 -16.04 -71.56
CA TRP H 147 -37.67 -14.69 -71.04
C TRP H 147 -39.08 -14.15 -71.32
N LYS H 148 -39.54 -14.31 -72.57
CA LYS H 148 -40.85 -13.87 -72.97
C LYS H 148 -41.93 -14.62 -72.18
N ILE H 149 -41.77 -15.95 -72.05
CA ILE H 149 -42.81 -16.77 -71.44
C ILE H 149 -42.88 -16.51 -69.94
N SER H 150 -41.72 -16.52 -69.27
CA SER H 150 -41.65 -16.42 -67.82
C SER H 150 -42.13 -15.06 -67.30
N GLY H 151 -41.85 -13.99 -68.06
CA GLY H 151 -42.11 -12.63 -67.63
C GLY H 151 -41.09 -12.12 -66.61
N PHE H 152 -39.99 -12.88 -66.47
CA PHE H 152 -38.93 -12.52 -65.55
C PHE H 152 -38.16 -11.32 -66.09
N PRO H 153 -37.50 -10.55 -65.21
CA PRO H 153 -36.54 -9.54 -65.65
C PRO H 153 -35.39 -10.28 -66.33
N LYS H 154 -34.69 -9.60 -67.23
CA LYS H 154 -33.74 -10.26 -68.12
C LYS H 154 -32.52 -10.79 -67.34
N ASN H 155 -32.27 -10.23 -66.16
CA ASN H 155 -31.14 -10.66 -65.36
C ASN H 155 -31.33 -12.08 -64.83
N ARG H 156 -32.58 -12.55 -64.76
CA ARG H 156 -32.87 -13.85 -64.18
C ARG H 156 -33.12 -14.91 -65.26
N VAL H 157 -32.80 -14.61 -66.52
CA VAL H 157 -32.91 -15.60 -67.58
C VAL H 157 -31.57 -15.67 -68.31
N ILE H 158 -30.86 -16.78 -68.13
CA ILE H 158 -29.47 -16.95 -68.56
C ILE H 158 -29.41 -18.19 -69.45
N GLY H 159 -28.81 -18.06 -70.64
CA GLY H 159 -28.55 -19.21 -71.47
C GLY H 159 -27.10 -19.67 -71.30
N SER H 160 -26.89 -20.98 -71.24
CA SER H 160 -25.56 -21.55 -71.06
C SER H 160 -24.60 -21.02 -72.13
N GLY H 161 -25.17 -20.72 -73.31
CA GLY H 161 -24.51 -19.95 -74.34
C GLY H 161 -23.15 -20.52 -74.73
N CYS H 162 -22.15 -19.64 -74.80
CA CYS H 162 -20.83 -20.00 -75.29
C CYS H 162 -19.84 -20.29 -74.17
N ASN H 163 -20.34 -20.54 -72.94
CA ASN H 163 -19.47 -20.91 -71.84
C ASN H 163 -18.69 -22.16 -72.25
N LEU H 164 -19.38 -23.12 -72.88
CA LEU H 164 -18.75 -24.36 -73.30
C LEU H 164 -17.83 -24.12 -74.50
N ASP H 165 -18.27 -23.31 -75.46
CA ASP H 165 -17.48 -23.02 -76.65
C ASP H 165 -16.14 -22.41 -76.24
N SER H 166 -16.20 -21.47 -75.29
CA SER H 166 -14.99 -20.80 -74.81
C SER H 166 -14.10 -21.80 -74.08
N ALA H 167 -14.72 -22.73 -73.32
CA ALA H 167 -13.99 -23.77 -72.60
C ALA H 167 -13.25 -24.68 -73.58
N ARG H 168 -13.92 -25.07 -74.66
CA ARG H 168 -13.33 -25.88 -75.72
C ARG H 168 -12.18 -25.11 -76.35
N PHE H 169 -12.43 -23.83 -76.66
CA PHE H 169 -11.47 -22.95 -77.30
C PHE H 169 -10.19 -22.92 -76.48
N ARG H 170 -10.34 -22.73 -75.17
CA ARG H 170 -9.21 -22.60 -74.27
C ARG H 170 -8.49 -23.94 -74.12
N TYR H 171 -9.25 -25.04 -74.20
CA TYR H 171 -8.64 -26.36 -74.16
C TYR H 171 -7.69 -26.54 -75.33
N LEU H 172 -8.20 -26.22 -76.52
CA LEU H 172 -7.45 -26.39 -77.76
C LEU H 172 -6.27 -25.42 -77.81
N MET H 173 -6.50 -24.18 -77.36
CA MET H 173 -5.45 -23.19 -77.24
C MET H 173 -4.32 -23.76 -76.39
N GLY H 174 -4.70 -24.31 -75.24
CA GLY H 174 -3.76 -24.90 -74.29
C GLY H 174 -2.97 -26.06 -74.88
N GLU H 175 -3.64 -26.89 -75.69
CA GLU H 175 -3.01 -28.03 -76.31
C GLU H 175 -1.89 -27.58 -77.23
N ARG H 176 -2.17 -26.51 -77.99
CA ARG H 176 -1.21 -25.97 -78.94
C ARG H 176 -0.02 -25.33 -78.21
N LEU H 177 -0.28 -24.66 -77.08
CA LEU H 177 0.75 -23.83 -76.45
C LEU H 177 1.49 -24.57 -75.33
N GLY H 178 0.96 -25.72 -74.88
CA GLY H 178 1.54 -26.47 -73.78
C GLY H 178 1.30 -25.80 -72.43
N VAL H 179 0.12 -25.18 -72.30
CA VAL H 179 -0.30 -24.45 -71.11
C VAL H 179 -1.66 -24.97 -70.68
N HIS H 180 -1.90 -25.03 -69.36
CA HIS H 180 -3.21 -25.42 -68.87
C HIS H 180 -4.24 -24.42 -69.38
N PRO H 181 -5.45 -24.88 -69.79
CA PRO H 181 -6.50 -23.97 -70.22
C PRO H 181 -6.79 -22.82 -69.26
N LEU H 182 -6.54 -23.03 -67.98
CA LEU H 182 -6.81 -22.01 -66.97
C LEU H 182 -5.95 -20.78 -67.26
N SER H 183 -4.78 -20.98 -67.85
CA SER H 183 -3.84 -19.89 -68.13
C SER H 183 -3.90 -19.43 -69.59
N CYS H 184 -4.82 -20.01 -70.37
CA CYS H 184 -5.07 -19.63 -71.75
C CYS H 184 -6.39 -18.87 -71.83
N HIS H 185 -6.35 -17.63 -72.36
CA HIS H 185 -7.52 -16.77 -72.35
C HIS H 185 -7.94 -16.48 -73.78
N GLY H 186 -9.26 -16.44 -74.00
CA GLY H 186 -9.85 -16.29 -75.32
C GLY H 186 -11.35 -16.55 -75.24
N TRP H 187 -12.12 -15.72 -75.93
CA TRP H 187 -13.58 -15.73 -75.84
C TRP H 187 -14.18 -16.09 -77.19
N VAL H 188 -15.15 -17.01 -77.15
CA VAL H 188 -16.03 -17.27 -78.27
C VAL H 188 -17.41 -16.72 -77.91
N LEU H 189 -17.90 -15.77 -78.72
CA LEU H 189 -19.13 -15.06 -78.43
C LEU H 189 -20.17 -15.27 -79.53
N GLY H 190 -21.37 -14.72 -79.31
CA GLY H 190 -22.44 -14.84 -80.28
C GLY H 190 -23.29 -16.10 -80.09
N GLU H 191 -23.65 -16.73 -81.21
CA GLU H 191 -24.45 -17.95 -81.21
C GLU H 191 -23.62 -19.11 -80.69
N HIS H 192 -24.23 -19.88 -79.78
CA HIS H 192 -23.72 -21.21 -79.47
C HIS H 192 -24.08 -22.10 -80.66
N GLY H 193 -23.21 -22.08 -81.67
CA GLY H 193 -23.51 -22.77 -82.91
C GLY H 193 -22.53 -22.35 -84.00
N ASP H 194 -22.99 -22.49 -85.24
CA ASP H 194 -22.13 -22.37 -86.41
C ASP H 194 -21.62 -20.93 -86.60
N SER H 195 -22.37 -19.94 -86.11
CA SER H 195 -22.02 -18.54 -86.34
C SER H 195 -21.30 -17.92 -85.14
N SER H 196 -20.67 -18.75 -84.30
CA SER H 196 -19.92 -18.23 -83.17
C SER H 196 -18.73 -17.41 -83.62
N VAL H 197 -18.35 -16.42 -82.79
CA VAL H 197 -17.32 -15.46 -83.14
C VAL H 197 -16.14 -15.61 -82.18
N PRO H 198 -14.95 -16.03 -82.66
CA PRO H 198 -13.75 -16.07 -81.84
C PRO H 198 -13.11 -14.68 -81.80
N VAL H 199 -12.87 -14.20 -80.58
CA VAL H 199 -12.34 -12.85 -80.40
C VAL H 199 -10.81 -12.95 -80.34
N TRP H 200 -10.19 -12.96 -81.53
CA TRP H 200 -8.75 -13.03 -81.71
C TRP H 200 -8.04 -11.91 -80.98
N SER H 201 -8.66 -10.74 -80.95
CA SER H 201 -8.06 -9.56 -80.33
C SER H 201 -7.83 -9.74 -78.83
N GLY H 202 -8.61 -10.65 -78.22
CA GLY H 202 -8.61 -10.87 -76.77
C GLY H 202 -7.77 -12.06 -76.33
N MET H 203 -7.32 -12.87 -77.29
CA MET H 203 -6.57 -14.09 -76.99
C MET H 203 -5.22 -13.73 -76.38
N ASN H 204 -4.92 -14.33 -75.22
CA ASN H 204 -3.70 -13.97 -74.52
C ASN H 204 -3.28 -15.06 -73.54
N VAL H 205 -1.98 -15.06 -73.23
CA VAL H 205 -1.43 -15.81 -72.12
C VAL H 205 -0.67 -14.81 -71.26
N ALA H 206 -0.91 -14.82 -69.95
CA ALA H 206 -0.26 -13.95 -68.98
C ALA H 206 -0.36 -12.48 -69.40
N GLY H 207 -1.46 -12.12 -70.06
CA GLY H 207 -1.73 -10.74 -70.44
C GLY H 207 -1.06 -10.32 -71.74
N VAL H 208 -0.33 -11.25 -72.37
CA VAL H 208 0.39 -10.96 -73.60
C VAL H 208 -0.52 -11.28 -74.78
N SER H 209 -0.91 -10.26 -75.55
CA SER H 209 -1.78 -10.42 -76.70
C SER H 209 -1.13 -11.29 -77.79
N LEU H 210 -1.82 -12.35 -78.16
CA LEU H 210 -1.32 -13.30 -79.15
C LEU H 210 -1.38 -12.68 -80.53
N LYS H 211 -2.39 -11.83 -80.78
CA LYS H 211 -2.56 -11.15 -82.05
C LYS H 211 -1.42 -10.14 -82.26
N THR H 212 -0.95 -9.53 -81.17
CA THR H 212 0.19 -8.61 -81.20
C THR H 212 1.44 -9.37 -81.63
N LEU H 213 1.64 -10.55 -81.04
CA LEU H 213 2.79 -11.38 -81.34
C LEU H 213 2.71 -11.93 -82.77
N HIS H 214 1.49 -12.19 -83.22
CA HIS H 214 1.24 -12.92 -84.45
C HIS H 214 0.03 -12.32 -85.16
N PRO H 215 0.24 -11.23 -85.94
CA PRO H 215 -0.88 -10.50 -86.54
C PRO H 215 -1.75 -11.32 -87.50
N ASP H 216 -1.19 -12.42 -88.03
CA ASP H 216 -1.96 -13.27 -88.93
C ASP H 216 -3.01 -14.08 -88.18
N LEU H 217 -2.91 -14.13 -86.84
CA LEU H 217 -3.79 -14.93 -86.00
C LEU H 217 -5.25 -14.69 -86.39
N GLY H 218 -5.94 -15.77 -86.77
CA GLY H 218 -7.35 -15.73 -87.07
C GLY H 218 -7.71 -15.49 -88.53
N THR H 219 -6.70 -15.22 -89.35
CA THR H 219 -6.94 -14.95 -90.76
C THR H 219 -6.63 -16.20 -91.58
N ASP H 220 -7.03 -16.18 -92.86
CA ASP H 220 -6.77 -17.28 -93.78
C ASP H 220 -5.30 -17.33 -94.16
N LYS H 221 -4.63 -16.17 -94.11
CA LYS H 221 -3.22 -16.07 -94.47
C LYS H 221 -2.34 -16.77 -93.43
N ASP H 222 -2.87 -16.98 -92.22
CA ASP H 222 -2.16 -17.50 -91.08
C ASP H 222 -1.50 -18.84 -91.40
N LYS H 223 -0.16 -18.83 -91.40
CA LYS H 223 0.66 -20.01 -91.64
C LYS H 223 0.37 -21.10 -90.59
N GLU H 224 0.01 -20.66 -89.39
CA GLU H 224 -0.20 -21.57 -88.27
C GLU H 224 -1.65 -22.03 -88.19
N GLN H 225 -2.53 -21.38 -88.94
CA GLN H 225 -3.91 -21.80 -89.09
C GLN H 225 -4.63 -21.79 -87.76
N TRP H 226 -4.57 -20.67 -87.06
CA TRP H 226 -5.27 -20.60 -85.79
C TRP H 226 -6.78 -20.58 -85.97
N LYS H 227 -7.23 -20.24 -87.18
CA LYS H 227 -8.64 -20.22 -87.52
C LYS H 227 -9.22 -21.63 -87.31
N GLU H 228 -8.39 -22.66 -87.49
CA GLU H 228 -8.77 -24.05 -87.34
C GLU H 228 -9.17 -24.37 -85.90
N VAL H 229 -8.60 -23.64 -84.94
CA VAL H 229 -8.98 -23.85 -83.55
C VAL H 229 -10.47 -23.53 -83.38
N HIS H 230 -10.90 -22.41 -83.96
CA HIS H 230 -12.31 -22.06 -83.87
C HIS H 230 -13.15 -23.04 -84.68
N LYS H 231 -12.62 -23.52 -85.79
CA LYS H 231 -13.37 -24.44 -86.63
C LYS H 231 -13.66 -25.72 -85.84
N GLN H 232 -12.69 -26.08 -85.00
CA GLN H 232 -12.81 -27.27 -84.17
C GLN H 232 -13.83 -27.03 -83.06
N VAL H 233 -13.97 -25.78 -82.65
CA VAL H 233 -14.94 -25.45 -81.62
C VAL H 233 -16.35 -25.61 -82.18
N VAL H 234 -16.57 -25.06 -83.37
CA VAL H 234 -17.85 -25.16 -84.05
C VAL H 234 -18.22 -26.64 -84.28
N GLU H 235 -17.20 -27.44 -84.59
CA GLU H 235 -17.42 -28.80 -85.05
C GLU H 235 -17.41 -29.82 -83.91
N SER H 236 -17.04 -29.38 -82.69
CA SER H 236 -16.90 -30.26 -81.54
C SER H 236 -18.17 -31.07 -81.32
N ALA H 237 -19.28 -30.36 -81.14
CA ALA H 237 -20.56 -30.99 -80.83
C ALA H 237 -20.90 -32.06 -81.86
N TYR H 238 -20.74 -31.71 -83.13
CA TYR H 238 -21.07 -32.61 -84.20
C TYR H 238 -20.14 -33.83 -84.21
N GLU H 239 -18.86 -33.59 -83.90
CA GLU H 239 -17.92 -34.69 -83.95
C GLU H 239 -18.14 -35.64 -82.79
N VAL H 240 -18.43 -35.09 -81.59
CA VAL H 240 -18.71 -35.94 -80.45
C VAL H 240 -19.99 -36.70 -80.69
N ILE H 241 -21.02 -36.02 -81.22
CA ILE H 241 -22.29 -36.67 -81.55
C ILE H 241 -22.03 -37.83 -82.51
N LYS H 242 -21.22 -37.56 -83.54
CA LYS H 242 -20.86 -38.56 -84.53
C LYS H 242 -20.22 -39.77 -83.84
N LEU H 243 -19.38 -39.51 -82.83
CA LEU H 243 -18.57 -40.57 -82.25
C LEU H 243 -19.32 -41.34 -81.17
N LYS H 244 -20.09 -40.65 -80.32
CA LYS H 244 -20.70 -41.30 -79.17
C LYS H 244 -22.21 -41.10 -79.09
N GLY H 245 -22.77 -40.31 -80.00
CA GLY H 245 -24.21 -40.19 -80.14
C GLY H 245 -24.77 -38.91 -79.51
N TYR H 246 -24.03 -38.34 -78.56
CA TYR H 246 -24.51 -37.16 -77.86
C TYR H 246 -23.34 -36.49 -77.16
N THR H 247 -23.58 -35.29 -76.60
CA THR H 247 -22.60 -34.70 -75.72
C THR H 247 -23.23 -34.62 -74.32
N SER H 248 -22.37 -34.76 -73.29
CA SER H 248 -22.90 -34.77 -71.92
C SER H 248 -21.92 -34.13 -70.93
N TRP H 249 -20.69 -34.65 -70.87
CA TRP H 249 -19.82 -34.34 -69.74
C TRP H 249 -19.41 -32.88 -69.74
N ALA H 250 -19.02 -32.36 -70.93
CA ALA H 250 -18.48 -31.02 -71.04
C ALA H 250 -19.56 -29.98 -70.73
N ILE H 251 -20.76 -30.18 -71.30
CA ILE H 251 -21.86 -29.26 -71.06
C ILE H 251 -22.28 -29.33 -69.59
N GLY H 252 -22.21 -30.52 -69.00
CA GLY H 252 -22.55 -30.74 -67.60
C GLY H 252 -21.66 -29.90 -66.69
N LEU H 253 -20.34 -30.03 -66.91
CA LEU H 253 -19.35 -29.28 -66.15
C LEU H 253 -19.53 -27.79 -66.38
N SER H 254 -19.78 -27.41 -67.63
CA SER H 254 -19.96 -26.01 -67.99
C SER H 254 -21.12 -25.40 -67.22
N VAL H 255 -22.23 -26.15 -67.11
CA VAL H 255 -23.44 -25.72 -66.44
C VAL H 255 -23.20 -25.62 -64.93
N ALA H 256 -22.44 -26.57 -64.36
CA ALA H 256 -22.14 -26.52 -62.94
C ALA H 256 -21.25 -25.32 -62.64
N ASP H 257 -20.42 -24.97 -63.62
CA ASP H 257 -19.56 -23.80 -63.52
C ASP H 257 -20.42 -22.54 -63.35
N LEU H 258 -21.46 -22.44 -64.18
CA LEU H 258 -22.35 -21.29 -64.13
C LEU H 258 -23.16 -21.31 -62.84
N ALA H 259 -23.65 -22.50 -62.47
CA ALA H 259 -24.41 -22.69 -61.24
C ALA H 259 -23.60 -22.24 -60.03
N GLU H 260 -22.29 -22.56 -60.03
CA GLU H 260 -21.41 -22.20 -58.93
C GLU H 260 -21.36 -20.69 -58.76
N SER H 261 -21.23 -19.96 -59.87
CA SER H 261 -21.15 -18.51 -59.82
C SER H 261 -22.45 -17.90 -59.34
N ILE H 262 -23.58 -18.50 -59.76
CA ILE H 262 -24.88 -17.98 -59.36
C ILE H 262 -25.10 -18.24 -57.86
N MET H 263 -24.96 -19.51 -57.44
CA MET H 263 -25.29 -19.94 -56.08
C MET H 263 -24.39 -19.28 -55.04
N LYS H 264 -23.11 -19.08 -55.38
CA LYS H 264 -22.15 -18.55 -54.43
C LYS H 264 -21.92 -17.05 -54.62
N ASN H 265 -22.67 -16.43 -55.56
CA ASN H 265 -22.64 -14.99 -55.82
C ASN H 265 -21.22 -14.51 -56.09
N LEU H 266 -20.50 -15.23 -56.95
CA LEU H 266 -19.07 -15.00 -57.16
C LEU H 266 -18.80 -13.71 -57.93
N ARG H 267 -19.72 -13.34 -58.84
CA ARG H 267 -19.51 -12.21 -59.74
C ARG H 267 -18.30 -12.49 -60.63
N ARG H 268 -18.21 -13.74 -61.10
CA ARG H 268 -17.28 -14.11 -62.14
C ARG H 268 -17.87 -13.76 -63.50
N VAL H 269 -16.99 -13.70 -64.50
CA VAL H 269 -17.40 -13.32 -65.84
C VAL H 269 -17.46 -14.59 -66.71
N HIS H 270 -18.63 -14.82 -67.34
CA HIS H 270 -18.87 -15.97 -68.19
C HIS H 270 -19.53 -15.49 -69.48
N PRO H 271 -19.22 -16.11 -70.63
CA PRO H 271 -19.91 -15.81 -71.89
C PRO H 271 -21.21 -16.59 -71.95
N VAL H 272 -22.34 -15.92 -71.69
CA VAL H 272 -23.63 -16.57 -71.54
C VAL H 272 -24.65 -15.80 -72.35
N SER H 273 -25.77 -16.45 -72.71
CA SER H 273 -26.78 -15.83 -73.56
C SER H 273 -27.60 -14.82 -72.76
N THR H 274 -27.63 -13.59 -73.29
CA THR H 274 -28.41 -12.55 -72.68
C THR H 274 -28.84 -11.56 -73.76
N MET H 275 -29.74 -10.65 -73.40
CA MET H 275 -30.20 -9.69 -74.38
C MET H 275 -29.10 -8.65 -74.62
N ILE H 276 -28.75 -8.46 -75.90
CA ILE H 276 -27.68 -7.56 -76.29
C ILE H 276 -28.17 -6.36 -77.09
N LYS H 277 -29.50 -6.17 -77.13
CA LYS H 277 -30.10 -5.00 -77.75
C LYS H 277 -29.36 -3.75 -77.26
N GLY H 278 -28.98 -2.88 -78.19
CA GLY H 278 -28.29 -1.62 -77.90
C GLY H 278 -26.77 -1.71 -77.99
N LEU H 279 -26.22 -2.93 -78.13
CA LEU H 279 -24.79 -3.10 -78.28
C LEU H 279 -24.45 -3.51 -79.71
N TYR H 280 -23.32 -3.01 -80.21
CA TYR H 280 -22.78 -3.35 -81.51
C TYR H 280 -23.81 -3.11 -82.62
N GLY H 281 -24.69 -2.11 -82.40
CA GLY H 281 -25.64 -1.68 -83.41
C GLY H 281 -26.81 -2.65 -83.61
N ILE H 282 -26.96 -3.60 -82.69
CA ILE H 282 -28.09 -4.50 -82.70
C ILE H 282 -29.28 -3.77 -82.08
N LYS H 283 -30.43 -3.76 -82.80
CA LYS H 283 -31.56 -2.94 -82.39
C LYS H 283 -32.75 -3.80 -81.95
N ASP H 284 -32.63 -5.13 -82.12
CA ASP H 284 -33.73 -6.02 -81.81
C ASP H 284 -33.47 -6.78 -80.53
N ASP H 285 -34.49 -7.55 -80.09
CA ASP H 285 -34.47 -8.25 -78.83
C ASP H 285 -33.68 -9.55 -78.98
N VAL H 286 -32.45 -9.48 -79.48
CA VAL H 286 -31.67 -10.68 -79.75
C VAL H 286 -30.95 -11.10 -78.47
N PHE H 287 -30.98 -12.41 -78.20
CA PHE H 287 -30.12 -12.95 -77.16
C PHE H 287 -28.93 -13.67 -77.79
N LEU H 288 -27.72 -13.33 -77.33
CA LEU H 288 -26.57 -14.16 -77.64
C LEU H 288 -25.52 -13.98 -76.54
N SER H 289 -24.40 -14.68 -76.70
CA SER H 289 -23.39 -14.73 -75.67
C SER H 289 -22.45 -13.52 -75.77
N VAL H 290 -22.36 -12.78 -74.66
CA VAL H 290 -21.31 -11.80 -74.40
C VAL H 290 -20.82 -12.08 -72.97
N PRO H 291 -19.62 -11.60 -72.56
CA PRO H 291 -19.16 -11.82 -71.20
C PRO H 291 -20.05 -11.07 -70.21
N CYS H 292 -20.60 -11.82 -69.25
CA CYS H 292 -21.50 -11.28 -68.25
C CYS H 292 -20.99 -11.58 -66.85
N ILE H 293 -21.28 -10.67 -65.91
CA ILE H 293 -21.00 -10.87 -64.51
C ILE H 293 -22.16 -11.65 -63.89
N LEU H 294 -21.84 -12.81 -63.30
CA LEU H 294 -22.83 -13.75 -62.82
C LEU H 294 -22.78 -13.83 -61.30
N GLY H 295 -23.96 -13.65 -60.69
CA GLY H 295 -24.10 -13.74 -59.25
C GLY H 295 -25.49 -14.18 -58.86
N GLN H 296 -25.86 -13.89 -57.60
CA GLN H 296 -27.07 -14.39 -57.00
C GLN H 296 -28.31 -13.75 -57.62
N ASN H 297 -28.15 -12.66 -58.38
CA ASN H 297 -29.28 -12.07 -59.09
C ASN H 297 -29.21 -12.41 -60.58
N GLY H 298 -28.38 -13.39 -60.92
CA GLY H 298 -28.14 -13.76 -62.30
C GLY H 298 -27.13 -12.81 -62.97
N ILE H 299 -27.49 -12.29 -64.13
CA ILE H 299 -26.61 -11.41 -64.87
C ILE H 299 -26.84 -9.99 -64.38
N SER H 300 -25.87 -9.47 -63.61
CA SER H 300 -25.97 -8.13 -63.07
C SER H 300 -25.37 -7.11 -64.03
N ASP H 301 -24.43 -7.55 -64.88
CA ASP H 301 -23.64 -6.66 -65.72
C ASP H 301 -23.15 -7.39 -66.96
N LEU H 302 -22.91 -6.64 -68.04
CA LEU H 302 -22.26 -7.13 -69.24
C LEU H 302 -20.90 -6.43 -69.36
N VAL H 303 -19.90 -7.17 -69.83
CA VAL H 303 -18.65 -6.55 -70.26
C VAL H 303 -18.83 -6.15 -71.72
N LYS H 304 -18.49 -4.90 -72.01
CA LYS H 304 -18.61 -4.38 -73.37
C LYS H 304 -17.29 -4.63 -74.08
N VAL H 305 -17.15 -5.82 -74.67
CA VAL H 305 -15.90 -6.21 -75.29
C VAL H 305 -15.66 -5.32 -76.49
N THR H 306 -14.41 -4.88 -76.66
CA THR H 306 -13.99 -4.20 -77.87
C THR H 306 -13.70 -5.22 -78.96
N LEU H 307 -14.35 -5.04 -80.12
CA LEU H 307 -14.21 -5.97 -81.23
C LEU H 307 -13.57 -5.28 -82.43
N THR H 308 -12.75 -6.01 -83.17
CA THR H 308 -12.34 -5.54 -84.49
C THR H 308 -13.61 -5.41 -85.33
N SER H 309 -13.55 -4.56 -86.36
CA SER H 309 -14.68 -4.36 -87.26
C SER H 309 -15.17 -5.68 -87.84
N GLU H 310 -14.25 -6.62 -88.09
CA GLU H 310 -14.63 -7.91 -88.62
C GLU H 310 -15.29 -8.76 -87.54
N GLU H 311 -14.68 -8.80 -86.34
CA GLU H 311 -15.26 -9.50 -85.20
C GLU H 311 -16.66 -8.95 -84.94
N GLU H 312 -16.82 -7.63 -85.04
CA GLU H 312 -18.13 -7.02 -84.84
C GLU H 312 -19.09 -7.39 -85.97
N ALA H 313 -18.55 -7.45 -87.20
CA ALA H 313 -19.36 -7.83 -88.35
C ALA H 313 -19.90 -9.25 -88.17
N ARG H 314 -19.05 -10.17 -87.68
CA ARG H 314 -19.40 -11.56 -87.45
C ARG H 314 -20.49 -11.68 -86.38
N LEU H 315 -20.39 -10.83 -85.35
CA LEU H 315 -21.35 -10.83 -84.25
C LEU H 315 -22.70 -10.28 -84.71
N LYS H 316 -22.68 -9.28 -85.61
CA LYS H 316 -23.90 -8.73 -86.17
C LYS H 316 -24.56 -9.76 -87.07
N LYS H 317 -23.74 -10.57 -87.76
CA LYS H 317 -24.21 -11.64 -88.62
C LYS H 317 -24.88 -12.72 -87.78
N SER H 318 -24.27 -13.06 -86.64
CA SER H 318 -24.80 -14.03 -85.70
C SER H 318 -26.15 -13.51 -85.20
N ALA H 319 -26.19 -12.21 -84.86
CA ALA H 319 -27.39 -11.56 -84.37
C ALA H 319 -28.52 -11.67 -85.40
N ASP H 320 -28.19 -11.40 -86.67
CA ASP H 320 -29.16 -11.42 -87.75
C ASP H 320 -29.76 -12.82 -87.92
N THR H 321 -28.88 -13.83 -87.98
CA THR H 321 -29.30 -15.22 -88.11
C THR H 321 -30.35 -15.52 -87.05
N LEU H 322 -30.01 -15.17 -85.79
CA LEU H 322 -30.84 -15.50 -84.65
C LEU H 322 -32.16 -14.75 -84.70
N TRP H 323 -32.07 -13.45 -85.02
CA TRP H 323 -33.26 -12.61 -85.06
C TRP H 323 -34.20 -13.08 -86.16
N GLY H 324 -33.62 -13.55 -87.26
CA GLY H 324 -34.41 -14.07 -88.36
C GLY H 324 -35.36 -15.16 -87.89
N ILE H 325 -34.87 -16.03 -87.00
CA ILE H 325 -35.69 -17.14 -86.51
C ILE H 325 -36.62 -16.63 -85.41
N GLN H 326 -36.09 -15.75 -84.55
CA GLN H 326 -36.81 -15.26 -83.39
C GLN H 326 -38.08 -14.52 -83.81
N LYS H 327 -37.98 -13.73 -84.86
CA LYS H 327 -39.11 -12.89 -85.29
C LYS H 327 -40.28 -13.75 -85.73
N GLU H 328 -40.02 -14.98 -86.16
CA GLU H 328 -41.08 -15.82 -86.68
C GLU H 328 -41.83 -16.56 -85.59
N LEU H 329 -41.34 -16.48 -84.37
CA LEU H 329 -41.93 -17.13 -83.20
C LEU H 329 -42.96 -16.14 -82.69
N GLN H 330 -44.12 -16.69 -82.27
CA GLN H 330 -45.31 -15.88 -82.02
C GLN H 330 -45.73 -16.05 -80.58
N PHE H 331 -44.82 -16.62 -79.79
CA PHE H 331 -44.88 -16.63 -78.32
C PHE H 331 -46.25 -16.86 -77.66
N ALA I 1 106.82 3.98 53.97
CA ALA I 1 106.56 5.20 53.16
C ALA I 1 105.44 6.03 53.79
N THR I 2 105.37 7.31 53.41
CA THR I 2 104.33 8.23 53.87
C THR I 2 102.99 7.85 53.21
N LEU I 3 101.88 8.37 53.77
CA LEU I 3 100.55 8.15 53.22
C LEU I 3 100.49 8.68 51.78
N LYS I 4 101.08 9.86 51.56
CA LYS I 4 101.10 10.49 50.25
C LYS I 4 101.74 9.55 49.23
N ASP I 5 102.86 8.91 49.61
CA ASP I 5 103.61 8.02 48.73
C ASP I 5 102.87 6.70 48.51
N GLN I 6 102.17 6.21 49.55
CA GLN I 6 101.37 5.00 49.42
C GLN I 6 100.23 5.25 48.43
N LEU I 7 99.70 6.48 48.43
CA LEU I 7 98.49 6.76 47.66
C LEU I 7 98.84 7.21 46.24
N ILE I 8 99.93 7.97 46.09
CA ILE I 8 100.21 8.69 44.85
C ILE I 8 101.59 8.30 44.35
N TYR I 9 101.68 7.94 43.07
CA TYR I 9 102.94 7.56 42.42
C TYR I 9 104.08 8.59 42.23
N ASN I 10 103.90 9.54 41.37
CA ASN I 10 104.86 10.52 40.91
C ASN I 10 105.68 10.12 39.68
N LEU I 11 105.43 10.83 38.57
CA LEU I 11 106.19 10.74 37.34
C LEU I 11 107.25 11.85 37.33
N LEU I 12 106.90 13.01 37.86
CA LEU I 12 107.56 14.24 37.53
C LEU I 12 107.72 15.09 38.79
N LYS I 13 108.89 15.72 38.91
CA LYS I 13 109.32 16.45 40.08
C LYS I 13 109.26 17.97 39.87
N GLU I 14 108.83 18.64 40.94
CA GLU I 14 108.50 20.06 40.97
C GLU I 14 109.45 20.89 40.08
N GLU I 15 108.90 21.46 39.01
CA GLU I 15 109.62 21.96 37.85
C GLU I 15 109.51 23.47 37.77
N GLN I 16 108.28 24.00 37.71
CA GLN I 16 107.96 25.37 38.12
C GLN I 16 108.17 26.41 37.01
N THR I 17 108.35 27.61 37.47
CA THR I 17 108.26 28.96 36.88
C THR I 17 106.85 29.44 36.55
N PRO I 18 106.35 30.50 37.23
CA PRO I 18 104.95 30.90 37.05
C PRO I 18 104.77 31.55 35.67
N GLN I 19 103.62 31.29 35.05
CA GLN I 19 103.41 31.73 33.70
C GLN I 19 102.56 32.99 33.67
N ASN I 20 101.79 33.21 34.74
CA ASN I 20 100.80 34.30 34.74
C ASN I 20 100.72 34.87 36.15
N LYS I 21 101.88 35.31 36.68
CA LYS I 21 101.99 35.71 38.07
C LYS I 21 101.69 37.19 38.22
N ILE I 22 100.90 37.50 39.26
CA ILE I 22 100.62 38.87 39.64
C ILE I 22 101.10 39.09 41.07
N THR I 23 101.78 40.22 41.30
CA THR I 23 102.17 40.65 42.62
C THR I 23 101.37 41.87 43.01
N VAL I 24 100.87 41.87 44.25
CA VAL I 24 100.29 43.06 44.85
C VAL I 24 101.20 43.48 46.00
N VAL I 25 101.74 44.70 45.88
CA VAL I 25 102.55 45.31 46.92
C VAL I 25 101.64 46.19 47.77
N GLY I 26 101.61 45.93 49.08
CA GLY I 26 100.72 46.62 50.00
C GLY I 26 99.47 45.80 50.30
N VAL I 27 99.26 45.41 51.56
CA VAL I 27 98.11 44.61 51.94
C VAL I 27 97.17 45.41 52.83
N GLY I 28 97.10 46.73 52.58
CA GLY I 28 96.06 47.59 53.10
C GLY I 28 94.73 47.26 52.44
N ALA I 29 93.67 47.99 52.78
CA ALA I 29 92.33 47.66 52.29
C ALA I 29 92.32 47.64 50.75
N VAL I 30 93.07 48.56 50.14
CA VAL I 30 93.11 48.69 48.70
C VAL I 30 93.80 47.46 48.09
N GLY I 31 94.98 47.14 48.63
CA GLY I 31 95.75 46.00 48.16
C GLY I 31 94.95 44.71 48.18
N MET I 32 94.22 44.51 49.27
CA MET I 32 93.50 43.26 49.47
C MET I 32 92.24 43.21 48.62
N ALA I 33 91.64 44.38 48.34
CA ALA I 33 90.51 44.45 47.41
C ALA I 33 90.97 44.13 45.99
N CYS I 34 92.18 44.58 45.64
CA CYS I 34 92.79 44.23 44.37
C CYS I 34 93.02 42.72 44.32
N ALA I 35 93.56 42.16 45.41
CA ALA I 35 93.86 40.74 45.51
C ALA I 35 92.61 39.89 45.31
N ILE I 36 91.56 40.15 46.10
CA ILE I 36 90.34 39.35 46.03
C ILE I 36 89.71 39.44 44.64
N SER I 37 89.72 40.64 44.07
CA SER I 37 89.11 40.91 42.78
C SER I 37 89.85 40.12 41.68
N ILE I 38 91.19 40.13 41.75
CA ILE I 38 92.01 39.39 40.81
C ILE I 38 91.83 37.90 41.00
N LEU I 39 91.76 37.44 42.27
CA LEU I 39 91.59 36.02 42.53
C LEU I 39 90.28 35.52 41.96
N MET I 40 89.23 36.34 42.03
CA MET I 40 87.93 35.87 41.62
C MET I 40 87.71 36.04 40.12
N LYS I 41 88.63 36.72 39.43
CA LYS I 41 88.52 36.85 37.98
C LYS I 41 89.47 35.92 37.24
N ASP I 42 90.20 35.09 38.00
CA ASP I 42 91.08 34.03 37.51
C ASP I 42 92.18 34.59 36.61
N LEU I 43 92.75 35.74 36.98
CA LEU I 43 93.70 36.41 36.11
C LEU I 43 95.12 35.88 36.30
N ALA I 44 95.35 35.13 37.38
CA ALA I 44 96.70 34.75 37.78
C ALA I 44 96.79 33.26 38.13
N ASP I 45 97.93 32.64 37.81
CA ASP I 45 98.25 31.29 38.23
C ASP I 45 99.04 31.33 39.54
N GLU I 46 99.54 32.52 39.90
CA GLU I 46 100.23 32.73 41.16
C GLU I 46 100.02 34.17 41.59
N LEU I 47 99.64 34.36 42.85
CA LEU I 47 99.51 35.67 43.46
C LEU I 47 100.53 35.80 44.58
N ALA I 48 101.33 36.86 44.52
CA ALA I 48 102.27 37.19 45.57
C ALA I 48 101.83 38.48 46.25
N LEU I 49 101.86 38.49 47.58
CA LEU I 49 101.62 39.70 48.35
C LEU I 49 102.92 40.10 49.05
N VAL I 50 103.22 41.40 49.03
CA VAL I 50 104.36 41.93 49.77
C VAL I 50 103.94 43.14 50.59
N ASP I 51 104.47 43.22 51.80
CA ASP I 51 104.32 44.38 52.67
C ASP I 51 105.48 44.42 53.65
N VAL I 52 105.48 45.43 54.53
CA VAL I 52 106.51 45.55 55.55
C VAL I 52 106.00 45.01 56.89
N ILE I 53 104.69 45.03 57.09
CA ILE I 53 104.07 44.53 58.30
C ILE I 53 103.91 43.02 58.15
N GLU I 54 104.72 42.27 58.89
CA GLU I 54 104.89 40.85 58.62
C GLU I 54 103.72 40.03 59.15
N ASP I 55 103.19 40.43 60.29
CA ASP I 55 102.05 39.77 60.93
C ASP I 55 100.81 39.85 60.04
N LYS I 56 100.48 41.08 59.67
CA LYS I 56 99.32 41.40 58.83
C LYS I 56 99.41 40.67 57.49
N LEU I 57 100.63 40.66 56.92
CA LEU I 57 100.91 40.09 55.62
C LEU I 57 100.62 38.59 55.64
N LYS I 58 101.15 37.88 56.65
CA LYS I 58 100.97 36.44 56.76
C LYS I 58 99.49 36.13 57.00
N GLY I 59 98.81 36.95 57.80
CA GLY I 59 97.40 36.74 58.10
C GLY I 59 96.52 36.83 56.85
N GLU I 60 96.78 37.86 56.03
CA GLU I 60 96.07 38.10 54.80
C GLU I 60 96.26 36.92 53.85
N MET I 61 97.53 36.54 53.64
CA MET I 61 97.88 35.41 52.79
C MET I 61 97.09 34.17 53.22
N MET I 62 97.15 33.84 54.52
CA MET I 62 96.47 32.67 55.06
C MET I 62 94.97 32.73 54.84
N ASP I 63 94.36 33.91 55.02
CA ASP I 63 92.92 34.04 54.86
C ASP I 63 92.53 33.71 53.43
N LEU I 64 93.29 34.21 52.47
CA LEU I 64 93.06 33.92 51.06
C LEU I 64 93.28 32.44 50.79
N GLN I 65 94.35 31.89 51.35
CA GLN I 65 94.70 30.49 51.14
C GLN I 65 93.59 29.56 51.62
N HIS I 66 92.93 29.92 52.72
CA HIS I 66 91.89 29.06 53.27
C HIS I 66 90.68 28.97 52.33
N GLY I 67 90.59 29.93 51.41
CA GLY I 67 89.48 29.97 50.46
C GLY I 67 89.85 29.35 49.11
N SER I 68 90.98 28.65 49.05
CA SER I 68 91.53 28.09 47.82
C SER I 68 90.54 27.17 47.12
N LEU I 69 89.71 26.48 47.91
CA LEU I 69 88.70 25.58 47.39
C LEU I 69 87.80 26.31 46.38
N PHE I 70 87.61 27.63 46.60
CA PHE I 70 86.63 28.38 45.85
C PHE I 70 87.30 29.26 44.79
N LEU I 71 88.62 29.12 44.63
CA LEU I 71 89.36 29.88 43.65
C LEU I 71 90.01 28.95 42.62
N ARG I 72 90.61 29.56 41.61
CA ARG I 72 91.33 28.83 40.58
C ARG I 72 92.71 29.44 40.42
N THR I 73 93.25 29.96 41.53
CA THR I 73 94.62 30.42 41.58
C THR I 73 95.35 29.51 42.56
N PRO I 74 96.18 28.56 42.06
CA PRO I 74 96.71 27.50 42.91
C PRO I 74 97.84 27.89 43.86
N LYS I 75 98.49 29.03 43.60
CA LYS I 75 99.62 29.42 44.43
C LYS I 75 99.45 30.86 44.92
N ILE I 76 99.32 31.01 46.24
CA ILE I 76 99.31 32.30 46.91
C ILE I 76 100.49 32.31 47.88
N VAL I 77 101.36 33.31 47.70
CA VAL I 77 102.54 33.47 48.54
C VAL I 77 102.59 34.90 49.06
N SER I 78 103.31 35.08 50.17
CA SER I 78 103.60 36.39 50.71
C SER I 78 104.98 36.42 51.36
N GLY I 79 105.51 37.62 51.55
CA GLY I 79 106.79 37.79 52.20
C GLY I 79 107.19 39.27 52.22
N LYS I 80 107.98 39.64 53.24
CA LYS I 80 108.65 40.92 53.28
C LYS I 80 109.70 40.99 52.19
N ASP I 81 110.30 39.84 51.89
CA ASP I 81 111.37 39.76 50.91
C ASP I 81 110.74 39.74 49.52
N TYR I 82 111.29 40.55 48.61
CA TYR I 82 110.75 40.69 47.27
C TYR I 82 111.05 39.49 46.38
N ASN I 83 111.75 38.49 46.91
CA ASN I 83 112.04 37.32 46.10
C ASN I 83 110.77 36.50 45.87
N VAL I 84 109.73 36.72 46.68
CA VAL I 84 108.45 36.05 46.49
C VAL I 84 107.75 36.62 45.24
N THR I 85 108.32 37.72 44.70
CA THR I 85 107.71 38.50 43.63
C THR I 85 108.23 38.08 42.26
N ALA I 86 109.21 37.14 42.23
CA ALA I 86 109.99 36.86 41.04
C ALA I 86 109.10 36.39 39.89
N ASN I 87 109.42 36.89 38.69
CA ASN I 87 108.80 36.50 37.43
C ASN I 87 107.32 36.87 37.40
N SER I 88 106.97 38.03 37.98
CA SER I 88 105.63 38.56 37.85
C SER I 88 105.46 39.14 36.44
N LYS I 89 104.28 38.91 35.85
CA LYS I 89 103.91 39.59 34.61
C LYS I 89 103.46 41.01 34.93
N LEU I 90 102.79 41.16 36.09
CA LEU I 90 102.16 42.40 36.49
C LEU I 90 102.40 42.59 37.99
N VAL I 91 102.89 43.77 38.35
CA VAL I 91 103.13 44.13 39.73
C VAL I 91 102.29 45.37 40.05
N ILE I 92 101.38 45.23 41.01
CA ILE I 92 100.47 46.31 41.38
C ILE I 92 100.94 46.93 42.69
N ILE I 93 101.28 48.23 42.67
CA ILE I 93 101.76 48.93 43.84
C ILE I 93 100.61 49.67 44.50
N THR I 94 100.26 49.26 45.73
CA THR I 94 99.20 49.92 46.50
C THR I 94 99.76 50.40 47.84
N ALA I 95 101.07 50.26 48.03
CA ALA I 95 101.67 50.59 49.31
C ALA I 95 101.90 52.10 49.40
N GLY I 96 101.95 52.59 50.65
CA GLY I 96 102.15 53.99 50.89
C GLY I 96 101.12 54.56 51.85
N ALA I 97 101.20 55.87 52.07
CA ALA I 97 100.20 56.60 52.83
C ALA I 97 98.99 56.81 51.93
N ARG I 98 97.79 56.83 52.50
CA ARG I 98 96.59 57.21 51.77
C ARG I 98 95.95 58.40 52.49
N GLN I 99 95.09 59.11 51.78
CA GLN I 99 94.58 60.39 52.27
C GLN I 99 93.55 60.16 53.37
N GLN I 100 93.63 61.02 54.40
CA GLN I 100 92.62 61.11 55.43
C GLN I 100 91.53 62.05 54.94
N GLU I 101 90.50 62.14 55.79
CA GLU I 101 89.39 63.05 55.63
C GLU I 101 89.98 64.44 55.46
N GLY I 102 89.60 65.10 54.35
CA GLY I 102 90.02 66.45 54.05
C GLY I 102 91.36 66.55 53.32
N GLU I 103 92.13 65.44 53.25
CA GLU I 103 93.50 65.49 52.76
C GLU I 103 93.52 65.26 51.25
N SER I 104 94.18 66.18 50.52
CA SER I 104 94.43 66.04 49.09
C SER I 104 95.40 64.89 48.85
N ARG I 105 95.16 64.11 47.80
CA ARG I 105 96.10 63.06 47.40
C ARG I 105 97.50 63.65 47.15
N LEU I 106 97.55 64.91 46.72
CA LEU I 106 98.81 65.55 46.37
C LEU I 106 99.66 65.75 47.63
N ASN I 107 99.03 65.66 48.80
CA ASN I 107 99.68 65.87 50.08
C ASN I 107 100.46 64.62 50.52
N LEU I 108 100.28 63.51 49.80
CA LEU I 108 100.94 62.26 50.12
C LEU I 108 102.30 62.14 49.39
N VAL I 109 102.69 63.18 48.62
CA VAL I 109 103.67 62.97 47.57
C VAL I 109 105.03 62.56 48.12
N GLN I 110 105.56 63.34 49.08
CA GLN I 110 106.93 63.11 49.49
C GLN I 110 107.04 61.81 50.29
N ARG I 111 106.00 61.51 51.09
CA ARG I 111 106.01 60.29 51.88
C ARG I 111 106.06 59.08 50.96
N ASN I 112 105.23 59.11 49.91
CA ASN I 112 105.10 57.96 49.05
C ASN I 112 106.25 57.90 48.04
N VAL I 113 106.84 59.05 47.69
CA VAL I 113 108.02 59.05 46.82
C VAL I 113 109.14 58.32 47.56
N ASN I 114 109.28 58.61 48.86
CA ASN I 114 110.31 57.96 49.66
C ASN I 114 110.10 56.46 49.67
N ILE I 115 108.85 56.02 49.82
CA ILE I 115 108.48 54.61 49.87
C ILE I 115 108.85 53.94 48.54
N PHE I 116 108.56 54.63 47.44
CA PHE I 116 108.79 54.11 46.10
C PHE I 116 110.27 53.90 45.82
N LYS I 117 111.12 54.74 46.43
CA LYS I 117 112.56 54.61 46.31
C LYS I 117 113.04 53.24 46.82
N PHE I 118 112.27 52.64 47.72
CA PHE I 118 112.60 51.32 48.24
C PHE I 118 111.93 50.24 47.40
N ILE I 119 110.64 50.45 47.11
CA ILE I 119 109.80 49.43 46.52
C ILE I 119 110.21 49.14 45.08
N ILE I 120 110.33 50.20 44.27
CA ILE I 120 110.39 50.04 42.82
C ILE I 120 111.64 49.26 42.41
N PRO I 121 112.86 49.61 42.91
CA PRO I 121 114.07 48.85 42.58
C PRO I 121 114.00 47.37 42.94
N ASN I 122 113.30 47.07 44.04
CA ASN I 122 113.14 45.70 44.49
C ASN I 122 112.22 44.91 43.56
N VAL I 123 111.13 45.55 43.14
CA VAL I 123 110.20 44.94 42.20
C VAL I 123 110.94 44.62 40.91
N VAL I 124 111.71 45.60 40.41
CA VAL I 124 112.38 45.52 39.13
C VAL I 124 113.46 44.44 39.19
N LYS I 125 114.14 44.33 40.34
CA LYS I 125 115.16 43.33 40.54
C LYS I 125 114.64 41.93 40.18
N TYR I 126 113.44 41.60 40.67
CA TYR I 126 112.93 40.23 40.63
C TYR I 126 111.99 39.98 39.45
N SER I 127 111.40 41.04 38.88
CA SER I 127 110.54 40.94 37.71
C SER I 127 110.88 42.03 36.71
N PRO I 128 112.05 41.98 36.05
CA PRO I 128 112.49 43.06 35.17
C PRO I 128 111.59 43.29 33.94
N ASN I 129 110.78 42.28 33.60
CA ASN I 129 109.98 42.39 32.38
C ASN I 129 108.50 42.58 32.70
N CYS I 130 108.20 42.91 33.97
CA CYS I 130 106.82 43.06 34.37
C CYS I 130 106.25 44.36 33.83
N LYS I 131 104.92 44.47 33.89
CA LYS I 131 104.26 45.75 33.81
C LYS I 131 104.02 46.23 35.23
N LEU I 132 104.26 47.52 35.45
CA LEU I 132 104.01 48.16 36.72
C LEU I 132 102.67 48.88 36.66
N LEU I 133 101.75 48.51 37.54
CA LEU I 133 100.49 49.22 37.68
C LEU I 133 100.49 49.96 39.02
N ILE I 134 100.57 51.30 38.96
CA ILE I 134 100.66 52.13 40.15
C ILE I 134 99.25 52.52 40.59
N VAL I 135 98.95 52.29 41.87
CA VAL I 135 97.64 52.60 42.42
C VAL I 135 97.78 53.62 43.54
N SER I 136 98.95 53.63 44.21
CA SER I 136 99.27 54.55 45.28
C SER I 136 99.11 55.99 44.81
N ASN I 137 98.74 56.88 45.74
CA ASN I 137 98.40 58.25 45.41
C ASN I 137 99.53 59.19 45.83
N PRO I 138 99.72 60.36 45.18
CA PRO I 138 98.96 60.74 43.98
C PRO I 138 99.45 59.92 42.78
N VAL I 139 98.52 59.16 42.18
CA VAL I 139 98.85 58.10 41.24
C VAL I 139 99.58 58.67 40.02
N ASP I 140 99.23 59.90 39.61
CA ASP I 140 99.76 60.44 38.36
C ASP I 140 101.24 60.77 38.53
N ILE I 141 101.55 61.43 39.65
CA ILE I 141 102.93 61.75 39.98
C ILE I 141 103.71 60.48 40.28
N LEU I 142 103.11 59.55 41.04
CA LEU I 142 103.81 58.35 41.44
C LEU I 142 104.04 57.41 40.26
N THR I 143 103.23 57.52 39.21
CA THR I 143 103.48 56.76 37.99
C THR I 143 104.75 57.26 37.34
N TYR I 144 104.89 58.59 37.29
CA TYR I 144 106.08 59.24 36.79
C TYR I 144 107.29 58.82 37.61
N VAL I 145 107.11 58.78 38.94
CA VAL I 145 108.19 58.40 39.84
C VAL I 145 108.61 56.96 39.57
N ALA I 146 107.64 56.05 39.50
CA ALA I 146 107.92 54.64 39.23
C ALA I 146 108.64 54.50 37.89
N TRP I 147 108.33 55.38 36.94
CA TRP I 147 108.92 55.33 35.61
C TRP I 147 110.39 55.75 35.67
N LYS I 148 110.66 56.86 36.38
CA LYS I 148 112.01 57.36 36.56
C LYS I 148 112.86 56.34 37.32
N ILE I 149 112.30 55.77 38.41
CA ILE I 149 113.07 54.89 39.27
C ILE I 149 113.36 53.57 38.57
N SER I 150 112.33 52.96 37.99
CA SER I 150 112.41 51.63 37.39
C SER I 150 113.35 51.60 36.18
N GLY I 151 113.35 52.68 35.39
CA GLY I 151 114.07 52.74 34.13
C GLY I 151 113.36 51.99 33.01
N PHE I 152 112.10 51.61 33.28
CA PHE I 152 111.28 50.88 32.31
C PHE I 152 110.90 51.81 31.16
N PRO I 153 110.60 51.25 29.97
CA PRO I 153 109.97 52.03 28.91
C PRO I 153 108.58 52.42 29.41
N LYS I 154 108.05 53.52 28.87
CA LYS I 154 106.86 54.14 29.43
C LYS I 154 105.62 53.27 29.24
N ASN I 155 105.68 52.33 28.28
CA ASN I 155 104.53 51.47 28.04
C ASN I 155 104.31 50.50 29.18
N ARG I 156 105.36 50.24 29.98
CA ARG I 156 105.27 49.25 31.06
C ARG I 156 105.08 49.92 32.43
N VAL I 157 104.75 51.21 32.45
CA VAL I 157 104.45 51.87 33.71
C VAL I 157 103.10 52.58 33.57
N ILE I 158 102.09 52.04 34.26
CA ILE I 158 100.70 52.41 34.09
C ILE I 158 100.16 52.85 35.46
N GLY I 159 99.54 54.03 35.53
CA GLY I 159 98.83 54.43 36.74
C GLY I 159 97.35 54.14 36.61
N SER I 160 96.72 53.65 37.69
CA SER I 160 95.31 53.32 37.68
C SER I 160 94.48 54.53 37.25
N GLY I 161 95.00 55.72 37.54
CA GLY I 161 94.52 56.97 36.97
C GLY I 161 93.02 57.16 37.14
N CYS I 162 92.35 57.54 36.06
CA CYS I 162 90.94 57.91 36.10
C CYS I 162 90.02 56.78 35.67
N ASN I 163 90.53 55.53 35.67
CA ASN I 163 89.69 54.38 35.35
C ASN I 163 88.51 54.37 36.34
N LEU I 164 88.81 54.64 37.61
CA LEU I 164 87.79 54.62 38.65
C LEU I 164 86.89 55.86 38.53
N ASP I 165 87.47 57.02 38.25
CA ASP I 165 86.72 58.27 38.12
C ASP I 165 85.68 58.11 37.02
N SER I 166 86.10 57.52 35.89
CA SER I 166 85.22 57.31 34.76
C SER I 166 84.13 56.31 35.13
N ALA I 167 84.48 55.28 35.91
CA ALA I 167 83.54 54.27 36.37
C ALA I 167 82.46 54.91 37.25
N ARG I 168 82.88 55.78 38.17
CA ARG I 168 81.98 56.52 39.03
C ARG I 168 81.07 57.40 38.17
N PHE I 169 81.68 58.11 37.22
CA PHE I 169 80.99 59.01 36.32
C PHE I 169 79.86 58.28 35.61
N ARG I 170 80.18 57.11 35.08
CA ARG I 170 79.23 56.31 34.32
C ARG I 170 78.15 55.74 35.24
N TYR I 171 78.51 55.45 36.49
CA TYR I 171 77.53 54.99 37.45
C TYR I 171 76.47 56.06 37.68
N LEU I 172 76.94 57.28 37.93
CA LEU I 172 76.07 58.41 38.23
C LEU I 172 75.25 58.80 37.00
N MET I 173 75.90 58.77 35.82
CA MET I 173 75.23 59.00 34.56
C MET I 173 74.05 58.03 34.44
N GLY I 174 74.34 56.75 34.69
CA GLY I 174 73.35 55.69 34.61
C GLY I 174 72.19 55.89 35.58
N GLU I 175 72.49 56.36 36.79
CA GLU I 175 71.50 56.61 37.82
C GLU I 175 70.49 57.65 37.31
N ARG I 176 71.02 58.71 36.70
CA ARG I 176 70.20 59.79 36.20
C ARG I 176 69.33 59.33 35.02
N LEU I 177 69.89 58.47 34.15
CA LEU I 177 69.23 58.17 32.88
C LEU I 177 68.39 56.89 32.95
N GLY I 178 68.58 56.07 34.00
CA GLY I 178 67.89 54.79 34.13
C GLY I 178 68.46 53.74 33.18
N VAL I 179 69.78 53.81 32.97
CA VAL I 179 70.50 52.91 32.08
C VAL I 179 71.67 52.30 32.85
N HIS I 180 71.97 51.03 32.58
CA HIS I 180 73.13 50.40 33.18
C HIS I 180 74.38 51.18 32.80
N PRO I 181 75.34 51.39 33.74
CA PRO I 181 76.59 52.08 33.42
C PRO I 181 77.31 51.54 32.19
N LEU I 182 77.12 50.25 31.89
CA LEU I 182 77.78 49.63 30.77
C LEU I 182 77.36 50.32 29.47
N SER I 183 76.12 50.84 29.44
CA SER I 183 75.56 51.46 28.25
C SER I 183 75.64 53.00 28.31
N CYS I 184 76.25 53.52 29.37
CA CYS I 184 76.49 54.96 29.56
C CYS I 184 77.96 55.26 29.32
N HIS I 185 78.26 56.16 28.38
CA HIS I 185 79.63 56.43 27.98
C HIS I 185 79.99 57.86 28.31
N GLY I 186 81.23 58.06 28.76
CA GLY I 186 81.71 59.34 29.23
C GLY I 186 83.07 59.17 29.94
N TRP I 187 83.99 60.09 29.65
CA TRP I 187 85.36 59.98 30.10
C TRP I 187 85.71 61.12 31.05
N VAL I 188 86.35 60.76 32.16
CA VAL I 188 86.99 61.72 33.05
C VAL I 188 88.50 61.53 32.89
N LEU I 189 89.18 62.61 32.48
CA LEU I 189 90.61 62.54 32.15
C LEU I 189 91.42 63.50 33.03
N GLY I 190 92.74 63.45 32.88
CA GLY I 190 93.64 64.30 33.64
C GLY I 190 94.04 63.68 34.98
N GLU I 191 94.09 64.52 36.02
CA GLU I 191 94.48 64.09 37.36
C GLU I 191 93.36 63.23 37.95
N HIS I 192 93.77 62.10 38.55
CA HIS I 192 92.91 61.39 39.45
C HIS I 192 92.86 62.20 40.74
N GLY I 193 91.95 63.17 40.77
CA GLY I 193 91.90 64.11 41.87
C GLY I 193 91.01 65.29 41.51
N ASP I 194 91.26 66.40 42.20
CA ASP I 194 90.41 67.58 42.20
C ASP I 194 90.35 68.24 40.83
N SER I 195 91.40 68.10 40.02
CA SER I 195 91.47 68.78 38.74
C SER I 195 91.11 67.87 37.56
N SER I 196 90.33 66.82 37.82
CA SER I 196 89.89 65.93 36.75
C SER I 196 88.99 66.67 35.76
N VAL I 197 89.02 66.21 34.50
CA VAL I 197 88.32 66.88 33.42
C VAL I 197 87.25 65.95 32.85
N PRO I 198 85.95 66.28 32.99
CA PRO I 198 84.87 65.52 32.37
C PRO I 198 84.71 65.95 30.92
N VAL I 199 84.74 64.96 30.01
CA VAL I 199 84.67 65.23 28.58
C VAL I 199 83.20 65.17 28.15
N TRP I 200 82.51 66.31 28.34
CA TRP I 200 81.08 66.45 28.03
C TRP I 200 80.83 66.17 26.56
N SER I 201 81.81 66.52 25.69
CA SER I 201 81.65 66.37 24.26
C SER I 201 81.50 64.89 23.86
N GLY I 202 82.01 63.97 24.72
CA GLY I 202 82.04 62.56 24.42
C GLY I 202 80.91 61.75 25.06
N MET I 203 80.16 62.39 25.98
CA MET I 203 79.12 61.72 26.73
C MET I 203 77.99 61.27 25.80
N ASN I 204 77.63 59.98 25.88
CA ASN I 204 76.63 59.45 24.96
C ASN I 204 76.00 58.18 25.52
N VAL I 205 74.78 57.90 25.03
CA VAL I 205 74.11 56.62 25.19
C VAL I 205 73.75 56.15 23.79
N ALA I 206 74.08 54.89 23.48
CA ALA I 206 73.78 54.28 22.20
C ALA I 206 74.27 55.15 21.03
N GLY I 207 75.37 55.87 21.24
CA GLY I 207 75.99 56.66 20.19
C GLY I 207 75.36 58.04 20.02
N VAL I 208 74.36 58.36 20.84
CA VAL I 208 73.66 59.62 20.75
C VAL I 208 74.35 60.61 21.68
N SER I 209 74.95 61.66 21.11
CA SER I 209 75.65 62.68 21.88
C SER I 209 74.69 63.44 22.79
N LEU I 210 74.99 63.43 24.09
CA LEU I 210 74.14 64.08 25.08
C LEU I 210 74.27 65.60 24.97
N LYS I 211 75.46 66.08 24.60
CA LYS I 211 75.71 67.50 24.44
C LYS I 211 74.92 68.04 23.23
N THR I 212 74.77 67.20 22.20
CA THR I 212 73.97 67.54 21.03
C THR I 212 72.50 67.72 21.44
N LEU I 213 72.01 66.78 22.25
CA LEU I 213 70.63 66.80 22.72
C LEU I 213 70.41 67.97 23.68
N HIS I 214 71.45 68.32 24.44
CA HIS I 214 71.33 69.25 25.55
C HIS I 214 72.60 70.10 25.61
N PRO I 215 72.68 71.19 24.82
CA PRO I 215 73.90 71.97 24.70
C PRO I 215 74.40 72.58 26.00
N ASP I 216 73.48 72.76 26.98
CA ASP I 216 73.90 73.31 28.26
C ASP I 216 74.71 72.32 29.09
N LEU I 217 74.70 71.05 28.68
CA LEU I 217 75.35 69.97 29.42
C LEU I 217 76.27 70.23 30.61
N GLY I 218 77.56 70.56 30.45
CA GLY I 218 78.45 70.68 31.59
C GLY I 218 78.69 72.12 31.98
N THR I 219 77.76 73.02 31.66
CA THR I 219 77.94 74.44 31.92
C THR I 219 77.19 74.81 33.20
N ASP I 220 77.45 76.03 33.70
CA ASP I 220 76.79 76.56 34.89
C ASP I 220 75.34 76.92 34.58
N LYS I 221 75.05 77.25 33.31
CA LYS I 221 73.71 77.64 32.92
C LYS I 221 72.76 76.44 32.95
N ASP I 222 73.32 75.23 32.89
CA ASP I 222 72.58 73.98 32.79
C ASP I 222 71.53 73.85 33.88
N LYS I 223 70.26 73.86 33.44
CA LYS I 223 69.10 73.73 34.32
C LYS I 223 69.14 72.38 35.05
N GLU I 224 69.74 71.38 34.40
CA GLU I 224 69.77 70.01 34.92
C GLU I 224 71.01 69.78 35.78
N GLN I 225 71.97 70.69 35.71
CA GLN I 225 73.13 70.69 36.58
C GLN I 225 73.95 69.42 36.40
N TRP I 226 74.30 69.12 35.15
CA TRP I 226 75.11 67.94 34.90
C TRP I 226 76.53 68.10 35.45
N LYS I 227 76.95 69.34 35.66
CA LYS I 227 78.26 69.63 36.21
C LYS I 227 78.41 68.96 37.58
N GLU I 228 77.29 68.81 38.28
CA GLU I 228 77.22 68.24 39.62
C GLU I 228 77.60 66.76 39.59
N VAL I 229 77.36 66.08 38.46
CA VAL I 229 77.76 64.69 38.33
C VAL I 229 79.28 64.59 38.46
N HIS I 230 80.00 65.48 37.79
CA HIS I 230 81.45 65.47 37.90
C HIS I 230 81.89 65.89 39.28
N LYS I 231 81.14 66.81 39.90
CA LYS I 231 81.51 67.28 41.22
C LYS I 231 81.44 66.11 42.21
N GLN I 232 80.46 65.23 41.97
CA GLN I 232 80.26 64.07 42.80
C GLN I 232 81.39 63.06 42.57
N VAL I 233 81.96 63.08 41.37
CA VAL I 233 83.07 62.19 41.06
C VAL I 233 84.31 62.63 41.85
N VAL I 234 84.59 63.92 41.82
CA VAL I 234 85.72 64.50 42.54
C VAL I 234 85.56 64.22 44.03
N GLU I 235 84.33 64.28 44.53
CA GLU I 235 84.07 64.27 45.96
C GLU I 235 83.84 62.85 46.50
N SER I 236 83.72 61.86 45.60
CA SER I 236 83.41 60.49 45.97
C SER I 236 84.39 59.99 47.03
N ALA I 237 85.68 60.04 46.70
CA ALA I 237 86.72 59.50 47.56
C ALA I 237 86.62 60.11 48.96
N TYR I 238 86.45 61.43 49.01
CA TYR I 238 86.38 62.13 50.27
C TYR I 238 85.13 61.74 51.05
N GLU I 239 84.01 61.54 50.34
CA GLU I 239 82.78 61.23 51.04
C GLU I 239 82.84 59.80 51.58
N VAL I 240 83.39 58.87 50.79
CA VAL I 240 83.50 57.50 51.26
C VAL I 240 84.46 57.45 52.43
N ILE I 241 85.60 58.18 52.33
CA ILE I 241 86.57 58.24 53.41
C ILE I 241 85.89 58.76 54.67
N LYS I 242 85.10 59.84 54.50
CA LYS I 242 84.37 60.44 55.61
C LYS I 242 83.46 59.39 56.26
N LEU I 243 82.83 58.54 55.44
CA LEU I 243 81.80 57.65 55.93
C LEU I 243 82.37 56.36 56.52
N LYS I 244 83.40 55.79 55.86
CA LYS I 244 83.87 54.47 56.27
C LYS I 244 85.39 54.44 56.54
N GLY I 245 86.08 55.56 56.31
CA GLY I 245 87.47 55.70 56.70
C GLY I 245 88.43 55.53 55.53
N TYR I 246 87.99 54.85 54.47
CA TYR I 246 88.85 54.58 53.33
C TYR I 246 87.98 54.16 52.15
N THR I 247 88.57 54.05 50.95
CA THR I 247 87.90 53.39 49.85
C THR I 247 88.67 52.11 49.53
N SER I 248 87.96 51.08 49.07
CA SER I 248 88.58 49.80 48.81
C SER I 248 87.95 49.09 47.60
N TRP I 249 86.63 48.87 47.65
CA TRP I 249 86.00 47.93 46.74
C TRP I 249 86.06 48.43 45.29
N ALA I 250 85.75 49.71 45.09
CA ALA I 250 85.65 50.30 43.76
C ALA I 250 87.03 50.32 43.08
N ILE I 251 88.04 50.76 43.82
CA ILE I 251 89.39 50.82 43.30
C ILE I 251 89.90 49.40 43.02
N GLY I 252 89.52 48.46 43.87
CA GLY I 252 89.89 47.05 43.72
C GLY I 252 89.39 46.48 42.39
N LEU I 253 88.09 46.69 42.15
CA LEU I 253 87.45 46.24 40.92
C LEU I 253 88.07 46.95 39.72
N SER I 254 88.32 48.26 39.87
CA SER I 254 88.89 49.06 38.80
C SER I 254 90.26 48.50 38.38
N VAL I 255 91.07 48.12 39.38
CA VAL I 255 92.42 47.60 39.18
C VAL I 255 92.35 46.22 38.52
N ALA I 256 91.39 45.38 38.94
CA ALA I 256 91.25 44.06 38.34
C ALA I 256 90.82 44.21 36.88
N ASP I 257 90.05 45.27 36.61
CA ASP I 257 89.62 45.59 35.26
C ASP I 257 90.85 45.83 34.37
N LEU I 258 91.78 46.63 34.89
CA LEU I 258 92.99 46.95 34.15
C LEU I 258 93.85 45.70 34.01
N ALA I 259 93.98 44.94 35.10
CA ALA I 259 94.74 43.70 35.13
C ALA I 259 94.23 42.73 34.06
N GLU I 260 92.89 42.65 33.93
CA GLU I 260 92.28 41.76 32.96
C GLU I 260 92.73 42.10 31.54
N SER I 261 92.73 43.40 31.21
CA SER I 261 93.11 43.84 29.89
C SER I 261 94.59 43.55 29.62
N ILE I 262 95.43 43.72 30.65
CA ILE I 262 96.85 43.49 30.49
C ILE I 262 97.11 41.99 30.32
N MET I 263 96.61 41.17 31.25
CA MET I 263 96.92 39.75 31.30
C MET I 263 96.38 39.01 30.08
N LYS I 264 95.20 39.42 29.60
CA LYS I 264 94.54 38.71 28.50
C LYS I 264 94.80 39.40 27.17
N ASN I 265 95.60 40.47 27.16
CA ASN I 265 96.01 41.21 25.96
C ASN I 265 94.80 41.66 25.15
N LEU I 266 93.80 42.23 25.83
CA LEU I 266 92.52 42.53 25.23
C LEU I 266 92.59 43.70 24.25
N ARG I 267 93.50 44.66 24.49
CA ARG I 267 93.56 45.90 23.73
C ARG I 267 92.26 46.67 23.87
N ARG I 268 91.75 46.69 25.10
CA ARG I 268 90.65 47.57 25.46
C ARG I 268 91.20 48.95 25.79
N VAL I 269 90.31 49.93 25.77
CA VAL I 269 90.69 51.32 26.01
C VAL I 269 90.27 51.71 27.44
N HIS I 270 91.24 52.20 28.22
CA HIS I 270 91.03 52.61 29.60
C HIS I 270 91.69 53.96 29.80
N PRO I 271 91.08 54.86 30.63
CA PRO I 271 91.71 56.12 30.98
C PRO I 271 92.70 55.90 32.13
N VAL I 272 94.00 55.85 31.82
CA VAL I 272 95.02 55.46 32.79
C VAL I 272 96.16 56.47 32.69
N SER I 273 96.98 56.56 33.76
CA SER I 273 98.05 57.55 33.81
C SER I 273 99.21 57.13 32.94
N THR I 274 99.59 58.03 32.03
CA THR I 274 100.73 57.79 31.17
C THR I 274 101.35 59.13 30.80
N MET I 275 102.53 59.07 30.17
CA MET I 275 103.19 60.29 29.79
C MET I 275 102.47 60.90 28.59
N ILE I 276 102.08 62.18 28.71
CA ILE I 276 101.30 62.86 27.68
C ILE I 276 102.09 64.00 27.04
N LYS I 277 103.39 64.09 27.34
CA LYS I 277 104.25 65.06 26.69
C LYS I 277 104.02 65.03 25.18
N GLY I 278 103.83 66.20 24.58
CA GLY I 278 103.61 66.38 23.15
C GLY I 278 102.14 66.43 22.75
N LEU I 279 101.23 66.15 23.68
CA LEU I 279 99.80 66.25 23.40
C LEU I 279 99.21 67.45 24.12
N TYR I 280 98.24 68.10 23.46
CA TYR I 280 97.49 69.21 24.01
C TYR I 280 98.41 70.33 24.47
N GLY I 281 99.58 70.44 23.82
CA GLY I 281 100.52 71.53 24.05
C GLY I 281 101.29 71.39 25.37
N ILE I 282 101.21 70.20 25.99
CA ILE I 282 102.00 69.92 27.17
C ILE I 282 103.42 69.55 26.72
N LYS I 283 104.43 70.22 27.32
CA LYS I 283 105.80 70.12 26.86
C LYS I 283 106.69 69.41 27.87
N ASP I 284 106.15 69.09 29.05
CA ASP I 284 106.93 68.50 30.12
C ASP I 284 106.59 67.04 30.31
N ASP I 285 107.35 66.36 31.17
CA ASP I 285 107.19 64.93 31.41
C ASP I 285 106.04 64.67 32.36
N VAL I 286 104.85 65.17 32.03
CA VAL I 286 103.71 65.03 32.91
C VAL I 286 103.04 63.70 32.61
N PHE I 287 102.66 62.99 33.69
CA PHE I 287 101.79 61.84 33.54
C PHE I 287 100.38 62.22 33.98
N LEU I 288 99.38 61.92 33.13
CA LEU I 288 98.00 61.95 33.57
C LEU I 288 97.17 61.00 32.72
N SER I 289 95.88 60.95 33.01
CA SER I 289 95.01 59.98 32.38
C SER I 289 94.49 60.50 31.03
N VAL I 290 94.74 59.69 29.99
CA VAL I 290 94.08 59.79 28.69
C VAL I 290 93.66 58.36 28.33
N PRO I 291 92.71 58.16 27.37
CA PRO I 291 92.33 56.81 26.98
C PRO I 291 93.51 56.12 26.28
N CYS I 292 93.87 54.95 26.82
CA CYS I 292 95.00 54.19 26.31
C CYS I 292 94.54 52.77 25.96
N ILE I 293 95.19 52.19 24.94
CA ILE I 293 94.99 50.79 24.58
C ILE I 293 95.89 49.93 25.46
N LEU I 294 95.27 49.00 26.20
CA LEU I 294 95.95 48.19 27.20
C LEU I 294 96.03 46.74 26.72
N GLY I 295 97.24 46.22 26.80
CA GLY I 295 97.47 44.83 26.46
C GLY I 295 98.70 44.28 27.18
N GLN I 296 99.23 43.20 26.62
CA GLN I 296 100.28 42.43 27.27
C GLN I 296 101.60 43.19 27.32
N ASN I 297 101.73 44.29 26.55
CA ASN I 297 102.92 45.13 26.64
C ASN I 297 102.60 46.42 27.38
N GLY I 298 101.47 46.43 28.09
CA GLY I 298 101.01 47.61 28.80
C GLY I 298 100.29 48.57 27.85
N ILE I 299 100.69 49.84 27.89
CA ILE I 299 100.08 50.85 27.04
C ILE I 299 100.79 50.84 25.69
N SER I 300 100.12 50.31 24.68
CA SER I 300 100.69 50.24 23.34
C SER I 300 100.37 51.50 22.55
N ASP I 301 99.26 52.18 22.90
CA ASP I 301 98.73 53.28 22.11
C ASP I 301 97.91 54.20 23.00
N LEU I 302 97.80 55.47 22.57
CA LEU I 302 96.92 56.46 23.18
C LEU I 302 95.84 56.81 22.16
N VAL I 303 94.61 57.03 22.64
CA VAL I 303 93.61 57.66 21.82
C VAL I 303 93.78 59.16 21.98
N LYS I 304 93.83 59.87 20.86
CA LYS I 304 93.98 61.31 20.86
C LYS I 304 92.59 61.93 20.88
N VAL I 305 92.02 62.07 22.08
CA VAL I 305 90.66 62.54 22.23
C VAL I 305 90.61 64.00 21.75
N THR I 306 89.56 64.32 21.00
CA THR I 306 89.27 65.70 20.66
C THR I 306 88.57 66.38 21.83
N LEU I 307 89.13 67.50 22.25
CA LEU I 307 88.62 68.25 23.39
C LEU I 307 88.14 69.62 22.92
N THR I 308 87.06 70.11 23.54
CA THR I 308 86.71 71.50 23.39
C THR I 308 87.87 72.33 23.97
N SER I 309 88.00 73.57 23.51
CA SER I 309 89.06 74.46 23.98
C SER I 309 89.04 74.57 25.51
N GLU I 310 87.85 74.52 26.11
CA GLU I 310 87.74 74.60 27.55
C GLU I 310 88.18 73.29 28.20
N GLU I 311 87.70 72.15 27.65
CA GLU I 311 88.12 70.83 28.11
C GLU I 311 89.65 70.73 28.01
N GLU I 312 90.22 71.25 26.92
CA GLU I 312 91.67 71.23 26.75
C GLU I 312 92.35 72.16 27.76
N ALA I 313 91.72 73.31 28.02
CA ALA I 313 92.24 74.25 28.99
C ALA I 313 92.31 73.62 30.38
N ARG I 314 91.25 72.89 30.75
CA ARG I 314 91.16 72.20 32.04
C ARG I 314 92.24 71.13 32.16
N LEU I 315 92.52 70.44 31.05
CA LEU I 315 93.52 69.39 31.03
C LEU I 315 94.93 69.98 31.13
N LYS I 316 95.15 71.15 30.53
CA LYS I 316 96.43 71.84 30.62
C LYS I 316 96.63 72.35 32.05
N LYS I 317 95.53 72.74 32.70
CA LYS I 317 95.54 73.19 34.09
C LYS I 317 95.92 72.03 35.02
N SER I 318 95.33 70.85 34.74
CA SER I 318 95.62 69.63 35.47
C SER I 318 97.11 69.31 35.31
N ALA I 319 97.59 69.42 34.06
CA ALA I 319 98.99 69.15 33.74
C ALA I 319 99.91 70.07 34.54
N ASP I 320 99.55 71.36 34.61
CA ASP I 320 100.36 72.36 35.28
C ASP I 320 100.45 72.04 36.77
N THR I 321 99.30 71.78 37.39
CA THR I 321 99.24 71.43 38.81
C THR I 321 100.24 70.30 39.09
N LEU I 322 100.16 69.24 38.27
CA LEU I 322 100.94 68.05 38.47
C LEU I 322 102.43 68.32 38.26
N TRP I 323 102.73 69.05 37.18
CA TRP I 323 104.11 69.36 36.85
C TRP I 323 104.74 70.23 37.93
N GLY I 324 103.93 71.12 38.51
CA GLY I 324 104.39 71.97 39.59
C GLY I 324 104.99 71.15 40.73
N ILE I 325 104.34 70.03 41.05
CA ILE I 325 104.81 69.19 42.14
C ILE I 325 105.96 68.31 41.66
N GLN I 326 105.83 67.79 40.43
CA GLN I 326 106.79 66.87 39.86
C GLN I 326 108.18 67.50 39.79
N LYS I 327 108.24 68.76 39.38
CA LYS I 327 109.52 69.42 39.17
C LYS I 327 110.29 69.55 40.48
N GLU I 328 109.59 69.55 41.62
CA GLU I 328 110.22 69.79 42.89
C GLU I 328 110.81 68.50 43.48
N LEU I 329 110.56 67.34 42.84
CA LEU I 329 110.81 66.07 43.47
C LEU I 329 112.31 65.71 43.49
N GLN I 330 112.71 65.13 44.60
CA GLN I 330 114.12 64.88 44.89
C GLN I 330 114.27 63.38 45.01
N PHE I 331 114.88 62.75 43.99
CA PHE I 331 115.12 61.31 44.08
C PHE I 331 115.94 60.82 42.93
N ALA J 1 60.52 67.57 27.46
CA ALA J 1 61.28 68.82 27.77
C ALA J 1 62.68 68.45 28.26
N THR J 2 62.74 67.52 29.23
CA THR J 2 63.99 67.21 29.93
C THR J 2 64.92 66.43 29.00
N LEU J 3 66.22 66.38 29.36
CA LEU J 3 67.21 65.63 28.60
C LEU J 3 66.80 64.14 28.55
N LYS J 4 66.35 63.62 29.70
CA LYS J 4 65.93 62.23 29.81
C LYS J 4 64.83 61.92 28.79
N ASP J 5 63.86 62.84 28.66
CA ASP J 5 62.73 62.66 27.76
C ASP J 5 63.13 62.83 26.29
N GLN J 6 64.09 63.73 26.03
CA GLN J 6 64.60 63.89 24.68
C GLN J 6 65.33 62.63 24.24
N LEU J 7 65.98 61.95 25.19
CA LEU J 7 66.86 60.84 24.86
C LEU J 7 66.07 59.52 24.86
N ILE J 8 65.13 59.39 25.79
CA ILE J 8 64.51 58.10 26.07
C ILE J 8 62.99 58.19 25.93
N TYR J 9 62.44 57.31 25.10
CA TYR J 9 61.00 57.13 25.01
C TYR J 9 60.66 55.91 25.86
N ASN J 10 59.69 56.08 26.75
CA ASN J 10 59.27 55.08 27.73
C ASN J 10 58.15 54.23 27.18
N LEU J 11 58.29 52.91 27.25
CA LEU J 11 57.24 51.94 26.96
C LEU J 11 56.50 51.56 28.22
N LEU J 12 57.21 51.47 29.33
CA LEU J 12 56.75 50.72 30.48
C LEU J 12 57.00 51.49 31.76
N LYS J 13 55.97 51.55 32.60
CA LYS J 13 56.06 52.16 33.92
C LYS J 13 56.29 51.19 35.09
N GLU J 14 55.29 50.36 35.45
CA GLU J 14 55.15 49.88 36.82
C GLU J 14 56.23 48.83 37.17
N GLU J 15 57.34 49.34 37.75
CA GLU J 15 58.69 48.75 37.68
C GLU J 15 59.12 48.17 39.02
N GLN J 16 60.35 47.69 39.06
CA GLN J 16 61.02 47.14 40.24
C GLN J 16 60.80 45.65 40.41
N THR J 17 60.24 45.25 41.56
CA THR J 17 60.27 44.01 42.32
C THR J 17 61.38 42.99 42.03
N PRO J 18 62.29 42.76 43.00
CA PRO J 18 63.48 41.93 42.71
C PRO J 18 63.08 40.46 42.57
N GLN J 19 63.76 39.75 41.67
CA GLN J 19 63.49 38.33 41.49
C GLN J 19 64.49 37.48 42.28
N ASN J 20 65.68 38.02 42.54
CA ASN J 20 66.78 37.24 43.08
C ASN J 20 67.58 38.07 44.08
N LYS J 21 66.88 38.55 45.10
CA LYS J 21 67.46 39.52 46.02
C LYS J 21 68.14 38.80 47.19
N ILE J 22 69.32 39.29 47.55
CA ILE J 22 70.04 38.84 48.72
C ILE J 22 70.26 40.02 49.65
N THR J 23 70.00 39.78 50.94
CA THR J 23 70.29 40.75 51.99
C THR J 23 71.44 40.24 52.84
N VAL J 24 72.39 41.14 53.12
CA VAL J 24 73.42 40.88 54.11
C VAL J 24 73.19 41.82 55.28
N VAL J 25 72.94 41.25 56.46
CA VAL J 25 72.79 41.99 57.70
C VAL J 25 74.13 42.01 58.40
N GLY J 26 74.65 43.21 58.69
CA GLY J 26 75.98 43.39 59.26
C GLY J 26 77.01 43.73 58.21
N VAL J 27 77.63 44.92 58.30
CA VAL J 27 78.62 45.34 57.31
C VAL J 27 80.00 45.43 57.96
N GLY J 28 80.25 44.52 58.93
CA GLY J 28 81.60 44.26 59.43
C GLY J 28 82.42 43.55 58.36
N ALA J 29 83.67 43.18 58.69
CA ALA J 29 84.56 42.61 57.69
C ALA J 29 83.94 41.36 57.06
N VAL J 30 83.22 40.58 57.86
CA VAL J 30 82.62 39.34 57.40
C VAL J 30 81.47 39.65 56.44
N GLY J 31 80.59 40.56 56.85
CA GLY J 31 79.45 40.96 56.04
C GLY J 31 79.88 41.44 54.66
N MET J 32 80.94 42.26 54.63
CA MET J 32 81.37 42.88 53.40
C MET J 32 82.12 41.88 52.52
N ALA J 33 82.79 40.90 53.13
CA ALA J 33 83.42 39.83 52.38
C ALA J 33 82.36 38.94 51.73
N CYS J 34 81.25 38.72 52.44
CA CYS J 34 80.10 38.01 51.89
C CYS J 34 79.54 38.81 50.71
N ALA J 35 79.40 40.13 50.90
CA ALA J 35 78.85 41.03 49.89
C ALA J 35 79.68 40.98 48.60
N ILE J 36 80.99 41.22 48.71
CA ILE J 36 81.86 41.28 47.54
C ILE J 36 81.86 39.94 46.81
N SER J 37 81.89 38.85 47.58
CA SER J 37 81.94 37.50 47.04
C SER J 37 80.66 37.20 46.25
N ILE J 38 79.51 37.59 46.82
CA ILE J 38 78.23 37.42 46.17
C ILE J 38 78.14 38.30 44.93
N LEU J 39 78.62 39.54 45.03
CA LEU J 39 78.56 40.45 43.90
C LEU J 39 79.37 39.91 42.73
N MET J 40 80.50 39.27 43.03
CA MET J 40 81.37 38.86 41.94
C MET J 40 80.99 37.47 41.41
N LYS J 41 80.04 36.79 42.07
CA LYS J 41 79.58 35.51 41.56
C LYS J 41 78.21 35.63 40.88
N ASP J 42 77.70 36.87 40.78
CA ASP J 42 76.47 37.23 40.07
C ASP J 42 75.26 36.48 40.62
N LEU J 43 75.17 36.32 41.94
CA LEU J 43 74.13 35.48 42.53
C LEU J 43 72.83 36.26 42.74
N ALA J 44 72.90 37.60 42.64
CA ALA J 44 71.79 38.45 43.02
C ALA J 44 71.51 39.52 41.95
N ASP J 45 70.23 39.86 41.77
CA ASP J 45 69.82 40.99 40.94
C ASP J 45 69.68 42.24 41.80
N GLU J 46 69.66 42.05 43.13
CA GLU J 46 69.61 43.14 44.08
C GLU J 46 70.30 42.70 45.36
N LEU J 47 71.20 43.56 45.87
CA LEU J 47 71.86 43.34 47.14
C LEU J 47 71.45 44.45 48.10
N ALA J 48 70.96 44.05 49.27
CA ALA J 48 70.63 44.99 50.33
C ALA J 48 71.59 44.77 51.50
N LEU J 49 72.12 45.86 52.05
CA LEU J 49 72.92 45.81 53.25
C LEU J 49 72.15 46.49 54.38
N VAL J 50 72.17 45.87 55.57
CA VAL J 50 71.59 46.49 56.76
C VAL J 50 72.58 46.44 57.91
N ASP J 51 72.62 47.53 58.68
CA ASP J 51 73.40 47.62 59.91
C ASP J 51 72.77 48.70 60.80
N VAL J 52 73.36 48.91 61.96
CA VAL J 52 72.89 49.94 62.90
C VAL J 52 73.77 51.18 62.78
N ILE J 53 75.01 51.00 62.35
CA ILE J 53 75.94 52.11 62.19
C ILE J 53 75.69 52.72 60.81
N GLU J 54 75.10 53.92 60.80
CA GLU J 54 74.50 54.47 59.60
C GLU J 54 75.57 55.01 58.65
N ASP J 55 76.61 55.63 59.23
CA ASP J 55 77.68 56.20 58.43
C ASP J 55 78.45 55.12 57.70
N LYS J 56 78.88 54.09 58.43
CA LYS J 56 79.63 52.97 57.90
C LYS J 56 78.83 52.28 56.79
N LEU J 57 77.53 52.10 57.06
CA LEU J 57 76.61 51.40 56.18
C LEU J 57 76.54 52.11 54.82
N LYS J 58 76.31 53.43 54.86
CA LYS J 58 76.18 54.22 53.65
C LYS J 58 77.50 54.21 52.89
N GLY J 59 78.63 54.29 53.61
CA GLY J 59 79.95 54.29 53.00
C GLY J 59 80.24 53.01 52.22
N GLU J 60 79.91 51.88 52.85
CA GLU J 60 80.09 50.56 52.26
C GLU J 60 79.26 50.45 50.99
N MET J 61 77.97 50.77 51.10
CA MET J 61 77.05 50.75 49.97
C MET J 61 77.63 51.56 48.80
N MET J 62 78.03 52.81 49.07
CA MET J 62 78.57 53.69 48.06
C MET J 62 79.82 53.12 47.41
N ASP J 63 80.70 52.51 48.21
CA ASP J 63 81.95 51.97 47.66
C ASP J 63 81.64 50.87 46.65
N LEU J 64 80.69 50.00 47.00
CA LEU J 64 80.26 48.93 46.11
C LEU J 64 79.60 49.54 44.87
N GLN J 65 78.74 50.54 45.07
CA GLN J 65 78.01 51.17 43.98
C GLN J 65 78.96 51.77 42.96
N HIS J 66 80.08 52.34 43.42
CA HIS J 66 81.01 52.99 42.50
C HIS J 66 81.67 51.97 41.57
N GLY J 67 81.61 50.70 41.95
CA GLY J 67 82.20 49.64 41.13
C GLY J 67 81.17 48.94 40.24
N SER J 68 79.98 49.53 40.11
CA SER J 68 78.85 48.92 39.42
C SER J 68 79.20 48.57 37.97
N LEU J 69 80.07 49.40 37.36
CA LEU J 69 80.49 49.19 35.99
C LEU J 69 81.08 47.79 35.81
N PHE J 70 81.68 47.26 36.89
CA PHE J 70 82.44 46.02 36.80
C PHE J 70 81.66 44.86 37.41
N LEU J 71 80.40 45.08 37.77
CA LEU J 71 79.55 44.05 38.33
C LEU J 71 78.34 43.80 37.44
N ARG J 72 77.57 42.77 37.81
CA ARG J 72 76.34 42.46 37.11
C ARG J 72 75.21 42.34 38.10
N THR J 73 75.31 43.13 39.18
CA THR J 73 74.22 43.27 40.12
C THR J 73 73.77 44.72 40.05
N PRO J 74 72.63 45.01 39.39
CA PRO J 74 72.26 46.38 39.06
C PRO J 74 71.74 47.25 40.22
N LYS J 75 71.31 46.60 41.31
CA LYS J 75 70.73 47.36 42.40
C LYS J 75 71.41 46.99 43.72
N ILE J 76 72.09 47.98 44.32
CA ILE J 76 72.68 47.86 45.64
C ILE J 76 72.03 48.93 46.51
N VAL J 77 71.42 48.50 47.61
CA VAL J 77 70.75 49.40 48.55
C VAL J 77 71.24 49.10 49.97
N SER J 78 71.09 50.10 50.83
CA SER J 78 71.37 49.93 52.25
C SER J 78 70.43 50.80 53.08
N GLY J 79 70.32 50.47 54.37
CA GLY J 79 69.48 51.22 55.28
C GLY J 79 69.47 50.57 56.66
N LYS J 80 69.27 51.41 57.70
CA LYS J 80 68.98 50.95 59.04
C LYS J 80 67.62 50.27 59.07
N ASP J 81 66.70 50.76 58.24
CA ASP J 81 65.34 50.28 58.19
C ASP J 81 65.31 48.99 57.38
N TYR J 82 64.64 47.96 57.92
CA TYR J 82 64.60 46.66 57.27
C TYR J 82 63.69 46.62 56.04
N ASN J 83 63.08 47.76 55.70
CA ASN J 83 62.23 47.77 54.52
C ASN J 83 63.07 47.67 53.25
N VAL J 84 64.38 47.98 53.36
CA VAL J 84 65.28 47.84 52.21
C VAL J 84 65.51 46.36 51.92
N THR J 85 65.05 45.49 52.82
CA THR J 85 65.32 44.05 52.81
C THR J 85 64.19 43.28 52.11
N ALA J 86 63.12 43.98 51.71
CA ALA J 86 61.87 43.35 51.31
C ALA J 86 62.08 42.43 50.10
N ASN J 87 61.43 41.25 50.17
CA ASN J 87 61.38 40.27 49.09
C ASN J 87 62.77 39.69 48.81
N SER J 88 63.56 39.48 49.86
CA SER J 88 64.81 38.77 49.74
C SER J 88 64.52 37.27 49.58
N LYS J 89 65.28 36.60 48.70
CA LYS J 89 65.25 35.15 48.62
C LYS J 89 66.09 34.57 49.75
N LEU J 90 67.19 35.28 50.05
CA LEU J 90 68.19 34.81 51.00
C LEU J 90 68.63 36.00 51.83
N VAL J 91 68.61 35.81 53.16
CA VAL J 91 69.06 36.82 54.10
C VAL J 91 70.21 36.25 54.92
N ILE J 92 71.38 36.88 54.82
CA ILE J 92 72.57 36.41 55.49
C ILE J 92 72.85 37.28 56.72
N ILE J 93 72.82 36.68 57.91
CA ILE J 93 73.04 37.41 59.15
C ILE J 93 74.50 37.27 59.57
N THR J 94 75.22 38.41 59.58
CA THR J 94 76.60 38.43 60.01
C THR J 94 76.79 39.43 61.17
N ALA J 95 75.68 39.99 61.64
CA ALA J 95 75.73 41.02 62.67
C ALA J 95 75.90 40.39 64.04
N GLY J 96 76.47 41.17 64.96
CA GLY J 96 76.70 40.71 66.31
C GLY J 96 78.14 40.94 66.76
N ALA J 97 78.44 40.47 67.97
CA ALA J 97 79.80 40.46 68.47
C ALA J 97 80.54 39.30 67.82
N ARG J 98 81.85 39.47 67.58
CA ARG J 98 82.69 38.37 67.15
C ARG J 98 83.82 38.18 68.15
N GLN J 99 84.45 37.02 68.11
CA GLN J 99 85.40 36.62 69.13
C GLN J 99 86.72 37.41 68.96
N GLN J 100 87.28 37.75 70.08
CA GLN J 100 88.62 38.27 70.19
C GLN J 100 89.61 37.10 70.23
N GLU J 101 90.88 37.50 70.24
CA GLU J 101 92.00 36.60 70.46
C GLU J 101 91.74 35.87 71.77
N GLY J 102 91.75 34.54 71.69
CA GLY J 102 91.57 33.68 72.85
C GLY J 102 90.11 33.40 73.21
N GLU J 103 89.15 34.13 72.61
CA GLU J 103 87.76 34.08 73.05
C GLU J 103 87.01 32.99 72.28
N SER J 104 86.34 32.10 73.05
CA SER J 104 85.49 31.06 72.49
C SER J 104 84.26 31.71 71.86
N ARG J 105 83.84 31.19 70.71
CA ARG J 105 82.62 31.67 70.06
C ARG J 105 81.42 31.52 71.00
N LEU J 106 81.48 30.53 71.91
CA LEU J 106 80.35 30.25 72.79
C LEU J 106 80.18 31.40 73.79
N ASN J 107 81.21 32.25 73.92
CA ASN J 107 81.21 33.37 74.84
C ASN J 107 80.41 34.55 74.29
N LEU J 108 80.02 34.47 73.01
CA LEU J 108 79.28 35.53 72.35
C LEU J 108 77.76 35.34 72.52
N VAL J 109 77.34 34.29 73.24
CA VAL J 109 76.00 33.77 73.02
C VAL J 109 74.91 34.76 73.45
N GLN J 110 75.01 35.29 74.68
CA GLN J 110 73.91 36.07 75.19
C GLN J 110 73.84 37.43 74.49
N ARG J 111 75.01 37.98 74.15
CA ARG J 111 75.08 39.26 73.46
C ARG J 111 74.38 39.14 72.10
N ASN J 112 74.68 38.06 71.38
CA ASN J 112 74.19 37.92 70.02
C ASN J 112 72.76 37.39 70.03
N VAL J 113 72.34 36.67 71.07
CA VAL J 113 70.95 36.25 71.19
C VAL J 113 70.08 37.50 71.32
N ASN J 114 70.55 38.45 72.13
CA ASN J 114 69.83 39.70 72.32
C ASN J 114 69.68 40.44 71.00
N ILE J 115 70.76 40.47 70.21
CA ILE J 115 70.78 41.15 68.93
C ILE J 115 69.77 40.50 67.98
N PHE J 116 69.73 39.16 67.99
CA PHE J 116 68.87 38.39 67.11
C PHE J 116 67.40 38.64 67.41
N LYS J 117 67.09 38.91 68.68
CA LYS J 117 65.73 39.25 69.09
C LYS J 117 65.21 40.49 68.36
N PHE J 118 66.12 41.35 67.90
CA PHE J 118 65.75 42.53 67.15
C PHE J 118 65.76 42.23 65.65
N ILE J 119 66.82 41.55 65.21
CA ILE J 119 67.11 41.38 63.79
C ILE J 119 66.07 40.44 63.15
N ILE J 120 65.88 39.26 63.76
CA ILE J 120 65.21 38.17 63.07
C ILE J 120 63.75 38.53 62.76
N PRO J 121 62.96 39.07 63.73
CA PRO J 121 61.57 39.45 63.45
C PRO J 121 61.44 40.50 62.33
N ASN J 122 62.44 41.39 62.24
CA ASN J 122 62.44 42.42 61.21
C ASN J 122 62.71 41.83 59.84
N VAL J 123 63.65 40.88 59.77
CA VAL J 123 63.96 40.19 58.53
C VAL J 123 62.70 39.46 58.05
N VAL J 124 62.05 38.74 58.97
CA VAL J 124 60.91 37.90 58.66
C VAL J 124 59.72 38.77 58.19
N LYS J 125 59.58 39.93 58.84
CA LYS J 125 58.52 40.87 58.49
C LYS J 125 58.53 41.17 56.98
N TYR J 126 59.71 41.45 56.43
CA TYR J 126 59.84 41.99 55.08
C TYR J 126 60.14 40.92 54.02
N SER J 127 60.66 39.76 54.45
CA SER J 127 60.94 38.64 53.55
C SER J 127 60.47 37.35 54.21
N PRO J 128 59.16 37.12 54.35
CA PRO J 128 58.65 35.94 55.05
C PRO J 128 59.00 34.61 54.41
N ASN J 129 59.34 34.62 53.12
CA ASN J 129 59.59 33.38 52.41
C ASN J 129 61.07 33.18 52.12
N CYS J 130 61.92 33.97 52.78
CA CYS J 130 63.36 33.89 52.52
C CYS J 130 63.92 32.64 53.17
N LYS J 131 65.15 32.30 52.76
CA LYS J 131 65.99 31.41 53.53
C LYS J 131 66.88 32.28 54.40
N LEU J 132 67.06 31.86 55.64
CA LEU J 132 67.95 32.52 56.59
C LEU J 132 69.27 31.76 56.62
N LEU J 133 70.36 32.44 56.30
CA LEU J 133 71.70 31.87 56.45
C LEU J 133 72.40 32.60 57.59
N ILE J 134 72.62 31.89 58.71
CA ILE J 134 73.21 32.46 59.91
C ILE J 134 74.72 32.28 59.85
N VAL J 135 75.46 33.37 60.04
CA VAL J 135 76.91 33.32 60.00
C VAL J 135 77.48 33.76 61.36
N SER J 136 76.72 34.60 62.08
CA SER J 136 77.07 35.09 63.41
C SER J 136 77.34 33.92 64.36
N ASN J 137 78.24 34.14 65.31
CA ASN J 137 78.71 33.08 66.19
C ASN J 137 78.10 33.23 67.58
N PRO J 138 77.92 32.15 68.36
CA PRO J 138 78.17 30.77 67.91
C PRO J 138 77.07 30.33 66.94
N VAL J 139 77.48 29.98 65.72
CA VAL J 139 76.57 29.84 64.59
C VAL J 139 75.55 28.73 64.86
N ASP J 140 75.96 27.67 65.58
CA ASP J 140 75.10 26.52 65.73
C ASP J 140 73.93 26.86 66.66
N ILE J 141 74.26 27.53 67.78
CA ILE J 141 73.24 27.97 68.71
C ILE J 141 72.39 29.08 68.08
N LEU J 142 73.04 30.02 67.38
CA LEU J 142 72.33 31.15 66.82
C LEU J 142 71.42 30.72 65.65
N THR J 143 71.73 29.59 65.01
CA THR J 143 70.85 29.03 63.98
C THR J 143 69.56 28.58 64.64
N TYR J 144 69.72 27.89 65.78
CA TYR J 144 68.59 27.44 66.60
C TYR J 144 67.77 28.64 67.04
N VAL J 145 68.47 29.70 67.47
CA VAL J 145 67.80 30.92 67.93
C VAL J 145 66.99 31.53 66.79
N ALA J 146 67.62 31.69 65.63
CA ALA J 146 66.96 32.26 64.47
C ALA J 146 65.74 31.42 64.10
N TRP J 147 65.81 30.11 64.33
CA TRP J 147 64.73 29.18 64.01
C TRP J 147 63.55 29.41 64.96
N LYS J 148 63.84 29.49 66.26
CA LYS J 148 62.84 29.72 67.28
C LYS J 148 62.17 31.08 67.07
N ILE J 149 62.98 32.11 66.80
CA ILE J 149 62.47 33.47 66.71
C ILE J 149 61.64 33.65 65.45
N SER J 150 62.17 33.22 64.31
CA SER J 150 61.55 33.44 63.00
C SER J 150 60.22 32.69 62.87
N GLY J 151 60.13 31.49 63.45
CA GLY J 151 58.99 30.60 63.29
C GLY J 151 59.01 29.88 61.95
N PHE J 152 60.14 29.96 61.24
CA PHE J 152 60.30 29.32 59.95
C PHE J 152 60.38 27.81 60.11
N PRO J 153 60.04 27.04 59.06
CA PRO J 153 60.34 25.61 59.04
C PRO J 153 61.85 25.48 59.01
N LYS J 154 62.36 24.35 59.50
CA LYS J 154 63.77 24.18 59.78
C LYS J 154 64.60 24.16 58.48
N ASN J 155 63.94 23.86 57.35
CA ASN J 155 64.66 23.81 56.09
C ASN J 155 65.11 25.20 55.64
N ARG J 156 64.45 26.25 56.16
CA ARG J 156 64.75 27.61 55.74
C ARG J 156 65.62 28.36 56.74
N VAL J 157 66.21 27.63 57.70
CA VAL J 157 67.15 28.25 58.63
C VAL J 157 68.44 27.44 58.62
N ILE J 158 69.50 28.03 58.05
CA ILE J 158 70.75 27.35 57.75
C ILE J 158 71.87 28.12 58.44
N GLY J 159 72.72 27.43 59.20
CA GLY J 159 73.93 28.03 59.74
C GLY J 159 75.13 27.69 58.87
N SER J 160 76.00 28.68 58.65
CA SER J 160 77.18 28.49 57.81
C SER J 160 78.01 27.30 58.32
N GLY J 161 77.93 27.06 59.62
CA GLY J 161 78.40 25.83 60.24
C GLY J 161 79.84 25.50 59.88
N CYS J 162 80.06 24.24 59.50
CA CYS J 162 81.41 23.73 59.28
C CYS J 162 81.80 23.73 57.80
N ASN J 163 81.08 24.49 56.96
CA ASN J 163 81.42 24.61 55.56
C ASN J 163 82.86 25.13 55.46
N LEU J 164 83.18 26.11 56.30
CA LEU J 164 84.51 26.71 56.28
C LEU J 164 85.54 25.75 56.91
N ASP J 165 85.17 25.07 58.00
CA ASP J 165 86.07 24.14 58.67
C ASP J 165 86.48 23.05 57.69
N SER J 166 85.51 22.53 56.93
CA SER J 166 85.76 21.48 55.96
C SER J 166 86.66 22.02 54.84
N ALA J 167 86.43 23.27 54.43
CA ALA J 167 87.23 23.93 53.40
C ALA J 167 88.68 24.04 53.84
N ARG J 168 88.89 24.46 55.09
CA ARG J 168 90.21 24.55 55.69
C ARG J 168 90.85 23.17 55.72
N PHE J 169 90.08 22.17 56.18
CA PHE J 169 90.53 20.80 56.29
C PHE J 169 91.06 20.30 54.95
N ARG J 170 90.28 20.55 53.90
CA ARG J 170 90.63 20.09 52.57
C ARG J 170 91.84 20.85 52.02
N TYR J 171 91.98 22.12 52.42
CA TYR J 171 93.13 22.89 52.03
C TYR J 171 94.40 22.27 52.58
N LEU J 172 94.37 21.96 53.88
CA LEU J 172 95.51 21.40 54.59
C LEU J 172 95.80 19.99 54.11
N MET J 173 94.74 19.21 53.88
CA MET J 173 94.86 17.87 53.29
C MET J 173 95.64 17.98 51.99
N GLY J 174 95.20 18.92 51.14
CA GLY J 174 95.81 19.14 49.83
C GLY J 174 97.28 19.54 49.92
N GLU J 175 97.62 20.36 50.92
CA GLU J 175 98.98 20.82 51.14
C GLU J 175 99.88 19.63 51.41
N ARG J 176 99.39 18.71 52.25
CA ARG J 176 100.16 17.53 52.63
C ARG J 176 100.33 16.58 51.44
N LEU J 177 99.29 16.45 50.61
CA LEU J 177 99.28 15.40 49.59
C LEU J 177 99.77 15.89 48.23
N GLY J 178 99.86 17.22 48.05
CA GLY J 178 100.24 17.81 46.77
C GLY J 178 99.11 17.71 45.74
N VAL J 179 97.87 17.84 46.22
CA VAL J 179 96.67 17.74 45.41
C VAL J 179 95.82 18.99 45.66
N HIS J 180 95.15 19.48 44.62
CA HIS J 180 94.25 20.60 44.79
C HIS J 180 93.15 20.22 45.78
N PRO J 181 92.74 21.13 46.69
CA PRO J 181 91.67 20.84 47.63
C PRO J 181 90.40 20.29 47.00
N LEU J 182 90.15 20.66 45.73
CA LEU J 182 88.97 20.22 45.03
C LEU J 182 88.95 18.69 44.94
N SER J 183 90.15 18.09 44.87
CA SER J 183 90.28 16.65 44.70
C SER J 183 90.58 15.93 46.04
N CYS J 184 90.60 16.69 47.14
CA CYS J 184 90.78 16.17 48.49
C CYS J 184 89.45 16.22 49.23
N HIS J 185 88.98 15.08 49.73
CA HIS J 185 87.67 14.98 50.34
C HIS J 185 87.80 14.60 51.80
N GLY J 186 86.94 15.19 52.64
CA GLY J 186 87.01 15.04 54.08
C GLY J 186 86.06 16.03 54.78
N TRP J 187 85.36 15.56 55.79
CA TRP J 187 84.30 16.32 56.42
C TRP J 187 84.63 16.61 57.88
N VAL J 188 84.45 17.87 58.28
CA VAL J 188 84.47 18.26 59.68
C VAL J 188 83.04 18.62 60.05
N LEU J 189 82.49 17.92 61.05
CA LEU J 189 81.09 18.05 61.43
C LEU J 189 80.94 18.48 62.88
N GLY J 190 79.69 18.70 63.31
CA GLY J 190 79.40 19.11 64.68
C GLY J 190 79.47 20.64 64.85
N GLU J 191 80.04 21.08 65.98
CA GLU J 191 80.17 22.49 66.30
C GLU J 191 81.21 23.13 65.39
N HIS J 192 80.84 24.30 64.85
CA HIS J 192 81.82 25.18 64.27
C HIS J 192 82.57 25.82 65.43
N GLY J 193 83.59 25.11 65.90
CA GLY J 193 84.31 25.52 67.09
C GLY J 193 85.22 24.40 67.57
N ASP J 194 85.53 24.46 68.86
CA ASP J 194 86.56 23.63 69.47
C ASP J 194 86.18 22.15 69.46
N SER J 195 84.90 21.83 69.45
CA SER J 195 84.36 20.49 69.54
C SER J 195 84.00 19.91 68.18
N SER J 196 84.62 20.42 67.10
CA SER J 196 84.38 19.88 65.78
C SER J 196 84.89 18.44 65.68
N VAL J 197 84.24 17.66 64.82
CA VAL J 197 84.55 16.25 64.65
C VAL J 197 85.07 16.00 63.25
N PRO J 198 86.36 15.62 63.06
CA PRO J 198 86.87 15.21 61.75
C PRO J 198 86.49 13.76 61.45
N VAL J 199 85.86 13.53 60.31
CA VAL J 199 85.38 12.21 59.94
C VAL J 199 86.48 11.53 59.13
N TRP J 200 87.41 10.90 59.87
CA TRP J 200 88.56 10.21 59.28
C TRP J 200 88.10 9.10 58.33
N SER J 201 86.96 8.47 58.67
CA SER J 201 86.43 7.36 57.90
C SER J 201 86.08 7.76 56.46
N GLY J 202 85.80 9.07 56.26
CA GLY J 202 85.34 9.59 54.98
C GLY J 202 86.43 10.23 54.13
N MET J 203 87.61 10.42 54.71
CA MET J 203 88.71 11.09 54.03
C MET J 203 89.20 10.26 52.84
N ASN J 204 89.27 10.89 51.67
CA ASN J 204 89.63 10.15 50.47
C ASN J 204 90.17 11.09 49.39
N VAL J 205 90.97 10.52 48.50
CA VAL J 205 91.37 11.13 47.24
C VAL J 205 90.98 10.15 46.13
N ALA J 206 90.29 10.66 45.11
CA ALA J 206 89.88 9.87 43.96
C ALA J 206 89.13 8.61 44.38
N GLY J 207 88.41 8.68 45.51
CA GLY J 207 87.57 7.59 45.97
C GLY J 207 88.34 6.55 46.79
N VAL J 208 89.64 6.78 46.98
CA VAL J 208 90.49 5.85 47.72
C VAL J 208 90.47 6.27 49.18
N SER J 209 89.92 5.43 50.06
CA SER J 209 89.86 5.70 51.50
C SER J 209 91.26 5.79 52.10
N LEU J 210 91.57 6.95 52.71
CA LEU J 210 92.88 7.17 53.30
C LEU J 210 93.04 6.35 54.58
N LYS J 211 91.94 6.14 55.29
CA LYS J 211 91.96 5.34 56.52
C LYS J 211 92.24 3.88 56.19
N THR J 212 91.75 3.41 55.04
CA THR J 212 92.01 2.07 54.54
C THR J 212 93.51 1.90 54.27
N LEU J 213 94.10 2.91 53.61
CA LEU J 213 95.52 2.90 53.27
C LEU J 213 96.37 3.03 54.52
N HIS J 214 95.86 3.77 55.52
CA HIS J 214 96.64 4.18 56.68
C HIS J 214 95.74 4.14 57.91
N PRO J 215 95.57 2.95 58.53
CA PRO J 215 94.62 2.79 59.63
C PRO J 215 94.88 3.66 60.85
N ASP J 216 96.13 4.12 61.00
CA ASP J 216 96.48 4.98 62.13
C ASP J 216 95.93 6.39 61.95
N LEU J 217 95.44 6.72 60.75
CA LEU J 217 94.94 8.05 60.43
C LEU J 217 93.95 8.52 61.50
N GLY J 218 94.27 9.65 62.13
CA GLY J 218 93.36 10.28 63.09
C GLY J 218 93.59 9.87 64.55
N THR J 219 94.48 8.90 64.76
CA THR J 219 94.76 8.44 66.11
C THR J 219 96.04 9.09 66.61
N ASP J 220 96.30 8.96 67.92
CA ASP J 220 97.50 9.48 68.55
C ASP J 220 98.71 8.65 68.16
N LYS J 221 98.51 7.37 67.83
CA LYS J 221 99.59 6.49 67.46
C LYS J 221 100.16 6.86 66.08
N ASP J 222 99.40 7.59 65.30
CA ASP J 222 99.74 7.92 63.91
C ASP J 222 101.08 8.68 63.84
N LYS J 223 102.04 7.99 63.20
CA LYS J 223 103.38 8.47 62.94
C LYS J 223 103.34 9.77 62.15
N GLU J 224 102.30 9.92 61.30
CA GLU J 224 102.21 11.05 60.40
C GLU J 224 101.43 12.19 61.04
N GLN J 225 100.78 11.93 62.16
CA GLN J 225 100.13 12.95 62.96
C GLN J 225 99.03 13.66 62.16
N TRP J 226 98.13 12.91 61.55
CA TRP J 226 97.06 13.51 60.82
C TRP J 226 96.07 14.25 61.72
N LYS J 227 96.08 13.89 63.00
CA LYS J 227 95.21 14.52 63.97
C LYS J 227 95.50 16.03 64.04
N GLU J 228 96.76 16.38 63.75
CA GLU J 228 97.24 17.76 63.78
C GLU J 228 96.56 18.60 62.69
N VAL J 229 96.14 17.96 61.59
CA VAL J 229 95.44 18.68 60.55
C VAL J 229 94.13 19.22 61.11
N HIS J 230 93.41 18.39 61.88
CA HIS J 230 92.17 18.86 62.49
C HIS J 230 92.47 19.90 63.56
N LYS J 231 93.59 19.73 64.26
CA LYS J 231 93.91 20.68 65.32
C LYS J 231 94.13 22.07 64.72
N GLN J 232 94.70 22.06 63.49
CA GLN J 232 94.95 23.29 62.78
C GLN J 232 93.64 23.91 62.30
N VAL J 233 92.64 23.05 62.08
CA VAL J 233 91.34 23.54 61.65
C VAL J 233 90.67 24.29 62.79
N VAL J 234 90.70 23.68 63.97
CA VAL J 234 90.13 24.28 65.17
C VAL J 234 90.82 25.61 65.47
N GLU J 235 92.13 25.67 65.21
CA GLU J 235 92.94 26.78 65.65
C GLU J 235 93.05 27.88 64.59
N SER J 236 92.56 27.62 63.38
CA SER J 236 92.68 28.53 62.24
C SER J 236 92.15 29.91 62.60
N ALA J 237 90.89 29.96 63.02
CA ALA J 237 90.21 31.21 63.33
C ALA J 237 91.03 32.04 64.32
N TYR J 238 91.49 31.36 65.37
CA TYR J 238 92.24 32.02 66.43
C TYR J 238 93.58 32.52 65.89
N GLU J 239 94.22 31.74 65.03
CA GLU J 239 95.52 32.13 64.54
C GLU J 239 95.40 33.31 63.56
N VAL J 240 94.37 33.29 62.71
CA VAL J 240 94.16 34.40 61.79
C VAL J 240 93.80 35.64 62.59
N ILE J 241 92.93 35.50 63.60
CA ILE J 241 92.55 36.61 64.48
C ILE J 241 93.81 37.19 65.12
N LYS J 242 94.67 36.30 65.63
CA LYS J 242 95.92 36.70 66.25
C LYS J 242 96.77 37.51 65.27
N LEU J 243 96.77 37.11 63.99
CA LEU J 243 97.69 37.69 63.02
C LEU J 243 97.13 38.98 62.40
N LYS J 244 95.84 39.02 62.09
CA LYS J 244 95.28 40.16 61.36
C LYS J 244 94.08 40.79 62.05
N GLY J 245 93.64 40.21 63.17
CA GLY J 245 92.63 40.84 64.01
C GLY J 245 91.23 40.24 63.81
N TYR J 246 91.01 39.61 62.66
CA TYR J 246 89.70 39.03 62.35
C TYR J 246 89.88 38.06 61.18
N THR J 247 88.82 37.30 60.88
CA THR J 247 88.78 36.54 59.64
C THR J 247 87.69 37.14 58.76
N SER J 248 87.91 37.12 57.44
CA SER J 248 86.95 37.72 56.52
C SER J 248 86.84 36.94 55.21
N TRP J 249 87.98 36.76 54.52
CA TRP J 249 87.92 36.32 53.14
C TRP J 249 87.40 34.89 53.02
N ALA J 250 87.88 34.00 53.89
CA ALA J 250 87.53 32.58 53.82
C ALA J 250 86.06 32.36 54.12
N ILE J 251 85.57 33.01 55.18
CA ILE J 251 84.18 32.89 55.56
C ILE J 251 83.29 33.52 54.48
N GLY J 252 83.77 34.60 53.87
CA GLY J 252 83.05 35.30 52.81
C GLY J 252 82.82 34.38 51.61
N LEU J 253 83.90 33.75 51.17
CA LEU J 253 83.85 32.80 50.06
C LEU J 253 82.97 31.61 50.42
N SER J 254 83.11 31.12 51.66
CA SER J 254 82.35 29.98 52.13
C SER J 254 80.85 30.27 52.06
N VAL J 255 80.46 31.49 52.46
CA VAL J 255 79.07 31.93 52.49
C VAL J 255 78.54 32.08 51.06
N ALA J 256 79.37 32.60 50.15
CA ALA J 256 78.95 32.76 48.75
C ALA J 256 78.76 31.38 48.13
N ASP J 257 79.57 30.42 48.60
CA ASP J 257 79.47 29.04 48.16
C ASP J 257 78.08 28.50 48.49
N LEU J 258 77.64 28.75 49.73
CA LEU J 258 76.35 28.28 50.18
C LEU J 258 75.24 29.02 49.44
N ALA J 259 75.41 30.34 49.28
CA ALA J 259 74.46 31.19 48.58
C ALA J 259 74.26 30.69 47.15
N GLU J 260 75.36 30.27 46.50
CA GLU J 260 75.31 29.78 45.13
C GLU J 260 74.41 28.56 45.03
N SER J 261 74.56 27.63 45.97
CA SER J 261 73.78 26.40 45.97
C SER J 261 72.31 26.70 46.21
N ILE J 262 72.03 27.66 47.09
CA ILE J 262 70.65 28.01 47.40
C ILE J 262 70.01 28.70 46.20
N MET J 263 70.65 29.76 45.69
CA MET J 263 70.08 30.62 44.66
C MET J 263 69.89 29.86 43.34
N LYS J 264 70.82 28.96 43.02
CA LYS J 264 70.79 28.26 41.75
C LYS J 264 70.18 26.85 41.89
N ASN J 265 69.71 26.51 43.10
CA ASN J 265 69.02 25.25 43.39
C ASN J 265 69.87 24.05 42.95
N LEU J 266 71.15 24.07 43.31
CA LEU J 266 72.11 23.09 42.80
C LEU J 266 71.91 21.71 43.42
N ARG J 267 71.44 21.64 44.66
CA ARG J 267 71.35 20.39 45.40
C ARG J 267 72.74 19.79 45.58
N ARG J 268 73.69 20.68 45.89
CA ARG J 268 75.01 20.25 46.34
C ARG J 268 74.96 19.94 47.83
N VAL J 269 75.97 19.20 48.29
CA VAL J 269 76.05 18.78 49.68
C VAL J 269 77.08 19.65 50.41
N HIS J 270 76.65 20.29 51.50
CA HIS J 270 77.49 21.15 52.31
C HIS J 270 77.29 20.80 53.78
N PRO J 271 78.36 20.85 54.60
CA PRO J 271 78.22 20.65 56.05
C PRO J 271 77.78 21.96 56.71
N VAL J 272 76.50 22.05 57.06
CA VAL J 272 75.90 23.30 57.53
C VAL J 272 75.08 23.00 58.77
N SER J 273 74.80 24.02 59.59
CA SER J 273 74.11 23.83 60.85
C SER J 273 72.62 23.62 60.62
N THR J 274 72.11 22.52 61.14
CA THR J 274 70.69 22.22 61.06
C THR J 274 70.28 21.38 62.25
N MET J 275 68.97 21.21 62.41
CA MET J 275 68.50 20.44 63.54
C MET J 275 68.78 18.96 63.29
N ILE J 276 69.44 18.32 64.27
CA ILE J 276 69.83 16.92 64.15
C ILE J 276 69.12 16.04 65.17
N LYS J 277 68.12 16.59 65.86
CA LYS J 277 67.28 15.80 66.74
C LYS J 277 66.84 14.51 66.02
N GLY J 278 67.00 13.37 66.70
CA GLY J 278 66.62 12.06 66.18
C GLY J 278 67.77 11.31 65.50
N LEU J 279 68.91 11.98 65.30
CA LEU J 279 70.08 11.32 64.72
C LEU J 279 71.16 11.14 65.77
N TYR J 280 71.88 10.02 65.68
CA TYR J 280 73.01 9.71 66.54
C TYR J 280 72.62 9.77 68.01
N GLY J 281 71.34 9.47 68.31
CA GLY J 281 70.84 9.37 69.67
C GLY J 281 70.69 10.72 70.36
N ILE J 282 70.74 11.81 69.59
CA ILE J 282 70.47 13.14 70.11
C ILE J 282 68.96 13.32 70.18
N LYS J 283 68.46 13.73 71.35
CA LYS J 283 67.03 13.76 71.61
C LYS J 283 66.52 15.20 71.77
N ASP J 284 67.42 16.17 71.75
CA ASP J 284 67.06 17.56 72.01
C ASP J 284 67.13 18.37 70.71
N ASP J 285 66.69 19.63 70.78
CA ASP J 285 66.61 20.51 69.63
C ASP J 285 67.97 21.11 69.32
N VAL J 286 68.97 20.25 69.13
CA VAL J 286 70.33 20.73 68.91
C VAL J 286 70.51 20.99 67.43
N PHE J 287 71.14 22.12 67.10
CA PHE J 287 71.62 22.37 65.75
C PHE J 287 73.12 22.16 65.70
N LEU J 288 73.58 21.37 64.74
CA LEU J 288 75.00 21.37 64.40
C LEU J 288 75.18 20.95 62.95
N SER J 289 76.43 20.89 62.51
CA SER J 289 76.74 20.64 61.11
C SER J 289 76.74 19.14 60.81
N VAL J 290 75.92 18.77 59.81
CA VAL J 290 75.99 17.49 59.12
C VAL J 290 75.92 17.81 57.63
N PRO J 291 76.31 16.91 56.71
CA PRO J 291 76.20 17.17 55.27
C PRO J 291 74.73 17.26 54.88
N CYS J 292 74.37 18.39 54.28
CA CYS J 292 72.99 18.66 53.87
C CYS J 292 72.93 18.97 52.38
N ILE J 293 71.82 18.59 51.74
CA ILE J 293 71.54 18.95 50.37
C ILE J 293 70.90 20.32 50.35
N LEU J 294 71.55 21.26 49.63
CA LEU J 294 71.18 22.67 49.63
C LEU J 294 70.58 23.04 48.27
N GLY J 295 69.42 23.67 48.34
CA GLY J 295 68.76 24.16 47.14
C GLY J 295 67.84 25.33 47.47
N GLN J 296 66.89 25.58 46.57
CA GLN J 296 66.06 26.77 46.61
C GLN J 296 65.08 26.73 47.78
N ASN J 297 64.90 25.57 48.43
CA ASN J 297 64.08 25.51 49.63
C ASN J 297 64.96 25.38 50.88
N GLY J 298 66.25 25.68 50.71
CA GLY J 298 67.22 25.54 51.79
C GLY J 298 67.69 24.10 51.91
N ILE J 299 67.63 23.56 53.14
CA ILE J 299 68.06 22.20 53.39
C ILE J 299 66.87 21.29 53.13
N SER J 300 66.93 20.56 52.02
CA SER J 300 65.87 19.64 51.65
C SER J 300 66.12 18.25 52.24
N ASP J 301 67.39 17.93 52.52
CA ASP J 301 67.79 16.59 52.92
C ASP J 301 69.07 16.67 53.76
N LEU J 302 69.27 15.67 54.62
CA LEU J 302 70.54 15.38 55.26
C LEU J 302 71.13 14.11 54.67
N VAL J 303 72.46 14.08 54.58
CA VAL J 303 73.16 12.81 54.43
C VAL J 303 73.37 12.25 55.83
N LYS J 304 72.99 10.98 56.02
CA LYS J 304 73.14 10.32 57.30
C LYS J 304 74.50 9.64 57.31
N VAL J 305 75.53 10.41 57.70
CA VAL J 305 76.89 9.91 57.64
C VAL J 305 77.04 8.77 58.63
N THR J 306 77.73 7.71 58.19
CA THR J 306 78.13 6.65 59.10
C THR J 306 79.39 7.08 59.85
N LEU J 307 79.31 7.02 61.19
CA LEU J 307 80.41 7.44 62.04
C LEU J 307 80.94 6.24 62.82
N THR J 308 82.26 6.22 63.03
CA THR J 308 82.82 5.30 64.00
C THR J 308 82.23 5.65 65.36
N SER J 309 82.21 4.67 66.27
CA SER J 309 81.66 4.89 67.61
C SER J 309 82.32 6.09 68.29
N GLU J 310 83.62 6.30 68.01
CA GLU J 310 84.33 7.43 68.60
C GLU J 310 83.91 8.73 67.92
N GLU J 311 83.84 8.73 66.58
CA GLU J 311 83.38 9.88 65.82
C GLU J 311 81.97 10.24 66.30
N GLU J 312 81.13 9.23 66.55
CA GLU J 312 79.78 9.47 67.02
C GLU J 312 79.80 10.00 68.44
N ALA J 313 80.72 9.47 69.27
CA ALA J 313 80.86 9.93 70.64
C ALA J 313 81.23 11.41 70.68
N ARG J 314 82.15 11.82 69.79
CA ARG J 314 82.62 13.20 69.69
C ARG J 314 81.48 14.12 69.27
N LEU J 315 80.61 13.63 68.37
CA LEU J 315 79.48 14.40 67.87
C LEU J 315 78.40 14.54 68.96
N LYS J 316 78.23 13.50 69.79
CA LYS J 316 77.28 13.56 70.90
C LYS J 316 77.80 14.52 71.95
N LYS J 317 79.14 14.58 72.12
CA LYS J 317 79.80 15.49 73.04
C LYS J 317 79.58 16.94 72.59
N SER J 318 79.73 17.16 71.27
CA SER J 318 79.51 18.46 70.66
C SER J 318 78.05 18.87 70.91
N ALA J 319 77.14 17.92 70.70
CA ALA J 319 75.72 18.14 70.89
C ALA J 319 75.42 18.56 72.32
N ASP J 320 76.04 17.86 73.29
CA ASP J 320 75.82 18.11 74.70
C ASP J 320 76.27 19.51 75.07
N THR J 321 77.50 19.87 74.66
CA THR J 321 78.05 21.19 74.91
C THR J 321 77.05 22.25 74.47
N LEU J 322 76.56 22.10 73.24
CA LEU J 322 75.69 23.08 72.62
C LEU J 322 74.35 23.15 73.35
N TRP J 323 73.79 21.96 73.64
CA TRP J 323 72.50 21.90 74.32
C TRP J 323 72.58 22.51 75.70
N GLY J 324 73.73 22.31 76.36
CA GLY J 324 73.95 22.88 77.68
C GLY J 324 73.73 24.39 77.67
N ILE J 325 74.19 25.06 76.61
CA ILE J 325 74.08 26.49 76.53
C ILE J 325 72.68 26.87 76.05
N GLN J 326 72.15 26.09 75.10
CA GLN J 326 70.85 26.35 74.49
C GLN J 326 69.74 26.35 75.56
N LYS J 327 69.81 25.38 76.45
CA LYS J 327 68.75 25.22 77.45
C LYS J 327 68.68 26.43 78.38
N GLU J 328 69.77 27.16 78.53
CA GLU J 328 69.83 28.27 79.46
C GLU J 328 69.26 29.57 78.84
N LEU J 329 68.92 29.55 77.55
CA LEU J 329 68.74 30.78 76.82
C LEU J 329 67.46 31.56 77.19
N GLN J 330 67.59 32.87 77.20
CA GLN J 330 66.60 33.77 77.76
C GLN J 330 65.14 33.65 77.28
N PHE J 331 64.83 33.40 76.01
CA PHE J 331 63.61 33.85 75.41
C PHE J 331 62.43 32.89 75.61
N ALA K 1 65.37 -0.94 53.55
CA ALA K 1 65.33 0.39 52.84
C ALA K 1 66.34 0.38 51.70
N THR K 2 66.09 1.27 50.73
CA THR K 2 66.95 1.47 49.58
C THR K 2 68.25 2.16 50.01
N LEU K 3 69.26 2.10 49.13
CA LEU K 3 70.55 2.75 49.38
C LEU K 3 70.33 4.26 49.55
N LYS K 4 69.47 4.84 48.69
CA LYS K 4 69.17 6.26 48.73
C LYS K 4 68.64 6.65 50.10
N ASP K 5 67.74 5.82 50.67
CA ASP K 5 67.13 6.10 51.96
C ASP K 5 68.11 5.88 53.11
N GLN K 6 69.02 4.90 52.97
CA GLN K 6 70.05 4.67 53.96
C GLN K 6 71.00 5.87 54.01
N LEU K 7 71.23 6.49 52.85
CA LEU K 7 72.25 7.53 52.72
C LEU K 7 71.67 8.90 53.01
N ILE K 8 70.42 9.14 52.59
CA ILE K 8 69.86 10.47 52.57
C ILE K 8 68.56 10.51 53.37
N TYR K 9 68.51 11.45 54.31
CA TYR K 9 67.31 11.74 55.08
C TYR K 9 66.63 12.93 54.43
N ASN K 10 65.33 12.77 54.19
CA ASN K 10 64.47 13.72 53.50
C ASN K 10 63.80 14.64 54.52
N LEU K 11 63.88 15.94 54.29
CA LEU K 11 63.15 16.94 55.07
C LEU K 11 61.83 17.28 54.37
N LEU K 12 61.88 17.33 53.03
CA LEU K 12 60.82 17.99 52.29
C LEU K 12 60.36 17.15 51.11
N LYS K 13 59.08 17.04 50.94
CA LYS K 13 58.44 16.38 49.82
C LYS K 13 58.76 16.83 48.38
N GLU K 14 58.22 17.95 47.85
CA GLU K 14 57.83 17.99 46.44
C GLU K 14 59.00 18.16 45.49
N GLU K 15 59.93 19.07 45.81
CA GLU K 15 60.89 19.66 44.89
C GLU K 15 60.24 20.17 43.60
N GLN K 16 60.19 21.50 43.38
CA GLN K 16 59.20 22.07 42.48
C GLN K 16 59.70 23.13 41.50
N THR K 17 59.07 24.30 41.56
CA THR K 17 58.96 25.35 40.55
C THR K 17 60.32 25.99 40.24
N PRO K 18 60.74 26.03 38.95
CA PRO K 18 61.98 26.69 38.56
C PRO K 18 61.85 28.20 38.71
N GLN K 19 62.93 28.84 39.15
CA GLN K 19 62.92 30.25 39.42
C GLN K 19 63.49 31.05 38.27
N ASN K 20 64.33 30.40 37.46
CA ASN K 20 65.06 31.09 36.41
C ASN K 20 65.14 30.21 35.17
N LYS K 21 63.97 29.80 34.67
CA LYS K 21 63.92 28.81 33.61
C LYS K 21 63.95 29.48 32.24
N ILE K 22 64.75 28.91 31.34
CA ILE K 22 64.78 29.33 29.95
C ILE K 22 64.40 28.16 29.06
N THR K 23 63.53 28.44 28.07
CA THR K 23 63.17 27.48 27.05
C THR K 23 63.74 27.92 25.71
N VAL K 24 64.33 26.96 24.99
CA VAL K 24 64.71 27.17 23.60
C VAL K 24 63.84 26.26 22.74
N VAL K 25 63.06 26.90 21.85
CA VAL K 25 62.24 26.19 20.88
C VAL K 25 63.02 26.10 19.57
N GLY K 26 63.22 24.86 19.08
CA GLY K 26 64.03 24.60 17.89
C GLY K 26 65.44 24.17 18.28
N VAL K 27 65.84 22.93 17.92
CA VAL K 27 67.17 22.42 18.27
C VAL K 27 68.01 22.24 17.01
N GLY K 28 67.82 23.15 16.04
CA GLY K 28 68.73 23.33 14.93
C GLY K 28 70.05 23.92 15.42
N ALA K 29 70.99 24.18 14.51
CA ALA K 29 72.30 24.67 14.90
C ALA K 29 72.20 25.94 15.75
N VAL K 30 71.23 26.80 15.39
CA VAL K 30 71.05 28.07 16.06
C VAL K 30 70.52 27.83 17.47
N GLY K 31 69.47 27.01 17.57
CA GLY K 31 68.86 26.69 18.86
C GLY K 31 69.91 26.13 19.85
N MET K 32 70.75 25.22 19.35
CA MET K 32 71.69 24.55 20.22
C MET K 32 72.87 25.45 20.58
N ALA K 33 73.21 26.39 19.69
CA ALA K 33 74.23 27.40 20.00
C ALA K 33 73.72 28.35 21.07
N CYS K 34 72.42 28.67 21.03
CA CYS K 34 71.78 29.46 22.08
C CYS K 34 71.84 28.68 23.38
N ALA K 35 71.51 27.37 23.33
CA ALA K 35 71.49 26.50 24.50
C ALA K 35 72.87 26.46 25.17
N ILE K 36 73.92 26.11 24.40
CA ILE K 36 75.26 25.96 24.97
C ILE K 36 75.74 27.29 25.57
N SER K 37 75.45 28.39 24.87
CA SER K 37 75.89 29.71 25.27
C SER K 37 75.22 30.09 26.60
N ILE K 38 73.92 29.81 26.71
CA ILE K 38 73.17 30.08 27.92
C ILE K 38 73.66 29.19 29.05
N LEU K 39 73.92 27.91 28.75
CA LEU K 39 74.38 26.98 29.77
C LEU K 39 75.70 27.43 30.35
N MET K 40 76.57 27.98 29.49
CA MET K 40 77.92 28.29 29.96
C MET K 40 77.97 29.68 30.59
N LYS K 41 76.88 30.46 30.50
CA LYS K 41 76.85 31.76 31.15
C LYS K 41 76.03 31.73 32.44
N ASP K 42 75.54 30.55 32.81
CA ASP K 42 74.83 30.27 34.06
C ASP K 42 73.59 31.13 34.20
N LEU K 43 72.84 31.33 33.10
CA LEU K 43 71.71 32.24 33.11
C LEU K 43 70.44 31.56 33.61
N ALA K 44 70.45 30.23 33.70
CA ALA K 44 69.23 29.45 33.95
C ALA K 44 69.46 28.40 35.03
N ASP K 45 68.42 28.15 35.84
CA ASP K 45 68.40 27.05 36.79
C ASP K 45 67.73 25.83 36.15
N GLU K 46 67.05 26.05 35.02
CA GLU K 46 66.45 24.99 34.25
C GLU K 46 66.43 25.39 32.78
N LEU K 47 66.87 24.48 31.91
CA LEU K 47 66.80 24.67 30.47
C LEU K 47 65.87 23.62 29.87
N ALA K 48 64.89 24.08 29.10
CA ALA K 48 63.99 23.21 28.38
C ALA K 48 64.22 23.37 26.89
N LEU K 49 64.30 22.25 26.17
CA LEU K 49 64.38 22.26 24.72
C LEU K 49 63.10 21.66 24.15
N VAL K 50 62.55 22.28 23.10
CA VAL K 50 61.41 21.73 22.41
C VAL K 50 61.66 21.73 20.91
N ASP K 51 61.23 20.64 20.26
CA ASP K 51 61.23 20.52 18.80
C ASP K 51 60.18 19.49 18.41
N VAL K 52 60.07 19.24 17.10
CA VAL K 52 59.12 18.25 16.58
C VAL K 52 59.86 16.95 16.26
N ILE K 53 61.17 17.04 15.99
CA ILE K 53 61.96 15.87 15.66
C ILE K 53 62.42 15.25 16.97
N GLU K 54 61.84 14.08 17.30
CA GLU K 54 61.92 13.55 18.65
C GLU K 54 63.27 12.91 18.92
N ASP K 55 63.84 12.25 17.90
CA ASP K 55 65.13 11.59 18.07
C ASP K 55 66.22 12.61 18.30
N LYS K 56 66.29 13.63 17.43
CA LYS K 56 67.28 14.70 17.51
C LYS K 56 67.17 15.42 18.85
N LEU K 57 65.94 15.67 19.27
CA LEU K 57 65.63 16.42 20.49
C LEU K 57 66.20 15.69 21.70
N LYS K 58 65.90 14.39 21.80
CA LYS K 58 66.35 13.59 22.93
C LYS K 58 67.88 13.50 22.92
N GLY K 59 68.47 13.36 21.73
CA GLY K 59 69.91 13.25 21.59
C GLY K 59 70.64 14.49 22.09
N GLU K 60 70.13 15.66 21.68
CA GLU K 60 70.68 16.95 22.07
C GLU K 60 70.61 17.10 23.60
N MET K 61 69.42 16.86 24.16
CA MET K 61 69.21 16.93 25.60
C MET K 61 70.24 16.06 26.32
N MET K 62 70.34 14.79 25.92
CA MET K 62 71.26 13.83 26.53
C MET K 62 72.71 14.31 26.45
N ASP K 63 73.12 14.88 25.30
CA ASP K 63 74.50 15.30 25.14
C ASP K 63 74.82 16.40 26.16
N LEU K 64 73.89 17.34 26.32
CA LEU K 64 74.06 18.42 27.27
C LEU K 64 74.07 17.84 28.69
N GLN K 65 73.14 16.91 28.96
CA GLN K 65 73.02 16.31 30.28
C GLN K 65 74.30 15.61 30.71
N HIS K 66 74.99 14.98 29.77
CA HIS K 66 76.20 14.24 30.11
C HIS K 66 77.31 15.19 30.56
N GLY K 67 77.17 16.47 30.23
CA GLY K 67 78.16 17.46 30.62
C GLY K 67 77.79 18.22 31.90
N SER K 68 76.77 17.73 32.62
CA SER K 68 76.19 18.41 33.77
C SER K 68 77.23 18.69 34.84
N LEU K 69 78.20 17.77 34.96
CA LEU K 69 79.26 17.90 35.95
C LEU K 69 79.99 19.24 35.78
N PHE K 70 80.02 19.74 34.53
CA PHE K 70 80.84 20.89 34.20
C PHE K 70 80.00 22.15 34.04
N LEU K 71 78.70 22.05 34.35
CA LEU K 71 77.80 23.19 34.26
C LEU K 71 77.21 23.50 35.63
N ARG K 72 76.46 24.60 35.70
CA ARG K 72 75.79 25.02 36.90
C ARG K 72 74.32 25.24 36.58
N THR K 73 73.79 24.47 35.62
CA THR K 73 72.37 24.41 35.35
C THR K 73 71.93 23.00 35.68
N PRO K 74 71.25 22.78 36.82
CA PRO K 74 70.99 21.42 37.32
C PRO K 74 69.91 20.64 36.60
N LYS K 75 69.03 21.33 35.85
CA LYS K 75 67.93 20.65 35.22
C LYS K 75 67.87 20.99 33.73
N ILE K 76 68.07 19.96 32.89
CA ILE K 76 67.89 20.06 31.46
C ILE K 76 66.82 19.07 31.05
N VAL K 77 65.77 19.58 30.41
CA VAL K 77 64.65 18.76 29.97
C VAL K 77 64.38 19.04 28.50
N SER K 78 63.72 18.08 27.83
CA SER K 78 63.24 18.25 26.48
C SER K 78 61.95 17.47 26.27
N GLY K 79 61.22 17.85 25.23
CA GLY K 79 59.97 17.18 24.89
C GLY K 79 59.31 17.84 23.69
N LYS K 80 58.55 17.04 22.94
CA LYS K 80 57.65 17.54 21.91
C LYS K 80 56.52 18.32 22.56
N ASP K 81 56.12 17.90 23.76
CA ASP K 81 55.01 18.48 24.48
C ASP K 81 55.50 19.75 25.17
N TYR K 82 54.74 20.84 25.04
CA TYR K 82 55.13 22.13 25.58
C TYR K 82 54.98 22.21 27.11
N ASN K 83 54.56 21.13 27.74
CA ASN K 83 54.44 21.14 29.18
C ASN K 83 55.83 21.16 29.83
N VAL K 84 56.87 20.76 29.08
CA VAL K 84 58.24 20.80 29.58
C VAL K 84 58.69 22.26 29.68
N THR K 85 57.89 23.18 29.12
CA THR K 85 58.25 24.59 28.98
C THR K 85 57.71 25.43 30.14
N ALA K 86 56.95 24.80 31.03
CA ALA K 86 56.15 25.51 32.03
C ALA K 86 57.02 26.39 32.93
N ASN K 87 56.52 27.60 33.20
CA ASN K 87 57.11 28.56 34.12
C ASN K 87 58.47 29.04 33.64
N SER K 88 58.62 29.21 32.33
CA SER K 88 59.80 29.84 31.78
C SER K 88 59.75 31.34 32.03
N LYS K 89 60.90 31.93 32.38
CA LYS K 89 61.04 33.37 32.42
C LYS K 89 61.23 33.90 31.01
N LEU K 90 61.95 33.13 30.20
CA LEU K 90 62.34 33.54 28.86
C LEU K 90 62.20 32.34 27.93
N VAL K 91 61.52 32.55 26.81
CA VAL K 91 61.33 31.54 25.80
C VAL K 91 61.93 32.04 24.49
N ILE K 92 62.92 31.32 23.97
CA ILE K 92 63.63 31.72 22.76
C ILE K 92 63.16 30.86 21.59
N ILE K 93 62.56 31.50 20.57
CA ILE K 93 62.05 30.78 19.41
C ILE K 93 63.09 30.81 18.30
N THR K 94 63.60 29.63 17.93
CA THR K 94 64.56 29.51 16.84
C THR K 94 64.03 28.55 15.78
N ALA K 95 62.80 28.08 15.96
CA ALA K 95 62.23 27.09 15.05
C ALA K 95 61.71 27.77 13.78
N GLY K 96 61.63 27.04 12.69
CA GLY K 96 61.07 27.57 11.43
C GLY K 96 62.01 27.26 10.25
N ALA K 97 61.57 27.61 9.06
CA ALA K 97 62.33 27.43 7.84
C ALA K 97 63.38 28.52 7.74
N ARG K 98 64.57 28.19 7.21
CA ARG K 98 65.67 29.13 7.19
C ARG K 98 66.11 29.46 5.78
N GLN K 99 66.82 30.55 5.63
CA GLN K 99 67.30 31.02 4.35
C GLN K 99 68.39 30.12 3.78
N GLN K 100 68.29 29.85 2.47
CA GLN K 100 69.40 29.21 1.80
C GLN K 100 70.37 30.28 1.35
N GLU K 101 71.53 29.79 0.89
CA GLU K 101 72.56 30.59 0.26
C GLU K 101 71.89 31.42 -0.84
N GLY K 102 72.07 32.73 -0.75
CA GLY K 102 71.56 33.68 -1.72
C GLY K 102 70.12 34.11 -1.48
N GLU K 103 69.41 33.47 -0.54
CA GLU K 103 67.99 33.77 -0.31
C GLU K 103 67.85 34.90 0.72
N SER K 104 67.09 35.94 0.36
CA SER K 104 66.70 37.01 1.25
C SER K 104 65.81 36.50 2.37
N ARG K 105 66.01 36.90 3.61
CA ARG K 105 65.00 36.59 4.65
C ARG K 105 63.62 37.15 4.29
N LEU K 106 62.96 36.49 3.30
CA LEU K 106 61.81 37.05 2.52
C LEU K 106 60.43 36.33 2.53
N ASN K 107 60.31 35.41 1.57
CA ASN K 107 59.06 34.70 1.30
C ASN K 107 58.87 33.55 2.29
N LEU K 108 59.86 33.29 3.15
CA LEU K 108 59.68 32.35 4.26
C LEU K 108 58.88 32.91 5.45
N VAL K 109 58.28 34.06 5.17
CA VAL K 109 57.26 34.65 6.01
C VAL K 109 56.06 33.73 6.19
N GLN K 110 55.44 33.23 5.11
CA GLN K 110 54.16 32.54 5.31
C GLN K 110 54.41 31.17 5.95
N ARG K 111 55.52 30.53 5.60
CA ARG K 111 55.87 29.24 6.17
C ARG K 111 56.06 29.37 7.68
N ASN K 112 56.79 30.40 8.08
CA ASN K 112 57.13 30.57 9.50
C ASN K 112 55.98 31.17 10.28
N VAL K 113 55.11 31.94 9.61
CA VAL K 113 53.90 32.45 10.28
C VAL K 113 53.04 31.25 10.65
N ASN K 114 52.92 30.30 9.73
CA ASN K 114 52.12 29.10 9.98
C ASN K 114 52.68 28.34 11.16
N ILE K 115 54.01 28.23 11.25
CA ILE K 115 54.69 27.51 12.32
C ILE K 115 54.38 28.20 13.65
N PHE K 116 54.43 29.55 13.65
CA PHE K 116 54.24 30.36 14.85
C PHE K 116 52.81 30.21 15.37
N LYS K 117 51.84 29.98 14.47
CA LYS K 117 50.46 29.76 14.85
C LYS K 117 50.31 28.54 15.75
N PHE K 118 51.27 27.62 15.67
CA PHE K 118 51.27 26.44 16.52
C PHE K 118 52.08 26.71 17.77
N ILE K 119 53.27 27.28 17.58
CA ILE K 119 54.28 27.41 18.62
C ILE K 119 53.82 28.39 19.70
N ILE K 120 53.42 29.60 19.27
CA ILE K 120 53.29 30.73 20.18
C ILE K 120 52.18 30.46 21.21
N PRO K 121 50.97 30.00 20.81
CA PRO K 121 49.90 29.70 21.77
C PRO K 121 50.29 28.65 22.80
N ASN K 122 51.12 27.68 22.38
CA ASN K 122 51.57 26.62 23.27
C ASN K 122 52.57 27.16 24.29
N VAL K 123 53.48 28.04 23.84
CA VAL K 123 54.44 28.66 24.73
C VAL K 123 53.68 29.47 25.79
N VAL K 124 52.71 30.26 25.33
CA VAL K 124 51.95 31.18 26.18
C VAL K 124 51.11 30.40 27.18
N LYS K 125 50.57 29.26 26.74
CA LYS K 125 49.76 28.40 27.59
C LYS K 125 50.53 28.07 28.88
N TYR K 126 51.81 27.68 28.74
CA TYR K 126 52.58 27.10 29.84
C TYR K 126 53.45 28.12 30.56
N SER K 127 53.76 29.25 29.91
CA SER K 127 54.56 30.32 30.52
C SER K 127 53.92 31.66 30.18
N PRO K 128 52.75 31.99 30.74
CA PRO K 128 52.03 33.22 30.36
C PRO K 128 52.77 34.50 30.69
N ASN K 129 53.73 34.44 31.61
CA ASN K 129 54.40 35.64 32.09
C ASN K 129 55.84 35.72 31.56
N CYS K 130 56.15 34.88 30.56
CA CYS K 130 57.51 34.86 30.05
C CYS K 130 57.76 36.08 29.17
N LYS K 131 59.04 36.32 28.89
CA LYS K 131 59.44 37.16 27.78
C LYS K 131 59.68 36.24 26.58
N LEU K 132 59.21 36.69 25.41
CA LEU K 132 59.42 35.98 24.17
C LEU K 132 60.59 36.64 23.44
N LEU K 133 61.63 35.86 23.15
CA LEU K 133 62.73 36.33 22.32
C LEU K 133 62.69 35.59 20.99
N ILE K 134 62.34 36.31 19.91
CA ILE K 134 62.19 35.72 18.59
C ILE K 134 63.52 35.79 17.85
N VAL K 135 63.96 34.65 17.31
CA VAL K 135 65.22 34.59 16.59
C VAL K 135 64.96 34.15 15.14
N SER K 136 63.89 33.40 14.93
CA SER K 136 63.44 32.93 13.62
C SER K 136 63.27 34.10 12.64
N ASN K 137 63.50 33.84 11.37
CA ASN K 137 63.51 34.86 10.34
C ASN K 137 62.25 34.80 9.48
N PRO K 138 61.76 35.91 8.90
CA PRO K 138 62.32 37.24 9.12
C PRO K 138 61.96 37.75 10.50
N VAL K 139 62.98 38.04 11.33
CA VAL K 139 62.81 38.22 12.76
C VAL K 139 61.90 39.41 13.05
N ASP K 140 61.96 40.45 12.20
CA ASP K 140 61.23 41.68 12.48
C ASP K 140 59.73 41.45 12.32
N ILE K 141 59.37 40.78 11.22
CA ILE K 141 57.97 40.45 10.96
C ILE K 141 57.50 39.39 11.98
N LEU K 142 58.34 38.39 12.25
CA LEU K 142 57.94 37.30 13.13
C LEU K 142 57.81 37.77 14.59
N THR K 143 58.52 38.85 14.95
CA THR K 143 58.34 39.44 16.26
C THR K 143 56.94 40.01 16.38
N TYR K 144 56.52 40.71 15.32
CA TYR K 144 55.18 41.26 15.21
C TYR K 144 54.16 40.15 15.28
N VAL K 145 54.44 39.05 14.57
CA VAL K 145 53.53 37.90 14.53
C VAL K 145 53.39 37.31 15.94
N ALA K 146 54.53 37.07 16.61
CA ALA K 146 54.51 36.53 17.95
C ALA K 146 53.72 37.45 18.88
N TRP K 147 53.78 38.77 18.63
CA TRP K 147 53.10 39.75 19.45
C TRP K 147 51.58 39.65 19.26
N LYS K 148 51.16 39.58 17.99
CA LYS K 148 49.75 39.46 17.64
C LYS K 148 49.19 38.15 18.18
N ILE K 149 49.94 37.05 18.01
CA ILE K 149 49.42 35.73 18.36
C ILE K 149 49.35 35.58 19.89
N SER K 150 50.44 35.94 20.58
CA SER K 150 50.57 35.75 22.02
C SER K 150 49.56 36.59 22.82
N GLY K 151 49.29 37.81 22.34
CA GLY K 151 48.47 38.78 23.06
C GLY K 151 49.24 39.45 24.20
N PHE K 152 50.56 39.26 24.21
CA PHE K 152 51.43 39.84 25.22
C PHE K 152 51.53 41.35 25.01
N PRO K 153 51.85 42.11 26.07
CA PRO K 153 52.23 43.52 25.91
C PRO K 153 53.53 43.54 25.13
N LYS K 154 53.79 44.65 24.44
CA LYS K 154 54.87 44.70 23.46
C LYS K 154 56.24 44.63 24.14
N ASN K 155 56.30 44.94 25.43
CA ASN K 155 57.57 44.91 26.14
C ASN K 155 58.07 43.48 26.31
N ARG K 156 57.17 42.49 26.23
CA ARG K 156 57.54 41.10 26.47
C ARG K 156 57.69 40.32 25.17
N VAL K 157 57.76 41.02 24.02
CA VAL K 157 58.02 40.35 22.76
C VAL K 157 59.19 41.06 22.08
N ILE K 158 60.34 40.37 22.03
CA ILE K 158 61.62 40.94 21.63
C ILE K 158 62.16 40.12 20.47
N GLY K 159 62.55 40.77 19.36
CA GLY K 159 63.23 40.09 18.28
C GLY K 159 64.73 40.30 18.39
N SER K 160 65.52 39.24 18.14
CA SER K 160 66.96 39.33 18.26
C SER K 160 67.50 40.46 17.37
N GLY K 161 66.77 40.74 16.27
CA GLY K 161 66.95 41.95 15.50
C GLY K 161 68.40 42.16 15.07
N CYS K 162 68.90 43.39 15.27
CA CYS K 162 70.20 43.78 14.77
C CYS K 162 71.30 43.70 15.84
N ASN K 163 71.03 42.97 16.93
CA ASN K 163 72.04 42.77 17.97
C ASN K 163 73.27 42.14 17.34
N LEU K 164 73.05 41.15 16.46
CA LEU K 164 74.15 40.46 15.81
C LEU K 164 74.80 41.34 14.75
N ASP K 165 73.99 42.09 13.98
CA ASP K 165 74.48 42.97 12.94
C ASP K 165 75.44 43.99 13.56
N SER K 166 75.02 44.56 14.70
CA SER K 166 75.82 45.56 15.39
C SER K 166 77.11 44.93 15.92
N ALA K 167 77.01 43.68 16.41
CA ALA K 167 78.16 42.93 16.91
C ALA K 167 79.19 42.72 15.79
N ARG K 168 78.70 42.32 14.62
CA ARG K 168 79.54 42.13 13.44
C ARG K 168 80.19 43.46 13.07
N PHE K 169 79.36 44.53 13.05
CA PHE K 169 79.81 45.86 12.71
C PHE K 169 80.98 46.28 13.58
N ARG K 170 80.83 46.06 14.88
CA ARG K 170 81.84 46.45 15.85
C ARG K 170 83.09 45.58 15.73
N TYR K 171 82.89 44.31 15.34
CA TYR K 171 84.03 43.43 15.11
C TYR K 171 84.89 43.98 13.97
N LEU K 172 84.24 44.32 12.86
CA LEU K 172 84.91 44.81 11.66
C LEU K 172 85.52 46.18 11.91
N MET K 173 84.79 47.04 12.63
CA MET K 173 85.29 48.34 13.06
C MET K 173 86.60 48.14 13.80
N GLY K 174 86.59 47.21 14.76
CA GLY K 174 87.73 46.90 15.59
C GLY K 174 88.93 46.39 14.79
N GLU K 175 88.65 45.58 13.76
CA GLU K 175 89.66 45.00 12.89
C GLU K 175 90.41 46.14 12.20
N ARG K 176 89.65 47.13 11.70
CA ARG K 176 90.22 48.24 10.98
C ARG K 176 91.04 49.14 11.90
N LEU K 177 90.58 49.33 13.15
CA LEU K 177 91.17 50.34 14.01
C LEU K 177 92.23 49.76 14.95
N GLY K 178 92.28 48.43 15.08
CA GLY K 178 93.20 47.77 16.02
C GLY K 178 92.76 47.92 17.47
N VAL K 179 91.43 47.91 17.66
CA VAL K 179 90.80 48.07 18.97
C VAL K 179 89.85 46.91 19.19
N HIS K 180 89.75 46.45 20.44
CA HIS K 180 88.78 45.41 20.78
C HIS K 180 87.38 45.93 20.46
N PRO K 181 86.49 45.07 19.89
CA PRO K 181 85.12 45.49 19.60
C PRO K 181 84.39 46.13 20.80
N LEU K 182 84.79 45.75 22.02
CA LEU K 182 84.15 46.28 23.21
C LEU K 182 84.34 47.79 23.28
N SER K 183 85.45 48.28 22.72
CA SER K 183 85.78 49.70 22.76
C SER K 183 85.42 50.42 21.45
N CYS K 184 84.83 49.70 20.51
CA CYS K 184 84.34 50.24 19.24
C CYS K 184 82.82 50.33 19.27
N HIS K 185 82.26 51.51 19.07
CA HIS K 185 80.83 51.73 19.22
C HIS K 185 80.22 52.16 17.88
N GLY K 186 79.01 51.65 17.62
CA GLY K 186 78.41 51.76 16.30
C GLY K 186 77.15 50.92 16.17
N TRP K 187 76.07 51.48 15.64
CA TRP K 187 74.77 50.84 15.64
C TRP K 187 74.29 50.55 14.23
N VAL K 188 73.81 49.33 14.02
CA VAL K 188 73.09 48.98 12.80
C VAL K 188 71.63 48.77 13.21
N LEU K 189 70.71 49.55 12.62
CA LEU K 189 69.31 49.54 13.01
C LEU K 189 68.41 49.17 11.84
N GLY K 190 67.07 49.10 12.13
CA GLY K 190 66.08 48.73 11.11
C GLY K 190 65.93 47.23 10.96
N GLU K 191 65.79 46.80 9.69
CA GLU K 191 65.58 45.38 9.36
C GLU K 191 66.87 44.63 9.61
N HIS K 192 66.74 43.47 10.24
CA HIS K 192 67.84 42.49 10.26
C HIS K 192 68.58 42.20 8.96
N GLY K 193 68.03 42.38 7.82
CA GLY K 193 68.46 41.98 6.53
C GLY K 193 69.15 43.04 5.69
N ASP K 194 68.86 43.00 4.36
CA ASP K 194 69.55 43.80 3.39
C ASP K 194 69.34 45.30 3.57
N SER K 195 68.21 45.69 4.20
CA SER K 195 67.92 47.12 4.33
C SER K 195 68.33 47.69 5.69
N SER K 196 69.27 47.04 6.37
CA SER K 196 69.74 47.56 7.64
C SER K 196 70.46 48.90 7.45
N VAL K 197 70.39 49.73 8.50
CA VAL K 197 70.88 51.09 8.43
C VAL K 197 72.05 51.27 9.40
N PRO K 198 73.28 51.54 8.89
CA PRO K 198 74.41 51.86 9.74
C PRO K 198 74.36 53.33 10.15
N VAL K 199 74.43 53.58 11.46
CA VAL K 199 74.32 54.93 11.98
C VAL K 199 75.72 55.52 12.11
N TRP K 200 76.22 56.06 10.99
CA TRP K 200 77.55 56.64 10.90
C TRP K 200 77.75 57.75 11.93
N SER K 201 76.68 58.49 12.18
CA SER K 201 76.69 59.63 13.09
C SER K 201 77.03 59.22 14.51
N GLY K 202 76.78 57.94 14.86
CA GLY K 202 76.97 57.43 16.22
C GLY K 202 78.28 56.68 16.42
N MET K 203 78.99 56.39 15.33
CA MET K 203 80.21 55.59 15.38
C MET K 203 81.31 56.35 16.12
N ASN K 204 81.91 55.69 17.13
CA ASN K 204 82.89 56.36 17.95
C ASN K 204 83.81 55.37 18.66
N VAL K 205 85.00 55.84 19.02
CA VAL K 205 85.91 55.17 19.92
C VAL K 205 86.22 56.15 21.04
N ALA K 206 86.09 55.70 22.29
CA ALA K 206 86.36 56.50 23.47
C ALA K 206 85.63 57.85 23.43
N GLY K 207 84.44 57.85 22.82
CA GLY K 207 83.58 59.03 22.80
C GLY K 207 83.93 60.00 21.67
N VAL K 208 84.93 59.65 20.86
CA VAL K 208 85.38 60.51 19.78
C VAL K 208 84.60 60.12 18.52
N SER K 209 83.75 61.03 18.01
CA SER K 209 82.96 60.79 16.81
C SER K 209 83.85 60.58 15.59
N LEU K 210 83.70 59.42 14.93
CA LEU K 210 84.49 59.11 13.76
C LEU K 210 84.09 59.93 12.56
N LYS K 211 82.80 60.29 12.49
CA LYS K 211 82.28 61.12 11.42
C LYS K 211 82.84 62.54 11.54
N THR K 212 83.04 63.01 12.78
CA THR K 212 83.65 64.30 13.05
C THR K 212 85.09 64.31 12.52
N LEU K 213 85.83 63.23 12.82
CA LEU K 213 87.22 63.11 12.41
C LEU K 213 87.31 62.96 10.88
N HIS K 214 86.30 62.30 10.29
CA HIS K 214 86.35 61.89 8.91
C HIS K 214 84.96 62.02 8.29
N PRO K 215 84.61 63.24 7.82
CA PRO K 215 83.24 63.50 7.34
C PRO K 215 82.81 62.65 6.15
N ASP K 216 83.78 62.08 5.40
CA ASP K 216 83.46 61.19 4.32
C ASP K 216 82.89 59.85 4.78
N LEU K 217 83.06 59.53 6.07
CA LEU K 217 82.65 58.26 6.63
C LEU K 217 81.21 57.92 6.21
N GLY K 218 81.03 56.79 5.54
CA GLY K 218 79.72 56.28 5.16
C GLY K 218 79.23 56.72 3.79
N THR K 219 79.99 57.59 3.12
CA THR K 219 79.60 58.09 1.81
C THR K 219 80.37 57.35 0.73
N ASP K 220 79.97 57.55 -0.53
CA ASP K 220 80.63 56.96 -1.69
C ASP K 220 81.98 57.63 -1.94
N LYS K 221 82.11 58.90 -1.55
CA LYS K 221 83.32 59.65 -1.79
C LYS K 221 84.44 59.18 -0.86
N ASP K 222 84.09 58.45 0.20
CA ASP K 222 85.00 57.95 1.22
C ASP K 222 86.17 57.20 0.62
N LYS K 223 87.37 57.77 0.75
CA LYS K 223 88.59 57.16 0.25
C LYS K 223 88.85 55.82 0.95
N GLU K 224 88.38 55.71 2.20
CA GLU K 224 88.64 54.55 3.03
C GLU K 224 87.54 53.51 2.88
N GLN K 225 86.42 53.91 2.26
CA GLN K 225 85.36 52.98 1.96
C GLN K 225 84.79 52.32 3.22
N TRP K 226 84.39 53.16 4.16
CA TRP K 226 83.78 52.61 5.38
C TRP K 226 82.40 52.03 5.10
N LYS K 227 81.79 52.42 3.97
CA LYS K 227 80.51 51.89 3.57
C LYS K 227 80.59 50.36 3.42
N GLU K 228 81.79 49.89 3.05
CA GLU K 228 82.07 48.48 2.83
C GLU K 228 81.97 47.69 4.12
N VAL K 229 82.22 48.34 5.26
CA VAL K 229 82.08 47.65 6.54
C VAL K 229 80.62 47.23 6.72
N HIS K 230 79.69 48.13 6.40
CA HIS K 230 78.28 47.77 6.53
C HIS K 230 77.91 46.73 5.48
N LYS K 231 78.53 46.82 4.28
CA LYS K 231 78.19 45.88 3.25
C LYS K 231 78.59 44.47 3.68
N GLN K 232 79.69 44.42 4.43
CA GLN K 232 80.18 43.15 4.95
C GLN K 232 79.27 42.64 6.06
N VAL K 233 78.59 43.55 6.74
CA VAL K 233 77.65 43.16 7.78
C VAL K 233 76.44 42.46 7.14
N VAL K 234 75.92 43.08 6.08
CA VAL K 234 74.78 42.53 5.35
C VAL K 234 75.14 41.17 4.79
N GLU K 235 76.39 41.03 4.34
CA GLU K 235 76.83 39.88 3.57
C GLU K 235 77.41 38.77 4.45
N SER K 236 77.60 39.05 5.75
CA SER K 236 78.22 38.12 6.69
C SER K 236 77.51 36.77 6.65
N ALA K 237 76.20 36.79 6.90
CA ALA K 237 75.39 35.60 6.98
C ALA K 237 75.58 34.74 5.73
N TYR K 238 75.52 35.38 4.58
CA TYR K 238 75.63 34.72 3.30
C TYR K 238 77.01 34.12 3.12
N GLU K 239 78.04 34.85 3.57
CA GLU K 239 79.40 34.37 3.38
C GLU K 239 79.67 33.18 4.31
N VAL K 240 79.19 33.26 5.55
CA VAL K 240 79.38 32.15 6.48
C VAL K 240 78.60 30.94 5.96
N ILE K 241 77.36 31.16 5.50
CA ILE K 241 76.53 30.10 4.94
C ILE K 241 77.29 29.44 3.77
N LYS K 242 77.85 30.28 2.90
CA LYS K 242 78.63 29.81 1.76
C LYS K 242 79.78 28.94 2.23
N LEU K 243 80.41 29.32 3.33
CA LEU K 243 81.66 28.66 3.75
C LEU K 243 81.38 27.40 4.58
N LYS K 244 80.39 27.43 5.49
CA LYS K 244 80.19 26.33 6.41
C LYS K 244 78.75 25.78 6.39
N GLY K 245 77.87 26.41 5.61
CA GLY K 245 76.54 25.86 5.39
C GLY K 245 75.45 26.56 6.21
N TYR K 246 75.86 27.19 7.33
CA TYR K 246 74.91 27.84 8.21
C TYR K 246 75.67 28.78 9.12
N THR K 247 74.93 29.62 9.89
CA THR K 247 75.56 30.34 10.97
C THR K 247 74.97 29.82 12.28
N SER K 248 75.80 29.79 13.34
CA SER K 248 75.36 29.27 14.62
C SER K 248 75.98 30.04 15.77
N TRP K 249 77.32 30.12 15.80
CA TRP K 249 78.00 30.55 17.01
C TRP K 249 77.71 32.01 17.33
N ALA K 250 77.76 32.89 16.32
CA ALA K 250 77.59 34.32 16.51
C ALA K 250 76.19 34.65 17.00
N ILE K 251 75.18 34.06 16.34
CA ILE K 251 73.80 34.30 16.72
C ILE K 251 73.54 33.72 18.12
N GLY K 252 74.18 32.59 18.42
CA GLY K 252 74.05 31.95 19.72
C GLY K 252 74.52 32.86 20.84
N LEU K 253 75.74 33.40 20.67
CA LEU K 253 76.33 34.31 21.63
C LEU K 253 75.48 35.57 21.72
N SER K 254 75.00 36.08 20.57
CA SER K 254 74.19 37.29 20.53
C SER K 254 72.92 37.10 21.37
N VAL K 255 72.30 35.93 21.25
CA VAL K 255 71.06 35.59 21.95
C VAL K 255 71.33 35.46 23.46
N ALA K 256 72.47 34.85 23.82
CA ALA K 256 72.82 34.71 25.23
C ALA K 256 73.08 36.08 25.84
N ASP K 257 73.59 36.99 25.00
CA ASP K 257 73.85 38.37 25.39
C ASP K 257 72.53 39.02 25.81
N LEU K 258 71.50 38.82 24.99
CA LEU K 258 70.19 39.39 25.25
C LEU K 258 69.59 38.73 26.49
N ALA K 259 69.71 37.39 26.55
CA ALA K 259 69.21 36.61 27.67
C ALA K 259 69.81 37.10 28.98
N GLU K 260 71.11 37.41 28.96
CA GLU K 260 71.82 37.87 30.16
C GLU K 260 71.20 39.16 30.68
N SER K 261 70.91 40.11 29.77
CA SER K 261 70.34 41.39 30.15
C SER K 261 68.94 41.21 30.72
N ILE K 262 68.17 40.29 30.13
CA ILE K 262 66.81 40.05 30.58
C ILE K 262 66.83 39.39 31.96
N MET K 263 67.56 38.27 32.08
CA MET K 263 67.54 37.44 33.28
C MET K 263 68.11 38.18 34.49
N LYS K 264 69.15 39.00 34.26
CA LYS K 264 69.84 39.67 35.35
C LYS K 264 69.34 41.11 35.52
N ASN K 265 68.35 41.52 34.72
CA ASN K 265 67.70 42.83 34.81
C ASN K 265 68.74 43.95 34.72
N LEU K 266 69.65 43.86 33.75
CA LEU K 266 70.80 44.74 33.67
C LEU K 266 70.42 46.15 33.23
N ARG K 267 69.38 46.27 32.40
CA ARG K 267 69.01 47.55 31.80
C ARG K 267 70.16 48.05 30.90
N ARG K 268 70.76 47.10 30.17
CA ARG K 268 71.68 47.44 29.11
C ARG K 268 70.90 47.77 27.85
N VAL K 269 71.58 48.45 26.92
CA VAL K 269 70.97 48.88 25.68
C VAL K 269 71.41 47.96 24.54
N HIS K 270 70.43 47.39 23.83
CA HIS K 270 70.65 46.48 22.72
C HIS K 270 69.76 46.87 21.55
N PRO K 271 70.24 46.75 20.31
CA PRO K 271 69.41 47.00 19.13
C PRO K 271 68.59 45.76 18.81
N VAL K 272 67.29 45.77 19.17
CA VAL K 272 66.45 44.59 19.10
C VAL K 272 65.13 44.99 18.46
N SER K 273 64.39 44.01 17.91
CA SER K 273 63.15 44.29 17.19
C SER K 273 62.04 44.60 18.17
N THR K 274 61.42 45.76 17.96
CA THR K 274 60.29 46.17 18.78
C THR K 274 59.37 47.05 17.96
N MET K 275 58.19 47.32 18.52
CA MET K 275 57.26 48.15 17.78
C MET K 275 57.71 49.60 17.83
N ILE K 276 57.83 50.22 16.67
CA ILE K 276 58.37 51.56 16.47
C ILE K 276 57.29 52.52 15.97
N LYS K 277 56.02 52.10 15.98
CA LYS K 277 54.93 52.99 15.63
C LYS K 277 55.06 54.29 16.41
N GLY K 278 54.96 55.43 15.71
CA GLY K 278 55.03 56.75 16.31
C GLY K 278 56.43 57.36 16.28
N LEU K 279 57.44 56.59 15.87
CA LEU K 279 58.79 57.12 15.75
C LEU K 279 59.17 57.24 14.28
N TYR K 280 59.92 58.29 13.95
CA TYR K 280 60.45 58.53 12.62
C TYR K 280 59.33 58.54 11.57
N GLY K 281 58.13 58.95 11.98
CA GLY K 281 56.99 59.13 11.09
C GLY K 281 56.40 57.81 10.60
N ILE K 282 56.76 56.72 11.27
CA ILE K 282 56.15 55.42 10.98
C ILE K 282 54.81 55.38 11.71
N LYS K 283 53.76 55.01 10.98
CA LYS K 283 52.40 55.09 11.49
C LYS K 283 51.77 53.71 11.61
N ASP K 284 52.47 52.67 11.25
CA ASP K 284 51.95 51.31 11.23
C ASP K 284 52.55 50.51 12.39
N ASP K 285 52.01 49.34 12.64
CA ASP K 285 52.50 48.48 13.73
C ASP K 285 53.73 47.70 13.20
N VAL K 286 54.76 48.43 12.79
CA VAL K 286 55.96 47.82 12.25
C VAL K 286 56.90 47.54 13.43
N PHE K 287 57.52 46.37 13.41
CA PHE K 287 58.62 46.05 14.30
C PHE K 287 59.95 46.16 13.55
N LEU K 288 60.90 46.90 14.12
CA LEU K 288 62.29 46.79 13.68
C LEU K 288 63.22 47.16 14.81
N SER K 289 64.52 47.11 14.52
CA SER K 289 65.53 47.28 15.55
C SER K 289 65.81 48.76 15.79
N VAL K 290 65.66 49.17 17.06
CA VAL K 290 66.19 50.42 17.59
C VAL K 290 66.87 50.06 18.91
N PRO K 291 67.76 50.91 19.48
CA PRO K 291 68.37 50.62 20.78
C PRO K 291 67.31 50.65 21.86
N CYS K 292 67.20 49.53 22.60
CA CYS K 292 66.22 49.37 23.66
C CYS K 292 66.91 49.02 24.97
N ILE K 293 66.31 49.48 26.08
CA ILE K 293 66.76 49.11 27.41
C ILE K 293 66.10 47.77 27.77
N LEU K 294 66.94 46.78 28.09
CA LEU K 294 66.52 45.41 28.30
C LEU K 294 66.69 45.03 29.76
N GLY K 295 65.60 44.52 30.34
CA GLY K 295 65.62 44.04 31.70
C GLY K 295 64.59 42.94 31.91
N GLN K 296 64.22 42.75 33.18
CA GLN K 296 63.40 41.63 33.60
C GLN K 296 61.96 41.75 33.09
N ASN K 297 61.57 42.94 32.60
CA ASN K 297 60.25 43.11 32.00
C ASN K 297 60.38 43.18 30.48
N GLY K 298 61.54 42.79 29.95
CA GLY K 298 61.82 42.89 28.53
C GLY K 298 62.26 44.31 28.17
N ILE K 299 61.63 44.87 27.13
CA ILE K 299 61.97 46.20 26.68
C ILE K 299 61.16 47.20 27.48
N SER K 300 61.83 47.91 28.38
CA SER K 300 61.18 48.91 29.21
C SER K 300 61.20 50.28 28.54
N ASP K 301 62.18 50.51 27.66
CA ASP K 301 62.43 51.83 27.09
C ASP K 301 63.12 51.69 25.73
N LEU K 302 62.94 52.71 24.88
CA LEU K 302 63.67 52.87 23.64
C LEU K 302 64.58 54.09 23.75
N VAL K 303 65.76 54.01 23.15
CA VAL K 303 66.57 55.18 22.92
C VAL K 303 66.12 55.77 21.58
N LYS K 304 65.85 57.07 21.58
CA LYS K 304 65.39 57.75 20.38
C LYS K 304 66.59 58.28 19.63
N VAL K 305 67.19 57.41 18.79
CA VAL K 305 68.42 57.76 18.09
C VAL K 305 68.12 58.90 17.13
N THR K 306 69.02 59.87 17.07
CA THR K 306 68.97 60.90 16.04
C THR K 306 69.57 60.35 14.74
N LEU K 307 68.80 60.44 13.67
CA LEU K 307 69.19 59.93 12.36
C LEU K 307 69.34 61.09 11.38
N THR K 308 70.31 60.97 10.46
CA THR K 308 70.32 61.86 9.32
C THR K 308 69.03 61.65 8.55
N SER K 309 68.61 62.67 7.78
CA SER K 309 67.38 62.57 7.00
C SER K 309 67.40 61.34 6.09
N GLU K 310 68.60 61.00 5.58
CA GLU K 310 68.73 59.84 4.72
C GLU K 310 68.61 58.54 5.54
N GLU K 311 69.31 58.49 6.68
CA GLU K 311 69.22 57.35 7.58
C GLU K 311 67.76 57.16 7.98
N GLU K 312 67.05 58.26 8.25
CA GLU K 312 65.65 58.17 8.62
C GLU K 312 64.81 57.72 7.42
N ALA K 313 65.15 58.19 6.22
CA ALA K 313 64.46 57.80 5.02
C ALA K 313 64.58 56.30 4.79
N ARG K 314 65.79 55.76 5.00
CA ARG K 314 66.08 54.34 4.83
C ARG K 314 65.27 53.51 5.83
N LEU K 315 65.11 54.03 7.06
CA LEU K 315 64.37 53.34 8.10
C LEU K 315 62.89 53.34 7.82
N LYS K 316 62.38 54.44 7.23
CA LYS K 316 60.97 54.52 6.85
C LYS K 316 60.71 53.55 5.68
N LYS K 317 61.71 53.41 4.81
CA LYS K 317 61.64 52.50 3.67
C LYS K 317 61.60 51.05 4.16
N SER K 318 62.43 50.75 5.15
CA SER K 318 62.47 49.44 5.80
C SER K 318 61.11 49.17 6.41
N ALA K 319 60.56 50.17 7.10
CA ALA K 319 59.27 50.06 7.75
C ALA K 319 58.18 49.73 6.72
N ASP K 320 58.20 50.42 5.57
CA ASP K 320 57.20 50.25 4.54
C ASP K 320 57.25 48.82 3.98
N THR K 321 58.47 48.37 3.64
CA THR K 321 58.69 47.02 3.12
C THR K 321 58.04 46.02 4.06
N LEU K 322 58.33 46.16 5.36
CA LEU K 322 57.91 45.19 6.37
C LEU K 322 56.39 45.25 6.52
N TRP K 323 55.83 46.47 6.58
CA TRP K 323 54.40 46.62 6.74
C TRP K 323 53.65 46.04 5.54
N GLY K 324 54.24 46.21 4.36
CA GLY K 324 53.67 45.65 3.15
C GLY K 324 53.40 44.16 3.27
N ILE K 325 54.34 43.44 3.89
CA ILE K 325 54.22 42.00 4.05
C ILE K 325 53.30 41.69 5.22
N GLN K 326 53.43 42.47 6.29
CA GLN K 326 52.72 42.24 7.54
C GLN K 326 51.22 42.33 7.33
N LYS K 327 50.79 43.32 6.53
CA LYS K 327 49.38 43.56 6.34
C LYS K 327 48.71 42.38 5.64
N GLU K 328 49.48 41.60 4.89
CA GLU K 328 48.90 40.53 4.09
C GLU K 328 48.74 39.25 4.89
N LEU K 329 49.24 39.24 6.13
CA LEU K 329 49.36 37.98 6.87
C LEU K 329 48.00 37.50 7.40
N GLN K 330 47.73 36.22 7.11
CA GLN K 330 46.43 35.65 7.38
C GLN K 330 46.60 34.60 8.45
N PHE K 331 46.23 34.91 9.71
CA PHE K 331 46.54 34.02 10.81
C PHE K 331 45.26 33.60 11.56
N ALA L 1 97.16 60.81 6.32
CA ALA L 1 97.25 59.62 7.19
C ALA L 1 95.91 58.87 7.18
N THR L 2 95.97 57.59 7.59
CA THR L 2 94.80 56.73 7.70
C THR L 2 93.93 57.17 8.89
N LEU L 3 92.68 56.71 8.93
CA LEU L 3 91.77 56.98 10.04
C LEU L 3 92.38 56.47 11.35
N LYS L 4 92.96 55.28 11.31
CA LYS L 4 93.58 54.66 12.47
C LYS L 4 94.66 55.58 13.04
N ASP L 5 95.48 56.16 12.16
CA ASP L 5 96.59 57.03 12.55
C ASP L 5 96.09 58.39 13.05
N GLN L 6 94.99 58.89 12.45
CA GLN L 6 94.39 60.13 12.90
C GLN L 6 93.84 59.95 14.32
N LEU L 7 93.34 58.75 14.62
CA LEU L 7 92.63 58.50 15.86
C LEU L 7 93.59 58.08 16.97
N ILE L 8 94.60 57.28 16.59
CA ILE L 8 95.41 56.58 17.58
C ILE L 8 96.90 56.91 17.38
N TYR L 9 97.54 57.39 18.45
CA TYR L 9 98.96 57.61 18.45
C TYR L 9 99.63 56.40 19.09
N ASN L 10 100.62 55.85 18.38
CA ASN L 10 101.33 54.64 18.73
C ASN L 10 102.57 54.98 19.54
N LEU L 11 102.74 54.33 20.69
CA LEU L 11 103.96 54.39 21.49
C LEU L 11 104.86 53.21 21.15
N LEU L 12 104.21 52.06 20.93
CA LEU L 12 104.91 50.79 20.97
C LEU L 12 104.42 49.89 19.86
N LYS L 13 105.36 49.28 19.12
CA LYS L 13 105.06 48.45 17.98
C LYS L 13 105.31 46.98 18.27
N GLU L 14 106.50 46.58 18.74
CA GLU L 14 107.15 45.33 18.39
C GLU L 14 106.56 44.05 18.98
N GLU L 15 105.53 44.16 19.86
CA GLU L 15 105.05 43.06 20.65
C GLU L 15 104.69 41.84 19.79
N GLN L 16 104.55 40.74 20.47
CA GLN L 16 104.27 39.44 19.85
C GLN L 16 104.00 38.39 20.90
N THR L 17 104.17 37.16 20.44
CA THR L 17 104.20 35.84 21.08
C THR L 17 103.06 35.54 22.04
N PRO L 18 102.24 34.50 21.76
CA PRO L 18 101.13 34.12 22.66
C PRO L 18 101.70 33.51 23.93
N GLN L 19 101.05 33.82 25.06
CA GLN L 19 101.51 33.35 26.35
C GLN L 19 100.72 32.13 26.79
N ASN L 20 99.49 31.99 26.28
CA ASN L 20 98.56 30.98 26.75
C ASN L 20 97.75 30.43 25.58
N LYS L 21 98.47 29.91 24.57
CA LYS L 21 97.84 29.53 23.32
C LYS L 21 97.40 28.07 23.38
N ILE L 22 96.18 27.84 22.87
CA ILE L 22 95.65 26.49 22.71
C ILE L 22 95.34 26.25 21.23
N THR L 23 95.75 25.07 20.74
CA THR L 23 95.41 24.64 19.40
C THR L 23 94.44 23.46 19.48
N VAL L 24 93.40 23.53 18.65
CA VAL L 24 92.52 22.39 18.44
C VAL L 24 92.71 21.91 17.00
N VAL L 25 93.15 20.65 16.87
CA VAL L 25 93.31 20.01 15.58
C VAL L 25 92.04 19.20 15.31
N GLY L 26 91.38 19.48 14.18
CA GLY L 26 90.10 18.88 13.83
C GLY L 26 88.94 19.82 14.18
N VAL L 27 88.16 20.24 13.18
CA VAL L 27 87.02 21.13 13.41
C VAL L 27 85.72 20.41 13.11
N GLY L 28 85.70 19.10 13.40
CA GLY L 28 84.47 18.32 13.48
C GLY L 28 83.65 18.75 14.69
N ALA L 29 82.51 18.10 14.94
CA ALA L 29 81.62 18.52 16.01
C ALA L 29 82.36 18.53 17.35
N VAL L 30 83.25 17.56 17.53
CA VAL L 30 83.98 17.42 18.78
C VAL L 30 84.98 18.56 18.92
N GLY L 31 85.75 18.81 17.86
CA GLY L 31 86.75 19.87 17.85
C GLY L 31 86.13 21.23 18.19
N MET L 32 84.96 21.50 17.60
CA MET L 32 84.35 22.80 17.74
C MET L 32 83.67 22.93 19.11
N ALA L 33 83.21 21.81 19.68
CA ALA L 33 82.68 21.83 21.04
C ALA L 33 83.79 22.08 22.05
N CYS L 34 84.99 21.53 21.78
CA CYS L 34 86.17 21.83 22.57
C CYS L 34 86.50 23.32 22.46
N ALA L 35 86.47 23.85 21.22
CA ALA L 35 86.79 25.24 20.94
C ALA L 35 85.87 26.18 21.72
N ILE L 36 84.54 26.01 21.56
CA ILE L 36 83.58 26.91 22.19
C ILE L 36 83.71 26.84 23.71
N SER L 37 83.91 25.64 24.25
CA SER L 37 84.00 25.40 25.67
C SER L 37 85.23 26.11 26.24
N ILE L 38 86.35 26.02 25.52
CA ILE L 38 87.59 26.66 25.91
C ILE L 38 87.45 28.18 25.79
N LEU L 39 86.79 28.65 24.72
CA LEU L 39 86.61 30.08 24.53
C LEU L 39 85.79 30.67 25.67
N MET L 40 84.80 29.93 26.14
CA MET L 40 83.90 30.50 27.12
C MET L 40 84.43 30.32 28.55
N LYS L 41 85.52 29.57 28.71
CA LYS L 41 86.12 29.43 30.03
C LYS L 41 87.38 30.28 30.18
N ASP L 42 87.70 31.07 29.14
CA ASP L 42 88.79 32.04 29.10
C ASP L 42 90.14 31.38 29.36
N LEU L 43 90.37 30.20 28.79
CA LEU L 43 91.57 29.43 29.12
C LEU L 43 92.75 29.86 28.24
N ALA L 44 92.48 30.61 27.17
CA ALA L 44 93.47 30.89 26.15
C ALA L 44 93.49 32.37 25.76
N ASP L 45 94.68 32.89 25.45
CA ASP L 45 94.85 34.22 24.89
C ASP L 45 94.88 34.14 23.36
N GLU L 46 95.05 32.92 22.84
CA GLU L 46 95.01 32.67 21.41
C GLU L 46 94.50 31.25 21.18
N LEU L 47 93.54 31.11 20.27
CA LEU L 47 93.04 29.81 19.84
C LEU L 47 93.36 29.63 18.37
N ALA L 48 94.00 28.50 18.06
CA ALA L 48 94.28 28.13 16.68
C ALA L 48 93.49 26.87 16.34
N LEU L 49 92.85 26.88 15.17
CA LEU L 49 92.18 25.69 14.64
C LEU L 49 92.93 25.21 13.41
N VAL L 50 93.12 23.89 13.32
CA VAL L 50 93.70 23.30 12.12
C VAL L 50 92.84 22.13 11.65
N ASP L 51 92.69 22.04 10.32
CA ASP L 51 92.05 20.90 9.69
C ASP L 51 92.56 20.80 8.25
N VAL L 52 92.05 19.80 7.50
CA VAL L 52 92.43 19.62 6.12
C VAL L 52 91.35 20.20 5.20
N ILE L 53 90.12 20.28 5.69
CA ILE L 53 89.01 20.83 4.92
C ILE L 53 89.04 22.34 5.09
N GLU L 54 89.41 23.04 4.01
CA GLU L 54 89.82 24.43 4.11
C GLU L 54 88.60 25.35 4.24
N ASP L 55 87.52 25.00 3.50
CA ASP L 55 86.32 25.81 3.52
C ASP L 55 85.67 25.77 4.91
N LYS L 56 85.48 24.56 5.43
CA LYS L 56 84.87 24.35 6.73
C LYS L 56 85.67 25.06 7.83
N LEU L 57 87.00 24.95 7.72
CA LEU L 57 87.93 25.49 8.69
C LEU L 57 87.78 27.00 8.77
N LYS L 58 87.81 27.67 7.62
CA LYS L 58 87.70 29.12 7.56
C LYS L 58 86.34 29.56 8.08
N GLY L 59 85.29 28.81 7.74
CA GLY L 59 83.93 29.13 8.16
C GLY L 59 83.77 29.10 9.67
N GLU L 60 84.32 28.04 10.28
CA GLU L 60 84.28 27.85 11.73
C GLU L 60 85.00 28.99 12.41
N MET L 61 86.24 29.28 11.97
CA MET L 61 87.03 30.36 12.50
C MET L 61 86.23 31.67 12.48
N MET L 62 85.69 32.01 11.31
CA MET L 62 84.92 33.23 11.12
C MET L 62 83.72 33.29 12.06
N ASP L 63 83.00 32.17 12.23
CA ASP L 63 81.81 32.17 13.07
C ASP L 63 82.19 32.53 14.50
N LEU L 64 83.30 31.93 14.99
CA LEU L 64 83.79 32.22 16.32
C LEU L 64 84.23 33.68 16.40
N GLN L 65 84.95 34.15 15.37
CA GLN L 65 85.47 35.51 15.34
C GLN L 65 84.34 36.53 15.44
N HIS L 66 83.21 36.26 14.81
CA HIS L 66 82.11 37.21 14.81
C HIS L 66 81.52 37.39 16.21
N GLY L 67 81.80 36.43 17.10
CA GLY L 67 81.30 36.50 18.46
C GLY L 67 82.34 37.06 19.44
N SER L 68 83.41 37.66 18.92
CA SER L 68 84.55 38.13 19.70
C SER L 68 84.11 39.11 20.78
N LEU L 69 83.06 39.89 20.49
CA LEU L 69 82.52 40.88 21.41
C LEU L 69 82.17 40.20 22.74
N PHE L 70 81.79 38.93 22.68
CA PHE L 70 81.25 38.23 23.84
C PHE L 70 82.28 37.27 24.45
N LEU L 71 83.51 37.32 23.94
CA LEU L 71 84.57 36.45 24.45
C LEU L 71 85.71 37.29 25.01
N ARG L 72 86.66 36.58 25.64
CA ARG L 72 87.85 37.22 26.17
C ARG L 72 89.07 36.49 25.66
N THR L 73 88.96 35.94 24.44
CA THR L 73 90.10 35.39 23.74
C THR L 73 90.31 36.25 22.51
N PRO L 74 91.33 37.13 22.51
CA PRO L 74 91.46 38.17 21.48
C PRO L 74 91.93 37.69 20.11
N LYS L 75 92.57 36.51 20.04
CA LYS L 75 93.10 36.04 18.78
C LYS L 75 92.61 34.64 18.48
N ILE L 76 91.84 34.51 17.39
CA ILE L 76 91.41 33.24 16.85
C ILE L 76 91.96 33.14 15.43
N VAL L 77 92.73 32.08 15.18
CA VAL L 77 93.32 31.85 13.88
C VAL L 77 93.01 30.42 13.43
N SER L 78 93.08 30.21 12.12
CA SER L 78 92.97 28.88 11.54
C SER L 78 93.84 28.78 10.29
N GLY L 79 94.12 27.55 9.89
CA GLY L 79 94.91 27.28 8.70
C GLY L 79 95.14 25.78 8.52
N LYS L 80 95.29 25.35 7.26
CA LYS L 80 95.77 24.03 6.92
C LYS L 80 97.22 23.85 7.39
N ASP L 81 97.97 24.95 7.32
CA ASP L 81 99.39 24.94 7.65
C ASP L 81 99.53 24.99 9.17
N TYR L 82 100.39 24.13 9.71
CA TYR L 82 100.58 24.02 11.15
C TYR L 82 101.36 25.18 11.74
N ASN L 83 101.77 26.13 10.91
CA ASN L 83 102.49 27.28 11.43
C ASN L 83 101.56 28.17 12.25
N VAL L 84 100.24 28.04 12.05
CA VAL L 84 99.28 28.80 12.84
C VAL L 84 99.25 28.27 14.27
N THR L 85 99.92 27.14 14.50
CA THR L 85 99.87 26.37 15.75
C THR L 85 101.03 26.76 16.67
N ALA L 86 101.95 27.61 16.19
CA ALA L 86 103.23 27.82 16.85
C ALA L 86 103.06 28.34 18.27
N ASN L 87 103.88 27.81 19.18
CA ASN L 87 103.99 28.23 20.56
C ASN L 87 102.70 27.96 21.33
N SER L 88 102.03 26.85 21.02
CA SER L 88 100.91 26.40 21.81
C SER L 88 101.40 25.82 23.13
N LYS L 89 100.68 26.12 24.21
CA LYS L 89 100.92 25.46 25.49
C LYS L 89 100.26 24.09 25.48
N LEU L 90 99.11 24.01 24.81
CA LEU L 90 98.28 22.81 24.80
C LEU L 90 97.73 22.63 23.39
N VAL L 91 97.91 21.41 22.85
CA VAL L 91 97.41 21.05 21.54
C VAL L 91 96.44 19.88 21.71
N ILE L 92 95.18 20.10 21.31
CA ILE L 92 94.14 19.10 21.46
C ILE L 92 93.86 18.45 20.10
N ILE L 93 94.07 17.14 19.99
CA ILE L 93 93.87 16.42 18.75
C ILE L 93 92.49 15.77 18.77
N THR L 94 91.62 16.22 17.85
CA THR L 94 90.28 15.66 17.72
C THR L 94 90.07 15.14 16.29
N ALA L 95 91.12 15.19 15.47
CA ALA L 95 90.98 14.82 14.07
C ALA L 95 91.03 13.30 13.91
N GLY L 96 90.44 12.81 12.82
CA GLY L 96 90.44 11.39 12.53
C GLY L 96 89.03 10.89 12.22
N ALA L 97 88.93 9.58 11.98
CA ALA L 97 87.66 8.91 11.79
C ALA L 97 87.01 8.71 13.16
N ARG L 98 85.68 8.78 13.22
CA ARG L 98 84.96 8.52 14.46
C ARG L 98 83.99 7.36 14.22
N GLN L 99 83.57 6.75 15.32
CA GLN L 99 82.78 5.53 15.22
C GLN L 99 81.36 5.82 14.80
N GLN L 100 80.81 4.96 13.90
CA GLN L 100 79.41 4.97 13.61
C GLN L 100 78.67 4.14 14.66
N GLU L 101 77.35 4.20 14.50
CA GLU L 101 76.39 3.44 15.30
C GLU L 101 76.97 2.30 16.14
N GLY L 102 77.03 1.06 15.65
CA GLY L 102 77.46 -0.07 16.44
C GLY L 102 78.96 -0.32 16.32
N GLU L 103 79.76 0.67 15.88
CA GLU L 103 81.17 0.48 15.60
C GLU L 103 82.01 0.71 16.86
N SER L 104 82.88 -0.25 17.18
CA SER L 104 83.83 -0.13 18.28
C SER L 104 84.87 0.94 17.92
N ARG L 105 85.24 1.75 18.92
CA ARG L 105 86.30 2.74 18.74
C ARG L 105 87.60 2.05 18.30
N LEU L 106 87.79 0.78 18.69
CA LEU L 106 89.01 0.06 18.39
C LEU L 106 89.13 -0.19 16.88
N ASN L 107 88.00 -0.05 16.17
CA ASN L 107 87.93 -0.30 14.74
C ASN L 107 88.46 0.89 13.94
N LEU L 108 88.74 2.01 14.63
CA LEU L 108 89.25 3.22 14.00
C LEU L 108 90.79 3.23 13.94
N VAL L 109 91.43 2.16 14.46
CA VAL L 109 92.82 2.30 14.90
C VAL L 109 93.77 2.61 13.75
N GLN L 110 93.72 1.80 12.68
CA GLN L 110 94.75 1.93 11.66
C GLN L 110 94.54 3.23 10.87
N ARG L 111 93.27 3.61 10.65
CA ARG L 111 92.97 4.82 9.92
C ARG L 111 93.53 6.03 10.67
N ASN L 112 93.30 6.05 11.98
CA ASN L 112 93.67 7.20 12.78
C ASN L 112 95.17 7.18 13.11
N VAL L 113 95.78 6.00 13.16
CA VAL L 113 97.23 5.91 13.35
C VAL L 113 97.90 6.57 12.15
N ASN L 114 97.38 6.28 10.95
CA ASN L 114 97.93 6.86 9.73
C ASN L 114 97.83 8.38 9.77
N ILE L 115 96.68 8.88 10.24
CA ILE L 115 96.42 10.31 10.33
C ILE L 115 97.43 10.96 11.29
N PHE L 116 97.68 10.29 12.42
CA PHE L 116 98.56 10.78 13.47
C PHE L 116 100.00 10.89 12.99
N LYS L 117 100.39 10.00 12.06
CA LYS L 117 101.70 10.03 11.45
C LYS L 117 101.96 11.35 10.73
N PHE L 118 100.89 12.03 10.32
CA PHE L 118 101.01 13.32 9.67
C PHE L 118 100.90 14.44 10.71
N ILE L 119 99.91 14.31 11.60
CA ILE L 119 99.53 15.37 12.51
C ILE L 119 100.62 15.62 13.55
N ILE L 120 101.04 14.55 14.22
CA ILE L 120 101.82 14.69 15.45
C ILE L 120 103.16 15.36 15.18
N PRO L 121 103.95 14.95 14.15
CA PRO L 121 105.22 15.60 13.85
C PRO L 121 105.09 17.08 13.52
N ASN L 122 103.96 17.45 12.89
CA ASN L 122 103.69 18.84 12.54
C ASN L 122 103.39 19.67 13.78
N VAL L 123 102.61 19.11 14.70
CA VAL L 123 102.31 19.77 15.96
C VAL L 123 103.60 20.02 16.72
N VAL L 124 104.45 18.98 16.81
CA VAL L 124 105.66 19.01 17.59
C VAL L 124 106.66 20.00 16.98
N LYS L 125 106.68 20.07 15.64
CA LYS L 125 107.55 21.00 14.94
C LYS L 125 107.36 22.42 15.47
N TYR L 126 106.10 22.85 15.62
CA TYR L 126 105.77 24.26 15.87
C TYR L 126 105.54 24.56 17.36
N SER L 127 105.25 23.53 18.17
CA SER L 127 105.06 23.70 19.60
C SER L 127 105.78 22.56 20.33
N PRO L 128 107.12 22.53 20.34
CA PRO L 128 107.85 21.40 20.93
C PRO L 128 107.65 21.22 22.43
N ASN L 129 107.19 22.26 23.12
CA ASN L 129 107.08 22.21 24.56
C ASN L 129 105.63 22.14 25.00
N CYS L 130 104.73 21.83 24.06
CA CYS L 130 103.31 21.80 24.39
C CYS L 130 103.00 20.53 25.17
N LYS L 131 101.81 20.52 25.78
CA LYS L 131 101.19 19.28 26.20
C LYS L 131 100.25 18.84 25.08
N LEU L 132 100.26 17.53 24.81
CA LEU L 132 99.37 16.93 23.84
C LEU L 132 98.19 16.31 24.56
N LEU L 133 96.98 16.76 24.23
CA LEU L 133 95.77 16.13 24.75
C LEU L 133 95.07 15.42 23.60
N ILE L 134 95.07 14.08 23.64
CA ILE L 134 94.51 13.27 22.58
C ILE L 134 93.04 12.99 22.89
N VAL L 135 92.16 13.25 21.92
CA VAL L 135 90.73 13.03 22.09
C VAL L 135 90.24 12.01 21.07
N SER L 136 90.93 11.93 19.92
CA SER L 136 90.64 11.00 18.84
C SER L 136 90.64 9.56 19.37
N ASN L 137 89.81 8.72 18.75
CA ASN L 137 89.58 7.36 19.23
C ASN L 137 90.29 6.35 18.34
N PRO L 138 90.69 5.16 18.85
CA PRO L 138 90.59 4.83 20.28
C PRO L 138 91.65 5.60 21.07
N VAL L 139 91.19 6.40 22.03
CA VAL L 139 92.01 7.42 22.65
C VAL L 139 93.19 6.81 23.38
N ASP L 140 93.01 5.60 23.95
CA ASP L 140 94.04 5.02 24.79
C ASP L 140 95.22 4.57 23.93
N ILE L 141 94.91 3.91 22.81
CA ILE L 141 95.94 3.49 21.87
C ILE L 141 96.55 4.71 21.18
N LEU L 142 95.71 5.68 20.79
CA LEU L 142 96.20 6.84 20.06
C LEU L 142 97.05 7.75 20.97
N THR L 143 96.84 7.69 22.29
CA THR L 143 97.70 8.42 23.21
C THR L 143 99.11 7.83 23.16
N TYR L 144 99.16 6.49 23.18
CA TYR L 144 100.39 5.75 23.06
C TYR L 144 101.07 6.09 21.73
N VAL L 145 100.27 6.15 20.65
CA VAL L 145 100.79 6.47 19.33
C VAL L 145 101.40 7.88 19.33
N ALA L 146 100.64 8.85 19.84
CA ALA L 146 101.11 10.23 19.91
C ALA L 146 102.41 10.31 20.72
N TRP L 147 102.54 9.44 21.74
CA TRP L 147 103.71 9.42 22.59
C TRP L 147 104.92 8.90 21.83
N LYS L 148 104.74 7.78 21.11
CA LYS L 148 105.78 7.19 20.30
C LYS L 148 106.22 8.16 19.20
N ILE L 149 105.24 8.78 18.51
CA ILE L 149 105.55 9.61 17.36
C ILE L 149 106.23 10.90 17.79
N SER L 150 105.66 11.58 18.80
CA SER L 150 106.12 12.89 19.24
C SER L 150 107.53 12.84 19.83
N GLY L 151 107.84 11.76 20.55
CA GLY L 151 109.09 11.63 21.30
C GLY L 151 109.06 12.42 22.61
N PHE L 152 107.86 12.89 22.99
CA PHE L 152 107.67 13.65 24.21
C PHE L 152 107.84 12.74 25.41
N PRO L 153 108.19 13.31 26.59
CA PRO L 153 108.12 12.56 27.85
C PRO L 153 106.64 12.27 28.09
N LYS L 154 106.37 11.21 28.85
CA LYS L 154 105.02 10.66 28.96
C LYS L 154 104.09 11.62 29.71
N ASN L 155 104.67 12.54 30.49
CA ASN L 155 103.85 13.49 31.25
C ASN L 155 103.17 14.49 30.32
N ARG L 156 103.71 14.68 29.12
CA ARG L 156 103.17 15.68 28.20
C ARG L 156 102.29 15.06 27.12
N VAL L 157 101.90 13.78 27.28
CA VAL L 157 100.98 13.17 26.34
C VAL L 157 99.82 12.56 27.15
N ILE L 158 98.65 13.18 27.02
CA ILE L 158 97.49 12.90 27.85
C ILE L 158 96.32 12.53 26.94
N GLY L 159 95.66 11.40 27.20
CA GLY L 159 94.44 11.05 26.50
C GLY L 159 93.22 11.45 27.33
N SER L 160 92.19 11.99 26.67
CA SER L 160 90.98 12.43 27.36
C SER L 160 90.40 11.29 28.17
N GLY L 161 90.62 10.06 27.69
CA GLY L 161 90.40 8.84 28.46
C GLY L 161 88.99 8.77 29.04
N CYS L 162 88.92 8.43 30.33
CA CYS L 162 87.64 8.16 31.00
C CYS L 162 87.14 9.36 31.79
N ASN L 163 87.66 10.57 31.51
CA ASN L 163 87.19 11.78 32.16
C ASN L 163 85.68 11.90 31.87
N LEU L 164 85.30 11.63 30.62
CA LEU L 164 83.90 11.73 30.23
C LEU L 164 83.08 10.57 30.80
N ASP L 165 83.64 9.35 30.79
CA ASP L 165 82.95 8.19 31.33
C ASP L 165 82.61 8.40 32.78
N SER L 166 83.57 8.94 33.54
CA SER L 166 83.37 9.21 34.95
C SER L 166 82.32 10.30 35.14
N ALA L 167 82.34 11.31 34.26
CA ALA L 167 81.36 12.40 34.29
C ALA L 167 79.94 11.86 34.07
N ARG L 168 79.80 10.97 33.08
CA ARG L 168 78.54 10.31 32.79
C ARG L 168 78.11 9.49 34.01
N PHE L 169 79.05 8.73 34.57
CA PHE L 169 78.81 7.87 35.71
C PHE L 169 78.23 8.69 36.86
N ARG L 170 78.86 9.82 37.13
CA ARG L 170 78.46 10.69 38.23
C ARG L 170 77.12 11.35 37.95
N TYR L 171 76.84 11.63 36.67
CA TYR L 171 75.56 12.20 36.30
C TYR L 171 74.44 11.20 36.64
N LEU L 172 74.63 9.95 36.23
CA LEU L 172 73.65 8.90 36.42
C LEU L 172 73.51 8.56 37.91
N MET L 173 74.64 8.52 38.62
CA MET L 173 74.66 8.33 40.06
C MET L 173 73.77 9.39 40.70
N GLY L 174 73.99 10.65 40.30
CA GLY L 174 73.25 11.78 40.82
C GLY L 174 71.75 11.69 40.56
N GLU L 175 71.39 11.21 39.35
CA GLU L 175 70.00 11.05 38.95
C GLU L 175 69.29 10.10 39.91
N ARG L 176 69.98 9.00 40.23
CA ARG L 176 69.43 7.97 41.10
C ARG L 176 69.30 8.48 42.54
N LEU L 177 70.26 9.29 43.01
CA LEU L 177 70.33 9.64 44.41
C LEU L 177 69.64 10.98 44.72
N GLY L 178 69.35 11.78 43.68
CA GLY L 178 68.79 13.12 43.86
C GLY L 178 69.82 14.11 44.39
N VAL L 179 71.07 13.94 43.94
CA VAL L 179 72.21 14.76 44.35
C VAL L 179 72.90 15.27 43.09
N HIS L 180 73.41 16.51 43.16
CA HIS L 180 74.16 17.05 42.04
C HIS L 180 75.38 16.16 41.79
N PRO L 181 75.74 15.89 40.52
CA PRO L 181 76.92 15.09 40.21
C PRO L 181 78.20 15.55 40.93
N LEU L 182 78.28 16.84 41.25
CA LEU L 182 79.45 17.39 41.91
C LEU L 182 79.65 16.70 43.26
N SER L 183 78.55 16.30 43.89
CA SER L 183 78.59 15.69 45.21
C SER L 183 78.51 14.16 45.16
N CYS L 184 78.48 13.60 43.94
CA CYS L 184 78.50 12.16 43.72
C CYS L 184 79.87 11.73 43.19
N HIS L 185 80.54 10.81 43.89
CA HIS L 185 81.90 10.44 43.56
C HIS L 185 81.95 8.97 43.13
N GLY L 186 82.80 8.69 42.14
CA GLY L 186 82.89 7.38 41.53
C GLY L 186 83.74 7.43 40.26
N TRP L 187 84.60 6.44 40.07
CA TRP L 187 85.59 6.45 39.01
C TRP L 187 85.34 5.29 38.04
N VAL L 188 85.38 5.63 36.74
CA VAL L 188 85.42 4.62 35.69
C VAL L 188 86.83 4.69 35.08
N LEU L 189 87.55 3.57 35.13
CA LEU L 189 88.95 3.52 34.71
C LEU L 189 89.16 2.53 33.57
N GLY L 190 90.40 2.47 33.06
CA GLY L 190 90.75 1.56 31.99
C GLY L 190 90.49 2.16 30.61
N GLU L 191 89.96 1.34 29.69
CA GLU L 191 89.67 1.75 28.33
C GLU L 191 88.48 2.70 28.32
N HIS L 192 88.62 3.79 27.57
CA HIS L 192 87.47 4.58 27.19
C HIS L 192 86.75 3.80 26.11
N GLY L 193 85.89 2.89 26.54
CA GLY L 193 85.24 1.97 25.63
C GLY L 193 84.54 0.87 26.41
N ASP L 194 84.35 -0.27 25.71
CA ASP L 194 83.49 -1.33 26.19
C ASP L 194 84.07 -2.02 27.43
N SER L 195 85.40 -1.97 27.61
CA SER L 195 86.03 -2.68 28.72
C SER L 195 86.37 -1.75 29.88
N SER L 196 85.65 -0.64 30.01
CA SER L 196 85.84 0.26 31.13
C SER L 196 85.50 -0.43 32.46
N VAL L 197 86.17 0.01 33.52
CA VAL L 197 86.05 -0.62 34.83
C VAL L 197 85.46 0.37 35.83
N PRO L 198 84.24 0.14 36.35
CA PRO L 198 83.66 0.98 37.40
C PRO L 198 84.20 0.55 38.76
N VAL L 199 84.75 1.51 39.50
CA VAL L 199 85.37 1.21 40.79
C VAL L 199 84.32 1.40 41.88
N TRP L 200 83.55 0.30 42.10
CA TRP L 200 82.45 0.28 43.06
C TRP L 200 82.97 0.60 44.46
N SER L 201 84.20 0.15 44.75
CA SER L 201 84.80 0.30 46.06
C SER L 201 84.97 1.79 46.44
N GLY L 202 85.06 2.67 45.41
CA GLY L 202 85.33 4.08 45.61
C GLY L 202 84.09 4.97 45.59
N MET L 203 82.95 4.40 45.19
CA MET L 203 81.72 5.17 45.04
C MET L 203 81.24 5.70 46.39
N ASN L 204 80.98 7.00 46.47
CA ASN L 204 80.62 7.60 47.75
C ASN L 204 79.88 8.93 47.55
N VAL L 205 79.11 9.30 48.56
CA VAL L 205 78.55 10.62 48.73
C VAL L 205 78.98 11.12 50.10
N ALA L 206 79.52 12.34 50.16
CA ALA L 206 79.96 12.97 51.40
C ALA L 206 80.90 12.05 52.19
N GLY L 207 81.68 11.24 51.48
CA GLY L 207 82.69 10.38 52.10
C GLY L 207 82.13 9.05 52.61
N VAL L 208 80.82 8.84 52.42
CA VAL L 208 80.17 7.64 52.90
C VAL L 208 80.21 6.60 51.77
N SER L 209 80.93 5.49 51.99
CA SER L 209 81.07 4.43 51.00
C SER L 209 79.72 3.77 50.72
N LEU L 210 79.33 3.77 49.43
CA LEU L 210 78.05 3.20 49.01
C LEU L 210 78.11 1.68 49.08
N LYS L 211 79.30 1.11 48.84
CA LYS L 211 79.49 -0.33 48.89
C LYS L 211 79.37 -0.82 50.34
N THR L 212 79.80 0.00 51.29
CA THR L 212 79.67 -0.28 52.71
C THR L 212 78.19 -0.35 53.08
N LEU L 213 77.41 0.63 52.59
CA LEU L 213 75.99 0.70 52.86
C LEU L 213 75.24 -0.44 52.18
N HIS L 214 75.74 -0.83 51.00
CA HIS L 214 75.03 -1.74 50.11
C HIS L 214 76.04 -2.67 49.45
N PRO L 215 76.42 -3.78 50.13
CA PRO L 215 77.48 -4.65 49.65
C PRO L 215 77.21 -5.30 48.29
N ASP L 216 75.92 -5.38 47.90
CA ASP L 216 75.58 -5.93 46.61
C ASP L 216 75.95 -5.01 45.46
N LEU L 217 76.27 -3.74 45.77
CA LEU L 217 76.56 -2.73 44.76
C LEU L 217 77.58 -3.26 43.75
N GLY L 218 77.19 -3.28 42.48
CA GLY L 218 78.06 -3.66 41.37
C GLY L 218 78.03 -5.14 41.01
N THR L 219 77.29 -5.94 41.77
CA THR L 219 77.20 -7.37 41.51
C THR L 219 75.91 -7.66 40.77
N ASP L 220 75.79 -8.89 40.25
CA ASP L 220 74.60 -9.35 39.55
C ASP L 220 73.46 -9.59 40.53
N LYS L 221 73.80 -9.91 41.80
CA LYS L 221 72.79 -10.19 42.79
C LYS L 221 72.05 -8.91 43.21
N ASP L 222 72.65 -7.75 42.93
CA ASP L 222 72.16 -6.44 43.34
C ASP L 222 70.72 -6.22 42.91
N LYS L 223 69.83 -6.13 43.92
CA LYS L 223 68.42 -5.88 43.72
C LYS L 223 68.19 -4.55 43.04
N GLU L 224 69.10 -3.60 43.28
CA GLU L 224 68.96 -2.24 42.78
C GLU L 224 69.63 -2.08 41.42
N GLN L 225 70.42 -3.08 41.02
CA GLN L 225 70.99 -3.16 39.69
C GLN L 225 71.89 -1.96 39.41
N TRP L 226 72.84 -1.70 40.31
CA TRP L 226 73.74 -0.58 40.08
C TRP L 226 74.69 -0.83 38.91
N LYS L 227 74.84 -2.09 38.55
CA LYS L 227 75.69 -2.49 37.43
C LYS L 227 75.19 -1.82 36.16
N GLU L 228 73.87 -1.56 36.09
CA GLU L 228 73.21 -0.97 34.95
C GLU L 228 73.68 0.49 34.75
N VAL L 229 74.10 1.15 35.83
CA VAL L 229 74.62 2.51 35.70
C VAL L 229 75.89 2.48 34.84
N HIS L 230 76.77 1.50 35.10
CA HIS L 230 77.97 1.39 34.29
C HIS L 230 77.63 0.96 32.88
N LYS L 231 76.60 0.13 32.73
CA LYS L 231 76.22 -0.35 31.40
C LYS L 231 75.78 0.84 30.56
N GLN L 232 75.14 1.80 31.23
CA GLN L 232 74.65 2.99 30.57
C GLN L 232 75.82 3.89 30.20
N VAL L 233 76.90 3.81 30.96
CA VAL L 233 78.08 4.61 30.67
C VAL L 233 78.73 4.09 29.40
N VAL L 234 78.90 2.77 29.31
CA VAL L 234 79.49 2.14 28.14
C VAL L 234 78.64 2.46 26.90
N GLU L 235 77.32 2.51 27.09
CA GLU L 235 76.40 2.58 25.96
C GLU L 235 76.03 4.00 25.59
N SER L 236 76.45 4.99 26.40
CA SER L 236 76.10 6.38 26.21
C SER L 236 76.44 6.85 24.81
N ALA L 237 77.72 6.71 24.46
CA ALA L 237 78.24 7.18 23.17
C ALA L 237 77.40 6.62 22.02
N TYR L 238 77.15 5.31 22.08
CA TYR L 238 76.43 4.62 21.05
C TYR L 238 74.98 5.12 20.98
N GLU L 239 74.39 5.36 22.14
CA GLU L 239 72.99 5.76 22.16
C GLU L 239 72.85 7.19 21.63
N VAL L 240 73.78 8.08 22.02
CA VAL L 240 73.71 9.44 21.54
C VAL L 240 73.98 9.44 20.03
N ILE L 241 74.96 8.65 19.57
CA ILE L 241 75.27 8.52 18.15
C ILE L 241 74.01 8.07 17.42
N LYS L 242 73.35 7.04 17.97
CA LYS L 242 72.13 6.51 17.39
C LYS L 242 71.08 7.62 17.25
N LEU L 243 71.00 8.50 18.25
CA LEU L 243 69.91 9.46 18.32
C LEU L 243 70.20 10.72 17.51
N LYS L 244 71.45 11.23 17.55
CA LYS L 244 71.75 12.51 16.92
C LYS L 244 72.92 12.43 15.93
N GLY L 245 73.55 11.27 15.82
CA GLY L 245 74.56 11.04 14.78
C GLY L 245 75.99 11.13 15.31
N TYR L 246 76.18 11.83 16.44
CA TYR L 246 77.50 12.02 17.00
C TYR L 246 77.36 12.47 18.45
N THR L 247 78.46 12.52 19.18
CA THR L 247 78.48 13.22 20.46
C THR L 247 79.42 14.42 20.32
N SER L 248 79.09 15.50 21.04
CA SER L 248 79.87 16.72 20.94
C SER L 248 79.97 17.45 22.28
N TRP L 249 78.82 17.77 22.89
CA TRP L 249 78.81 18.71 23.98
C TRP L 249 79.54 18.18 25.20
N ALA L 250 79.28 16.91 25.55
CA ALA L 250 79.81 16.32 26.76
C ALA L 250 81.34 16.18 26.67
N ILE L 251 81.82 15.68 25.53
CA ILE L 251 83.25 15.51 25.32
C ILE L 251 83.92 16.88 25.29
N GLY L 252 83.23 17.88 24.71
CA GLY L 252 83.75 19.24 24.63
C GLY L 252 84.00 19.81 26.02
N LEU L 253 82.99 19.71 26.88
CA LEU L 253 83.08 20.18 28.24
C LEU L 253 84.15 19.40 29.00
N SER L 254 84.19 18.08 28.78
CA SER L 254 85.17 17.23 29.44
C SER L 254 86.59 17.67 29.11
N VAL L 255 86.83 18.01 27.84
CA VAL L 255 88.14 18.42 27.33
C VAL L 255 88.50 19.78 27.91
N ALA L 256 87.53 20.70 28.00
CA ALA L 256 87.79 22.02 28.57
C ALA L 256 88.13 21.88 30.05
N ASP L 257 87.52 20.88 30.68
CA ASP L 257 87.78 20.57 32.08
C ASP L 257 89.26 20.22 32.26
N LEU L 258 89.77 19.37 31.36
CA LEU L 258 91.15 18.95 31.43
C LEU L 258 92.07 20.13 31.10
N ALA L 259 91.69 20.90 30.06
CA ALA L 259 92.43 22.08 29.64
C ALA L 259 92.57 23.07 30.80
N GLU L 260 91.50 23.23 31.57
CA GLU L 260 91.49 24.16 32.69
C GLU L 260 92.56 23.77 33.72
N SER L 261 92.62 22.47 34.03
CA SER L 261 93.57 21.98 35.01
C SER L 261 95.00 22.16 34.52
N ILE L 262 95.22 21.94 33.20
CA ILE L 262 96.55 22.06 32.65
C ILE L 262 96.98 23.53 32.63
N MET L 263 96.14 24.39 32.04
CA MET L 263 96.48 25.79 31.81
C MET L 263 96.67 26.56 33.12
N LYS L 264 95.84 26.23 34.13
CA LYS L 264 95.87 26.96 35.38
C LYS L 264 96.69 26.23 36.45
N ASN L 265 97.32 25.11 36.09
CA ASN L 265 98.21 24.33 36.95
C ASN L 265 97.52 23.97 38.26
N LEU L 266 96.28 23.47 38.17
CA LEU L 266 95.44 23.26 39.33
C LEU L 266 95.90 22.08 40.19
N ARG L 267 96.49 21.05 39.54
CA ARG L 267 96.84 19.81 40.22
C ARG L 267 95.56 19.15 40.76
N ARG L 268 94.52 19.18 39.93
CA ARG L 268 93.32 18.39 40.16
C ARG L 268 93.55 16.97 39.65
N VAL L 269 92.70 16.06 40.13
CA VAL L 269 92.81 14.65 39.77
C VAL L 269 91.73 14.31 38.74
N HIS L 270 92.15 13.76 37.60
CA HIS L 270 91.27 13.38 36.50
C HIS L 270 91.64 11.99 36.02
N PRO L 271 90.66 11.15 35.62
CA PRO L 271 90.94 9.85 35.04
C PRO L 271 91.24 10.00 33.55
N VAL L 272 92.53 9.95 33.19
CA VAL L 272 92.98 10.27 31.84
C VAL L 272 93.95 9.19 31.39
N SER L 273 94.13 9.05 30.07
CA SER L 273 94.96 7.98 29.53
C SER L 273 96.44 8.31 29.71
N THR L 274 97.15 7.36 30.34
CA THR L 274 98.58 7.52 30.52
C THR L 274 99.21 6.13 30.60
N MET L 275 100.54 6.11 30.56
CA MET L 275 101.22 4.83 30.60
C MET L 275 101.14 4.27 32.02
N ILE L 276 100.65 3.02 32.13
CA ILE L 276 100.44 2.38 33.43
C ILE L 276 101.36 1.18 33.63
N LYS L 277 102.34 1.01 32.74
CA LYS L 277 103.35 -0.03 32.89
C LYS L 277 103.88 0.00 34.33
N GLY L 278 103.94 -1.18 34.96
CA GLY L 278 104.43 -1.35 36.33
C GLY L 278 103.35 -1.32 37.39
N LEU L 279 102.11 -0.97 37.01
CA LEU L 279 100.99 -0.98 37.95
C LEU L 279 100.05 -2.14 37.62
N TYR L 280 99.48 -2.73 38.68
CA TYR L 280 98.49 -3.79 38.58
C TYR L 280 98.99 -4.95 37.73
N GLY L 281 100.32 -5.17 37.74
CA GLY L 281 100.95 -6.31 37.09
C GLY L 281 101.00 -6.19 35.58
N ILE L 282 100.72 -4.99 35.07
CA ILE L 282 100.86 -4.72 33.63
C ILE L 282 102.33 -4.47 33.36
N LYS L 283 102.88 -5.14 32.35
CA LYS L 283 104.31 -5.16 32.09
C LYS L 283 104.64 -4.49 30.76
N ASP L 284 103.61 -4.12 29.99
CA ASP L 284 103.82 -3.59 28.66
C ASP L 284 103.50 -2.10 28.65
N ASP L 285 103.78 -1.46 27.49
CA ASP L 285 103.62 -0.03 27.32
C ASP L 285 102.17 0.31 27.06
N VAL L 286 101.27 -0.10 27.94
CA VAL L 286 99.85 0.12 27.74
C VAL L 286 99.49 1.49 28.30
N PHE L 287 98.69 2.24 27.55
CA PHE L 287 98.06 3.44 28.06
C PHE L 287 96.61 3.16 28.37
N LEU L 288 96.17 3.51 29.59
CA LEU L 288 94.74 3.58 29.87
C LEU L 288 94.51 4.58 30.99
N SER L 289 93.24 4.74 31.36
CA SER L 289 92.84 5.76 32.31
C SER L 289 93.03 5.27 33.75
N VAL L 290 93.81 6.04 34.53
CA VAL L 290 93.84 5.97 35.98
C VAL L 290 93.75 7.42 36.47
N PRO L 291 93.40 7.69 37.75
CA PRO L 291 93.37 9.06 38.26
C PRO L 291 94.78 9.65 38.28
N CYS L 292 94.92 10.80 37.59
CA CYS L 292 96.20 11.48 37.47
C CYS L 292 96.08 12.91 37.97
N ILE L 293 97.18 13.43 38.53
CA ILE L 293 97.29 14.83 38.91
C ILE L 293 97.71 15.64 37.68
N LEU L 294 96.88 16.62 37.33
CA LEU L 294 97.03 17.39 36.09
C LEU L 294 97.42 18.82 36.42
N GLY L 295 98.51 19.26 35.77
CA GLY L 295 98.96 20.63 35.91
C GLY L 295 99.72 21.08 34.67
N GLN L 296 100.54 22.12 34.85
CA GLN L 296 101.17 22.81 33.75
C GLN L 296 102.25 21.95 33.08
N ASN L 297 102.66 20.84 33.72
CA ASN L 297 103.59 19.92 33.08
C ASN L 297 102.86 18.66 32.62
N GLY L 298 101.52 18.75 32.56
CA GLY L 298 100.69 17.60 32.21
C GLY L 298 100.46 16.70 33.41
N ILE L 299 100.70 15.40 33.22
CA ILE L 299 100.50 14.42 34.28
C ILE L 299 101.79 14.36 35.11
N SER L 300 101.74 14.92 36.32
CA SER L 300 102.89 14.91 37.20
C SER L 300 102.90 13.68 38.08
N ASP L 301 101.72 13.10 38.32
CA ASP L 301 101.55 12.02 39.29
C ASP L 301 100.34 11.18 38.93
N LEU L 302 100.36 9.88 39.31
CA LEU L 302 99.18 9.04 39.29
C LEU L 302 98.76 8.69 40.70
N VAL L 303 97.45 8.58 40.92
CA VAL L 303 96.94 7.99 42.13
C VAL L 303 96.88 6.49 41.92
N LYS L 304 97.44 5.75 42.88
CA LYS L 304 97.45 4.30 42.82
C LYS L 304 96.19 3.77 43.51
N VAL L 305 95.11 3.69 42.75
CA VAL L 305 93.83 3.30 43.30
C VAL L 305 93.92 1.85 43.77
N THR L 306 93.36 1.58 44.95
CA THR L 306 93.20 0.21 45.41
C THR L 306 91.97 -0.40 44.75
N LEU L 307 92.18 -1.56 44.12
CA LEU L 307 91.12 -2.25 43.40
C LEU L 307 90.83 -3.59 44.06
N THR L 308 89.54 -3.97 44.07
CA THR L 308 89.21 -5.35 44.38
C THR L 308 89.87 -6.23 43.34
N SER L 309 90.11 -7.50 43.70
CA SER L 309 90.74 -8.45 42.79
C SER L 309 89.97 -8.53 41.46
N GLU L 310 88.64 -8.38 41.52
CA GLU L 310 87.83 -8.41 40.31
C GLU L 310 88.01 -7.11 39.51
N GLU L 311 87.94 -5.97 40.20
CA GLU L 311 88.18 -4.67 39.58
C GLU L 311 89.55 -4.69 38.92
N GLU L 312 90.55 -5.28 39.60
CA GLU L 312 91.89 -5.36 39.04
C GLU L 312 91.93 -6.31 37.86
N ALA L 313 91.17 -7.41 37.95
CA ALA L 313 91.09 -8.37 36.86
C ALA L 313 90.51 -7.71 35.61
N ARG L 314 89.46 -6.88 35.78
CA ARG L 314 88.82 -6.17 34.69
C ARG L 314 89.78 -5.18 34.04
N LEU L 315 90.61 -4.53 34.86
CA LEU L 315 91.58 -3.55 34.37
C LEU L 315 92.71 -4.25 33.61
N LYS L 316 93.10 -5.44 34.06
CA LYS L 316 94.12 -6.22 33.37
C LYS L 316 93.58 -6.72 32.04
N LYS L 317 92.27 -7.01 32.00
CA LYS L 317 91.58 -7.44 30.79
C LYS L 317 91.54 -6.30 29.79
N SER L 318 91.25 -5.09 30.28
CA SER L 318 91.24 -3.88 29.47
C SER L 318 92.64 -3.68 28.89
N ALA L 319 93.66 -3.84 29.75
CA ALA L 319 95.04 -3.67 29.36
C ALA L 319 95.42 -4.64 28.24
N ASP L 320 94.99 -5.90 28.39
CA ASP L 320 95.31 -6.96 27.43
C ASP L 320 94.70 -6.63 26.07
N THR L 321 93.40 -6.28 26.07
CA THR L 321 92.70 -5.91 24.85
C THR L 321 93.51 -4.86 24.09
N LEU L 322 93.90 -3.81 24.83
CA LEU L 322 94.57 -2.66 24.24
C LEU L 322 95.95 -3.05 23.72
N TRP L 323 96.69 -3.81 24.54
CA TRP L 323 98.03 -4.22 24.17
C TRP L 323 98.00 -5.12 22.95
N GLY L 324 96.96 -5.96 22.86
CA GLY L 324 96.79 -6.83 21.71
C GLY L 324 96.80 -6.04 20.41
N ILE L 325 96.16 -4.88 20.41
CA ILE L 325 96.08 -4.07 19.21
C ILE L 325 97.39 -3.29 19.03
N GLN L 326 97.92 -2.78 20.16
CA GLN L 326 99.10 -1.94 20.14
C GLN L 326 100.30 -2.67 19.55
N LYS L 327 100.45 -3.93 19.94
CA LYS L 327 101.64 -4.69 19.54
C LYS L 327 101.68 -4.87 18.03
N GLU L 328 100.50 -4.84 17.38
CA GLU L 328 100.43 -5.13 15.95
C GLU L 328 100.72 -3.88 15.10
N LEU L 329 100.91 -2.72 15.73
CA LEU L 329 100.83 -1.46 15.02
C LEU L 329 101.92 -1.17 14.03
N GLN L 330 101.51 -0.60 12.89
CA GLN L 330 102.39 -0.41 11.74
C GLN L 330 102.69 1.09 11.49
N PHE L 331 103.29 1.79 12.40
CA PHE L 331 104.17 2.91 12.04
C PHE L 331 105.38 2.33 11.32
N ALA M 1 -38.34 34.42 15.59
CA ALA M 1 -37.48 35.11 14.58
C ALA M 1 -36.54 34.08 13.90
N THR M 2 -36.23 33.01 14.66
CA THR M 2 -35.23 32.05 14.27
C THR M 2 -35.76 31.17 13.13
N LEU M 3 -34.83 30.47 12.44
CA LEU M 3 -35.21 29.55 11.37
C LEU M 3 -36.13 28.47 11.91
N LYS M 4 -35.82 27.95 13.10
CA LYS M 4 -36.60 26.90 13.75
C LYS M 4 -38.05 27.37 13.91
N ASP M 5 -38.23 28.62 14.36
CA ASP M 5 -39.55 29.19 14.61
C ASP M 5 -40.30 29.49 13.30
N GLN M 6 -39.55 29.90 12.27
CA GLN M 6 -40.15 30.14 10.97
C GLN M 6 -40.67 28.82 10.39
N LEU M 7 -39.97 27.72 10.69
CA LEU M 7 -40.26 26.44 10.06
C LEU M 7 -41.30 25.66 10.86
N ILE M 8 -41.20 25.76 12.20
CA ILE M 8 -41.94 24.86 13.07
C ILE M 8 -42.80 25.66 14.05
N TYR M 9 -44.10 25.36 14.03
CA TYR M 9 -45.03 25.90 15.00
C TYR M 9 -45.24 24.84 16.07
N ASN M 10 -45.08 25.25 17.32
CA ASN M 10 -45.16 24.39 18.49
C ASN M 10 -46.58 24.36 19.04
N LEU M 11 -47.11 23.16 19.28
CA LEU M 11 -48.40 22.98 19.92
C LEU M 11 -48.24 22.78 21.42
N LEU M 12 -47.18 22.08 21.80
CA LEU M 12 -47.07 21.53 23.14
C LEU M 12 -45.77 21.96 23.84
N LYS M 13 -45.03 21.01 24.37
CA LYS M 13 -43.91 21.31 25.25
C LYS M 13 -42.67 20.45 25.10
N GLU M 14 -42.63 19.31 25.78
CA GLU M 14 -41.54 18.36 25.70
C GLU M 14 -41.90 17.09 26.46
N GLU M 15 -42.51 17.27 27.65
CA GLU M 15 -42.90 16.21 28.57
C GLU M 15 -41.67 15.45 29.04
N GLN M 16 -41.24 14.50 28.22
CA GLN M 16 -40.15 13.59 28.52
C GLN M 16 -40.65 12.22 28.97
N THR M 17 -40.10 11.76 30.09
CA THR M 17 -39.97 10.40 30.62
C THR M 17 -39.76 9.26 29.61
N PRO M 18 -38.57 8.59 29.59
CA PRO M 18 -38.35 7.52 28.63
C PRO M 18 -39.20 6.29 28.97
N GLN M 19 -39.70 5.62 27.92
CA GLN M 19 -40.65 4.55 28.14
C GLN M 19 -39.95 3.19 28.06
N ASN M 20 -38.83 3.15 27.34
CA ASN M 20 -38.14 1.90 27.05
C ASN M 20 -36.64 2.14 27.08
N LYS M 21 -36.13 2.65 28.21
CA LYS M 21 -34.76 3.09 28.29
C LYS M 21 -33.86 1.94 28.76
N ILE M 22 -32.71 1.82 28.09
CA ILE M 22 -31.68 0.88 28.47
C ILE M 22 -30.39 1.64 28.77
N THR M 23 -29.75 1.26 29.88
CA THR M 23 -28.45 1.78 30.24
C THR M 23 -27.41 0.68 30.11
N VAL M 24 -26.28 1.03 29.50
CA VAL M 24 -25.10 0.17 29.50
C VAL M 24 -24.03 0.87 30.33
N VAL M 25 -23.62 0.21 31.42
CA VAL M 25 -22.54 0.67 32.26
C VAL M 25 -21.26 -0.01 31.79
N GLY M 26 -20.24 0.79 31.45
CA GLY M 26 -18.99 0.30 30.88
C GLY M 26 -19.00 0.41 29.36
N VAL M 27 -18.07 1.20 28.79
CA VAL M 27 -17.97 1.37 27.35
C VAL M 27 -16.67 0.76 26.83
N GLY M 28 -16.25 -0.33 27.48
CA GLY M 28 -15.22 -1.22 26.95
C GLY M 28 -15.77 -1.96 25.74
N ALA M 29 -14.97 -2.87 25.15
CA ALA M 29 -15.38 -3.52 23.92
C ALA M 29 -16.70 -4.25 24.10
N VAL M 30 -16.91 -4.83 25.29
CA VAL M 30 -18.10 -5.60 25.59
C VAL M 30 -19.30 -4.65 25.65
N GLY M 31 -19.15 -3.56 26.42
CA GLY M 31 -20.21 -2.59 26.59
C GLY M 31 -20.70 -2.04 25.26
N MET M 32 -19.75 -1.74 24.37
CA MET M 32 -20.09 -1.10 23.11
C MET M 32 -20.68 -2.12 22.13
N ALA M 33 -20.27 -3.39 22.25
CA ALA M 33 -20.89 -4.44 21.44
C ALA M 33 -22.34 -4.67 21.88
N CYS M 34 -22.59 -4.56 23.19
CA CYS M 34 -23.94 -4.60 23.72
C CYS M 34 -24.73 -3.42 23.18
N ALA M 35 -24.13 -2.23 23.19
CA ALA M 35 -24.77 -1.00 22.73
C ALA M 35 -25.18 -1.11 21.27
N ILE M 36 -24.24 -1.45 20.38
CA ILE M 36 -24.52 -1.50 18.95
C ILE M 36 -25.60 -2.54 18.67
N SER M 37 -25.51 -3.69 19.35
CA SER M 37 -26.43 -4.80 19.15
C SER M 37 -27.85 -4.38 19.54
N ILE M 38 -27.96 -3.69 20.68
CA ILE M 38 -29.24 -3.20 21.16
C ILE M 38 -29.77 -2.11 20.24
N LEU M 39 -28.89 -1.23 19.77
CA LEU M 39 -29.32 -0.15 18.89
C LEU M 39 -29.89 -0.72 17.59
N MET M 40 -29.29 -1.80 17.10
CA MET M 40 -29.70 -2.30 15.80
C MET M 40 -30.89 -3.25 15.92
N LYS M 41 -31.28 -3.61 17.14
CA LYS M 41 -32.45 -4.46 17.32
C LYS M 41 -33.66 -3.67 17.79
N ASP M 42 -33.51 -2.33 17.90
CA ASP M 42 -34.55 -1.36 18.21
C ASP M 42 -35.21 -1.67 19.55
N LEU M 43 -34.41 -2.04 20.56
CA LEU M 43 -34.97 -2.49 21.82
C LEU M 43 -35.26 -1.31 22.76
N ALA M 44 -34.72 -0.12 22.43
CA ALA M 44 -34.74 1.01 23.34
C ALA M 44 -35.17 2.29 22.62
N ASP M 45 -35.89 3.15 23.34
CA ASP M 45 -36.23 4.49 22.88
C ASP M 45 -35.19 5.50 23.39
N GLU M 46 -34.38 5.05 24.35
CA GLU M 46 -33.28 5.85 24.88
C GLU M 46 -32.19 4.91 25.35
N LEU M 47 -30.95 5.20 24.93
CA LEU M 47 -29.77 4.46 25.37
C LEU M 47 -28.88 5.42 26.15
N ALA M 48 -28.52 5.02 27.37
CA ALA M 48 -27.58 5.76 28.18
C ALA M 48 -26.32 4.93 28.36
N LEU M 49 -25.15 5.58 28.19
CA LEU M 49 -23.88 4.95 28.47
C LEU M 49 -23.26 5.64 29.67
N VAL M 50 -22.68 4.84 30.58
CA VAL M 50 -21.93 5.39 31.70
C VAL M 50 -20.58 4.68 31.82
N ASP M 51 -19.55 5.48 32.13
CA ASP M 51 -18.24 4.97 32.45
C ASP M 51 -17.51 6.00 33.31
N VAL M 52 -16.27 5.68 33.70
CA VAL M 52 -15.45 6.60 34.48
C VAL M 52 -14.47 7.33 33.56
N ILE M 53 -14.13 6.74 32.43
CA ILE M 53 -13.24 7.36 31.46
C ILE M 53 -14.06 8.30 30.59
N GLU M 54 -13.87 9.61 30.82
CA GLU M 54 -14.79 10.61 30.31
C GLU M 54 -14.58 10.86 28.83
N ASP M 55 -13.32 10.84 28.39
CA ASP M 55 -13.00 11.08 27.00
C ASP M 55 -13.54 9.97 26.12
N LYS M 56 -13.26 8.72 26.50
CA LYS M 56 -13.70 7.53 25.76
C LYS M 56 -15.22 7.51 25.68
N LEU M 57 -15.86 7.84 26.81
CA LEU M 57 -17.31 7.80 26.97
C LEU M 57 -17.96 8.74 25.98
N LYS M 58 -17.49 10.00 25.96
CA LYS M 58 -18.06 11.02 25.08
C LYS M 58 -17.83 10.62 23.62
N GLY M 59 -16.65 10.08 23.32
CA GLY M 59 -16.30 9.68 21.96
C GLY M 59 -17.23 8.60 21.43
N GLU M 60 -17.48 7.58 22.27
CA GLU M 60 -18.34 6.46 21.94
C GLU M 60 -19.75 6.96 21.67
N MET M 61 -20.29 7.76 22.60
CA MET M 61 -21.62 8.35 22.47
C MET M 61 -21.73 9.08 21.13
N MET M 62 -20.78 9.98 20.85
CA MET M 62 -20.77 10.76 19.62
C MET M 62 -20.75 9.87 18.38
N ASP M 63 -19.94 8.80 18.40
CA ASP M 63 -19.83 7.93 17.24
C ASP M 63 -21.17 7.29 16.93
N LEU M 64 -21.86 6.83 17.98
CA LEU M 64 -23.18 6.24 17.83
C LEU M 64 -24.16 7.29 17.34
N GLN M 65 -24.10 8.50 17.94
CA GLN M 65 -25.01 9.58 17.58
C GLN M 65 -24.90 9.94 16.10
N HIS M 66 -23.68 9.89 15.55
CA HIS M 66 -23.49 10.28 14.15
C HIS M 66 -24.18 9.30 13.20
N GLY M 67 -24.50 8.11 13.71
CA GLY M 67 -25.16 7.10 12.91
C GLY M 67 -26.68 7.07 13.12
N SER M 68 -27.22 8.11 13.77
CA SER M 68 -28.62 8.18 14.16
C SER M 68 -29.55 8.02 12.96
N LEU M 69 -29.10 8.51 11.80
CA LEU M 69 -29.87 8.43 10.56
C LEU M 69 -30.26 6.98 10.28
N PHE M 70 -29.40 6.03 10.71
CA PHE M 70 -29.56 4.64 10.35
C PHE M 70 -30.12 3.81 11.50
N LEU M 71 -30.51 4.49 12.59
CA LEU M 71 -31.06 3.81 13.75
C LEU M 71 -32.48 4.29 14.01
N ARG M 72 -33.14 3.62 14.97
CA ARG M 72 -34.48 4.00 15.39
C ARG M 72 -34.49 4.14 16.90
N THR M 73 -33.35 4.57 17.46
CA THR M 73 -33.28 4.94 18.86
C THR M 73 -32.98 6.43 18.90
N PRO M 74 -33.98 7.28 19.21
CA PRO M 74 -33.84 8.73 19.04
C PRO M 74 -32.98 9.46 20.06
N LYS M 75 -32.74 8.83 21.22
CA LYS M 75 -31.98 9.51 22.26
C LYS M 75 -30.84 8.62 22.74
N ILE M 76 -29.61 9.09 22.52
CA ILE M 76 -28.41 8.47 23.04
C ILE M 76 -27.71 9.51 23.93
N VAL M 77 -27.50 9.14 25.19
CA VAL M 77 -26.85 10.01 26.14
C VAL M 77 -25.72 9.25 26.83
N SER M 78 -24.77 10.01 27.37
CA SER M 78 -23.70 9.46 28.19
C SER M 78 -23.31 10.45 29.28
N GLY M 79 -22.63 9.94 30.31
CA GLY M 79 -22.15 10.76 31.42
C GLY M 79 -21.47 9.90 32.47
N LYS M 80 -20.54 10.50 33.18
CA LYS M 80 -19.94 9.94 34.39
C LYS M 80 -20.99 9.83 35.48
N ASP M 81 -21.89 10.82 35.49
CA ASP M 81 -22.92 10.93 36.51
C ASP M 81 -24.04 9.97 36.17
N TYR M 82 -24.51 9.21 37.15
CA TYR M 82 -25.53 8.21 36.96
C TYR M 82 -26.94 8.80 36.77
N ASN M 83 -27.05 10.12 36.79
CA ASN M 83 -28.34 10.74 36.57
C ASN M 83 -28.77 10.58 35.12
N VAL M 84 -27.82 10.31 34.21
CA VAL M 84 -28.16 10.07 32.82
C VAL M 84 -28.86 8.72 32.69
N THR M 85 -28.88 7.94 33.77
CA THR M 85 -29.34 6.56 33.80
C THR M 85 -30.81 6.47 34.23
N ALA M 86 -31.40 7.63 34.61
CA ALA M 86 -32.68 7.64 35.31
C ALA M 86 -33.78 6.99 34.49
N ASN M 87 -34.63 6.21 35.18
CA ASN M 87 -35.82 5.57 34.63
C ASN M 87 -35.47 4.55 33.55
N SER M 88 -34.37 3.83 33.73
CA SER M 88 -34.05 2.71 32.87
C SER M 88 -34.96 1.53 33.20
N LYS M 89 -35.42 0.82 32.16
CA LYS M 89 -36.11 -0.43 32.35
C LYS M 89 -35.10 -1.54 32.62
N LEU M 90 -33.94 -1.42 31.95
CA LEU M 90 -32.91 -2.45 31.98
C LEU M 90 -31.56 -1.75 32.06
N VAL M 91 -30.74 -2.18 33.01
CA VAL M 91 -29.39 -1.66 33.20
C VAL M 91 -28.41 -2.81 33.05
N ILE M 92 -27.52 -2.70 32.05
CA ILE M 92 -26.56 -3.76 31.76
C ILE M 92 -25.19 -3.34 32.28
N ILE M 93 -24.63 -4.13 33.22
CA ILE M 93 -23.34 -3.82 33.81
C ILE M 93 -22.26 -4.62 33.10
N THR M 94 -21.35 -3.90 32.42
CA THR M 94 -20.23 -4.52 31.73
C THR M 94 -18.90 -3.96 32.25
N ALA M 95 -18.99 -3.11 33.28
CA ALA M 95 -17.80 -2.43 33.78
C ALA M 95 -17.02 -3.35 34.71
N GLY M 96 -15.72 -3.08 34.83
CA GLY M 96 -14.85 -3.88 35.67
C GLY M 96 -13.61 -4.36 34.92
N ALA M 97 -12.80 -5.14 35.62
CA ALA M 97 -11.66 -5.79 35.02
C ALA M 97 -12.15 -7.00 34.22
N ARG M 98 -11.47 -7.32 33.12
CA ARG M 98 -11.75 -8.53 32.37
C ARG M 98 -10.48 -9.35 32.29
N GLN M 99 -10.64 -10.64 32.00
CA GLN M 99 -9.53 -11.57 32.11
C GLN M 99 -8.54 -11.39 30.95
N GLN M 100 -7.27 -11.49 31.30
CA GLN M 100 -6.21 -11.55 30.31
C GLN M 100 -6.02 -13.00 29.91
N GLU M 101 -5.07 -13.15 28.99
CA GLU M 101 -4.62 -14.42 28.45
C GLU M 101 -5.02 -15.67 29.24
N GLY M 102 -4.20 -16.15 30.16
CA GLY M 102 -4.47 -17.38 30.88
C GLY M 102 -5.25 -17.16 32.17
N GLU M 103 -5.93 -16.00 32.32
CA GLU M 103 -6.50 -15.61 33.60
C GLU M 103 -7.93 -16.13 33.74
N SER M 104 -8.20 -16.81 34.86
CA SER M 104 -9.53 -17.28 35.22
C SER M 104 -10.42 -16.07 35.53
N ARG M 105 -11.67 -16.11 35.10
CA ARG M 105 -12.65 -15.10 35.45
C ARG M 105 -12.77 -14.96 36.97
N LEU M 106 -12.52 -16.06 37.70
CA LEU M 106 -12.68 -16.06 39.15
C LEU M 106 -11.61 -15.17 39.79
N ASN M 107 -10.56 -14.85 39.02
CA ASN M 107 -9.44 -14.04 39.49
C ASN M 107 -9.80 -12.55 39.49
N LEU M 108 -10.93 -12.20 38.90
CA LEU M 108 -11.39 -10.81 38.80
C LEU M 108 -12.24 -10.44 40.01
N VAL M 109 -12.43 -11.36 40.97
CA VAL M 109 -13.58 -11.24 41.86
C VAL M 109 -13.49 -10.01 42.76
N GLN M 110 -12.36 -9.85 43.46
CA GLN M 110 -12.29 -8.81 44.47
C GLN M 110 -12.23 -7.43 43.81
N ARG M 111 -11.56 -7.34 42.65
CA ARG M 111 -11.46 -6.08 41.95
C ARG M 111 -12.86 -5.61 41.54
N ASN M 112 -13.64 -6.55 40.99
CA ASN M 112 -14.92 -6.19 40.43
C ASN M 112 -15.98 -6.08 41.53
N VAL M 113 -15.81 -6.78 42.65
CA VAL M 113 -16.72 -6.61 43.78
C VAL M 113 -16.60 -5.18 44.28
N ASN M 114 -15.35 -4.69 44.36
CA ASN M 114 -15.10 -3.34 44.82
C ASN M 114 -15.79 -2.33 43.90
N ILE M 115 -15.70 -2.58 42.59
CA ILE M 115 -16.28 -1.71 41.57
C ILE M 115 -17.80 -1.68 41.74
N PHE M 116 -18.39 -2.85 41.99
CA PHE M 116 -19.83 -3.01 42.11
C PHE M 116 -20.37 -2.27 43.31
N LYS M 117 -19.55 -2.15 44.37
CA LYS M 117 -19.91 -1.40 45.55
C LYS M 117 -20.20 0.07 45.22
N PHE M 118 -19.61 0.55 44.13
CA PHE M 118 -19.85 1.93 43.69
C PHE M 118 -21.00 1.98 42.69
N ILE M 119 -20.98 1.03 41.75
CA ILE M 119 -21.86 1.07 40.59
C ILE M 119 -23.30 0.79 41.01
N ILE M 120 -23.51 -0.30 41.75
CA ILE M 120 -24.85 -0.86 41.93
C ILE M 120 -25.75 0.14 42.67
N PRO M 121 -25.32 0.73 43.81
CA PRO M 121 -26.15 1.71 44.53
C PRO M 121 -26.53 2.92 43.68
N ASN M 122 -25.62 3.33 42.78
CA ASN M 122 -25.87 4.46 41.90
C ASN M 122 -26.93 4.12 40.85
N VAL M 123 -26.84 2.91 40.29
CA VAL M 123 -27.82 2.44 39.32
C VAL M 123 -29.20 2.41 39.98
N VAL M 124 -29.25 1.85 41.20
CA VAL M 124 -30.50 1.64 41.92
C VAL M 124 -31.11 2.97 42.31
N LYS M 125 -30.26 3.94 42.67
CA LYS M 125 -30.71 5.27 43.03
C LYS M 125 -31.61 5.85 41.93
N TYR M 126 -31.19 5.73 40.67
CA TYR M 126 -31.82 6.45 39.56
C TYR M 126 -32.84 5.60 38.80
N SER M 127 -32.74 4.27 38.90
CA SER M 127 -33.68 3.35 38.27
C SER M 127 -34.07 2.25 39.24
N PRO M 128 -34.82 2.55 40.31
CA PRO M 128 -35.13 1.56 41.34
C PRO M 128 -35.95 0.36 40.86
N ASN M 129 -36.64 0.51 39.72
CA ASN M 129 -37.51 -0.54 39.25
C ASN M 129 -36.95 -1.25 38.04
N CYS M 130 -35.66 -1.04 37.76
CA CYS M 130 -35.05 -1.64 36.59
C CYS M 130 -34.81 -3.13 36.82
N LYS M 131 -34.54 -3.83 35.73
CA LYS M 131 -33.90 -5.13 35.80
C LYS M 131 -32.40 -4.90 35.64
N LEU M 132 -31.61 -5.62 36.45
CA LEU M 132 -30.17 -5.58 36.37
C LEU M 132 -29.70 -6.81 35.59
N LEU M 133 -28.98 -6.56 34.50
CA LEU M 133 -28.35 -7.64 33.75
C LEU M 133 -26.84 -7.53 33.93
N ILE M 134 -26.25 -8.48 34.66
CA ILE M 134 -24.82 -8.46 34.98
C ILE M 134 -24.07 -9.23 33.90
N VAL M 135 -23.03 -8.60 33.35
CA VAL M 135 -22.23 -9.21 32.30
C VAL M 135 -20.78 -9.33 32.77
N SER M 136 -20.36 -8.43 33.68
CA SER M 136 -19.03 -8.41 34.27
C SER M 136 -18.73 -9.77 34.92
N ASN M 137 -17.44 -10.13 34.90
CA ASN M 137 -17.02 -11.46 35.34
C ASN M 137 -16.35 -11.38 36.70
N PRO M 138 -16.38 -12.45 37.54
CA PRO M 138 -17.13 -13.66 37.25
C PRO M 138 -18.63 -13.42 37.43
N VAL M 139 -19.39 -13.62 36.35
CA VAL M 139 -20.75 -13.14 36.25
C VAL M 139 -21.64 -13.78 37.32
N ASP M 140 -21.36 -15.04 37.69
CA ASP M 140 -22.24 -15.76 38.58
C ASP M 140 -22.12 -15.20 40.00
N ILE M 141 -20.89 -14.97 40.43
CA ILE M 141 -20.63 -14.37 41.72
C ILE M 141 -21.10 -12.91 41.73
N LEU M 142 -20.80 -12.19 40.64
CA LEU M 142 -21.13 -10.77 40.58
C LEU M 142 -22.64 -10.55 40.49
N THR M 143 -23.39 -11.54 39.99
CA THR M 143 -24.84 -11.45 39.99
C THR M 143 -25.34 -11.49 41.44
N TYR M 144 -24.76 -12.41 42.22
CA TYR M 144 -25.04 -12.54 43.63
C TYR M 144 -24.70 -11.23 44.34
N VAL M 145 -23.54 -10.65 43.99
CA VAL M 145 -23.10 -9.40 44.59
C VAL M 145 -24.09 -8.28 44.29
N ALA M 146 -24.46 -8.15 43.00
CA ALA M 146 -25.40 -7.13 42.59
C ALA M 146 -26.73 -7.30 43.33
N TRP M 147 -27.09 -8.56 43.62
CA TRP M 147 -28.34 -8.87 44.30
C TRP M 147 -28.28 -8.41 45.76
N LYS M 148 -27.17 -8.74 46.43
CA LYS M 148 -26.96 -8.34 47.81
C LYS M 148 -26.90 -6.81 47.93
N ILE M 149 -26.17 -6.16 47.01
CA ILE M 149 -25.95 -4.72 47.12
C ILE M 149 -27.23 -3.96 46.80
N SER M 150 -27.89 -4.32 45.70
CA SER M 150 -29.06 -3.61 45.20
C SER M 150 -30.25 -3.70 46.15
N GLY M 151 -30.41 -4.86 46.80
CA GLY M 151 -31.58 -5.15 47.63
C GLY M 151 -32.81 -5.50 46.80
N PHE M 152 -32.59 -5.73 45.51
CA PHE M 152 -33.67 -6.07 44.58
C PHE M 152 -34.17 -7.48 44.88
N PRO M 153 -35.42 -7.80 44.50
CA PRO M 153 -35.88 -9.19 44.50
C PRO M 153 -35.07 -9.92 43.44
N LYS M 154 -34.92 -11.24 43.60
CA LYS M 154 -33.98 -12.01 42.81
C LYS M 154 -34.40 -12.09 41.35
N ASN M 155 -35.68 -11.85 41.07
CA ASN M 155 -36.15 -11.91 39.69
C ASN M 155 -35.60 -10.76 38.86
N ARG M 156 -35.18 -9.67 39.51
CA ARG M 156 -34.72 -8.49 38.80
C ARG M 156 -33.19 -8.39 38.76
N VAL M 157 -32.49 -9.48 39.13
CA VAL M 157 -31.04 -9.50 39.01
C VAL M 157 -30.65 -10.74 38.23
N ILE M 158 -30.16 -10.52 37.00
CA ILE M 158 -29.93 -11.57 36.02
C ILE M 158 -28.47 -11.49 35.58
N GLY M 159 -27.75 -12.62 35.61
CA GLY M 159 -26.42 -12.67 35.04
C GLY M 159 -26.46 -13.26 33.64
N SER M 160 -25.68 -12.70 32.71
CA SER M 160 -25.66 -13.16 31.33
C SER M 160 -25.34 -14.66 31.28
N GLY M 161 -24.58 -15.12 32.28
CA GLY M 161 -24.40 -16.53 32.56
C GLY M 161 -23.95 -17.33 31.34
N CYS M 162 -24.62 -18.46 31.11
CA CYS M 162 -24.20 -19.41 30.10
C CYS M 162 -24.99 -19.26 28.78
N ASN M 163 -25.67 -18.11 28.60
CA ASN M 163 -26.38 -17.85 27.37
C ASN M 163 -25.39 -17.96 26.20
N LEU M 164 -24.20 -17.39 26.40
CA LEU M 164 -23.17 -17.40 25.37
C LEU M 164 -22.54 -18.79 25.24
N ASP M 165 -22.30 -19.47 26.36
CA ASP M 165 -21.71 -20.80 26.35
C ASP M 165 -22.60 -21.75 25.56
N SER M 166 -23.92 -21.65 25.79
CA SER M 166 -24.87 -22.50 25.09
C SER M 166 -24.87 -22.16 23.59
N ALA M 167 -24.76 -20.86 23.27
CA ALA M 167 -24.71 -20.40 21.89
C ALA M 167 -23.48 -20.98 21.18
N ARG M 168 -22.33 -20.94 21.84
CA ARG M 168 -21.10 -21.51 21.33
C ARG M 168 -21.28 -23.02 21.13
N PHE M 169 -21.86 -23.68 22.14
CA PHE M 169 -22.10 -25.11 22.13
C PHE M 169 -22.90 -25.49 20.89
N ARG M 170 -23.97 -24.74 20.65
CA ARG M 170 -24.87 -25.03 19.54
C ARG M 170 -24.19 -24.72 18.20
N TYR M 171 -23.29 -23.72 18.19
CA TYR M 171 -22.54 -23.42 16.98
C TYR M 171 -21.67 -24.62 16.61
N LEU M 172 -20.94 -25.14 17.59
CA LEU M 172 -20.01 -26.24 17.39
C LEU M 172 -20.78 -27.53 17.06
N MET M 173 -21.90 -27.75 17.74
CA MET M 173 -22.80 -28.86 17.46
C MET M 173 -23.20 -28.81 15.99
N GLY M 174 -23.62 -27.62 15.55
CA GLY M 174 -24.05 -27.38 14.18
C GLY M 174 -22.95 -27.64 13.15
N GLU M 175 -21.71 -27.27 13.50
CA GLU M 175 -20.56 -27.46 12.64
C GLU M 175 -20.38 -28.95 12.38
N ARG M 176 -20.50 -29.75 13.43
CA ARG M 176 -20.32 -31.19 13.34
C ARG M 176 -21.44 -31.85 12.54
N LEU M 177 -22.69 -31.34 12.69
CA LEU M 177 -23.83 -32.04 12.13
C LEU M 177 -24.22 -31.50 10.74
N GLY M 178 -23.72 -30.33 10.38
CA GLY M 178 -24.10 -29.67 9.13
C GLY M 178 -25.51 -29.07 9.20
N VAL M 179 -25.85 -28.56 10.39
CA VAL M 179 -27.16 -28.00 10.68
C VAL M 179 -26.95 -26.61 11.28
N HIS M 180 -27.86 -25.67 10.95
CA HIS M 180 -27.81 -24.35 11.56
C HIS M 180 -27.95 -24.49 13.06
N PRO M 181 -27.18 -23.70 13.86
CA PRO M 181 -27.30 -23.75 15.32
C PRO M 181 -28.73 -23.61 15.83
N LEU M 182 -29.58 -22.92 15.08
CA LEU M 182 -30.97 -22.70 15.49
C LEU M 182 -31.68 -24.04 15.63
N SER M 183 -31.26 -25.04 14.83
CA SER M 183 -31.90 -26.35 14.82
C SER M 183 -31.12 -27.38 15.64
N CYS M 184 -30.04 -26.93 16.29
CA CYS M 184 -29.23 -27.75 17.18
C CYS M 184 -29.49 -27.34 18.63
N HIS M 185 -29.92 -28.28 19.47
CA HIS M 185 -30.33 -27.98 20.83
C HIS M 185 -29.41 -28.66 21.82
N GLY M 186 -29.11 -27.95 22.91
CA GLY M 186 -28.15 -28.40 23.92
C GLY M 186 -27.82 -27.25 24.88
N TRP M 187 -27.75 -27.58 26.16
CA TRP M 187 -27.61 -26.58 27.21
C TRP M 187 -26.30 -26.78 27.95
N VAL M 188 -25.60 -25.66 28.15
CA VAL M 188 -24.45 -25.60 29.04
C VAL M 188 -24.87 -24.79 30.26
N LEU M 189 -24.80 -25.42 31.45
CA LEU M 189 -25.32 -24.82 32.67
C LEU M 189 -24.21 -24.67 33.72
N GLY M 190 -24.56 -24.06 34.85
CA GLY M 190 -23.61 -23.86 35.94
C GLY M 190 -22.80 -22.57 35.78
N GLU M 191 -21.50 -22.64 36.08
CA GLU M 191 -20.59 -21.49 36.00
C GLU M 191 -20.36 -21.14 34.53
N HIS M 192 -20.44 -19.83 34.24
CA HIS M 192 -19.90 -19.31 33.02
C HIS M 192 -18.38 -19.32 33.17
N GLY M 193 -17.78 -20.46 32.87
CA GLY M 193 -16.35 -20.63 32.88
C GLY M 193 -15.93 -22.08 32.93
N ASP M 194 -14.85 -22.39 33.67
CA ASP M 194 -14.18 -23.66 33.52
C ASP M 194 -15.03 -24.83 34.03
N SER M 195 -15.95 -24.57 34.98
CA SER M 195 -16.73 -25.64 35.58
C SER M 195 -18.13 -25.77 34.98
N SER M 196 -18.31 -25.28 33.75
CA SER M 196 -19.61 -25.38 33.10
C SER M 196 -19.98 -26.84 32.85
N VAL M 197 -21.28 -27.11 32.83
CA VAL M 197 -21.80 -28.46 32.71
C VAL M 197 -22.60 -28.61 31.42
N PRO M 198 -22.13 -29.43 30.45
CA PRO M 198 -22.88 -29.72 29.23
C PRO M 198 -23.91 -30.80 29.52
N VAL M 199 -25.17 -30.53 29.20
CA VAL M 199 -26.25 -31.47 29.48
C VAL M 199 -26.45 -32.37 28.27
N TRP M 200 -25.64 -33.44 28.21
CA TRP M 200 -25.64 -34.41 27.12
C TRP M 200 -27.03 -35.03 26.96
N SER M 201 -27.73 -35.22 28.10
CA SER M 201 -29.03 -35.87 28.10
C SER M 201 -30.07 -35.08 27.28
N GLY M 202 -29.83 -33.76 27.13
CA GLY M 202 -30.77 -32.85 26.50
C GLY M 202 -30.45 -32.53 25.04
N MET M 203 -29.25 -32.93 24.60
CA MET M 203 -28.78 -32.61 23.26
C MET M 203 -29.63 -33.32 22.22
N ASN M 204 -30.13 -32.54 21.25
CA ASN M 204 -31.04 -33.12 20.26
C ASN M 204 -31.09 -32.27 18.99
N VAL M 205 -31.46 -32.92 17.89
CA VAL M 205 -31.85 -32.25 16.66
C VAL M 205 -33.24 -32.78 16.31
N ALA M 206 -34.17 -31.86 16.00
CA ALA M 206 -35.53 -32.19 15.62
C ALA M 206 -36.19 -33.12 16.64
N GLY M 207 -35.81 -32.99 17.92
CA GLY M 207 -36.42 -33.73 19.00
C GLY M 207 -35.81 -35.12 19.19
N VAL M 208 -34.82 -35.46 18.37
CA VAL M 208 -34.18 -36.76 18.44
C VAL M 208 -32.99 -36.69 19.39
N SER M 209 -33.06 -37.40 20.52
CA SER M 209 -31.99 -37.42 21.51
C SER M 209 -30.71 -38.01 20.94
N LEU M 210 -29.62 -37.22 21.01
CA LEU M 210 -28.34 -37.65 20.47
C LEU M 210 -27.73 -38.72 21.37
N LYS M 211 -27.98 -38.62 22.68
CA LYS M 211 -27.48 -39.60 23.64
C LYS M 211 -28.14 -40.96 23.43
N THR M 212 -29.42 -40.94 23.01
CA THR M 212 -30.15 -42.15 22.68
C THR M 212 -29.50 -42.83 21.48
N LEU M 213 -29.17 -42.03 20.45
CA LEU M 213 -28.56 -42.53 19.24
C LEU M 213 -27.13 -43.02 19.52
N HIS M 214 -26.47 -42.35 20.46
CA HIS M 214 -25.04 -42.53 20.68
C HIS M 214 -24.75 -42.46 22.17
N PRO M 215 -24.92 -43.58 22.91
CA PRO M 215 -24.82 -43.57 24.37
C PRO M 215 -23.45 -43.14 24.90
N ASP M 216 -22.41 -43.25 24.08
CA ASP M 216 -21.08 -42.84 24.48
C ASP M 216 -20.95 -41.32 24.55
N LEU M 217 -21.92 -40.59 23.98
CA LEU M 217 -21.89 -39.14 23.89
C LEU M 217 -21.57 -38.54 25.26
N GLY M 218 -20.48 -37.76 25.32
CA GLY M 218 -20.11 -37.03 26.51
C GLY M 218 -19.14 -37.77 27.44
N THR M 219 -18.84 -39.03 27.12
CA THR M 219 -17.95 -39.82 27.96
C THR M 219 -16.57 -39.84 27.32
N ASP M 220 -15.57 -40.30 28.09
CA ASP M 220 -14.21 -40.44 27.62
C ASP M 220 -14.07 -41.58 26.62
N LYS M 221 -14.95 -42.58 26.73
CA LYS M 221 -14.91 -43.74 25.86
C LYS M 221 -15.35 -43.38 24.44
N ASP M 222 -16.07 -42.26 24.30
CA ASP M 222 -16.65 -41.78 23.06
C ASP M 222 -15.62 -41.71 21.93
N LYS M 223 -15.80 -42.56 20.93
CA LYS M 223 -14.97 -42.65 19.74
C LYS M 223 -15.00 -41.31 18.99
N GLU M 224 -16.12 -40.60 19.08
CA GLU M 224 -16.33 -39.37 18.33
C GLU M 224 -15.89 -38.16 19.13
N GLN M 225 -15.64 -38.35 20.44
CA GLN M 225 -15.06 -37.33 21.29
C GLN M 225 -15.96 -36.11 21.37
N TRP M 226 -17.23 -36.32 21.69
CA TRP M 226 -18.14 -35.18 21.80
C TRP M 226 -17.80 -34.30 23.00
N LYS M 227 -17.07 -34.87 23.97
CA LYS M 227 -16.64 -34.12 25.13
C LYS M 227 -15.81 -32.92 24.72
N GLU M 228 -15.11 -33.04 23.58
CA GLU M 228 -14.25 -32.00 23.03
C GLU M 228 -15.05 -30.77 22.62
N VAL M 229 -16.32 -30.98 22.26
CA VAL M 229 -17.17 -29.84 21.90
C VAL M 229 -17.32 -28.95 23.12
N HIS M 230 -17.56 -29.55 24.30
CA HIS M 230 -17.68 -28.75 25.51
C HIS M 230 -16.33 -28.15 25.88
N LYS M 231 -15.24 -28.88 25.61
CA LYS M 231 -13.93 -28.36 25.96
C LYS M 231 -13.64 -27.11 25.16
N GLN M 232 -14.16 -27.09 23.93
CA GLN M 232 -13.99 -25.95 23.05
C GLN M 232 -14.83 -24.78 23.55
N VAL M 233 -15.93 -25.09 24.23
CA VAL M 233 -16.79 -24.06 24.78
C VAL M 233 -16.05 -23.35 25.93
N VAL M 234 -15.48 -24.14 26.82
CA VAL M 234 -14.72 -23.65 27.95
C VAL M 234 -13.55 -22.80 27.45
N GLU M 235 -12.94 -23.21 26.35
CA GLU M 235 -11.69 -22.64 25.89
C GLU M 235 -11.89 -21.48 24.90
N SER M 236 -13.15 -21.27 24.46
CA SER M 236 -13.47 -20.27 23.46
C SER M 236 -12.91 -18.89 23.87
N ALA M 237 -13.34 -18.44 25.05
CA ALA M 237 -13.00 -17.13 25.56
C ALA M 237 -11.50 -16.94 25.57
N TYR M 238 -10.78 -17.95 26.07
CA TYR M 238 -9.35 -17.89 26.18
C TYR M 238 -8.70 -17.84 24.80
N GLU M 239 -9.25 -18.60 23.85
CA GLU M 239 -8.63 -18.63 22.54
C GLU M 239 -8.87 -17.31 21.81
N VAL M 240 -10.07 -16.74 21.93
CA VAL M 240 -10.34 -15.47 21.30
C VAL M 240 -9.47 -14.39 21.94
N ILE M 241 -9.37 -14.41 23.29
CA ILE M 241 -8.54 -13.47 24.02
C ILE M 241 -7.10 -13.58 23.50
N LYS M 242 -6.61 -14.82 23.38
CA LYS M 242 -5.28 -15.07 22.89
C LYS M 242 -5.09 -14.46 21.51
N LEU M 243 -6.12 -14.54 20.66
CA LEU M 243 -5.97 -14.14 19.26
C LEU M 243 -6.17 -12.64 19.06
N LYS M 244 -7.15 -12.04 19.74
CA LYS M 244 -7.49 -10.65 19.46
C LYS M 244 -7.48 -9.77 20.72
N GLY M 245 -7.23 -10.36 21.89
CA GLY M 245 -7.02 -9.59 23.10
C GLY M 245 -8.24 -9.55 24.02
N TYR M 246 -9.43 -9.79 23.45
CA TYR M 246 -10.66 -9.72 24.22
C TYR M 246 -11.76 -10.41 23.41
N THR M 247 -12.92 -10.61 24.04
CA THR M 247 -14.11 -11.00 23.31
C THR M 247 -15.12 -9.85 23.38
N SER M 248 -15.91 -9.68 22.31
CA SER M 248 -16.84 -8.57 22.24
C SER M 248 -18.13 -8.96 21.51
N TRP M 249 -18.01 -9.43 20.28
CA TRP M 249 -19.17 -9.50 19.41
C TRP M 249 -20.18 -10.53 19.90
N ALA M 250 -19.69 -11.71 20.29
CA ALA M 250 -20.54 -12.83 20.68
C ALA M 250 -21.31 -12.50 21.97
N ILE M 251 -20.58 -11.95 22.95
CA ILE M 251 -21.20 -11.58 24.22
C ILE M 251 -22.20 -10.43 23.99
N GLY M 252 -21.87 -9.52 23.08
CA GLY M 252 -22.73 -8.41 22.73
C GLY M 252 -24.08 -8.88 22.20
N LEU M 253 -24.02 -9.79 21.22
CA LEU M 253 -25.20 -10.37 20.63
C LEU M 253 -25.98 -11.16 21.68
N SER M 254 -25.26 -11.91 22.52
CA SER M 254 -25.88 -12.73 23.55
C SER M 254 -26.69 -11.84 24.51
N VAL M 255 -26.12 -10.68 24.88
CA VAL M 255 -26.73 -9.74 25.81
C VAL M 255 -27.95 -9.09 25.17
N ALA M 256 -27.87 -8.77 23.86
CA ALA M 256 -29.01 -8.17 23.18
C ALA M 256 -30.13 -9.19 23.08
N ASP M 257 -29.75 -10.47 22.99
CA ASP M 257 -30.70 -11.56 22.96
C ASP M 257 -31.53 -11.55 24.25
N LEU M 258 -30.83 -11.41 25.38
CA LEU M 258 -31.48 -11.40 26.67
C LEU M 258 -32.32 -10.14 26.82
N ALA M 259 -31.75 -9.00 26.40
CA ALA M 259 -32.43 -7.71 26.44
C ALA M 259 -33.75 -7.78 25.66
N GLU M 260 -33.73 -8.45 24.51
CA GLU M 260 -34.92 -8.58 23.67
C GLU M 260 -36.03 -9.28 24.42
N SER M 261 -35.69 -10.38 25.11
CA SER M 261 -36.67 -11.16 25.85
C SER M 261 -37.24 -10.35 27.00
N ILE M 262 -36.38 -9.56 27.67
CA ILE M 262 -36.83 -8.77 28.80
C ILE M 262 -37.75 -7.63 28.31
N MET M 263 -37.26 -6.84 27.34
CA MET M 263 -37.95 -5.64 26.89
C MET M 263 -39.29 -5.96 26.24
N LYS M 264 -39.35 -7.07 25.49
CA LYS M 264 -40.55 -7.42 24.75
C LYS M 264 -41.40 -8.45 25.48
N ASN M 265 -41.00 -8.82 26.71
CA ASN M 265 -41.73 -9.72 27.59
C ASN M 265 -42.05 -11.03 26.89
N LEU M 266 -41.05 -11.62 26.23
CA LEU M 266 -41.25 -12.77 25.36
C LEU M 266 -41.55 -14.06 26.14
N ARG M 267 -40.98 -14.17 27.36
CA ARG M 267 -41.06 -15.41 28.13
C ARG M 267 -40.38 -16.53 27.36
N ARG M 268 -39.24 -16.21 26.75
CA ARG M 268 -38.34 -17.21 26.20
C ARG M 268 -37.47 -17.77 27.32
N VAL M 269 -36.89 -18.94 27.04
CA VAL M 269 -36.06 -19.64 28.01
C VAL M 269 -34.59 -19.44 27.66
N HIS M 270 -33.81 -18.94 28.62
CA HIS M 270 -32.38 -18.68 28.46
C HIS M 270 -31.65 -19.23 29.66
N PRO M 271 -30.43 -19.79 29.48
CA PRO M 271 -29.59 -20.21 30.60
C PRO M 271 -28.85 -19.00 31.15
N VAL M 272 -29.32 -18.47 32.29
CA VAL M 272 -28.81 -17.22 32.84
C VAL M 272 -28.56 -17.42 34.33
N SER M 273 -27.71 -16.56 34.93
CA SER M 273 -27.33 -16.73 36.33
C SER M 273 -28.45 -16.27 37.24
N THR M 274 -28.84 -17.16 38.15
CA THR M 274 -29.86 -16.85 39.13
C THR M 274 -29.63 -17.69 40.36
N MET M 275 -30.36 -17.36 41.44
CA MET M 275 -30.18 -18.10 42.67
C MET M 275 -30.83 -19.47 42.52
N ILE M 276 -30.05 -20.53 42.80
CA ILE M 276 -30.50 -21.91 42.64
C ILE M 276 -30.60 -22.64 43.98
N LYS M 277 -30.48 -21.90 45.08
CA LYS M 277 -30.69 -22.47 46.41
C LYS M 277 -31.99 -23.29 46.41
N GLY M 278 -31.91 -24.52 46.92
CA GLY M 278 -33.04 -25.44 47.03
C GLY M 278 -33.16 -26.41 45.84
N LEU M 279 -32.36 -26.22 44.80
CA LEU M 279 -32.36 -27.14 43.66
C LEU M 279 -31.07 -27.96 43.65
N TYR M 280 -31.21 -29.23 43.25
CA TYR M 280 -30.10 -30.16 43.09
C TYR M 280 -29.28 -30.26 44.38
N GLY M 281 -29.94 -30.08 45.52
CA GLY M 281 -29.33 -30.27 46.83
C GLY M 281 -28.36 -29.16 47.22
N ILE M 282 -28.40 -28.05 46.47
CA ILE M 282 -27.62 -26.87 46.82
C ILE M 282 -28.38 -26.12 47.91
N LYS M 283 -27.70 -25.82 49.03
CA LYS M 283 -28.34 -25.27 50.22
C LYS M 283 -27.91 -23.83 50.48
N ASP M 284 -26.92 -23.33 49.71
CA ASP M 284 -26.40 -22.00 49.92
C ASP M 284 -26.92 -21.03 48.85
N ASP M 285 -26.58 -19.75 49.04
CA ASP M 285 -27.08 -18.68 48.20
C ASP M 285 -26.24 -18.59 46.93
N VAL M 286 -26.13 -19.71 46.20
CA VAL M 286 -25.28 -19.75 45.03
C VAL M 286 -26.08 -19.26 43.83
N PHE M 287 -25.45 -18.43 42.99
CA PHE M 287 -26.01 -18.10 41.70
C PHE M 287 -25.25 -18.86 40.62
N LEU M 288 -25.99 -19.55 39.74
CA LEU M 288 -25.40 -20.04 38.51
C LEU M 288 -26.49 -20.18 37.45
N SER M 289 -26.08 -20.63 36.27
CA SER M 289 -26.97 -20.68 35.12
C SER M 289 -27.82 -21.95 35.13
N VAL M 290 -29.15 -21.75 35.10
CA VAL M 290 -30.13 -22.75 34.77
C VAL M 290 -31.07 -22.12 33.75
N PRO M 291 -31.86 -22.91 32.98
CA PRO M 291 -32.81 -22.32 32.03
C PRO M 291 -33.90 -21.57 32.78
N CYS M 292 -34.05 -20.29 32.44
CA CYS M 292 -35.02 -19.42 33.09
C CYS M 292 -35.93 -18.79 32.05
N ILE M 293 -37.18 -18.54 32.45
CA ILE M 293 -38.14 -17.81 31.63
C ILE M 293 -37.93 -16.31 31.87
N LEU M 294 -37.65 -15.60 30.77
CA LEU M 294 -37.26 -14.19 30.80
C LEU M 294 -38.37 -13.34 30.23
N GLY M 295 -38.76 -12.32 31.00
CA GLY M 295 -39.76 -11.37 30.55
C GLY M 295 -39.57 -10.03 31.23
N GLN M 296 -40.64 -9.24 31.24
CA GLN M 296 -40.59 -7.85 31.67
C GLN M 296 -40.37 -7.73 33.18
N ASN M 297 -40.53 -8.84 33.94
CA ASN M 297 -40.20 -8.81 35.36
C ASN M 297 -38.89 -9.52 35.62
N GLY M 298 -38.12 -9.76 34.56
CA GLY M 298 -36.87 -10.50 34.64
C GLY M 298 -37.12 -12.00 34.62
N ILE M 299 -36.54 -12.71 35.60
CA ILE M 299 -36.69 -14.15 35.69
C ILE M 299 -37.97 -14.43 36.48
N SER M 300 -39.01 -14.86 35.78
CA SER M 300 -40.28 -15.17 36.40
C SER M 300 -40.33 -16.63 36.83
N ASP M 301 -39.56 -17.49 36.18
CA ASP M 301 -39.61 -18.93 36.38
C ASP M 301 -38.30 -19.59 36.04
N LEU M 302 -38.02 -20.74 36.66
CA LEU M 302 -36.89 -21.59 36.31
C LEU M 302 -37.44 -22.89 35.73
N VAL M 303 -36.75 -23.43 34.71
CA VAL M 303 -37.01 -24.79 34.29
C VAL M 303 -36.16 -25.70 35.16
N LYS M 304 -36.80 -26.73 35.73
CA LYS M 304 -36.11 -27.69 36.56
C LYS M 304 -35.61 -28.82 35.67
N VAL M 305 -34.42 -28.62 35.09
CA VAL M 305 -33.88 -29.58 34.15
C VAL M 305 -33.59 -30.89 34.89
N THR M 306 -33.94 -32.00 34.25
CA THR M 306 -33.54 -33.31 34.73
C THR M 306 -32.10 -33.58 34.31
N LEU M 307 -31.27 -33.92 35.30
CA LEU M 307 -29.86 -34.17 35.08
C LEU M 307 -29.53 -35.63 35.42
N THR M 308 -28.62 -36.23 34.65
CA THR M 308 -28.02 -37.47 35.08
C THR M 308 -27.29 -37.21 36.40
N SER M 309 -27.11 -38.26 37.20
CA SER M 309 -26.43 -38.14 38.48
C SER M 309 -25.05 -37.49 38.31
N GLU M 310 -24.38 -37.78 37.19
CA GLU M 310 -23.08 -37.20 36.92
C GLU M 310 -23.21 -35.72 36.55
N GLU M 311 -24.17 -35.41 35.66
CA GLU M 311 -24.46 -34.04 35.28
C GLU M 311 -24.81 -33.24 36.53
N GLU M 312 -25.57 -33.84 37.45
CA GLU M 312 -25.93 -33.18 38.69
C GLU M 312 -24.71 -33.03 39.59
N ALA M 313 -23.84 -34.05 39.60
CA ALA M 313 -22.61 -33.99 40.37
C ALA M 313 -21.73 -32.84 39.90
N ARG M 314 -21.61 -32.66 38.57
CA ARG M 314 -20.82 -31.59 37.97
C ARG M 314 -21.37 -30.22 38.34
N LEU M 315 -22.72 -30.11 38.39
CA LEU M 315 -23.38 -28.86 38.73
C LEU M 315 -23.20 -28.53 40.21
N LYS M 316 -23.19 -29.56 41.08
CA LYS M 316 -22.94 -29.37 42.49
C LYS M 316 -21.49 -28.94 42.72
N LYS M 317 -20.59 -29.47 41.88
CA LYS M 317 -19.17 -29.11 41.91
C LYS M 317 -18.98 -27.65 41.52
N SER M 318 -19.71 -27.23 40.48
CA SER M 318 -19.72 -25.85 40.02
C SER M 318 -20.21 -24.95 41.15
N ALA M 319 -21.30 -25.40 41.80
CA ALA M 319 -21.89 -24.66 42.90
C ALA M 319 -20.89 -24.48 44.04
N ASP M 320 -20.16 -25.56 44.37
CA ASP M 320 -19.20 -25.54 45.46
C ASP M 320 -18.07 -24.55 45.16
N THR M 321 -17.50 -24.63 43.95
CA THR M 321 -16.44 -23.73 43.53
C THR M 321 -16.88 -22.30 43.79
N LEU M 322 -18.09 -21.97 43.32
CA LEU M 322 -18.61 -20.61 43.37
C LEU M 322 -18.85 -20.18 44.82
N TRP M 323 -19.46 -21.08 45.59
CA TRP M 323 -19.79 -20.78 46.97
C TRP M 323 -18.52 -20.59 47.79
N GLY M 324 -17.48 -21.35 47.45
CA GLY M 324 -16.19 -21.22 48.11
C GLY M 324 -15.68 -19.79 48.05
N ILE M 325 -15.86 -19.13 46.89
CA ILE M 325 -15.38 -17.78 46.73
C ILE M 325 -16.37 -16.80 47.36
N GLN M 326 -17.66 -17.09 47.19
CA GLN M 326 -18.73 -16.21 47.64
C GLN M 326 -18.68 -16.01 49.15
N LYS M 327 -18.45 -17.10 49.87
CA LYS M 327 -18.49 -17.07 51.33
C LYS M 327 -17.40 -16.16 51.88
N GLU M 328 -16.33 -15.97 51.12
CA GLU M 328 -15.16 -15.25 51.63
C GLU M 328 -15.33 -13.74 51.40
N LEU M 329 -16.38 -13.32 50.71
CA LEU M 329 -16.48 -11.97 50.22
C LEU M 329 -16.87 -11.00 51.32
N GLN M 330 -16.28 -9.80 51.26
CA GLN M 330 -16.30 -8.86 52.36
C GLN M 330 -17.52 -7.95 52.31
N PHE M 331 -18.56 -8.43 51.63
CA PHE M 331 -19.89 -7.84 51.81
C PHE M 331 -20.24 -7.78 53.31
N ALA N 1 -22.08 -46.27 11.65
CA ALA N 1 -21.04 -45.20 11.50
C ALA N 1 -21.22 -44.06 12.52
N THR N 2 -20.93 -42.82 12.13
CA THR N 2 -20.87 -41.69 13.04
C THR N 2 -22.28 -41.31 13.51
N LEU N 3 -22.38 -40.53 14.59
CA LEU N 3 -23.64 -40.04 15.11
C LEU N 3 -24.35 -39.21 14.04
N LYS N 4 -23.59 -38.37 13.33
CA LYS N 4 -24.13 -37.52 12.28
C LYS N 4 -24.82 -38.38 11.22
N ASP N 5 -24.19 -39.49 10.83
CA ASP N 5 -24.71 -40.38 9.80
C ASP N 5 -25.90 -41.20 10.30
N GLN N 6 -25.89 -41.56 11.59
CA GLN N 6 -27.02 -42.25 12.19
C GLN N 6 -28.24 -41.33 12.20
N LEU N 7 -28.01 -40.03 12.39
CA LEU N 7 -29.10 -39.08 12.60
C LEU N 7 -29.59 -38.52 11.28
N ILE N 8 -28.67 -38.29 10.33
CA ILE N 8 -28.96 -37.49 9.15
C ILE N 8 -28.62 -38.28 7.89
N TYR N 9 -29.60 -38.34 6.96
CA TYR N 9 -29.41 -38.93 5.66
C TYR N 9 -29.08 -37.82 4.68
N ASN N 10 -27.99 -38.02 3.95
CA ASN N 10 -27.39 -37.06 3.04
C ASN N 10 -27.93 -37.30 1.63
N LEU N 11 -28.39 -36.24 0.97
CA LEU N 11 -28.80 -36.28 -0.42
C LEU N 11 -27.65 -35.86 -1.32
N LEU N 12 -26.88 -34.87 -0.86
CA LEU N 12 -25.97 -34.15 -1.72
C LEU N 12 -24.52 -34.14 -1.20
N LYS N 13 -23.92 -32.98 -1.02
CA LYS N 13 -22.76 -32.86 -0.15
C LYS N 13 -22.09 -31.51 -0.30
N GLU N 14 -21.61 -31.21 -1.51
CA GLU N 14 -20.57 -30.17 -1.72
C GLU N 14 -21.11 -28.97 -2.48
N GLU N 15 -21.91 -28.19 -1.78
CA GLU N 15 -22.61 -27.01 -2.29
C GLU N 15 -21.65 -25.88 -2.59
N GLN N 16 -20.91 -25.42 -1.60
CA GLN N 16 -20.14 -24.19 -1.62
C GLN N 16 -20.98 -22.93 -1.89
N THR N 17 -20.57 -22.15 -2.90
CA THR N 17 -21.40 -21.39 -3.86
C THR N 17 -22.24 -20.29 -3.23
N PRO N 18 -21.65 -19.20 -2.74
CA PRO N 18 -22.42 -18.13 -2.09
C PRO N 18 -23.21 -17.35 -3.14
N GLN N 19 -24.41 -16.94 -2.77
CA GLN N 19 -25.24 -16.15 -3.68
C GLN N 19 -25.15 -14.67 -3.37
N ASN N 20 -24.81 -14.34 -2.12
CA ASN N 20 -24.88 -12.97 -1.63
C ASN N 20 -23.71 -12.69 -0.69
N LYS N 21 -22.50 -12.89 -1.21
CA LYS N 21 -21.32 -12.83 -0.36
C LYS N 21 -20.75 -11.41 -0.32
N ILE N 22 -20.37 -10.99 0.89
CA ILE N 22 -19.69 -9.73 1.10
C ILE N 22 -18.33 -10.01 1.74
N THR N 23 -17.30 -9.34 1.21
CA THR N 23 -15.97 -9.37 1.78
C THR N 23 -15.63 -8.01 2.37
N VAL N 24 -15.07 -8.03 3.59
CA VAL N 24 -14.49 -6.86 4.19
C VAL N 24 -12.99 -7.08 4.29
N VAL N 25 -12.23 -6.21 3.60
CA VAL N 25 -10.77 -6.22 3.66
C VAL N 25 -10.35 -5.20 4.71
N GLY N 26 -9.57 -5.65 5.71
CA GLY N 26 -9.17 -4.84 6.84
C GLY N 26 -10.09 -5.10 8.05
N VAL N 27 -9.52 -5.59 9.17
CA VAL N 27 -10.30 -5.87 10.36
C VAL N 27 -9.88 -4.92 11.49
N GLY N 28 -9.52 -3.69 11.11
CA GLY N 28 -9.39 -2.58 12.05
C GLY N 28 -10.77 -2.17 12.56
N ALA N 29 -10.85 -1.12 13.39
CA ALA N 29 -12.11 -0.75 14.02
C ALA N 29 -13.18 -0.50 12.97
N VAL N 30 -12.78 0.10 11.85
CA VAL N 30 -13.71 0.45 10.78
C VAL N 30 -14.21 -0.80 10.11
N GLY N 31 -13.29 -1.70 9.74
CA GLY N 31 -13.64 -2.95 9.08
C GLY N 31 -14.64 -3.76 9.90
N MET N 32 -14.40 -3.83 11.21
CA MET N 32 -15.22 -4.66 12.07
C MET N 32 -16.58 -4.01 12.35
N ALA N 33 -16.62 -2.68 12.34
CA ALA N 33 -17.89 -1.97 12.47
C ALA N 33 -18.74 -2.18 11.20
N CYS N 34 -18.08 -2.23 10.04
CA CYS N 34 -18.75 -2.57 8.79
C CYS N 34 -19.29 -4.00 8.89
N ALA N 35 -18.45 -4.92 9.40
CA ALA N 35 -18.81 -6.33 9.52
C ALA N 35 -20.05 -6.50 10.40
N ILE N 36 -20.02 -5.96 11.63
CA ILE N 36 -21.11 -6.15 12.57
C ILE N 36 -22.40 -5.54 12.01
N SER N 37 -22.28 -4.38 11.38
CA SER N 37 -23.42 -3.66 10.83
C SER N 37 -24.07 -4.46 9.72
N ILE N 38 -23.23 -5.04 8.84
CA ILE N 38 -23.71 -5.86 7.76
C ILE N 38 -24.32 -7.15 8.30
N LEU N 39 -23.69 -7.75 9.32
CA LEU N 39 -24.21 -8.98 9.89
C LEU N 39 -25.59 -8.77 10.48
N MET N 40 -25.80 -7.60 11.09
CA MET N 40 -27.05 -7.38 11.79
C MET N 40 -28.14 -6.86 10.86
N LYS N 41 -27.79 -6.53 9.61
CA LYS N 41 -28.79 -6.09 8.65
C LYS N 41 -29.14 -7.20 7.65
N ASP N 42 -28.53 -8.39 7.84
CA ASP N 42 -28.79 -9.60 7.07
C ASP N 42 -28.53 -9.40 5.58
N LEU N 43 -27.46 -8.67 5.23
CA LEU N 43 -27.23 -8.32 3.84
C LEU N 43 -26.49 -9.42 3.08
N ALA N 44 -25.93 -10.39 3.82
CA ALA N 44 -25.02 -11.38 3.24
C ALA N 44 -25.37 -12.79 3.69
N ASP N 45 -25.18 -13.76 2.78
CA ASP N 45 -25.28 -15.18 3.12
C ASP N 45 -23.90 -15.73 3.50
N GLU N 46 -22.86 -14.95 3.19
CA GLU N 46 -21.49 -15.29 3.56
C GLU N 46 -20.70 -14.00 3.74
N LEU N 47 -19.98 -13.91 4.86
CA LEU N 47 -19.08 -12.81 5.13
C LEU N 47 -17.66 -13.34 5.20
N ALA N 48 -16.78 -12.71 4.41
CA ALA N 48 -15.36 -13.03 4.44
C ALA N 48 -14.59 -11.83 4.96
N LEU N 49 -13.65 -12.09 5.88
CA LEU N 49 -12.75 -11.05 6.37
C LEU N 49 -11.34 -11.37 5.89
N VAL N 50 -10.62 -10.35 5.43
CA VAL N 50 -9.22 -10.51 5.07
C VAL N 50 -8.39 -9.41 5.72
N ASP N 51 -7.21 -9.79 6.19
CA ASP N 51 -6.21 -8.85 6.70
C ASP N 51 -4.85 -9.51 6.59
N VAL N 52 -3.81 -8.80 7.03
CA VAL N 52 -2.44 -9.32 7.02
C VAL N 52 -2.07 -9.80 8.42
N ILE N 53 -2.71 -9.24 9.45
CA ILE N 53 -2.44 -9.59 10.83
C ILE N 53 -3.28 -10.82 11.15
N GLU N 54 -2.59 -11.96 11.29
CA GLU N 54 -3.22 -13.26 11.26
C GLU N 54 -3.95 -13.55 12.57
N ASP N 55 -3.35 -13.14 13.69
CA ASP N 55 -3.86 -13.38 15.02
C ASP N 55 -5.19 -12.63 15.19
N LYS N 56 -5.15 -11.32 14.91
CA LYS N 56 -6.29 -10.44 15.02
C LYS N 56 -7.44 -10.92 14.15
N LEU N 57 -7.09 -11.34 12.93
CA LEU N 57 -8.03 -11.76 11.90
C LEU N 57 -8.82 -12.97 12.40
N LYS N 58 -8.09 -14.00 12.88
CA LYS N 58 -8.72 -15.22 13.35
C LYS N 58 -9.59 -14.93 14.56
N GLY N 59 -9.11 -14.05 15.46
CA GLY N 59 -9.83 -13.72 16.68
C GLY N 59 -11.17 -13.04 16.38
N GLU N 60 -11.15 -12.09 15.44
CA GLU N 60 -12.34 -11.36 15.04
C GLU N 60 -13.36 -12.33 14.44
N MET N 61 -12.90 -13.16 13.48
CA MET N 61 -13.75 -14.16 12.85
C MET N 61 -14.43 -15.01 13.93
N MET N 62 -13.64 -15.58 14.84
CA MET N 62 -14.14 -16.44 15.90
C MET N 62 -15.18 -15.73 16.77
N ASP N 63 -14.92 -14.45 17.11
CA ASP N 63 -15.84 -13.73 17.98
C ASP N 63 -17.20 -13.61 17.32
N LEU N 64 -17.20 -13.28 16.01
CA LEU N 64 -18.42 -13.17 15.24
C LEU N 64 -19.08 -14.55 15.16
N GLN N 65 -18.29 -15.59 14.89
CA GLN N 65 -18.80 -16.94 14.75
C GLN N 65 -19.53 -17.41 16.02
N HIS N 66 -19.01 -17.03 17.18
CA HIS N 66 -19.61 -17.48 18.43
C HIS N 66 -21.01 -16.90 18.63
N GLY N 67 -21.31 -15.82 17.89
CA GLY N 67 -22.60 -15.19 17.98
C GLY N 67 -23.57 -15.64 16.88
N SER N 68 -23.22 -16.72 16.16
CA SER N 68 -23.95 -17.17 14.99
C SER N 68 -25.42 -17.46 15.31
N LEU N 69 -25.66 -17.92 16.55
CA LEU N 69 -27.00 -18.25 17.00
C LEU N 69 -27.92 -17.04 16.83
N PHE N 70 -27.35 -15.84 16.95
CA PHE N 70 -28.14 -14.62 17.00
C PHE N 70 -28.09 -13.85 15.68
N LEU N 71 -27.48 -14.46 14.66
CA LEU N 71 -27.39 -13.84 13.35
C LEU N 71 -28.09 -14.71 12.31
N ARG N 72 -28.19 -14.16 11.09
CA ARG N 72 -28.79 -14.90 9.98
C ARG N 72 -27.82 -14.83 8.81
N THR N 73 -26.53 -14.81 9.12
CA THR N 73 -25.49 -15.01 8.12
C THR N 73 -24.78 -16.31 8.48
N PRO N 74 -25.05 -17.41 7.74
CA PRO N 74 -24.60 -18.73 8.16
C PRO N 74 -23.11 -19.04 7.98
N LYS N 75 -22.43 -18.27 7.13
CA LYS N 75 -21.03 -18.57 6.86
C LYS N 75 -20.17 -17.32 7.07
N ILE N 76 -19.27 -17.39 8.05
CA ILE N 76 -18.26 -16.37 8.30
C ILE N 76 -16.90 -17.03 8.15
N VAL N 77 -16.08 -16.49 7.26
CA VAL N 77 -14.75 -17.00 6.99
C VAL N 77 -13.74 -15.85 7.06
N SER N 78 -12.49 -16.21 7.30
CA SER N 78 -11.38 -15.26 7.24
C SER N 78 -10.11 -15.95 6.75
N GLY N 79 -9.16 -15.15 6.29
CA GLY N 79 -7.89 -15.65 5.82
C GLY N 79 -7.01 -14.52 5.30
N LYS N 80 -5.69 -14.71 5.39
CA LYS N 80 -4.70 -13.87 4.73
C LYS N 80 -4.82 -14.05 3.22
N ASP N 81 -5.17 -15.26 2.80
CA ASP N 81 -5.26 -15.61 1.39
C ASP N 81 -6.58 -15.11 0.85
N TYR N 82 -6.55 -14.44 -0.31
CA TYR N 82 -7.74 -13.85 -0.90
C TYR N 82 -8.68 -14.88 -1.52
N ASN N 83 -8.34 -16.16 -1.43
CA ASN N 83 -9.22 -17.17 -1.97
C ASN N 83 -10.48 -17.30 -1.11
N VAL N 84 -10.42 -16.82 0.14
CA VAL N 84 -11.60 -16.82 1.01
C VAL N 84 -12.61 -15.80 0.51
N THR N 85 -12.20 -14.98 -0.46
CA THR N 85 -12.95 -13.82 -0.95
C THR N 85 -13.77 -14.18 -2.18
N ALA N 86 -13.62 -15.41 -2.69
CA ALA N 86 -14.12 -15.78 -4.00
C ALA N 86 -15.63 -15.61 -4.11
N ASN N 87 -16.07 -15.08 -5.27
CA ASN N 87 -17.47 -14.91 -5.64
C ASN N 87 -18.19 -13.94 -4.71
N SER N 88 -17.49 -12.89 -4.29
CA SER N 88 -18.13 -11.80 -3.56
C SER N 88 -18.95 -10.96 -4.53
N LYS N 89 -20.15 -10.54 -4.09
CA LYS N 89 -20.93 -9.56 -4.82
C LYS N 89 -20.37 -8.17 -4.54
N LEU N 90 -19.90 -7.97 -3.31
CA LEU N 90 -19.45 -6.68 -2.84
C LEU N 90 -18.21 -6.89 -1.97
N VAL N 91 -17.15 -6.12 -2.29
CA VAL N 91 -15.90 -6.16 -1.55
C VAL N 91 -15.64 -4.77 -0.99
N ILE N 92 -15.57 -4.68 0.36
CA ILE N 92 -15.39 -3.41 1.03
C ILE N 92 -13.94 -3.30 1.52
N ILE N 93 -13.21 -2.30 1.01
CA ILE N 93 -11.81 -2.10 1.37
C ILE N 93 -11.72 -1.07 2.49
N THR N 94 -11.25 -1.51 3.65
CA THR N 94 -11.05 -0.62 4.80
C THR N 94 -9.60 -0.67 5.27
N ALA N 95 -8.75 -1.40 4.53
CA ALA N 95 -7.37 -1.59 4.95
C ALA N 95 -6.53 -0.38 4.56
N GLY N 96 -5.43 -0.18 5.28
CA GLY N 96 -4.52 0.93 5.00
C GLY N 96 -4.22 1.74 6.26
N ALA N 97 -3.39 2.76 6.07
CA ALA N 97 -3.06 3.68 7.15
C ALA N 97 -4.22 4.66 7.34
N ARG N 98 -4.44 5.09 8.58
CA ARG N 98 -5.50 6.05 8.87
C ARG N 98 -4.90 7.28 9.53
N GLN N 99 -5.64 8.38 9.49
CA GLN N 99 -5.11 9.66 9.91
C GLN N 99 -5.05 9.72 11.44
N GLN N 100 -3.99 10.37 11.91
CA GLN N 100 -3.89 10.73 13.32
C GLN N 100 -4.61 12.06 13.52
N GLU N 101 -4.76 12.38 14.80
CA GLU N 101 -5.31 13.66 15.26
C GLU N 101 -5.50 14.75 14.20
N GLY N 102 -4.52 15.65 14.00
CA GLY N 102 -4.67 16.77 13.10
C GLY N 102 -4.19 16.44 11.68
N GLU N 103 -4.08 15.15 11.31
CA GLU N 103 -3.52 14.74 10.04
C GLU N 103 -4.60 14.68 8.96
N SER N 104 -4.33 15.35 7.82
CA SER N 104 -5.21 15.33 6.67
C SER N 104 -5.22 13.92 6.06
N ARG N 105 -6.42 13.49 5.64
CA ARG N 105 -6.55 12.20 4.96
C ARG N 105 -5.67 12.16 3.72
N LEU N 106 -5.41 13.33 3.11
CA LEU N 106 -4.64 13.40 1.88
C LEU N 106 -3.19 12.98 2.12
N ASN N 107 -2.79 12.97 3.39
CA ASN N 107 -1.42 12.65 3.80
C ASN N 107 -1.19 11.13 3.78
N LEU N 108 -2.27 10.34 3.62
CA LEU N 108 -2.22 8.89 3.62
C LEU N 108 -1.98 8.34 2.21
N VAL N 109 -1.85 9.23 1.21
CA VAL N 109 -2.11 8.80 -0.16
C VAL N 109 -1.11 7.76 -0.64
N GLN N 110 0.19 8.04 -0.51
CA GLN N 110 1.16 7.16 -1.14
C GLN N 110 1.25 5.85 -0.39
N ARG N 111 1.09 5.88 0.93
CA ARG N 111 1.12 4.67 1.74
C ARG N 111 -0.01 3.73 1.32
N ASN N 112 -1.20 4.30 1.15
CA ASN N 112 -2.37 3.50 0.87
C ASN N 112 -2.44 3.13 -0.61
N VAL N 113 -1.86 3.94 -1.49
CA VAL N 113 -1.78 3.58 -2.90
C VAL N 113 -0.94 2.32 -3.02
N ASN N 114 0.17 2.28 -2.28
CA ASN N 114 1.06 1.12 -2.30
C ASN N 114 0.31 -0.13 -1.84
N ILE N 115 -0.50 0.02 -0.79
CA ILE N 115 -1.27 -1.08 -0.22
C ILE N 115 -2.27 -1.59 -1.26
N PHE N 116 -2.91 -0.66 -1.97
CA PHE N 116 -3.94 -0.97 -2.95
C PHE N 116 -3.37 -1.75 -4.13
N LYS N 117 -2.09 -1.48 -4.46
CA LYS N 117 -1.39 -2.21 -5.50
C LYS N 117 -1.34 -3.71 -5.22
N PHE N 118 -1.44 -4.07 -3.95
CA PHE N 118 -1.44 -5.47 -3.56
C PHE N 118 -2.88 -5.98 -3.46
N ILE N 119 -3.73 -5.18 -2.82
CA ILE N 119 -5.07 -5.61 -2.44
C ILE N 119 -5.96 -5.77 -3.67
N ILE N 120 -6.00 -4.74 -4.53
CA ILE N 120 -7.03 -4.64 -5.54
C ILE N 120 -6.92 -5.79 -6.55
N PRO N 121 -5.73 -6.10 -7.11
CA PRO N 121 -5.58 -7.22 -8.05
C PRO N 121 -5.99 -8.57 -7.46
N ASN N 122 -5.76 -8.75 -6.15
CA ASN N 122 -6.13 -9.97 -5.47
C ASN N 122 -7.64 -10.09 -5.33
N VAL N 123 -8.30 -8.98 -4.99
CA VAL N 123 -9.75 -8.94 -4.88
C VAL N 123 -10.36 -9.31 -6.23
N VAL N 124 -9.83 -8.68 -7.30
CA VAL N 124 -10.37 -8.80 -8.64
C VAL N 124 -10.15 -10.23 -9.15
N LYS N 125 -9.02 -10.82 -8.79
CA LYS N 125 -8.70 -12.18 -9.18
C LYS N 125 -9.85 -13.14 -8.79
N TYR N 126 -10.35 -13.00 -7.56
CA TYR N 126 -11.26 -14.00 -6.97
C TYR N 126 -12.73 -13.60 -7.10
N SER N 127 -13.01 -12.30 -7.30
CA SER N 127 -14.37 -11.81 -7.48
C SER N 127 -14.39 -10.79 -8.63
N PRO N 128 -14.19 -11.23 -9.89
CA PRO N 128 -14.10 -10.28 -11.01
C PRO N 128 -15.35 -9.48 -11.28
N ASN N 129 -16.50 -9.94 -10.78
CA ASN N 129 -17.77 -9.28 -11.09
C ASN N 129 -18.31 -8.55 -9.87
N CYS N 130 -17.46 -8.35 -8.86
CA CYS N 130 -17.93 -7.71 -7.65
C CYS N 130 -18.07 -6.21 -7.88
N LYS N 131 -18.76 -5.55 -6.94
CA LYS N 131 -18.66 -4.12 -6.79
C LYS N 131 -17.60 -3.87 -5.71
N LEU N 132 -16.75 -2.86 -5.97
CA LEU N 132 -15.75 -2.43 -5.03
C LEU N 132 -16.26 -1.21 -4.28
N LEU N 133 -16.34 -1.31 -2.95
CA LEU N 133 -16.68 -0.16 -2.14
C LEU N 133 -15.44 0.25 -1.34
N ILE N 134 -14.86 1.40 -1.67
CA ILE N 134 -13.63 1.88 -1.06
C ILE N 134 -13.97 2.74 0.14
N VAL N 135 -13.37 2.43 1.29
CA VAL N 135 -13.61 3.18 2.51
C VAL N 135 -12.31 3.82 3.00
N SER N 136 -11.18 3.20 2.66
CA SER N 136 -9.84 3.68 3.00
C SER N 136 -9.64 5.11 2.49
N ASN N 137 -8.82 5.87 3.22
CA ASN N 137 -8.66 7.30 2.96
C ASN N 137 -7.31 7.57 2.29
N PRO N 138 -7.16 8.64 1.47
CA PRO N 138 -8.28 9.51 1.09
C PRO N 138 -9.18 8.81 0.09
N VAL N 139 -10.45 8.65 0.46
CA VAL N 139 -11.36 7.74 -0.22
C VAL N 139 -11.56 8.15 -1.68
N ASP N 140 -11.52 9.46 -1.96
CA ASP N 140 -11.85 9.93 -3.30
C ASP N 140 -10.74 9.56 -4.27
N ILE N 141 -9.49 9.80 -3.84
CA ILE N 141 -8.34 9.44 -4.64
C ILE N 141 -8.21 7.92 -4.71
N LEU N 142 -8.42 7.24 -3.59
CA LEU N 142 -8.25 5.78 -3.55
C LEU N 142 -9.33 5.06 -4.36
N THR N 143 -10.49 5.70 -4.54
CA THR N 143 -11.53 5.15 -5.42
C THR N 143 -11.01 5.16 -6.85
N TYR N 144 -10.41 6.28 -7.24
CA TYR N 144 -9.79 6.45 -8.53
C TYR N 144 -8.69 5.40 -8.71
N VAL N 145 -7.89 5.20 -7.66
CA VAL N 145 -6.79 4.24 -7.71
C VAL N 145 -7.36 2.83 -7.91
N ALA N 146 -8.36 2.46 -7.12
CA ALA N 146 -8.98 1.15 -7.23
C ALA N 146 -9.54 0.96 -8.64
N TRP N 147 -10.02 2.04 -9.25
CA TRP N 147 -10.60 2.00 -10.58
C TRP N 147 -9.52 1.72 -11.62
N LYS N 148 -8.41 2.45 -11.53
CA LYS N 148 -7.28 2.29 -12.43
C LYS N 148 -6.70 0.88 -12.29
N ILE N 149 -6.52 0.42 -11.04
CA ILE N 149 -5.84 -0.85 -10.80
C ILE N 149 -6.72 -2.02 -11.23
N SER N 150 -7.99 -2.00 -10.81
CA SER N 150 -8.93 -3.10 -11.04
C SER N 150 -9.24 -3.32 -12.52
N GLY N 151 -9.32 -2.21 -13.28
CA GLY N 151 -9.75 -2.24 -14.68
C GLY N 151 -11.26 -2.39 -14.81
N PHE N 152 -11.98 -2.23 -13.69
CA PHE N 152 -13.42 -2.34 -13.66
C PHE N 152 -14.04 -1.14 -14.37
N PRO N 153 -15.29 -1.29 -14.89
CA PRO N 153 -16.06 -0.13 -15.34
C PRO N 153 -16.34 0.72 -14.11
N LYS N 154 -16.55 2.03 -14.32
CA LYS N 154 -16.58 2.98 -13.23
C LYS N 154 -17.81 2.78 -12.34
N ASN N 155 -18.84 2.11 -12.87
CA ASN N 155 -20.05 1.89 -12.09
C ASN N 155 -19.80 0.90 -10.94
N ARG N 156 -18.75 0.08 -11.07
CA ARG N 156 -18.48 -0.95 -10.07
C ARG N 156 -17.36 -0.55 -9.11
N VAL N 157 -16.98 0.73 -9.11
CA VAL N 157 -16.00 1.21 -8.14
C VAL N 157 -16.58 2.44 -7.44
N ILE N 158 -16.92 2.26 -6.16
CA ILE N 158 -17.68 3.22 -5.38
C ILE N 158 -16.86 3.58 -4.14
N GLY N 159 -16.68 4.88 -3.88
CA GLY N 159 -16.07 5.32 -2.63
C GLY N 159 -17.14 5.73 -1.63
N SER N 160 -16.96 5.36 -0.36
CA SER N 160 -17.94 5.67 0.68
C SER N 160 -18.21 7.17 0.71
N GLY N 161 -17.19 7.95 0.33
CA GLY N 161 -17.33 9.36 0.02
C GLY N 161 -18.00 10.14 1.15
N CYS N 162 -18.99 10.97 0.77
CA CYS N 162 -19.62 11.88 1.71
C CYS N 162 -20.93 11.35 2.26
N ASN N 163 -21.17 10.03 2.14
CA ASN N 163 -22.37 9.43 2.70
C ASN N 163 -22.38 9.72 4.20
N LEU N 164 -21.22 9.60 4.84
CA LEU N 164 -21.11 9.84 6.27
C LEU N 164 -21.19 11.33 6.59
N ASP N 165 -20.54 12.16 5.78
CA ASP N 165 -20.55 13.61 5.97
C ASP N 165 -21.99 14.13 5.95
N SER N 166 -22.76 13.63 4.97
CA SER N 166 -24.15 14.02 4.82
C SER N 166 -24.97 13.54 6.02
N ALA N 167 -24.66 12.33 6.51
CA ALA N 167 -25.32 11.75 7.67
C ALA N 167 -25.09 12.61 8.91
N ARG N 168 -23.83 13.03 9.10
CA ARG N 168 -23.47 13.92 10.19
C ARG N 168 -24.21 15.25 10.05
N PHE N 169 -24.21 15.78 8.83
CA PHE N 169 -24.85 17.04 8.51
C PHE N 169 -26.32 17.00 8.92
N ARG N 170 -26.99 15.92 8.54
CA ARG N 170 -28.41 15.76 8.80
C ARG N 170 -28.67 15.55 10.29
N TYR N 171 -27.72 14.91 10.98
CA TYR N 171 -27.83 14.73 12.42
C TYR N 171 -27.85 16.09 13.10
N LEU N 172 -26.89 16.94 12.74
CA LEU N 172 -26.72 18.26 13.34
C LEU N 172 -27.88 19.16 12.94
N MET N 173 -28.33 19.08 11.69
CA MET N 173 -29.50 19.80 11.20
C MET N 173 -30.68 19.45 12.11
N GLY N 174 -30.87 18.14 12.33
CA GLY N 174 -31.96 17.64 13.15
C GLY N 174 -31.90 18.13 14.59
N GLU N 175 -30.70 18.22 15.14
CA GLU N 175 -30.47 18.69 16.50
C GLU N 175 -30.98 20.11 16.63
N ARG N 176 -30.65 20.94 15.64
CA ARG N 176 -31.03 22.34 15.65
C ARG N 176 -32.53 22.50 15.49
N LEU N 177 -33.16 21.66 14.66
CA LEU N 177 -34.55 21.89 14.27
C LEU N 177 -35.54 21.10 15.13
N GLY N 178 -35.05 20.11 15.90
CA GLY N 178 -35.90 19.25 16.71
C GLY N 178 -36.65 18.23 15.85
N VAL N 179 -36.00 17.77 14.79
CA VAL N 179 -36.56 16.83 13.83
C VAL N 179 -35.60 15.65 13.70
N HIS N 180 -36.14 14.45 13.52
CA HIS N 180 -35.29 13.28 13.28
C HIS N 180 -34.49 13.52 12.00
N PRO N 181 -33.20 13.12 11.97
CA PRO N 181 -32.38 13.27 10.77
C PRO N 181 -33.02 12.71 9.50
N LEU N 182 -33.87 11.69 9.66
CA LEU N 182 -34.53 11.05 8.53
C LEU N 182 -35.38 12.08 7.78
N SER N 183 -35.91 13.07 8.51
CA SER N 183 -36.79 14.07 7.94
C SER N 183 -36.06 15.38 7.62
N CYS N 184 -34.74 15.42 7.88
CA CYS N 184 -33.89 16.56 7.55
C CYS N 184 -33.03 16.24 6.33
N HIS N 185 -33.12 17.08 5.30
CA HIS N 185 -32.46 16.80 4.04
C HIS N 185 -31.43 17.88 3.75
N GLY N 186 -30.30 17.45 3.18
CA GLY N 186 -29.15 18.30 2.95
C GLY N 186 -27.93 17.48 2.54
N TRP N 187 -27.19 17.96 1.56
CA TRP N 187 -26.13 17.19 0.93
C TRP N 187 -24.79 17.88 1.16
N VAL N 188 -23.80 17.08 1.56
CA VAL N 188 -22.41 17.49 1.56
C VAL N 188 -21.71 16.73 0.45
N LEU N 189 -21.14 17.45 -0.52
CA LEU N 189 -20.56 16.85 -1.71
C LEU N 189 -19.07 17.17 -1.83
N GLY N 190 -18.43 16.60 -2.86
CA GLY N 190 -17.01 16.84 -3.11
C GLY N 190 -16.11 15.87 -2.33
N GLU N 191 -15.01 16.41 -1.79
CA GLU N 191 -14.04 15.62 -1.04
C GLU N 191 -14.65 15.23 0.31
N HIS N 192 -14.47 13.94 0.65
CA HIS N 192 -14.67 13.52 2.02
C HIS N 192 -13.45 14.02 2.80
N GLY N 193 -13.55 15.27 3.26
CA GLY N 193 -12.41 15.92 3.89
C GLY N 193 -12.69 17.41 4.02
N ASP N 194 -11.58 18.17 4.12
CA ASP N 194 -11.62 19.56 4.51
C ASP N 194 -12.30 20.42 3.44
N SER N 195 -12.30 19.99 2.18
CA SER N 195 -12.85 20.80 1.09
C SER N 195 -14.26 20.35 0.69
N SER N 196 -14.98 19.72 1.62
CA SER N 196 -16.36 19.32 1.33
C SER N 196 -17.24 20.55 1.11
N VAL N 197 -18.30 20.36 0.31
CA VAL N 197 -19.18 21.44 -0.09
C VAL N 197 -20.58 21.17 0.44
N PRO N 198 -21.10 21.98 1.39
CA PRO N 198 -22.50 21.89 1.83
C PRO N 198 -23.41 22.60 0.83
N VAL N 199 -24.42 21.89 0.35
CA VAL N 199 -25.33 22.41 -0.65
C VAL N 199 -26.52 23.05 0.07
N TRP N 200 -26.32 24.32 0.45
CA TRP N 200 -27.31 25.12 1.16
C TRP N 200 -28.61 25.22 0.37
N SER N 201 -28.48 25.27 -0.96
CA SER N 201 -29.62 25.43 -1.85
C SER N 201 -30.60 24.25 -1.75
N GLY N 202 -30.09 23.09 -1.31
CA GLY N 202 -30.84 21.85 -1.28
C GLY N 202 -31.42 21.50 0.10
N MET N 203 -30.99 22.23 1.13
CA MET N 203 -31.37 21.94 2.50
C MET N 203 -32.86 22.20 2.69
N ASN N 204 -33.57 21.20 3.23
CA ASN N 204 -35.01 21.32 3.36
C ASN N 204 -35.56 20.36 4.42
N VAL N 205 -36.73 20.71 4.96
CA VAL N 205 -37.56 19.81 5.75
C VAL N 205 -38.93 19.80 5.08
N ALA N 206 -39.48 18.59 4.86
CA ALA N 206 -40.79 18.40 4.27
C ALA N 206 -40.94 19.18 2.96
N GLY N 207 -39.83 19.33 2.22
CA GLY N 207 -39.84 19.95 0.91
C GLY N 207 -39.76 21.48 0.96
N VAL N 208 -39.67 22.03 2.18
CA VAL N 208 -39.61 23.47 2.36
C VAL N 208 -38.14 23.89 2.36
N SER N 209 -37.73 24.66 1.35
CA SER N 209 -36.35 25.14 1.23
C SER N 209 -35.98 26.05 2.39
N LEU N 210 -34.92 25.68 3.12
CA LEU N 210 -34.47 26.44 4.27
C LEU N 210 -33.83 27.74 3.84
N LYS N 211 -33.17 27.72 2.67
CA LYS N 211 -32.53 28.93 2.12
C LYS N 211 -33.59 29.95 1.72
N THR N 212 -34.74 29.47 1.24
CA THR N 212 -35.88 30.31 0.91
C THR N 212 -36.39 31.02 2.17
N LEU N 213 -36.52 30.26 3.25
CA LEU N 213 -37.01 30.77 4.53
C LEU N 213 -35.99 31.73 5.14
N HIS N 214 -34.70 31.45 4.90
CA HIS N 214 -33.61 32.11 5.60
C HIS N 214 -32.46 32.31 4.62
N PRO N 215 -32.50 33.40 3.81
CA PRO N 215 -31.51 33.60 2.75
C PRO N 215 -30.07 33.71 3.22
N ASP N 216 -29.88 34.06 4.50
CA ASP N 216 -28.54 34.17 5.05
C ASP N 216 -27.89 32.80 5.26
N LEU N 217 -28.70 31.73 5.19
CA LEU N 217 -28.25 30.37 5.45
C LEU N 217 -26.96 30.08 4.65
N GLY N 218 -25.90 29.73 5.37
CA GLY N 218 -24.64 29.31 4.76
C GLY N 218 -23.62 30.44 4.59
N THR N 219 -24.04 31.69 4.84
CA THR N 219 -23.14 32.80 4.65
C THR N 219 -22.57 33.23 6.00
N ASP N 220 -21.58 34.12 5.96
CA ASP N 220 -20.91 34.66 7.12
C ASP N 220 -21.84 35.64 7.85
N LYS N 221 -22.77 36.28 7.09
CA LYS N 221 -23.66 37.25 7.67
C LYS N 221 -24.70 36.58 8.56
N ASP N 222 -24.92 35.27 8.35
CA ASP N 222 -25.93 34.48 9.03
C ASP N 222 -25.87 34.62 10.54
N LYS N 223 -26.92 35.24 11.10
CA LYS N 223 -27.07 35.45 12.54
C LYS N 223 -27.10 34.09 13.27
N GLU N 224 -27.61 33.08 12.59
CA GLU N 224 -27.80 31.76 13.19
C GLU N 224 -26.58 30.87 12.99
N GLN N 225 -25.67 31.30 12.10
CA GLN N 225 -24.38 30.65 11.92
C GLN N 225 -24.57 29.20 11.46
N TRP N 226 -25.34 29.01 10.39
CA TRP N 226 -25.53 27.67 9.88
C TRP N 226 -24.25 27.12 9.24
N LYS N 227 -23.34 28.02 8.88
CA LYS N 227 -22.07 27.63 8.30
C LYS N 227 -21.30 26.74 9.28
N GLU N 228 -21.54 26.96 10.56
CA GLU N 228 -20.89 26.22 11.65
C GLU N 228 -21.31 24.75 11.64
N VAL N 229 -22.51 24.46 11.14
CA VAL N 229 -22.94 23.07 11.03
C VAL N 229 -22.00 22.32 10.09
N HIS N 230 -21.66 22.94 8.95
CA HIS N 230 -20.74 22.31 8.03
C HIS N 230 -19.34 22.23 8.64
N LYS N 231 -18.97 23.26 9.42
CA LYS N 231 -17.65 23.27 10.01
C LYS N 231 -17.50 22.09 10.96
N GLN N 232 -18.62 21.77 11.62
CA GLN N 232 -18.66 20.67 12.55
C GLN N 232 -18.58 19.34 11.81
N VAL N 233 -19.07 19.34 10.56
CA VAL N 233 -19.01 18.14 9.75
C VAL N 233 -17.56 17.83 9.39
N VAL N 234 -16.85 18.87 8.93
CA VAL N 234 -15.45 18.75 8.55
C VAL N 234 -14.64 18.28 9.76
N GLU N 235 -15.01 18.78 10.94
CA GLU N 235 -14.19 18.61 12.13
C GLU N 235 -14.56 17.35 12.93
N SER N 236 -15.66 16.70 12.56
CA SER N 236 -16.20 15.55 13.28
C SER N 236 -15.13 14.48 13.46
N ALA N 237 -14.57 14.02 12.34
CA ALA N 237 -13.60 12.92 12.35
C ALA N 237 -12.46 13.24 13.31
N TYR N 238 -11.95 14.47 13.21
CA TYR N 238 -10.82 14.89 14.02
C TYR N 238 -11.22 14.94 15.49
N GLU N 239 -12.43 15.40 15.77
CA GLU N 239 -12.84 15.54 17.16
C GLU N 239 -13.08 14.16 17.77
N VAL N 240 -13.68 13.24 17.02
CA VAL N 240 -13.91 11.90 17.55
C VAL N 240 -12.55 11.23 17.74
N ILE N 241 -11.64 11.38 16.77
CA ILE N 241 -10.29 10.83 16.87
C ILE N 241 -9.63 11.36 18.14
N LYS N 242 -9.74 12.67 18.35
CA LYS N 242 -9.16 13.33 19.51
C LYS N 242 -9.73 12.69 20.79
N LEU N 243 -11.03 12.36 20.78
CA LEU N 243 -11.70 11.94 22.01
C LEU N 243 -11.53 10.45 22.28
N LYS N 244 -11.61 9.60 21.23
CA LYS N 244 -11.61 8.16 21.46
C LYS N 244 -10.53 7.43 20.64
N GLY N 245 -9.80 8.16 19.80
CA GLY N 245 -8.64 7.61 19.12
C GLY N 245 -8.93 7.24 17.66
N TYR N 246 -10.20 7.02 17.33
CA TYR N 246 -10.58 6.61 15.99
C TYR N 246 -12.08 6.84 15.82
N THR N 247 -12.58 6.70 14.60
CA THR N 247 -14.02 6.61 14.38
C THR N 247 -14.33 5.21 13.86
N SER N 248 -15.50 4.68 14.23
CA SER N 248 -15.85 3.32 13.84
C SER N 248 -17.34 3.17 13.55
N TRP N 249 -18.18 3.53 14.52
CA TRP N 249 -19.58 3.15 14.46
C TRP N 249 -20.31 3.84 13.31
N ALA N 250 -20.07 5.15 13.15
CA ALA N 250 -20.78 5.95 12.16
C ALA N 250 -20.42 5.52 10.74
N ILE N 251 -19.11 5.33 10.50
CA ILE N 251 -18.65 4.90 9.20
C ILE N 251 -19.16 3.49 8.90
N GLY N 252 -19.22 2.65 9.95
CA GLY N 252 -19.70 1.29 9.82
C GLY N 252 -21.14 1.25 9.34
N LEU N 253 -21.99 2.02 10.02
CA LEU N 253 -23.40 2.12 9.68
C LEU N 253 -23.55 2.72 8.28
N SER N 254 -22.73 3.74 7.97
CA SER N 254 -22.79 4.40 6.68
C SER N 254 -22.50 3.41 5.55
N VAL N 255 -21.51 2.54 5.77
CA VAL N 255 -21.07 1.54 4.80
C VAL N 255 -22.15 0.47 4.63
N ALA N 256 -22.80 0.07 5.74
CA ALA N 256 -23.87 -0.93 5.66
C ALA N 256 -25.06 -0.34 4.91
N ASP N 257 -25.23 0.98 5.05
CA ASP N 257 -26.27 1.69 4.34
C ASP N 257 -26.06 1.56 2.84
N LEU N 258 -24.82 1.75 2.41
CA LEU N 258 -24.48 1.65 0.99
C LEU N 258 -24.61 0.20 0.54
N ALA N 259 -24.12 -0.73 1.36
CA ALA N 259 -24.19 -2.16 1.08
C ALA N 259 -25.64 -2.58 0.87
N GLU N 260 -26.54 -2.05 1.70
CA GLU N 260 -27.96 -2.39 1.63
C GLU N 260 -28.53 -2.02 0.27
N SER N 261 -28.19 -0.82 -0.21
CA SER N 261 -28.69 -0.35 -1.49
C SER N 261 -28.14 -1.18 -2.64
N ILE N 262 -26.88 -1.58 -2.53
CA ILE N 262 -26.25 -2.37 -3.58
C ILE N 262 -26.86 -3.78 -3.60
N MET N 263 -26.86 -4.46 -2.45
CA MET N 263 -27.26 -5.85 -2.34
C MET N 263 -28.74 -6.05 -2.69
N LYS N 264 -29.58 -5.08 -2.29
CA LYS N 264 -31.02 -5.22 -2.48
C LYS N 264 -31.50 -4.46 -3.72
N ASN N 265 -30.57 -3.86 -4.48
CA ASN N 265 -30.83 -3.18 -5.74
C ASN N 265 -31.92 -2.11 -5.56
N LEU N 266 -31.78 -1.30 -4.50
CA LEU N 266 -32.82 -0.36 -4.10
C LEU N 266 -32.96 0.82 -5.06
N ARG N 267 -31.84 1.24 -5.68
CA ARG N 267 -31.82 2.44 -6.50
C ARG N 267 -32.14 3.66 -5.64
N ARG N 268 -31.59 3.67 -4.42
CA ARG N 268 -31.59 4.85 -3.58
C ARG N 268 -30.45 5.77 -3.99
N VAL N 269 -30.56 7.04 -3.57
CA VAL N 269 -29.58 8.04 -3.92
C VAL N 269 -28.67 8.29 -2.72
N HIS N 270 -27.35 8.16 -2.93
CA HIS N 270 -26.35 8.37 -1.90
C HIS N 270 -25.23 9.23 -2.46
N PRO N 271 -24.63 10.13 -1.64
CA PRO N 271 -23.48 10.91 -2.08
C PRO N 271 -22.21 10.08 -1.89
N VAL N 272 -21.69 9.54 -3.00
CA VAL N 272 -20.59 8.57 -2.96
C VAL N 272 -19.56 8.99 -4.00
N SER N 273 -18.31 8.53 -3.84
CA SER N 273 -17.23 8.95 -4.73
C SER N 273 -17.34 8.23 -6.06
N THR N 274 -17.36 9.02 -7.13
CA THR N 274 -17.40 8.48 -8.47
C THR N 274 -16.74 9.46 -9.42
N MET N 275 -16.53 9.01 -10.65
CA MET N 275 -15.89 9.88 -11.62
C MET N 275 -16.89 10.95 -12.07
N ILE N 276 -16.49 12.22 -11.96
CA ILE N 276 -17.36 13.34 -12.28
C ILE N 276 -16.86 14.12 -13.49
N LYS N 277 -15.87 13.58 -14.20
CA LYS N 277 -15.41 14.16 -15.45
C LYS N 277 -16.62 14.50 -16.33
N GLY N 278 -16.64 15.74 -16.86
CA GLY N 278 -17.69 16.23 -17.73
C GLY N 278 -18.80 16.99 -17.00
N LEU N 279 -18.79 16.99 -15.66
CA LEU N 279 -19.76 17.73 -14.89
C LEU N 279 -19.08 18.93 -14.23
N TYR N 280 -19.83 20.05 -14.16
CA TYR N 280 -19.40 21.27 -13.50
C TYR N 280 -18.07 21.76 -14.02
N GLY N 281 -17.79 21.47 -15.31
CA GLY N 281 -16.62 21.97 -16.01
C GLY N 281 -15.32 21.28 -15.58
N ILE N 282 -15.45 20.15 -14.87
CA ILE N 282 -14.30 19.34 -14.53
C ILE N 282 -13.95 18.49 -15.75
N LYS N 283 -12.68 18.52 -16.17
CA LYS N 283 -12.26 17.92 -17.43
C LYS N 283 -11.35 16.71 -17.20
N ASP N 284 -10.96 16.47 -15.93
CA ASP N 284 -10.01 15.42 -15.63
C ASP N 284 -10.72 14.25 -14.96
N ASP N 285 -9.95 13.17 -14.74
CA ASP N 285 -10.48 11.92 -14.20
C ASP N 285 -10.61 12.03 -12.69
N VAL N 286 -11.32 13.05 -12.19
CA VAL N 286 -11.41 13.26 -10.76
C VAL N 286 -12.57 12.43 -10.23
N PHE N 287 -12.35 11.79 -9.08
CA PHE N 287 -13.43 11.18 -8.34
C PHE N 287 -13.78 12.04 -7.14
N LEU N 288 -15.06 12.35 -6.98
CA LEU N 288 -15.54 12.89 -5.72
C LEU N 288 -17.02 12.56 -5.56
N SER N 289 -17.58 13.01 -4.43
CA SER N 289 -18.95 12.66 -4.09
C SER N 289 -19.96 13.58 -4.78
N VAL N 290 -20.88 12.95 -5.52
CA VAL N 290 -22.10 13.56 -6.01
C VAL N 290 -23.22 12.55 -5.70
N PRO N 291 -24.51 12.95 -5.69
CA PRO N 291 -25.60 12.00 -5.43
C PRO N 291 -25.69 11.01 -6.59
N CYS N 292 -25.60 9.72 -6.24
CA CYS N 292 -25.63 8.65 -7.22
C CYS N 292 -26.75 7.68 -6.89
N ILE N 293 -27.33 7.07 -7.94
CA ILE N 293 -28.30 6.00 -7.79
C ILE N 293 -27.53 4.68 -7.64
N LEU N 294 -27.79 4.00 -6.52
CA LEU N 294 -27.05 2.81 -6.14
C LEU N 294 -27.93 1.58 -6.23
N GLY N 295 -27.41 0.58 -6.94
CA GLY N 295 -28.10 -0.69 -7.07
C GLY N 295 -27.12 -1.82 -7.32
N GLN N 296 -27.64 -2.93 -7.87
CA GLN N 296 -26.90 -4.16 -7.99
C GLN N 296 -25.79 -4.06 -9.02
N ASN N 297 -25.76 -3.01 -9.84
CA ASN N 297 -24.66 -2.78 -10.76
C ASN N 297 -23.77 -1.64 -10.26
N GLY N 298 -23.94 -1.28 -8.98
CA GLY N 298 -23.22 -0.17 -8.39
C GLY N 298 -23.89 1.16 -8.73
N ILE N 299 -23.10 2.10 -9.23
CA ILE N 299 -23.61 3.42 -9.58
C ILE N 299 -24.12 3.35 -11.02
N SER N 300 -25.45 3.35 -11.17
CA SER N 300 -26.06 3.29 -12.48
C SER N 300 -26.27 4.69 -13.06
N ASP N 301 -26.38 5.69 -12.18
CA ASP N 301 -26.76 7.04 -12.56
C ASP N 301 -26.21 8.03 -11.55
N LEU N 302 -25.99 9.27 -12.03
CA LEU N 302 -25.67 10.42 -11.17
C LEU N 302 -26.86 11.38 -11.23
N VAL N 303 -27.15 12.01 -10.08
CA VAL N 303 -28.05 13.14 -10.08
C VAL N 303 -27.20 14.38 -10.36
N LYS N 304 -27.68 15.18 -11.32
CA LYS N 304 -26.98 16.40 -11.69
C LYS N 304 -27.52 17.53 -10.83
N VAL N 305 -26.95 17.68 -9.64
CA VAL N 305 -27.44 18.68 -8.69
C VAL N 305 -27.19 20.06 -9.28
N THR N 306 -28.17 20.94 -9.15
CA THR N 306 -27.98 22.35 -9.46
C THR N 306 -27.29 23.04 -8.29
N LEU N 307 -26.18 23.70 -8.60
CA LEU N 307 -25.37 24.37 -7.58
C LEU N 307 -25.38 25.88 -7.81
N THR N 308 -25.38 26.64 -6.72
CA THR N 308 -25.09 28.06 -6.84
C THR N 308 -23.67 28.19 -7.38
N SER N 309 -23.37 29.33 -8.02
CA SER N 309 -22.06 29.56 -8.59
C SER N 309 -20.95 29.37 -7.54
N GLU N 310 -21.26 29.73 -6.28
CA GLU N 310 -20.29 29.57 -5.21
C GLU N 310 -20.15 28.09 -4.83
N GLU N 311 -21.29 27.40 -4.68
CA GLU N 311 -21.30 25.97 -4.40
C GLU N 311 -20.52 25.25 -5.50
N GLU N 312 -20.71 25.67 -6.75
CA GLU N 312 -20.00 25.06 -7.87
C GLU N 312 -18.51 25.42 -7.81
N ALA N 313 -18.21 26.65 -7.42
CA ALA N 313 -16.82 27.08 -7.28
C ALA N 313 -16.09 26.23 -6.25
N ARG N 314 -16.77 25.96 -5.11
CA ARG N 314 -16.21 25.16 -4.03
C ARG N 314 -15.95 23.73 -4.49
N LEU N 315 -16.86 23.19 -5.32
CA LEU N 315 -16.73 21.84 -5.84
C LEU N 315 -15.59 21.75 -6.85
N LYS N 316 -15.40 22.80 -7.64
CA LYS N 316 -14.29 22.84 -8.59
C LYS N 316 -12.97 22.94 -7.85
N LYS N 317 -12.98 23.64 -6.71
CA LYS N 317 -11.83 23.79 -5.84
C LYS N 317 -11.44 22.42 -5.23
N SER N 318 -12.47 21.70 -4.79
CA SER N 318 -12.32 20.36 -4.24
C SER N 318 -11.71 19.46 -5.33
N ALA N 319 -12.25 19.58 -6.55
CA ALA N 319 -11.79 18.80 -7.69
C ALA N 319 -10.32 19.07 -7.97
N ASP N 320 -9.92 20.35 -7.93
CA ASP N 320 -8.56 20.76 -8.23
C ASP N 320 -7.59 20.17 -7.20
N THR N 321 -7.93 20.32 -5.92
CA THR N 321 -7.12 19.78 -4.83
C THR N 321 -6.83 18.31 -5.11
N LEU N 322 -7.90 17.55 -5.41
CA LEU N 322 -7.81 16.12 -5.57
C LEU N 322 -6.99 15.77 -6.81
N TRP N 323 -7.27 16.48 -7.91
CA TRP N 323 -6.58 16.22 -9.16
C TRP N 323 -5.09 16.52 -9.03
N GLY N 324 -4.77 17.55 -8.24
CA GLY N 324 -3.38 17.90 -7.98
C GLY N 324 -2.60 16.71 -7.45
N ILE N 325 -3.22 15.92 -6.57
CA ILE N 325 -2.54 14.79 -5.98
C ILE N 325 -2.59 13.60 -6.95
N GLN N 326 -3.75 13.44 -7.61
CA GLN N 326 -3.99 12.33 -8.50
C GLN N 326 -3.00 12.30 -9.65
N LYS N 327 -2.71 13.47 -10.21
CA LYS N 327 -1.85 13.56 -11.39
C LYS N 327 -0.44 13.07 -11.07
N GLU N 328 -0.04 13.15 -9.80
CA GLU N 328 1.32 12.78 -9.44
C GLU N 328 1.49 11.29 -9.22
N LEU N 329 0.39 10.52 -9.29
CA LEU N 329 0.27 9.11 -9.75
C LEU N 329 1.29 8.14 -9.20
N GLN N 330 2.53 8.24 -9.70
CA GLN N 330 3.63 7.34 -9.44
C GLN N 330 3.23 5.92 -9.08
N PHE N 331 3.05 5.10 -10.11
CA PHE N 331 2.42 3.80 -10.00
C PHE N 331 3.48 2.67 -10.10
N ALA O 1 -35.25 15.89 -23.04
CA ALA O 1 -36.55 16.59 -23.14
C ALA O 1 -37.30 16.43 -21.82
N THR O 2 -37.41 15.18 -21.34
CA THR O 2 -38.26 14.87 -20.20
C THR O 2 -37.62 15.40 -18.91
N LEU O 3 -38.43 15.50 -17.83
CA LEU O 3 -37.94 15.93 -16.54
C LEU O 3 -36.86 14.96 -16.05
N LYS O 4 -37.08 13.66 -16.25
CA LYS O 4 -36.16 12.62 -15.84
C LYS O 4 -34.80 12.85 -16.48
N ASP O 5 -34.80 13.19 -17.79
CA ASP O 5 -33.56 13.40 -18.55
C ASP O 5 -32.88 14.71 -18.17
N GLN O 6 -33.68 15.74 -17.84
CA GLN O 6 -33.13 17.00 -17.40
C GLN O 6 -32.43 16.80 -16.05
N LEU O 7 -32.96 15.90 -15.22
CA LEU O 7 -32.49 15.76 -13.85
C LEU O 7 -31.36 14.74 -13.77
N ILE O 8 -31.45 13.67 -14.57
CA ILE O 8 -30.59 12.51 -14.39
C ILE O 8 -29.85 12.21 -15.69
N TYR O 9 -28.52 12.12 -15.57
CA TYR O 9 -27.66 11.69 -16.65
C TYR O 9 -27.35 10.22 -16.42
N ASN O 10 -27.56 9.43 -17.47
CA ASN O 10 -27.43 7.97 -17.48
C ASN O 10 -26.01 7.60 -17.90
N LEU O 11 -25.39 6.71 -17.12
CA LEU O 11 -24.11 6.13 -17.44
C LEU O 11 -24.30 4.78 -18.16
N LEU O 12 -25.31 4.05 -17.75
CA LEU O 12 -25.37 2.63 -18.04
C LEU O 12 -26.74 2.24 -18.62
N LYS O 13 -26.71 1.53 -19.76
CA LYS O 13 -27.73 1.65 -20.77
C LYS O 13 -28.78 0.58 -20.52
N GLU O 14 -28.74 -0.02 -19.33
CA GLU O 14 -29.63 -1.11 -18.97
C GLU O 14 -29.75 -1.26 -17.44
N GLU O 15 -30.72 -2.07 -17.01
CA GLU O 15 -30.79 -2.70 -15.71
C GLU O 15 -31.43 -4.09 -15.93
N GLN O 16 -31.25 -5.01 -14.98
CA GLN O 16 -31.28 -6.42 -15.32
C GLN O 16 -31.93 -7.31 -14.27
N THR O 17 -31.66 -8.57 -14.48
CA THR O 17 -31.97 -9.84 -13.86
C THR O 17 -32.11 -9.81 -12.34
N PRO O 18 -33.23 -10.31 -11.78
CA PRO O 18 -33.40 -10.40 -10.33
C PRO O 18 -32.44 -11.43 -9.73
N GLN O 19 -31.95 -11.14 -8.55
CA GLN O 19 -30.97 -12.00 -7.89
C GLN O 19 -31.67 -12.87 -6.85
N ASN O 20 -32.84 -12.42 -6.34
CA ASN O 20 -33.48 -13.08 -5.23
C ASN O 20 -35.00 -13.01 -5.41
N LYS O 21 -35.47 -13.54 -6.54
CA LYS O 21 -36.87 -13.38 -6.90
C LYS O 21 -37.72 -14.53 -6.35
N ILE O 22 -38.89 -14.15 -5.81
CA ILE O 22 -39.87 -15.12 -5.36
C ILE O 22 -41.17 -14.90 -6.13
N THR O 23 -41.76 -16.01 -6.57
CA THR O 23 -43.06 -16.00 -7.20
C THR O 23 -44.08 -16.68 -6.29
N VAL O 24 -45.25 -16.04 -6.14
CA VAL O 24 -46.38 -16.67 -5.49
C VAL O 24 -47.46 -16.88 -6.55
N VAL O 25 -47.82 -18.15 -6.77
CA VAL O 25 -48.88 -18.52 -7.68
C VAL O 25 -50.15 -18.69 -6.85
N GLY O 26 -51.21 -17.96 -7.22
CA GLY O 26 -52.46 -17.91 -6.47
C GLY O 26 -52.51 -16.70 -5.54
N VAL O 27 -53.49 -15.80 -5.74
CA VAL O 27 -53.62 -14.60 -4.92
C VAL O 27 -54.91 -14.66 -4.10
N GLY O 28 -55.27 -15.89 -3.68
CA GLY O 28 -56.27 -16.10 -2.65
C GLY O 28 -55.74 -15.66 -1.30
N ALA O 29 -56.52 -15.84 -0.22
CA ALA O 29 -56.12 -15.34 1.09
C ALA O 29 -54.75 -15.89 1.49
N VAL O 30 -54.50 -17.16 1.13
CA VAL O 30 -53.27 -17.83 1.51
C VAL O 30 -52.11 -17.23 0.73
N GLY O 31 -52.27 -17.10 -0.59
CA GLY O 31 -51.25 -16.53 -1.45
C GLY O 31 -50.81 -15.14 -1.00
N MET O 32 -51.80 -14.32 -0.63
CA MET O 32 -51.51 -12.94 -0.28
C MET O 32 -50.92 -12.84 1.12
N ALA O 33 -51.26 -13.78 2.01
CA ALA O 33 -50.63 -13.83 3.32
C ALA O 33 -49.17 -14.25 3.20
N CYS O 34 -48.88 -15.15 2.25
CA CYS O 34 -47.51 -15.52 1.92
C CYS O 34 -46.78 -14.29 1.39
N ALA O 35 -47.43 -13.54 0.48
CA ALA O 35 -46.85 -12.37 -0.15
C ALA O 35 -46.47 -11.32 0.91
N ILE O 36 -47.43 -10.92 1.75
CA ILE O 36 -47.19 -9.87 2.73
C ILE O 36 -46.09 -10.29 3.71
N SER O 37 -46.12 -11.56 4.11
CA SER O 37 -45.16 -12.11 5.08
C SER O 37 -43.76 -12.07 4.50
N ILE O 38 -43.63 -12.45 3.22
CA ILE O 38 -42.35 -12.44 2.53
C ILE O 38 -41.89 -11.00 2.33
N LEU O 39 -42.81 -10.09 1.97
CA LEU O 39 -42.45 -8.70 1.75
C LEU O 39 -41.91 -8.09 3.03
N MET O 40 -42.48 -8.46 4.18
CA MET O 40 -42.10 -7.80 5.41
C MET O 40 -40.88 -8.46 6.04
N LYS O 41 -40.44 -9.60 5.50
CA LYS O 41 -39.23 -10.25 6.02
C LYS O 41 -38.03 -10.01 5.10
N ASP O 42 -38.22 -9.22 4.04
CA ASP O 42 -37.20 -8.76 3.11
C ASP O 42 -36.50 -9.94 2.42
N LEU O 43 -37.25 -10.98 2.05
CA LEU O 43 -36.65 -12.21 1.54
C LEU O 43 -36.38 -12.12 0.03
N ALA O 44 -36.98 -11.12 -0.63
CA ALA O 44 -36.98 -11.03 -2.08
C ALA O 44 -36.61 -9.64 -2.57
N ASP O 45 -35.90 -9.57 -3.70
CA ASP O 45 -35.62 -8.32 -4.40
C ASP O 45 -36.67 -8.09 -5.48
N GLU O 46 -37.44 -9.15 -5.77
CA GLU O 46 -38.55 -9.06 -6.72
C GLU O 46 -39.61 -10.08 -6.32
N LEU O 47 -40.86 -9.64 -6.25
CA LEU O 47 -42.00 -10.52 -6.00
C LEU O 47 -42.90 -10.50 -7.22
N ALA O 48 -43.20 -11.71 -7.72
CA ALA O 48 -44.14 -11.87 -8.81
C ALA O 48 -45.37 -12.61 -8.30
N LEU O 49 -46.56 -12.12 -8.68
CA LEU O 49 -47.81 -12.79 -8.38
C LEU O 49 -48.41 -13.28 -9.69
N VAL O 50 -48.94 -14.52 -9.69
CA VAL O 50 -49.66 -15.04 -10.84
C VAL O 50 -50.98 -15.64 -10.39
N ASP O 51 -52.02 -15.41 -11.19
CA ASP O 51 -53.32 -16.04 -11.01
C ASP O 51 -54.04 -16.03 -12.36
N VAL O 52 -55.27 -16.56 -12.37
CA VAL O 52 -56.08 -16.61 -13.57
C VAL O 52 -57.10 -15.47 -13.54
N ILE O 53 -57.47 -15.01 -12.34
CA ILE O 53 -58.44 -13.94 -12.18
C ILE O 53 -57.67 -12.63 -12.31
N GLU O 54 -57.89 -11.93 -13.43
CA GLU O 54 -57.02 -10.85 -13.84
C GLU O 54 -57.28 -9.59 -13.04
N ASP O 55 -58.56 -9.33 -12.72
CA ASP O 55 -58.92 -8.14 -11.96
C ASP O 55 -58.36 -8.19 -10.56
N LYS O 56 -58.61 -9.31 -9.86
CA LYS O 56 -58.15 -9.53 -8.51
C LYS O 56 -56.62 -9.43 -8.44
N LEU O 57 -55.96 -10.03 -9.43
CA LEU O 57 -54.52 -10.11 -9.52
C LEU O 57 -53.92 -8.71 -9.57
N LYS O 58 -54.43 -7.88 -10.49
CA LYS O 58 -53.93 -6.53 -10.68
C LYS O 58 -54.19 -5.70 -9.42
N GLY O 59 -55.36 -5.89 -8.80
CA GLY O 59 -55.73 -5.15 -7.60
C GLY O 59 -54.78 -5.43 -6.44
N GLU O 60 -54.47 -6.71 -6.25
CA GLU O 60 -53.58 -7.15 -5.19
C GLU O 60 -52.18 -6.56 -5.40
N MET O 61 -51.66 -6.72 -6.63
CA MET O 61 -50.36 -6.16 -6.99
C MET O 61 -50.31 -4.68 -6.65
N MET O 62 -51.30 -3.91 -7.13
CA MET O 62 -51.37 -2.47 -6.92
C MET O 62 -51.39 -2.13 -5.42
N ASP O 63 -52.15 -2.89 -4.63
CA ASP O 63 -52.26 -2.59 -3.22
C ASP O 63 -50.90 -2.71 -2.54
N LEU O 64 -50.16 -3.77 -2.89
CA LEU O 64 -48.82 -3.99 -2.37
C LEU O 64 -47.90 -2.87 -2.86
N GLN O 65 -48.00 -2.54 -4.15
CA GLN O 65 -47.15 -1.53 -4.75
C GLN O 65 -47.30 -0.18 -4.06
N HIS O 66 -48.52 0.16 -3.64
CA HIS O 66 -48.76 1.46 -3.02
C HIS O 66 -48.04 1.56 -1.68
N GLY O 67 -47.67 0.41 -1.11
CA GLY O 67 -46.97 0.39 0.17
C GLY O 67 -45.46 0.29 0.02
N SER O 68 -44.94 0.48 -1.20
CA SER O 68 -43.55 0.24 -1.53
C SER O 68 -42.61 1.06 -0.65
N LEU O 69 -43.06 2.27 -0.28
CA LEU O 69 -42.28 3.17 0.54
C LEU O 69 -41.88 2.48 1.84
N PHE O 70 -42.72 1.55 2.31
CA PHE O 70 -42.58 0.96 3.63
C PHE O 70 -42.02 -0.47 3.54
N LEU O 71 -41.60 -0.87 2.34
CA LEU O 71 -41.00 -2.18 2.14
C LEU O 71 -39.58 -2.02 1.61
N ARG O 72 -38.87 -3.14 1.49
CA ARG O 72 -37.53 -3.15 0.93
C ARG O 72 -37.47 -4.18 -0.19
N THR O 73 -38.60 -4.37 -0.86
CA THR O 73 -38.67 -5.16 -2.07
C THR O 73 -39.03 -4.21 -3.20
N PRO O 74 -38.06 -3.83 -4.07
CA PRO O 74 -38.27 -2.75 -5.02
C PRO O 74 -39.15 -3.08 -6.23
N LYS O 75 -39.32 -4.38 -6.53
CA LYS O 75 -40.07 -4.75 -7.73
C LYS O 75 -41.16 -5.75 -7.38
N ILE O 76 -42.41 -5.33 -7.59
CA ILE O 76 -43.58 -6.18 -7.46
C ILE O 76 -44.28 -6.20 -8.82
N VAL O 77 -44.43 -7.41 -9.38
CA VAL O 77 -45.08 -7.59 -10.67
C VAL O 77 -46.16 -8.66 -10.54
N SER O 78 -47.12 -8.61 -11.47
CA SER O 78 -48.15 -9.64 -11.59
C SER O 78 -48.53 -9.83 -13.05
N GLY O 79 -49.16 -10.98 -13.34
CA GLY O 79 -49.62 -11.28 -14.68
C GLY O 79 -50.24 -12.67 -14.73
N LYS O 80 -51.19 -12.86 -15.66
CA LYS O 80 -51.69 -14.16 -16.03
C LYS O 80 -50.60 -14.96 -16.72
N ASP O 81 -49.73 -14.26 -17.45
CA ASP O 81 -48.68 -14.88 -18.22
C ASP O 81 -47.52 -15.21 -17.27
N TYR O 82 -46.99 -16.43 -17.37
CA TYR O 82 -45.94 -16.90 -16.49
C TYR O 82 -44.57 -16.29 -16.81
N ASN O 83 -44.52 -15.42 -17.81
CA ASN O 83 -43.24 -14.78 -18.11
C ASN O 83 -42.86 -13.78 -17.03
N VAL O 84 -43.83 -13.34 -16.22
CA VAL O 84 -43.55 -12.46 -15.10
C VAL O 84 -42.81 -13.22 -14.01
N THR O 85 -42.72 -14.55 -14.16
CA THR O 85 -42.20 -15.44 -13.13
C THR O 85 -40.72 -15.76 -13.36
N ALA O 86 -40.16 -15.26 -14.46
CA ALA O 86 -38.86 -15.69 -14.95
C ALA O 86 -37.75 -15.44 -13.92
N ASN O 87 -36.87 -16.43 -13.79
CA ASN O 87 -35.67 -16.38 -12.96
C ASN O 87 -36.02 -16.28 -11.47
N SER O 88 -37.09 -16.96 -11.07
CA SER O 88 -37.41 -17.08 -9.66
C SER O 88 -36.45 -18.06 -8.99
N LYS O 89 -36.00 -17.74 -7.78
CA LYS O 89 -35.26 -18.68 -6.96
C LYS O 89 -36.24 -19.66 -6.31
N LEU O 90 -37.41 -19.14 -5.95
CA LEU O 90 -38.42 -19.90 -5.22
C LEU O 90 -39.78 -19.54 -5.78
N VAL O 91 -40.57 -20.58 -6.09
CA VAL O 91 -41.92 -20.44 -6.59
C VAL O 91 -42.87 -21.14 -5.62
N ILE O 92 -43.79 -20.37 -5.04
CA ILE O 92 -44.72 -20.88 -4.05
C ILE O 92 -46.10 -21.06 -4.71
N ILE O 93 -46.59 -22.31 -4.74
CA ILE O 93 -47.87 -22.62 -5.36
C ILE O 93 -48.95 -22.66 -4.28
N THR O 94 -49.91 -21.72 -4.36
CA THR O 94 -51.03 -21.68 -3.43
C THR O 94 -52.36 -21.76 -4.20
N ALA O 95 -52.27 -21.96 -5.51
CA ALA O 95 -53.47 -21.95 -6.35
C ALA O 95 -54.19 -23.29 -6.27
N GLY O 96 -55.45 -23.30 -6.57
CA GLY O 96 -56.24 -24.53 -6.59
C GLY O 96 -57.56 -24.34 -5.87
N ALA O 97 -58.27 -25.42 -5.62
CA ALA O 97 -59.47 -25.42 -4.81
C ALA O 97 -59.33 -24.99 -3.36
N ARG O 98 -59.53 -25.83 -2.33
CA ARG O 98 -59.44 -25.38 -0.95
C ARG O 98 -60.54 -26.04 -0.19
N GLN O 99 -60.27 -26.65 1.03
CA GLN O 99 -61.32 -27.39 1.69
C GLN O 99 -62.37 -26.48 2.29
N GLN O 100 -63.63 -26.91 2.22
CA GLN O 100 -64.68 -26.24 2.95
C GLN O 100 -64.74 -26.85 4.34
N GLU O 101 -65.58 -26.20 5.16
CA GLU O 101 -65.94 -26.62 6.49
C GLU O 101 -66.35 -28.09 6.41
N GLY O 102 -65.68 -28.92 7.21
CA GLY O 102 -65.94 -30.34 7.29
C GLY O 102 -65.22 -31.19 6.25
N GLU O 103 -64.61 -30.57 5.25
CA GLU O 103 -64.04 -31.31 4.12
C GLU O 103 -62.57 -31.66 4.37
N SER O 104 -62.24 -32.92 4.21
CA SER O 104 -60.91 -33.51 4.23
C SER O 104 -59.64 -32.73 3.92
N ARG O 105 -59.35 -32.44 2.67
CA ARG O 105 -58.18 -31.98 1.96
C ARG O 105 -57.90 -33.01 0.83
N LEU O 106 -58.05 -34.30 1.15
CA LEU O 106 -57.79 -35.36 0.20
C LEU O 106 -58.82 -35.34 -0.93
N ASN O 107 -59.96 -34.65 -0.67
CA ASN O 107 -61.06 -34.62 -1.65
C ASN O 107 -60.82 -33.55 -2.69
N LEU O 108 -59.73 -32.77 -2.56
CA LEU O 108 -59.37 -31.73 -3.53
C LEU O 108 -58.46 -32.30 -4.63
N VAL O 109 -58.18 -33.62 -4.57
CA VAL O 109 -56.99 -34.12 -5.26
C VAL O 109 -57.11 -33.97 -6.78
N GLN O 110 -58.22 -34.44 -7.37
CA GLN O 110 -58.26 -34.51 -8.82
C GLN O 110 -58.39 -33.11 -9.41
N ARG O 111 -59.13 -32.24 -8.71
CA ARG O 111 -59.33 -30.87 -9.17
C ARG O 111 -57.98 -30.16 -9.23
N ASN O 112 -57.18 -30.33 -8.16
CA ASN O 112 -55.94 -29.60 -8.04
C ASN O 112 -54.84 -30.26 -8.86
N VAL O 113 -54.93 -31.58 -9.09
CA VAL O 113 -53.97 -32.25 -9.97
C VAL O 113 -54.12 -31.67 -11.38
N ASN O 114 -55.39 -31.48 -11.80
CA ASN O 114 -55.67 -30.93 -13.11
C ASN O 114 -55.05 -29.54 -13.23
N ILE O 115 -55.20 -28.72 -12.17
CA ILE O 115 -54.70 -27.36 -12.14
C ILE O 115 -53.17 -27.37 -12.27
N PHE O 116 -52.53 -28.31 -11.56
CA PHE O 116 -51.08 -28.42 -11.52
C PHE O 116 -50.51 -28.80 -12.88
N LYS O 117 -51.29 -29.55 -13.66
CA LYS O 117 -50.91 -29.93 -15.03
C LYS O 117 -50.70 -28.69 -15.90
N PHE O 118 -51.34 -27.58 -15.54
CA PHE O 118 -51.17 -26.33 -16.26
C PHE O 118 -50.06 -25.51 -15.63
N ILE O 119 -50.08 -25.41 -14.30
CA ILE O 119 -49.25 -24.48 -13.56
C ILE O 119 -47.79 -24.91 -13.62
N ILE O 120 -47.51 -26.18 -13.29
CA ILE O 120 -46.16 -26.61 -13.00
C ILE O 120 -45.27 -26.48 -14.23
N PRO O 121 -45.67 -26.96 -15.44
CA PRO O 121 -44.85 -26.81 -16.64
C PRO O 121 -44.53 -25.36 -17.00
N ASN O 122 -45.48 -24.44 -16.70
CA ASN O 122 -45.29 -23.04 -16.96
C ASN O 122 -44.27 -22.43 -16.01
N VAL O 123 -44.35 -22.81 -14.73
CA VAL O 123 -43.39 -22.36 -13.74
C VAL O 123 -41.99 -22.80 -14.16
N VAL O 124 -41.87 -24.08 -14.54
CA VAL O 124 -40.59 -24.69 -14.85
C VAL O 124 -40.00 -24.07 -16.12
N LYS O 125 -40.87 -23.75 -17.07
CA LYS O 125 -40.46 -23.11 -18.31
C LYS O 125 -39.61 -21.87 -18.02
N TYR O 126 -40.08 -21.02 -17.09
CA TYR O 126 -39.51 -19.69 -16.89
C TYR O 126 -38.50 -19.62 -15.75
N SER O 127 -38.55 -20.60 -14.83
CA SER O 127 -37.59 -20.67 -13.72
C SER O 127 -37.15 -22.12 -13.54
N PRO O 128 -36.36 -22.69 -14.48
CA PRO O 128 -35.99 -24.10 -14.42
C PRO O 128 -35.16 -24.50 -13.21
N ASN O 129 -34.52 -23.52 -12.57
CA ASN O 129 -33.61 -23.82 -11.48
C ASN O 129 -34.20 -23.40 -10.14
N CYS O 130 -35.51 -23.13 -10.12
CA CYS O 130 -36.13 -22.68 -8.89
C CYS O 130 -36.32 -23.85 -7.94
N LYS O 131 -36.61 -23.53 -6.68
CA LYS O 131 -37.21 -24.47 -5.76
C LYS O 131 -38.72 -24.27 -5.81
N LEU O 132 -39.45 -25.38 -5.82
CA LEU O 132 -40.90 -25.37 -5.79
C LEU O 132 -41.36 -25.62 -4.36
N LEU O 133 -42.11 -24.68 -3.80
CA LEU O 133 -42.73 -24.86 -2.50
C LEU O 133 -44.24 -24.98 -2.69
N ILE O 134 -44.78 -26.20 -2.47
CA ILE O 134 -46.19 -26.49 -2.69
C ILE O 134 -46.95 -26.23 -1.41
N VAL O 135 -48.03 -25.45 -1.49
CA VAL O 135 -48.85 -25.12 -0.34
C VAL O 135 -50.27 -25.63 -0.55
N SER O 136 -50.69 -25.73 -1.82
CA SER O 136 -52.00 -26.24 -2.23
C SER O 136 -52.24 -27.63 -1.66
N ASN O 137 -53.50 -27.95 -1.38
CA ASN O 137 -53.88 -29.17 -0.69
C ASN O 137 -54.48 -30.18 -1.67
N PRO O 138 -54.38 -31.51 -1.43
CA PRO O 138 -53.60 -32.06 -0.33
C PRO O 138 -52.11 -31.94 -0.62
N VAL O 139 -51.39 -31.23 0.26
CA VAL O 139 -50.05 -30.75 -0.02
C VAL O 139 -49.10 -31.92 -0.27
N ASP O 140 -49.32 -33.05 0.43
CA ASP O 140 -48.38 -34.16 0.38
C ASP O 140 -48.45 -34.83 -0.99
N ILE O 141 -49.67 -35.07 -1.46
CA ILE O 141 -49.89 -35.66 -2.77
C ILE O 141 -49.49 -34.66 -3.85
N LEU O 142 -49.85 -33.39 -3.68
CA LEU O 142 -49.58 -32.39 -4.69
C LEU O 142 -48.08 -32.10 -4.80
N THR O 143 -47.31 -32.33 -3.73
CA THR O 143 -45.87 -32.21 -3.79
C THR O 143 -45.32 -33.29 -4.72
N TYR O 144 -45.84 -34.50 -4.55
CA TYR O 144 -45.50 -35.63 -5.40
C TYR O 144 -45.87 -35.32 -6.84
N VAL O 145 -47.05 -34.73 -7.05
CA VAL O 145 -47.52 -34.38 -8.37
C VAL O 145 -46.58 -33.35 -9.00
N ALA O 146 -46.26 -32.29 -8.26
CA ALA O 146 -45.36 -31.24 -8.75
C ALA O 146 -44.01 -31.85 -9.10
N TRP O 147 -43.60 -32.90 -8.38
CA TRP O 147 -42.32 -33.55 -8.60
C TRP O 147 -42.35 -34.33 -9.91
N LYS O 148 -43.41 -35.11 -10.12
CA LYS O 148 -43.59 -35.88 -11.33
C LYS O 148 -43.70 -34.97 -12.53
N ILE O 149 -44.49 -33.89 -12.42
CA ILE O 149 -44.76 -33.02 -13.56
C ILE O 149 -43.52 -32.22 -13.92
N SER O 150 -42.87 -31.59 -12.93
CA SER O 150 -41.74 -30.69 -13.13
C SER O 150 -40.52 -31.41 -13.70
N GLY O 151 -40.30 -32.66 -13.26
CA GLY O 151 -39.11 -33.41 -13.60
C GLY O 151 -37.89 -32.97 -12.78
N PHE O 152 -38.13 -32.15 -11.75
CA PHE O 152 -37.09 -31.64 -10.88
C PHE O 152 -36.54 -32.77 -10.02
N PRO O 153 -35.29 -32.65 -9.53
CA PRO O 153 -34.79 -33.55 -8.49
C PRO O 153 -35.62 -33.29 -7.24
N LYS O 154 -35.71 -34.29 -6.37
CA LYS O 154 -36.66 -34.25 -5.26
C LYS O 154 -36.28 -33.19 -4.23
N ASN O 155 -35.02 -32.76 -4.22
CA ASN O 155 -34.58 -31.75 -3.27
C ASN O 155 -35.20 -30.38 -3.58
N ARG O 156 -35.63 -30.18 -4.82
CA ARG O 156 -36.16 -28.88 -5.24
C ARG O 156 -37.69 -28.88 -5.29
N VAL O 157 -38.34 -29.89 -4.72
CA VAL O 157 -39.79 -29.89 -4.62
C VAL O 157 -40.17 -30.15 -3.16
N ILE O 158 -40.70 -29.10 -2.52
CA ILE O 158 -40.93 -29.07 -1.07
C ILE O 158 -42.40 -28.76 -0.84
N GLY O 159 -43.09 -29.57 -0.02
CA GLY O 159 -44.44 -29.25 0.40
C GLY O 159 -44.43 -28.59 1.78
N SER O 160 -45.26 -27.56 1.97
CA SER O 160 -45.31 -26.84 3.23
C SER O 160 -45.58 -27.81 4.37
N GLY O 161 -46.30 -28.89 4.07
CA GLY O 161 -46.41 -30.05 4.94
C GLY O 161 -46.87 -29.68 6.34
N CYS O 162 -46.17 -30.22 7.34
CA CYS O 162 -46.57 -30.09 8.73
C CYS O 162 -45.82 -28.98 9.46
N ASN O 163 -45.19 -28.06 8.72
CA ASN O 163 -44.52 -26.91 9.32
C ASN O 163 -45.54 -26.17 10.15
N LEU O 164 -46.75 -25.99 9.62
CA LEU O 164 -47.80 -25.25 10.31
C LEU O 164 -48.36 -26.07 11.47
N ASP O 165 -48.57 -27.40 11.24
CA ASP O 165 -49.08 -28.27 12.29
C ASP O 165 -48.17 -28.23 13.50
N SER O 166 -46.86 -28.31 13.26
CA SER O 166 -45.88 -28.29 14.32
C SER O 166 -45.90 -26.93 15.03
N ALA O 167 -46.07 -25.85 14.27
CA ALA O 167 -46.15 -24.49 14.80
C ALA O 167 -47.34 -24.35 15.74
N ARG O 168 -48.50 -24.88 15.31
CA ARG O 168 -49.70 -24.89 16.12
C ARG O 168 -49.45 -25.71 17.38
N PHE O 169 -48.84 -26.89 17.21
CA PHE O 169 -48.55 -27.80 18.30
C PHE O 169 -47.73 -27.09 19.37
N ARG O 170 -46.69 -26.39 18.92
CA ARG O 170 -45.78 -25.71 19.83
C ARG O 170 -46.46 -24.51 20.48
N TYR O 171 -47.39 -23.88 19.76
CA TYR O 171 -48.14 -22.78 20.34
C TYR O 171 -48.96 -23.29 21.53
N LEU O 172 -49.68 -24.39 21.31
CA LEU O 172 -50.56 -24.96 22.32
C LEU O 172 -49.75 -25.53 23.48
N MET O 173 -48.62 -26.17 23.15
CA MET O 173 -47.68 -26.66 24.15
C MET O 173 -47.29 -25.51 25.06
N GLY O 174 -46.89 -24.40 24.43
CA GLY O 174 -46.46 -23.19 25.14
C GLY O 174 -47.55 -22.61 26.04
N GLU O 175 -48.80 -22.65 25.57
CA GLU O 175 -49.95 -22.14 26.31
C GLU O 175 -50.09 -22.91 27.61
N ARG O 176 -49.95 -24.24 27.52
CA ARG O 176 -50.09 -25.12 28.67
C ARG O 176 -48.96 -24.91 29.65
N LEU O 177 -47.73 -24.68 29.16
CA LEU O 177 -46.55 -24.71 30.02
C LEU O 177 -46.14 -23.31 30.49
N GLY O 178 -46.68 -22.26 29.87
CA GLY O 178 -46.31 -20.88 30.19
C GLY O 178 -44.94 -20.52 29.65
N VAL O 179 -44.61 -21.07 28.47
CA VAL O 179 -43.33 -20.89 27.81
C VAL O 179 -43.59 -20.43 26.37
N HIS O 180 -42.72 -19.55 25.86
CA HIS O 180 -42.83 -19.14 24.47
C HIS O 180 -42.69 -20.36 23.57
N PRO O 181 -43.49 -20.47 22.49
CA PRO O 181 -43.37 -21.60 21.56
C PRO O 181 -41.95 -21.86 21.07
N LEU O 182 -41.13 -20.81 21.02
CA LEU O 182 -39.75 -20.95 20.54
C LEU O 182 -38.98 -21.92 21.44
N SER O 183 -39.36 -21.97 22.72
CA SER O 183 -38.68 -22.82 23.69
C SER O 183 -39.41 -24.12 23.95
N CYS O 184 -40.52 -24.36 23.24
CA CYS O 184 -41.29 -25.59 23.30
C CYS O 184 -41.05 -26.41 22.04
N HIS O 185 -40.59 -27.65 22.18
CA HIS O 185 -40.19 -28.46 21.04
C HIS O 185 -41.08 -29.69 20.95
N GLY O 186 -41.42 -30.06 19.71
CA GLY O 186 -42.37 -31.13 19.44
C GLY O 186 -42.73 -31.15 17.96
N TRP O 187 -42.79 -32.35 17.38
CA TRP O 187 -42.95 -32.52 15.95
C TRP O 187 -44.25 -33.23 15.63
N VAL O 188 -44.99 -32.67 14.67
CA VAL O 188 -46.11 -33.36 14.05
C VAL O 188 -45.68 -33.73 12.64
N LEU O 189 -45.70 -35.03 12.32
CA LEU O 189 -45.17 -35.53 11.06
C LEU O 189 -46.25 -36.28 10.28
N GLY O 190 -45.89 -36.71 9.07
CA GLY O 190 -46.81 -37.44 8.21
C GLY O 190 -47.66 -36.52 7.34
N GLU O 191 -48.94 -36.88 7.20
CA GLU O 191 -49.89 -36.13 6.40
C GLU O 191 -50.21 -34.80 7.10
N HIS O 192 -50.18 -33.72 6.30
CA HIS O 192 -50.79 -32.49 6.72
C HIS O 192 -52.29 -32.69 6.59
N GLY O 193 -52.88 -33.23 7.66
CA GLY O 193 -54.28 -33.59 7.62
C GLY O 193 -54.62 -34.41 8.84
N ASP O 194 -55.72 -35.19 8.68
CA ASP O 194 -56.36 -35.85 9.82
C ASP O 194 -55.46 -36.96 10.37
N SER O 195 -54.55 -37.52 9.58
CA SER O 195 -53.73 -38.65 10.01
C SER O 195 -52.32 -38.23 10.39
N SER O 196 -52.16 -36.96 10.80
CA SER O 196 -50.86 -36.49 11.27
C SER O 196 -50.43 -37.23 12.54
N VAL O 197 -49.11 -37.36 12.73
CA VAL O 197 -48.56 -38.13 13.81
C VAL O 197 -47.78 -37.23 14.77
N PRO O 198 -48.24 -37.05 16.03
CA PRO O 198 -47.49 -36.29 17.03
C PRO O 198 -46.41 -37.17 17.65
N VAL O 199 -45.17 -36.69 17.64
CA VAL O 199 -44.04 -37.45 18.12
C VAL O 199 -43.83 -37.10 19.59
N TRP O 200 -44.58 -37.81 20.45
CA TRP O 200 -44.55 -37.62 21.89
C TRP O 200 -43.15 -37.85 22.44
N SER O 201 -42.43 -38.81 21.82
CA SER O 201 -41.11 -39.18 22.28
C SER O 201 -40.11 -38.02 22.18
N GLY O 202 -40.41 -37.05 21.30
CA GLY O 202 -39.51 -35.94 21.00
C GLY O 202 -39.86 -34.64 21.73
N MET O 203 -41.03 -34.60 22.36
CA MET O 203 -41.53 -33.39 23.00
C MET O 203 -40.65 -33.02 24.19
N ASN O 204 -40.18 -31.77 24.23
CA ASN O 204 -39.25 -31.37 25.27
C ASN O 204 -39.24 -29.85 25.45
N VAL O 205 -38.83 -29.43 26.65
CA VAL O 205 -38.47 -28.06 26.95
C VAL O 205 -37.06 -28.09 27.52
N ALA O 206 -36.17 -27.24 27.00
CA ALA O 206 -34.79 -27.13 27.43
C ALA O 206 -34.09 -28.49 27.46
N GLY O 207 -34.49 -29.38 26.54
CA GLY O 207 -33.84 -30.67 26.37
C GLY O 207 -34.38 -31.74 27.33
N VAL O 208 -35.37 -31.37 28.15
CA VAL O 208 -35.94 -32.29 29.13
C VAL O 208 -37.13 -32.98 28.48
N SER O 209 -37.03 -34.31 28.27
CA SER O 209 -38.09 -35.10 27.66
C SER O 209 -39.36 -35.09 28.53
N LEU O 210 -40.47 -34.65 27.92
CA LEU O 210 -41.74 -34.56 28.64
C LEU O 210 -42.31 -35.95 28.89
N LYS O 211 -42.06 -36.88 27.96
CA LYS O 211 -42.52 -38.25 28.09
C LYS O 211 -41.79 -38.95 29.25
N THR O 212 -40.51 -38.60 29.45
CA THR O 212 -39.73 -39.11 30.56
C THR O 212 -40.34 -38.65 31.88
N LEU O 213 -40.70 -37.36 31.94
CA LEU O 213 -41.28 -36.76 33.14
C LEU O 213 -42.68 -37.32 33.39
N HIS O 214 -43.39 -37.63 32.29
CA HIS O 214 -44.80 -37.94 32.35
C HIS O 214 -45.11 -39.04 31.33
N PRO O 215 -44.90 -40.32 31.70
CA PRO O 215 -45.02 -41.42 30.75
C PRO O 215 -46.40 -41.58 30.12
N ASP O 216 -47.45 -41.04 30.79
CA ASP O 216 -48.77 -41.11 30.20
C ASP O 216 -48.94 -40.17 28.99
N LEU O 217 -48.01 -39.24 28.84
CA LEU O 217 -48.08 -38.24 27.78
C LEU O 217 -49.11 -38.33 26.66
N GLY O 218 -48.96 -39.08 25.57
CA GLY O 218 -49.92 -39.00 24.48
C GLY O 218 -50.89 -40.17 24.49
N THR O 219 -51.15 -40.76 25.66
CA THR O 219 -52.02 -41.92 25.76
C THR O 219 -53.40 -41.49 26.23
N ASP O 220 -54.36 -42.38 26.15
CA ASP O 220 -55.72 -42.16 26.61
C ASP O 220 -55.79 -42.12 28.13
N LYS O 221 -54.86 -42.82 28.79
CA LYS O 221 -54.84 -42.90 30.25
C LYS O 221 -54.36 -41.59 30.84
N ASP O 222 -53.77 -40.72 30.04
CA ASP O 222 -53.21 -39.44 30.45
C ASP O 222 -54.24 -38.59 31.17
N LYS O 223 -54.02 -38.35 32.47
CA LYS O 223 -54.90 -37.53 33.29
C LYS O 223 -54.95 -36.10 32.75
N GLU O 224 -53.84 -35.66 32.12
CA GLU O 224 -53.72 -34.29 31.64
C GLU O 224 -54.19 -34.16 30.21
N GLN O 225 -54.40 -35.29 29.54
CA GLN O 225 -55.01 -35.33 28.23
C GLN O 225 -54.18 -34.58 27.21
N TRP O 226 -52.88 -34.90 27.14
CA TRP O 226 -52.03 -34.23 26.17
C TRP O 226 -52.38 -34.63 24.73
N LYS O 227 -53.08 -35.76 24.58
CA LYS O 227 -53.53 -36.22 23.28
C LYS O 227 -54.42 -35.15 22.63
N GLU O 228 -55.12 -34.40 23.47
CA GLU O 228 -56.05 -33.35 23.05
C GLU O 228 -55.31 -32.21 22.38
N VAL O 229 -54.04 -31.99 22.72
CA VAL O 229 -53.25 -30.96 22.07
C VAL O 229 -53.11 -31.31 20.59
N HIS O 230 -52.83 -32.57 20.28
CA HIS O 230 -52.74 -32.97 18.88
C HIS O 230 -54.11 -32.92 18.22
N LYS O 231 -55.16 -33.24 18.97
CA LYS O 231 -56.48 -33.24 18.39
C LYS O 231 -56.85 -31.82 17.98
N GLN O 232 -56.37 -30.85 18.76
CA GLN O 232 -56.59 -29.45 18.49
C GLN O 232 -55.79 -29.01 17.28
N VAL O 233 -54.67 -29.68 17.03
CA VAL O 233 -53.85 -29.37 15.86
C VAL O 233 -54.58 -29.79 14.60
N VAL O 234 -55.12 -31.01 14.61
CA VAL O 234 -55.87 -31.55 13.49
C VAL O 234 -57.09 -30.66 13.22
N GLU O 235 -57.70 -30.15 14.29
CA GLU O 235 -58.99 -29.48 14.20
C GLU O 235 -58.85 -27.97 14.02
N SER O 236 -57.62 -27.43 14.12
CA SER O 236 -57.36 -26.01 14.04
C SER O 236 -57.95 -25.42 12.77
N ALA O 237 -57.53 -25.99 11.63
CA ALA O 237 -57.92 -25.51 10.32
C ALA O 237 -59.44 -25.44 10.22
N TYR O 238 -60.09 -26.50 10.65
CA TYR O 238 -61.55 -26.60 10.58
C TYR O 238 -62.19 -25.56 11.49
N GLU O 239 -61.62 -25.34 12.67
CA GLU O 239 -62.22 -24.40 13.59
C GLU O 239 -62.05 -22.98 13.10
N VAL O 240 -60.88 -22.65 12.55
CA VAL O 240 -60.67 -21.32 12.01
C VAL O 240 -61.58 -21.11 10.81
N ILE O 241 -61.68 -22.13 9.94
CA ILE O 241 -62.56 -22.08 8.77
C ILE O 241 -63.99 -21.81 9.25
N LYS O 242 -64.41 -22.55 10.27
CA LYS O 242 -65.74 -22.40 10.85
C LYS O 242 -65.95 -20.96 11.31
N LEU O 243 -64.91 -20.35 11.89
CA LEU O 243 -65.07 -19.06 12.55
C LEU O 243 -64.95 -17.90 11.55
N LYS O 244 -64.00 -17.97 10.60
CA LYS O 244 -63.73 -16.84 9.74
C LYS O 244 -63.78 -17.18 8.25
N GLY O 245 -64.00 -18.46 7.92
CA GLY O 245 -64.25 -18.86 6.55
C GLY O 245 -63.03 -19.49 5.88
N TYR O 246 -61.83 -19.17 6.39
CA TYR O 246 -60.61 -19.66 5.79
C TYR O 246 -59.47 -19.48 6.80
N THR O 247 -58.30 -20.05 6.50
CA THR O 247 -57.10 -19.71 7.24
C THR O 247 -56.15 -18.98 6.29
N SER O 248 -55.39 -18.04 6.83
CA SER O 248 -54.49 -17.24 6.01
C SER O 248 -53.19 -16.91 6.75
N TRP O 249 -53.31 -16.29 7.92
CA TRP O 249 -52.16 -15.67 8.54
C TRP O 249 -51.12 -16.71 8.96
N ALA O 250 -51.56 -17.80 9.58
CA ALA O 250 -50.67 -18.80 10.12
C ALA O 250 -49.90 -19.52 9.01
N ILE O 251 -50.63 -19.91 7.96
CA ILE O 251 -50.00 -20.58 6.83
C ILE O 251 -49.04 -19.63 6.12
N GLY O 252 -49.42 -18.34 6.06
CA GLY O 252 -48.61 -17.31 5.44
C GLY O 252 -47.26 -17.19 6.13
N LEU O 253 -47.29 -17.06 7.46
CA LEU O 253 -46.10 -16.95 8.28
C LEU O 253 -45.29 -18.24 8.16
N SER O 254 -45.97 -19.39 8.16
CA SER O 254 -45.30 -20.68 8.06
C SER O 254 -44.50 -20.78 6.78
N VAL O 255 -45.10 -20.31 5.67
CA VAL O 255 -44.50 -20.34 4.34
C VAL O 255 -43.31 -19.38 4.28
N ALA O 256 -43.44 -18.20 4.90
CA ALA O 256 -42.34 -17.24 4.90
C ALA O 256 -41.18 -17.80 5.72
N ASP O 257 -41.52 -18.60 6.73
CA ASP O 257 -40.53 -19.26 7.56
C ASP O 257 -39.68 -20.19 6.70
N LEU O 258 -40.36 -20.97 5.84
CA LEU O 258 -39.67 -21.90 4.97
C LEU O 258 -38.87 -21.14 3.93
N ALA O 259 -39.48 -20.08 3.36
CA ALA O 259 -38.84 -19.23 2.37
C ALA O 259 -37.54 -18.64 2.93
N GLU O 260 -37.58 -18.23 4.20
CA GLU O 260 -36.42 -17.62 4.85
C GLU O 260 -35.25 -18.61 4.87
N SER O 261 -35.53 -19.86 5.24
CA SER O 261 -34.50 -20.88 5.32
C SER O 261 -33.92 -21.18 3.94
N ILE O 262 -34.79 -21.19 2.92
CA ILE O 262 -34.34 -21.49 1.57
C ILE O 262 -33.48 -20.33 1.05
N MET O 263 -34.02 -19.11 1.10
CA MET O 263 -33.39 -17.94 0.48
C MET O 263 -32.06 -17.60 1.16
N LYS O 264 -31.98 -17.78 2.49
CA LYS O 264 -30.80 -17.40 3.24
C LYS O 264 -29.89 -18.59 3.50
N ASN O 265 -30.24 -19.76 2.97
CA ASN O 265 -29.45 -20.99 3.05
C ASN O 265 -29.10 -21.32 4.51
N LEU O 266 -30.11 -21.26 5.38
CA LEU O 266 -29.88 -21.36 6.82
C LEU O 266 -29.53 -22.79 7.25
N ARG O 267 -30.05 -23.80 6.54
CA ARG O 267 -29.91 -25.19 6.95
C ARG O 267 -30.56 -25.40 8.31
N ARG O 268 -31.74 -24.78 8.47
CA ARG O 268 -32.60 -25.07 9.60
C ARG O 268 -33.42 -26.32 9.29
N VAL O 269 -33.98 -26.92 10.35
CA VAL O 269 -34.75 -28.14 10.23
C VAL O 269 -36.24 -27.81 10.32
N HIS O 270 -37.00 -28.23 9.31
CA HIS O 270 -38.43 -27.99 9.23
C HIS O 270 -39.13 -29.29 8.83
N PRO O 271 -40.34 -29.56 9.38
CA PRO O 271 -41.12 -30.73 8.96
C PRO O 271 -41.90 -30.39 7.69
N VAL O 272 -41.41 -30.86 6.54
CA VAL O 272 -41.95 -30.47 5.24
C VAL O 272 -42.14 -31.73 4.42
N SER O 273 -43.00 -31.67 3.39
CA SER O 273 -43.33 -32.83 2.58
C SER O 273 -42.18 -33.15 1.63
N THR O 274 -41.72 -34.40 1.70
CA THR O 274 -40.68 -34.87 0.81
C THR O 274 -40.84 -36.37 0.61
N MET O 275 -40.09 -36.92 -0.34
CA MET O 275 -40.20 -38.34 -0.59
C MET O 275 -39.52 -39.12 0.54
N ILE O 276 -40.26 -40.05 1.15
CA ILE O 276 -39.76 -40.82 2.29
C ILE O 276 -39.60 -42.30 1.95
N LYS O 277 -39.71 -42.64 0.67
CA LYS O 277 -39.45 -43.98 0.21
C LYS O 277 -38.90 -45.00 1.17
N GLY O 278 -37.56 -45.30 1.23
CA GLY O 278 -36.96 -46.34 2.00
C GLY O 278 -36.78 -46.08 3.49
N LEU O 279 -37.62 -45.20 4.04
CA LEU O 279 -37.63 -44.96 5.48
C LEU O 279 -38.86 -45.57 6.12
N TYR O 280 -38.69 -46.09 7.34
CA TYR O 280 -39.77 -46.64 8.15
C TYR O 280 -40.55 -47.72 7.40
N GLY O 281 -39.87 -48.43 6.49
CA GLY O 281 -40.44 -49.56 5.77
C GLY O 281 -41.45 -49.15 4.70
N ILE O 282 -41.46 -47.86 4.35
CA ILE O 282 -42.27 -47.36 3.25
C ILE O 282 -41.53 -47.67 1.96
N LYS O 283 -42.23 -48.33 1.00
CA LYS O 283 -41.62 -48.79 -0.23
C LYS O 283 -42.19 -48.05 -1.45
N ASP O 284 -43.08 -47.14 -1.26
CA ASP O 284 -43.74 -46.44 -2.36
C ASP O 284 -43.19 -45.00 -2.47
N ASP O 285 -43.49 -44.36 -3.58
CA ASP O 285 -43.09 -42.97 -3.81
C ASP O 285 -44.01 -42.01 -3.07
N VAL O 286 -44.12 -42.18 -1.76
CA VAL O 286 -45.01 -41.37 -0.97
C VAL O 286 -44.23 -40.16 -0.48
N PHE O 287 -44.90 -39.01 -0.56
CA PHE O 287 -44.41 -37.79 0.06
C PHE O 287 -45.17 -37.54 1.35
N LEU O 288 -44.45 -37.29 2.44
CA LEU O 288 -45.02 -36.81 3.67
C LEU O 288 -43.99 -36.00 4.42
N SER O 289 -44.43 -35.44 5.55
CA SER O 289 -43.58 -34.56 6.35
C SER O 289 -42.69 -35.37 7.28
N VAL O 290 -41.38 -35.13 7.16
CA VAL O 290 -40.37 -35.54 8.12
C VAL O 290 -39.48 -34.31 8.32
N PRO O 291 -38.68 -34.21 9.41
CA PRO O 291 -37.79 -33.06 9.59
C PRO O 291 -36.69 -33.08 8.53
N CYS O 292 -36.61 -31.97 7.79
CA CYS O 292 -35.65 -31.83 6.70
C CYS O 292 -34.77 -30.61 6.93
N ILE O 293 -33.52 -30.70 6.47
CA ILE O 293 -32.61 -29.55 6.46
C ILE O 293 -32.87 -28.74 5.20
N LEU O 294 -33.18 -27.46 5.38
CA LEU O 294 -33.65 -26.58 4.32
C LEU O 294 -32.61 -25.51 4.04
N GLY O 295 -32.21 -25.41 2.77
CA GLY O 295 -31.27 -24.40 2.35
C GLY O 295 -31.48 -24.03 0.89
N GLN O 296 -30.44 -23.46 0.28
CA GLN O 296 -30.54 -22.86 -1.04
C GLN O 296 -30.71 -23.93 -2.12
N ASN O 297 -30.50 -25.21 -1.80
CA ASN O 297 -30.76 -26.28 -2.75
C ASN O 297 -32.05 -27.02 -2.39
N GLY O 298 -32.84 -26.40 -1.51
CA GLY O 298 -34.06 -27.02 -1.00
C GLY O 298 -33.75 -27.99 0.14
N ILE O 299 -34.28 -29.21 0.03
CA ILE O 299 -34.06 -30.22 1.05
C ILE O 299 -32.77 -30.96 0.72
N SER O 300 -31.73 -30.68 1.51
CA SER O 300 -30.44 -31.31 1.30
C SER O 300 -30.33 -32.60 2.09
N ASP O 301 -31.10 -32.72 3.18
CA ASP O 301 -30.98 -33.81 4.12
C ASP O 301 -32.31 -34.02 4.84
N LEU O 302 -32.53 -35.27 5.29
CA LEU O 302 -33.62 -35.62 6.20
C LEU O 302 -33.02 -36.00 7.54
N VAL O 303 -33.73 -35.64 8.62
CA VAL O 303 -33.43 -36.20 9.92
C VAL O 303 -34.21 -37.50 10.02
N LYS O 304 -33.52 -38.57 10.42
CA LYS O 304 -34.13 -39.85 10.60
C LYS O 304 -34.62 -39.96 12.05
N VAL O 305 -35.82 -39.45 12.30
CA VAL O 305 -36.35 -39.41 13.65
C VAL O 305 -36.58 -40.85 14.11
N THR O 306 -36.20 -41.11 15.38
CA THR O 306 -36.55 -42.36 16.01
C THR O 306 -38.00 -42.30 16.50
N LEU O 307 -38.80 -43.28 16.08
CA LEU O 307 -40.21 -43.33 16.41
C LEU O 307 -40.50 -44.55 17.28
N THR O 308 -41.43 -44.38 18.23
CA THR O 308 -41.99 -45.55 18.89
C THR O 308 -42.69 -46.39 17.82
N SER O 309 -42.83 -47.69 18.10
CA SER O 309 -43.48 -48.60 17.17
C SER O 309 -44.86 -48.10 16.76
N GLU O 310 -45.57 -47.45 17.71
CA GLU O 310 -46.89 -46.92 17.42
C GLU O 310 -46.78 -45.66 16.55
N GLU O 311 -45.86 -44.76 16.90
CA GLU O 311 -45.59 -43.56 16.13
C GLU O 311 -45.24 -43.97 14.70
N GLU O 312 -44.42 -45.03 14.57
CA GLU O 312 -44.03 -45.53 13.26
C GLU O 312 -45.22 -46.15 12.54
N ALA O 313 -46.06 -46.86 13.29
CA ALA O 313 -47.25 -47.48 12.73
C ALA O 313 -48.17 -46.42 12.13
N ARG O 314 -48.35 -45.30 12.87
CA ARG O 314 -49.19 -44.20 12.43
C ARG O 314 -48.65 -43.54 11.16
N LEU O 315 -47.33 -43.44 11.07
CA LEU O 315 -46.67 -42.85 9.91
C LEU O 315 -46.78 -43.78 8.69
N LYS O 316 -46.72 -45.09 8.91
CA LYS O 316 -46.89 -46.06 7.82
C LYS O 316 -48.33 -46.03 7.33
N LYS O 317 -49.28 -45.79 8.27
CA LYS O 317 -50.68 -45.67 7.96
C LYS O 317 -50.94 -44.43 7.10
N SER O 318 -50.28 -43.33 7.47
CA SER O 318 -50.35 -42.08 6.73
C SER O 318 -49.81 -42.33 5.32
N ALA O 319 -48.67 -43.03 5.24
CA ALA O 319 -48.04 -43.34 3.97
C ALA O 319 -48.99 -44.13 3.06
N ASP O 320 -49.68 -45.14 3.66
CA ASP O 320 -50.57 -46.01 2.91
C ASP O 320 -51.74 -45.21 2.34
N THR O 321 -52.37 -44.40 3.20
CA THR O 321 -53.49 -43.56 2.81
C THR O 321 -53.10 -42.77 1.57
N LEU O 322 -51.93 -42.13 1.63
CA LEU O 322 -51.47 -41.20 0.59
C LEU O 322 -51.18 -41.98 -0.69
N TRP O 323 -50.49 -43.13 -0.55
CA TRP O 323 -50.14 -43.91 -1.72
C TRP O 323 -51.42 -44.44 -2.41
N GLY O 324 -52.41 -44.78 -1.58
CA GLY O 324 -53.69 -45.24 -2.09
C GLY O 324 -54.29 -44.25 -3.09
N ILE O 325 -54.18 -42.97 -2.78
CA ILE O 325 -54.75 -41.94 -3.64
C ILE O 325 -53.80 -41.67 -4.81
N GLN O 326 -52.51 -41.67 -4.53
CA GLN O 326 -51.47 -41.35 -5.51
C GLN O 326 -51.52 -42.31 -6.68
N LYS O 327 -51.69 -43.59 -6.38
CA LYS O 327 -51.65 -44.63 -7.42
C LYS O 327 -52.77 -44.42 -8.43
N GLU O 328 -53.87 -43.79 -8.00
CA GLU O 328 -55.04 -43.67 -8.84
C GLU O 328 -54.95 -42.45 -9.77
N LEU O 329 -53.88 -41.65 -9.67
CA LEU O 329 -53.88 -40.32 -10.24
C LEU O 329 -53.92 -40.25 -11.78
N GLN O 330 -54.71 -39.29 -12.27
CA GLN O 330 -54.85 -39.16 -13.71
C GLN O 330 -53.73 -38.32 -14.29
N PHE O 331 -52.63 -38.99 -14.56
CA PHE O 331 -51.46 -38.44 -15.23
C PHE O 331 -51.33 -39.14 -16.59
N ALA P 1 -47.09 -33.68 41.45
CA ALA P 1 -48.17 -32.80 40.92
C ALA P 1 -48.24 -32.88 39.40
N THR P 2 -48.69 -31.79 38.76
CA THR P 2 -48.91 -31.72 37.33
C THR P 2 -47.55 -31.70 36.60
N LEU P 3 -47.59 -32.00 35.28
CA LEU P 3 -46.40 -31.96 34.44
C LEU P 3 -45.78 -30.56 34.48
N LYS P 4 -46.63 -29.53 34.40
CA LYS P 4 -46.19 -28.15 34.41
C LYS P 4 -45.38 -27.87 35.68
N ASP P 5 -45.86 -28.36 36.83
CA ASP P 5 -45.21 -28.14 38.12
C ASP P 5 -43.93 -28.96 38.25
N GLN P 6 -43.91 -30.16 37.67
CA GLN P 6 -42.71 -30.98 37.67
C GLN P 6 -41.62 -30.29 36.85
N LEU P 7 -42.02 -29.60 35.78
CA LEU P 7 -41.08 -29.05 34.83
C LEU P 7 -40.63 -27.65 35.24
N ILE P 8 -41.57 -26.86 35.77
CA ILE P 8 -41.36 -25.43 35.94
C ILE P 8 -41.58 -25.03 37.40
N TYR P 9 -40.58 -24.34 37.95
CA TYR P 9 -40.64 -23.85 39.33
C TYR P 9 -41.50 -22.61 39.60
N ASN P 10 -41.18 -21.43 39.10
CA ASN P 10 -41.94 -20.23 39.14
C ASN P 10 -41.58 -19.39 40.35
N LEU P 11 -41.09 -18.15 40.12
CA LEU P 11 -40.87 -17.16 41.16
C LEU P 11 -42.07 -16.26 41.31
N LEU P 12 -42.74 -15.96 40.19
CA LEU P 12 -43.62 -14.80 40.12
C LEU P 12 -44.86 -15.18 39.33
N LYS P 13 -46.04 -14.82 39.86
CA LYS P 13 -47.30 -15.39 39.41
C LYS P 13 -48.09 -14.38 38.57
N GLU P 14 -48.10 -13.11 39.05
CA GLU P 14 -48.55 -11.99 38.25
C GLU P 14 -47.53 -11.62 37.16
N GLU P 15 -47.96 -11.77 35.89
CA GLU P 15 -47.27 -11.16 34.75
C GLU P 15 -48.24 -10.33 33.92
N GLN P 16 -48.81 -9.31 34.56
CA GLN P 16 -49.75 -8.39 33.92
C GLN P 16 -49.03 -7.15 33.37
N THR P 17 -49.59 -5.97 33.64
CA THR P 17 -49.72 -4.72 32.89
C THR P 17 -48.89 -4.55 31.62
N PRO P 18 -49.51 -4.40 30.44
CA PRO P 18 -48.75 -4.25 29.19
C PRO P 18 -48.05 -2.89 29.17
N GLN P 19 -46.84 -2.88 28.61
CA GLN P 19 -46.06 -1.67 28.55
C GLN P 19 -46.19 -0.98 27.20
N ASN P 20 -46.53 -1.75 26.16
CA ASN P 20 -46.50 -1.25 24.81
C ASN P 20 -47.68 -1.84 24.03
N LYS P 21 -48.88 -1.62 24.53
CA LYS P 21 -50.06 -2.27 24.00
C LYS P 21 -50.69 -1.42 22.90
N ILE P 22 -51.07 -2.11 21.81
CA ILE P 22 -51.81 -1.49 20.72
C ILE P 22 -53.15 -2.20 20.56
N THR P 23 -54.21 -1.42 20.40
CA THR P 23 -55.53 -1.93 20.10
C THR P 23 -55.91 -1.54 18.67
N VAL P 24 -56.45 -2.51 17.93
CA VAL P 24 -57.06 -2.23 16.64
C VAL P 24 -58.56 -2.51 16.79
N VAL P 25 -59.37 -1.46 16.57
CA VAL P 25 -60.81 -1.57 16.57
C VAL P 25 -61.27 -1.75 15.13
N GLY P 26 -62.01 -2.83 14.86
CA GLY P 26 -62.43 -3.21 13.51
C GLY P 26 -61.49 -4.27 12.92
N VAL P 27 -62.03 -5.46 12.60
CA VAL P 27 -61.21 -6.53 12.04
C VAL P 27 -61.65 -6.81 10.60
N GLY P 28 -62.05 -5.75 9.89
CA GLY P 28 -62.22 -5.75 8.45
C GLY P 28 -60.85 -5.86 7.78
N ALA P 29 -60.82 -5.81 6.44
CA ALA P 29 -59.56 -6.01 5.72
C ALA P 29 -58.51 -4.99 6.17
N VAL P 30 -58.97 -3.76 6.44
CA VAL P 30 -58.07 -2.68 6.82
C VAL P 30 -57.52 -2.96 8.22
N GLY P 31 -58.41 -3.28 9.16
CA GLY P 31 -58.02 -3.55 10.53
C GLY P 31 -56.97 -4.66 10.61
N MET P 32 -57.18 -5.73 9.83
CA MET P 32 -56.31 -6.89 9.90
C MET P 32 -54.99 -6.63 9.18
N ALA P 33 -55.00 -5.77 8.16
CA ALA P 33 -53.76 -5.36 7.51
C ALA P 33 -52.92 -4.50 8.45
N CYS P 34 -53.60 -3.65 9.26
CA CYS P 34 -52.94 -2.90 10.30
C CYS P 34 -52.33 -3.85 11.32
N ALA P 35 -53.12 -4.86 11.73
CA ALA P 35 -52.70 -5.84 12.73
C ALA P 35 -51.45 -6.58 12.28
N ILE P 36 -51.48 -7.19 11.08
CA ILE P 36 -50.36 -7.99 10.60
C ILE P 36 -49.11 -7.12 10.46
N SER P 37 -49.29 -5.89 9.96
CA SER P 37 -48.20 -4.97 9.73
C SER P 37 -47.53 -4.60 11.05
N ILE P 38 -48.35 -4.33 12.07
CA ILE P 38 -47.86 -3.99 13.39
C ILE P 38 -47.18 -5.22 14.02
N LEU P 39 -47.77 -6.40 13.85
CA LEU P 39 -47.20 -7.60 14.43
C LEU P 39 -45.81 -7.86 13.84
N MET P 40 -45.65 -7.58 12.56
CA MET P 40 -44.39 -7.94 11.92
C MET P 40 -43.34 -6.85 12.07
N LYS P 41 -43.73 -5.69 12.63
CA LYS P 41 -42.76 -4.63 12.89
C LYS P 41 -42.38 -4.55 14.36
N ASP P 42 -42.93 -5.48 15.18
CA ASP P 42 -42.62 -5.66 16.59
C ASP P 42 -42.91 -4.40 17.39
N LEU P 43 -44.02 -3.71 17.10
CA LEU P 43 -44.29 -2.42 17.71
C LEU P 43 -44.99 -2.58 19.06
N ALA P 44 -45.50 -3.78 19.35
CA ALA P 44 -46.37 -4.00 20.49
C ALA P 44 -45.96 -5.24 21.28
N ASP P 45 -46.13 -5.17 22.61
CA ASP P 45 -45.96 -6.32 23.49
C ASP P 45 -47.31 -7.01 23.70
N GLU P 46 -48.39 -6.31 23.33
CA GLU P 46 -49.74 -6.87 23.39
C GLU P 46 -50.58 -6.21 22.30
N LEU P 47 -51.28 -7.04 21.53
CA LEU P 47 -52.23 -6.58 20.53
C LEU P 47 -53.63 -7.02 20.92
N ALA P 48 -54.54 -6.05 20.97
CA ALA P 48 -55.94 -6.33 21.23
C ALA P 48 -56.75 -6.00 19.98
N LEU P 49 -57.67 -6.90 19.60
CA LEU P 49 -58.60 -6.64 18.52
C LEU P 49 -60.01 -6.54 19.10
N VAL P 50 -60.78 -5.56 18.63
CA VAL P 50 -62.17 -5.43 19.01
C VAL P 50 -63.03 -5.26 17.77
N ASP P 51 -64.20 -5.92 17.79
CA ASP P 51 -65.23 -5.74 16.77
C ASP P 51 -66.57 -6.12 17.38
N VAL P 52 -67.64 -6.04 16.57
CA VAL P 52 -68.97 -6.43 17.03
C VAL P 52 -69.31 -7.84 16.53
N ILE P 53 -68.67 -8.26 15.42
CA ILE P 53 -68.92 -9.56 14.85
C ILE P 53 -68.03 -10.57 15.58
N GLU P 54 -68.66 -11.41 16.40
CA GLU P 54 -67.92 -12.17 17.40
C GLU P 54 -67.20 -13.36 16.79
N ASP P 55 -67.82 -13.99 15.80
CA ASP P 55 -67.25 -15.15 15.13
C ASP P 55 -65.98 -14.75 14.38
N LYS P 56 -66.10 -13.72 13.55
CA LYS P 56 -65.00 -13.21 12.73
C LYS P 56 -63.84 -12.79 13.63
N LEU P 57 -64.18 -12.12 14.74
CA LEU P 57 -63.22 -11.54 15.67
C LEU P 57 -62.37 -12.66 16.27
N LYS P 58 -63.03 -13.71 16.79
CA LYS P 58 -62.34 -14.82 17.42
C LYS P 58 -61.48 -15.54 16.39
N GLY P 59 -62.00 -15.70 15.17
CA GLY P 59 -61.28 -16.39 14.10
C GLY P 59 -59.98 -15.69 13.73
N GLU P 60 -60.05 -14.36 13.59
CA GLU P 60 -58.91 -13.53 13.26
C GLU P 60 -57.85 -13.64 14.34
N MET P 61 -58.27 -13.45 15.61
CA MET P 61 -57.39 -13.57 16.76
C MET P 61 -56.65 -14.90 16.71
N MET P 62 -57.41 -16.00 16.59
CA MET P 62 -56.85 -17.35 16.56
C MET P 62 -55.85 -17.52 15.43
N ASP P 63 -56.16 -16.99 14.24
CA ASP P 63 -55.26 -17.17 13.10
C ASP P 63 -53.92 -16.52 13.39
N LEU P 64 -53.95 -15.32 13.97
CA LEU P 64 -52.74 -14.61 14.35
C LEU P 64 -52.01 -15.39 15.43
N GLN P 65 -52.76 -15.88 16.43
CA GLN P 65 -52.18 -16.59 17.55
C GLN P 65 -51.42 -17.84 17.08
N HIS P 66 -51.95 -18.52 16.06
CA HIS P 66 -51.32 -19.75 15.60
C HIS P 66 -49.95 -19.48 14.98
N GLY P 67 -49.71 -18.21 14.62
CA GLY P 67 -48.44 -17.83 14.02
C GLY P 67 -47.47 -17.23 15.03
N SER P 68 -47.76 -17.37 16.32
CA SER P 68 -47.02 -16.74 17.40
C SER P 68 -45.54 -17.12 17.37
N LEU P 69 -45.26 -18.34 16.93
CA LEU P 69 -43.89 -18.84 16.83
C LEU P 69 -43.04 -17.90 15.98
N PHE P 70 -43.69 -17.23 15.01
CA PHE P 70 -42.98 -16.45 14.01
C PHE P 70 -43.07 -14.95 14.28
N LEU P 71 -43.66 -14.59 15.43
CA LEU P 71 -43.80 -13.20 15.82
C LEU P 71 -43.06 -12.94 17.12
N ARG P 72 -43.01 -11.67 17.51
CA ARG P 72 -42.40 -11.28 18.77
C ARG P 72 -43.37 -10.40 19.55
N THR P 73 -44.66 -10.69 19.36
CA THR P 73 -45.70 -10.07 20.17
C THR P 73 -46.35 -11.20 20.97
N PRO P 74 -46.05 -11.31 22.28
CA PRO P 74 -46.43 -12.50 23.04
C PRO P 74 -47.91 -12.61 23.43
N LYS P 75 -48.64 -11.49 23.40
CA LYS P 75 -50.03 -11.52 23.82
C LYS P 75 -50.93 -10.91 22.75
N ILE P 76 -51.81 -11.75 22.20
CA ILE P 76 -52.85 -11.32 21.27
C ILE P 76 -54.19 -11.68 21.90
N VAL P 77 -55.04 -10.66 22.07
CA VAL P 77 -56.36 -10.84 22.66
C VAL P 77 -57.40 -10.20 21.76
N SER P 78 -58.65 -10.66 21.91
CA SER P 78 -59.79 -10.07 21.24
C SER P 78 -61.03 -10.16 22.12
N GLY P 79 -62.03 -9.34 21.80
CA GLY P 79 -63.29 -9.34 22.52
C GLY P 79 -64.22 -8.25 22.00
N LYS P 80 -65.52 -8.51 22.12
CA LYS P 80 -66.54 -7.49 21.92
C LYS P 80 -66.46 -6.45 23.02
N ASP P 81 -66.06 -6.88 24.22
CA ASP P 81 -65.98 -6.03 25.38
C ASP P 81 -64.67 -5.24 25.31
N TYR P 82 -64.77 -3.92 25.54
CA TYR P 82 -63.61 -3.04 25.43
C TYR P 82 -62.62 -3.19 26.59
N ASN P 83 -62.92 -4.09 27.52
CA ASN P 83 -62.00 -4.28 28.64
C ASN P 83 -60.72 -4.98 28.15
N VAL P 84 -60.78 -5.64 26.99
CA VAL P 84 -59.60 -6.26 26.42
C VAL P 84 -58.64 -5.19 25.93
N THR P 85 -59.10 -3.92 25.90
CA THR P 85 -58.40 -2.78 25.32
C THR P 85 -57.57 -2.03 26.36
N ALA P 86 -57.70 -2.43 27.64
CA ALA P 86 -57.20 -1.63 28.75
C ALA P 86 -55.70 -1.37 28.65
N ASN P 87 -55.32 -0.14 28.97
CA ASN P 87 -53.93 0.30 29.06
C ASN P 87 -53.23 0.25 27.70
N SER P 88 -53.96 0.56 26.63
CA SER P 88 -53.35 0.71 25.32
C SER P 88 -52.57 2.02 25.27
N LYS P 89 -51.40 2.00 24.64
CA LYS P 89 -50.67 3.21 24.33
C LYS P 89 -51.29 3.87 23.11
N LEU P 90 -51.74 3.03 22.18
CA LEU P 90 -52.24 3.48 20.89
C LEU P 90 -53.45 2.64 20.53
N VAL P 91 -54.54 3.32 20.16
CA VAL P 91 -55.78 2.67 19.74
C VAL P 91 -56.08 3.12 18.31
N ILE P 92 -56.14 2.14 17.39
CA ILE P 92 -56.36 2.43 15.99
C ILE P 92 -57.80 2.06 15.63
N ILE P 93 -58.59 3.06 15.18
CA ILE P 93 -59.98 2.85 14.83
C ILE P 93 -60.10 2.65 13.33
N THR P 94 -60.53 1.44 12.94
CA THR P 94 -60.74 1.12 11.53
C THR P 94 -62.18 0.67 11.29
N ALA P 95 -63.01 0.75 12.34
CA ALA P 95 -64.37 0.25 12.26
C ALA P 95 -65.27 1.28 11.59
N GLY P 96 -66.36 0.80 10.99
CA GLY P 96 -67.31 1.68 10.31
C GLY P 96 -67.60 1.20 8.89
N ALA P 97 -68.45 1.96 8.21
CA ALA P 97 -68.76 1.71 6.81
C ALA P 97 -67.61 2.22 5.96
N ARG P 98 -67.37 1.57 4.83
CA ARG P 98 -66.38 2.05 3.86
C ARG P 98 -67.07 2.32 2.53
N GLN P 99 -66.43 3.12 1.70
CA GLN P 99 -67.04 3.57 0.44
C GLN P 99 -67.04 2.43 -0.58
N GLN P 100 -68.13 2.38 -1.33
CA GLN P 100 -68.20 1.53 -2.51
C GLN P 100 -67.58 2.27 -3.69
N GLU P 101 -67.40 1.51 -4.76
CA GLU P 101 -66.94 1.98 -6.06
C GLU P 101 -66.86 3.51 -6.23
N GLY P 102 -67.90 4.17 -6.76
CA GLY P 102 -67.84 5.58 -7.05
C GLY P 102 -68.33 6.44 -5.89
N GLU P 103 -68.36 5.91 -4.65
CA GLU P 103 -68.88 6.61 -3.50
C GLU P 103 -67.80 7.45 -2.83
N SER P 104 -68.09 8.73 -2.60
CA SER P 104 -67.21 9.63 -1.85
C SER P 104 -67.15 9.18 -0.39
N ARG P 105 -65.94 9.25 0.20
CA ARG P 105 -65.76 8.96 1.60
C ARG P 105 -66.64 9.87 2.46
N LEU P 106 -66.95 11.08 1.96
CA LEU P 106 -67.74 12.04 2.70
C LEU P 106 -69.16 11.54 2.91
N ASN P 107 -69.56 10.55 2.10
CA ASN P 107 -70.90 10.00 2.12
C ASN P 107 -71.08 9.02 3.28
N LEU P 108 -70.01 8.54 3.85
CA LEU P 108 -70.46 7.92 5.11
C LEU P 108 -69.88 8.55 6.33
N VAL P 109 -70.39 9.75 6.38
CA VAL P 109 -70.15 10.55 7.58
C VAL P 109 -71.11 10.20 8.71
N GLN P 110 -72.41 10.21 8.42
CA GLN P 110 -73.40 10.09 9.47
C GLN P 110 -73.39 8.68 10.07
N ARG P 111 -73.19 7.69 9.19
CA ARG P 111 -73.16 6.29 9.60
C ARG P 111 -72.00 6.09 10.58
N ASN P 112 -70.83 6.64 10.23
CA ASN P 112 -69.64 6.38 11.01
C ASN P 112 -69.59 7.29 12.23
N VAL P 113 -70.23 8.47 12.18
CA VAL P 113 -70.32 9.32 13.36
C VAL P 113 -71.12 8.57 14.43
N ASN P 114 -72.21 7.91 14.00
CA ASN P 114 -73.04 7.16 14.92
C ASN P 114 -72.22 6.05 15.58
N ILE P 115 -71.41 5.37 14.78
CA ILE P 115 -70.57 4.27 15.26
C ILE P 115 -69.58 4.80 16.30
N PHE P 116 -68.98 5.97 16.01
CA PHE P 116 -67.97 6.56 16.86
C PHE P 116 -68.54 6.95 18.22
N LYS P 117 -69.83 7.31 18.25
CA LYS P 117 -70.51 7.64 19.49
C LYS P 117 -70.49 6.47 20.47
N PHE P 118 -70.36 5.24 19.93
CA PHE P 118 -70.29 4.07 20.77
C PHE P 118 -68.83 3.73 21.08
N ILE P 119 -67.99 3.78 20.04
CA ILE P 119 -66.63 3.27 20.10
C ILE P 119 -65.77 4.15 21.00
N ILE P 120 -65.80 5.47 20.74
CA ILE P 120 -64.78 6.36 21.29
C ILE P 120 -64.86 6.40 22.83
N PRO P 121 -66.05 6.58 23.45
CA PRO P 121 -66.17 6.58 24.90
C PRO P 121 -65.69 5.29 25.56
N ASN P 122 -65.88 4.16 24.87
CA ASN P 122 -65.46 2.88 25.37
C ASN P 122 -63.93 2.74 25.34
N VAL P 123 -63.32 3.22 24.26
CA VAL P 123 -61.87 3.22 24.13
C VAL P 123 -61.27 4.06 25.26
N VAL P 124 -61.84 5.26 25.46
CA VAL P 124 -61.33 6.23 26.41
C VAL P 124 -61.48 5.71 27.84
N LYS P 125 -62.60 5.00 28.08
CA LYS P 125 -62.86 4.42 29.39
C LYS P 125 -61.66 3.57 29.84
N TYR P 126 -61.15 2.73 28.95
CA TYR P 126 -60.19 1.68 29.31
C TYR P 126 -58.73 2.08 29.06
N SER P 127 -58.52 3.08 28.18
CA SER P 127 -57.18 3.59 27.90
C SER P 127 -57.21 5.11 27.85
N PRO P 128 -57.42 5.80 28.99
CA PRO P 128 -57.57 7.25 28.99
C PRO P 128 -56.36 8.03 28.51
N ASN P 129 -55.19 7.40 28.53
CA ASN P 129 -53.95 8.09 28.19
C ASN P 129 -53.41 7.66 26.84
N CYS P 130 -54.24 6.96 26.06
CA CYS P 130 -53.79 6.46 24.77
C CYS P 130 -53.71 7.60 23.77
N LYS P 131 -53.04 7.33 22.65
CA LYS P 131 -53.20 8.11 21.45
C LYS P 131 -54.24 7.41 20.59
N LEU P 132 -55.14 8.21 20.00
CA LEU P 132 -56.15 7.72 19.09
C LEU P 132 -55.67 7.95 17.66
N LEU P 133 -55.56 6.87 16.88
CA LEU P 133 -55.26 6.98 15.47
C LEU P 133 -56.51 6.57 14.68
N ILE P 134 -57.13 7.55 14.02
CA ILE P 134 -58.38 7.33 13.29
C ILE P 134 -58.04 6.97 11.84
N VAL P 135 -58.62 5.87 11.37
CA VAL P 135 -58.38 5.41 10.01
C VAL P 135 -59.69 5.39 9.23
N SER P 136 -60.81 5.21 9.95
CA SER P 136 -62.15 5.20 9.38
C SER P 136 -62.42 6.48 8.60
N ASN P 137 -63.25 6.38 7.56
CA ASN P 137 -63.49 7.48 6.64
C ASN P 137 -64.85 8.11 6.88
N PRO P 138 -65.06 9.41 6.58
CA PRO P 138 -63.99 10.32 6.13
C PRO P 138 -63.08 10.68 7.30
N VAL P 139 -61.80 10.35 7.16
CA VAL P 139 -60.87 10.32 8.28
C VAL P 139 -60.72 11.71 8.89
N ASP P 140 -60.82 12.77 8.07
CA ASP P 140 -60.53 14.11 8.55
C ASP P 140 -61.65 14.58 9.47
N ILE P 141 -62.90 14.34 9.04
CA ILE P 141 -64.06 14.68 9.85
C ILE P 141 -64.12 13.75 11.07
N LEU P 142 -63.85 12.46 10.88
CA LEU P 142 -63.95 11.50 11.97
C LEU P 142 -62.86 11.71 13.01
N THR P 143 -61.73 12.32 12.62
CA THR P 143 -60.69 12.68 13.58
C THR P 143 -61.23 13.76 14.50
N TYR P 144 -61.89 14.76 13.89
CA TYR P 144 -62.54 15.84 14.61
C TYR P 144 -63.60 15.25 15.56
N VAL P 145 -64.37 14.29 15.06
CA VAL P 145 -65.43 13.66 15.85
C VAL P 145 -64.80 12.95 17.05
N ALA P 146 -63.77 12.14 16.80
CA ALA P 146 -63.10 11.41 17.87
C ALA P 146 -62.55 12.39 18.91
N TRP P 147 -62.14 13.59 18.46
CA TRP P 147 -61.57 14.60 19.33
C TRP P 147 -62.66 15.18 20.24
N LYS P 148 -63.80 15.53 19.63
CA LYS P 148 -64.93 16.07 20.36
C LYS P 148 -65.45 15.05 21.36
N ILE P 149 -65.59 13.78 20.93
CA ILE P 149 -66.22 12.76 21.76
C ILE P 149 -65.29 12.39 22.91
N SER P 150 -64.01 12.12 22.61
CA SER P 150 -63.05 11.65 23.58
C SER P 150 -62.75 12.66 24.69
N GLY P 151 -62.73 13.94 24.32
CA GLY P 151 -62.32 15.02 25.21
C GLY P 151 -60.80 15.09 25.39
N PHE P 152 -60.08 14.36 24.54
CA PHE P 152 -58.63 14.33 24.58
C PHE P 152 -58.07 15.66 24.09
N PRO P 153 -56.84 16.02 24.50
CA PRO P 153 -56.13 17.14 23.89
C PRO P 153 -55.85 16.75 22.45
N LYS P 154 -55.70 17.75 21.58
CA LYS P 154 -55.69 17.53 20.14
C LYS P 154 -54.44 16.76 19.70
N ASN P 155 -53.39 16.78 20.53
CA ASN P 155 -52.16 16.08 20.19
C ASN P 155 -52.35 14.56 20.22
N ARG P 156 -53.37 14.09 20.95
CA ARG P 156 -53.57 12.66 21.11
C ARG P 156 -54.69 12.13 20.22
N VAL P 157 -55.13 12.93 19.23
CA VAL P 157 -56.10 12.45 18.26
C VAL P 157 -55.56 12.71 16.87
N ILE P 158 -55.20 11.63 16.17
CA ILE P 158 -54.46 11.67 14.92
C ILE P 158 -55.26 10.92 13.87
N GLY P 159 -55.50 11.54 12.71
CA GLY P 159 -56.12 10.83 11.59
C GLY P 159 -55.03 10.37 10.61
N SER P 160 -55.18 9.15 10.08
CA SER P 160 -54.19 8.59 9.16
C SER P 160 -53.98 9.53 7.98
N GLY P 161 -55.04 10.28 7.64
CA GLY P 161 -54.96 11.42 6.75
C GLY P 161 -54.30 11.08 5.42
N CYS P 162 -53.36 11.94 5.00
CA CYS P 162 -52.75 11.83 3.69
C CYS P 162 -51.40 11.12 3.72
N ASN P 163 -51.11 10.38 4.80
CA ASN P 163 -49.88 9.60 4.88
C ASN P 163 -49.86 8.65 3.69
N LEU P 164 -51.00 8.02 3.40
CA LEU P 164 -51.08 7.08 2.30
C LEU P 164 -51.06 7.79 0.95
N ASP P 165 -51.75 8.92 0.85
CA ASP P 165 -51.79 9.69 -0.39
C ASP P 165 -50.39 10.10 -0.79
N SER P 166 -49.61 10.57 0.19
CA SER P 166 -48.25 11.00 -0.05
C SER P 166 -47.38 9.81 -0.44
N ALA P 167 -47.62 8.65 0.18
CA ALA P 167 -46.91 7.42 -0.12
C ALA P 167 -47.16 6.99 -1.56
N ARG P 168 -48.43 7.06 -2.00
CA ARG P 168 -48.81 6.76 -3.37
C ARG P 168 -48.12 7.75 -4.30
N PHE P 169 -48.18 9.03 -3.95
CA PHE P 169 -47.59 10.10 -4.74
C PHE P 169 -46.12 9.82 -5.00
N ARG P 170 -45.41 9.46 -3.92
CA ARG P 170 -43.98 9.23 -4.00
C ARG P 170 -43.68 7.95 -4.78
N TYR P 171 -44.59 6.96 -4.70
CA TYR P 171 -44.42 5.75 -5.46
C TYR P 171 -44.45 6.07 -6.95
N LEU P 172 -45.48 6.83 -7.36
CA LEU P 172 -45.69 7.18 -8.76
C LEU P 172 -44.58 8.10 -9.25
N MET P 173 -44.17 9.07 -8.40
CA MET P 173 -43.05 9.93 -8.69
C MET P 173 -41.83 9.09 -9.01
N GLY P 174 -41.56 8.11 -8.14
CA GLY P 174 -40.43 7.22 -8.28
C GLY P 174 -40.47 6.40 -9.57
N GLU P 175 -41.67 5.95 -9.95
CA GLU P 175 -41.88 5.17 -11.16
C GLU P 175 -41.45 5.98 -12.36
N ARG P 176 -41.85 7.26 -12.38
CA ARG P 176 -41.55 8.15 -13.49
C ARG P 176 -40.05 8.45 -13.55
N LEU P 177 -39.40 8.60 -12.39
CA LEU P 177 -38.04 9.13 -12.37
C LEU P 177 -36.99 8.02 -12.31
N GLY P 178 -37.40 6.78 -12.01
CA GLY P 178 -36.48 5.65 -11.86
C GLY P 178 -35.69 5.73 -10.55
N VAL P 179 -36.37 6.23 -9.50
CA VAL P 179 -35.78 6.42 -8.19
C VAL P 179 -36.68 5.75 -7.16
N HIS P 180 -36.07 5.16 -6.11
CA HIS P 180 -36.85 4.61 -5.02
C HIS P 180 -37.72 5.70 -4.40
N PRO P 181 -38.98 5.41 -4.03
CA PRO P 181 -39.82 6.41 -3.38
C PRO P 181 -39.19 7.09 -2.17
N LEU P 182 -38.27 6.39 -1.49
CA LEU P 182 -37.62 6.93 -0.32
C LEU P 182 -36.84 8.18 -0.68
N SER P 183 -36.35 8.24 -1.92
CA SER P 183 -35.54 9.37 -2.39
C SER P 183 -36.35 10.37 -3.21
N CYS P 184 -37.66 10.12 -3.35
CA CYS P 184 -38.59 11.02 -4.02
C CYS P 184 -39.45 11.74 -2.98
N HIS P 185 -39.42 13.07 -2.97
CA HIS P 185 -40.05 13.84 -1.91
C HIS P 185 -41.16 14.71 -2.50
N GLY P 186 -42.28 14.78 -1.78
CA GLY P 186 -43.48 15.43 -2.28
C GLY P 186 -44.66 15.14 -1.35
N TRP P 187 -45.45 16.17 -1.06
CA TRP P 187 -46.50 16.10 -0.05
C TRP P 187 -47.86 16.31 -0.69
N VAL P 188 -48.80 15.44 -0.32
CA VAL P 188 -50.21 15.65 -0.62
C VAL P 188 -50.89 15.97 0.71
N LEU P 189 -51.52 17.16 0.79
CA LEU P 189 -52.09 17.66 2.03
C LEU P 189 -53.59 17.91 1.88
N GLY P 190 -54.22 18.30 2.99
CA GLY P 190 -55.65 18.58 3.00
C GLY P 190 -56.49 17.33 3.27
N GLU P 191 -57.62 17.21 2.54
CA GLU P 191 -58.53 16.08 2.69
C GLU P 191 -57.89 14.82 2.12
N HIS P 192 -58.00 13.74 2.89
CA HIS P 192 -57.76 12.42 2.34
C HIS P 192 -58.98 12.09 1.49
N GLY P 193 -58.93 12.53 0.24
CA GLY P 193 -60.08 12.42 -0.64
C GLY P 193 -59.87 13.27 -1.89
N ASP P 194 -61.01 13.63 -2.50
CA ASP P 194 -61.03 14.22 -3.82
C ASP P 194 -60.40 15.62 -3.83
N SER P 195 -60.40 16.32 -2.69
CA SER P 195 -59.91 17.69 -2.62
C SER P 195 -58.49 17.78 -2.05
N SER P 196 -57.73 16.69 -2.17
CA SER P 196 -56.34 16.71 -1.71
C SER P 196 -55.50 17.69 -2.55
N VAL P 197 -54.47 18.25 -1.91
CA VAL P 197 -53.66 19.29 -2.51
C VAL P 197 -52.22 18.79 -2.67
N PRO P 198 -51.72 18.61 -3.92
CA PRO P 198 -50.32 18.25 -4.15
C PRO P 198 -49.46 19.51 -4.10
N VAL P 199 -48.41 19.46 -3.27
CA VAL P 199 -47.55 20.62 -3.06
C VAL P 199 -46.38 20.53 -4.05
N TRP P 200 -46.64 21.03 -5.26
CA TRP P 200 -45.68 21.04 -6.36
C TRP P 200 -44.41 21.80 -5.96
N SER P 201 -44.59 22.85 -5.15
CA SER P 201 -43.48 23.69 -4.74
C SER P 201 -42.43 22.92 -3.93
N GLY P 202 -42.86 21.81 -3.29
CA GLY P 202 -42.04 21.04 -2.38
C GLY P 202 -41.40 19.79 -3.02
N MET P 203 -41.86 19.44 -4.22
CA MET P 203 -41.43 18.22 -4.89
C MET P 203 -39.94 18.30 -5.25
N ASN P 204 -39.18 17.28 -4.84
CA ASN P 204 -37.75 17.32 -5.05
C ASN P 204 -37.14 15.92 -5.01
N VAL P 205 -35.99 15.78 -5.66
CA VAL P 205 -35.09 14.65 -5.52
C VAL P 205 -33.74 15.20 -5.12
N ALA P 206 -33.13 14.63 -4.08
CA ALA P 206 -31.82 15.02 -3.58
C ALA P 206 -31.73 16.54 -3.36
N GLY P 207 -32.86 17.15 -2.96
CA GLY P 207 -32.89 18.56 -2.61
C GLY P 207 -33.06 19.48 -3.82
N VAL P 208 -33.15 18.89 -5.01
CA VAL P 208 -33.29 19.66 -6.24
C VAL P 208 -34.77 19.86 -6.52
N SER P 209 -35.25 21.12 -6.47
CA SER P 209 -36.64 21.45 -6.71
C SER P 209 -37.05 21.11 -8.15
N LEU P 210 -38.08 20.28 -8.28
CA LEU P 210 -38.54 19.82 -9.59
C LEU P 210 -39.26 20.96 -10.31
N LYS P 211 -39.93 21.83 -9.54
CA LYS P 211 -40.63 22.97 -10.09
C LYS P 211 -39.65 23.98 -10.66
N THR P 212 -38.47 24.10 -10.03
CA THR P 212 -37.39 24.95 -10.50
C THR P 212 -36.90 24.45 -11.86
N LEU P 213 -36.71 23.13 -11.95
CA LEU P 213 -36.23 22.49 -13.18
C LEU P 213 -37.28 22.57 -14.27
N HIS P 214 -38.55 22.51 -13.87
CA HIS P 214 -39.66 22.35 -14.80
C HIS P 214 -40.85 23.18 -14.30
N PRO P 215 -40.87 24.50 -14.63
CA PRO P 215 -41.88 25.40 -14.07
C PRO P 215 -43.33 25.04 -14.41
N ASP P 216 -43.52 24.26 -15.49
CA ASP P 216 -44.86 23.83 -15.87
C ASP P 216 -45.41 22.79 -14.91
N LEU P 217 -44.55 22.20 -14.07
CA LEU P 217 -44.92 21.11 -13.18
C LEU P 217 -46.20 21.47 -12.42
N GLY P 218 -47.23 20.64 -12.56
CA GLY P 218 -48.47 20.79 -11.82
C GLY P 218 -49.55 21.62 -12.51
N THR P 219 -49.20 22.22 -13.66
CA THR P 219 -50.15 23.03 -14.39
C THR P 219 -50.74 22.22 -15.54
N ASP P 220 -51.80 22.77 -16.16
CA ASP P 220 -52.45 22.15 -17.29
C ASP P 220 -51.59 22.25 -18.55
N LYS P 221 -50.74 23.29 -18.60
CA LYS P 221 -49.91 23.51 -19.77
C LYS P 221 -48.79 22.47 -19.85
N ASP P 222 -48.49 21.82 -18.72
CA ASP P 222 -47.41 20.86 -18.57
C ASP P 222 -47.45 19.77 -19.63
N LYS P 223 -46.42 19.79 -20.50
CA LYS P 223 -46.23 18.83 -21.56
C LYS P 223 -46.09 17.42 -20.99
N GLU P 224 -45.56 17.33 -19.79
CA GLU P 224 -45.24 16.05 -19.16
C GLU P 224 -46.41 15.56 -18.31
N GLN P 225 -47.38 16.44 -18.05
CA GLN P 225 -48.63 16.09 -17.41
C GLN P 225 -48.39 15.55 -16.01
N TRP P 226 -47.63 16.30 -15.20
CA TRP P 226 -47.38 15.84 -13.84
C TRP P 226 -48.64 15.91 -12.98
N LYS P 227 -49.62 16.72 -13.43
CA LYS P 227 -50.87 16.85 -12.72
C LYS P 227 -51.57 15.48 -12.65
N GLU P 228 -51.30 14.63 -13.65
CA GLU P 228 -51.88 13.30 -13.74
C GLU P 228 -51.40 12.41 -12.60
N VAL P 229 -50.20 12.68 -12.06
CA VAL P 229 -49.72 11.91 -10.93
C VAL P 229 -50.64 12.11 -9.73
N HIS P 230 -51.04 13.37 -9.49
CA HIS P 230 -51.95 13.63 -8.40
C HIS P 230 -53.33 13.07 -8.72
N LYS P 231 -53.72 13.09 -9.99
CA LYS P 231 -55.04 12.58 -10.37
C LYS P 231 -55.11 11.10 -10.01
N GLN P 232 -53.96 10.43 -10.22
CA GLN P 232 -53.86 9.01 -9.95
C GLN P 232 -53.89 8.74 -8.45
N VAL P 233 -53.43 9.72 -7.67
CA VAL P 233 -53.45 9.59 -6.21
C VAL P 233 -54.89 9.64 -5.72
N VAL P 234 -55.65 10.62 -6.22
CA VAL P 234 -57.05 10.77 -5.87
C VAL P 234 -57.83 9.51 -6.25
N GLU P 235 -57.46 8.92 -7.38
CA GLU P 235 -58.25 7.86 -7.98
C GLU P 235 -57.80 6.47 -7.55
N SER P 236 -56.67 6.38 -6.81
CA SER P 236 -56.08 5.12 -6.41
C SER P 236 -57.09 4.25 -5.69
N ALA P 237 -57.66 4.79 -4.61
CA ALA P 237 -58.59 4.06 -3.76
C ALA P 237 -59.72 3.47 -4.60
N TYR P 238 -60.28 4.31 -5.47
CA TYR P 238 -61.41 3.92 -6.30
C TYR P 238 -60.99 2.84 -7.30
N GLU P 239 -59.78 2.95 -7.85
CA GLU P 239 -59.34 2.00 -8.84
C GLU P 239 -59.04 0.65 -8.17
N VAL P 240 -58.43 0.67 -6.99
CA VAL P 240 -58.16 -0.58 -6.30
C VAL P 240 -59.49 -1.21 -5.89
N ILE P 241 -60.43 -0.40 -5.38
CA ILE P 241 -61.76 -0.87 -5.01
C ILE P 241 -62.40 -1.54 -6.23
N LYS P 242 -62.33 -0.86 -7.37
CA LYS P 242 -62.88 -1.36 -8.62
C LYS P 242 -62.28 -2.73 -8.95
N LEU P 243 -60.97 -2.89 -8.70
CA LEU P 243 -60.27 -4.07 -9.16
C LEU P 243 -60.40 -5.24 -8.18
N LYS P 244 -60.32 -4.98 -6.87
CA LYS P 244 -60.27 -6.05 -5.89
C LYS P 244 -61.33 -5.93 -4.80
N GLY P 245 -62.11 -4.84 -4.81
CA GLY P 245 -63.26 -4.71 -3.94
C GLY P 245 -62.99 -3.81 -2.74
N TYR P 246 -61.72 -3.65 -2.37
CA TYR P 246 -61.35 -2.86 -1.20
C TYR P 246 -59.87 -2.53 -1.28
N THR P 247 -59.40 -1.65 -0.40
CA THR P 247 -57.96 -1.49 -0.21
C THR P 247 -57.61 -1.98 1.20
N SER P 248 -56.42 -2.55 1.34
CA SER P 248 -56.01 -3.11 2.63
C SER P 248 -54.51 -2.91 2.88
N TRP P 249 -53.68 -3.41 1.96
CA TRP P 249 -52.26 -3.55 2.26
C TRP P 249 -51.58 -2.20 2.44
N ALA P 250 -51.87 -1.25 1.55
CA ALA P 250 -51.21 0.05 1.54
C ALA P 250 -51.57 0.84 2.79
N ILE P 251 -52.86 0.86 3.12
CA ILE P 251 -53.32 1.58 4.30
C ILE P 251 -52.78 0.92 5.57
N GLY P 252 -52.67 -0.42 5.54
CA GLY P 252 -52.14 -1.18 6.65
C GLY P 252 -50.70 -0.78 6.96
N LEU P 253 -49.87 -0.77 5.92
CA LEU P 253 -48.47 -0.39 6.02
C LEU P 253 -48.37 1.07 6.45
N SER P 254 -49.22 1.93 5.89
CA SER P 254 -49.22 3.35 6.20
C SER P 254 -49.47 3.57 7.69
N VAL P 255 -50.43 2.80 8.25
CA VAL P 255 -50.84 2.90 9.64
C VAL P 255 -49.71 2.39 10.54
N ALA P 256 -49.04 1.30 10.14
CA ALA P 256 -47.94 0.77 10.94
C ALA P 256 -46.78 1.77 10.94
N ASP P 257 -46.65 2.51 9.82
CA ASP P 257 -45.65 3.55 9.70
C ASP P 257 -45.87 4.61 10.78
N LEU P 258 -47.14 5.02 10.93
CA LEU P 258 -47.50 6.03 11.91
C LEU P 258 -47.31 5.47 13.33
N ALA P 259 -47.75 4.22 13.52
CA ALA P 259 -47.64 3.53 14.80
C ALA P 259 -46.17 3.47 15.23
N GLU P 260 -45.28 3.20 14.27
CA GLU P 260 -43.85 3.10 14.55
C GLU P 260 -43.32 4.40 15.14
N SER P 261 -43.71 5.53 14.51
CA SER P 261 -43.25 6.83 14.95
C SER P 261 -43.79 7.16 16.34
N ILE P 262 -45.04 6.77 16.60
CA ILE P 262 -45.64 7.06 17.89
C ILE P 262 -44.98 6.21 18.97
N MET P 263 -44.94 4.88 18.76
CA MET P 263 -44.47 3.93 19.77
C MET P 263 -43.00 4.13 20.11
N LYS P 264 -42.18 4.47 19.11
CA LYS P 264 -40.75 4.59 19.29
C LYS P 264 -40.32 6.04 19.49
N ASN P 265 -41.28 6.97 19.54
CA ASN P 265 -41.07 8.39 19.80
C ASN P 265 -40.04 8.98 18.84
N LEU P 266 -40.19 8.67 17.55
CA LEU P 266 -39.17 8.99 16.55
C LEU P 266 -39.11 10.49 16.24
N ARG P 267 -40.25 11.19 16.33
CA ARG P 267 -40.34 12.59 15.93
C ARG P 267 -40.04 12.70 14.44
N ARG P 268 -40.58 11.75 13.67
CA ARG P 268 -40.61 11.85 12.23
C ARG P 268 -41.79 12.72 11.80
N VAL P 269 -41.72 13.21 10.56
CA VAL P 269 -42.75 14.07 10.02
C VAL P 269 -43.65 13.27 9.08
N HIS P 270 -44.96 13.31 9.34
CA HIS P 270 -45.96 12.61 8.56
C HIS P 270 -47.11 13.56 8.27
N PRO P 271 -47.73 13.47 7.07
CA PRO P 271 -48.93 14.26 6.76
C PRO P 271 -50.16 13.55 7.32
N VAL P 272 -50.68 14.03 8.46
CA VAL P 272 -51.73 13.34 9.19
C VAL P 272 -52.80 14.37 9.55
N SER P 273 -54.03 13.91 9.84
CA SER P 273 -55.14 14.80 10.11
C SER P 273 -55.03 15.39 11.51
N THR P 274 -55.06 16.71 11.58
CA THR P 274 -55.01 17.40 12.85
C THR P 274 -55.74 18.73 12.71
N MET P 275 -55.97 19.39 13.84
CA MET P 275 -56.66 20.66 13.81
C MET P 275 -55.73 21.73 13.25
N ILE P 276 -56.19 22.44 12.21
CA ILE P 276 -55.38 23.44 11.54
C ILE P 276 -55.94 24.85 11.71
N LYS P 277 -56.92 25.00 12.60
CA LYS P 277 -57.45 26.32 12.94
C LYS P 277 -56.28 27.27 13.21
N GLY P 278 -56.33 28.46 12.59
CA GLY P 278 -55.32 29.50 12.76
C GLY P 278 -54.23 29.47 11.68
N LEU P 279 -54.21 28.43 10.84
CA LEU P 279 -53.24 28.36 9.76
C LEU P 279 -53.95 28.57 8.42
N TYR P 280 -53.26 29.24 7.51
CA TYR P 280 -53.71 29.48 6.15
C TYR P 280 -55.09 30.14 6.12
N GLY P 281 -55.39 30.94 7.15
CA GLY P 281 -56.60 31.73 7.21
C GLY P 281 -57.86 30.90 7.50
N ILE P 282 -57.66 29.66 7.93
CA ILE P 282 -58.76 28.82 8.38
C ILE P 282 -59.10 29.23 9.80
N LYS P 283 -60.39 29.50 10.06
CA LYS P 283 -60.81 30.07 11.34
C LYS P 283 -61.67 29.09 12.14
N ASP P 284 -62.01 27.95 11.54
CA ASP P 284 -62.91 26.99 12.17
C ASP P 284 -62.13 25.77 12.64
N ASP P 285 -62.83 24.88 13.35
CA ASP P 285 -62.24 23.72 13.97
C ASP P 285 -62.07 22.61 12.94
N VAL P 286 -61.39 22.91 11.83
CA VAL P 286 -61.25 21.95 10.76
C VAL P 286 -60.06 21.05 11.03
N PHE P 287 -60.23 19.75 10.80
CA PHE P 287 -59.10 18.83 10.77
C PHE P 287 -58.76 18.48 9.34
N LEU P 288 -57.49 18.62 8.97
CA LEU P 288 -57.01 18.01 7.73
C LEU P 288 -55.52 17.74 7.85
N SER P 289 -54.95 17.20 6.78
CA SER P 289 -53.56 16.76 6.80
C SER P 289 -52.61 17.91 6.52
N VAL P 290 -51.68 18.12 7.46
CA VAL P 290 -50.47 18.91 7.25
C VAL P 290 -49.30 18.08 7.80
N PRO P 291 -48.03 18.37 7.45
CA PRO P 291 -46.91 17.61 8.02
C PRO P 291 -46.79 17.88 9.51
N CYS P 292 -46.83 16.79 10.29
CA CYS P 292 -46.77 16.87 11.74
C CYS P 292 -45.61 16.02 12.26
N ILE P 293 -45.03 16.47 13.38
CA ILE P 293 -44.01 15.71 14.09
C ILE P 293 -44.71 14.73 15.02
N LEU P 294 -44.42 13.43 14.85
CA LEU P 294 -45.11 12.35 15.51
C LEU P 294 -44.17 11.68 16.51
N GLY P 295 -44.67 11.57 17.75
CA GLY P 295 -43.93 10.89 18.79
C GLY P 295 -44.86 10.32 19.84
N GLN P 296 -44.30 10.07 21.03
CA GLN P 296 -44.98 9.34 22.09
C GLN P 296 -46.13 10.16 22.68
N ASN P 297 -46.19 11.47 22.39
CA ASN P 297 -47.33 12.28 22.83
C ASN P 297 -48.25 12.58 21.66
N GLY P 298 -48.08 11.83 20.57
CA GLY P 298 -48.84 12.06 19.34
C GLY P 298 -48.23 13.18 18.52
N ILE P 299 -49.08 14.15 18.12
CA ILE P 299 -48.62 15.27 17.33
C ILE P 299 -48.12 16.35 18.28
N SER P 300 -46.80 16.52 18.34
CA SER P 300 -46.20 17.51 19.22
C SER P 300 -46.06 18.85 18.50
N ASP P 301 -45.99 18.82 17.17
CA ASP P 301 -45.67 19.99 16.36
C ASP P 301 -46.25 19.82 14.96
N LEU P 302 -46.51 20.96 14.30
CA LEU P 302 -46.84 21.02 12.89
C LEU P 302 -45.69 21.72 12.16
N VAL P 303 -45.42 21.25 10.94
CA VAL P 303 -44.58 22.02 10.03
C VAL P 303 -45.51 22.98 9.30
N LYS P 304 -45.11 24.27 9.29
CA LYS P 304 -45.88 25.28 8.61
C LYS P 304 -45.39 25.39 7.18
N VAL P 305 -45.93 24.54 6.30
CA VAL P 305 -45.47 24.47 4.93
C VAL P 305 -45.80 25.79 4.25
N THR P 306 -44.85 26.29 3.46
CA THR P 306 -45.10 27.42 2.59
C THR P 306 -45.81 26.94 1.33
N LEU P 307 -46.95 27.56 1.03
CA LEU P 307 -47.77 27.18 -0.10
C LEU P 307 -47.84 28.33 -1.10
N THR P 308 -47.85 27.99 -2.40
CA THR P 308 -48.22 28.98 -3.39
C THR P 308 -49.65 29.43 -3.09
N SER P 309 -50.00 30.63 -3.54
CA SER P 309 -51.34 31.17 -3.32
C SER P 309 -52.41 30.19 -3.83
N GLU P 310 -52.11 29.48 -4.92
CA GLU P 310 -53.06 28.52 -5.47
C GLU P 310 -53.11 27.27 -4.59
N GLU P 311 -51.93 26.76 -4.18
CA GLU P 311 -51.86 25.62 -3.27
C GLU P 311 -52.63 25.96 -2.00
N GLU P 312 -52.47 27.20 -1.51
CA GLU P 312 -53.18 27.62 -0.31
C GLU P 312 -54.68 27.75 -0.58
N ALA P 313 -55.04 28.22 -1.77
CA ALA P 313 -56.43 28.34 -2.16
C ALA P 313 -57.09 26.96 -2.16
N ARG P 314 -56.40 25.96 -2.70
CA ARG P 314 -56.89 24.60 -2.78
C ARG P 314 -57.10 24.00 -1.38
N LEU P 315 -56.18 24.35 -0.45
CA LEU P 315 -56.25 23.86 0.92
C LEU P 315 -57.41 24.52 1.67
N LYS P 316 -57.67 25.80 1.37
CA LYS P 316 -58.79 26.51 1.98
C LYS P 316 -60.10 25.95 1.46
N LYS P 317 -60.10 25.53 0.19
CA LYS P 317 -61.24 24.90 -0.45
C LYS P 317 -61.55 23.55 0.20
N SER P 318 -60.48 22.79 0.45
CA SER P 318 -60.58 21.49 1.13
C SER P 318 -61.17 21.73 2.53
N ALA P 319 -60.65 22.76 3.21
CA ALA P 319 -61.10 23.11 4.54
C ALA P 319 -62.60 23.44 4.55
N ASP P 320 -63.04 24.21 3.56
CA ASP P 320 -64.43 24.65 3.46
C ASP P 320 -65.34 23.44 3.27
N THR P 321 -64.99 22.57 2.32
CA THR P 321 -65.74 21.36 2.05
C THR P 321 -65.99 20.62 3.36
N LEU P 322 -64.89 20.41 4.11
CA LEU P 322 -64.92 19.60 5.32
C LEU P 322 -65.75 20.30 6.40
N TRP P 323 -65.54 21.61 6.55
CA TRP P 323 -66.25 22.36 7.57
C TRP P 323 -67.75 22.38 7.28
N GLY P 324 -68.09 22.42 5.99
CA GLY P 324 -69.48 22.38 5.58
C GLY P 324 -70.21 21.18 6.18
N ILE P 325 -69.53 20.03 6.16
CA ILE P 325 -70.14 18.81 6.64
C ILE P 325 -70.05 18.74 8.16
N GLN P 326 -68.93 19.22 8.72
CA GLN P 326 -68.73 19.24 10.16
C GLN P 326 -69.83 20.01 10.88
N LYS P 327 -70.30 21.12 10.28
CA LYS P 327 -71.32 21.92 10.96
C LYS P 327 -72.60 21.13 11.25
N GLU P 328 -72.88 20.15 10.37
CA GLU P 328 -74.13 19.41 10.44
C GLU P 328 -74.07 18.25 11.41
N LEU P 329 -72.93 18.00 12.03
CA LEU P 329 -72.75 16.80 12.83
C LEU P 329 -73.64 16.64 14.08
N GLN P 330 -74.34 15.50 14.08
CA GLN P 330 -75.27 15.23 15.16
C GLN P 330 -74.64 14.28 16.18
N PHE P 331 -74.18 14.83 17.28
CA PHE P 331 -73.86 14.07 18.48
C PHE P 331 -74.01 14.96 19.68
N ALA Q 1 -97.43 -60.18 -7.48
CA ALA Q 1 -97.70 -59.81 -6.04
C ALA Q 1 -97.17 -58.41 -5.74
N THR Q 2 -96.08 -58.08 -6.43
CA THR Q 2 -95.38 -56.80 -6.37
C THR Q 2 -96.24 -55.73 -7.02
N LEU Q 3 -95.90 -54.46 -6.75
CA LEU Q 3 -96.58 -53.31 -7.35
C LEU Q 3 -96.46 -53.37 -8.87
N LYS Q 4 -95.28 -53.72 -9.37
CA LYS Q 4 -95.02 -53.84 -10.81
C LYS Q 4 -96.00 -54.82 -11.44
N ASP Q 5 -96.21 -55.97 -10.77
CA ASP Q 5 -97.10 -57.02 -11.28
C ASP Q 5 -98.57 -56.63 -11.16
N GLN Q 6 -98.92 -55.88 -10.12
CA GLN Q 6 -100.29 -55.37 -9.96
C GLN Q 6 -100.59 -54.39 -11.08
N LEU Q 7 -99.58 -53.62 -11.51
CA LEU Q 7 -99.79 -52.52 -12.44
C LEU Q 7 -99.67 -53.00 -13.88
N ILE Q 8 -98.74 -53.93 -14.13
CA ILE Q 8 -98.36 -54.28 -15.48
C ILE Q 8 -98.54 -55.78 -15.71
N TYR Q 9 -99.39 -56.11 -16.70
CA TYR Q 9 -99.59 -57.47 -17.12
C TYR Q 9 -98.73 -57.71 -18.34
N ASN Q 10 -97.96 -58.79 -18.30
CA ASN Q 10 -97.01 -59.19 -19.36
C ASN Q 10 -97.72 -60.20 -20.28
N LEU Q 11 -97.65 -59.99 -21.58
CA LEU Q 11 -98.20 -60.88 -22.57
C LEU Q 11 -97.15 -61.85 -23.09
N LEU Q 12 -95.87 -61.39 -23.13
CA LEU Q 12 -94.89 -62.15 -23.87
C LEU Q 12 -93.61 -62.34 -23.02
N LYS Q 13 -92.43 -61.98 -23.52
CA LYS Q 13 -91.19 -62.53 -23.06
C LYS Q 13 -90.01 -61.60 -23.39
N GLU Q 14 -89.79 -61.34 -24.68
CA GLU Q 14 -88.47 -61.01 -25.23
C GLU Q 14 -88.21 -59.51 -25.23
N GLU Q 15 -88.94 -58.68 -26.03
CA GLU Q 15 -88.46 -57.42 -26.59
C GLU Q 15 -87.28 -57.67 -27.48
N GLN Q 16 -86.18 -56.93 -27.36
CA GLN Q 16 -84.86 -57.31 -27.86
C GLN Q 16 -84.21 -56.24 -28.71
N THR Q 17 -83.25 -56.70 -29.50
CA THR Q 17 -82.28 -56.14 -30.42
C THR Q 17 -82.47 -54.67 -30.79
N PRO Q 18 -81.48 -53.79 -30.54
CA PRO Q 18 -81.59 -52.37 -30.87
C PRO Q 18 -81.62 -52.19 -32.39
N GLN Q 19 -82.44 -51.23 -32.85
CA GLN Q 19 -82.60 -51.01 -34.27
C GLN Q 19 -81.72 -49.85 -34.74
N ASN Q 20 -81.37 -48.95 -33.82
CA ASN Q 20 -80.70 -47.72 -34.19
C ASN Q 20 -79.66 -47.37 -33.12
N LYS Q 21 -78.73 -48.31 -32.89
CA LYS Q 21 -77.81 -48.18 -31.77
C LYS Q 21 -76.54 -47.46 -32.21
N ILE Q 22 -76.09 -46.54 -31.36
CA ILE Q 22 -74.83 -45.85 -31.54
C ILE Q 22 -73.92 -46.13 -30.35
N THR Q 23 -72.66 -46.44 -30.64
CA THR Q 23 -71.64 -46.58 -29.62
C THR Q 23 -70.64 -45.45 -29.72
N VAL Q 24 -70.30 -44.87 -28.57
CA VAL Q 24 -69.19 -43.94 -28.47
C VAL Q 24 -68.09 -44.60 -27.65
N VAL Q 25 -66.93 -44.78 -28.27
CA VAL Q 25 -65.75 -45.31 -27.60
C VAL Q 25 -64.91 -44.12 -27.15
N GLY Q 26 -64.62 -44.06 -25.84
CA GLY Q 26 -63.91 -42.94 -25.24
C GLY Q 26 -64.90 -41.95 -24.59
N VAL Q 27 -64.80 -41.75 -23.26
CA VAL Q 27 -65.69 -40.85 -22.55
C VAL Q 27 -64.90 -39.65 -22.01
N GLY Q 28 -63.88 -39.25 -22.78
CA GLY Q 28 -63.21 -37.96 -22.60
C GLY Q 28 -64.15 -36.84 -23.01
N ALA Q 29 -63.68 -35.59 -22.95
CA ALA Q 29 -64.55 -34.45 -23.20
C ALA Q 29 -65.20 -34.56 -24.59
N VAL Q 30 -64.43 -35.08 -25.55
CA VAL Q 30 -64.90 -35.18 -26.92
C VAL Q 30 -65.99 -36.25 -27.01
N GLY Q 31 -65.71 -37.42 -26.43
CA GLY Q 31 -66.66 -38.52 -26.43
C GLY Q 31 -68.01 -38.12 -25.85
N MET Q 32 -67.96 -37.39 -24.73
CA MET Q 32 -69.17 -37.05 -24.01
C MET Q 32 -69.93 -35.92 -24.72
N ALA Q 33 -69.21 -35.04 -25.42
CA ALA Q 33 -69.84 -34.02 -26.23
C ALA Q 33 -70.56 -34.65 -27.43
N CYS Q 34 -69.96 -35.71 -27.99
CA CYS Q 34 -70.60 -36.50 -29.03
C CYS Q 34 -71.86 -37.15 -28.48
N ALA Q 35 -71.75 -37.73 -27.27
CA ALA Q 35 -72.85 -38.42 -26.61
C ALA Q 35 -74.04 -37.48 -26.40
N ILE Q 36 -73.80 -36.33 -25.74
CA ILE Q 36 -74.89 -35.41 -25.41
C ILE Q 36 -75.55 -34.90 -26.69
N SER Q 37 -74.73 -34.60 -27.70
CA SER Q 37 -75.20 -34.05 -28.96
C SER Q 37 -76.10 -35.07 -29.67
N ILE Q 38 -75.68 -36.33 -29.67
CA ILE Q 38 -76.44 -37.41 -30.27
C ILE Q 38 -77.72 -37.64 -29.48
N LEU Q 39 -77.63 -37.60 -28.15
CA LEU Q 39 -78.81 -37.83 -27.32
C LEU Q 39 -79.85 -36.75 -27.59
N MET Q 40 -79.42 -35.52 -27.81
CA MET Q 40 -80.38 -34.45 -27.93
C MET Q 40 -80.89 -34.29 -29.36
N LYS Q 41 -80.30 -35.04 -30.31
CA LYS Q 41 -80.79 -35.01 -31.68
C LYS Q 41 -81.62 -36.24 -32.02
N ASP Q 42 -81.83 -37.11 -31.02
CA ASP Q 42 -82.68 -38.30 -31.08
C ASP Q 42 -82.24 -39.26 -32.18
N LEU Q 43 -80.92 -39.45 -32.33
CA LEU Q 43 -80.41 -40.22 -33.45
C LEU Q 43 -80.38 -41.72 -33.15
N ALA Q 44 -80.55 -42.07 -31.86
CA ALA Q 44 -80.32 -43.44 -31.40
C ALA Q 44 -81.45 -43.93 -30.49
N ASP Q 45 -81.76 -45.22 -30.59
CA ASP Q 45 -82.67 -45.89 -29.66
C ASP Q 45 -81.90 -46.52 -28.52
N GLU Q 46 -80.57 -46.62 -28.69
CA GLU Q 46 -79.68 -47.12 -27.66
C GLU Q 46 -78.32 -46.46 -27.84
N LEU Q 47 -77.76 -45.94 -26.73
CA LEU Q 47 -76.41 -45.40 -26.72
C LEU Q 47 -75.56 -46.24 -25.79
N ALA Q 48 -74.43 -46.71 -26.31
CA ALA Q 48 -73.45 -47.42 -25.51
C ALA Q 48 -72.17 -46.59 -25.41
N LEU Q 49 -71.62 -46.51 -24.19
CA LEU Q 49 -70.34 -45.87 -23.97
C LEU Q 49 -69.33 -46.94 -23.55
N VAL Q 50 -68.12 -46.85 -24.10
CA VAL Q 50 -67.05 -47.74 -23.68
C VAL Q 50 -65.79 -46.92 -23.42
N ASP Q 51 -65.08 -47.31 -22.35
CA ASP Q 51 -63.78 -46.77 -22.03
C ASP Q 51 -63.01 -47.79 -21.19
N VAL Q 52 -61.77 -47.43 -20.79
CA VAL Q 52 -60.98 -48.28 -19.94
C VAL Q 52 -61.06 -47.82 -18.48
N ILE Q 53 -61.35 -46.55 -18.27
CA ILE Q 53 -61.46 -45.97 -16.95
C ILE Q 53 -62.87 -46.24 -16.44
N GLU Q 54 -62.98 -47.15 -15.47
CA GLU Q 54 -64.26 -47.76 -15.14
C GLU Q 54 -65.12 -46.82 -14.31
N ASP Q 55 -64.48 -46.08 -13.39
CA ASP Q 55 -65.19 -45.16 -12.51
C ASP Q 55 -65.80 -44.02 -13.33
N LYS Q 56 -64.98 -43.39 -14.17
CA LYS Q 56 -65.40 -42.28 -15.01
C LYS Q 56 -66.54 -42.71 -15.92
N LEU Q 57 -66.40 -43.92 -16.49
CA LEU Q 57 -67.34 -44.47 -17.45
C LEU Q 57 -68.72 -44.60 -16.82
N LYS Q 58 -68.76 -45.24 -15.63
CA LYS Q 58 -70.02 -45.47 -14.94
C LYS Q 58 -70.65 -44.14 -14.54
N GLY Q 59 -69.81 -43.18 -14.10
CA GLY Q 59 -70.30 -41.88 -13.67
C GLY Q 59 -70.98 -41.11 -14.81
N GLU Q 60 -70.34 -41.14 -15.98
CA GLU Q 60 -70.85 -40.48 -17.17
C GLU Q 60 -72.19 -41.09 -17.57
N MET Q 61 -72.22 -42.42 -17.67
CA MET Q 61 -73.44 -43.15 -17.99
C MET Q 61 -74.58 -42.73 -17.06
N MET Q 62 -74.33 -42.79 -15.74
CA MET Q 62 -75.31 -42.45 -14.73
C MET Q 62 -75.81 -41.00 -14.90
N ASP Q 63 -74.90 -40.07 -15.18
CA ASP Q 63 -75.28 -38.67 -15.31
C ASP Q 63 -76.27 -38.50 -16.46
N LEU Q 64 -75.99 -39.17 -17.59
CA LEU Q 64 -76.86 -39.13 -18.74
C LEU Q 64 -78.19 -39.80 -18.38
N GLN Q 65 -78.13 -40.94 -17.71
CA GLN Q 65 -79.32 -41.71 -17.35
C GLN Q 65 -80.27 -40.88 -16.49
N HIS Q 66 -79.72 -40.06 -15.59
CA HIS Q 66 -80.55 -39.27 -14.69
C HIS Q 66 -81.37 -38.22 -15.45
N GLY Q 67 -80.93 -37.93 -16.68
CA GLY Q 67 -81.62 -36.95 -17.50
C GLY Q 67 -82.59 -37.58 -18.51
N SER Q 68 -82.88 -38.87 -18.32
CA SER Q 68 -83.67 -39.66 -19.26
C SER Q 68 -85.05 -39.05 -19.50
N LEU Q 69 -85.59 -38.41 -18.47
CA LEU Q 69 -86.90 -37.76 -18.55
C LEU Q 69 -86.92 -36.77 -19.71
N PHE Q 70 -85.75 -36.18 -20.02
CA PHE Q 70 -85.69 -35.08 -20.97
C PHE Q 70 -85.13 -35.54 -22.31
N LEU Q 71 -84.92 -36.85 -22.46
CA LEU Q 71 -84.39 -37.40 -23.70
C LEU Q 71 -85.40 -38.38 -24.31
N ARG Q 72 -85.10 -38.83 -25.53
CA ARG Q 72 -85.92 -39.79 -26.22
C ARG Q 72 -85.05 -40.95 -26.68
N THR Q 73 -84.00 -41.22 -25.90
CA THR Q 73 -83.17 -42.40 -26.10
C THR Q 73 -83.36 -43.27 -24.87
N PRO Q 74 -84.14 -44.37 -24.97
CA PRO Q 74 -84.56 -45.12 -23.79
C PRO Q 74 -83.51 -46.01 -23.13
N LYS Q 75 -82.43 -46.34 -23.86
CA LYS Q 75 -81.43 -47.23 -23.31
C LYS Q 75 -80.04 -46.61 -23.43
N ILE Q 76 -79.42 -46.35 -22.27
CA ILE Q 76 -78.05 -45.90 -22.18
C ILE Q 76 -77.29 -46.94 -21.36
N VAL Q 77 -76.24 -47.50 -21.97
CA VAL Q 77 -75.42 -48.51 -21.31
C VAL Q 77 -73.95 -48.11 -21.42
N SER Q 78 -73.15 -48.65 -20.51
CA SER Q 78 -71.70 -48.51 -20.55
C SER Q 78 -71.02 -49.78 -20.03
N GLY Q 79 -69.74 -49.93 -20.37
CA GLY Q 79 -68.95 -51.05 -19.91
C GLY Q 79 -67.55 -51.01 -20.52
N LYS Q 80 -66.60 -51.58 -19.78
CA LYS Q 80 -65.26 -51.85 -20.28
C LYS Q 80 -65.31 -52.90 -21.39
N ASP Q 81 -66.25 -53.83 -21.24
CA ASP Q 81 -66.39 -54.95 -22.15
C ASP Q 81 -67.14 -54.47 -23.39
N TYR Q 82 -66.63 -54.83 -24.57
CA TYR Q 82 -67.22 -54.41 -25.83
C TYR Q 82 -68.54 -55.11 -26.17
N ASN Q 83 -68.99 -56.00 -25.29
CA ASN Q 83 -70.24 -56.68 -25.55
C ASN Q 83 -71.42 -55.71 -25.38
N VAL Q 84 -71.20 -54.59 -24.67
CA VAL Q 84 -72.24 -53.58 -24.52
C VAL Q 84 -72.44 -52.86 -25.86
N THR Q 85 -71.56 -53.12 -26.82
CA THR Q 85 -71.47 -52.41 -28.09
C THR Q 85 -72.25 -53.13 -29.18
N ALA Q 86 -72.79 -54.33 -28.88
CA ALA Q 86 -73.30 -55.25 -29.88
C ALA Q 86 -74.42 -54.62 -30.70
N ASN Q 87 -74.38 -54.87 -32.01
CA ASN Q 87 -75.41 -54.49 -32.98
C ASN Q 87 -75.52 -52.97 -33.10
N SER Q 88 -74.38 -52.28 -33.02
CA SER Q 88 -74.36 -50.85 -33.31
C SER Q 88 -74.47 -50.63 -34.81
N LYS Q 89 -75.24 -49.61 -35.21
CA LYS Q 89 -75.26 -49.16 -36.59
C LYS Q 89 -74.02 -48.30 -36.85
N LEU Q 90 -73.63 -47.54 -35.83
CA LEU Q 90 -72.57 -46.55 -35.94
C LEU Q 90 -71.74 -46.59 -34.66
N VAL Q 91 -70.42 -46.71 -34.84
CA VAL Q 91 -69.49 -46.73 -33.73
C VAL Q 91 -68.53 -45.56 -33.90
N ILE Q 92 -68.53 -44.64 -32.91
CA ILE Q 92 -67.71 -43.44 -32.98
C ILE Q 92 -66.50 -43.61 -32.04
N ILE Q 93 -65.29 -43.57 -32.62
CA ILE Q 93 -64.07 -43.75 -31.85
C ILE Q 93 -63.49 -42.38 -31.50
N THR Q 94 -63.45 -42.08 -30.19
CA THR Q 94 -62.88 -40.83 -29.71
C THR Q 94 -61.77 -41.11 -28.71
N ALA Q 95 -61.42 -42.39 -28.54
CA ALA Q 95 -60.44 -42.77 -27.53
C ALA Q 95 -59.04 -42.57 -28.08
N GLY Q 96 -58.08 -42.39 -27.17
CA GLY Q 96 -56.70 -42.21 -27.54
C GLY Q 96 -56.09 -41.00 -26.83
N ALA Q 97 -54.84 -40.69 -27.18
CA ALA Q 97 -54.22 -39.44 -26.76
C ALA Q 97 -54.76 -38.31 -27.62
N ARG Q 98 -54.87 -37.12 -27.07
CA ARG Q 98 -55.24 -35.91 -27.80
C ARG Q 98 -54.14 -34.88 -27.60
N GLN Q 99 -54.13 -33.84 -28.45
CA GLN Q 99 -52.93 -32.99 -28.52
C GLN Q 99 -52.96 -31.99 -27.35
N GLN Q 100 -51.76 -31.75 -26.82
CA GLN Q 100 -51.55 -30.67 -25.88
C GLN Q 100 -51.31 -29.38 -26.67
N GLU Q 101 -51.19 -28.32 -25.90
CA GLU Q 101 -50.80 -27.00 -26.33
C GLU Q 101 -49.50 -27.16 -27.13
N GLY Q 102 -49.56 -26.69 -28.38
CA GLY Q 102 -48.39 -26.69 -29.27
C GLY Q 102 -48.18 -28.01 -30.02
N GLU Q 103 -48.91 -29.08 -29.65
CA GLU Q 103 -48.60 -30.42 -30.14
C GLU Q 103 -49.38 -30.70 -31.43
N SER Q 104 -48.64 -31.12 -32.48
CA SER Q 104 -49.19 -31.57 -33.72
C SER Q 104 -49.99 -32.84 -33.51
N ARG Q 105 -51.17 -32.93 -34.16
CA ARG Q 105 -51.96 -34.16 -34.11
C ARG Q 105 -51.15 -35.34 -34.64
N LEU Q 106 -50.20 -35.07 -35.55
CA LEU Q 106 -49.41 -36.12 -36.18
C LEU Q 106 -48.49 -36.78 -35.16
N ASN Q 107 -48.29 -36.10 -34.01
CA ASN Q 107 -47.40 -36.57 -32.96
C ASN Q 107 -48.07 -37.68 -32.13
N LEU Q 108 -49.41 -37.86 -32.32
CA LEU Q 108 -50.17 -38.84 -31.58
C LEU Q 108 -50.15 -40.21 -32.26
N VAL Q 109 -49.46 -40.33 -33.39
CA VAL Q 109 -49.79 -41.40 -34.32
C VAL Q 109 -49.54 -42.79 -33.73
N GLN Q 110 -48.32 -43.02 -33.21
CA GLN Q 110 -47.97 -44.37 -32.81
C GLN Q 110 -48.73 -44.78 -31.56
N ARG Q 111 -48.96 -43.82 -30.65
CA ARG Q 111 -49.68 -44.08 -29.42
C ARG Q 111 -51.11 -44.54 -29.75
N ASN Q 112 -51.74 -43.82 -30.69
CA ASN Q 112 -53.13 -44.07 -30.98
C ASN Q 112 -53.27 -45.25 -31.94
N VAL Q 113 -52.26 -45.54 -32.76
CA VAL Q 113 -52.28 -46.72 -33.60
C VAL Q 113 -52.30 -47.95 -32.69
N ASN Q 114 -51.47 -47.92 -31.64
CA ASN Q 114 -51.41 -49.02 -30.69
C ASN Q 114 -52.79 -49.24 -30.05
N ILE Q 115 -53.44 -48.14 -29.68
CA ILE Q 115 -54.74 -48.19 -29.03
C ILE Q 115 -55.77 -48.82 -29.97
N PHE Q 116 -55.70 -48.42 -31.25
CA PHE Q 116 -56.64 -48.88 -32.27
C PHE Q 116 -56.51 -50.37 -32.51
N LYS Q 117 -55.30 -50.91 -32.35
CA LYS Q 117 -55.05 -52.34 -32.47
C LYS Q 117 -55.89 -53.15 -31.47
N PHE Q 118 -56.28 -52.50 -30.37
CA PHE Q 118 -57.11 -53.15 -29.37
C PHE Q 118 -58.59 -52.87 -29.65
N ILE Q 119 -58.88 -51.60 -29.96
CA ILE Q 119 -60.25 -51.11 -30.03
C ILE Q 119 -60.96 -51.69 -31.25
N ILE Q 120 -60.34 -51.57 -32.42
CA ILE Q 120 -61.05 -51.77 -33.67
C ILE Q 120 -61.53 -53.23 -33.80
N PRO Q 121 -60.68 -54.25 -33.54
CA PRO Q 121 -61.12 -55.65 -33.62
C PRO Q 121 -62.27 -55.98 -32.67
N ASN Q 122 -62.29 -55.32 -31.51
CA ASN Q 122 -63.34 -55.52 -30.53
C ASN Q 122 -64.66 -54.92 -30.99
N VAL Q 123 -64.60 -53.73 -31.60
CA VAL Q 123 -65.77 -53.08 -32.16
C VAL Q 123 -66.35 -53.98 -33.24
N VAL Q 124 -65.48 -54.47 -34.14
CA VAL Q 124 -65.89 -55.24 -35.29
C VAL Q 124 -66.47 -56.57 -34.86
N LYS Q 125 -65.91 -57.16 -33.80
CA LYS Q 125 -66.40 -58.41 -33.25
C LYS Q 125 -67.90 -58.34 -32.98
N TYR Q 126 -68.35 -57.24 -32.34
CA TYR Q 126 -69.69 -57.15 -31.79
C TYR Q 126 -70.67 -56.40 -32.71
N SER Q 127 -70.14 -55.60 -33.63
CA SER Q 127 -70.96 -54.88 -34.61
C SER Q 127 -70.31 -54.98 -35.99
N PRO Q 128 -70.29 -56.17 -36.62
CA PRO Q 128 -69.59 -56.35 -37.89
C PRO Q 128 -70.15 -55.52 -39.06
N ASN Q 129 -71.40 -55.05 -38.91
CA ASN Q 129 -72.06 -54.36 -39.99
C ASN Q 129 -72.11 -52.84 -39.77
N CYS Q 130 -71.39 -52.37 -38.74
CA CYS Q 130 -71.51 -50.98 -38.37
C CYS Q 130 -70.76 -50.09 -39.37
N LYS Q 131 -71.02 -48.79 -39.30
CA LYS Q 131 -70.13 -47.79 -39.85
C LYS Q 131 -69.22 -47.33 -38.73
N LEU Q 132 -67.94 -47.17 -39.07
CA LEU Q 132 -66.93 -46.65 -38.16
C LEU Q 132 -66.72 -45.17 -38.44
N LEU Q 133 -66.96 -44.33 -37.43
CA LEU Q 133 -66.65 -42.92 -37.54
C LEU Q 133 -65.47 -42.60 -36.62
N ILE Q 134 -64.31 -42.30 -37.21
CA ILE Q 134 -63.08 -42.07 -36.47
C ILE Q 134 -62.98 -40.57 -36.15
N VAL Q 135 -62.75 -40.26 -34.88
CA VAL Q 135 -62.63 -38.88 -34.45
C VAL Q 135 -61.25 -38.65 -33.84
N SER Q 136 -60.64 -39.71 -33.29
CA SER Q 136 -59.31 -39.69 -32.71
C SER Q 136 -58.29 -39.18 -33.73
N ASN Q 137 -57.25 -38.51 -33.22
CA ASN Q 137 -56.28 -37.82 -34.06
C ASN Q 137 -54.97 -38.60 -34.12
N PRO Q 138 -54.16 -38.50 -35.20
CA PRO Q 138 -54.55 -37.76 -36.40
C PRO Q 138 -55.60 -38.53 -37.20
N VAL Q 139 -56.76 -37.90 -37.39
CA VAL Q 139 -57.96 -38.58 -37.83
C VAL Q 139 -57.76 -39.20 -39.22
N ASP Q 140 -56.96 -38.55 -40.07
CA ASP Q 140 -56.84 -39.00 -41.45
C ASP Q 140 -56.06 -40.30 -41.51
N ILE Q 141 -54.95 -40.34 -40.77
CA ILE Q 141 -54.15 -41.54 -40.68
C ILE Q 141 -54.90 -42.63 -39.91
N LEU Q 142 -55.56 -42.26 -38.82
CA LEU Q 142 -56.25 -43.23 -37.99
C LEU Q 142 -57.48 -43.81 -38.70
N THR Q 143 -58.05 -43.07 -39.66
CA THR Q 143 -59.14 -43.61 -40.48
C THR Q 143 -58.59 -44.75 -41.34
N TYR Q 144 -57.42 -44.50 -41.93
CA TYR Q 144 -56.71 -45.49 -42.72
C TYR Q 144 -56.41 -46.71 -41.85
N VAL Q 145 -55.94 -46.46 -40.62
CA VAL Q 145 -55.60 -47.53 -39.69
C VAL Q 145 -56.84 -48.36 -39.37
N ALA Q 146 -57.95 -47.68 -39.02
CA ALA Q 146 -59.19 -48.37 -38.71
C ALA Q 146 -59.65 -49.20 -39.90
N TRP Q 147 -59.36 -48.72 -41.12
CA TRP Q 147 -59.76 -49.41 -42.34
C TRP Q 147 -58.94 -50.69 -42.52
N LYS Q 148 -57.62 -50.58 -42.34
CA LYS Q 148 -56.72 -51.71 -42.44
C LYS Q 148 -57.06 -52.75 -41.37
N ILE Q 149 -57.29 -52.30 -40.13
CA ILE Q 149 -57.47 -53.21 -39.01
C ILE Q 149 -58.82 -53.92 -39.13
N SER Q 150 -59.88 -53.15 -39.36
CA SER Q 150 -61.26 -53.65 -39.37
C SER Q 150 -61.50 -54.65 -40.50
N GLY Q 151 -60.88 -54.40 -41.67
CA GLY Q 151 -61.13 -55.18 -42.87
C GLY Q 151 -62.44 -54.78 -43.56
N PHE Q 152 -63.03 -53.67 -43.10
CA PHE Q 152 -64.27 -53.17 -43.64
C PHE Q 152 -64.04 -52.61 -45.04
N PRO Q 153 -65.09 -52.58 -45.89
CA PRO Q 153 -65.02 -51.83 -47.15
C PRO Q 153 -64.88 -50.36 -46.79
N LYS Q 154 -64.29 -49.58 -47.70
CA LYS Q 154 -63.86 -48.22 -47.38
C LYS Q 154 -65.05 -47.30 -47.14
N ASN Q 155 -66.24 -47.68 -47.65
CA ASN Q 155 -67.42 -46.84 -47.47
C ASN Q 155 -67.86 -46.83 -46.01
N ARG Q 156 -67.47 -47.83 -45.23
CA ARG Q 156 -67.91 -47.95 -43.85
C ARG Q 156 -66.85 -47.49 -42.85
N VAL Q 157 -65.81 -46.81 -43.33
CA VAL Q 157 -64.81 -46.24 -42.43
C VAL Q 157 -64.65 -44.76 -42.79
N ILE Q 158 -65.13 -43.89 -41.88
CA ILE Q 158 -65.27 -42.47 -42.12
C ILE Q 158 -64.50 -41.73 -41.02
N GLY Q 159 -63.62 -40.79 -41.41
CA GLY Q 159 -62.98 -39.92 -40.43
C GLY Q 159 -63.71 -38.59 -40.35
N SER Q 160 -63.88 -38.06 -39.13
CA SER Q 160 -64.58 -36.79 -38.93
C SER Q 160 -63.94 -35.69 -39.78
N GLY Q 161 -62.63 -35.83 -40.03
CA GLY Q 161 -61.93 -35.06 -41.04
C GLY Q 161 -62.13 -33.56 -40.88
N CYS Q 162 -62.43 -32.89 -41.99
CA CYS Q 162 -62.49 -31.45 -42.03
C CYS Q 162 -63.93 -30.92 -41.92
N ASN Q 163 -64.86 -31.75 -41.44
CA ASN Q 163 -66.24 -31.31 -41.22
C ASN Q 163 -66.21 -30.11 -40.27
N LEU Q 164 -65.38 -30.21 -39.22
CA LEU Q 164 -65.28 -29.16 -38.23
C LEU Q 164 -64.52 -27.95 -38.79
N ASP Q 165 -63.44 -28.20 -39.54
CA ASP Q 165 -62.65 -27.14 -40.13
C ASP Q 165 -63.52 -26.27 -41.04
N SER Q 166 -64.35 -26.95 -41.85
CA SER Q 166 -65.24 -26.25 -42.76
C SER Q 166 -66.29 -25.46 -41.98
N ALA Q 167 -66.77 -26.04 -40.87
CA ALA Q 167 -67.75 -25.39 -40.00
C ALA Q 167 -67.18 -24.10 -39.41
N ARG Q 168 -65.93 -24.18 -38.93
CA ARG Q 168 -65.21 -23.03 -38.41
C ARG Q 168 -65.05 -21.98 -39.51
N PHE Q 169 -64.63 -22.45 -40.69
CA PHE Q 169 -64.40 -21.59 -41.85
C PHE Q 169 -65.65 -20.79 -42.15
N ARG Q 170 -66.79 -21.48 -42.18
CA ARG Q 170 -68.06 -20.86 -42.53
C ARG Q 170 -68.52 -19.91 -41.43
N TYR Q 171 -68.17 -20.24 -40.18
CA TYR Q 171 -68.51 -19.36 -39.07
C TYR Q 171 -67.79 -18.02 -39.25
N LEU Q 172 -66.48 -18.09 -39.52
CA LEU Q 172 -65.65 -16.91 -39.67
C LEU Q 172 -66.04 -16.12 -40.92
N MET Q 173 -66.33 -16.85 -42.01
CA MET Q 173 -66.82 -16.25 -43.24
C MET Q 173 -68.06 -15.42 -42.92
N GLY Q 174 -68.99 -16.04 -42.19
CA GLY Q 174 -70.24 -15.42 -41.80
C GLY Q 174 -70.05 -14.16 -40.95
N GLU Q 175 -69.06 -14.21 -40.04
CA GLU Q 175 -68.73 -13.09 -39.17
C GLU Q 175 -68.33 -11.89 -40.01
N ARG Q 176 -67.50 -12.14 -41.02
CA ARG Q 176 -67.01 -11.09 -41.89
C ARG Q 176 -68.12 -10.51 -42.75
N LEU Q 177 -69.05 -11.36 -43.22
CA LEU Q 177 -70.01 -10.92 -44.21
C LEU Q 177 -71.34 -10.47 -43.60
N GLY Q 178 -71.58 -10.80 -42.33
CA GLY Q 178 -72.83 -10.50 -41.66
C GLY Q 178 -73.96 -11.42 -42.12
N VAL Q 179 -73.60 -12.68 -42.40
CA VAL Q 179 -74.52 -13.69 -42.89
C VAL Q 179 -74.39 -14.92 -42.00
N HIS Q 180 -75.52 -15.61 -41.78
CA HIS Q 180 -75.49 -16.85 -41.02
C HIS Q 180 -74.58 -17.85 -41.73
N PRO Q 181 -73.76 -18.62 -40.99
CA PRO Q 181 -72.90 -19.64 -41.61
C PRO Q 181 -73.63 -20.57 -42.57
N LEU Q 182 -74.91 -20.79 -42.33
CA LEU Q 182 -75.70 -21.70 -43.15
C LEU Q 182 -75.72 -21.19 -44.59
N SER Q 183 -75.66 -19.86 -44.76
CA SER Q 183 -75.72 -19.24 -46.08
C SER Q 183 -74.35 -18.86 -46.62
N CYS Q 184 -73.29 -19.21 -45.88
CA CYS Q 184 -71.90 -19.01 -46.29
C CYS Q 184 -71.29 -20.36 -46.68
N HIS Q 185 -70.78 -20.46 -47.92
CA HIS Q 185 -70.31 -21.73 -48.43
C HIS Q 185 -68.82 -21.63 -48.72
N GLY Q 186 -68.12 -22.73 -48.42
CA GLY Q 186 -66.67 -22.79 -48.52
C GLY Q 186 -66.13 -24.06 -47.86
N TRP Q 187 -65.17 -24.70 -48.53
CA TRP Q 187 -64.70 -26.01 -48.13
C TRP Q 187 -63.23 -25.94 -47.73
N VAL Q 188 -62.92 -26.56 -46.58
CA VAL Q 188 -61.54 -26.83 -46.19
C VAL Q 188 -61.33 -28.33 -46.33
N LEU Q 189 -60.36 -28.73 -47.17
CA LEU Q 189 -60.15 -30.12 -47.51
C LEU Q 189 -58.74 -30.56 -47.12
N GLY Q 190 -58.45 -31.85 -47.32
CA GLY Q 190 -57.13 -32.41 -47.01
C GLY Q 190 -57.01 -32.86 -45.56
N GLU Q 191 -55.85 -32.59 -44.95
CA GLU Q 191 -55.57 -32.97 -43.57
C GLU Q 191 -56.41 -32.12 -42.63
N HIS Q 192 -57.03 -32.78 -41.64
CA HIS Q 192 -57.55 -32.08 -40.49
C HIS Q 192 -56.33 -31.71 -39.64
N GLY Q 193 -55.74 -30.57 -39.96
CA GLY Q 193 -54.49 -30.17 -39.34
C GLY Q 193 -53.87 -29.00 -40.09
N ASP Q 194 -52.55 -28.87 -39.95
CA ASP Q 194 -51.81 -27.70 -40.39
C ASP Q 194 -51.80 -27.57 -41.92
N SER Q 195 -51.93 -28.70 -42.64
CA SER Q 195 -51.83 -28.69 -44.10
C SER Q 195 -53.20 -28.72 -44.77
N SER Q 196 -54.24 -28.25 -44.07
CA SER Q 196 -55.57 -28.15 -44.66
C SER Q 196 -55.57 -27.16 -45.82
N VAL Q 197 -56.45 -27.40 -46.78
CA VAL Q 197 -56.50 -26.63 -48.01
C VAL Q 197 -57.85 -25.91 -48.10
N PRO Q 198 -57.87 -24.56 -48.04
CA PRO Q 198 -59.11 -23.80 -48.25
C PRO Q 198 -59.35 -23.64 -49.75
N VAL Q 199 -60.57 -24.02 -50.19
CA VAL Q 199 -60.90 -23.98 -51.60
C VAL Q 199 -61.54 -22.64 -51.91
N TRP Q 200 -60.69 -21.64 -52.17
CA TRP Q 200 -61.10 -20.27 -52.45
C TRP Q 200 -62.02 -20.23 -53.67
N SER Q 201 -61.77 -21.11 -54.64
CA SER Q 201 -62.52 -21.14 -55.88
C SER Q 201 -64.01 -21.45 -55.64
N GLY Q 202 -64.31 -22.12 -54.51
CA GLY Q 202 -65.64 -22.60 -54.19
C GLY Q 202 -66.42 -21.69 -53.25
N MET Q 203 -65.73 -20.72 -52.64
CA MET Q 203 -66.32 -19.84 -51.66
C MET Q 203 -67.39 -18.97 -52.29
N ASN Q 204 -68.59 -18.96 -51.69
CA ASN Q 204 -69.70 -18.22 -52.28
C ASN Q 204 -70.77 -17.93 -51.24
N VAL Q 205 -71.55 -16.88 -51.53
CA VAL Q 205 -72.80 -16.59 -50.83
C VAL Q 205 -74.12 -17.01 -51.51
N ALA Q 206 -74.84 -16.21 -52.31
CA ALA Q 206 -76.04 -16.64 -52.95
C ALA Q 206 -75.71 -17.37 -54.26
N GLY Q 207 -74.65 -18.24 -54.23
CA GLY Q 207 -74.17 -18.78 -55.51
C GLY Q 207 -73.19 -17.84 -56.25
N VAL Q 208 -72.91 -16.71 -55.61
CA VAL Q 208 -72.03 -15.69 -56.16
C VAL Q 208 -70.61 -16.00 -55.70
N SER Q 209 -69.73 -16.34 -56.66
CA SER Q 209 -68.35 -16.67 -56.37
C SER Q 209 -67.61 -15.46 -55.81
N LEU Q 210 -67.01 -15.65 -54.62
CA LEU Q 210 -66.30 -14.56 -53.95
C LEU Q 210 -64.99 -14.27 -54.67
N LYS Q 211 -64.37 -15.31 -55.23
CA LYS Q 211 -63.11 -15.18 -55.96
C LYS Q 211 -63.34 -14.38 -57.25
N THR Q 212 -64.51 -14.56 -57.86
CA THR Q 212 -64.89 -13.81 -59.05
C THR Q 212 -64.99 -12.32 -58.72
N LEU Q 213 -65.65 -12.03 -57.58
CA LEU Q 213 -65.85 -10.66 -57.15
C LEU Q 213 -64.54 -10.03 -56.69
N HIS Q 214 -63.65 -10.87 -56.16
CA HIS Q 214 -62.43 -10.40 -55.49
C HIS Q 214 -61.30 -11.37 -55.81
N PRO Q 215 -60.63 -11.20 -56.97
CA PRO Q 215 -59.62 -12.16 -57.43
C PRO Q 215 -58.43 -12.32 -56.49
N ASP Q 216 -58.19 -11.31 -55.62
CA ASP Q 216 -57.10 -11.43 -54.66
C ASP Q 216 -57.41 -12.43 -53.55
N LEU Q 217 -58.66 -12.84 -53.42
CA LEU Q 217 -59.13 -13.72 -52.35
C LEU Q 217 -58.20 -14.93 -52.23
N GLY Q 218 -57.60 -15.10 -51.05
CA GLY Q 218 -56.77 -16.26 -50.74
C GLY Q 218 -55.28 -16.08 -51.03
N THR Q 219 -54.92 -14.94 -51.61
CA THR Q 219 -53.52 -14.67 -51.93
C THR Q 219 -52.93 -13.76 -50.86
N ASP Q 220 -51.60 -13.61 -50.88
CA ASP Q 220 -50.88 -12.75 -49.96
C ASP Q 220 -51.11 -11.28 -50.32
N LYS Q 221 -51.38 -11.00 -51.60
CA LYS Q 221 -51.58 -9.64 -52.06
C LYS Q 221 -52.91 -9.07 -51.54
N ASP Q 222 -53.82 -9.96 -51.13
CA ASP Q 222 -55.17 -9.63 -50.71
C ASP Q 222 -55.18 -8.56 -49.62
N LYS Q 223 -55.72 -7.38 -49.97
CA LYS Q 223 -55.85 -6.25 -49.07
C LYS Q 223 -56.73 -6.61 -47.88
N GLU Q 224 -57.67 -7.53 -48.10
CA GLU Q 224 -58.65 -7.90 -47.08
C GLU Q 224 -58.16 -9.08 -46.25
N GLN Q 225 -57.09 -9.74 -46.71
CA GLN Q 225 -56.42 -10.77 -45.95
C GLN Q 225 -57.37 -11.93 -45.64
N TRP Q 226 -57.99 -12.46 -46.71
CA TRP Q 226 -58.88 -13.59 -46.49
C TRP Q 226 -58.12 -14.86 -46.10
N LYS Q 227 -56.83 -14.87 -46.43
CA LYS Q 227 -55.97 -16.01 -46.10
C LYS Q 227 -55.96 -16.22 -44.58
N GLU Q 228 -56.14 -15.12 -43.83
CA GLU Q 228 -56.12 -15.16 -42.38
C GLU Q 228 -57.33 -15.93 -41.83
N VAL Q 229 -58.42 -15.98 -42.58
CA VAL Q 229 -59.57 -16.77 -42.15
C VAL Q 229 -59.17 -18.24 -42.08
N HIS Q 230 -58.44 -18.73 -43.08
CA HIS Q 230 -57.99 -20.11 -43.04
C HIS Q 230 -56.94 -20.30 -41.94
N LYS Q 231 -56.12 -19.27 -41.72
CA LYS Q 231 -55.08 -19.39 -40.71
C LYS Q 231 -55.73 -19.57 -39.34
N GLN Q 232 -56.89 -18.90 -39.17
CA GLN Q 232 -57.63 -18.98 -37.94
C GLN Q 232 -58.27 -20.35 -37.80
N VAL Q 233 -58.56 -21.00 -38.94
CA VAL Q 233 -59.14 -22.32 -38.90
C VAL Q 233 -58.11 -23.32 -38.39
N VAL Q 234 -56.90 -23.24 -38.95
CA VAL Q 234 -55.80 -24.10 -38.55
C VAL Q 234 -55.50 -23.91 -37.06
N GLU Q 235 -55.62 -22.67 -36.59
CA GLU Q 235 -55.15 -22.31 -35.26
C GLU Q 235 -56.24 -22.42 -34.20
N SER Q 236 -57.48 -22.67 -34.63
CA SER Q 236 -58.65 -22.72 -33.74
C SER Q 236 -58.40 -23.70 -32.61
N ALA Q 237 -58.11 -24.96 -32.96
CA ALA Q 237 -57.92 -26.03 -32.00
C ALA Q 237 -56.88 -25.62 -30.95
N TYR Q 238 -55.77 -25.09 -31.42
CA TYR Q 238 -54.68 -24.69 -30.56
C TYR Q 238 -55.10 -23.55 -29.65
N GLU Q 239 -55.88 -22.61 -30.17
CA GLU Q 239 -56.26 -21.46 -29.37
C GLU Q 239 -57.28 -21.88 -28.31
N VAL Q 240 -58.21 -22.76 -28.67
CA VAL Q 240 -59.18 -23.23 -27.69
C VAL Q 240 -58.45 -24.06 -26.64
N ILE Q 241 -57.52 -24.92 -27.07
CA ILE Q 241 -56.72 -25.73 -26.16
C ILE Q 241 -55.99 -24.80 -25.18
N LYS Q 242 -55.37 -23.76 -25.73
CA LYS Q 242 -54.65 -22.77 -24.95
C LYS Q 242 -55.57 -22.17 -23.89
N LEU Q 243 -56.83 -21.90 -24.26
CA LEU Q 243 -57.71 -21.13 -23.41
C LEU Q 243 -58.42 -22.01 -22.38
N LYS Q 244 -58.86 -23.22 -22.77
CA LYS Q 244 -59.67 -24.03 -21.88
C LYS Q 244 -59.12 -25.45 -21.68
N GLY Q 245 -58.04 -25.78 -22.39
CA GLY Q 245 -57.33 -27.04 -22.15
C GLY Q 245 -57.65 -28.11 -23.19
N TYR Q 246 -58.80 -27.98 -23.86
CA TYR Q 246 -59.23 -28.98 -24.81
C TYR Q 246 -60.34 -28.38 -25.67
N THR Q 247 -60.73 -29.09 -26.74
CA THR Q 247 -61.93 -28.74 -27.47
C THR Q 247 -62.94 -29.87 -27.30
N SER Q 248 -64.23 -29.53 -27.25
CA SER Q 248 -65.26 -30.51 -27.00
C SER Q 248 -66.53 -30.21 -27.79
N TRP Q 249 -67.09 -29.01 -27.60
CA TRP Q 249 -68.45 -28.76 -28.03
C TRP Q 249 -68.57 -28.77 -29.56
N ALA Q 250 -67.63 -28.13 -30.24
CA ALA Q 250 -67.67 -27.98 -31.68
C ALA Q 250 -67.50 -29.32 -32.39
N ILE Q 251 -66.53 -30.11 -31.92
CA ILE Q 251 -66.28 -31.43 -32.49
C ILE Q 251 -67.48 -32.34 -32.21
N GLY Q 252 -68.08 -32.18 -31.02
CA GLY Q 252 -69.24 -32.95 -30.62
C GLY Q 252 -70.41 -32.74 -31.58
N LEU Q 253 -70.73 -31.47 -31.82
CA LEU Q 253 -71.79 -31.08 -32.72
C LEU Q 253 -71.46 -31.56 -34.14
N SER Q 254 -70.19 -31.41 -34.54
CA SER Q 254 -69.75 -31.81 -35.87
C SER Q 254 -69.99 -33.31 -36.09
N VAL Q 255 -69.69 -34.11 -35.06
CA VAL Q 255 -69.82 -35.56 -35.10
C VAL Q 255 -71.30 -35.94 -35.14
N ALA Q 256 -72.14 -35.23 -34.38
CA ALA Q 256 -73.58 -35.52 -34.39
C ALA Q 256 -74.16 -35.18 -35.76
N ASP Q 257 -73.57 -34.16 -36.40
CA ASP Q 257 -73.96 -33.76 -37.73
C ASP Q 257 -73.74 -34.93 -38.70
N LEU Q 258 -72.58 -35.56 -38.59
CA LEU Q 258 -72.24 -36.68 -39.46
C LEU Q 258 -73.13 -37.87 -39.13
N ALA Q 259 -73.32 -38.13 -37.82
CA ALA Q 259 -74.16 -39.21 -37.34
C ALA Q 259 -75.57 -39.06 -37.89
N GLU Q 260 -76.08 -37.83 -37.92
CA GLU Q 260 -77.43 -37.56 -38.42
C GLU Q 260 -77.58 -38.00 -39.86
N SER Q 261 -76.58 -37.66 -40.69
CA SER Q 261 -76.61 -37.99 -42.10
C SER Q 261 -76.55 -39.50 -42.30
N ILE Q 262 -75.74 -40.18 -41.48
CA ILE Q 262 -75.59 -41.62 -41.59
C ILE Q 262 -76.89 -42.31 -41.17
N MET Q 263 -77.37 -41.99 -39.94
CA MET Q 263 -78.50 -42.68 -39.34
C MET Q 263 -79.79 -42.47 -40.12
N LYS Q 264 -79.98 -41.26 -40.67
CA LYS Q 264 -81.21 -40.92 -41.36
C LYS Q 264 -81.07 -41.06 -42.88
N ASN Q 265 -79.91 -41.52 -43.35
CA ASN Q 265 -79.64 -41.80 -44.75
C ASN Q 265 -79.92 -40.58 -45.62
N LEU Q 266 -79.44 -39.40 -45.18
CA LEU Q 266 -79.80 -38.14 -45.80
C LEU Q 266 -79.16 -37.95 -47.18
N ARG Q 267 -77.96 -38.51 -47.37
CA ARG Q 267 -77.17 -38.27 -48.59
C ARG Q 267 -76.82 -36.79 -48.68
N ARG Q 268 -76.47 -36.21 -47.54
CA ARG Q 268 -75.86 -34.89 -47.51
C ARG Q 268 -74.36 -35.00 -47.81
N VAL Q 269 -73.78 -33.86 -48.17
CA VAL Q 269 -72.38 -33.81 -48.53
C VAL Q 269 -71.58 -33.20 -47.38
N HIS Q 270 -70.56 -33.93 -46.90
CA HIS Q 270 -69.71 -33.51 -45.80
C HIS Q 270 -68.26 -33.74 -46.19
N PRO Q 271 -67.32 -32.85 -45.78
CA PRO Q 271 -65.90 -33.07 -46.00
C PRO Q 271 -65.34 -33.98 -44.92
N VAL Q 272 -65.13 -35.26 -45.24
CA VAL Q 272 -64.77 -36.28 -44.25
C VAL Q 272 -63.62 -37.09 -44.81
N SER Q 273 -62.87 -37.76 -43.92
CA SER Q 273 -61.67 -38.50 -44.33
C SER Q 273 -62.05 -39.80 -45.02
N THR Q 274 -61.53 -39.97 -46.22
CA THR Q 274 -61.77 -41.19 -46.98
C THR Q 274 -60.58 -41.43 -47.90
N MET Q 275 -60.57 -42.62 -48.50
CA MET Q 275 -59.46 -42.93 -49.39
C MET Q 275 -59.62 -42.15 -50.70
N ILE Q 276 -58.57 -41.41 -51.08
CA ILE Q 276 -58.59 -40.57 -52.27
C ILE Q 276 -57.62 -41.05 -53.35
N LYS Q 277 -57.09 -42.25 -53.17
CA LYS Q 277 -56.25 -42.88 -54.18
C LYS Q 277 -56.04 -42.29 -55.55
N GLY Q 278 -56.85 -42.59 -56.60
CA GLY Q 278 -56.67 -42.15 -57.94
C GLY Q 278 -57.23 -40.75 -58.29
N LEU Q 279 -57.38 -39.89 -57.27
CA LEU Q 279 -57.75 -38.51 -57.50
C LEU Q 279 -56.57 -37.57 -57.28
N TYR Q 280 -56.55 -36.51 -58.10
CA TYR Q 280 -55.55 -35.44 -58.02
C TYR Q 280 -54.14 -35.99 -58.08
N GLY Q 281 -53.97 -37.12 -58.78
CA GLY Q 281 -52.66 -37.71 -59.04
C GLY Q 281 -52.05 -38.38 -57.81
N ILE Q 282 -52.87 -38.60 -56.79
CA ILE Q 282 -52.44 -39.35 -55.61
C ILE Q 282 -52.52 -40.84 -55.97
N LYS Q 283 -51.46 -41.58 -55.72
CA LYS Q 283 -51.35 -42.96 -56.18
C LYS Q 283 -51.36 -43.96 -55.02
N ASP Q 284 -51.28 -43.44 -53.79
CA ASP Q 284 -51.13 -44.28 -52.61
C ASP Q 284 -52.44 -44.31 -51.82
N ASP Q 285 -52.46 -45.16 -50.80
CA ASP Q 285 -53.64 -45.41 -49.99
C ASP Q 285 -53.81 -44.29 -48.96
N VAL Q 286 -53.85 -43.04 -49.41
CA VAL Q 286 -53.94 -41.91 -48.51
C VAL Q 286 -55.40 -41.66 -48.19
N PHE Q 287 -55.68 -41.41 -46.90
CA PHE Q 287 -56.99 -40.90 -46.52
C PHE Q 287 -56.88 -39.41 -46.21
N LEU Q 288 -57.77 -38.61 -46.81
CA LEU Q 288 -57.96 -37.24 -46.34
C LEU Q 288 -59.36 -36.78 -46.69
N SER Q 289 -59.66 -35.54 -46.33
CA SER Q 289 -61.02 -35.01 -46.47
C SER Q 289 -61.26 -34.48 -47.88
N VAL Q 290 -62.31 -35.02 -48.51
CA VAL Q 290 -62.95 -34.48 -49.70
C VAL Q 290 -64.45 -34.48 -49.43
N PRO Q 291 -65.28 -33.72 -50.16
CA PRO Q 291 -66.73 -33.76 -49.97
C PRO Q 291 -67.28 -35.13 -50.37
N CYS Q 292 -67.97 -35.77 -49.42
CA CYS Q 292 -68.51 -37.09 -49.62
C CYS Q 292 -70.02 -37.09 -49.35
N ILE Q 293 -70.74 -37.94 -50.09
CA ILE Q 293 -72.16 -38.17 -49.84
C ILE Q 293 -72.30 -39.22 -48.75
N LEU Q 294 -72.99 -38.84 -47.66
CA LEU Q 294 -73.10 -39.64 -46.46
C LEU Q 294 -74.52 -40.16 -46.31
N GLY Q 295 -74.60 -41.47 -46.10
CA GLY Q 295 -75.88 -42.12 -45.86
C GLY Q 295 -75.70 -43.39 -45.04
N GLN Q 296 -76.70 -44.26 -45.12
CA GLN Q 296 -76.80 -45.43 -44.26
C GLN Q 296 -75.74 -46.47 -44.60
N ASN Q 297 -75.06 -46.34 -45.75
CA ASN Q 297 -73.95 -47.22 -46.07
C ASN Q 297 -72.62 -46.49 -45.90
N GLY Q 298 -72.66 -45.36 -45.20
CA GLY Q 298 -71.47 -44.53 -45.02
C GLY Q 298 -71.24 -43.64 -46.23
N ILE Q 299 -70.02 -43.65 -46.74
CA ILE Q 299 -69.65 -42.84 -47.89
C ILE Q 299 -69.99 -43.62 -49.16
N SER Q 300 -71.06 -43.20 -49.84
CA SER Q 300 -71.47 -43.85 -51.07
C SER Q 300 -70.80 -43.23 -52.28
N ASP Q 301 -70.38 -41.96 -52.17
CA ASP Q 301 -69.89 -41.20 -53.29
C ASP Q 301 -68.93 -40.10 -52.79
N LEU Q 302 -68.01 -39.69 -53.67
CA LEU Q 302 -67.22 -38.49 -53.50
C LEU Q 302 -67.62 -37.45 -54.53
N VAL Q 303 -67.59 -36.18 -54.12
CA VAL Q 303 -67.67 -35.09 -55.08
C VAL Q 303 -66.24 -34.81 -55.53
N LYS Q 304 -66.07 -34.74 -56.85
CA LYS Q 304 -64.76 -34.47 -57.42
C LYS Q 304 -64.60 -32.97 -57.59
N VAL Q 305 -64.13 -32.31 -56.52
CA VAL Q 305 -64.01 -30.87 -56.54
C VAL Q 305 -62.97 -30.47 -57.58
N THR Q 306 -63.28 -29.43 -58.36
CA THR Q 306 -62.29 -28.82 -59.23
C THR Q 306 -61.42 -27.87 -58.42
N LEU Q 307 -60.09 -28.09 -58.51
CA LEU Q 307 -59.15 -27.29 -57.75
C LEU Q 307 -58.27 -26.48 -58.69
N THR Q 308 -57.92 -25.26 -58.28
CA THR Q 308 -56.86 -24.53 -58.94
C THR Q 308 -55.58 -25.36 -58.80
N SER Q 309 -54.64 -25.16 -59.73
CA SER Q 309 -53.37 -25.88 -59.70
C SER Q 309 -52.68 -25.73 -58.34
N GLU Q 310 -52.83 -24.55 -57.72
CA GLU Q 310 -52.22 -24.34 -56.41
C GLU Q 310 -53.00 -25.09 -55.33
N GLU Q 311 -54.33 -24.99 -55.36
CA GLU Q 311 -55.19 -25.72 -54.43
C GLU Q 311 -54.88 -27.21 -54.55
N GLU Q 312 -54.67 -27.69 -55.78
CA GLU Q 312 -54.35 -29.10 -56.00
C GLU Q 312 -52.94 -29.41 -55.48
N ALA Q 313 -52.02 -28.46 -55.68
CA ALA Q 313 -50.66 -28.63 -55.19
C ALA Q 313 -50.66 -28.77 -53.67
N ARG Q 314 -51.46 -27.93 -52.97
CA ARG Q 314 -51.56 -27.96 -51.52
C ARG Q 314 -52.14 -29.29 -51.03
N LEU Q 315 -53.10 -29.83 -51.79
CA LEU Q 315 -53.74 -31.09 -51.44
C LEU Q 315 -52.79 -32.26 -51.65
N LYS Q 316 -51.95 -32.18 -52.69
CA LYS Q 316 -50.94 -33.20 -52.95
C LYS Q 316 -49.88 -33.17 -51.86
N LYS Q 317 -49.58 -31.96 -51.36
CA LYS Q 317 -48.63 -31.75 -50.27
C LYS Q 317 -49.16 -32.37 -48.98
N SER Q 318 -50.46 -32.15 -48.73
CA SER Q 318 -51.15 -32.72 -47.58
C SER Q 318 -51.08 -34.25 -47.69
N ALA Q 319 -51.34 -34.76 -48.89
CA ALA Q 319 -51.33 -36.19 -49.15
C ALA Q 319 -49.95 -36.77 -48.85
N ASP Q 320 -48.90 -36.08 -49.30
CA ASP Q 320 -47.52 -36.54 -49.13
C ASP Q 320 -47.18 -36.62 -47.65
N THR Q 321 -47.47 -35.54 -46.91
CA THR Q 321 -47.21 -35.48 -45.48
C THR Q 321 -47.79 -36.74 -44.82
N LEU Q 322 -49.07 -37.00 -45.14
CA LEU Q 322 -49.81 -38.07 -44.50
C LEU Q 322 -49.25 -39.43 -44.90
N TRP Q 323 -48.96 -39.59 -46.20
CA TRP Q 323 -48.45 -40.85 -46.70
C TRP Q 323 -47.08 -41.14 -46.11
N GLY Q 324 -46.28 -40.08 -45.89
CA GLY Q 324 -44.97 -40.22 -45.28
C GLY Q 324 -45.06 -40.97 -43.94
N ILE Q 325 -46.09 -40.62 -43.16
CA ILE Q 325 -46.23 -41.18 -41.85
C ILE Q 325 -46.91 -42.56 -41.95
N GLN Q 326 -47.86 -42.68 -42.88
CA GLN Q 326 -48.58 -43.93 -43.10
C GLN Q 326 -47.60 -45.06 -43.46
N LYS Q 327 -46.61 -44.74 -44.31
CA LYS Q 327 -45.65 -45.71 -44.78
C LYS Q 327 -44.88 -46.37 -43.64
N GLU Q 328 -44.71 -45.63 -42.55
CA GLU Q 328 -43.84 -46.07 -41.47
C GLU Q 328 -44.59 -46.99 -40.49
N LEU Q 329 -45.91 -47.15 -40.68
CA LEU Q 329 -46.75 -47.69 -39.63
C LEU Q 329 -46.63 -49.19 -39.46
N GLN Q 330 -46.63 -49.61 -38.19
CA GLN Q 330 -46.11 -50.90 -37.77
C GLN Q 330 -47.29 -51.62 -37.11
N PHE Q 331 -48.00 -52.40 -37.90
CA PHE Q 331 -49.32 -52.89 -37.56
C PHE Q 331 -49.23 -54.02 -36.53
N ALA R 1 -64.50 -0.30 -53.72
CA ALA R 1 -65.29 -0.81 -52.58
C ALA R 1 -64.72 -2.14 -52.10
N THR R 2 -65.06 -2.50 -50.85
CA THR R 2 -64.67 -3.76 -50.24
C THR R 2 -65.45 -4.92 -50.89
N LEU R 3 -64.96 -6.15 -50.69
CA LEU R 3 -65.62 -7.35 -51.18
C LEU R 3 -67.04 -7.43 -50.61
N LYS R 4 -67.17 -7.14 -49.31
CA LYS R 4 -68.46 -7.17 -48.62
C LYS R 4 -69.46 -6.25 -49.33
N ASP R 5 -69.00 -5.05 -49.70
CA ASP R 5 -69.84 -4.04 -50.34
C ASP R 5 -70.17 -4.42 -51.79
N GLN R 6 -69.21 -5.05 -52.48
CA GLN R 6 -69.45 -5.52 -53.84
C GLN R 6 -70.52 -6.62 -53.83
N LEU R 7 -70.53 -7.43 -52.76
CA LEU R 7 -71.39 -8.60 -52.71
C LEU R 7 -72.75 -8.26 -52.13
N ILE R 8 -72.78 -7.38 -51.13
CA ILE R 8 -73.96 -7.18 -50.31
C ILE R 8 -74.39 -5.70 -50.33
N TYR R 9 -75.66 -5.49 -50.67
CA TYR R 9 -76.19 -4.12 -50.71
C TYR R 9 -76.51 -3.38 -49.43
N ASN R 10 -77.45 -3.80 -48.62
CA ASN R 10 -77.86 -3.18 -47.39
C ASN R 10 -78.89 -2.05 -47.48
N LEU R 11 -80.08 -2.37 -46.92
CA LEU R 11 -81.16 -1.42 -46.72
C LEU R 11 -81.09 -0.88 -45.29
N LEU R 12 -80.71 -1.73 -44.34
CA LEU R 12 -80.99 -1.49 -42.95
C LEU R 12 -79.78 -1.79 -42.08
N LYS R 13 -79.46 -0.81 -41.22
CA LYS R 13 -78.23 -0.78 -40.45
C LYS R 13 -78.66 -0.64 -38.98
N GLU R 14 -79.60 0.26 -38.68
CA GLU R 14 -79.65 1.11 -37.50
C GLU R 14 -79.81 0.42 -36.16
N GLU R 15 -80.35 -0.79 -36.13
CA GLU R 15 -80.94 -1.44 -34.98
C GLU R 15 -80.09 -2.63 -34.52
N GLN R 16 -80.63 -3.41 -33.61
CA GLN R 16 -79.90 -4.58 -33.10
C GLN R 16 -80.71 -5.59 -32.31
N THR R 17 -81.50 -5.10 -31.33
CA THR R 17 -81.97 -5.67 -30.09
C THR R 17 -82.36 -7.14 -30.16
N PRO R 18 -81.76 -8.02 -29.30
CA PRO R 18 -82.19 -9.42 -29.19
C PRO R 18 -83.62 -9.50 -28.67
N GLN R 19 -84.38 -10.46 -29.21
CA GLN R 19 -85.77 -10.60 -28.85
C GLN R 19 -85.93 -11.73 -27.83
N ASN R 20 -84.99 -12.67 -27.84
CA ASN R 20 -85.12 -13.89 -27.05
C ASN R 20 -83.76 -14.28 -26.47
N LYS R 21 -83.16 -13.36 -25.73
CA LYS R 21 -81.79 -13.52 -25.29
C LYS R 21 -81.75 -14.22 -23.93
N ILE R 22 -80.83 -15.17 -23.81
CA ILE R 22 -80.56 -15.85 -22.55
C ILE R 22 -79.09 -15.61 -22.17
N THR R 23 -78.88 -15.28 -20.89
CA THR R 23 -77.56 -15.16 -20.32
C THR R 23 -77.32 -16.29 -19.33
N VAL R 24 -76.14 -16.90 -19.43
CA VAL R 24 -75.67 -17.84 -18.42
C VAL R 24 -74.46 -17.21 -17.73
N VAL R 25 -74.60 -16.99 -16.41
CA VAL R 25 -73.52 -16.48 -15.58
C VAL R 25 -72.83 -17.67 -14.94
N GLY R 26 -71.51 -17.79 -15.15
CA GLY R 26 -70.72 -18.94 -14.70
C GLY R 26 -70.53 -19.95 -15.82
N VAL R 27 -69.26 -20.20 -16.21
CA VAL R 27 -68.97 -21.15 -17.30
C VAL R 27 -68.23 -22.36 -16.74
N GLY R 28 -68.59 -22.74 -15.50
CA GLY R 28 -68.22 -24.03 -14.93
C GLY R 28 -68.99 -25.15 -15.63
N ALA R 29 -68.80 -26.39 -15.19
CA ALA R 29 -69.41 -27.53 -15.88
C ALA R 29 -70.93 -27.35 -15.96
N VAL R 30 -71.51 -26.79 -14.90
CA VAL R 30 -72.96 -26.63 -14.82
C VAL R 30 -73.41 -25.57 -15.82
N GLY R 31 -72.72 -24.42 -15.81
CA GLY R 31 -73.04 -23.32 -16.70
C GLY R 31 -73.01 -23.76 -18.16
N MET R 32 -71.99 -24.53 -18.51
CA MET R 32 -71.79 -24.91 -19.91
C MET R 32 -72.77 -26.01 -20.32
N ALA R 33 -73.18 -26.85 -19.37
CA ALA R 33 -74.21 -27.85 -19.64
C ALA R 33 -75.57 -27.16 -19.87
N CYS R 34 -75.82 -26.08 -19.12
CA CYS R 34 -77.00 -25.26 -19.35
C CYS R 34 -76.92 -24.64 -20.74
N ALA R 35 -75.74 -24.10 -21.10
CA ALA R 35 -75.52 -23.45 -22.38
C ALA R 35 -75.80 -24.41 -23.54
N ILE R 36 -75.15 -25.58 -23.55
CA ILE R 36 -75.28 -26.52 -24.64
C ILE R 36 -76.74 -26.99 -24.77
N SER R 37 -77.38 -27.24 -23.63
CA SER R 37 -78.74 -27.73 -23.58
C SER R 37 -79.70 -26.70 -24.18
N ILE R 38 -79.49 -25.44 -23.82
CA ILE R 38 -80.30 -24.34 -24.33
C ILE R 38 -80.03 -24.15 -25.82
N LEU R 39 -78.76 -24.24 -26.23
CA LEU R 39 -78.41 -24.06 -27.63
C LEU R 39 -79.09 -25.13 -28.49
N MET R 40 -79.18 -26.35 -27.96
CA MET R 40 -79.69 -27.43 -28.79
C MET R 40 -81.21 -27.52 -28.73
N LYS R 41 -81.85 -26.73 -27.85
CA LYS R 41 -83.30 -26.71 -27.80
C LYS R 41 -83.88 -25.46 -28.46
N ASP R 42 -83.00 -24.64 -29.05
CA ASP R 42 -83.32 -23.45 -29.85
C ASP R 42 -84.15 -22.45 -29.04
N LEU R 43 -83.80 -22.24 -27.76
CA LEU R 43 -84.62 -21.42 -26.89
C LEU R 43 -84.26 -19.93 -27.01
N ALA R 44 -83.12 -19.64 -27.65
CA ALA R 44 -82.56 -18.29 -27.64
C ALA R 44 -82.13 -17.85 -29.04
N ASP R 45 -82.28 -16.55 -29.33
CA ASP R 45 -81.74 -15.93 -30.54
C ASP R 45 -80.36 -15.35 -30.24
N GLU R 46 -80.02 -15.23 -28.95
CA GLU R 46 -78.71 -14.78 -28.53
C GLU R 46 -78.39 -15.41 -27.17
N LEU R 47 -77.18 -15.97 -27.05
CA LEU R 47 -76.68 -16.50 -25.80
C LEU R 47 -75.46 -15.69 -25.37
N ALA R 48 -75.51 -15.20 -24.13
CA ALA R 48 -74.39 -14.50 -23.54
C ALA R 48 -73.84 -15.33 -22.38
N LEU R 49 -72.51 -15.45 -22.32
CA LEU R 49 -71.85 -16.09 -21.20
C LEU R 49 -71.05 -15.03 -20.45
N VAL R 50 -71.12 -15.08 -19.10
CA VAL R 50 -70.30 -14.20 -18.27
C VAL R 50 -69.61 -15.02 -17.19
N ASP R 51 -68.35 -14.66 -16.94
CA ASP R 51 -67.57 -15.21 -15.84
C ASP R 51 -66.48 -14.21 -15.46
N VAL R 52 -65.67 -14.56 -14.46
CA VAL R 52 -64.55 -13.71 -14.06
C VAL R 52 -63.24 -14.24 -14.65
N ILE R 53 -63.20 -15.53 -14.95
CA ILE R 53 -62.01 -16.14 -15.55
C ILE R 53 -62.06 -15.90 -17.05
N GLU R 54 -61.19 -15.02 -17.54
CA GLU R 54 -61.34 -14.44 -18.86
C GLU R 54 -60.91 -15.42 -19.94
N ASP R 55 -59.84 -16.19 -19.66
CA ASP R 55 -59.32 -17.16 -20.62
C ASP R 55 -60.33 -18.27 -20.86
N LYS R 56 -60.83 -18.87 -19.77
CA LYS R 56 -61.80 -19.96 -19.81
C LYS R 56 -63.06 -19.50 -20.54
N LEU R 57 -63.49 -18.26 -20.24
CA LEU R 57 -64.71 -17.68 -20.77
C LEU R 57 -64.63 -17.58 -22.28
N LYS R 58 -63.53 -17.00 -22.79
CA LYS R 58 -63.33 -16.83 -24.22
C LYS R 58 -63.25 -18.18 -24.90
N GLY R 59 -62.57 -19.13 -24.27
CA GLY R 59 -62.41 -20.47 -24.83
C GLY R 59 -63.74 -21.20 -25.02
N GLU R 60 -64.59 -21.12 -24.00
CA GLU R 60 -65.91 -21.73 -24.00
C GLU R 60 -66.75 -21.11 -25.12
N MET R 61 -66.81 -19.78 -25.15
CA MET R 61 -67.54 -19.05 -26.18
C MET R 61 -67.11 -19.53 -27.57
N MET R 62 -65.79 -19.53 -27.82
CA MET R 62 -65.24 -19.93 -29.10
C MET R 62 -65.62 -21.36 -29.46
N ASP R 63 -65.59 -22.28 -28.49
CA ASP R 63 -65.89 -23.68 -28.76
C ASP R 63 -67.34 -23.80 -29.26
N LEU R 64 -68.25 -23.08 -28.59
CA LEU R 64 -69.64 -23.08 -28.98
C LEU R 64 -69.78 -22.43 -30.37
N GLN R 65 -69.09 -21.32 -30.58
CA GLN R 65 -69.16 -20.58 -31.83
C GLN R 65 -68.73 -21.45 -33.01
N HIS R 66 -67.74 -22.31 -32.81
CA HIS R 66 -67.24 -23.14 -33.90
C HIS R 66 -68.30 -24.14 -34.36
N GLY R 67 -69.29 -24.39 -33.50
CA GLY R 67 -70.35 -25.33 -33.82
C GLY R 67 -71.60 -24.65 -34.36
N SER R 68 -71.50 -23.36 -34.71
CA SER R 68 -72.63 -22.53 -35.09
C SER R 68 -73.38 -23.11 -36.28
N LEU R 69 -72.64 -23.78 -37.18
CA LEU R 69 -73.23 -24.39 -38.37
C LEU R 69 -74.35 -25.36 -37.97
N PHE R 70 -74.20 -25.96 -36.78
CA PHE R 70 -75.08 -27.06 -36.36
C PHE R 70 -76.11 -26.57 -35.32
N LEU R 71 -76.15 -25.27 -35.08
CA LEU R 71 -77.10 -24.69 -34.15
C LEU R 71 -78.01 -23.70 -34.87
N ARG R 72 -79.02 -23.21 -34.13
CA ARG R 72 -79.94 -22.22 -34.67
C ARG R 72 -80.01 -21.05 -33.70
N THR R 73 -78.89 -20.79 -33.01
CA THR R 73 -78.73 -19.60 -32.21
C THR R 73 -77.63 -18.77 -32.85
N PRO R 74 -77.98 -17.68 -33.57
CA PRO R 74 -77.02 -16.99 -34.43
C PRO R 74 -75.98 -16.12 -33.72
N LYS R 75 -76.24 -15.74 -32.46
CA LYS R 75 -75.33 -14.87 -31.76
C LYS R 75 -74.93 -15.47 -30.41
N ILE R 76 -73.64 -15.78 -30.26
CA ILE R 76 -73.06 -16.20 -29.01
C ILE R 76 -71.99 -15.18 -28.64
N VAL R 77 -72.14 -14.58 -27.45
CA VAL R 77 -71.19 -13.60 -26.96
C VAL R 77 -70.76 -13.98 -25.54
N SER R 78 -69.59 -13.45 -25.14
CA SER R 78 -69.11 -13.59 -23.77
C SER R 78 -68.34 -12.33 -23.37
N GLY R 79 -68.17 -12.16 -22.06
CA GLY R 79 -67.42 -11.04 -21.53
C GLY R 79 -67.44 -11.05 -20.00
N LYS R 80 -66.38 -10.49 -19.42
CA LYS R 80 -66.32 -10.20 -17.99
C LYS R 80 -67.32 -9.09 -17.67
N ASP R 81 -67.50 -8.16 -18.63
CA ASP R 81 -68.35 -7.00 -18.45
C ASP R 81 -69.79 -7.45 -18.68
N TYR R 82 -70.69 -7.02 -17.76
CA TYR R 82 -72.08 -7.43 -17.83
C TYR R 82 -72.87 -6.73 -18.94
N ASN R 83 -72.21 -5.88 -19.70
CA ASN R 83 -72.91 -5.21 -20.79
C ASN R 83 -73.23 -6.21 -21.91
N VAL R 84 -72.52 -7.34 -21.94
CA VAL R 84 -72.81 -8.39 -22.93
C VAL R 84 -74.15 -9.06 -22.59
N THR R 85 -74.71 -8.79 -21.41
CA THR R 85 -75.94 -9.49 -20.94
C THR R 85 -77.18 -8.61 -21.14
N ALA R 86 -77.02 -7.47 -21.83
CA ALA R 86 -78.11 -6.50 -21.95
C ALA R 86 -79.31 -7.09 -22.70
N ASN R 87 -80.51 -6.78 -22.18
CA ASN R 87 -81.79 -7.15 -22.76
C ASN R 87 -81.99 -8.66 -22.78
N SER R 88 -81.52 -9.35 -21.73
CA SER R 88 -81.83 -10.76 -21.57
C SER R 88 -83.27 -10.91 -21.11
N LYS R 89 -83.96 -11.92 -21.66
CA LYS R 89 -85.26 -12.32 -21.14
C LYS R 89 -85.07 -13.16 -19.89
N LEU R 90 -84.01 -13.97 -19.89
CA LEU R 90 -83.75 -14.93 -18.83
C LEU R 90 -82.26 -14.92 -18.54
N VAL R 91 -81.92 -14.80 -17.26
CA VAL R 91 -80.54 -14.82 -16.81
C VAL R 91 -80.38 -15.99 -15.83
N ILE R 92 -79.50 -16.93 -16.17
CA ILE R 92 -79.30 -18.12 -15.36
C ILE R 92 -77.99 -17.98 -14.58
N ILE R 93 -78.06 -17.99 -13.24
CA ILE R 93 -76.89 -17.84 -12.41
C ILE R 93 -76.40 -19.21 -11.97
N THR R 94 -75.19 -19.58 -12.41
CA THR R 94 -74.58 -20.84 -12.03
C THR R 94 -73.22 -20.60 -11.38
N ALA R 95 -72.88 -19.32 -11.16
CA ALA R 95 -71.57 -18.98 -10.62
C ALA R 95 -71.55 -19.17 -9.10
N GLY R 96 -70.36 -19.39 -8.55
CA GLY R 96 -70.20 -19.55 -7.12
C GLY R 96 -69.40 -20.81 -6.78
N ALA R 97 -69.22 -21.03 -5.47
CA ALA R 97 -68.58 -22.22 -4.97
C ALA R 97 -69.57 -23.38 -5.04
N ARG R 98 -69.06 -24.60 -5.29
CA ARG R 98 -69.93 -25.77 -5.30
C ARG R 98 -69.43 -26.78 -4.28
N GLN R 99 -70.31 -27.68 -3.89
CA GLN R 99 -70.04 -28.59 -2.77
C GLN R 99 -69.11 -29.69 -3.22
N GLN R 100 -68.19 -30.05 -2.32
CA GLN R 100 -67.37 -31.22 -2.52
C GLN R 100 -68.12 -32.45 -2.03
N GLU R 101 -67.49 -33.59 -2.28
CA GLU R 101 -67.90 -34.89 -1.80
C GLU R 101 -68.12 -34.79 -0.30
N GLY R 102 -69.33 -35.15 0.12
CA GLY R 102 -69.72 -35.16 1.52
C GLY R 102 -70.22 -33.82 2.04
N GLU R 103 -70.04 -32.73 1.29
CA GLU R 103 -70.31 -31.39 1.79
C GLU R 103 -71.76 -30.98 1.50
N SER R 104 -72.46 -30.53 2.53
CA SER R 104 -73.78 -29.93 2.43
C SER R 104 -73.74 -28.65 1.60
N ARG R 105 -74.75 -28.52 0.70
CA ARG R 105 -74.86 -27.30 -0.09
C ARG R 105 -75.02 -26.09 0.82
N LEU R 106 -75.56 -26.29 2.04
CA LEU R 106 -75.80 -25.20 2.98
C LEU R 106 -74.48 -24.58 3.44
N ASN R 107 -73.37 -25.31 3.22
CA ASN R 107 -72.05 -24.89 3.65
C ASN R 107 -71.46 -23.84 2.69
N LEU R 108 -72.13 -23.63 1.54
CA LEU R 108 -71.68 -22.71 0.52
C LEU R 108 -72.24 -21.30 0.74
N VAL R 109 -73.03 -21.11 1.81
CA VAL R 109 -73.98 -20.00 1.82
C VAL R 109 -73.27 -18.64 1.81
N GLN R 110 -72.32 -18.44 2.74
CA GLN R 110 -71.78 -17.10 2.91
C GLN R 110 -70.88 -16.75 1.71
N ARG R 111 -70.16 -17.75 1.18
CA ARG R 111 -69.28 -17.52 0.06
C ARG R 111 -70.10 -17.07 -1.15
N ASN R 112 -71.23 -17.76 -1.39
CA ASN R 112 -72.02 -17.50 -2.57
C ASN R 112 -72.90 -16.27 -2.38
N VAL R 113 -73.27 -15.95 -1.13
CA VAL R 113 -74.02 -14.72 -0.87
C VAL R 113 -73.14 -13.54 -1.25
N ASN R 114 -71.86 -13.62 -0.88
CA ASN R 114 -70.91 -12.56 -1.19
C ASN R 114 -70.81 -12.38 -2.71
N ILE R 115 -70.75 -13.49 -3.43
CA ILE R 115 -70.63 -13.50 -4.89
C ILE R 115 -71.86 -12.81 -5.50
N PHE R 116 -73.04 -13.14 -4.96
CA PHE R 116 -74.31 -12.66 -5.47
C PHE R 116 -74.43 -11.15 -5.29
N LYS R 117 -73.80 -10.62 -4.23
CA LYS R 117 -73.77 -9.17 -3.99
C LYS R 117 -73.12 -8.42 -5.15
N PHE R 118 -72.27 -9.12 -5.92
CA PHE R 118 -71.63 -8.51 -7.07
C PHE R 118 -72.46 -8.78 -8.32
N ILE R 119 -72.89 -10.04 -8.47
CA ILE R 119 -73.48 -10.54 -9.70
C ILE R 119 -74.86 -9.90 -9.93
N ILE R 120 -75.71 -9.97 -8.90
CA ILE R 120 -77.14 -9.72 -9.10
C ILE R 120 -77.38 -8.26 -9.53
N PRO R 121 -76.79 -7.25 -8.86
CA PRO R 121 -76.97 -5.85 -9.27
C PRO R 121 -76.52 -5.56 -10.70
N ASN R 122 -75.46 -6.28 -11.14
CA ASN R 122 -74.95 -6.11 -12.49
C ASN R 122 -75.90 -6.70 -13.52
N VAL R 123 -76.47 -7.87 -13.21
CA VAL R 123 -77.45 -8.51 -14.08
C VAL R 123 -78.65 -7.57 -14.24
N VAL R 124 -79.13 -7.04 -13.11
CA VAL R 124 -80.33 -6.23 -13.06
C VAL R 124 -80.12 -4.92 -13.80
N LYS R 125 -78.90 -4.37 -13.69
CA LYS R 125 -78.54 -3.14 -14.37
C LYS R 125 -78.84 -3.24 -15.87
N TYR R 126 -78.45 -4.36 -16.50
CA TYR R 126 -78.46 -4.49 -17.95
C TYR R 126 -79.70 -5.20 -18.49
N SER R 127 -80.39 -5.97 -17.63
CA SER R 127 -81.62 -6.65 -18.01
C SER R 127 -82.65 -6.49 -16.90
N PRO R 128 -83.19 -5.28 -16.67
CA PRO R 128 -84.10 -5.05 -15.55
C PRO R 128 -85.41 -5.83 -15.60
N ASN R 129 -85.76 -6.33 -16.77
CA ASN R 129 -87.06 -6.97 -16.97
C ASN R 129 -86.89 -8.48 -17.15
N CYS R 130 -85.70 -9.00 -16.85
CA CYS R 130 -85.44 -10.41 -17.06
C CYS R 130 -86.11 -11.22 -15.96
N LYS R 131 -86.19 -12.53 -16.21
CA LYS R 131 -86.43 -13.49 -15.14
C LYS R 131 -85.06 -13.99 -14.71
N LEU R 132 -84.89 -14.13 -13.38
CA LEU R 132 -83.69 -14.67 -12.79
C LEU R 132 -83.94 -16.14 -12.45
N LEU R 133 -83.12 -17.03 -13.02
CA LEU R 133 -83.16 -18.43 -12.66
C LEU R 133 -81.88 -18.77 -11.91
N ILE R 134 -82.02 -19.04 -10.61
CA ILE R 134 -80.87 -19.30 -9.74
C ILE R 134 -80.59 -20.80 -9.72
N VAL R 135 -79.33 -21.17 -9.98
CA VAL R 135 -78.95 -22.57 -10.00
C VAL R 135 -77.89 -22.83 -8.93
N SER R 136 -77.10 -21.79 -8.59
CA SER R 136 -76.07 -21.82 -7.57
C SER R 136 -76.65 -22.29 -6.24
N ASN R 137 -75.82 -22.96 -5.44
CA ASN R 137 -76.27 -23.61 -4.22
C ASN R 137 -75.81 -22.83 -2.99
N PRO R 138 -76.52 -22.89 -1.85
CA PRO R 138 -77.81 -23.56 -1.73
C PRO R 138 -78.90 -22.76 -2.43
N VAL R 139 -79.53 -23.38 -3.43
CA VAL R 139 -80.35 -22.69 -4.40
C VAL R 139 -81.54 -22.01 -3.72
N ASP R 140 -82.06 -22.61 -2.65
CA ASP R 140 -83.28 -22.11 -2.03
C ASP R 140 -82.99 -20.79 -1.30
N ILE R 141 -81.89 -20.77 -0.55
CA ILE R 141 -81.47 -19.57 0.13
C ILE R 141 -81.00 -18.52 -0.88
N LEU R 142 -80.24 -18.96 -1.90
CA LEU R 142 -79.68 -18.02 -2.86
C LEU R 142 -80.78 -17.42 -3.75
N THR R 143 -81.92 -18.12 -3.90
CA THR R 143 -83.06 -17.55 -4.62
C THR R 143 -83.60 -16.38 -3.81
N TYR R 144 -83.73 -16.59 -2.50
CA TYR R 144 -84.15 -15.55 -1.57
C TYR R 144 -83.18 -14.38 -1.64
N VAL R 145 -81.88 -14.68 -1.67
CA VAL R 145 -80.86 -13.65 -1.72
C VAL R 145 -80.99 -12.84 -3.01
N ALA R 146 -81.11 -13.54 -4.15
CA ALA R 146 -81.25 -12.87 -5.43
C ALA R 146 -82.50 -12.00 -5.43
N TRP R 147 -83.53 -12.42 -4.70
CA TRP R 147 -84.79 -11.69 -4.63
C TRP R 147 -84.60 -10.39 -3.84
N LYS R 148 -83.95 -10.50 -2.67
CA LYS R 148 -83.67 -9.35 -1.84
C LYS R 148 -82.76 -8.36 -2.57
N ILE R 149 -81.71 -8.87 -3.23
CA ILE R 149 -80.71 -8.00 -3.84
C ILE R 149 -81.29 -7.31 -5.07
N SER R 150 -81.94 -8.08 -5.94
CA SER R 150 -82.44 -7.59 -7.22
C SER R 150 -83.54 -6.55 -7.06
N GLY R 151 -84.40 -6.73 -6.04
CA GLY R 151 -85.58 -5.91 -5.83
C GLY R 151 -86.71 -6.29 -6.79
N PHE R 152 -86.56 -7.42 -7.48
CA PHE R 152 -87.54 -7.91 -8.41
C PHE R 152 -88.78 -8.39 -7.66
N PRO R 153 -89.96 -8.40 -8.33
CA PRO R 153 -91.13 -9.08 -7.77
C PRO R 153 -90.79 -10.57 -7.73
N LYS R 154 -91.45 -11.31 -6.84
CA LYS R 154 -91.05 -12.68 -6.52
C LYS R 154 -91.30 -13.62 -7.71
N ASN R 155 -92.19 -13.22 -8.62
CA ASN R 155 -92.49 -14.06 -9.77
C ASN R 155 -91.31 -14.15 -10.73
N ARG R 156 -90.40 -13.16 -10.67
CA ARG R 156 -89.28 -13.11 -11.60
C ARG R 156 -87.98 -13.61 -10.98
N VAL R 157 -88.06 -14.27 -9.81
CA VAL R 157 -86.89 -14.88 -9.21
C VAL R 157 -87.21 -16.34 -8.90
N ILE R 158 -86.57 -17.24 -9.66
CA ILE R 158 -86.91 -18.66 -9.67
C ILE R 158 -85.63 -19.43 -9.35
N GLY R 159 -85.69 -20.35 -8.37
CA GLY R 159 -84.59 -21.25 -8.12
C GLY R 159 -84.84 -22.59 -8.80
N SER R 160 -83.79 -23.18 -9.40
CA SER R 160 -83.92 -24.45 -10.10
C SER R 160 -84.51 -25.51 -9.17
N GLY R 161 -84.24 -25.36 -7.87
CA GLY R 161 -84.94 -26.07 -6.81
C GLY R 161 -84.91 -27.58 -7.03
N CYS R 162 -86.09 -28.20 -6.87
CA CYS R 162 -86.21 -29.65 -6.89
C CYS R 162 -86.66 -30.18 -8.25
N ASN R 163 -86.54 -29.36 -9.32
CA ASN R 163 -86.86 -29.83 -10.66
C ASN R 163 -85.99 -31.04 -10.96
N LEU R 164 -84.70 -30.97 -10.58
CA LEU R 164 -83.78 -32.07 -10.83
C LEU R 164 -84.06 -33.24 -9.90
N ASP R 165 -84.36 -32.97 -8.63
CA ASP R 165 -84.64 -34.02 -7.66
C ASP R 165 -85.84 -34.84 -8.13
N SER R 166 -86.88 -34.15 -8.60
CA SER R 166 -88.08 -34.80 -9.10
C SER R 166 -87.76 -35.61 -10.35
N ALA R 167 -86.89 -35.07 -11.22
CA ALA R 167 -86.46 -35.75 -12.44
C ALA R 167 -85.74 -37.05 -12.11
N ARG R 168 -84.84 -36.99 -11.12
CA ARG R 168 -84.12 -38.16 -10.64
C ARG R 168 -85.13 -39.17 -10.08
N PHE R 169 -86.06 -38.67 -9.26
CA PHE R 169 -87.07 -39.49 -8.62
C PHE R 169 -87.85 -40.27 -9.67
N ARG R 170 -88.27 -39.56 -10.71
CA ARG R 170 -89.08 -40.16 -11.77
C ARG R 170 -88.25 -41.13 -12.60
N TYR R 171 -86.95 -40.86 -12.74
CA TYR R 171 -86.08 -41.77 -13.45
C TYR R 171 -86.03 -43.11 -12.71
N LEU R 172 -85.79 -43.04 -11.39
CA LEU R 172 -85.67 -44.22 -10.56
C LEU R 172 -87.01 -44.96 -10.46
N MET R 173 -88.10 -44.20 -10.34
CA MET R 173 -89.45 -44.76 -10.36
C MET R 173 -89.62 -45.58 -11.62
N GLY R 174 -89.26 -44.98 -12.75
CA GLY R 174 -89.37 -45.60 -14.06
C GLY R 174 -88.54 -46.88 -14.18
N GLU R 175 -87.35 -46.88 -13.59
CA GLU R 175 -86.43 -48.01 -13.61
C GLU R 175 -87.11 -49.20 -12.93
N ARG R 176 -87.75 -48.92 -11.79
CA ARG R 176 -88.40 -49.95 -11.00
C ARG R 176 -89.63 -50.49 -11.73
N LEU R 177 -90.37 -49.62 -12.43
CA LEU R 177 -91.68 -50.03 -12.95
C LEU R 177 -91.61 -50.46 -14.41
N GLY R 178 -90.49 -50.18 -15.10
CA GLY R 178 -90.35 -50.49 -16.53
C GLY R 178 -91.15 -49.54 -17.40
N VAL R 179 -91.24 -48.28 -16.96
CA VAL R 179 -91.99 -47.23 -17.65
C VAL R 179 -91.08 -46.04 -17.85
N HIS R 180 -91.24 -45.35 -18.99
CA HIS R 180 -90.48 -44.13 -19.23
C HIS R 180 -90.78 -43.12 -18.12
N PRO R 181 -89.77 -42.39 -17.62
CA PRO R 181 -90.00 -41.36 -16.60
C PRO R 181 -91.11 -40.38 -16.94
N LEU R 182 -91.35 -40.15 -18.23
CA LEU R 182 -92.37 -39.20 -18.67
C LEU R 182 -93.73 -39.67 -18.19
N SER R 183 -93.92 -40.99 -18.05
CA SER R 183 -95.20 -41.55 -17.64
C SER R 183 -95.24 -41.91 -16.15
N CYS R 184 -94.13 -41.63 -15.43
CA CYS R 184 -94.05 -41.83 -13.99
C CYS R 184 -94.12 -40.48 -13.27
N HIS R 185 -95.08 -40.32 -12.35
CA HIS R 185 -95.32 -39.05 -11.71
C HIS R 185 -95.05 -39.15 -10.22
N GLY R 186 -94.49 -38.08 -9.65
CA GLY R 186 -94.04 -38.04 -8.28
C GLY R 186 -93.21 -36.78 -8.03
N TRP R 187 -93.45 -36.14 -6.89
CA TRP R 187 -92.86 -34.85 -6.59
C TRP R 187 -91.94 -34.93 -5.39
N VAL R 188 -90.75 -34.35 -5.53
CA VAL R 188 -89.87 -34.09 -4.41
C VAL R 188 -89.87 -32.59 -4.17
N LEU R 189 -90.28 -32.16 -2.97
CA LEU R 189 -90.44 -30.75 -2.65
C LEU R 189 -89.54 -30.32 -1.49
N GLY R 190 -89.57 -29.02 -1.19
CA GLY R 190 -88.78 -28.47 -0.10
C GLY R 190 -87.37 -28.07 -0.54
N GLU R 191 -86.37 -28.37 0.31
CA GLU R 191 -84.99 -28.04 0.04
C GLU R 191 -84.46 -28.94 -1.06
N HIS R 192 -83.75 -28.31 -2.01
CA HIS R 192 -82.90 -29.06 -2.91
C HIS R 192 -81.68 -29.48 -2.11
N GLY R 193 -81.80 -30.61 -1.42
CA GLY R 193 -80.77 -31.02 -0.49
C GLY R 193 -81.29 -32.15 0.39
N ASP R 194 -80.64 -32.28 1.55
CA ASP R 194 -80.80 -33.44 2.42
C ASP R 194 -82.21 -33.49 3.02
N SER R 195 -82.90 -32.34 3.14
CA SER R 195 -84.21 -32.31 3.78
C SER R 195 -85.35 -32.25 2.77
N SER R 196 -85.11 -32.79 1.56
CA SER R 196 -86.16 -32.86 0.57
C SER R 196 -87.29 -33.79 1.01
N VAL R 197 -88.51 -33.50 0.54
CA VAL R 197 -89.69 -34.23 0.94
C VAL R 197 -90.29 -34.95 -0.26
N PRO R 198 -90.27 -36.31 -0.29
CA PRO R 198 -90.97 -37.06 -1.34
C PRO R 198 -92.45 -37.16 -1.02
N VAL R 199 -93.30 -36.76 -1.98
CA VAL R 199 -94.74 -36.73 -1.79
C VAL R 199 -95.29 -38.07 -2.30
N TRP R 200 -95.27 -39.06 -1.39
CA TRP R 200 -95.76 -40.41 -1.64
C TRP R 200 -97.23 -40.38 -2.05
N SER R 201 -97.98 -39.44 -1.45
CA SER R 201 -99.41 -39.34 -1.71
C SER R 201 -99.73 -39.04 -3.18
N GLY R 202 -98.76 -38.43 -3.88
CA GLY R 202 -98.94 -37.96 -5.25
C GLY R 202 -98.39 -38.91 -6.31
N MET R 203 -97.62 -39.92 -5.88
CA MET R 203 -96.96 -40.83 -6.80
C MET R 203 -97.97 -41.66 -7.57
N ASN R 204 -97.86 -41.66 -8.90
CA ASN R 204 -98.85 -42.36 -9.72
C ASN R 204 -98.29 -42.68 -11.10
N VAL R 205 -98.88 -43.70 -11.74
CA VAL R 205 -98.71 -43.98 -13.15
C VAL R 205 -100.11 -44.02 -13.74
N ALA R 206 -100.31 -43.31 -14.86
CA ALA R 206 -101.58 -43.27 -15.57
C ALA R 206 -102.74 -42.91 -14.65
N GLY R 207 -102.45 -42.10 -13.63
CA GLY R 207 -103.47 -41.58 -12.72
C GLY R 207 -103.81 -42.55 -11.59
N VAL R 208 -103.13 -43.70 -11.55
CA VAL R 208 -103.36 -44.71 -10.54
C VAL R 208 -102.43 -44.44 -9.36
N SER R 209 -102.99 -44.09 -8.20
CA SER R 209 -102.23 -43.81 -7.00
C SER R 209 -101.47 -45.04 -6.53
N LEU R 210 -100.14 -44.91 -6.41
CA LEU R 210 -99.28 -46.01 -6.02
C LEU R 210 -99.47 -46.30 -4.53
N LYS R 211 -99.73 -45.25 -3.74
CA LYS R 211 -99.96 -45.39 -2.31
C LYS R 211 -101.25 -46.15 -2.05
N THR R 212 -102.25 -45.95 -2.91
CA THR R 212 -103.52 -46.67 -2.84
C THR R 212 -103.28 -48.16 -3.08
N LEU R 213 -102.46 -48.47 -4.10
CA LEU R 213 -102.15 -49.85 -4.46
C LEU R 213 -101.29 -50.50 -3.38
N HIS R 214 -100.43 -49.69 -2.74
CA HIS R 214 -99.39 -50.19 -1.86
C HIS R 214 -99.24 -49.22 -0.68
N PRO R 215 -100.08 -49.37 0.36
CA PRO R 215 -100.10 -48.41 1.46
C PRO R 215 -98.78 -48.28 2.23
N ASP R 216 -97.93 -49.30 2.14
CA ASP R 216 -96.64 -49.25 2.81
C ASP R 216 -95.67 -48.30 2.12
N LEU R 217 -96.01 -47.86 0.90
CA LEU R 217 -95.13 -47.02 0.08
C LEU R 217 -94.64 -45.83 0.90
N GLY R 218 -93.32 -45.71 1.01
CA GLY R 218 -92.70 -44.56 1.69
C GLY R 218 -92.42 -44.76 3.18
N THR R 219 -92.87 -45.89 3.72
CA THR R 219 -92.65 -46.17 5.14
C THR R 219 -91.47 -47.13 5.28
N ASP R 220 -91.00 -47.28 6.52
CA ASP R 220 -89.90 -48.19 6.84
C ASP R 220 -90.37 -49.65 6.76
N LYS R 221 -91.66 -49.87 7.00
CA LYS R 221 -92.22 -51.22 6.99
C LYS R 221 -92.27 -51.78 5.58
N ASP R 222 -92.20 -50.89 4.57
CA ASP R 222 -92.32 -51.23 3.16
C ASP R 222 -91.35 -52.33 2.75
N LYS R 223 -91.92 -53.49 2.38
CA LYS R 223 -91.18 -54.65 1.92
C LYS R 223 -90.37 -54.32 0.67
N GLU R 224 -90.90 -53.38 -0.13
CA GLU R 224 -90.30 -53.03 -1.41
C GLU R 224 -89.29 -51.90 -1.26
N GLN R 225 -89.32 -51.23 -0.10
CA GLN R 225 -88.33 -50.23 0.25
C GLN R 225 -88.36 -49.07 -0.72
N TRP R 226 -89.54 -48.49 -0.94
CA TRP R 226 -89.63 -47.35 -1.83
C TRP R 226 -88.98 -46.11 -1.23
N LYS R 227 -88.81 -46.11 0.10
CA LYS R 227 -88.16 -45.00 0.78
C LYS R 227 -86.73 -44.82 0.23
N GLU R 228 -86.14 -45.93 -0.20
CA GLU R 228 -84.78 -45.97 -0.74
C GLU R 228 -84.68 -45.19 -2.04
N VAL R 229 -85.78 -45.09 -2.78
CA VAL R 229 -85.77 -44.30 -4.00
C VAL R 229 -85.51 -42.84 -3.64
N HIS R 230 -86.15 -42.33 -2.60
CA HIS R 230 -85.89 -40.96 -2.18
C HIS R 230 -84.48 -40.83 -1.62
N LYS R 231 -84.01 -41.88 -0.94
CA LYS R 231 -82.68 -41.81 -0.35
C LYS R 231 -81.65 -41.67 -1.46
N GLN R 232 -81.94 -42.32 -2.59
CA GLN R 232 -81.07 -42.28 -3.75
C GLN R 232 -81.13 -40.90 -4.40
N VAL R 233 -82.26 -40.22 -4.24
CA VAL R 233 -82.41 -38.88 -4.79
C VAL R 233 -81.51 -37.92 -4.02
N VAL R 234 -81.57 -38.00 -2.69
CA VAL R 234 -80.75 -37.17 -1.82
C VAL R 234 -79.27 -37.42 -2.10
N GLU R 235 -78.94 -38.67 -2.38
CA GLU R 235 -77.54 -39.10 -2.45
C GLU R 235 -76.97 -39.01 -3.85
N SER R 236 -77.82 -38.73 -4.86
CA SER R 236 -77.42 -38.71 -6.25
C SER R 236 -76.24 -37.77 -6.46
N ALA R 237 -76.41 -36.50 -6.06
CA ALA R 237 -75.40 -35.48 -6.27
C ALA R 237 -74.05 -35.93 -5.71
N TYR R 238 -74.10 -36.46 -4.49
CA TYR R 238 -72.89 -36.88 -3.80
C TYR R 238 -72.27 -38.08 -4.50
N GLU R 239 -73.10 -38.99 -5.00
CA GLU R 239 -72.56 -40.19 -5.64
C GLU R 239 -71.95 -39.82 -6.99
N VAL R 240 -72.59 -38.93 -7.75
CA VAL R 240 -72.03 -38.52 -9.03
C VAL R 240 -70.74 -37.76 -8.78
N ILE R 241 -70.74 -36.86 -7.77
CA ILE R 241 -69.54 -36.10 -7.40
C ILE R 241 -68.42 -37.09 -7.07
N LYS R 242 -68.75 -38.10 -6.26
CA LYS R 242 -67.79 -39.12 -5.86
C LYS R 242 -67.21 -39.80 -7.10
N LEU R 243 -68.05 -40.05 -8.12
CA LEU R 243 -67.64 -40.87 -9.24
C LEU R 243 -66.91 -40.06 -10.31
N LYS R 244 -67.38 -38.83 -10.60
CA LYS R 244 -66.83 -38.08 -11.73
C LYS R 244 -66.37 -36.68 -11.32
N GLY R 245 -66.57 -36.29 -10.05
CA GLY R 245 -66.01 -35.05 -9.54
C GLY R 245 -67.03 -33.93 -9.46
N TYR R 246 -68.09 -34.00 -10.26
CA TYR R 246 -69.10 -32.96 -10.30
C TYR R 246 -70.36 -33.50 -10.96
N THR R 247 -71.45 -32.73 -10.92
CA THR R 247 -72.60 -33.04 -11.75
C THR R 247 -72.75 -31.92 -12.79
N SER R 248 -73.22 -32.28 -13.98
CA SER R 248 -73.35 -31.30 -15.05
C SER R 248 -74.58 -31.58 -15.92
N TRP R 249 -74.65 -32.79 -16.49
CA TRP R 249 -75.59 -33.02 -17.58
C TRP R 249 -77.03 -32.93 -17.10
N ALA R 250 -77.34 -33.54 -15.96
CA ALA R 250 -78.70 -33.62 -15.45
C ALA R 250 -79.23 -32.24 -15.08
N ILE R 251 -78.40 -31.47 -14.36
CA ILE R 251 -78.79 -30.12 -13.96
C ILE R 251 -78.93 -29.23 -15.19
N GLY R 252 -78.07 -29.45 -16.20
CA GLY R 252 -78.10 -28.71 -17.44
C GLY R 252 -79.44 -28.88 -18.15
N LEU R 253 -79.83 -30.15 -18.32
CA LEU R 253 -81.09 -30.50 -18.95
C LEU R 253 -82.25 -29.96 -18.14
N SER R 254 -82.17 -30.08 -16.81
CA SER R 254 -83.21 -29.61 -15.92
C SER R 254 -83.44 -28.10 -16.10
N VAL R 255 -82.35 -27.35 -16.21
CA VAL R 255 -82.37 -25.91 -16.37
C VAL R 255 -82.96 -25.53 -17.73
N ALA R 256 -82.59 -26.28 -18.78
CA ALA R 256 -83.12 -26.01 -20.11
C ALA R 256 -84.62 -26.29 -20.12
N ASP R 257 -85.04 -27.27 -19.32
CA ASP R 257 -86.44 -27.62 -19.16
C ASP R 257 -87.21 -26.40 -18.64
N LEU R 258 -86.65 -25.77 -17.61
CA LEU R 258 -87.28 -24.61 -17.00
C LEU R 258 -87.26 -23.44 -17.99
N ALA R 259 -86.12 -23.25 -18.65
CA ALA R 259 -85.94 -22.20 -19.64
C ALA R 259 -86.99 -22.33 -20.75
N GLU R 260 -87.26 -23.56 -21.17
CA GLU R 260 -88.23 -23.83 -22.23
C GLU R 260 -89.60 -23.32 -21.83
N SER R 261 -90.01 -23.61 -20.59
CA SER R 261 -91.32 -23.22 -20.10
C SER R 261 -91.42 -21.70 -19.99
N ILE R 262 -90.33 -21.05 -19.58
CA ILE R 262 -90.32 -19.61 -19.43
C ILE R 262 -90.38 -18.94 -20.81
N MET R 263 -89.45 -19.32 -21.70
CA MET R 263 -89.28 -18.67 -22.99
C MET R 263 -90.51 -18.86 -23.88
N LYS R 264 -91.14 -20.04 -23.82
CA LYS R 264 -92.24 -20.36 -24.70
C LYS R 264 -93.59 -20.15 -24.01
N ASN R 265 -93.57 -19.66 -22.76
CA ASN R 265 -94.77 -19.32 -21.99
C ASN R 265 -95.73 -20.51 -21.92
N LEU R 266 -95.18 -21.68 -21.58
CA LEU R 266 -95.93 -22.92 -21.66
C LEU R 266 -96.97 -23.05 -20.54
N ARG R 267 -96.69 -22.46 -19.37
CA ARG R 267 -97.52 -22.63 -18.19
C ARG R 267 -97.56 -24.10 -17.79
N ARG R 268 -96.39 -24.73 -17.87
CA ARG R 268 -96.19 -26.06 -17.29
C ARG R 268 -95.90 -25.92 -15.80
N VAL R 269 -96.07 -27.04 -15.09
CA VAL R 269 -95.86 -27.06 -13.66
C VAL R 269 -94.52 -27.71 -13.33
N HIS R 270 -93.67 -27.00 -12.59
CA HIS R 270 -92.34 -27.46 -12.20
C HIS R 270 -92.15 -27.20 -10.72
N PRO R 271 -91.45 -28.11 -10.00
CA PRO R 271 -91.11 -27.87 -8.59
C PRO R 271 -89.86 -27.00 -8.51
N VAL R 272 -90.03 -25.71 -8.21
CA VAL R 272 -88.95 -24.74 -8.28
C VAL R 272 -89.00 -23.90 -7.01
N SER R 273 -87.86 -23.26 -6.67
CA SER R 273 -87.77 -22.50 -5.42
C SER R 273 -88.50 -21.17 -5.56
N THR R 274 -89.40 -20.94 -4.62
CA THR R 274 -90.15 -19.69 -4.58
C THR R 274 -90.55 -19.42 -3.15
N MET R 275 -91.06 -18.20 -2.92
CA MET R 275 -91.45 -17.84 -1.58
C MET R 275 -92.76 -18.56 -1.22
N ILE R 276 -92.74 -19.28 -0.09
CA ILE R 276 -93.89 -20.08 0.33
C ILE R 276 -94.51 -19.55 1.62
N LYS R 277 -94.10 -18.36 2.05
CA LYS R 277 -94.73 -17.69 3.17
C LYS R 277 -96.25 -17.74 3.01
N GLY R 278 -96.95 -18.14 4.07
CA GLY R 278 -98.40 -18.25 4.12
C GLY R 278 -98.94 -19.65 3.78
N LEU R 279 -98.07 -20.55 3.32
CA LEU R 279 -98.49 -21.92 3.03
C LEU R 279 -97.90 -22.87 4.08
N TYR R 280 -98.69 -23.90 4.42
CA TYR R 280 -98.29 -24.96 5.34
C TYR R 280 -97.80 -24.40 6.67
N GLY R 281 -98.36 -23.24 7.07
CA GLY R 281 -98.12 -22.64 8.36
C GLY R 281 -96.72 -22.00 8.47
N ILE R 282 -96.04 -21.83 7.33
CA ILE R 282 -94.78 -21.13 7.29
C ILE R 282 -95.08 -19.63 7.29
N LYS R 283 -94.44 -18.88 8.21
CA LYS R 283 -94.78 -17.48 8.44
C LYS R 283 -93.63 -16.56 8.02
N ASP R 284 -92.49 -17.13 7.63
CA ASP R 284 -91.29 -16.37 7.33
C ASP R 284 -91.05 -16.35 5.83
N ASP R 285 -90.05 -15.55 5.41
CA ASP R 285 -89.74 -15.35 4.01
C ASP R 285 -88.88 -16.49 3.49
N VAL R 286 -89.37 -17.73 3.65
CA VAL R 286 -88.60 -18.89 3.24
C VAL R 286 -88.88 -19.16 1.77
N PHE R 287 -87.83 -19.46 1.03
CA PHE R 287 -87.96 -19.99 -0.31
C PHE R 287 -87.69 -21.49 -0.29
N LEU R 288 -88.59 -22.28 -0.88
CA LEU R 288 -88.29 -23.66 -1.20
C LEU R 288 -89.16 -24.11 -2.37
N SER R 289 -88.98 -25.38 -2.76
CA SER R 289 -89.63 -25.90 -3.94
C SER R 289 -91.05 -26.36 -3.63
N VAL R 290 -92.02 -25.77 -4.35
CA VAL R 290 -93.37 -26.29 -4.50
C VAL R 290 -93.68 -26.31 -5.99
N PRO R 291 -94.71 -27.05 -6.47
CA PRO R 291 -95.07 -27.02 -7.90
C PRO R 291 -95.60 -25.63 -8.27
N CYS R 292 -94.95 -25.03 -9.27
CA CYS R 292 -95.30 -23.70 -9.75
C CYS R 292 -95.61 -23.73 -11.24
N ILE R 293 -96.53 -22.85 -11.66
CA ILE R 293 -96.84 -22.64 -13.06
C ILE R 293 -95.82 -21.65 -13.63
N LEU R 294 -95.10 -22.08 -14.67
CA LEU R 294 -93.98 -21.34 -15.23
C LEU R 294 -94.33 -20.83 -16.62
N GLY R 295 -94.14 -19.53 -16.81
CA GLY R 295 -94.36 -18.91 -18.10
C GLY R 295 -93.49 -17.68 -18.27
N GLN R 296 -93.89 -16.81 -19.20
CA GLN R 296 -93.09 -15.68 -19.63
C GLN R 296 -92.98 -14.62 -18.54
N ASN R 297 -93.79 -14.70 -17.49
CA ASN R 297 -93.65 -13.78 -16.35
C ASN R 297 -93.02 -14.51 -15.17
N GLY R 298 -92.42 -15.68 -15.44
CA GLY R 298 -91.84 -16.52 -14.39
C GLY R 298 -92.92 -17.35 -13.71
N ILE R 299 -92.92 -17.30 -12.37
CA ILE R 299 -93.88 -18.06 -11.58
C ILE R 299 -95.15 -17.21 -11.44
N SER R 300 -96.20 -17.61 -12.16
CA SER R 300 -97.46 -16.89 -12.11
C SER R 300 -98.36 -17.45 -10.99
N ASP R 301 -98.15 -18.72 -10.64
CA ASP R 301 -99.04 -19.44 -9.74
C ASP R 301 -98.26 -20.54 -9.02
N LEU R 302 -98.75 -20.92 -7.85
CA LEU R 302 -98.32 -22.10 -7.11
C LEU R 302 -99.46 -23.09 -7.05
N VAL R 303 -99.14 -24.38 -7.18
CA VAL R 303 -100.09 -25.42 -6.85
C VAL R 303 -99.98 -25.67 -5.36
N LYS R 304 -101.14 -25.67 -4.69
CA LYS R 304 -101.20 -25.92 -3.26
C LYS R 304 -101.37 -27.42 -3.06
N VAL R 305 -100.25 -28.15 -3.05
CA VAL R 305 -100.29 -29.60 -2.95
C VAL R 305 -100.86 -29.97 -1.58
N THR R 306 -101.73 -30.97 -1.57
CA THR R 306 -102.18 -31.56 -0.33
C THR R 306 -101.14 -32.55 0.18
N LEU R 307 -100.72 -32.36 1.43
CA LEU R 307 -99.68 -33.18 2.04
C LEU R 307 -100.28 -33.95 3.22
N THR R 308 -99.79 -35.20 3.41
CA THR R 308 -100.08 -35.86 4.66
C THR R 308 -99.42 -35.04 5.78
N SER R 309 -99.94 -35.19 7.00
CA SER R 309 -99.41 -34.47 8.15
C SER R 309 -97.90 -34.69 8.29
N GLU R 310 -97.42 -35.89 7.93
CA GLU R 310 -96.00 -36.17 8.02
C GLU R 310 -95.24 -35.46 6.90
N GLU R 311 -95.77 -35.56 5.66
CA GLU R 311 -95.21 -34.87 4.51
C GLU R 311 -95.14 -33.37 4.83
N GLU R 312 -96.19 -32.84 5.46
CA GLU R 312 -96.22 -31.43 5.82
C GLU R 312 -95.21 -31.14 6.93
N ALA R 313 -95.08 -32.06 7.88
CA ALA R 313 -94.12 -31.92 8.96
C ALA R 313 -92.69 -31.83 8.40
N ARG R 314 -92.39 -32.69 7.42
CA ARG R 314 -91.07 -32.73 6.79
C ARG R 314 -90.78 -31.42 6.05
N LEU R 315 -91.82 -30.86 5.42
CA LEU R 315 -91.68 -29.61 4.68
C LEU R 315 -91.49 -28.43 5.62
N LYS R 316 -92.14 -28.46 6.79
CA LYS R 316 -91.98 -27.43 7.79
C LYS R 316 -90.57 -27.51 8.38
N LYS R 317 -90.05 -28.73 8.51
CA LYS R 317 -88.71 -28.99 8.99
C LYS R 317 -87.67 -28.42 8.01
N SER R 318 -87.92 -28.66 6.71
CA SER R 318 -87.08 -28.14 5.64
C SER R 318 -87.09 -26.60 5.72
N ALA R 319 -88.30 -26.04 5.91
CA ALA R 319 -88.47 -24.60 6.00
C ALA R 319 -87.67 -24.03 7.16
N ASP R 320 -87.72 -24.70 8.31
CA ASP R 320 -87.04 -24.25 9.52
C ASP R 320 -85.54 -24.23 9.30
N THR R 321 -85.00 -25.34 8.77
CA THR R 321 -83.57 -25.45 8.47
C THR R 321 -83.13 -24.23 7.67
N LEU R 322 -83.88 -23.96 6.59
CA LEU R 322 -83.52 -22.91 5.65
C LEU R 322 -83.62 -21.53 6.31
N TRP R 323 -84.72 -21.32 7.06
CA TRP R 323 -84.94 -20.04 7.70
C TRP R 323 -83.85 -19.77 8.75
N GLY R 324 -83.42 -20.84 9.41
CA GLY R 324 -82.35 -20.74 10.39
C GLY R 324 -81.10 -20.06 9.80
N ILE R 325 -80.78 -20.47 8.58
CA ILE R 325 -79.59 -19.98 7.91
C ILE R 325 -79.85 -18.61 7.30
N GLN R 326 -81.06 -18.41 6.79
CA GLN R 326 -81.49 -17.11 6.28
C GLN R 326 -81.35 -16.01 7.34
N LYS R 327 -81.58 -16.37 8.67
CA LYS R 327 -81.42 -15.41 9.72
C LYS R 327 -80.06 -14.68 9.74
N GLU R 328 -79.05 -15.45 9.35
CA GLU R 328 -77.66 -15.04 9.48
C GLU R 328 -77.19 -14.26 8.27
N LEU R 329 -78.04 -14.05 7.29
CA LEU R 329 -77.72 -13.26 6.11
C LEU R 329 -77.10 -11.87 6.19
N GLN R 330 -77.80 -10.73 6.47
CA GLN R 330 -77.26 -9.40 6.44
C GLN R 330 -76.37 -9.11 5.24
N PHE R 331 -77.03 -8.80 4.14
CA PHE R 331 -76.45 -8.78 2.79
C PHE R 331 -76.40 -7.31 2.29
N ALA S 1 -114.08 -22.59 -0.80
CA ALA S 1 -113.40 -22.08 -2.01
C ALA S 1 -113.65 -23.02 -3.19
N THR S 2 -113.43 -22.49 -4.40
CA THR S 2 -113.55 -23.24 -5.65
C THR S 2 -112.41 -24.25 -5.76
N LEU S 3 -112.55 -25.23 -6.65
CA LEU S 3 -111.52 -26.22 -6.92
C LEU S 3 -110.23 -25.51 -7.39
N LYS S 4 -110.39 -24.51 -8.27
CA LYS S 4 -109.27 -23.76 -8.81
C LYS S 4 -108.47 -23.13 -7.66
N ASP S 5 -109.17 -22.56 -6.68
CA ASP S 5 -108.55 -21.88 -5.55
C ASP S 5 -107.91 -22.86 -4.58
N GLN S 6 -108.53 -24.04 -4.42
CA GLN S 6 -107.97 -25.09 -3.57
C GLN S 6 -106.66 -25.58 -4.19
N LEU S 7 -106.59 -25.60 -5.52
CA LEU S 7 -105.46 -26.22 -6.20
C LEU S 7 -104.35 -25.20 -6.43
N ILE S 8 -104.73 -23.96 -6.74
CA ILE S 8 -103.78 -22.98 -7.25
C ILE S 8 -103.80 -21.72 -6.39
N TYR S 9 -102.62 -21.32 -5.91
CA TYR S 9 -102.45 -20.04 -5.25
C TYR S 9 -101.88 -19.06 -6.27
N ASN S 10 -102.55 -17.93 -6.43
CA ASN S 10 -102.23 -16.90 -7.42
C ASN S 10 -101.31 -15.86 -6.80
N LEU S 11 -100.21 -15.56 -7.49
CA LEU S 11 -99.31 -14.47 -7.12
C LEU S 11 -99.67 -13.20 -7.89
N LEU S 12 -100.08 -13.39 -9.14
CA LEU S 12 -100.09 -12.30 -10.09
C LEU S 12 -101.38 -12.27 -10.89
N LYS S 13 -101.95 -11.06 -10.98
CA LYS S 13 -103.23 -10.84 -11.61
C LYS S 13 -102.96 -10.01 -12.87
N GLU S 14 -103.54 -10.48 -13.96
CA GLU S 14 -103.33 -9.94 -15.31
C GLU S 14 -101.96 -10.36 -15.85
N GLU S 15 -101.95 -11.11 -16.96
CA GLU S 15 -100.76 -11.46 -17.71
C GLU S 15 -100.91 -10.92 -19.15
N GLN S 16 -99.89 -10.24 -19.66
CA GLN S 16 -100.08 -9.34 -20.78
C GLN S 16 -99.08 -9.57 -21.91
N THR S 17 -99.61 -9.42 -23.11
CA THR S 17 -98.96 -9.30 -24.42
C THR S 17 -98.19 -10.55 -24.84
N PRO S 18 -98.52 -11.14 -26.03
CA PRO S 18 -97.73 -12.23 -26.60
C PRO S 18 -96.38 -11.70 -27.06
N GLN S 19 -95.34 -12.52 -26.89
CA GLN S 19 -93.98 -12.08 -27.16
C GLN S 19 -93.53 -12.54 -28.54
N ASN S 20 -94.17 -13.61 -29.07
CA ASN S 20 -93.74 -14.21 -30.30
C ASN S 20 -94.97 -14.64 -31.10
N LYS S 21 -95.87 -13.71 -31.38
CA LYS S 21 -97.16 -14.03 -31.96
C LYS S 21 -97.08 -14.00 -33.49
N ILE S 22 -97.69 -15.00 -34.12
CA ILE S 22 -97.83 -15.06 -35.56
C ILE S 22 -99.32 -15.12 -35.91
N THR S 23 -99.71 -14.31 -36.91
CA THR S 23 -101.04 -14.33 -37.47
C THR S 23 -101.00 -14.88 -38.88
N VAL S 24 -101.93 -15.79 -39.18
CA VAL S 24 -102.16 -16.23 -40.54
C VAL S 24 -103.54 -15.74 -40.98
N VAL S 25 -103.56 -14.91 -42.02
CA VAL S 25 -104.79 -14.42 -42.61
C VAL S 25 -105.13 -15.32 -43.79
N GLY S 26 -106.33 -15.90 -43.77
CA GLY S 26 -106.77 -16.88 -44.77
C GLY S 26 -106.57 -18.32 -44.26
N VAL S 27 -107.67 -19.07 -44.13
CA VAL S 27 -107.59 -20.45 -43.64
C VAL S 27 -107.97 -21.42 -44.76
N GLY S 28 -107.62 -21.06 -45.99
CA GLY S 28 -107.62 -21.98 -47.12
C GLY S 28 -106.51 -23.01 -46.95
N ALA S 29 -106.34 -23.90 -47.94
CA ALA S 29 -105.38 -24.99 -47.82
C ALA S 29 -103.98 -24.46 -47.51
N VAL S 30 -103.64 -23.31 -48.13
CA VAL S 30 -102.33 -22.72 -48.01
C VAL S 30 -102.17 -22.16 -46.61
N GLY S 31 -103.16 -21.38 -46.15
CA GLY S 31 -103.13 -20.78 -44.83
C GLY S 31 -102.94 -21.84 -43.73
N MET S 32 -103.66 -22.95 -43.87
CA MET S 32 -103.64 -23.97 -42.84
C MET S 32 -102.36 -24.80 -42.88
N ALA S 33 -101.78 -24.94 -44.08
CA ALA S 33 -100.47 -25.59 -44.21
C ALA S 33 -99.39 -24.73 -43.58
N CYS S 34 -99.52 -23.41 -43.71
CA CYS S 34 -98.63 -22.47 -43.03
C CYS S 34 -98.80 -22.62 -41.52
N ALA S 35 -100.06 -22.70 -41.05
CA ALA S 35 -100.39 -22.82 -39.64
C ALA S 35 -99.76 -24.08 -39.04
N ILE S 36 -100.03 -25.25 -39.63
CA ILE S 36 -99.56 -26.51 -39.09
C ILE S 36 -98.02 -26.53 -39.06
N SER S 37 -97.41 -26.01 -40.13
CA SER S 37 -95.96 -26.00 -40.28
C SER S 37 -95.32 -25.13 -39.20
N ILE S 38 -95.92 -23.97 -38.95
CA ILE S 38 -95.46 -23.06 -37.92
C ILE S 38 -95.67 -23.68 -36.54
N LEU S 39 -96.82 -24.32 -36.33
CA LEU S 39 -97.10 -24.92 -35.04
C LEU S 39 -96.09 -26.00 -34.71
N MET S 40 -95.67 -26.76 -35.73
CA MET S 40 -94.82 -27.90 -35.46
C MET S 40 -93.34 -27.50 -35.43
N LYS S 41 -93.03 -26.24 -35.78
CA LYS S 41 -91.66 -25.78 -35.69
C LYS S 41 -91.43 -24.87 -34.48
N ASP S 42 -92.48 -24.71 -33.66
CA ASP S 42 -92.47 -23.99 -32.39
C ASP S 42 -92.04 -22.55 -32.57
N LEU S 43 -92.51 -21.88 -33.63
CA LEU S 43 -92.02 -20.55 -33.96
C LEU S 43 -92.80 -19.48 -33.19
N ALA S 44 -93.94 -19.85 -32.58
CA ALA S 44 -94.87 -18.89 -32.02
C ALA S 44 -95.32 -19.30 -30.62
N ASP S 45 -95.54 -18.31 -29.76
CA ASP S 45 -96.15 -18.49 -28.45
C ASP S 45 -97.67 -18.29 -28.55
N GLU S 46 -98.10 -17.68 -29.66
CA GLU S 46 -99.52 -17.48 -29.94
C GLU S 46 -99.72 -17.47 -31.45
N LEU S 47 -100.71 -18.24 -31.92
CA LEU S 47 -101.11 -18.26 -33.32
C LEU S 47 -102.54 -17.74 -33.42
N ALA S 48 -102.71 -16.74 -34.29
CA ALA S 48 -104.03 -16.21 -34.59
C ALA S 48 -104.38 -16.52 -36.03
N LEU S 49 -105.61 -16.99 -36.27
CA LEU S 49 -106.13 -17.19 -37.61
C LEU S 49 -107.25 -16.19 -37.86
N VAL S 50 -107.26 -15.60 -39.05
CA VAL S 50 -108.36 -14.73 -39.46
C VAL S 50 -108.85 -15.12 -40.85
N ASP S 51 -110.16 -15.09 -41.02
CA ASP S 51 -110.80 -15.26 -42.32
C ASP S 51 -112.18 -14.59 -42.27
N VAL S 52 -112.91 -14.66 -43.38
CA VAL S 52 -114.25 -14.09 -43.47
C VAL S 52 -115.29 -15.19 -43.31
N ILE S 53 -114.92 -16.44 -43.62
CA ILE S 53 -115.81 -17.57 -43.49
C ILE S 53 -115.75 -18.05 -42.05
N GLU S 54 -116.82 -17.81 -41.30
CA GLU S 54 -116.78 -17.89 -39.85
C GLU S 54 -116.82 -19.35 -39.38
N ASP S 55 -117.61 -20.18 -40.08
CA ASP S 55 -117.74 -21.58 -39.71
C ASP S 55 -116.43 -22.31 -39.91
N LYS S 56 -115.83 -22.16 -41.10
CA LYS S 56 -114.57 -22.80 -41.46
C LYS S 56 -113.47 -22.38 -40.49
N LEU S 57 -113.46 -21.08 -40.16
CA LEU S 57 -112.45 -20.46 -39.33
C LEU S 57 -112.47 -21.09 -37.94
N LYS S 58 -113.67 -21.17 -37.33
CA LYS S 58 -113.81 -21.73 -35.99
C LYS S 58 -113.44 -23.21 -36.00
N GLY S 59 -113.83 -23.92 -37.06
CA GLY S 59 -113.55 -25.35 -37.18
C GLY S 59 -112.06 -25.65 -37.22
N GLU S 60 -111.33 -24.86 -38.03
CA GLU S 60 -109.89 -24.99 -38.18
C GLU S 60 -109.20 -24.74 -36.84
N MET S 61 -109.56 -23.61 -36.19
CA MET S 61 -109.01 -23.26 -34.88
C MET S 61 -109.19 -24.42 -33.91
N MET S 62 -110.43 -24.93 -33.80
CA MET S 62 -110.76 -26.01 -32.88
C MET S 62 -109.94 -27.26 -33.18
N ASP S 63 -109.76 -27.60 -34.47
CA ASP S 63 -109.04 -28.80 -34.83
C ASP S 63 -107.60 -28.72 -34.33
N LEU S 64 -106.99 -27.54 -34.53
CA LEU S 64 -105.62 -27.30 -34.06
C LEU S 64 -105.60 -27.35 -32.54
N GLN S 65 -106.57 -26.72 -31.89
CA GLN S 65 -106.63 -26.64 -30.45
C GLN S 65 -106.71 -28.04 -29.82
N HIS S 66 -107.42 -28.96 -30.47
CA HIS S 66 -107.57 -30.29 -29.91
C HIS S 66 -106.25 -31.05 -29.88
N GLY S 67 -105.29 -30.58 -30.68
CA GLY S 67 -103.98 -31.22 -30.74
C GLY S 67 -102.95 -30.52 -29.85
N SER S 68 -103.40 -29.63 -28.96
CA SER S 68 -102.54 -28.79 -28.14
C SER S 68 -101.58 -29.61 -27.30
N LEU S 69 -102.03 -30.80 -26.88
CA LEU S 69 -101.23 -31.71 -26.08
C LEU S 69 -99.89 -31.99 -26.78
N PHE S 70 -99.92 -31.98 -28.12
CA PHE S 70 -98.79 -32.43 -28.92
C PHE S 70 -98.02 -31.25 -29.52
N LEU S 71 -98.39 -30.03 -29.12
CA LEU S 71 -97.72 -28.83 -29.60
C LEU S 71 -97.10 -28.07 -28.43
N ARG S 72 -96.34 -27.03 -28.78
CA ARG S 72 -95.72 -26.17 -27.80
C ARG S 72 -96.06 -24.73 -28.13
N THR S 73 -97.25 -24.53 -28.70
CA THR S 73 -97.82 -23.20 -28.88
C THR S 73 -99.07 -23.15 -28.02
N PRO S 74 -99.02 -22.46 -26.86
CA PRO S 74 -100.09 -22.56 -25.87
C PRO S 74 -101.38 -21.81 -26.19
N LYS S 75 -101.32 -20.85 -27.12
CA LYS S 75 -102.49 -20.05 -27.41
C LYS S 75 -102.78 -20.04 -28.91
N ILE S 76 -103.92 -20.60 -29.30
CA ILE S 76 -104.43 -20.55 -30.66
C ILE S 76 -105.78 -19.85 -30.61
N VAL S 77 -105.90 -18.76 -31.37
CA VAL S 77 -107.12 -17.98 -31.43
C VAL S 77 -107.52 -17.75 -32.88
N SER S 78 -108.80 -17.47 -33.10
CA SER S 78 -109.32 -17.10 -34.41
C SER S 78 -110.46 -16.10 -34.26
N GLY S 79 -110.75 -15.39 -35.36
CA GLY S 79 -111.84 -14.43 -35.38
C GLY S 79 -111.92 -13.74 -36.73
N LYS S 80 -113.13 -13.30 -37.09
CA LYS S 80 -113.36 -12.43 -38.22
C LYS S 80 -112.80 -11.07 -37.92
N ASP S 81 -112.79 -10.67 -36.66
CA ASP S 81 -112.42 -9.30 -36.24
C ASP S 81 -111.28 -8.53 -36.99
N TYR S 82 -110.13 -8.63 -36.39
CA TYR S 82 -108.71 -8.34 -36.48
C TYR S 82 -108.10 -8.05 -35.11
N ASN S 83 -108.93 -7.89 -34.08
CA ASN S 83 -108.38 -7.64 -32.75
C ASN S 83 -107.71 -8.90 -32.22
N VAL S 84 -108.04 -10.08 -32.78
CA VAL S 84 -107.39 -11.32 -32.38
C VAL S 84 -105.95 -11.32 -32.89
N THR S 85 -105.59 -10.34 -33.73
CA THR S 85 -104.31 -10.30 -34.42
C THR S 85 -103.31 -9.43 -33.67
N ALA S 86 -103.73 -8.79 -32.59
CA ALA S 86 -102.98 -7.72 -31.93
C ALA S 86 -101.61 -8.22 -31.47
N ASN S 87 -100.59 -7.37 -31.68
CA ASN S 87 -99.21 -7.56 -31.23
C ASN S 87 -98.58 -8.76 -31.89
N SER S 88 -98.89 -8.99 -33.17
CA SER S 88 -98.19 -9.99 -33.95
C SER S 88 -96.80 -9.49 -34.30
N LYS S 89 -95.81 -10.38 -34.24
CA LYS S 89 -94.49 -10.10 -34.77
C LYS S 89 -94.50 -10.26 -36.28
N LEU S 90 -95.28 -11.24 -36.75
CA LEU S 90 -95.31 -11.63 -38.14
C LEU S 90 -96.75 -11.94 -38.53
N VAL S 91 -97.20 -11.33 -39.62
CA VAL S 91 -98.54 -11.54 -40.16
C VAL S 91 -98.40 -12.09 -41.58
N ILE S 92 -98.94 -13.29 -41.80
CA ILE S 92 -98.83 -13.97 -43.08
C ILE S 92 -100.17 -13.88 -43.80
N ILE S 93 -100.18 -13.24 -44.98
CA ILE S 93 -101.40 -13.06 -45.75
C ILE S 93 -101.49 -14.15 -46.81
N THR S 94 -102.50 -15.02 -46.70
CA THR S 94 -102.73 -16.07 -47.68
C THR S 94 -104.14 -15.96 -48.26
N ALA S 95 -104.86 -14.89 -47.89
CA ALA S 95 -106.25 -14.75 -48.31
C ALA S 95 -106.31 -14.19 -49.75
N GLY S 96 -107.41 -14.43 -50.42
CA GLY S 96 -107.62 -13.80 -51.73
C GLY S 96 -108.18 -14.80 -52.74
N ALA S 97 -108.50 -14.26 -53.92
CA ALA S 97 -109.08 -15.04 -55.00
C ALA S 97 -107.95 -15.83 -55.68
N ARG S 98 -108.32 -17.01 -56.18
CA ARG S 98 -107.39 -17.94 -56.78
C ARG S 98 -107.81 -18.19 -58.25
N GLN S 99 -106.83 -18.71 -59.02
CA GLN S 99 -107.01 -18.68 -60.47
C GLN S 99 -107.90 -19.81 -60.91
N GLN S 100 -108.68 -19.52 -61.94
CA GLN S 100 -109.45 -20.53 -62.65
C GLN S 100 -108.55 -21.20 -63.68
N GLU S 101 -109.13 -22.23 -64.29
CA GLU S 101 -108.57 -22.96 -65.39
C GLU S 101 -108.14 -21.97 -66.46
N GLY S 102 -106.87 -22.05 -66.81
CA GLY S 102 -106.27 -21.20 -67.84
C GLY S 102 -105.78 -19.85 -67.34
N GLU S 103 -106.13 -19.45 -66.11
CA GLU S 103 -105.91 -18.08 -65.65
C GLU S 103 -104.54 -17.97 -64.97
N SER S 104 -103.76 -16.99 -65.41
CA SER S 104 -102.47 -16.61 -64.86
C SER S 104 -102.68 -15.97 -63.49
N ARG S 105 -101.75 -16.12 -62.59
CA ARG S 105 -101.76 -15.45 -61.29
C ARG S 105 -101.87 -13.94 -61.47
N LEU S 106 -101.30 -13.41 -62.59
CA LEU S 106 -101.31 -11.97 -62.80
C LEU S 106 -102.73 -11.45 -63.02
N ASN S 107 -103.62 -12.37 -63.38
CA ASN S 107 -105.00 -12.04 -63.75
C ASN S 107 -105.86 -11.91 -62.49
N LEU S 108 -105.30 -12.19 -61.33
CA LEU S 108 -106.01 -12.07 -60.06
C LEU S 108 -105.99 -10.62 -59.66
N VAL S 109 -105.04 -9.84 -60.10
CA VAL S 109 -104.53 -8.66 -59.45
C VAL S 109 -105.64 -7.73 -58.90
N GLN S 110 -106.66 -7.44 -59.69
CA GLN S 110 -107.59 -6.41 -59.25
C GLN S 110 -108.47 -6.89 -58.10
N ARG S 111 -108.86 -8.13 -58.19
CA ARG S 111 -109.68 -8.80 -57.16
C ARG S 111 -108.92 -8.84 -55.86
N ASN S 112 -107.65 -9.21 -55.90
CA ASN S 112 -106.87 -9.34 -54.68
C ASN S 112 -106.39 -7.99 -54.15
N VAL S 113 -106.22 -7.01 -55.04
CA VAL S 113 -105.90 -5.66 -54.60
C VAL S 113 -107.06 -5.13 -53.76
N ASN S 114 -108.28 -5.38 -54.23
CA ASN S 114 -109.47 -4.95 -53.52
C ASN S 114 -109.52 -5.58 -52.13
N ILE S 115 -109.18 -6.88 -52.06
CA ILE S 115 -109.20 -7.63 -50.82
C ILE S 115 -108.18 -7.02 -49.85
N PHE S 116 -107.00 -6.68 -50.37
CA PHE S 116 -105.89 -6.15 -49.59
C PHE S 116 -106.24 -4.80 -49.01
N LYS S 117 -107.06 -4.02 -49.72
CA LYS S 117 -107.54 -2.72 -49.24
C LYS S 117 -108.30 -2.85 -47.93
N PHE S 118 -108.85 -4.05 -47.67
CA PHE S 118 -109.56 -4.30 -46.43
C PHE S 118 -108.61 -4.89 -45.40
N ILE S 119 -107.80 -5.87 -45.84
CA ILE S 119 -107.00 -6.69 -44.96
C ILE S 119 -105.87 -5.86 -44.34
N ILE S 120 -105.11 -5.18 -45.20
CA ILE S 120 -103.81 -4.64 -44.79
C ILE S 120 -103.98 -3.56 -43.71
N PRO S 121 -104.90 -2.58 -43.86
CA PRO S 121 -105.12 -1.57 -42.83
C PRO S 121 -105.54 -2.15 -41.48
N ASN S 122 -106.29 -3.25 -41.51
CA ASN S 122 -106.74 -3.92 -40.30
C ASN S 122 -105.58 -4.61 -39.60
N VAL S 123 -104.71 -5.26 -40.38
CA VAL S 123 -103.52 -5.89 -39.83
C VAL S 123 -102.65 -4.84 -39.15
N VAL S 124 -102.43 -3.73 -39.85
CA VAL S 124 -101.53 -2.66 -39.42
C VAL S 124 -102.09 -1.99 -38.17
N LYS S 125 -103.42 -1.84 -38.11
CA LYS S 125 -104.09 -1.25 -36.96
C LYS S 125 -103.65 -1.95 -35.68
N TYR S 126 -103.65 -3.29 -35.69
CA TYR S 126 -103.51 -4.08 -34.46
C TYR S 126 -102.07 -4.55 -34.23
N SER S 127 -101.24 -4.59 -35.27
CA SER S 127 -99.84 -4.96 -35.17
C SER S 127 -98.98 -4.02 -36.00
N PRO S 128 -98.84 -2.74 -35.58
CA PRO S 128 -98.12 -1.76 -36.39
C PRO S 128 -96.64 -2.06 -36.59
N ASN S 129 -96.06 -2.91 -35.73
CA ASN S 129 -94.63 -3.16 -35.81
C ASN S 129 -94.33 -4.55 -36.37
N CYS S 130 -95.35 -5.19 -36.96
CA CYS S 130 -95.16 -6.53 -37.46
C CYS S 130 -94.35 -6.52 -38.75
N LYS S 131 -93.86 -7.70 -39.13
CA LYS S 131 -93.44 -7.94 -40.49
C LYS S 131 -94.62 -8.55 -41.24
N LEU S 132 -94.81 -8.09 -42.47
CA LEU S 132 -95.85 -8.61 -43.35
C LEU S 132 -95.21 -9.60 -44.32
N LEU S 133 -95.68 -10.84 -44.31
CA LEU S 133 -95.25 -11.84 -45.29
C LEU S 133 -96.42 -12.14 -46.22
N ILE S 134 -96.31 -11.70 -47.47
CA ILE S 134 -97.38 -11.84 -48.45
C ILE S 134 -97.20 -13.16 -49.20
N VAL S 135 -98.26 -13.97 -49.26
CA VAL S 135 -98.22 -15.25 -49.93
C VAL S 135 -99.23 -15.27 -51.08
N SER S 136 -100.30 -14.48 -50.95
CA SER S 136 -101.36 -14.31 -51.95
C SER S 136 -100.76 -13.90 -53.30
N ASN S 137 -101.41 -14.32 -54.37
CA ASN S 137 -100.91 -14.13 -55.73
C ASN S 137 -101.68 -13.02 -56.45
N PRO S 138 -101.08 -12.30 -57.42
CA PRO S 138 -99.68 -12.43 -57.76
C PRO S 138 -98.79 -11.80 -56.67
N VAL S 139 -97.92 -12.62 -56.07
CA VAL S 139 -97.26 -12.28 -54.82
C VAL S 139 -96.38 -11.05 -54.99
N ASP S 140 -95.78 -10.88 -56.19
CA ASP S 140 -94.81 -9.82 -56.38
C ASP S 140 -95.52 -8.46 -56.39
N ILE S 141 -96.64 -8.40 -57.13
CA ILE S 141 -97.44 -7.19 -57.17
C ILE S 141 -98.12 -6.96 -55.82
N LEU S 142 -98.64 -8.02 -55.21
CA LEU S 142 -99.37 -7.86 -53.96
C LEU S 142 -98.44 -7.47 -52.80
N THR S 143 -97.14 -7.79 -52.92
CA THR S 143 -96.17 -7.34 -51.93
C THR S 143 -96.05 -5.82 -52.02
N TYR S 144 -95.97 -5.34 -53.26
CA TYR S 144 -95.93 -3.91 -53.56
C TYR S 144 -97.19 -3.24 -53.02
N VAL S 145 -98.34 -3.89 -53.24
CA VAL S 145 -99.62 -3.36 -52.80
C VAL S 145 -99.63 -3.25 -51.27
N ALA S 146 -99.25 -4.34 -50.59
CA ALA S 146 -99.21 -4.35 -49.14
C ALA S 146 -98.28 -3.25 -48.63
N TRP S 147 -97.21 -2.95 -49.38
CA TRP S 147 -96.24 -1.94 -49.00
C TRP S 147 -96.86 -0.55 -49.11
N LYS S 148 -97.53 -0.27 -50.23
CA LYS S 148 -98.20 0.99 -50.46
C LYS S 148 -99.30 1.20 -49.42
N ILE S 149 -100.11 0.17 -49.17
CA ILE S 149 -101.28 0.31 -48.30
C ILE S 149 -100.84 0.47 -46.86
N SER S 150 -99.93 -0.39 -46.39
CA SER S 150 -99.51 -0.43 -45.00
C SER S 150 -98.77 0.84 -44.56
N GLY S 151 -97.98 1.40 -45.48
CA GLY S 151 -97.10 2.53 -45.17
C GLY S 151 -95.84 2.09 -44.43
N PHE S 152 -95.60 0.78 -44.37
CA PHE S 152 -94.45 0.22 -43.70
C PHE S 152 -93.19 0.52 -44.49
N PRO S 153 -92.02 0.55 -43.81
CA PRO S 153 -90.73 0.57 -44.52
C PRO S 153 -90.63 -0.75 -45.28
N LYS S 154 -89.84 -0.76 -46.36
CA LYS S 154 -89.85 -1.86 -47.30
C LYS S 154 -89.24 -3.12 -46.69
N ASN S 155 -88.45 -2.96 -45.62
CA ASN S 155 -87.84 -4.11 -44.98
C ASN S 155 -88.88 -4.98 -44.27
N ARG S 156 -90.04 -4.41 -43.94
CA ARG S 156 -91.05 -5.13 -43.19
C ARG S 156 -92.19 -5.63 -44.09
N VAL S 157 -91.99 -5.60 -45.41
CA VAL S 157 -92.98 -6.16 -46.32
C VAL S 157 -92.27 -7.13 -47.25
N ILE S 158 -92.55 -8.43 -47.07
CA ILE S 158 -91.82 -9.53 -47.70
C ILE S 158 -92.83 -10.39 -48.45
N GLY S 159 -92.56 -10.67 -49.73
CA GLY S 159 -93.37 -11.63 -50.49
C GLY S 159 -92.69 -12.98 -50.51
N SER S 160 -93.48 -14.05 -50.35
CA SER S 160 -92.91 -15.41 -50.31
C SER S 160 -92.12 -15.66 -51.60
N GLY S 161 -92.51 -14.99 -52.70
CA GLY S 161 -91.69 -14.88 -53.89
C GLY S 161 -91.24 -16.24 -54.41
N CYS S 162 -89.93 -16.35 -54.72
CA CYS S 162 -89.39 -17.54 -55.35
C CYS S 162 -88.73 -18.49 -54.36
N ASN S 163 -89.02 -18.35 -53.07
CA ASN S 163 -88.50 -19.27 -52.04
C ASN S 163 -88.96 -20.66 -52.42
N LEU S 164 -90.22 -20.80 -52.85
CA LEU S 164 -90.74 -22.12 -53.19
C LEU S 164 -90.17 -22.59 -54.53
N ASP S 165 -90.06 -21.67 -55.51
CA ASP S 165 -89.50 -22.02 -56.81
C ASP S 165 -88.09 -22.59 -56.66
N SER S 166 -87.29 -21.92 -55.81
CA SER S 166 -85.92 -22.34 -55.57
C SER S 166 -85.90 -23.69 -54.85
N ALA S 167 -86.85 -23.90 -53.92
CA ALA S 167 -86.98 -25.15 -53.20
C ALA S 167 -87.28 -26.31 -54.15
N ARG S 168 -88.21 -26.06 -55.08
CA ARG S 168 -88.55 -27.04 -56.11
C ARG S 168 -87.33 -27.32 -56.96
N PHE S 169 -86.64 -26.25 -57.37
CA PHE S 169 -85.45 -26.34 -58.22
C PHE S 169 -84.43 -27.25 -57.58
N ARG S 170 -84.18 -27.03 -56.29
CA ARG S 170 -83.16 -27.77 -55.57
C ARG S 170 -83.61 -29.22 -55.36
N TYR S 171 -84.92 -29.43 -55.22
CA TYR S 171 -85.42 -30.79 -55.10
C TYR S 171 -85.11 -31.58 -56.39
N LEU S 172 -85.43 -30.97 -57.52
CA LEU S 172 -85.27 -31.60 -58.83
C LEU S 172 -83.78 -31.76 -59.15
N MET S 173 -82.98 -30.76 -58.80
CA MET S 173 -81.52 -30.83 -58.94
C MET S 173 -81.02 -32.05 -58.19
N GLY S 174 -81.47 -32.19 -56.94
CA GLY S 174 -81.08 -33.29 -56.08
C GLY S 174 -81.47 -34.66 -56.65
N GLU S 175 -82.65 -34.73 -57.27
CA GLU S 175 -83.16 -35.95 -57.87
C GLU S 175 -82.22 -36.40 -58.97
N ARG S 176 -81.78 -35.44 -59.80
CA ARG S 176 -80.90 -35.73 -60.91
C ARG S 176 -79.52 -36.16 -60.43
N LEU S 177 -79.02 -35.55 -59.33
CA LEU S 177 -77.63 -35.74 -58.95
C LEU S 177 -77.46 -36.82 -57.89
N GLY S 178 -78.55 -37.24 -57.24
CA GLY S 178 -78.50 -38.21 -56.15
C GLY S 178 -77.95 -37.59 -54.86
N VAL S 179 -78.29 -36.30 -54.65
CA VAL S 179 -77.83 -35.54 -53.51
C VAL S 179 -79.05 -34.93 -52.81
N HIS S 180 -79.01 -34.84 -51.48
CA HIS S 180 -80.07 -34.18 -50.75
C HIS S 180 -80.18 -32.73 -51.22
N PRO S 181 -81.42 -32.20 -51.37
CA PRO S 181 -81.58 -30.81 -51.80
C PRO S 181 -80.80 -29.80 -50.96
N LEU S 182 -80.55 -30.13 -49.69
CA LEU S 182 -79.85 -29.23 -48.82
C LEU S 182 -78.43 -29.00 -49.32
N SER S 183 -77.88 -29.97 -50.04
CA SER S 183 -76.51 -29.88 -50.57
C SER S 183 -76.49 -29.47 -52.04
N CYS S 184 -77.65 -29.20 -52.61
CA CYS S 184 -77.80 -28.72 -53.99
C CYS S 184 -78.18 -27.25 -53.98
N HIS S 185 -77.38 -26.40 -54.62
CA HIS S 185 -77.56 -24.95 -54.53
C HIS S 185 -77.86 -24.38 -55.90
N GLY S 186 -78.79 -23.42 -55.94
CA GLY S 186 -79.33 -22.90 -57.20
C GLY S 186 -80.49 -21.95 -56.93
N TRP S 187 -80.51 -20.83 -57.64
CA TRP S 187 -81.47 -19.78 -57.36
C TRP S 187 -82.39 -19.54 -58.54
N VAL S 188 -83.69 -19.47 -58.23
CA VAL S 188 -84.68 -19.02 -59.22
C VAL S 188 -85.16 -17.65 -58.73
N LEU S 189 -84.98 -16.63 -59.55
CA LEU S 189 -85.24 -15.24 -59.15
C LEU S 189 -86.27 -14.60 -60.07
N GLY S 190 -86.62 -13.33 -59.74
CA GLY S 190 -87.57 -12.60 -60.52
C GLY S 190 -89.00 -12.82 -60.07
N GLU S 191 -89.89 -12.84 -61.05
CA GLU S 191 -91.33 -13.05 -60.84
C GLU S 191 -91.58 -14.50 -60.43
N HIS S 192 -92.37 -14.67 -59.40
CA HIS S 192 -92.92 -15.97 -59.08
C HIS S 192 -93.89 -16.46 -60.16
N GLY S 193 -93.60 -17.70 -60.64
CA GLY S 193 -94.40 -18.27 -61.71
C GLY S 193 -93.71 -18.24 -63.05
N ASP S 194 -94.42 -17.97 -64.16
CA ASP S 194 -94.00 -18.39 -65.47
C ASP S 194 -92.71 -17.72 -65.94
N SER S 195 -92.48 -16.48 -65.46
CA SER S 195 -91.34 -15.70 -65.95
C SER S 195 -90.14 -15.74 -64.99
N SER S 196 -90.09 -16.76 -64.14
CA SER S 196 -88.96 -16.90 -63.22
C SER S 196 -87.67 -17.17 -63.98
N VAL S 197 -86.57 -16.73 -63.37
CA VAL S 197 -85.25 -16.79 -64.02
C VAL S 197 -84.34 -17.72 -63.22
N PRO S 198 -83.92 -18.88 -63.79
CA PRO S 198 -82.93 -19.74 -63.16
C PRO S 198 -81.52 -19.21 -63.37
N VAL S 199 -80.78 -19.04 -62.27
CA VAL S 199 -79.44 -18.47 -62.32
C VAL S 199 -78.46 -19.64 -62.40
N TRP S 200 -78.23 -20.09 -63.65
CA TRP S 200 -77.34 -21.20 -63.97
C TRP S 200 -75.93 -20.94 -63.45
N SER S 201 -75.50 -19.68 -63.46
CA SER S 201 -74.17 -19.29 -63.04
C SER S 201 -73.90 -19.63 -61.56
N GLY S 202 -74.99 -19.70 -60.77
CA GLY S 202 -74.90 -19.91 -59.33
C GLY S 202 -75.09 -21.38 -58.89
N MET S 203 -75.53 -22.23 -59.82
CA MET S 203 -75.80 -23.61 -59.51
C MET S 203 -74.51 -24.36 -59.14
N ASN S 204 -74.53 -25.03 -57.99
CA ASN S 204 -73.33 -25.70 -57.51
C ASN S 204 -73.67 -26.79 -56.50
N VAL S 205 -72.75 -27.76 -56.39
CA VAL S 205 -72.73 -28.72 -55.30
C VAL S 205 -71.35 -28.62 -54.66
N ALA S 206 -71.32 -28.52 -53.33
CA ALA S 206 -70.09 -28.44 -52.56
C ALA S 206 -69.16 -27.34 -53.09
N GLY S 207 -69.75 -26.26 -53.61
CA GLY S 207 -69.00 -25.11 -54.06
C GLY S 207 -68.46 -25.25 -55.48
N VAL S 208 -68.75 -26.38 -56.12
CA VAL S 208 -68.26 -26.65 -57.47
C VAL S 208 -69.31 -26.16 -58.47
N SER S 209 -68.95 -25.12 -59.26
CA SER S 209 -69.85 -24.54 -60.24
C SER S 209 -70.20 -25.56 -61.33
N LEU S 210 -71.51 -25.81 -61.50
CA LEU S 210 -71.96 -26.78 -62.48
C LEU S 210 -71.76 -26.25 -63.90
N LYS S 211 -71.92 -24.92 -64.06
CA LYS S 211 -71.76 -24.27 -65.35
C LYS S 211 -70.30 -24.34 -65.80
N THR S 212 -69.37 -24.27 -64.83
CA THR S 212 -67.94 -24.41 -65.10
C THR S 212 -67.66 -25.82 -65.65
N LEU S 213 -68.25 -26.83 -64.99
CA LEU S 213 -68.05 -28.22 -65.39
C LEU S 213 -68.71 -28.48 -66.74
N HIS S 214 -69.84 -27.80 -67.00
CA HIS S 214 -70.71 -28.12 -68.10
C HIS S 214 -71.29 -26.83 -68.68
N PRO S 215 -70.53 -26.15 -69.57
CA PRO S 215 -70.90 -24.82 -70.06
C PRO S 215 -72.24 -24.78 -70.81
N ASP S 216 -72.71 -25.93 -71.30
CA ASP S 216 -73.99 -25.97 -71.99
C ASP S 216 -75.16 -25.83 -71.03
N LEU S 217 -74.90 -25.98 -69.72
CA LEU S 217 -75.93 -25.94 -68.69
C LEU S 217 -76.84 -24.73 -68.88
N GLY S 218 -78.12 -24.96 -69.06
CA GLY S 218 -79.15 -23.95 -69.15
C GLY S 218 -79.43 -23.42 -70.57
N THR S 219 -78.68 -23.92 -71.54
CA THR S 219 -78.88 -23.51 -72.92
C THR S 219 -79.69 -24.55 -73.66
N ASP S 220 -80.14 -24.21 -74.87
CA ASP S 220 -80.88 -25.11 -75.74
C ASP S 220 -79.97 -26.21 -76.30
N LYS S 221 -78.68 -25.90 -76.42
CA LYS S 221 -77.69 -26.82 -76.97
C LYS S 221 -77.45 -27.97 -76.00
N ASP S 222 -77.80 -27.78 -74.71
CA ASP S 222 -77.50 -28.71 -73.63
C ASP S 222 -78.03 -30.11 -73.93
N LYS S 223 -77.10 -31.05 -74.10
CA LYS S 223 -77.40 -32.45 -74.37
C LYS S 223 -78.19 -33.05 -73.20
N GLU S 224 -77.96 -32.52 -72.00
CA GLU S 224 -78.54 -33.07 -70.78
C GLU S 224 -79.87 -32.37 -70.45
N GLN S 225 -80.13 -31.25 -71.13
CA GLN S 225 -81.41 -30.57 -71.05
C GLN S 225 -81.69 -30.10 -69.62
N TRP S 226 -80.73 -29.38 -69.04
CA TRP S 226 -80.95 -28.87 -67.69
C TRP S 226 -82.01 -27.77 -67.66
N LYS S 227 -82.28 -27.18 -68.82
CA LYS S 227 -83.30 -26.15 -68.94
C LYS S 227 -84.66 -26.72 -68.50
N GLU S 228 -84.83 -28.03 -68.71
CA GLU S 228 -86.05 -28.75 -68.38
C GLU S 228 -86.29 -28.78 -66.89
N VAL S 229 -85.23 -28.70 -66.08
CA VAL S 229 -85.39 -28.65 -64.64
C VAL S 229 -86.16 -27.39 -64.26
N HIS S 230 -85.79 -26.25 -64.88
CA HIS S 230 -86.51 -25.02 -64.59
C HIS S 230 -87.93 -25.09 -65.15
N LYS S 231 -88.09 -25.77 -66.30
CA LYS S 231 -89.40 -25.85 -66.89
C LYS S 231 -90.33 -26.61 -65.97
N GLN S 232 -89.76 -27.59 -65.28
CA GLN S 232 -90.50 -28.41 -64.33
C GLN S 232 -90.84 -27.60 -63.10
N VAL S 233 -90.01 -26.58 -62.79
CA VAL S 233 -90.29 -25.72 -61.65
C VAL S 233 -91.54 -24.89 -61.94
N VAL S 234 -91.57 -24.30 -63.15
CA VAL S 234 -92.68 -23.48 -63.58
C VAL S 234 -93.96 -24.33 -63.60
N GLU S 235 -93.82 -25.58 -64.01
CA GLU S 235 -94.95 -26.44 -64.33
C GLU S 235 -95.36 -27.32 -63.15
N SER S 236 -94.54 -27.30 -62.08
CA SER S 236 -94.85 -28.09 -60.88
C SER S 236 -96.21 -27.71 -60.32
N ALA S 237 -96.41 -26.38 -60.10
CA ALA S 237 -97.66 -25.90 -59.52
C ALA S 237 -98.85 -26.40 -60.33
N TYR S 238 -98.76 -26.28 -61.65
CA TYR S 238 -99.83 -26.68 -62.54
C TYR S 238 -100.05 -28.18 -62.47
N GLU S 239 -98.98 -28.95 -62.37
CA GLU S 239 -99.12 -30.41 -62.36
C GLU S 239 -99.74 -30.86 -61.03
N VAL S 240 -99.32 -30.25 -59.92
CA VAL S 240 -99.91 -30.61 -58.64
C VAL S 240 -101.38 -30.20 -58.64
N ILE S 241 -101.68 -28.99 -59.14
CA ILE S 241 -103.05 -28.49 -59.24
C ILE S 241 -103.88 -29.49 -60.06
N LYS S 242 -103.33 -29.92 -61.19
CA LYS S 242 -103.97 -30.88 -62.07
C LYS S 242 -104.29 -32.16 -61.30
N LEU S 243 -103.37 -32.59 -60.41
CA LEU S 243 -103.48 -33.90 -59.79
C LEU S 243 -104.36 -33.85 -58.54
N LYS S 244 -104.23 -32.80 -57.72
CA LYS S 244 -104.92 -32.78 -56.43
C LYS S 244 -105.77 -31.53 -56.22
N GLY S 245 -105.74 -30.59 -57.18
CA GLY S 245 -106.66 -29.46 -57.18
C GLY S 245 -106.00 -28.17 -56.69
N TYR S 246 -104.92 -28.30 -55.91
CA TYR S 246 -104.25 -27.14 -55.33
C TYR S 246 -102.87 -27.57 -54.85
N THR S 247 -102.04 -26.59 -54.47
CA THR S 247 -100.82 -26.93 -53.73
C THR S 247 -100.96 -26.35 -52.33
N SER S 248 -100.41 -27.04 -51.34
CA SER S 248 -100.53 -26.62 -49.96
C SER S 248 -99.23 -26.88 -49.17
N TRP S 249 -98.77 -28.13 -49.19
CA TRP S 249 -97.73 -28.55 -48.28
C TRP S 249 -96.41 -27.83 -48.55
N ALA S 250 -96.01 -27.72 -49.82
CA ALA S 250 -94.74 -27.14 -50.18
C ALA S 250 -94.68 -25.65 -49.84
N ILE S 251 -95.74 -24.93 -50.20
CA ILE S 251 -95.81 -23.50 -49.90
C ILE S 251 -95.86 -23.29 -48.39
N GLY S 252 -96.55 -24.20 -47.68
CA GLY S 252 -96.67 -24.13 -46.23
C GLY S 252 -95.30 -24.22 -45.56
N LEU S 253 -94.53 -25.24 -45.96
CA LEU S 253 -93.19 -25.45 -45.45
C LEU S 253 -92.30 -24.28 -45.83
N SER S 254 -92.44 -23.79 -47.07
CA SER S 254 -91.64 -22.67 -47.56
C SER S 254 -91.87 -21.43 -46.70
N VAL S 255 -93.13 -21.18 -46.33
CA VAL S 255 -93.52 -20.03 -45.52
C VAL S 255 -92.99 -20.18 -44.09
N ALA S 256 -93.04 -21.40 -43.55
CA ALA S 256 -92.53 -21.65 -42.20
C ALA S 256 -91.01 -21.46 -42.19
N ASP S 257 -90.39 -21.76 -43.33
CA ASP S 257 -88.96 -21.57 -43.50
C ASP S 257 -88.62 -20.09 -43.35
N LEU S 258 -89.42 -19.24 -44.00
CA LEU S 258 -89.21 -17.80 -43.94
C LEU S 258 -89.50 -17.31 -42.54
N ALA S 259 -90.61 -17.79 -41.95
CA ALA S 259 -91.02 -17.44 -40.60
C ALA S 259 -89.91 -17.75 -39.61
N GLU S 260 -89.25 -18.91 -39.78
CA GLU S 260 -88.19 -19.34 -38.89
C GLU S 260 -87.04 -18.33 -38.89
N SER S 261 -86.65 -17.87 -40.09
CA SER S 261 -85.56 -16.93 -40.22
C SER S 261 -85.92 -15.58 -39.60
N ILE S 262 -87.19 -15.17 -39.76
CA ILE S 262 -87.62 -13.90 -39.22
C ILE S 262 -87.67 -13.98 -37.69
N MET S 263 -88.38 -14.98 -37.16
CA MET S 263 -88.65 -15.09 -35.73
C MET S 263 -87.38 -15.31 -34.92
N LYS S 264 -86.44 -16.09 -35.48
CA LYS S 264 -85.23 -16.43 -34.75
C LYS S 264 -84.05 -15.55 -35.16
N ASN S 265 -84.29 -14.56 -36.02
CA ASN S 265 -83.31 -13.57 -36.45
C ASN S 265 -82.05 -14.23 -37.00
N LEU S 266 -82.24 -15.22 -37.86
CA LEU S 266 -81.15 -16.07 -38.32
C LEU S 266 -80.19 -15.35 -39.27
N ARG S 267 -80.71 -14.40 -40.05
CA ARG S 267 -79.94 -13.75 -41.11
C ARG S 267 -79.51 -14.78 -42.14
N ARG S 268 -80.43 -15.68 -42.46
CA ARG S 268 -80.28 -16.57 -43.60
C ARG S 268 -80.70 -15.84 -44.88
N VAL S 269 -80.26 -16.38 -46.01
CA VAL S 269 -80.53 -15.78 -47.30
C VAL S 269 -81.64 -16.57 -48.00
N HIS S 270 -82.72 -15.87 -48.40
CA HIS S 270 -83.87 -16.45 -49.06
C HIS S 270 -84.23 -15.59 -50.27
N PRO S 271 -84.67 -16.20 -51.39
CA PRO S 271 -85.14 -15.45 -52.55
C PRO S 271 -86.60 -15.04 -52.36
N VAL S 272 -86.83 -13.78 -51.98
CA VAL S 272 -88.15 -13.32 -51.58
C VAL S 272 -88.44 -12.01 -52.28
N SER S 273 -89.73 -11.64 -52.39
CA SER S 273 -90.12 -10.45 -53.13
C SER S 273 -89.81 -9.20 -52.32
N THR S 274 -89.06 -8.29 -52.94
CA THR S 274 -88.75 -7.02 -52.32
C THR S 274 -88.56 -5.98 -53.41
N MET S 275 -88.46 -4.73 -52.99
CA MET S 275 -88.32 -3.65 -53.97
C MET S 275 -86.92 -3.66 -54.53
N ILE S 276 -86.81 -3.73 -55.87
CA ILE S 276 -85.51 -3.85 -56.53
C ILE S 276 -85.18 -2.62 -57.36
N LYS S 277 -85.97 -1.55 -57.20
CA LYS S 277 -85.67 -0.27 -57.83
C LYS S 277 -84.21 0.08 -57.61
N GLY S 278 -83.51 0.44 -58.71
CA GLY S 278 -82.12 0.86 -58.67
C GLY S 278 -81.14 -0.29 -58.95
N LEU S 279 -81.64 -1.52 -59.05
CA LEU S 279 -80.77 -2.64 -59.38
C LEU S 279 -81.11 -3.15 -60.77
N TYR S 280 -80.08 -3.63 -61.50
CA TYR S 280 -80.26 -4.25 -62.81
C TYR S 280 -80.96 -3.29 -63.77
N GLY S 281 -80.81 -1.98 -63.56
CA GLY S 281 -81.35 -0.96 -64.44
C GLY S 281 -82.86 -0.80 -64.34
N ILE S 282 -83.46 -1.40 -63.31
CA ILE S 282 -84.89 -1.24 -63.05
C ILE S 282 -85.10 0.12 -62.37
N LYS S 283 -86.03 0.92 -62.89
CA LYS S 283 -86.21 2.28 -62.45
C LYS S 283 -87.57 2.49 -61.77
N ASP S 284 -88.39 1.47 -61.72
CA ASP S 284 -89.73 1.58 -61.15
C ASP S 284 -89.81 0.91 -59.79
N ASP S 285 -90.89 1.12 -59.06
CA ASP S 285 -91.05 0.49 -57.74
C ASP S 285 -91.56 -0.94 -57.94
N VAL S 286 -90.76 -1.75 -58.64
CA VAL S 286 -91.11 -3.13 -58.90
C VAL S 286 -90.65 -3.96 -57.72
N PHE S 287 -91.50 -4.90 -57.27
CA PHE S 287 -91.08 -5.95 -56.35
C PHE S 287 -90.88 -7.25 -57.08
N LEU S 288 -89.72 -7.89 -56.90
CA LEU S 288 -89.41 -9.19 -57.41
C LEU S 288 -88.47 -9.91 -56.43
N SER S 289 -88.24 -11.19 -56.72
CA SER S 289 -87.40 -12.00 -55.85
C SER S 289 -85.93 -11.83 -56.21
N VAL S 290 -85.14 -11.45 -55.20
CA VAL S 290 -83.69 -11.53 -55.19
C VAL S 290 -83.30 -12.17 -53.86
N PRO S 291 -82.07 -12.71 -53.71
CA PRO S 291 -81.65 -13.27 -52.41
C PRO S 291 -81.53 -12.14 -51.39
N CYS S 292 -82.27 -12.30 -50.28
CA CYS S 292 -82.30 -11.31 -49.23
C CYS S 292 -81.90 -11.95 -47.90
N ILE S 293 -81.27 -11.15 -47.04
CA ILE S 293 -80.95 -11.55 -45.68
C ILE S 293 -82.17 -11.28 -44.80
N LEU S 294 -82.68 -12.34 -44.16
CA LEU S 294 -83.90 -12.32 -43.40
C LEU S 294 -83.60 -12.43 -41.90
N GLY S 295 -84.18 -11.50 -41.16
CA GLY S 295 -84.07 -11.52 -39.71
C GLY S 295 -85.26 -10.82 -39.07
N GLN S 296 -85.06 -10.41 -37.81
CA GLN S 296 -86.13 -9.90 -36.98
C GLN S 296 -86.62 -8.53 -37.45
N ASN S 297 -85.96 -7.90 -38.35
CA ASN S 297 -86.39 -6.64 -38.96
C ASN S 297 -86.86 -6.88 -40.40
N GLY S 298 -87.06 -8.15 -40.75
CA GLY S 298 -87.43 -8.53 -42.10
C GLY S 298 -86.20 -8.59 -43.00
N ILE S 299 -86.29 -7.92 -44.16
CA ILE S 299 -85.21 -7.90 -45.11
C ILE S 299 -84.26 -6.77 -44.73
N SER S 300 -83.10 -7.13 -44.19
CA SER S 300 -82.11 -6.15 -43.77
C SER S 300 -81.15 -5.82 -44.92
N ASP S 301 -80.99 -6.76 -45.86
CA ASP S 301 -79.98 -6.68 -46.90
C ASP S 301 -80.42 -7.49 -48.11
N LEU S 302 -79.91 -7.10 -49.29
CA LEU S 302 -80.02 -7.87 -50.51
C LEU S 302 -78.63 -8.37 -50.90
N VAL S 303 -78.57 -9.58 -51.45
CA VAL S 303 -77.38 -10.02 -52.15
C VAL S 303 -77.51 -9.53 -53.59
N LYS S 304 -76.46 -8.88 -54.09
CA LYS S 304 -76.44 -8.37 -55.44
C LYS S 304 -75.89 -9.45 -56.37
N VAL S 305 -76.77 -10.35 -56.81
CA VAL S 305 -76.37 -11.48 -57.62
C VAL S 305 -75.85 -10.94 -58.95
N THR S 306 -74.71 -11.53 -59.40
CA THR S 306 -74.24 -11.27 -60.74
C THR S 306 -75.03 -12.13 -61.74
N LEU S 307 -75.60 -11.46 -62.74
CA LEU S 307 -76.43 -12.10 -63.75
C LEU S 307 -75.76 -12.04 -65.11
N THR S 308 -75.97 -13.11 -65.90
CA THR S 308 -75.61 -13.01 -67.31
C THR S 308 -76.46 -11.91 -67.93
N SER S 309 -75.98 -11.33 -69.03
CA SER S 309 -76.71 -10.25 -69.69
C SER S 309 -78.13 -10.68 -70.04
N GLU S 310 -78.30 -11.98 -70.37
CA GLU S 310 -79.62 -12.49 -70.71
C GLU S 310 -80.46 -12.64 -69.44
N GLU S 311 -79.88 -13.21 -68.38
CA GLU S 311 -80.56 -13.32 -67.10
C GLU S 311 -80.98 -11.94 -66.62
N GLU S 312 -80.12 -10.94 -66.82
CA GLU S 312 -80.45 -9.58 -66.41
C GLU S 312 -81.57 -9.02 -67.32
N ALA S 313 -81.49 -9.36 -68.62
CA ALA S 313 -82.51 -8.92 -69.56
C ALA S 313 -83.88 -9.48 -69.18
N ARG S 314 -83.92 -10.77 -68.79
CA ARG S 314 -85.14 -11.46 -68.38
C ARG S 314 -85.71 -10.82 -67.12
N LEU S 315 -84.84 -10.39 -66.19
CA LEU S 315 -85.27 -9.76 -64.95
C LEU S 315 -85.84 -8.36 -65.21
N LYS S 316 -85.24 -7.64 -66.18
CA LYS S 316 -85.76 -6.32 -66.55
C LYS S 316 -87.12 -6.46 -67.24
N LYS S 317 -87.26 -7.56 -68.00
CA LYS S 317 -88.51 -7.88 -68.68
C LYS S 317 -89.60 -8.20 -67.67
N SER S 318 -89.24 -8.97 -66.64
CA SER S 318 -90.13 -9.31 -65.53
C SER S 318 -90.55 -8.03 -64.84
N ALA S 319 -89.59 -7.13 -64.61
CA ALA S 319 -89.84 -5.85 -63.97
C ALA S 319 -90.86 -5.05 -64.76
N ASP S 320 -90.68 -5.01 -66.08
CA ASP S 320 -91.54 -4.24 -66.96
C ASP S 320 -92.99 -4.77 -66.90
N THR S 321 -93.12 -6.10 -67.06
CA THR S 321 -94.41 -6.78 -66.99
C THR S 321 -95.13 -6.36 -65.72
N LEU S 322 -94.41 -6.45 -64.59
CA LEU S 322 -95.00 -6.22 -63.26
C LEU S 322 -95.39 -4.75 -63.12
N TRP S 323 -94.49 -3.85 -63.55
CA TRP S 323 -94.78 -2.44 -63.42
C TRP S 323 -96.00 -2.05 -64.28
N GLY S 324 -96.08 -2.68 -65.45
CA GLY S 324 -97.21 -2.45 -66.34
C GLY S 324 -98.55 -2.68 -65.64
N ILE S 325 -98.61 -3.72 -64.82
CA ILE S 325 -99.83 -4.08 -64.13
C ILE S 325 -100.00 -3.17 -62.89
N GLN S 326 -98.89 -2.91 -62.21
CA GLN S 326 -98.88 -2.16 -60.96
C GLN S 326 -99.41 -0.74 -61.18
N LYS S 327 -98.97 -0.13 -62.29
CA LYS S 327 -99.31 1.27 -62.54
C LYS S 327 -100.83 1.42 -62.76
N GLU S 328 -101.49 0.36 -63.19
CA GLU S 328 -102.89 0.41 -63.56
C GLU S 328 -103.80 0.26 -62.34
N LEU S 329 -103.22 -0.03 -61.17
CA LEU S 329 -104.02 -0.48 -60.04
C LEU S 329 -104.70 0.74 -59.37
N GLN S 330 -105.96 0.58 -58.94
CA GLN S 330 -106.72 1.76 -58.42
C GLN S 330 -106.20 2.23 -57.06
N PHE S 331 -106.33 1.41 -56.02
CA PHE S 331 -105.99 1.80 -54.67
C PHE S 331 -107.21 2.16 -53.81
N ALA T 1 -68.72 -36.79 -70.94
CA ALA T 1 -69.47 -37.31 -69.78
C ALA T 1 -70.54 -36.29 -69.34
N THR T 2 -71.55 -36.80 -68.63
CA THR T 2 -72.66 -36.01 -68.12
C THR T 2 -72.19 -35.09 -66.99
N LEU T 3 -72.99 -34.07 -66.67
CA LEU T 3 -72.72 -33.16 -65.57
C LEU T 3 -72.59 -33.94 -64.26
N LYS T 4 -73.50 -34.91 -64.05
CA LYS T 4 -73.51 -35.73 -62.85
C LYS T 4 -72.16 -36.43 -62.69
N ASP T 5 -71.64 -36.98 -63.79
CA ASP T 5 -70.38 -37.72 -63.78
C ASP T 5 -69.17 -36.80 -63.61
N GLN T 6 -69.25 -35.59 -64.17
CA GLN T 6 -68.20 -34.60 -64.00
C GLN T 6 -68.13 -34.18 -62.53
N LEU T 7 -69.29 -34.13 -61.86
CA LEU T 7 -69.36 -33.59 -60.51
C LEU T 7 -69.11 -34.67 -59.47
N ILE T 8 -69.62 -35.88 -59.73
CA ILE T 8 -69.68 -36.91 -58.71
C ILE T 8 -68.97 -38.18 -59.19
N TYR T 9 -68.01 -38.63 -58.38
CA TYR T 9 -67.37 -39.92 -58.59
C TYR T 9 -68.03 -40.92 -57.66
N ASN T 10 -68.48 -42.04 -58.23
CA ASN T 10 -69.24 -43.07 -57.53
C ASN T 10 -68.32 -44.15 -56.95
N LEU T 11 -68.46 -44.46 -55.68
CA LEU T 11 -67.87 -45.56 -54.99
C LEU T 11 -69.13 -46.16 -54.41
N LEU T 12 -69.94 -46.86 -55.14
CA LEU T 12 -70.91 -47.77 -54.58
C LEU T 12 -72.21 -47.71 -55.37
N LYS T 13 -72.79 -48.91 -55.52
CA LYS T 13 -74.02 -49.13 -56.25
C LYS T 13 -75.21 -49.41 -55.32
N GLU T 14 -75.10 -50.45 -54.44
CA GLU T 14 -76.30 -51.07 -53.89
C GLU T 14 -76.70 -50.41 -52.57
N GLU T 15 -77.75 -49.58 -52.59
CA GLU T 15 -78.43 -49.06 -51.42
C GLU T 15 -79.94 -49.08 -51.71
N GLN T 16 -80.74 -49.60 -50.77
CA GLN T 16 -82.17 -49.58 -50.95
C GLN T 16 -82.97 -49.78 -49.69
N THR T 17 -82.76 -50.94 -49.01
CA THR T 17 -83.70 -51.53 -48.05
C THR T 17 -83.97 -50.66 -46.80
N PRO T 18 -85.23 -50.20 -46.63
CA PRO T 18 -85.50 -49.12 -45.65
C PRO T 18 -85.40 -49.67 -44.23
N GLN T 19 -84.88 -48.84 -43.33
CA GLN T 19 -84.62 -49.30 -41.98
C GLN T 19 -85.73 -48.86 -41.04
N ASN T 20 -86.41 -47.76 -41.41
CA ASN T 20 -87.39 -47.13 -40.53
C ASN T 20 -88.54 -46.59 -41.35
N LYS T 21 -89.17 -47.50 -42.10
CA LYS T 21 -90.18 -47.10 -43.08
C LYS T 21 -91.56 -47.08 -42.44
N ILE T 22 -92.32 -46.02 -42.77
CA ILE T 22 -93.70 -45.90 -42.36
C ILE T 22 -94.57 -45.77 -43.61
N THR T 23 -95.68 -46.51 -43.61
CA THR T 23 -96.67 -46.41 -44.66
C THR T 23 -97.95 -45.80 -44.09
N VAL T 24 -98.51 -44.85 -44.83
CA VAL T 24 -99.85 -44.34 -44.55
C VAL T 24 -100.77 -44.78 -45.69
N VAL T 25 -101.79 -45.56 -45.34
CA VAL T 25 -102.81 -45.99 -46.27
C VAL T 25 -103.98 -45.02 -46.16
N GLY T 26 -104.37 -44.40 -47.28
CA GLY T 26 -105.39 -43.37 -47.31
C GLY T 26 -104.77 -41.97 -47.31
N VAL T 27 -105.02 -41.18 -48.36
CA VAL T 27 -104.48 -39.82 -48.45
C VAL T 27 -105.61 -38.80 -48.40
N GLY T 28 -106.65 -39.13 -47.62
CA GLY T 28 -107.67 -38.17 -47.20
C GLY T 28 -107.06 -37.20 -46.21
N ALA T 29 -107.87 -36.27 -45.68
CA ALA T 29 -107.33 -35.21 -44.82
C ALA T 29 -106.60 -35.82 -43.63
N VAL T 30 -107.13 -36.93 -43.11
CA VAL T 30 -106.56 -37.58 -41.95
C VAL T 30 -105.20 -38.18 -42.29
N GLY T 31 -105.16 -38.93 -43.39
CA GLY T 31 -103.94 -39.57 -43.85
C GLY T 31 -102.82 -38.58 -44.04
N MET T 32 -103.15 -37.44 -44.65
CA MET T 32 -102.13 -36.46 -44.99
C MET T 32 -101.69 -35.68 -43.76
N ALA T 33 -102.59 -35.51 -42.78
CA ALA T 33 -102.20 -34.89 -41.52
C ALA T 33 -101.26 -35.81 -40.74
N CYS T 34 -101.50 -37.13 -40.83
CA CYS T 34 -100.59 -38.12 -40.27
C CYS T 34 -99.24 -38.02 -40.97
N ALA T 35 -99.26 -37.92 -42.31
CA ALA T 35 -98.05 -37.86 -43.12
C ALA T 35 -97.20 -36.65 -42.74
N ILE T 36 -97.80 -35.44 -42.76
CA ILE T 36 -97.04 -34.23 -42.49
C ILE T 36 -96.47 -34.26 -41.07
N SER T 37 -97.27 -34.75 -40.13
CA SER T 37 -96.89 -34.79 -38.72
C SER T 37 -95.70 -35.72 -38.53
N ILE T 38 -95.74 -36.88 -39.19
CA ILE T 38 -94.67 -37.86 -39.14
C ILE T 38 -93.42 -37.30 -39.83
N LEU T 39 -93.61 -36.63 -40.97
CA LEU T 39 -92.48 -36.07 -41.69
C LEU T 39 -91.76 -35.03 -40.85
N MET T 40 -92.52 -34.25 -40.09
CA MET T 40 -91.89 -33.16 -39.36
C MET T 40 -91.35 -33.61 -38.00
N LYS T 41 -91.63 -34.86 -37.61
CA LYS T 41 -91.08 -35.38 -36.37
C LYS T 41 -89.92 -36.34 -36.61
N ASP T 42 -89.54 -36.50 -37.89
CA ASP T 42 -88.38 -37.26 -38.36
C ASP T 42 -88.46 -38.71 -37.92
N LEU T 43 -89.65 -39.32 -37.99
CA LEU T 43 -89.84 -40.65 -37.45
C LEU T 43 -89.46 -41.74 -38.46
N ALA T 44 -89.29 -41.36 -39.73
CA ALA T 44 -89.16 -42.32 -40.82
C ALA T 44 -87.99 -41.94 -41.75
N ASP T 45 -87.32 -42.96 -42.28
CA ASP T 45 -86.32 -42.79 -43.33
C ASP T 45 -86.97 -42.96 -44.70
N GLU T 46 -88.19 -43.50 -44.71
CA GLU T 46 -88.97 -43.64 -45.93
C GLU T 46 -90.45 -43.58 -45.57
N LEU T 47 -91.20 -42.75 -46.30
CA LEU T 47 -92.64 -42.67 -46.16
C LEU T 47 -93.28 -43.14 -47.46
N ALA T 48 -94.21 -44.09 -47.34
CA ALA T 48 -94.99 -44.56 -48.47
C ALA T 48 -96.44 -44.17 -48.26
N LEU T 49 -97.08 -43.65 -49.31
CA LEU T 49 -98.50 -43.37 -49.30
C LEU T 49 -99.19 -44.33 -50.28
N VAL T 50 -100.33 -44.87 -49.86
CA VAL T 50 -101.14 -45.69 -50.76
C VAL T 50 -102.59 -45.23 -50.69
N ASP T 51 -103.23 -45.21 -51.87
CA ASP T 51 -104.67 -44.98 -51.98
C ASP T 51 -105.15 -45.60 -53.29
N VAL T 52 -106.45 -45.47 -53.56
CA VAL T 52 -107.04 -45.99 -54.79
C VAL T 52 -107.22 -44.85 -55.79
N ILE T 53 -107.33 -43.61 -55.30
CA ILE T 53 -107.47 -42.44 -56.15
C ILE T 53 -106.07 -42.02 -56.58
N GLU T 54 -105.76 -42.27 -57.86
CA GLU T 54 -104.39 -42.23 -58.33
C GLU T 54 -103.91 -40.80 -58.54
N ASP T 55 -104.80 -39.94 -59.01
CA ASP T 55 -104.50 -38.53 -59.25
C ASP T 55 -104.12 -37.82 -57.95
N LYS T 56 -105.02 -37.94 -56.96
CA LYS T 56 -104.87 -37.33 -55.65
C LYS T 56 -103.59 -37.83 -54.99
N LEU T 57 -103.34 -39.14 -55.11
CA LEU T 57 -102.22 -39.81 -54.50
C LEU T 57 -100.92 -39.23 -55.00
N LYS T 58 -100.77 -39.14 -56.34
CA LYS T 58 -99.57 -38.62 -56.96
C LYS T 58 -99.37 -37.16 -56.58
N GLY T 59 -100.47 -36.39 -56.55
CA GLY T 59 -100.40 -34.98 -56.22
C GLY T 59 -99.89 -34.72 -54.81
N GLU T 60 -100.40 -35.51 -53.86
CA GLU T 60 -100.02 -35.42 -52.46
C GLU T 60 -98.53 -35.75 -52.30
N MET T 61 -98.12 -36.88 -52.89
CA MET T 61 -96.73 -37.30 -52.86
C MET T 61 -95.83 -36.16 -53.36
N MET T 62 -96.14 -35.62 -54.55
CA MET T 62 -95.37 -34.56 -55.15
C MET T 62 -95.30 -33.32 -54.25
N ASP T 63 -96.41 -32.95 -53.62
CA ASP T 63 -96.45 -31.77 -52.78
C ASP T 63 -95.47 -31.92 -51.62
N LEU T 64 -95.47 -33.11 -51.01
CA LEU T 64 -94.56 -33.41 -49.91
C LEU T 64 -93.13 -33.40 -50.44
N GLN T 65 -92.91 -34.02 -51.60
CA GLN T 65 -91.58 -34.12 -52.18
C GLN T 65 -90.98 -32.74 -52.44
N HIS T 66 -91.80 -31.78 -52.85
CA HIS T 66 -91.29 -30.44 -53.15
C HIS T 66 -90.77 -29.75 -51.91
N GLY T 67 -91.18 -30.23 -50.73
CA GLY T 67 -90.73 -29.65 -49.48
C GLY T 67 -89.55 -30.40 -48.86
N SER T 68 -88.92 -31.30 -49.63
CA SER T 68 -87.88 -32.19 -49.15
C SER T 68 -86.72 -31.42 -48.52
N LEU T 69 -86.44 -30.23 -49.05
CA LEU T 69 -85.37 -29.38 -48.56
C LEU T 69 -85.54 -29.13 -47.05
N PHE T 70 -86.81 -29.13 -46.59
CA PHE T 70 -87.11 -28.72 -45.23
C PHE T 70 -87.43 -29.93 -44.35
N LEU T 71 -87.24 -31.13 -44.88
CA LEU T 71 -87.50 -32.34 -44.13
C LEU T 71 -86.23 -33.18 -44.01
N ARG T 72 -86.29 -34.23 -43.19
CA ARG T 72 -85.19 -35.14 -43.01
C ARG T 72 -85.69 -36.56 -43.26
N THR T 73 -86.66 -36.70 -44.17
CA THR T 73 -87.09 -37.99 -44.63
C THR T 73 -86.74 -38.07 -46.12
N PRO T 74 -85.68 -38.80 -46.50
CA PRO T 74 -85.13 -38.72 -47.85
C PRO T 74 -85.93 -39.41 -48.94
N LYS T 75 -86.81 -40.35 -48.58
CA LYS T 75 -87.56 -41.08 -49.58
C LYS T 75 -89.05 -41.00 -49.29
N ILE T 76 -89.80 -40.38 -50.22
CA ILE T 76 -91.25 -40.36 -50.19
C ILE T 76 -91.72 -41.02 -51.48
N VAL T 77 -92.53 -42.08 -51.32
CA VAL T 77 -93.07 -42.79 -52.46
C VAL T 77 -94.59 -42.92 -52.30
N SER T 78 -95.26 -43.14 -53.43
CA SER T 78 -96.68 -43.46 -53.44
C SER T 78 -96.99 -44.42 -54.58
N GLY T 79 -98.16 -45.07 -54.48
CA GLY T 79 -98.62 -45.97 -55.51
C GLY T 79 -99.94 -46.62 -55.10
N LYS T 80 -100.73 -46.98 -56.11
CA LYS T 80 -101.91 -47.81 -55.93
C LYS T 80 -101.50 -49.22 -55.50
N ASP T 81 -100.34 -49.65 -56.01
CA ASP T 81 -99.83 -50.99 -55.76
C ASP T 81 -99.17 -51.01 -54.38
N TYR T 82 -99.49 -52.02 -53.57
CA TYR T 82 -98.99 -52.14 -52.21
C TYR T 82 -97.51 -52.52 -52.15
N ASN T 83 -96.88 -52.72 -53.30
CA ASN T 83 -95.47 -53.06 -53.30
C ASN T 83 -94.63 -51.86 -52.87
N VAL T 84 -95.18 -50.65 -52.94
CA VAL T 84 -94.48 -49.46 -52.49
C VAL T 84 -94.40 -49.47 -50.96
N THR T 85 -95.12 -50.41 -50.33
CA THR T 85 -95.31 -50.47 -48.88
C THR T 85 -94.30 -51.42 -48.23
N ALA T 86 -93.48 -52.10 -49.05
CA ALA T 86 -92.68 -53.23 -48.58
C ALA T 86 -91.72 -52.81 -47.48
N ASN T 87 -91.60 -53.68 -46.46
CA ASN T 87 -90.67 -53.57 -45.35
C ASN T 87 -90.97 -52.34 -44.49
N SER T 88 -92.26 -52.04 -44.31
CA SER T 88 -92.64 -51.01 -43.37
C SER T 88 -92.50 -51.54 -41.94
N LYS T 89 -92.00 -50.70 -41.03
CA LYS T 89 -92.03 -51.01 -39.62
C LYS T 89 -93.43 -50.76 -39.06
N LEU T 90 -94.10 -49.74 -39.60
CA LEU T 90 -95.37 -49.28 -39.11
C LEU T 90 -96.23 -48.91 -40.31
N VAL T 91 -97.46 -49.44 -40.33
CA VAL T 91 -98.43 -49.16 -41.37
C VAL T 91 -99.66 -48.54 -40.72
N ILE T 92 -99.99 -47.31 -41.12
CA ILE T 92 -101.10 -46.57 -40.54
C ILE T 92 -102.26 -46.58 -41.53
N ILE T 93 -103.40 -47.17 -41.11
CA ILE T 93 -104.58 -47.28 -41.97
C ILE T 93 -105.53 -46.13 -41.65
N THR T 94 -105.74 -45.25 -42.64
CA THR T 94 -106.67 -44.14 -42.48
C THR T 94 -107.72 -44.18 -43.59
N ALA T 95 -107.71 -45.24 -44.40
CA ALA T 95 -108.60 -45.33 -45.54
C ALA T 95 -109.96 -45.81 -45.09
N GLY T 96 -110.99 -45.47 -45.88
CA GLY T 96 -112.35 -45.85 -45.55
C GLY T 96 -113.30 -44.67 -45.61
N ALA T 97 -114.56 -44.95 -45.28
CA ALA T 97 -115.56 -43.89 -45.14
C ALA T 97 -115.35 -43.23 -43.79
N ARG T 98 -115.64 -41.94 -43.71
CA ARG T 98 -115.61 -41.21 -42.44
C ARG T 98 -116.99 -40.62 -42.21
N GLN T 99 -117.26 -40.27 -40.93
CA GLN T 99 -118.61 -39.89 -40.56
C GLN T 99 -118.96 -38.50 -41.05
N GLN T 100 -120.21 -38.36 -41.52
CA GLN T 100 -120.75 -37.07 -41.85
C GLN T 100 -121.35 -36.48 -40.57
N GLU T 101 -121.80 -35.23 -40.73
CA GLU T 101 -122.49 -34.47 -39.72
C GLU T 101 -123.65 -35.33 -39.22
N GLY T 102 -123.66 -35.55 -37.91
CA GLY T 102 -124.71 -36.30 -37.23
C GLY T 102 -124.49 -37.82 -37.21
N GLU T 103 -123.54 -38.33 -38.00
CA GLU T 103 -123.40 -39.77 -38.22
C GLU T 103 -122.47 -40.38 -37.17
N SER T 104 -122.94 -41.43 -36.49
CA SER T 104 -122.12 -42.19 -35.53
C SER T 104 -121.02 -42.94 -36.30
N ARG T 105 -119.83 -42.98 -35.72
CA ARG T 105 -118.73 -43.74 -36.30
C ARG T 105 -119.11 -45.21 -36.47
N LEU T 106 -120.03 -45.70 -35.61
CA LEU T 106 -120.42 -47.11 -35.64
C LEU T 106 -121.19 -47.42 -36.93
N ASN T 107 -121.66 -46.37 -37.59
CA ASN T 107 -122.45 -46.49 -38.81
C ASN T 107 -121.57 -46.70 -40.03
N LEU T 108 -120.25 -46.61 -39.86
CA LEU T 108 -119.28 -46.81 -40.92
C LEU T 108 -118.85 -48.29 -41.00
N VAL T 109 -119.42 -49.15 -40.16
CA VAL T 109 -118.74 -50.41 -39.85
C VAL T 109 -118.67 -51.33 -41.08
N GLN T 110 -119.79 -51.56 -41.74
CA GLN T 110 -119.84 -52.55 -42.79
C GLN T 110 -119.05 -52.07 -44.01
N ARG T 111 -119.13 -50.76 -44.29
CA ARG T 111 -118.43 -50.19 -45.43
C ARG T 111 -116.94 -50.37 -45.25
N ASN T 112 -116.46 -50.07 -44.03
CA ASN T 112 -115.03 -50.06 -43.78
C ASN T 112 -114.52 -51.47 -43.53
N VAL T 113 -115.37 -52.38 -43.04
CA VAL T 113 -114.97 -53.78 -42.91
C VAL T 113 -114.69 -54.33 -44.30
N ASN T 114 -115.55 -53.99 -45.26
CA ASN T 114 -115.36 -54.44 -46.63
C ASN T 114 -114.03 -53.94 -47.18
N ILE T 115 -113.71 -52.67 -46.90
CA ILE T 115 -112.49 -52.04 -47.37
C ILE T 115 -111.28 -52.76 -46.78
N PHE T 116 -111.37 -53.09 -45.49
CA PHE T 116 -110.28 -53.72 -44.75
C PHE T 116 -109.97 -55.11 -45.30
N LYS T 117 -111.00 -55.80 -45.80
CA LYS T 117 -110.84 -57.10 -46.42
C LYS T 117 -109.87 -57.04 -47.62
N PHE T 118 -109.76 -55.86 -48.22
CA PHE T 118 -108.84 -55.67 -49.34
C PHE T 118 -107.48 -55.18 -48.84
N ILE T 119 -107.53 -54.20 -47.92
CA ILE T 119 -106.35 -53.47 -47.51
C ILE T 119 -105.42 -54.35 -46.69
N ILE T 120 -105.98 -55.01 -45.66
CA ILE T 120 -105.16 -55.61 -44.62
C ILE T 120 -104.29 -56.73 -45.19
N PRO T 121 -104.83 -57.69 -46.00
CA PRO T 121 -104.01 -58.74 -46.59
C PRO T 121 -102.88 -58.22 -47.49
N ASN T 122 -103.12 -57.09 -48.15
CA ASN T 122 -102.13 -56.48 -49.01
C ASN T 122 -100.99 -55.86 -48.19
N VAL T 123 -101.35 -55.20 -47.09
CA VAL T 123 -100.37 -54.63 -46.18
C VAL T 123 -99.48 -55.74 -45.64
N VAL T 124 -100.13 -56.83 -45.19
CA VAL T 124 -99.44 -57.93 -44.53
C VAL T 124 -98.53 -58.66 -45.52
N LYS T 125 -98.98 -58.76 -46.77
CA LYS T 125 -98.20 -59.39 -47.83
C LYS T 125 -96.80 -58.76 -47.91
N TYR T 126 -96.72 -57.43 -47.88
CA TYR T 126 -95.49 -56.70 -48.18
C TYR T 126 -94.71 -56.30 -46.93
N SER T 127 -95.37 -56.25 -45.77
CA SER T 127 -94.72 -55.91 -44.51
C SER T 127 -95.23 -56.86 -43.42
N PRO T 128 -94.88 -58.15 -43.45
CA PRO T 128 -95.43 -59.13 -42.50
C PRO T 128 -95.06 -58.86 -41.05
N ASN T 129 -94.01 -58.08 -40.81
CA ASN T 129 -93.51 -57.88 -39.47
C ASN T 129 -93.82 -56.47 -38.96
N CYS T 130 -94.70 -55.77 -39.66
CA CYS T 130 -95.01 -54.40 -39.29
C CYS T 130 -95.90 -54.38 -38.05
N LYS T 131 -96.01 -53.20 -37.45
CA LYS T 131 -97.10 -52.90 -36.54
C LYS T 131 -98.19 -52.22 -37.36
N LEU T 132 -99.44 -52.60 -37.09
CA LEU T 132 -100.59 -52.00 -37.72
C LEU T 132 -101.19 -50.98 -36.75
N LEU T 133 -101.27 -49.73 -37.19
CA LEU T 133 -101.96 -48.70 -36.42
C LEU T 133 -103.23 -48.31 -37.16
N ILE T 134 -104.38 -48.67 -36.59
CA ILE T 134 -105.67 -48.44 -37.23
C ILE T 134 -106.21 -47.09 -36.77
N VAL T 135 -106.61 -46.26 -37.74
CA VAL T 135 -107.13 -44.93 -37.44
C VAL T 135 -108.57 -44.82 -37.97
N SER T 136 -108.88 -45.59 -39.02
CA SER T 136 -110.21 -45.65 -39.62
C SER T 136 -111.26 -46.00 -38.57
N ASN T 137 -112.48 -45.48 -38.77
CA ASN T 137 -113.54 -45.59 -37.77
C ASN T 137 -114.57 -46.62 -38.22
N PRO T 138 -115.30 -47.29 -37.29
CA PRO T 138 -115.06 -47.17 -35.85
C PRO T 138 -113.78 -47.92 -35.46
N VAL T 139 -112.83 -47.18 -34.89
CA VAL T 139 -111.46 -47.63 -34.75
C VAL T 139 -111.39 -48.89 -33.88
N ASP T 140 -112.27 -48.99 -32.88
CA ASP T 140 -112.17 -50.08 -31.91
C ASP T 140 -112.56 -51.40 -32.57
N ILE T 141 -113.66 -51.37 -33.33
CA ILE T 141 -114.11 -52.54 -34.06
C ILE T 141 -113.14 -52.85 -35.20
N LEU T 142 -112.68 -51.81 -35.91
CA LEU T 142 -111.80 -52.01 -37.05
C LEU T 142 -110.42 -52.51 -36.62
N THR T 143 -110.02 -52.23 -35.38
CA THR T 143 -108.77 -52.78 -34.85
C THR T 143 -108.91 -54.29 -34.71
N TYR T 144 -110.07 -54.70 -34.17
CA TYR T 144 -110.42 -56.11 -34.04
C TYR T 144 -110.44 -56.76 -35.42
N VAL T 145 -111.03 -56.06 -36.40
CA VAL T 145 -111.13 -56.58 -37.76
C VAL T 145 -109.73 -56.77 -38.34
N ALA T 146 -108.88 -55.74 -38.23
CA ALA T 146 -107.52 -55.81 -38.73
C ALA T 146 -106.77 -56.96 -38.07
N TRP T 147 -107.10 -57.25 -36.80
CA TRP T 147 -106.44 -58.31 -36.05
C TRP T 147 -106.85 -59.68 -36.59
N LYS T 148 -108.16 -59.86 -36.80
CA LYS T 148 -108.69 -61.09 -37.35
C LYS T 148 -108.16 -61.32 -38.76
N ILE T 149 -108.16 -60.28 -39.60
CA ILE T 149 -107.81 -60.43 -41.00
C ILE T 149 -106.30 -60.69 -41.14
N SER T 150 -105.48 -59.88 -40.46
CA SER T 150 -104.03 -59.93 -40.60
C SER T 150 -103.44 -61.24 -40.09
N GLY T 151 -104.02 -61.78 -39.02
CA GLY T 151 -103.49 -62.95 -38.33
C GLY T 151 -102.29 -62.61 -37.45
N PHE T 152 -102.07 -61.31 -37.24
CA PHE T 152 -100.98 -60.82 -36.41
C PHE T 152 -101.26 -61.14 -34.95
N PRO T 153 -100.20 -61.23 -34.11
CA PRO T 153 -100.40 -61.27 -32.66
C PRO T 153 -100.97 -59.92 -32.25
N LYS T 154 -101.68 -59.89 -31.14
CA LYS T 154 -102.49 -58.73 -30.76
C LYS T 154 -101.62 -57.53 -30.42
N ASN T 155 -100.35 -57.76 -30.08
CA ASN T 155 -99.47 -56.66 -29.72
C ASN T 155 -99.14 -55.80 -30.94
N ARG T 156 -99.29 -56.35 -32.15
CA ARG T 156 -98.92 -55.64 -33.36
C ARG T 156 -100.14 -55.05 -34.08
N VAL T 157 -101.30 -55.01 -33.41
CA VAL T 157 -102.47 -54.37 -33.99
C VAL T 157 -103.01 -53.37 -32.96
N ILE T 158 -102.85 -52.07 -33.28
CA ILE T 158 -103.10 -50.98 -32.35
C ILE T 158 -104.11 -50.04 -33.00
N GLY T 159 -105.18 -49.68 -32.29
CA GLY T 159 -106.10 -48.66 -32.74
C GLY T 159 -105.78 -47.33 -32.09
N SER T 160 -105.85 -46.23 -32.86
CA SER T 160 -105.54 -44.91 -32.36
C SER T 160 -106.40 -44.59 -31.14
N GLY T 161 -107.60 -45.18 -31.11
CA GLY T 161 -108.42 -45.24 -29.92
C GLY T 161 -108.68 -43.86 -29.30
N CYS T 162 -108.50 -43.78 -27.98
CA CYS T 162 -108.85 -42.60 -27.22
C CYS T 162 -107.64 -41.70 -26.94
N ASN T 163 -106.54 -41.89 -27.69
CA ASN T 163 -105.37 -41.03 -27.54
C ASN T 163 -105.81 -39.58 -27.79
N LEU T 164 -106.65 -39.39 -28.81
CA LEU T 164 -107.13 -38.07 -29.18
C LEU T 164 -108.16 -37.56 -28.16
N ASP T 165 -109.07 -38.45 -27.72
CA ASP T 165 -110.10 -38.09 -26.76
C ASP T 165 -109.44 -37.57 -25.48
N SER T 166 -108.40 -38.27 -25.03
CA SER T 166 -107.67 -37.88 -23.83
C SER T 166 -106.97 -36.54 -24.04
N ALA T 167 -106.42 -36.34 -25.25
CA ALA T 167 -105.76 -35.09 -25.62
C ALA T 167 -106.74 -33.91 -25.56
N ARG T 168 -107.94 -34.12 -26.10
CA ARG T 168 -109.01 -33.14 -26.07
C ARG T 168 -109.38 -32.85 -24.61
N PHE T 169 -109.55 -33.93 -23.85
CA PHE T 169 -109.93 -33.85 -22.44
C PHE T 169 -108.95 -32.96 -21.68
N ARG T 170 -107.66 -33.20 -21.90
CA ARG T 170 -106.62 -32.47 -21.22
C ARG T 170 -106.55 -31.02 -21.69
N TYR T 171 -106.90 -30.79 -22.96
CA TYR T 171 -106.95 -29.44 -23.48
C TYR T 171 -108.00 -28.64 -22.73
N LEU T 172 -109.20 -29.22 -22.62
CA LEU T 172 -110.34 -28.58 -21.99
C LEU T 172 -110.10 -28.42 -20.49
N MET T 173 -109.51 -29.44 -19.86
CA MET T 173 -109.11 -29.39 -18.47
C MET T 173 -108.22 -28.16 -18.26
N GLY T 174 -107.21 -28.04 -19.13
CA GLY T 174 -106.25 -26.95 -19.08
C GLY T 174 -106.89 -25.58 -19.23
N GLU T 175 -107.89 -25.49 -20.12
CA GLU T 175 -108.60 -24.25 -20.39
C GLU T 175 -109.27 -23.78 -19.10
N ARG T 176 -109.90 -24.72 -18.40
CA ARG T 176 -110.63 -24.41 -17.17
C ARG T 176 -109.66 -24.01 -16.05
N LEU T 177 -108.49 -24.65 -15.98
CA LEU T 177 -107.62 -24.49 -14.82
C LEU T 177 -106.55 -23.43 -15.05
N GLY T 178 -106.33 -23.01 -16.30
CA GLY T 178 -105.27 -22.06 -16.64
C GLY T 178 -103.89 -22.70 -16.61
N VAL T 179 -103.83 -23.97 -17.00
CA VAL T 179 -102.61 -24.77 -17.00
C VAL T 179 -102.44 -25.38 -18.38
N HIS T 180 -101.19 -25.49 -18.85
CA HIS T 180 -100.92 -26.16 -20.11
C HIS T 180 -101.42 -27.60 -20.03
N PRO T 181 -102.04 -28.14 -21.10
CA PRO T 181 -102.49 -29.53 -21.11
C PRO T 181 -101.43 -30.53 -20.69
N LEU T 182 -100.15 -30.20 -20.92
CA LEU T 182 -99.07 -31.11 -20.58
C LEU T 182 -99.07 -31.37 -19.08
N SER T 183 -99.51 -30.38 -18.29
CA SER T 183 -99.51 -30.49 -16.84
C SER T 183 -100.87 -30.87 -16.27
N CYS T 184 -101.85 -31.11 -17.16
CA CYS T 184 -103.18 -31.57 -16.80
C CYS T 184 -103.33 -33.05 -17.15
N HIS T 185 -103.66 -33.90 -16.18
CA HIS T 185 -103.69 -35.34 -16.39
C HIS T 185 -105.11 -35.85 -16.19
N GLY T 186 -105.49 -36.84 -17.02
CA GLY T 186 -106.84 -37.36 -17.06
C GLY T 186 -107.03 -38.25 -18.29
N TRP T 187 -107.71 -39.37 -18.10
CA TRP T 187 -107.83 -40.41 -19.12
C TRP T 187 -109.27 -40.58 -19.55
N VAL T 188 -109.49 -40.65 -20.86
CA VAL T 188 -110.75 -41.08 -21.44
C VAL T 188 -110.51 -42.46 -22.05
N LEU T 189 -111.26 -43.45 -21.58
CA LEU T 189 -111.07 -44.84 -22.00
C LEU T 189 -112.34 -45.40 -22.68
N GLY T 190 -112.24 -46.63 -23.18
CA GLY T 190 -113.35 -47.30 -23.82
C GLY T 190 -113.44 -47.00 -25.31
N GLU T 191 -114.66 -46.79 -25.81
CA GLU T 191 -114.91 -46.51 -27.21
C GLU T 191 -114.43 -45.10 -27.54
N HIS T 192 -113.71 -45.00 -28.67
CA HIS T 192 -113.50 -43.71 -29.28
C HIS T 192 -114.81 -43.31 -29.94
N GLY T 193 -115.69 -42.70 -29.15
CA GLY T 193 -117.04 -42.41 -29.59
C GLY T 193 -117.91 -42.00 -28.41
N ASP T 194 -119.21 -42.19 -28.59
CA ASP T 194 -120.24 -41.67 -27.71
C ASP T 194 -120.18 -42.32 -26.32
N SER T 195 -119.68 -43.55 -26.22
CA SER T 195 -119.68 -44.28 -24.96
C SER T 195 -118.33 -44.23 -24.25
N SER T 196 -117.52 -43.21 -24.56
CA SER T 196 -116.22 -43.07 -23.89
C SER T 196 -116.41 -42.82 -22.39
N VAL T 197 -115.41 -43.25 -21.61
CA VAL T 197 -115.48 -43.20 -20.16
C VAL T 197 -114.40 -42.26 -19.63
N PRO T 198 -114.76 -41.13 -19.00
CA PRO T 198 -113.79 -40.25 -18.36
C PRO T 198 -113.48 -40.77 -16.96
N VAL T 199 -112.19 -40.96 -16.68
CA VAL T 199 -111.75 -41.52 -15.42
C VAL T 199 -111.47 -40.36 -14.45
N TRP T 200 -112.56 -39.91 -13.80
CA TRP T 200 -112.54 -38.81 -12.83
C TRP T 200 -111.57 -39.13 -11.68
N SER T 201 -111.49 -40.41 -11.32
CA SER T 201 -110.66 -40.84 -10.20
C SER T 201 -109.17 -40.54 -10.45
N GLY T 202 -108.78 -40.45 -11.73
CA GLY T 202 -107.39 -40.29 -12.13
C GLY T 202 -106.98 -38.85 -12.45
N MET T 203 -107.98 -37.96 -12.53
CA MET T 203 -107.74 -36.59 -12.93
C MET T 203 -106.91 -35.86 -11.88
N ASN T 204 -105.82 -35.22 -12.32
CA ASN T 204 -104.92 -34.58 -11.36
C ASN T 204 -104.07 -33.50 -12.04
N VAL T 205 -103.60 -32.56 -11.22
CA VAL T 205 -102.56 -31.62 -11.59
C VAL T 205 -101.48 -31.76 -10.53
N ALA T 206 -100.22 -31.89 -10.98
CA ALA T 206 -99.06 -32.01 -10.11
C ALA T 206 -99.26 -33.10 -9.05
N GLY T 207 -100.00 -34.15 -9.40
CA GLY T 207 -100.18 -35.31 -8.55
C GLY T 207 -101.31 -35.12 -7.53
N VAL T 208 -101.98 -33.97 -7.57
CA VAL T 208 -103.06 -33.68 -6.64
C VAL T 208 -104.37 -34.13 -7.26
N SER T 209 -105.01 -35.14 -6.64
CA SER T 209 -106.28 -35.68 -7.14
C SER T 209 -107.38 -34.63 -7.08
N LEU T 210 -108.00 -34.36 -8.24
CA LEU T 210 -109.05 -33.36 -8.35
C LEU T 210 -110.32 -33.86 -7.67
N LYS T 211 -110.56 -35.18 -7.75
CA LYS T 211 -111.72 -35.78 -7.12
C LYS T 211 -111.63 -35.71 -5.60
N THR T 212 -110.40 -35.80 -5.07
CA THR T 212 -110.14 -35.63 -3.64
C THR T 212 -110.51 -34.21 -3.21
N LEU T 213 -110.09 -33.23 -4.01
CA LEU T 213 -110.34 -31.82 -3.73
C LEU T 213 -111.82 -31.50 -3.88
N HIS T 214 -112.48 -32.19 -4.82
CA HIS T 214 -113.82 -31.86 -5.25
C HIS T 214 -114.58 -33.15 -5.52
N PRO T 215 -115.17 -33.78 -4.48
CA PRO T 215 -115.82 -35.09 -4.65
C PRO T 215 -117.00 -35.09 -5.61
N ASP T 216 -117.59 -33.89 -5.88
CA ASP T 216 -118.66 -33.82 -6.83
C ASP T 216 -118.20 -33.99 -8.28
N LEU T 217 -116.89 -33.91 -8.51
CA LEU T 217 -116.31 -33.93 -9.83
C LEU T 217 -116.85 -35.15 -10.60
N GLY T 218 -117.48 -34.90 -11.75
CA GLY T 218 -117.97 -35.93 -12.64
C GLY T 218 -119.42 -36.36 -12.41
N THR T 219 -120.04 -35.83 -11.36
CA THR T 219 -121.41 -36.18 -11.04
C THR T 219 -122.35 -35.09 -11.53
N ASP T 220 -123.66 -35.37 -11.51
CA ASP T 220 -124.69 -34.43 -11.92
C ASP T 220 -124.85 -33.33 -10.86
N LYS T 221 -124.52 -33.65 -9.60
CA LYS T 221 -124.68 -32.69 -8.52
C LYS T 221 -123.62 -31.59 -8.62
N ASP T 222 -122.55 -31.85 -9.37
CA ASP T 222 -121.40 -30.96 -9.50
C ASP T 222 -121.81 -29.56 -9.92
N LYS T 223 -121.58 -28.61 -9.00
CA LYS T 223 -121.87 -27.20 -9.21
C LYS T 223 -121.05 -26.65 -10.37
N GLU T 224 -119.87 -27.24 -10.58
CA GLU T 224 -118.93 -26.76 -11.59
C GLU T 224 -119.15 -27.45 -12.93
N GLN T 225 -119.93 -28.54 -12.91
CA GLN T 225 -120.34 -29.22 -14.13
C GLN T 225 -119.13 -29.75 -14.90
N TRP T 226 -118.26 -30.48 -14.22
CA TRP T 226 -117.11 -31.05 -14.89
C TRP T 226 -117.50 -32.13 -15.90
N LYS T 227 -118.70 -32.69 -15.72
CA LYS T 227 -119.20 -33.69 -16.64
C LYS T 227 -119.27 -33.13 -18.06
N GLU T 228 -119.47 -31.82 -18.16
CA GLU T 228 -119.58 -31.10 -19.42
C GLU T 228 -118.27 -31.13 -20.19
N VAL T 229 -117.14 -31.24 -19.47
CA VAL T 229 -115.86 -31.37 -20.16
C VAL T 229 -115.84 -32.65 -20.99
N HIS T 230 -116.32 -33.75 -20.41
CA HIS T 230 -116.37 -34.99 -21.16
C HIS T 230 -117.43 -34.91 -22.27
N LYS T 231 -118.35 -33.99 -22.19
CA LYS T 231 -119.51 -34.06 -23.05
C LYS T 231 -118.98 -33.35 -24.28
N GLN T 232 -118.07 -32.41 -24.01
CA GLN T 232 -117.41 -31.65 -25.05
C GLN T 232 -116.44 -32.56 -25.82
N VAL T 233 -115.89 -33.55 -25.11
CA VAL T 233 -114.96 -34.47 -25.76
C VAL T 233 -115.72 -35.35 -26.74
N VAL T 234 -116.84 -35.89 -26.31
CA VAL T 234 -117.71 -36.72 -27.13
C VAL T 234 -118.16 -35.94 -28.36
N GLU T 235 -118.44 -34.64 -28.17
CA GLU T 235 -119.08 -33.84 -29.20
C GLU T 235 -118.07 -33.14 -30.13
N SER T 236 -116.79 -33.19 -29.77
CA SER T 236 -115.73 -32.48 -30.49
C SER T 236 -115.77 -32.79 -31.99
N ALA T 237 -115.65 -34.09 -32.28
CA ALA T 237 -115.58 -34.57 -33.66
C ALA T 237 -116.76 -34.05 -34.46
N TYR T 238 -117.96 -34.16 -33.88
CA TYR T 238 -119.17 -33.76 -34.55
C TYR T 238 -119.19 -32.25 -34.77
N GLU T 239 -118.70 -31.49 -33.79
CA GLU T 239 -118.75 -30.06 -33.92
C GLU T 239 -117.74 -29.58 -34.97
N VAL T 240 -116.54 -30.18 -34.98
CA VAL T 240 -115.55 -29.80 -35.96
C VAL T 240 -116.05 -30.20 -37.36
N ILE T 241 -116.63 -31.40 -37.47
CA ILE T 241 -117.20 -31.87 -38.74
C ILE T 241 -118.25 -30.87 -39.21
N LYS T 242 -119.13 -30.46 -38.29
CA LYS T 242 -120.17 -29.50 -38.58
C LYS T 242 -119.56 -28.21 -39.13
N LEU T 243 -118.43 -27.79 -38.56
CA LEU T 243 -117.88 -26.48 -38.86
C LEU T 243 -117.01 -26.50 -40.12
N LYS T 244 -116.19 -27.55 -40.30
CA LYS T 244 -115.22 -27.54 -41.39
C LYS T 244 -115.31 -28.78 -42.28
N GLY T 245 -116.19 -29.72 -41.93
CA GLY T 245 -116.49 -30.85 -42.80
C GLY T 245 -115.79 -32.13 -42.38
N TYR T 246 -114.69 -32.01 -41.62
CA TYR T 246 -113.91 -33.17 -41.21
C TYR T 246 -113.00 -32.76 -40.07
N THR T 247 -112.34 -33.73 -39.44
CA THR T 247 -111.24 -33.41 -38.53
C THR T 247 -109.97 -33.97 -39.14
N SER T 248 -108.83 -33.30 -38.90
CA SER T 248 -107.58 -33.70 -39.52
C SER T 248 -106.39 -33.48 -38.59
N TRP T 249 -106.20 -32.25 -38.13
CA TRP T 249 -104.95 -31.86 -37.52
C TRP T 249 -104.71 -32.61 -36.20
N ALA T 250 -105.75 -32.67 -35.35
CA ALA T 250 -105.64 -33.24 -34.03
C ALA T 250 -105.36 -34.74 -34.10
N ILE T 251 -106.11 -35.43 -34.96
CA ILE T 251 -105.93 -36.86 -35.13
C ILE T 251 -104.55 -37.14 -35.73
N GLY T 252 -104.10 -36.26 -36.64
CA GLY T 252 -102.80 -36.37 -37.26
C GLY T 252 -101.67 -36.34 -36.24
N LEU T 253 -101.72 -35.32 -35.38
CA LEU T 253 -100.75 -35.14 -34.30
C LEU T 253 -100.81 -36.33 -33.35
N SER T 254 -102.05 -36.76 -33.02
CA SER T 254 -102.26 -37.87 -32.11
C SER T 254 -101.58 -39.14 -32.63
N VAL T 255 -101.72 -39.38 -33.94
CA VAL T 255 -101.17 -40.55 -34.61
C VAL T 255 -99.65 -40.49 -34.64
N ALA T 256 -99.09 -39.28 -34.88
CA ALA T 256 -97.64 -39.13 -34.90
C ALA T 256 -97.09 -39.36 -33.50
N ASP T 257 -97.89 -39.01 -32.50
CA ASP T 257 -97.54 -39.23 -31.11
C ASP T 257 -97.35 -40.73 -30.86
N LEU T 258 -98.29 -41.52 -31.35
CA LEU T 258 -98.25 -42.96 -31.18
C LEU T 258 -97.09 -43.54 -31.99
N ALA T 259 -96.92 -43.05 -33.23
CA ALA T 259 -95.86 -43.48 -34.11
C ALA T 259 -94.49 -43.25 -33.45
N GLU T 260 -94.35 -42.10 -32.77
CA GLU T 260 -93.11 -41.75 -32.10
C GLU T 260 -92.74 -42.80 -31.06
N SER T 261 -93.73 -43.19 -30.25
CA SER T 261 -93.51 -44.17 -29.20
C SER T 261 -93.14 -45.53 -29.77
N ILE T 262 -93.78 -45.89 -30.89
CA ILE T 262 -93.51 -47.18 -31.50
C ILE T 262 -92.10 -47.18 -32.12
N MET T 263 -91.81 -46.19 -32.97
CA MET T 263 -90.58 -46.14 -33.74
C MET T 263 -89.35 -46.00 -32.85
N LYS T 264 -89.48 -45.23 -31.76
CA LYS T 264 -88.34 -44.94 -30.90
C LYS T 264 -88.33 -45.85 -29.66
N ASN T 265 -89.28 -46.79 -29.58
CA ASN T 265 -89.37 -47.80 -28.52
C ASN T 265 -89.38 -47.13 -27.15
N LEU T 266 -90.20 -46.09 -26.98
CA LEU T 266 -90.17 -45.24 -25.80
C LEU T 266 -90.76 -45.95 -24.58
N ARG T 267 -91.73 -46.84 -24.79
CA ARG T 267 -92.47 -47.46 -23.68
C ARG T 267 -93.21 -46.40 -22.89
N ARG T 268 -93.79 -45.45 -23.63
CA ARG T 268 -94.73 -44.50 -23.04
C ARG T 268 -96.11 -45.14 -22.98
N VAL T 269 -96.96 -44.55 -22.13
CA VAL T 269 -98.30 -45.07 -21.92
C VAL T 269 -99.31 -44.21 -22.68
N HIS T 270 -100.11 -44.85 -23.53
CA HIS T 270 -101.12 -44.18 -24.35
C HIS T 270 -102.42 -44.97 -24.25
N PRO T 271 -103.59 -44.29 -24.25
CA PRO T 271 -104.87 -44.97 -24.29
C PRO T 271 -105.21 -45.33 -25.74
N VAL T 272 -105.03 -46.60 -26.10
CA VAL T 272 -105.15 -47.05 -27.49
C VAL T 272 -106.00 -48.31 -27.50
N SER T 273 -106.59 -48.64 -28.67
CA SER T 273 -107.50 -49.77 -28.79
C SER T 273 -106.72 -51.08 -28.80
N THR T 274 -107.09 -51.97 -27.89
CA THR T 274 -106.48 -53.28 -27.82
C THR T 274 -107.49 -54.25 -27.23
N MET T 275 -107.15 -55.54 -27.30
CA MET T 275 -108.05 -56.54 -26.78
C MET T 275 -108.02 -56.50 -25.25
N ILE T 276 -109.20 -56.36 -24.64
CA ILE T 276 -109.31 -56.24 -23.19
C ILE T 276 -110.03 -57.43 -22.56
N LYS T 277 -110.25 -58.49 -23.34
CA LYS T 277 -110.81 -59.73 -22.82
C LYS T 277 -110.05 -60.12 -21.54
N GLY T 278 -110.81 -60.44 -20.50
CA GLY T 278 -110.26 -60.85 -19.20
C GLY T 278 -110.13 -59.70 -18.19
N LEU T 279 -110.34 -58.46 -18.63
CA LEU T 279 -110.29 -57.31 -17.73
C LEU T 279 -111.69 -56.76 -17.51
N TYR T 280 -111.95 -56.30 -16.28
CA TYR T 280 -113.20 -55.66 -15.90
C TYR T 280 -114.41 -56.54 -16.24
N GLY T 281 -114.20 -57.85 -16.19
CA GLY T 281 -115.28 -58.83 -16.35
C GLY T 281 -115.77 -58.95 -17.80
N ILE T 282 -114.99 -58.41 -18.74
CA ILE T 282 -115.29 -58.58 -20.15
C ILE T 282 -114.78 -59.95 -20.57
N LYS T 283 -115.61 -60.73 -21.23
CA LYS T 283 -115.32 -62.13 -21.53
C LYS T 283 -115.16 -62.36 -23.03
N ASP T 284 -115.45 -61.34 -23.85
CA ASP T 284 -115.45 -61.49 -25.29
C ASP T 284 -114.24 -60.78 -25.89
N ASP T 285 -114.07 -60.97 -27.21
CA ASP T 285 -112.92 -60.45 -27.93
C ASP T 285 -113.13 -58.98 -28.26
N VAL T 286 -113.41 -58.15 -27.25
CA VAL T 286 -113.70 -56.76 -27.47
C VAL T 286 -112.38 -55.99 -27.51
N PHE T 287 -112.27 -55.08 -28.47
CA PHE T 287 -111.17 -54.11 -28.45
C PHE T 287 -111.72 -52.76 -27.99
N LEU T 288 -111.04 -52.15 -27.02
CA LEU T 288 -111.27 -50.75 -26.72
C LEU T 288 -110.03 -50.16 -26.08
N SER T 289 -110.11 -48.87 -25.75
CA SER T 289 -108.96 -48.13 -25.27
C SER T 289 -108.78 -48.33 -23.77
N VAL T 290 -107.58 -48.81 -23.39
CA VAL T 290 -107.06 -48.77 -22.04
C VAL T 290 -105.63 -48.23 -22.15
N PRO T 291 -105.01 -47.74 -21.06
CA PRO T 291 -103.62 -47.27 -21.13
C PRO T 291 -102.69 -48.45 -21.41
N CYS T 292 -101.92 -48.33 -22.49
CA CYS T 292 -101.01 -49.37 -22.91
C CYS T 292 -99.59 -48.82 -23.01
N ILE T 293 -98.61 -49.70 -22.76
CA ILE T 293 -97.21 -49.37 -22.95
C ILE T 293 -96.86 -49.66 -24.40
N LEU T 294 -96.44 -48.60 -25.11
CA LEU T 294 -96.19 -48.71 -26.57
C LEU T 294 -94.70 -48.61 -26.90
N GLY T 295 -94.17 -49.60 -27.61
CA GLY T 295 -92.81 -49.64 -28.05
C GLY T 295 -92.67 -50.33 -29.39
N GLN T 296 -91.46 -50.81 -29.67
CA GLN T 296 -91.09 -51.32 -30.98
C GLN T 296 -91.80 -52.64 -31.30
N ASN T 297 -92.41 -53.29 -30.30
CA ASN T 297 -93.20 -54.48 -30.55
C ASN T 297 -94.69 -54.16 -30.45
N GLY T 298 -95.02 -52.87 -30.50
CA GLY T 298 -96.39 -52.42 -30.34
C GLY T 298 -96.78 -52.35 -28.86
N ILE T 299 -97.93 -52.96 -28.54
CA ILE T 299 -98.43 -52.95 -27.18
C ILE T 299 -97.81 -54.13 -26.44
N SER T 300 -96.86 -53.84 -25.55
CA SER T 300 -96.20 -54.87 -24.78
C SER T 300 -96.94 -55.15 -23.48
N ASP T 301 -97.69 -54.16 -22.99
CA ASP T 301 -98.30 -54.21 -21.67
C ASP T 301 -99.52 -53.31 -21.62
N LEU T 302 -100.47 -53.66 -20.73
CA LEU T 302 -101.61 -52.82 -20.38
C LEU T 302 -101.43 -52.35 -18.94
N VAL T 303 -101.85 -51.12 -18.67
CA VAL T 303 -102.03 -50.68 -17.30
C VAL T 303 -103.44 -51.08 -16.90
N LYS T 304 -103.55 -51.76 -15.74
CA LYS T 304 -104.84 -52.13 -15.20
C LYS T 304 -105.34 -51.00 -14.32
N VAL T 305 -106.01 -50.03 -14.95
CA VAL T 305 -106.49 -48.86 -14.22
C VAL T 305 -107.54 -49.32 -13.22
N THR T 306 -107.47 -48.75 -12.00
CA THR T 306 -108.53 -48.92 -11.03
C THR T 306 -109.66 -47.95 -11.34
N LEU T 307 -110.87 -48.50 -11.46
CA LEU T 307 -112.06 -47.74 -11.81
C LEU T 307 -113.05 -47.75 -10.66
N THR T 308 -113.74 -46.64 -10.45
CA THR T 308 -114.92 -46.66 -9.59
C THR T 308 -115.92 -47.62 -10.21
N SER T 309 -116.82 -48.17 -9.39
CA SER T 309 -117.84 -49.09 -9.87
C SER T 309 -118.64 -48.50 -11.03
N GLU T 310 -118.85 -47.17 -10.99
CA GLU T 310 -119.58 -46.51 -12.06
C GLU T 310 -118.71 -46.40 -13.31
N GLU T 311 -117.46 -45.98 -13.13
CA GLU T 311 -116.50 -45.90 -14.22
C GLU T 311 -116.38 -47.29 -14.87
N GLU T 312 -116.36 -48.34 -14.05
CA GLU T 312 -116.28 -49.70 -14.57
C GLU T 312 -117.58 -50.09 -15.27
N ALA T 313 -118.71 -49.65 -14.73
CA ALA T 313 -120.00 -49.91 -15.33
C ALA T 313 -120.08 -49.30 -16.73
N ARG T 314 -119.58 -48.06 -16.86
CA ARG T 314 -119.57 -47.32 -18.13
C ARG T 314 -118.69 -48.04 -19.16
N LEU T 315 -117.56 -48.59 -18.69
CA LEU T 315 -116.62 -49.31 -19.55
C LEU T 315 -117.21 -50.64 -20.02
N LYS T 316 -117.97 -51.31 -19.14
CA LYS T 316 -118.63 -52.56 -19.50
C LYS T 316 -119.74 -52.27 -20.52
N LYS T 317 -120.39 -51.10 -20.37
CA LYS T 317 -121.43 -50.65 -21.29
C LYS T 317 -120.83 -50.38 -22.68
N SER T 318 -119.66 -49.74 -22.69
CA SER T 318 -118.91 -49.46 -23.91
C SER T 318 -118.57 -50.79 -24.58
N ALA T 319 -118.09 -51.74 -23.76
CA ALA T 319 -117.71 -53.06 -24.25
C ALA T 319 -118.89 -53.75 -24.90
N ASP T 320 -120.07 -53.68 -24.25
CA ASP T 320 -121.27 -54.33 -24.74
C ASP T 320 -121.69 -53.75 -26.09
N THR T 321 -121.74 -52.43 -26.17
CA THR T 321 -122.09 -51.73 -27.41
C THR T 321 -121.23 -52.28 -28.55
N LEU T 322 -119.91 -52.33 -28.31
CA LEU T 322 -118.96 -52.70 -29.33
C LEU T 322 -119.11 -54.16 -29.71
N TRP T 323 -119.26 -55.01 -28.68
CA TRP T 323 -119.39 -56.44 -28.90
C TRP T 323 -120.66 -56.75 -29.67
N GLY T 324 -121.72 -55.99 -29.39
CA GLY T 324 -122.98 -56.13 -30.09
C GLY T 324 -122.79 -56.04 -31.60
N ILE T 325 -121.94 -55.11 -32.04
CA ILE T 325 -121.73 -54.94 -33.46
C ILE T 325 -120.73 -55.98 -33.97
N GLN T 326 -119.71 -56.26 -33.16
CA GLN T 326 -118.62 -57.13 -33.54
C GLN T 326 -119.14 -58.54 -33.82
N LYS T 327 -120.07 -59.01 -32.99
CA LYS T 327 -120.58 -60.38 -33.09
C LYS T 327 -121.29 -60.59 -34.42
N GLU T 328 -121.82 -59.52 -35.01
CA GLU T 328 -122.61 -59.67 -36.22
C GLU T 328 -121.75 -59.70 -37.48
N LEU T 329 -120.46 -59.46 -37.32
CA LEU T 329 -119.54 -59.31 -38.46
C LEU T 329 -119.12 -60.70 -38.90
N GLN T 330 -119.01 -60.86 -40.23
CA GLN T 330 -118.77 -62.16 -40.85
C GLN T 330 -117.52 -62.05 -41.72
N PHE T 331 -116.41 -61.72 -41.14
CA PHE T 331 -115.18 -61.39 -41.83
C PHE T 331 -114.71 -62.54 -42.73
N ALA U 1 33.15 -16.94 24.46
CA ALA U 1 34.07 -16.43 23.42
C ALA U 1 33.70 -15.00 23.03
N THR U 2 34.67 -14.30 22.43
CA THR U 2 34.49 -12.94 21.94
C THR U 2 33.58 -12.95 20.70
N LEU U 3 33.04 -11.77 20.34
CA LEU U 3 32.22 -11.62 19.15
C LEU U 3 33.02 -12.02 17.91
N LYS U 4 34.29 -11.60 17.86
CA LYS U 4 35.18 -11.90 16.74
C LYS U 4 35.28 -13.42 16.55
N ASP U 5 35.43 -14.15 17.66
CA ASP U 5 35.57 -15.61 17.63
C ASP U 5 34.26 -16.31 17.28
N GLN U 6 33.14 -15.75 17.74
CA GLN U 6 31.83 -16.27 17.40
C GLN U 6 31.58 -16.13 15.89
N LEU U 7 32.10 -15.05 15.31
CA LEU U 7 31.79 -14.71 13.93
C LEU U 7 32.78 -15.36 12.97
N ILE U 8 34.06 -15.42 13.38
CA ILE U 8 35.14 -15.76 12.47
C ILE U 8 35.92 -16.95 13.00
N TYR U 9 36.00 -17.99 12.17
CA TYR U 9 36.83 -19.15 12.44
C TYR U 9 38.12 -18.96 11.64
N ASN U 10 39.24 -19.13 12.33
CA ASN U 10 40.59 -18.95 11.80
C ASN U 10 41.11 -20.27 11.23
N LEU U 11 41.61 -20.23 9.99
CA LEU U 11 42.30 -21.34 9.37
C LEU U 11 43.81 -21.21 9.56
N LEU U 12 44.31 -19.99 9.54
CA LEU U 12 45.63 -19.64 9.15
C LEU U 12 46.26 -18.70 10.19
N LYS U 13 47.56 -18.89 10.38
CA LYS U 13 48.37 -18.91 11.60
C LYS U 13 49.67 -18.16 11.36
N GLU U 14 50.46 -18.58 10.34
CA GLU U 14 51.71 -17.93 10.01
C GLU U 14 51.91 -17.83 8.49
N GLU U 15 51.86 -16.62 7.94
CA GLU U 15 52.47 -16.18 6.68
C GLU U 15 52.19 -14.69 6.52
N GLN U 16 52.75 -14.11 5.48
CA GLN U 16 52.56 -12.72 5.11
C GLN U 16 53.19 -12.45 3.75
N THR U 17 53.50 -11.15 3.58
CA THR U 17 54.39 -10.47 2.64
C THR U 17 53.66 -9.69 1.53
N PRO U 18 53.88 -8.36 1.42
CA PRO U 18 53.25 -7.57 0.35
C PRO U 18 53.84 -7.96 -1.01
N GLN U 19 52.99 -7.94 -2.02
CA GLN U 19 53.37 -8.36 -3.35
C GLN U 19 53.70 -7.15 -4.22
N ASN U 20 53.10 -5.98 -3.88
CA ASN U 20 53.17 -4.81 -4.74
C ASN U 20 53.27 -3.56 -3.89
N LYS U 21 54.29 -3.52 -3.03
CA LYS U 21 54.40 -2.48 -2.02
C LYS U 21 55.18 -1.29 -2.55
N ILE U 22 54.66 -0.10 -2.26
CA ILE U 22 55.34 1.15 -2.58
C ILE U 22 55.58 1.92 -1.27
N THR U 23 56.80 2.44 -1.14
CA THR U 23 57.16 3.32 -0.04
C THR U 23 57.37 4.72 -0.57
N VAL U 24 56.80 5.70 0.14
CA VAL U 24 57.11 7.10 -0.09
C VAL U 24 57.85 7.63 1.14
N VAL U 25 59.10 8.07 0.92
CA VAL U 25 59.91 8.70 1.95
C VAL U 25 59.73 10.20 1.83
N GLY U 26 59.31 10.84 2.93
CA GLY U 26 58.99 12.26 2.95
C GLY U 26 57.48 12.49 2.80
N VAL U 27 56.85 13.10 3.81
CA VAL U 27 55.42 13.37 3.76
C VAL U 27 55.15 14.87 3.71
N GLY U 28 56.06 15.59 3.02
CA GLY U 28 55.83 16.95 2.60
C GLY U 28 54.76 16.99 1.50
N ALA U 29 54.46 18.18 0.98
CA ALA U 29 53.38 18.31 0.00
C ALA U 29 53.61 17.39 -1.19
N VAL U 30 54.88 17.24 -1.59
CA VAL U 30 55.25 16.44 -2.74
C VAL U 30 55.00 14.96 -2.43
N GLY U 31 55.50 14.50 -1.29
CA GLY U 31 55.36 13.12 -0.86
C GLY U 31 53.90 12.70 -0.81
N MET U 32 53.05 13.58 -0.27
CA MET U 32 51.66 13.24 -0.06
C MET U 32 50.87 13.30 -1.38
N ALA U 33 51.31 14.17 -2.31
CA ALA U 33 50.71 14.20 -3.64
C ALA U 33 51.06 12.93 -4.41
N CYS U 34 52.28 12.42 -4.21
CA CYS U 34 52.68 11.14 -4.76
C CYS U 34 51.82 10.04 -4.17
N ALA U 35 51.63 10.07 -2.84
CA ALA U 35 50.85 9.08 -2.11
C ALA U 35 49.41 9.02 -2.63
N ILE U 36 48.71 10.16 -2.67
CA ILE U 36 47.31 10.19 -3.06
C ILE U 36 47.16 9.72 -4.51
N SER U 37 48.09 10.14 -5.37
CA SER U 37 48.07 9.83 -6.78
C SER U 37 48.23 8.32 -6.99
N ILE U 38 49.16 7.73 -6.23
CA ILE U 38 49.41 6.30 -6.30
C ILE U 38 48.21 5.54 -5.72
N LEU U 39 47.64 6.03 -4.63
CA LEU U 39 46.50 5.37 -4.01
C LEU U 39 45.32 5.34 -4.98
N MET U 40 45.14 6.40 -5.75
CA MET U 40 43.96 6.48 -6.58
C MET U 40 44.18 5.80 -7.93
N LYS U 41 45.41 5.38 -8.22
CA LYS U 41 45.67 4.66 -9.46
C LYS U 41 45.83 3.15 -9.22
N ASP U 42 45.64 2.73 -7.96
CA ASP U 42 45.63 1.34 -7.53
C ASP U 42 46.95 0.63 -7.86
N LEU U 43 48.08 1.32 -7.68
CA LEU U 43 49.36 0.77 -8.10
C LEU U 43 49.97 -0.13 -7.02
N ALA U 44 49.43 -0.08 -5.81
CA ALA U 44 50.05 -0.73 -4.66
C ALA U 44 49.05 -1.52 -3.83
N ASP U 45 49.49 -2.66 -3.29
CA ASP U 45 48.70 -3.43 -2.34
C ASP U 45 49.40 -3.31 -1.02
N GLU U 46 50.16 -2.25 -0.77
CA GLU U 46 50.56 -1.73 0.53
C GLU U 46 51.34 -0.43 0.25
N LEU U 47 50.99 0.64 0.98
CA LEU U 47 51.70 1.90 0.94
C LEU U 47 52.31 2.16 2.31
N ALA U 48 53.63 2.43 2.30
CA ALA U 48 54.34 2.82 3.51
C ALA U 48 54.80 4.26 3.37
N LEU U 49 54.61 5.06 4.43
CA LEU U 49 55.14 6.41 4.49
C LEU U 49 56.20 6.46 5.57
N VAL U 50 57.32 7.13 5.27
CA VAL U 50 58.36 7.37 6.26
C VAL U 50 58.75 8.84 6.26
N ASP U 51 58.97 9.37 7.47
CA ASP U 51 59.52 10.71 7.67
C ASP U 51 60.20 10.76 9.03
N VAL U 52 60.74 11.93 9.37
CA VAL U 52 61.37 12.13 10.67
C VAL U 52 60.42 12.84 11.63
N ILE U 53 59.48 13.60 11.09
CA ILE U 53 58.50 14.34 11.86
C ILE U 53 57.36 13.38 12.19
N GLU U 54 57.27 12.98 13.46
CA GLU U 54 56.47 11.83 13.85
C GLU U 54 54.99 12.20 13.90
N ASP U 55 54.68 13.42 14.36
CA ASP U 55 53.30 13.87 14.46
C ASP U 55 52.66 13.99 13.09
N LYS U 56 53.36 14.69 12.18
CA LYS U 56 52.88 14.92 10.81
C LYS U 56 52.68 13.57 10.11
N LEU U 57 53.64 12.66 10.32
CA LEU U 57 53.67 11.36 9.68
C LEU U 57 52.43 10.57 10.05
N LYS U 58 52.15 10.47 11.36
CA LYS U 58 51.01 9.72 11.86
C LYS U 58 49.71 10.35 11.36
N GLY U 59 49.65 11.69 11.34
CA GLY U 59 48.46 12.39 10.92
C GLY U 59 48.11 12.11 9.46
N GLU U 60 49.13 12.15 8.60
CA GLU U 60 48.99 11.89 7.17
C GLU U 60 48.49 10.48 6.95
N MET U 61 49.16 9.50 7.58
CA MET U 61 48.78 8.10 7.50
C MET U 61 47.30 7.95 7.86
N MET U 62 46.90 8.48 9.03
CA MET U 62 45.54 8.38 9.51
C MET U 62 44.54 9.00 8.53
N ASP U 63 44.87 10.15 7.94
CA ASP U 63 43.96 10.82 7.03
C ASP U 63 43.68 9.92 5.83
N LEU U 64 44.75 9.30 5.29
CA LEU U 64 44.61 8.39 4.18
C LEU U 64 43.80 7.16 4.60
N GLN U 65 44.11 6.64 5.79
CA GLN U 65 43.44 5.44 6.31
C GLN U 65 41.93 5.65 6.43
N HIS U 66 41.52 6.86 6.82
CA HIS U 66 40.10 7.12 7.01
C HIS U 66 39.34 7.07 5.69
N GLY U 67 40.07 7.18 4.58
CA GLY U 67 39.46 7.14 3.27
C GLY U 67 39.53 5.76 2.62
N SER U 68 39.88 4.73 3.40
CA SER U 68 40.14 3.39 2.91
C SER U 68 38.94 2.82 2.16
N LEU U 69 37.74 3.21 2.60
CA LEU U 69 36.50 2.75 1.98
C LEU U 69 36.51 3.08 0.49
N PHE U 70 37.20 4.16 0.11
CA PHE U 70 37.14 4.69 -1.25
C PHE U 70 38.39 4.35 -2.04
N LEU U 71 39.27 3.53 -1.45
CA LEU U 71 40.49 3.12 -2.12
C LEU U 71 40.51 1.60 -2.29
N ARG U 72 41.53 1.13 -3.02
CA ARG U 72 41.72 -0.29 -3.23
C ARG U 72 43.16 -0.65 -2.84
N THR U 73 43.70 0.08 -1.88
CA THR U 73 44.98 -0.25 -1.27
C THR U 73 44.71 -0.60 0.18
N PRO U 74 44.73 -1.90 0.54
CA PRO U 74 44.23 -2.34 1.85
C PRO U 74 45.13 -2.05 3.05
N LYS U 75 46.41 -1.79 2.80
CA LYS U 75 47.33 -1.58 3.90
C LYS U 75 48.11 -0.28 3.71
N ILE U 76 47.90 0.66 4.64
CA ILE U 76 48.65 1.90 4.70
C ILE U 76 49.34 1.93 6.06
N VAL U 77 50.67 2.04 6.04
CA VAL U 77 51.47 2.09 7.25
C VAL U 77 52.41 3.28 7.20
N SER U 78 52.86 3.72 8.38
CA SER U 78 53.87 4.74 8.50
C SER U 78 54.75 4.47 9.71
N GLY U 79 55.93 5.11 9.73
CA GLY U 79 56.86 4.99 10.83
C GLY U 79 58.14 5.76 10.55
N LYS U 80 58.79 6.22 11.63
CA LYS U 80 60.14 6.75 11.58
C LYS U 80 61.11 5.64 11.24
N ASP U 81 60.80 4.43 11.70
CA ASP U 81 61.66 3.27 11.52
C ASP U 81 61.44 2.73 10.11
N TYR U 82 62.54 2.45 9.41
CA TYR U 82 62.48 1.98 8.03
C TYR U 82 62.01 0.53 7.89
N ASN U 83 61.72 -0.11 9.02
CA ASN U 83 61.24 -1.49 8.94
C ASN U 83 59.83 -1.54 8.37
N VAL U 84 59.11 -0.41 8.40
CA VAL U 84 57.78 -0.33 7.81
C VAL U 84 57.89 -0.38 6.28
N THR U 85 59.12 -0.28 5.77
CA THR U 85 59.42 -0.12 4.35
C THR U 85 59.73 -1.47 3.70
N ALA U 86 59.77 -2.55 4.50
CA ALA U 86 60.32 -3.82 4.06
C ALA U 86 59.57 -4.38 2.87
N ASN U 87 60.33 -4.94 1.91
CA ASN U 87 59.83 -5.64 0.73
C ASN U 87 59.06 -4.69 -0.19
N SER U 88 59.51 -3.45 -0.29
CA SER U 88 58.97 -2.54 -1.29
C SER U 88 59.48 -2.92 -2.67
N LYS U 89 58.59 -2.84 -3.67
CA LYS U 89 58.99 -2.97 -5.06
C LYS U 89 59.60 -1.65 -5.53
N LEU U 90 59.03 -0.56 -5.02
CA LEU U 90 59.39 0.79 -5.46
C LEU U 90 59.42 1.69 -4.22
N VAL U 91 60.53 2.42 -4.08
CA VAL U 91 60.71 3.37 -3.00
C VAL U 91 60.91 4.75 -3.61
N ILE U 92 60.02 5.69 -3.28
CA ILE U 92 60.06 7.03 -3.82
C ILE U 92 60.59 7.99 -2.76
N ILE U 93 61.73 8.64 -3.05
CA ILE U 93 62.36 9.55 -2.12
C ILE U 93 61.94 10.98 -2.45
N THR U 94 61.22 11.62 -1.53
CA THR U 94 60.79 13.01 -1.70
C THR U 94 61.30 13.85 -0.53
N ALA U 95 62.09 13.24 0.35
CA ALA U 95 62.54 13.93 1.56
C ALA U 95 63.72 14.83 1.24
N GLY U 96 63.90 15.86 2.07
CA GLY U 96 65.01 16.79 1.90
C GLY U 96 64.53 18.23 1.93
N ALA U 97 65.47 19.15 1.72
CA ALA U 97 65.15 20.56 1.55
C ALA U 97 64.61 20.78 0.15
N ARG U 98 63.69 21.72 0.00
CA ARG U 98 63.18 22.10 -1.31
C ARG U 98 63.45 23.60 -1.52
N GLN U 99 63.42 24.02 -2.78
CA GLN U 99 63.85 25.36 -3.11
C GLN U 99 62.78 26.39 -2.70
N GLN U 100 63.27 27.52 -2.24
CA GLN U 100 62.44 28.69 -2.02
C GLN U 100 62.31 29.46 -3.32
N GLU U 101 61.45 30.46 -3.24
CA GLU U 101 61.23 31.47 -4.28
C GLU U 101 62.21 31.44 -5.45
N GLY U 102 63.28 32.25 -5.42
CA GLY U 102 64.19 32.38 -6.54
C GLY U 102 65.36 31.39 -6.45
N GLU U 103 65.26 30.33 -5.65
CA GLU U 103 66.39 29.49 -5.32
C GLU U 103 66.53 28.34 -6.33
N SER U 104 67.74 28.21 -6.89
CA SER U 104 68.08 27.12 -7.80
C SER U 104 68.10 25.81 -6.98
N ARG U 105 67.57 24.76 -7.63
CA ARG U 105 67.58 23.43 -7.04
C ARG U 105 69.00 23.00 -6.73
N LEU U 106 69.99 23.50 -7.48
CA LEU U 106 71.38 23.09 -7.31
C LEU U 106 71.90 23.56 -5.94
N ASN U 107 71.19 24.51 -5.33
CA ASN U 107 71.58 25.09 -4.05
C ASN U 107 71.22 24.16 -2.89
N LEU U 108 70.44 23.11 -3.16
CA LEU U 108 69.99 22.17 -2.15
C LEU U 108 70.99 21.02 -1.99
N VAL U 109 72.10 21.03 -2.74
CA VAL U 109 72.81 19.79 -3.00
C VAL U 109 73.42 19.19 -1.73
N GLN U 110 74.16 20.01 -0.97
CA GLN U 110 74.91 19.45 0.13
C GLN U 110 73.99 19.04 1.26
N ARG U 111 72.92 19.83 1.47
CA ARG U 111 71.96 19.52 2.52
C ARG U 111 71.30 18.17 2.24
N ASN U 112 70.90 17.97 0.97
CA ASN U 112 70.15 16.78 0.62
C ASN U 112 71.08 15.58 0.44
N VAL U 113 72.35 15.81 0.08
CA VAL U 113 73.30 14.72 0.01
C VAL U 113 73.47 14.15 1.42
N ASN U 114 73.56 15.04 2.42
CA ASN U 114 73.71 14.61 3.79
C ASN U 114 72.52 13.77 4.22
N ILE U 115 71.31 14.19 3.83
CA ILE U 115 70.07 13.50 4.16
C ILE U 115 70.07 12.11 3.55
N PHE U 116 70.52 12.01 2.29
CA PHE U 116 70.53 10.78 1.52
C PHE U 116 71.48 9.76 2.14
N LYS U 117 72.55 10.24 2.78
CA LYS U 117 73.50 9.38 3.48
C LYS U 117 72.82 8.58 4.59
N PHE U 118 71.70 9.11 5.11
CA PHE U 118 70.94 8.42 6.14
C PHE U 118 69.86 7.56 5.50
N ILE U 119 69.16 8.14 4.52
CA ILE U 119 67.94 7.56 3.98
C ILE U 119 68.27 6.31 3.15
N ILE U 120 69.22 6.44 2.22
CA ILE U 120 69.39 5.45 1.17
C ILE U 120 69.81 4.10 1.76
N PRO U 121 70.82 4.02 2.66
CA PRO U 121 71.21 2.75 3.27
C PRO U 121 70.09 2.05 4.04
N ASN U 122 69.20 2.86 4.64
CA ASN U 122 68.08 2.33 5.39
C ASN U 122 67.03 1.73 4.46
N VAL U 123 66.77 2.41 3.33
CA VAL U 123 65.85 1.92 2.32
C VAL U 123 66.36 0.58 1.79
N VAL U 124 67.67 0.54 1.47
CA VAL U 124 68.30 -0.61 0.84
C VAL U 124 68.31 -1.79 1.81
N LYS U 125 68.52 -1.50 3.10
CA LYS U 125 68.52 -2.51 4.13
C LYS U 125 67.24 -3.36 4.06
N TYR U 126 66.08 -2.70 3.94
CA TYR U 126 64.79 -3.36 4.11
C TYR U 126 64.14 -3.76 2.78
N SER U 127 64.56 -3.15 1.67
CA SER U 127 64.06 -3.48 0.34
C SER U 127 65.23 -3.54 -0.64
N PRO U 128 66.13 -4.55 -0.53
CA PRO U 128 67.32 -4.59 -1.37
C PRO U 128 67.06 -4.72 -2.87
N ASN U 129 65.86 -5.17 -3.23
CA ASN U 129 65.55 -5.46 -4.63
C ASN U 129 64.60 -4.42 -5.20
N CYS U 130 64.41 -3.31 -4.49
CA CYS U 130 63.47 -2.31 -4.93
C CYS U 130 64.05 -1.52 -6.09
N LYS U 131 63.18 -0.77 -6.78
CA LYS U 131 63.61 0.32 -7.62
C LYS U 131 63.54 1.59 -6.78
N LEU U 132 64.56 2.43 -6.94
CA LEU U 132 64.62 3.72 -6.27
C LEU U 132 64.17 4.79 -7.26
N LEU U 133 63.12 5.54 -6.92
CA LEU U 133 62.71 6.68 -7.71
C LEU U 133 62.99 7.94 -6.91
N ILE U 134 63.97 8.73 -7.37
CA ILE U 134 64.41 9.93 -6.67
C ILE U 134 63.61 11.12 -7.18
N VAL U 135 63.02 11.89 -6.25
CA VAL U 135 62.22 13.05 -6.61
C VAL U 135 62.85 14.31 -6.01
N SER U 136 63.56 14.14 -4.88
CA SER U 136 64.26 15.21 -4.18
C SER U 136 65.23 15.91 -5.13
N ASN U 137 65.43 17.22 -4.89
CA ASN U 137 66.19 18.06 -5.79
C ASN U 137 67.57 18.37 -5.20
N PRO U 138 68.61 18.64 -6.01
CA PRO U 138 68.53 18.52 -7.47
C PRO U 138 68.51 17.06 -7.89
N VAL U 139 67.44 16.67 -8.58
CA VAL U 139 67.10 15.26 -8.78
C VAL U 139 68.20 14.55 -9.57
N ASP U 140 68.86 15.26 -10.48
CA ASP U 140 69.81 14.60 -11.38
C ASP U 140 71.06 14.19 -10.59
N ILE U 141 71.55 15.13 -9.77
CA ILE U 141 72.70 14.86 -8.92
C ILE U 141 72.31 13.85 -7.83
N LEU U 142 71.13 14.01 -7.23
CA LEU U 142 70.72 13.14 -6.15
C LEU U 142 70.43 11.72 -6.63
N THR U 143 70.10 11.56 -7.92
CA THR U 143 69.95 10.23 -8.49
C THR U 143 71.30 9.53 -8.51
N TYR U 144 72.32 10.28 -8.93
CA TYR U 144 73.70 9.82 -8.94
C TYR U 144 74.11 9.46 -7.51
N VAL U 145 73.76 10.31 -6.55
CA VAL U 145 74.11 10.08 -5.15
C VAL U 145 73.45 8.79 -4.66
N ALA U 146 72.14 8.64 -4.91
CA ALA U 146 71.42 7.46 -4.49
C ALA U 146 72.05 6.21 -5.13
N TRP U 147 72.60 6.35 -6.34
CA TRP U 147 73.21 5.25 -7.05
C TRP U 147 74.51 4.84 -6.38
N LYS U 148 75.35 5.83 -6.07
CA LYS U 148 76.62 5.61 -5.39
C LYS U 148 76.39 5.00 -4.01
N ILE U 149 75.42 5.56 -3.26
CA ILE U 149 75.22 5.14 -1.87
C ILE U 149 74.62 3.74 -1.82
N SER U 150 73.57 3.50 -2.62
CA SER U 150 72.82 2.25 -2.59
C SER U 150 73.65 1.05 -3.04
N GLY U 151 74.52 1.27 -4.03
CA GLY U 151 75.27 0.20 -4.66
C GLY U 151 74.44 -0.60 -5.66
N PHE U 152 73.25 -0.08 -5.98
CA PHE U 152 72.33 -0.70 -6.91
C PHE U 152 72.89 -0.61 -8.33
N PRO U 153 72.49 -1.53 -9.23
CA PRO U 153 72.77 -1.36 -10.66
C PRO U 153 71.99 -0.13 -11.12
N LYS U 154 72.47 0.51 -12.19
CA LYS U 154 71.97 1.82 -12.58
C LYS U 154 70.52 1.75 -13.06
N ASN U 155 70.07 0.57 -13.47
CA ASN U 155 68.71 0.41 -13.96
C ASN U 155 67.68 0.57 -12.84
N ARG U 156 68.12 0.38 -11.58
CA ARG U 156 67.20 0.43 -10.45
C ARG U 156 67.29 1.75 -9.69
N VAL U 157 67.94 2.76 -10.28
CA VAL U 157 67.98 4.09 -9.68
C VAL U 157 67.53 5.10 -10.73
N ILE U 158 66.34 5.66 -10.52
CA ILE U 158 65.64 6.48 -11.50
C ILE U 158 65.33 7.83 -10.86
N GLY U 159 65.69 8.93 -11.53
CA GLY U 159 65.28 10.25 -11.07
C GLY U 159 64.05 10.71 -11.84
N SER U 160 63.10 11.34 -11.15
CA SER U 160 61.87 11.80 -11.78
C SER U 160 62.19 12.72 -12.96
N GLY U 161 63.34 13.41 -12.86
CA GLY U 161 63.95 14.10 -13.99
C GLY U 161 62.99 15.06 -14.68
N CYS U 162 62.96 14.97 -16.01
CA CYS U 162 62.22 15.92 -16.83
C CYS U 162 60.85 15.38 -17.25
N ASN U 163 60.36 14.33 -16.58
CA ASN U 163 59.03 13.81 -16.86
C ASN U 163 58.02 14.94 -16.69
N LEU U 164 58.20 15.74 -15.63
CA LEU U 164 57.29 16.85 -15.35
C LEU U 164 57.53 18.00 -16.32
N ASP U 165 58.79 18.30 -16.63
CA ASP U 165 59.13 19.38 -17.55
C ASP U 165 58.48 19.12 -18.91
N SER U 166 58.56 17.88 -19.37
CA SER U 166 57.97 17.49 -20.64
C SER U 166 56.45 17.61 -20.59
N ALA U 167 55.87 17.24 -19.43
CA ALA U 167 54.43 17.32 -19.21
C ALA U 167 53.97 18.79 -19.29
N ARG U 168 54.72 19.68 -18.65
CA ARG U 168 54.46 21.11 -18.69
C ARG U 168 54.57 21.60 -20.13
N PHE U 169 55.64 21.19 -20.80
CA PHE U 169 55.91 21.58 -22.18
C PHE U 169 54.72 21.24 -23.07
N ARG U 170 54.23 20.01 -22.92
CA ARG U 170 53.13 19.53 -23.74
C ARG U 170 51.82 20.24 -23.37
N TYR U 171 51.68 20.62 -22.10
CA TYR U 171 50.51 21.37 -21.67
C TYR U 171 50.48 22.72 -22.40
N LEU U 172 51.61 23.42 -22.38
CA LEU U 172 51.74 24.74 -22.97
C LEU U 172 51.62 24.67 -24.50
N MET U 173 52.23 23.63 -25.08
CA MET U 173 52.11 23.36 -26.51
C MET U 173 50.63 23.24 -26.86
N GLY U 174 49.92 22.44 -26.07
CA GLY U 174 48.48 22.20 -26.27
C GLY U 174 47.65 23.47 -26.16
N GLU U 175 48.01 24.35 -25.22
CA GLU U 175 47.32 25.61 -25.00
C GLU U 175 47.40 26.45 -26.26
N ARG U 176 48.60 26.49 -26.87
CA ARG U 176 48.84 27.29 -28.06
C ARG U 176 48.09 26.71 -29.25
N LEU U 177 48.02 25.37 -29.36
CA LEU U 177 47.51 24.76 -30.57
C LEU U 177 46.01 24.43 -30.49
N GLY U 178 45.44 24.43 -29.28
CA GLY U 178 44.05 24.03 -29.07
C GLY U 178 43.87 22.52 -29.17
N VAL U 179 44.89 21.78 -28.70
CA VAL U 179 44.92 20.33 -28.75
C VAL U 179 45.22 19.82 -27.34
N HIS U 180 44.61 18.68 -26.98
CA HIS U 180 44.91 18.06 -25.71
C HIS U 180 46.40 17.72 -25.64
N PRO U 181 47.06 17.93 -24.49
CA PRO U 181 48.48 17.59 -24.36
C PRO U 181 48.82 16.18 -24.79
N LEU U 182 47.87 15.25 -24.69
CA LEU U 182 48.11 13.86 -25.05
C LEU U 182 48.48 13.77 -26.52
N SER U 183 47.94 14.69 -27.34
CA SER U 183 48.16 14.68 -28.78
C SER U 183 49.26 15.67 -29.21
N CYS U 184 49.89 16.34 -28.24
CA CYS U 184 51.01 17.23 -28.45
C CYS U 184 52.30 16.56 -27.98
N HIS U 185 53.28 16.42 -28.88
CA HIS U 185 54.50 15.69 -28.58
C HIS U 185 55.70 16.62 -28.64
N GLY U 186 56.65 16.39 -27.73
CA GLY U 186 57.78 17.28 -27.48
C GLY U 186 59.14 16.70 -27.28
N TRP U 187 59.70 16.87 -26.06
CA TRP U 187 60.69 16.37 -25.13
C TRP U 187 61.56 17.49 -24.59
N VAL U 188 61.60 17.61 -23.25
CA VAL U 188 62.56 18.45 -22.56
C VAL U 188 63.53 17.50 -21.86
N LEU U 189 64.82 17.61 -22.19
CA LEU U 189 65.83 16.68 -21.69
C LEU U 189 66.92 17.42 -20.90
N GLY U 190 67.84 16.66 -20.31
CA GLY U 190 68.95 17.23 -19.55
C GLY U 190 68.58 17.44 -18.08
N GLU U 191 69.01 18.57 -17.52
CA GLU U 191 68.78 18.91 -16.13
C GLU U 191 67.30 19.25 -15.94
N HIS U 192 66.71 18.69 -14.87
CA HIS U 192 65.46 19.19 -14.37
C HIS U 192 65.76 20.51 -13.67
N GLY U 193 65.77 21.58 -14.45
CA GLY U 193 66.20 22.87 -13.94
C GLY U 193 66.47 23.85 -15.08
N ASP U 194 67.32 24.83 -14.80
CA ASP U 194 67.50 26.00 -15.65
C ASP U 194 68.14 25.63 -16.99
N SER U 195 68.94 24.53 -17.01
CA SER U 195 69.68 24.16 -18.22
C SER U 195 68.98 23.05 -19.01
N SER U 196 67.66 22.91 -18.84
CA SER U 196 66.93 21.91 -19.60
C SER U 196 66.96 22.24 -21.10
N VAL U 197 66.88 21.19 -21.92
CA VAL U 197 67.02 21.30 -23.36
C VAL U 197 65.71 20.90 -24.04
N PRO U 198 65.00 21.83 -24.71
CA PRO U 198 63.81 21.49 -25.49
C PRO U 198 64.22 20.97 -26.86
N VAL U 199 63.71 19.80 -27.22
CA VAL U 199 64.07 19.15 -28.48
C VAL U 199 63.06 19.58 -29.54
N TRP U 200 63.35 20.75 -30.15
CA TRP U 200 62.49 21.34 -31.17
C TRP U 200 62.34 20.40 -32.37
N SER U 201 63.43 19.63 -32.66
CA SER U 201 63.44 18.74 -33.80
C SER U 201 62.37 17.64 -33.69
N GLY U 202 61.95 17.34 -32.45
CA GLY U 202 61.03 16.25 -32.17
C GLY U 202 59.56 16.68 -32.00
N MET U 203 59.34 17.99 -31.90
CA MET U 203 58.02 18.54 -31.62
C MET U 203 57.07 18.27 -32.77
N ASN U 204 55.91 17.67 -32.47
CA ASN U 204 54.98 17.31 -33.51
C ASN U 204 53.56 17.16 -32.98
N VAL U 205 52.59 17.32 -33.87
CA VAL U 205 51.20 16.95 -33.66
C VAL U 205 50.82 16.01 -34.78
N ALA U 206 50.22 14.87 -34.41
CA ALA U 206 49.75 13.87 -35.37
C ALA U 206 50.85 13.47 -36.34
N GLY U 207 52.11 13.49 -35.87
CA GLY U 207 53.25 13.04 -36.66
C GLY U 207 53.79 14.11 -37.60
N VAL U 208 53.18 15.31 -37.57
CA VAL U 208 53.59 16.36 -38.47
C VAL U 208 54.61 17.23 -37.75
N SER U 209 55.87 17.23 -38.19
CA SER U 209 56.93 18.00 -37.56
C SER U 209 56.67 19.49 -37.56
N LEU U 210 56.66 20.10 -36.38
CA LEU U 210 56.36 21.52 -36.24
C LEU U 210 57.54 22.35 -36.77
N LYS U 211 58.77 21.84 -36.63
CA LYS U 211 59.94 22.52 -37.12
C LYS U 211 59.95 22.54 -38.65
N THR U 212 59.41 21.48 -39.27
CA THR U 212 59.25 21.39 -40.72
C THR U 212 58.28 22.47 -41.19
N LEU U 213 57.16 22.61 -40.47
CA LEU U 213 56.13 23.59 -40.81
C LEU U 213 56.64 25.00 -40.57
N HIS U 214 57.51 25.15 -39.55
CA HIS U 214 57.90 26.46 -39.05
C HIS U 214 59.37 26.41 -38.65
N PRO U 215 60.30 26.59 -39.62
CA PRO U 215 61.72 26.41 -39.34
C PRO U 215 62.30 27.34 -38.28
N ASP U 216 61.63 28.46 -38.03
CA ASP U 216 62.07 29.40 -37.01
C ASP U 216 61.84 28.86 -35.60
N LEU U 217 61.03 27.80 -35.47
CA LEU U 217 60.64 27.23 -34.18
C LEU U 217 61.89 27.03 -33.31
N GLY U 218 61.89 27.65 -32.14
CA GLY U 218 62.96 27.46 -31.15
C GLY U 218 64.12 28.46 -31.25
N THR U 219 64.08 29.31 -32.28
CA THR U 219 65.15 30.28 -32.46
C THR U 219 64.67 31.64 -31.94
N ASP U 220 65.62 32.58 -31.81
CA ASP U 220 65.33 33.93 -31.38
C ASP U 220 64.58 34.71 -32.47
N LYS U 221 64.80 34.34 -33.72
CA LYS U 221 64.21 35.02 -34.86
C LYS U 221 62.72 34.73 -34.94
N ASP U 222 62.27 33.65 -34.29
CA ASP U 222 60.91 33.15 -34.32
C ASP U 222 59.89 34.24 -33.97
N LYS U 223 59.09 34.60 -34.96
CA LYS U 223 58.03 35.59 -34.83
C LYS U 223 57.00 35.16 -33.78
N GLU U 224 56.83 33.84 -33.64
CA GLU U 224 55.83 33.28 -32.75
C GLU U 224 56.38 33.03 -31.36
N GLN U 225 57.72 33.09 -31.23
CA GLN U 225 58.38 33.03 -29.94
C GLN U 225 58.10 31.71 -29.25
N TRP U 226 58.34 30.61 -29.95
CA TRP U 226 58.14 29.30 -29.33
C TRP U 226 59.17 29.03 -28.24
N LYS U 227 60.29 29.75 -28.29
CA LYS U 227 61.32 29.61 -27.27
C LYS U 227 60.76 29.93 -25.89
N GLU U 228 59.75 30.81 -25.86
CA GLU U 228 59.08 31.26 -24.66
C GLU U 228 58.33 30.11 -23.99
N VAL U 229 57.89 29.12 -24.77
CA VAL U 229 57.22 27.97 -24.19
C VAL U 229 58.21 27.22 -23.28
N HIS U 230 59.45 27.06 -23.74
CA HIS U 230 60.45 26.40 -22.91
C HIS U 230 60.81 27.28 -21.72
N LYS U 231 60.82 28.60 -21.93
CA LYS U 231 61.18 29.50 -20.85
C LYS U 231 60.16 29.38 -19.73
N GLN U 232 58.91 29.15 -20.13
CA GLN U 232 57.82 28.98 -19.18
C GLN U 232 57.96 27.65 -18.45
N VAL U 233 58.58 26.68 -19.11
CA VAL U 233 58.82 25.39 -18.49
C VAL U 233 59.84 25.53 -17.38
N VAL U 234 60.94 26.21 -17.67
CA VAL U 234 62.00 26.46 -16.71
C VAL U 234 61.46 27.24 -15.52
N GLU U 235 60.53 28.16 -15.79
CA GLU U 235 60.09 29.12 -14.80
C GLU U 235 58.85 28.64 -14.03
N SER U 236 58.25 27.51 -14.47
CA SER U 236 57.02 26.99 -13.89
C SER U 236 57.14 26.83 -12.39
N ALA U 237 58.15 26.05 -11.96
CA ALA U 237 58.35 25.73 -10.55
C ALA U 237 58.42 27.01 -9.72
N TYR U 238 59.19 27.97 -10.21
CA TYR U 238 59.40 29.21 -9.49
C TYR U 238 58.11 30.01 -9.44
N GLU U 239 57.34 29.99 -10.52
CA GLU U 239 56.12 30.79 -10.56
C GLU U 239 55.06 30.17 -9.66
N VAL U 240 54.95 28.84 -9.66
CA VAL U 240 53.99 28.19 -8.78
C VAL U 240 54.40 28.41 -7.33
N ILE U 241 55.71 28.27 -7.04
CA ILE U 241 56.24 28.51 -5.70
C ILE U 241 55.86 29.94 -5.27
N LYS U 242 56.09 30.90 -6.17
CA LYS U 242 55.77 32.29 -5.92
C LYS U 242 54.28 32.44 -5.59
N LEU U 243 53.42 31.68 -6.26
CA LEU U 243 51.98 31.90 -6.15
C LEU U 243 51.39 31.15 -4.96
N LYS U 244 51.83 29.91 -4.70
CA LYS U 244 51.19 29.08 -3.69
C LYS U 244 52.17 28.52 -2.65
N GLY U 245 53.46 28.79 -2.84
CA GLY U 245 54.46 28.46 -1.83
C GLY U 245 55.24 27.20 -2.14
N TYR U 246 54.67 26.32 -2.99
CA TYR U 246 55.31 25.06 -3.32
C TYR U 246 54.63 24.49 -4.55
N THR U 247 55.20 23.42 -5.13
CA THR U 247 54.49 22.64 -6.13
C THR U 247 54.21 21.27 -5.55
N SER U 248 53.07 20.68 -5.94
CA SER U 248 52.68 19.39 -5.38
C SER U 248 51.97 18.52 -6.42
N TRP U 249 50.88 19.04 -7.00
CA TRP U 249 49.97 18.18 -7.74
C TRP U 249 50.61 17.62 -9.00
N ALA U 250 51.31 18.48 -9.75
CA ALA U 250 51.90 18.10 -11.03
C ALA U 250 52.99 17.06 -10.85
N ILE U 251 53.88 17.31 -9.88
CA ILE U 251 54.98 16.39 -9.60
C ILE U 251 54.40 15.06 -9.08
N GLY U 252 53.33 15.14 -8.29
CA GLY U 252 52.67 13.97 -7.74
C GLY U 252 52.15 13.06 -8.85
N LEU U 253 51.42 13.65 -9.78
CA LEU U 253 50.86 12.94 -10.92
C LEU U 253 52.00 12.39 -11.79
N SER U 254 53.05 13.21 -11.98
CA SER U 254 54.19 12.80 -12.79
C SER U 254 54.84 11.55 -12.21
N VAL U 255 54.98 11.51 -10.88
CA VAL U 255 55.61 10.41 -10.16
C VAL U 255 54.73 9.16 -10.24
N ALA U 256 53.41 9.34 -10.14
CA ALA U 256 52.50 8.19 -10.23
C ALA U 256 52.55 7.62 -11.65
N ASP U 257 52.78 8.51 -12.62
CA ASP U 257 52.92 8.12 -14.01
C ASP U 257 54.10 7.17 -14.15
N LEU U 258 55.22 7.52 -13.53
CA LEU U 258 56.42 6.71 -13.58
C LEU U 258 56.20 5.41 -12.82
N ALA U 259 55.57 5.51 -11.65
CA ALA U 259 55.26 4.37 -10.80
C ALA U 259 54.40 3.36 -11.58
N GLU U 260 53.45 3.87 -12.36
CA GLU U 260 52.55 3.02 -13.13
C GLU U 260 53.35 2.17 -14.12
N SER U 261 54.28 2.81 -14.82
CA SER U 261 55.10 2.12 -15.81
C SER U 261 55.98 1.06 -15.16
N ILE U 262 56.52 1.38 -13.98
CA ILE U 262 57.38 0.45 -13.28
C ILE U 262 56.57 -0.75 -12.78
N MET U 263 55.50 -0.47 -12.02
CA MET U 263 54.73 -1.49 -11.34
C MET U 263 54.04 -2.44 -12.33
N LYS U 264 53.57 -1.90 -13.45
CA LYS U 264 52.82 -2.69 -14.43
C LYS U 264 53.69 -3.16 -15.58
N ASN U 265 55.01 -2.86 -15.52
CA ASN U 265 55.99 -3.31 -16.49
C ASN U 265 55.59 -2.92 -17.92
N LEU U 266 55.17 -1.66 -18.10
CA LEU U 266 54.56 -1.21 -19.33
C LEU U 266 55.59 -1.08 -20.47
N ARG U 267 56.84 -0.74 -20.13
CA ARG U 267 57.86 -0.45 -21.13
C ARG U 267 57.45 0.77 -21.95
N ARG U 268 56.89 1.76 -21.25
CA ARG U 268 56.66 3.07 -21.83
C ARG U 268 57.95 3.88 -21.76
N VAL U 269 57.99 4.93 -22.57
CA VAL U 269 59.16 5.79 -22.66
C VAL U 269 58.91 7.09 -21.88
N HIS U 270 59.80 7.40 -20.93
CA HIS U 270 59.70 8.59 -20.09
C HIS U 270 61.06 9.27 -20.05
N PRO U 271 61.12 10.61 -20.02
CA PRO U 271 62.37 11.33 -19.84
C PRO U 271 62.72 11.41 -18.36
N VAL U 272 63.66 10.56 -17.91
CA VAL U 272 63.95 10.39 -16.50
C VAL U 272 65.47 10.42 -16.33
N SER U 273 65.94 10.72 -15.10
CA SER U 273 67.36 10.87 -14.84
C SER U 273 68.03 9.52 -14.78
N THR U 274 69.07 9.37 -15.60
CA THR U 274 69.85 8.15 -15.61
C THR U 274 71.27 8.48 -16.05
N MET U 275 72.16 7.49 -15.91
CA MET U 275 73.54 7.72 -16.29
C MET U 275 73.65 7.73 -17.80
N ILE U 276 74.23 8.82 -18.35
CA ILE U 276 74.33 9.01 -19.79
C ILE U 276 75.78 8.98 -20.28
N LYS U 277 76.70 8.57 -19.40
CA LYS U 277 78.09 8.39 -19.80
C LYS U 277 78.15 7.58 -21.09
N GLY U 278 78.93 8.06 -22.06
CA GLY U 278 79.13 7.42 -23.35
C GLY U 278 78.19 7.94 -24.45
N LEU U 279 77.22 8.78 -24.09
CA LEU U 279 76.33 9.38 -25.07
C LEU U 279 76.64 10.87 -25.23
N TYR U 280 76.52 11.36 -26.45
CA TYR U 280 76.67 12.77 -26.79
C TYR U 280 78.02 13.31 -26.30
N GLY U 281 79.03 12.43 -26.26
CA GLY U 281 80.40 12.82 -25.95
C GLY U 281 80.61 13.13 -24.46
N ILE U 282 79.65 12.75 -23.63
CA ILE U 282 79.79 12.87 -22.18
C ILE U 282 80.62 11.68 -21.71
N LYS U 283 81.67 11.95 -20.94
CA LYS U 283 82.65 10.94 -20.57
C LYS U 283 82.61 10.63 -19.07
N ASP U 284 81.83 11.41 -18.31
CA ASP U 284 81.80 11.28 -16.86
C ASP U 284 80.51 10.64 -16.40
N ASP U 285 80.43 10.36 -15.09
CA ASP U 285 79.30 9.67 -14.50
C ASP U 285 78.15 10.64 -14.27
N VAL U 286 77.71 11.33 -15.32
CA VAL U 286 76.67 12.32 -15.17
C VAL U 286 75.32 11.64 -15.29
N PHE U 287 74.39 12.01 -14.42
CA PHE U 287 73.00 11.63 -14.59
C PHE U 287 72.20 12.82 -15.11
N LEU U 288 71.43 12.61 -16.18
CA LEU U 288 70.41 13.56 -16.55
C LEU U 288 69.31 12.84 -17.32
N SER U 289 68.31 13.62 -17.74
CA SER U 289 67.12 13.05 -18.36
C SER U 289 67.34 12.82 -19.85
N VAL U 290 67.14 11.57 -20.28
CA VAL U 290 66.94 11.18 -21.67
C VAL U 290 65.73 10.26 -21.69
N PRO U 291 65.07 10.02 -22.85
CA PRO U 291 63.95 9.09 -22.91
C PRO U 291 64.41 7.67 -22.61
N CYS U 292 63.78 7.07 -21.60
CA CYS U 292 64.13 5.73 -21.15
C CYS U 292 62.89 4.83 -21.18
N ILE U 293 63.12 3.54 -21.45
CA ILE U 293 62.09 2.53 -21.37
C ILE U 293 61.99 2.05 -19.93
N LEU U 294 60.78 2.19 -19.35
CA LEU U 294 60.54 1.94 -17.94
C LEU U 294 59.68 0.69 -17.78
N GLY U 295 60.16 -0.20 -16.92
CA GLY U 295 59.42 -1.40 -16.59
C GLY U 295 59.80 -1.91 -15.22
N GLN U 296 59.52 -3.19 -14.98
CA GLN U 296 59.63 -3.80 -13.67
C GLN U 296 61.08 -3.93 -13.22
N ASN U 297 62.05 -3.74 -14.12
CA ASN U 297 63.45 -3.72 -13.74
C ASN U 297 63.99 -2.30 -13.75
N GLY U 298 63.08 -1.32 -13.77
CA GLY U 298 63.44 0.08 -13.87
C GLY U 298 63.74 0.48 -15.31
N ILE U 299 64.90 1.12 -15.52
CA ILE U 299 65.30 1.56 -16.83
C ILE U 299 66.02 0.41 -17.51
N SER U 300 65.36 -0.22 -18.49
CA SER U 300 65.96 -1.32 -19.22
C SER U 300 66.73 -0.82 -20.44
N ASP U 301 66.34 0.35 -20.96
CA ASP U 301 66.84 0.87 -22.22
C ASP U 301 66.77 2.39 -22.22
N LEU U 302 67.63 3.01 -23.02
CA LEU U 302 67.59 4.43 -23.35
C LEU U 302 67.28 4.56 -24.83
N VAL U 303 66.46 5.57 -25.18
CA VAL U 303 66.32 5.96 -26.57
C VAL U 303 67.43 6.95 -26.86
N LYS U 304 68.15 6.71 -27.96
CA LYS U 304 69.24 7.56 -28.36
C LYS U 304 68.69 8.63 -29.29
N VAL U 305 68.19 9.72 -28.68
CA VAL U 305 67.54 10.77 -29.45
C VAL U 305 68.58 11.43 -30.35
N THR U 306 68.18 11.70 -31.59
CA THR U 306 68.99 12.51 -32.48
C THR U 306 68.78 13.99 -32.16
N LEU U 307 69.90 14.69 -31.93
CA LEU U 307 69.86 16.09 -31.55
C LEU U 307 70.52 16.94 -32.62
N THR U 308 69.99 18.13 -32.86
CA THR U 308 70.72 19.13 -33.62
C THR U 308 72.01 19.43 -32.86
N SER U 309 73.03 19.91 -33.58
CA SER U 309 74.30 20.24 -32.96
C SER U 309 74.13 21.22 -31.80
N GLU U 310 73.14 22.12 -31.93
CA GLU U 310 72.88 23.08 -30.87
C GLU U 310 72.18 22.41 -29.68
N GLU U 311 71.17 21.57 -29.98
CA GLU U 311 70.47 20.80 -28.96
C GLU U 311 71.51 19.93 -28.22
N GLU U 312 72.46 19.36 -28.96
CA GLU U 312 73.49 18.53 -28.34
C GLU U 312 74.44 19.39 -27.52
N ALA U 313 74.75 20.60 -28.03
CA ALA U 313 75.60 21.52 -27.30
C ALA U 313 74.98 21.89 -25.96
N ARG U 314 73.67 22.15 -25.96
CA ARG U 314 72.92 22.52 -24.77
C ARG U 314 72.93 21.38 -23.74
N LEU U 315 72.83 20.14 -24.24
CA LEU U 315 72.82 18.96 -23.39
C LEU U 315 74.21 18.72 -22.78
N LYS U 316 75.27 19.01 -23.54
CA LYS U 316 76.62 18.88 -23.05
C LYS U 316 76.88 19.94 -21.98
N LYS U 317 76.27 21.12 -22.17
CA LYS U 317 76.37 22.23 -21.23
C LYS U 317 75.68 21.85 -19.92
N SER U 318 74.51 21.23 -20.03
CA SER U 318 73.74 20.75 -18.89
C SER U 318 74.59 19.72 -18.15
N ALA U 319 75.22 18.82 -18.91
CA ALA U 319 76.06 17.77 -18.35
C ALA U 319 77.22 18.37 -17.57
N ASP U 320 77.86 19.41 -18.14
CA ASP U 320 79.01 20.05 -17.53
C ASP U 320 78.62 20.68 -16.20
N THR U 321 77.52 21.46 -16.22
CA THR U 321 77.01 22.10 -15.01
C THR U 321 76.89 21.06 -13.89
N LEU U 322 76.23 19.95 -14.22
CA LEU U 322 75.92 18.92 -13.25
C LEU U 322 77.20 18.24 -12.76
N TRP U 323 78.09 17.92 -13.70
CA TRP U 323 79.33 17.24 -13.35
C TRP U 323 80.20 18.14 -12.47
N GLY U 324 80.15 19.45 -12.74
CA GLY U 324 80.88 20.42 -11.94
C GLY U 324 80.55 20.28 -10.46
N ILE U 325 79.27 20.07 -10.16
CA ILE U 325 78.85 19.96 -8.78
C ILE U 325 79.12 18.55 -8.25
N GLN U 326 78.90 17.56 -9.10
CA GLN U 326 79.03 16.16 -8.76
C GLN U 326 80.45 15.83 -8.30
N LYS U 327 81.42 16.38 -9.03
CA LYS U 327 82.83 16.07 -8.77
C LYS U 327 83.25 16.56 -7.39
N GLU U 328 82.56 17.56 -6.86
CA GLU U 328 82.96 18.17 -5.59
C GLU U 328 82.40 17.38 -4.40
N LEU U 329 81.57 16.38 -4.65
CA LEU U 329 80.82 15.70 -3.61
C LEU U 329 81.72 14.79 -2.75
N GLN U 330 81.34 14.78 -1.49
CA GLN U 330 82.01 14.03 -0.44
C GLN U 330 81.06 12.92 -0.01
N PHE U 331 81.43 11.70 -0.29
CA PHE U 331 80.64 10.53 0.07
C PHE U 331 80.94 10.09 1.52
N ALA V 1 50.52 33.46 -42.02
CA ALA V 1 49.62 32.83 -41.03
C ALA V 1 50.43 32.24 -39.87
N THR V 2 49.75 32.03 -38.75
CA THR V 2 50.32 31.42 -37.56
C THR V 2 50.57 29.93 -37.81
N LEU V 3 51.42 29.32 -36.95
CA LEU V 3 51.70 27.89 -37.03
C LEU V 3 50.40 27.09 -36.89
N LYS V 4 49.55 27.50 -35.95
CA LYS V 4 48.28 26.84 -35.69
C LYS V 4 47.44 26.81 -36.97
N ASP V 5 47.40 27.93 -37.69
CA ASP V 5 46.60 28.04 -38.92
C ASP V 5 47.22 27.26 -40.08
N GLN V 6 48.57 27.21 -40.12
CA GLN V 6 49.24 26.43 -41.14
C GLN V 6 48.95 24.94 -40.93
N LEU V 7 48.81 24.54 -39.66
CA LEU V 7 48.70 23.12 -39.33
C LEU V 7 47.25 22.67 -39.35
N ILE V 8 46.34 23.54 -38.88
CA ILE V 8 44.98 23.13 -38.56
C ILE V 8 43.98 24.00 -39.34
N TYR V 9 43.09 23.33 -40.06
CA TYR V 9 41.93 23.97 -40.68
C TYR V 9 40.74 23.74 -39.75
N ASN V 10 40.06 24.84 -39.41
CA ASN V 10 38.98 24.85 -38.45
C ASN V 10 37.64 24.62 -39.12
N LEU V 11 36.86 23.68 -38.58
CA LEU V 11 35.47 23.46 -38.99
C LEU V 11 34.54 24.20 -38.03
N LEU V 12 34.90 24.23 -36.76
CA LEU V 12 33.96 24.50 -35.70
C LEU V 12 34.59 25.45 -34.68
N LYS V 13 33.86 26.42 -34.20
CA LYS V 13 34.34 27.78 -33.97
C LYS V 13 34.28 28.10 -32.46
N GLU V 14 33.17 27.81 -31.79
CA GLU V 14 32.68 28.57 -30.65
C GLU V 14 32.62 27.71 -29.37
N GLU V 15 33.01 26.43 -29.45
CA GLU V 15 32.55 25.41 -28.50
C GLU V 15 32.90 25.75 -27.04
N GLN V 16 31.86 26.05 -26.27
CA GLN V 16 31.98 26.20 -24.83
C GLN V 16 30.54 26.33 -24.27
N THR V 17 29.88 25.17 -24.10
CA THR V 17 28.92 24.87 -23.02
C THR V 17 29.22 23.54 -22.31
N PRO V 18 29.47 23.56 -20.98
CA PRO V 18 29.82 22.33 -20.28
C PRO V 18 28.60 21.42 -20.14
N GLN V 19 28.82 20.11 -20.24
CA GLN V 19 27.76 19.15 -20.02
C GLN V 19 27.80 18.62 -18.59
N ASN V 20 28.98 18.63 -17.97
CA ASN V 20 29.18 17.92 -16.72
C ASN V 20 30.12 18.71 -15.81
N LYS V 21 29.72 19.95 -15.52
CA LYS V 21 30.59 20.88 -14.84
C LYS V 21 30.41 20.79 -13.33
N ILE V 22 31.54 20.81 -12.62
CA ILE V 22 31.55 20.87 -11.17
C ILE V 22 32.29 22.12 -10.72
N THR V 23 31.71 22.82 -9.76
CA THR V 23 32.34 23.98 -9.13
C THR V 23 32.70 23.63 -7.69
N VAL V 24 33.92 23.99 -7.30
CA VAL V 24 34.33 23.95 -5.90
C VAL V 24 34.54 25.38 -5.43
N VAL V 25 33.75 25.78 -4.42
CA VAL V 25 33.88 27.08 -3.79
C VAL V 25 34.76 26.91 -2.56
N GLY V 26 35.85 27.68 -2.49
CA GLY V 26 36.84 27.58 -1.42
C GLY V 26 38.03 26.72 -1.87
N VAL V 27 39.24 27.31 -1.90
CA VAL V 27 40.44 26.58 -2.32
C VAL V 27 41.39 26.42 -1.14
N GLY V 28 40.81 26.25 0.05
CA GLY V 28 41.54 25.78 1.23
C GLY V 28 41.92 24.31 1.07
N ALA V 29 42.54 23.72 2.08
CA ALA V 29 43.03 22.35 1.97
C ALA V 29 41.89 21.41 1.58
N VAL V 30 40.70 21.67 2.12
CA VAL V 30 39.55 20.81 1.89
C VAL V 30 39.08 20.96 0.46
N GLY V 31 38.92 22.21 0.01
CA GLY V 31 38.49 22.50 -1.35
C GLY V 31 39.38 21.83 -2.39
N MET V 32 40.70 21.91 -2.16
CA MET V 32 41.64 21.42 -3.14
C MET V 32 41.74 19.89 -3.10
N ALA V 33 41.49 19.29 -1.93
CA ALA V 33 41.42 17.84 -1.83
C ALA V 33 40.18 17.32 -2.56
N CYS V 34 39.07 18.07 -2.48
CA CYS V 34 37.88 17.77 -3.25
C CYS V 34 38.20 17.87 -4.75
N ALA V 35 38.90 18.94 -5.13
CA ALA V 35 39.25 19.20 -6.53
C ALA V 35 40.09 18.06 -7.11
N ILE V 36 41.20 17.71 -6.44
CA ILE V 36 42.11 16.69 -6.95
C ILE V 36 41.38 15.34 -7.05
N SER V 37 40.56 15.04 -6.04
CA SER V 37 39.85 13.77 -5.97
C SER V 37 38.86 13.67 -7.13
N ILE V 38 38.14 14.76 -7.40
CA ILE V 38 37.20 14.81 -8.49
C ILE V 38 37.93 14.74 -9.83
N LEU V 39 39.06 15.44 -9.95
CA LEU V 39 39.81 15.43 -11.19
C LEU V 39 40.30 14.02 -11.51
N MET V 40 40.68 13.27 -10.48
CA MET V 40 41.28 11.97 -10.75
C MET V 40 40.21 10.88 -10.89
N LYS V 41 38.94 11.21 -10.61
CA LYS V 41 37.87 10.24 -10.79
C LYS V 41 37.07 10.51 -12.06
N ASP V 42 37.50 11.52 -12.83
CA ASP V 42 36.97 11.89 -14.14
C ASP V 42 35.48 12.23 -14.07
N LEU V 43 35.06 12.94 -13.03
CA LEU V 43 33.63 13.17 -12.79
C LEU V 43 33.12 14.39 -13.57
N ALA V 44 34.05 15.21 -14.09
CA ALA V 44 33.70 16.50 -14.66
C ALA V 44 34.39 16.73 -16.00
N ASP V 45 33.68 17.42 -16.91
CA ASP V 45 34.26 17.89 -18.16
C ASP V 45 34.80 19.31 -17.99
N GLU V 46 34.39 19.97 -16.89
CA GLU V 46 34.88 21.29 -16.55
C GLU V 46 34.86 21.44 -15.04
N LEU V 47 35.99 21.92 -14.47
CA LEU V 47 36.10 22.23 -13.06
C LEU V 47 36.32 23.73 -12.91
N ALA V 48 35.47 24.34 -12.08
CA ALA V 48 35.62 25.75 -11.74
C ALA V 48 35.97 25.87 -10.26
N LEU V 49 36.96 26.71 -9.95
CA LEU V 49 37.29 27.03 -8.57
C LEU V 49 36.95 28.50 -8.31
N VAL V 50 36.34 28.76 -7.14
CA VAL V 50 36.09 30.13 -6.73
C VAL V 50 36.57 30.35 -5.30
N ASP V 51 37.17 31.51 -5.06
CA ASP V 51 37.55 31.96 -3.73
C ASP V 51 37.64 33.48 -3.75
N VAL V 52 38.00 34.06 -2.59
CA VAL V 52 38.12 35.51 -2.47
C VAL V 52 39.59 35.90 -2.54
N ILE V 53 40.50 34.97 -2.19
CA ILE V 53 41.93 35.23 -2.22
C ILE V 53 42.41 34.95 -3.63
N GLU V 54 42.75 36.02 -4.34
CA GLU V 54 42.90 35.96 -5.79
C GLU V 54 44.21 35.29 -6.19
N ASP V 55 45.28 35.57 -5.42
CA ASP V 55 46.58 35.02 -5.72
C ASP V 55 46.58 33.50 -5.54
N LYS V 56 46.09 33.05 -4.38
CA LYS V 56 46.01 31.63 -4.05
C LYS V 56 45.17 30.89 -5.09
N LEU V 57 44.05 31.51 -5.47
CA LEU V 57 43.07 30.94 -6.37
C LEU V 57 43.73 30.67 -7.74
N LYS V 58 44.41 31.68 -8.28
CA LYS V 58 45.05 31.56 -9.58
C LYS V 58 46.16 30.52 -9.52
N GLY V 59 46.91 30.50 -8.41
CA GLY V 59 48.01 29.56 -8.23
C GLY V 59 47.54 28.11 -8.23
N GLU V 60 46.45 27.85 -7.51
CA GLU V 60 45.85 26.52 -7.42
C GLU V 60 45.40 26.07 -8.81
N MET V 61 44.63 26.93 -9.49
CA MET V 61 44.15 26.65 -10.84
C MET V 61 45.33 26.27 -11.74
N MET V 62 46.37 27.10 -11.77
CA MET V 62 47.54 26.88 -12.59
C MET V 62 48.22 25.55 -12.26
N ASP V 63 48.33 25.22 -10.98
CA ASP V 63 49.01 23.98 -10.59
C ASP V 63 48.27 22.79 -11.17
N LEU V 64 46.94 22.81 -11.08
CA LEU V 64 46.11 21.75 -11.62
C LEU V 64 46.26 21.72 -13.13
N GLN V 65 46.21 22.90 -13.76
CA GLN V 65 46.31 23.01 -15.21
C GLN V 65 47.59 22.41 -15.74
N HIS V 66 48.70 22.58 -15.01
CA HIS V 66 49.98 22.08 -15.48
C HIS V 66 50.01 20.55 -15.52
N GLY V 67 49.06 19.93 -14.80
CA GLY V 67 48.99 18.48 -14.77
C GLY V 67 47.95 17.93 -15.74
N SER V 68 47.47 18.76 -16.67
CA SER V 68 46.38 18.42 -17.58
C SER V 68 46.70 17.18 -18.40
N LEU V 69 47.99 17.00 -18.72
CA LEU V 69 48.44 15.85 -19.49
C LEU V 69 47.99 14.55 -18.82
N PHE V 70 47.87 14.57 -17.49
CA PHE V 70 47.63 13.36 -16.72
C PHE V 70 46.18 13.27 -16.25
N LEU V 71 45.34 14.20 -16.71
CA LEU V 71 43.94 14.20 -16.34
C LEU V 71 43.07 14.06 -17.57
N ARG V 72 41.76 13.89 -17.33
CA ARG V 72 40.79 13.77 -18.41
C ARG V 72 39.68 14.79 -18.15
N THR V 73 40.03 15.92 -17.53
CA THR V 73 39.15 17.05 -17.39
C THR V 73 39.75 18.19 -18.19
N PRO V 74 39.21 18.50 -19.38
CA PRO V 74 39.89 19.41 -20.31
C PRO V 74 39.83 20.90 -19.97
N LYS V 75 38.88 21.29 -19.10
CA LYS V 75 38.73 22.70 -18.79
C LYS V 75 38.74 22.92 -17.28
N ILE V 76 39.77 23.66 -16.82
CA ILE V 76 39.87 24.09 -15.44
C ILE V 76 39.91 25.61 -15.44
N VAL V 77 38.97 26.21 -14.73
CA VAL V 77 38.87 27.66 -14.65
C VAL V 77 38.78 28.08 -13.18
N SER V 78 39.14 29.34 -12.91
CA SER V 78 38.97 29.93 -11.60
C SER V 78 38.66 31.42 -11.73
N GLY V 79 38.12 32.00 -10.67
CA GLY V 79 37.80 33.41 -10.63
C GLY V 79 37.13 33.79 -9.31
N LYS V 80 37.32 35.04 -8.91
CA LYS V 80 36.56 35.65 -7.81
C LYS V 80 35.10 35.81 -8.23
N ASP V 81 34.89 36.05 -9.53
CA ASP V 81 33.56 36.29 -10.06
C ASP V 81 32.88 34.94 -10.27
N TYR V 82 31.62 34.85 -9.83
CA TYR V 82 30.87 33.59 -9.89
C TYR V 82 30.41 33.26 -11.31
N ASN V 83 30.74 34.09 -12.28
CA ASN V 83 30.35 33.79 -13.66
C ASN V 83 31.16 32.60 -14.19
N VAL V 84 32.30 32.31 -13.56
CA VAL V 84 33.10 31.15 -13.95
C VAL V 84 32.38 29.86 -13.53
N THR V 85 31.30 30.01 -12.76
CA THR V 85 30.60 28.88 -12.15
C THR V 85 29.40 28.44 -12.99
N ALA V 86 29.13 29.16 -14.08
CA ALA V 86 27.88 29.04 -14.82
C ALA V 86 27.67 27.61 -15.35
N ASN V 87 26.42 27.15 -15.23
CA ASN V 87 25.96 25.87 -15.76
C ASN V 87 26.67 24.69 -15.06
N SER V 88 26.92 24.82 -13.77
CA SER V 88 27.41 23.69 -12.99
C SER V 88 26.28 22.71 -12.73
N LYS V 89 26.58 21.42 -12.81
CA LYS V 89 25.65 20.39 -12.39
C LYS V 89 25.70 20.28 -10.87
N LEU V 90 26.90 20.46 -10.32
CA LEU V 90 27.16 20.25 -8.91
C LEU V 90 28.10 21.36 -8.42
N VAL V 91 27.71 22.02 -7.32
CA VAL V 91 28.50 23.06 -6.71
C VAL V 91 28.83 22.64 -5.28
N ILE V 92 30.12 22.52 -4.98
CA ILE V 92 30.57 22.06 -3.68
C ILE V 92 31.10 23.25 -2.88
N ILE V 93 30.46 23.55 -1.74
CA ILE V 93 30.84 24.68 -0.90
C ILE V 93 31.76 24.20 0.21
N THR V 94 33.02 24.67 0.19
CA THR V 94 33.99 24.34 1.22
C THR V 94 34.52 25.61 1.87
N ALA V 95 33.96 26.76 1.49
CA ALA V 95 34.47 28.04 1.97
C ALA V 95 33.92 28.32 3.36
N GLY V 96 34.64 29.14 4.13
CA GLY V 96 34.22 29.51 5.47
C GLY V 96 35.35 29.29 6.48
N ALA V 97 35.05 29.60 7.74
CA ALA V 97 35.96 29.34 8.83
C ALA V 97 35.91 27.85 9.18
N ARG V 98 37.02 27.30 9.65
CA ARG V 98 37.04 25.93 10.16
C ARG V 98 37.44 25.93 11.63
N GLN V 99 37.12 24.84 12.32
CA GLN V 99 37.38 24.74 13.74
C GLN V 99 38.86 24.55 14.02
N GLN V 100 39.31 25.19 15.11
CA GLN V 100 40.63 24.89 15.65
C GLN V 100 40.54 23.67 16.55
N GLU V 101 41.72 23.21 16.96
CA GLU V 101 41.93 22.19 17.96
C GLU V 101 41.06 22.52 19.16
N GLY V 102 40.21 21.57 19.52
CA GLY V 102 39.34 21.67 20.68
C GLY V 102 38.01 22.38 20.41
N GLU V 103 37.87 23.04 19.24
CA GLU V 103 36.70 23.84 18.96
C GLU V 103 35.60 23.01 18.30
N SER V 104 34.39 23.08 18.85
CA SER V 104 33.20 22.52 18.26
C SER V 104 32.84 23.20 16.94
N ARG V 105 32.48 22.38 15.95
CA ARG V 105 32.07 22.91 14.66
C ARG V 105 30.90 23.88 14.80
N LEU V 106 30.09 23.70 15.86
CA LEU V 106 28.91 24.50 16.07
C LEU V 106 29.26 25.95 16.34
N ASN V 107 30.53 26.17 16.72
CA ASN V 107 31.00 27.51 17.11
C ASN V 107 31.31 28.36 15.88
N LEU V 108 31.27 27.72 14.66
CA LEU V 108 31.51 28.42 13.43
C LEU V 108 30.28 29.06 12.83
N VAL V 109 29.15 28.90 13.51
CA VAL V 109 27.86 29.01 12.81
C VAL V 109 27.63 30.42 12.25
N GLN V 110 27.79 31.46 13.10
CA GLN V 110 27.38 32.77 12.66
C GLN V 110 28.34 33.32 11.60
N ARG V 111 29.61 33.00 11.74
CA ARG V 111 30.64 33.44 10.80
C ARG V 111 30.34 32.87 9.43
N ASN V 112 30.03 31.57 9.39
CA ASN V 112 29.85 30.88 8.13
C ASN V 112 28.46 31.15 7.55
N VAL V 113 27.46 31.44 8.41
CA VAL V 113 26.16 31.83 7.92
C VAL V 113 26.29 33.13 7.15
N ASN V 114 27.07 34.06 7.70
CA ASN V 114 27.30 35.35 7.05
C ASN V 114 27.94 35.14 5.68
N ILE V 115 28.91 34.24 5.60
CA ILE V 115 29.63 33.93 4.38
C ILE V 115 28.66 33.38 3.34
N PHE V 116 27.77 32.48 3.79
CA PHE V 116 26.81 31.81 2.92
C PHE V 116 25.82 32.79 2.32
N LYS V 117 25.50 33.87 3.06
CA LYS V 117 24.63 34.93 2.58
C LYS V 117 25.18 35.57 1.31
N PHE V 118 26.50 35.50 1.12
CA PHE V 118 27.13 36.02 -0.08
C PHE V 118 27.23 34.95 -1.15
N ILE V 119 27.68 33.76 -0.72
CA ILE V 119 28.05 32.69 -1.63
C ILE V 119 26.84 32.12 -2.34
N ILE V 120 25.81 31.75 -1.55
CA ILE V 120 24.74 30.90 -2.05
C ILE V 120 23.96 31.61 -3.16
N PRO V 121 23.52 32.87 -2.99
CA PRO V 121 22.79 33.58 -4.05
C PRO V 121 23.58 33.71 -5.36
N ASN V 122 24.91 33.83 -5.23
CA ASN V 122 25.78 33.94 -6.39
C ASN V 122 25.87 32.61 -7.14
N VAL V 123 25.97 31.51 -6.38
CA VAL V 123 26.00 30.18 -6.97
C VAL V 123 24.71 29.95 -7.74
N VAL V 124 23.58 30.28 -7.09
CA VAL V 124 22.25 30.02 -7.63
C VAL V 124 22.01 30.87 -8.89
N LYS V 125 22.52 32.10 -8.86
CA LYS V 125 22.40 32.99 -9.99
C LYS V 125 22.90 32.33 -11.27
N TYR V 126 24.06 31.67 -11.21
CA TYR V 126 24.77 31.21 -12.41
C TYR V 126 24.51 29.72 -12.71
N SER V 127 24.07 28.95 -11.71
CA SER V 127 23.73 27.55 -11.90
C SER V 127 22.43 27.23 -11.17
N PRO V 128 21.27 27.74 -11.65
CA PRO V 128 20.01 27.57 -10.92
C PRO V 128 19.54 26.13 -10.79
N ASN V 129 20.06 25.23 -11.65
CA ASN V 129 19.58 23.86 -11.65
C ASN V 129 20.63 22.91 -11.05
N CYS V 130 21.62 23.46 -10.37
CA CYS V 130 22.68 22.63 -9.82
C CYS V 130 22.19 21.89 -8.59
N LYS V 131 22.95 20.89 -8.17
CA LYS V 131 22.87 20.36 -6.83
C LYS V 131 23.92 21.07 -5.99
N LEU V 132 23.53 21.44 -4.76
CA LEU V 132 24.43 22.05 -3.81
C LEU V 132 24.91 20.99 -2.84
N LEU V 133 26.24 20.79 -2.77
CA LEU V 133 26.82 19.90 -1.79
C LEU V 133 27.60 20.75 -0.78
N ILE V 134 27.09 20.82 0.45
CA ILE V 134 27.66 21.66 1.50
C ILE V 134 28.68 20.83 2.29
N VAL V 135 29.89 21.37 2.44
CA VAL V 135 30.94 20.69 3.16
C VAL V 135 31.37 21.53 4.37
N SER V 136 31.22 22.85 4.27
CA SER V 136 31.53 23.81 5.31
C SER V 136 30.80 23.46 6.61
N ASN V 137 31.41 23.77 7.74
CA ASN V 137 30.92 23.36 9.05
C ASN V 137 30.28 24.53 9.79
N PRO V 138 29.30 24.33 10.69
CA PRO V 138 28.70 23.01 10.93
C PRO V 138 27.79 22.63 9.76
N VAL V 139 28.11 21.49 9.13
CA VAL V 139 27.57 21.14 7.83
C VAL V 139 26.05 20.97 7.90
N ASP V 140 25.54 20.50 9.03
CA ASP V 140 24.12 20.17 9.13
C ASP V 140 23.29 21.45 9.15
N ILE V 141 23.75 22.42 9.96
CA ILE V 141 23.09 23.72 10.02
C ILE V 141 23.29 24.47 8.70
N LEU V 142 24.51 24.42 8.16
CA LEU V 142 24.81 25.17 6.96
C LEU V 142 24.09 24.60 5.73
N THR V 143 23.72 23.30 5.78
CA THR V 143 22.92 22.72 4.72
C THR V 143 21.53 23.35 4.74
N TYR V 144 20.98 23.48 5.96
CA TYR V 144 19.71 24.14 6.18
C TYR V 144 19.78 25.58 5.69
N VAL V 145 20.89 26.25 6.01
CA VAL V 145 21.08 27.65 5.61
C VAL V 145 21.09 27.75 4.08
N ALA V 146 21.89 26.90 3.43
CA ALA V 146 21.98 26.90 1.98
C ALA V 146 20.61 26.65 1.37
N TRP V 147 19.78 25.84 2.05
CA TRP V 147 18.45 25.49 1.57
C TRP V 147 17.53 26.71 1.64
N LYS V 148 17.55 27.40 2.80
CA LYS V 148 16.75 28.59 3.00
C LYS V 148 17.17 29.69 2.02
N ILE V 149 18.49 29.88 1.86
CA ILE V 149 18.98 31.00 1.06
C ILE V 149 18.72 30.75 -0.42
N SER V 150 19.07 29.55 -0.90
CA SER V 150 19.01 29.21 -2.33
C SER V 150 17.56 29.19 -2.85
N GLY V 151 16.61 28.75 -2.00
CA GLY V 151 15.23 28.55 -2.39
C GLY V 151 15.04 27.26 -3.20
N PHE V 152 16.08 26.42 -3.21
CA PHE V 152 16.04 25.15 -3.93
C PHE V 152 15.11 24.18 -3.23
N PRO V 153 14.55 23.19 -3.97
CA PRO V 153 13.87 22.07 -3.33
C PRO V 153 14.92 21.30 -2.53
N LYS V 154 14.46 20.58 -1.50
CA LYS V 154 15.37 20.02 -0.50
C LYS V 154 16.21 18.89 -1.10
N ASN V 155 15.77 18.31 -2.21
CA ASN V 155 16.52 17.23 -2.84
C ASN V 155 17.82 17.73 -3.44
N ARG V 156 17.90 19.03 -3.73
CA ARG V 156 19.08 19.59 -4.39
C ARG V 156 20.01 20.31 -3.41
N VAL V 157 19.80 20.11 -2.10
CA VAL V 157 20.71 20.66 -1.11
C VAL V 157 21.15 19.55 -0.17
N ILE V 158 22.42 19.16 -0.30
CA ILE V 158 22.98 17.97 0.34
C ILE V 158 24.17 18.41 1.19
N GLY V 159 24.21 18.00 2.46
CA GLY V 159 25.38 18.21 3.29
C GLY V 159 26.24 16.95 3.32
N SER V 160 27.57 17.10 3.25
CA SER V 160 28.48 15.97 3.26
C SER V 160 28.22 15.10 4.49
N GLY V 161 27.77 15.74 5.57
CA GLY V 161 27.21 15.04 6.72
C GLY V 161 28.14 13.97 7.28
N CYS V 162 27.57 12.79 7.54
CA CYS V 162 28.28 11.72 8.21
C CYS V 162 28.85 10.67 7.24
N ASN V 163 28.97 11.03 5.96
CA ASN V 163 29.58 10.14 4.98
C ASN V 163 30.98 9.77 5.46
N LEU V 164 31.71 10.77 5.94
CA LEU V 164 33.07 10.56 6.40
C LEU V 164 33.09 9.83 7.75
N ASP V 165 32.17 10.18 8.65
CA ASP V 165 32.09 9.55 9.96
C ASP V 165 31.86 8.04 9.79
N SER V 166 30.94 7.69 8.88
CA SER V 166 30.62 6.30 8.62
C SER V 166 31.84 5.59 8.00
N ALA V 167 32.57 6.30 7.13
CA ALA V 167 33.76 5.76 6.49
C ALA V 167 34.83 5.43 7.54
N ARG V 168 35.02 6.37 8.50
CA ARG V 168 35.94 6.18 9.60
C ARG V 168 35.49 4.97 10.44
N PHE V 169 34.18 4.93 10.74
CA PHE V 169 33.60 3.89 11.55
C PHE V 169 33.91 2.52 10.95
N ARG V 170 33.69 2.42 9.63
CA ARG V 170 33.87 1.16 8.92
C ARG V 170 35.36 0.79 8.85
N TYR V 171 36.23 1.82 8.77
CA TYR V 171 37.65 1.56 8.78
C TYR V 171 38.06 0.90 10.09
N LEU V 172 37.61 1.48 11.19
CA LEU V 172 37.96 1.02 12.52
C LEU V 172 37.33 -0.34 12.80
N MET V 173 36.07 -0.52 12.36
CA MET V 173 35.40 -1.80 12.44
C MET V 173 36.24 -2.87 11.76
N GLY V 174 36.70 -2.54 10.54
CA GLY V 174 37.52 -3.44 9.74
C GLY V 174 38.84 -3.81 10.43
N GLU V 175 39.45 -2.82 11.09
CA GLU V 175 40.71 -3.00 11.79
C GLU V 175 40.53 -4.05 12.88
N ARG V 176 39.42 -3.95 13.62
CA ARG V 176 39.13 -4.86 14.71
C ARG V 176 38.84 -6.27 14.21
N LEU V 177 38.15 -6.37 13.05
CA LEU V 177 37.63 -7.66 12.62
C LEU V 177 38.56 -8.36 11.62
N GLY V 178 39.54 -7.63 11.06
CA GLY V 178 40.44 -8.17 10.04
C GLY V 178 39.73 -8.32 8.69
N VAL V 179 38.83 -7.39 8.40
CA VAL V 179 38.03 -7.38 7.18
C VAL V 179 38.18 -6.01 6.52
N HIS V 180 38.19 -5.98 5.19
CA HIS V 180 38.23 -4.72 4.47
C HIS V 180 36.99 -3.90 4.85
N PRO V 181 37.12 -2.57 5.06
CA PRO V 181 35.97 -1.73 5.34
C PRO V 181 34.79 -1.91 4.38
N LEU V 182 35.08 -2.29 3.14
CA LEU V 182 34.05 -2.46 2.13
C LEU V 182 33.09 -3.55 2.57
N SER V 183 33.57 -4.53 3.34
CA SER V 183 32.76 -5.66 3.78
C SER V 183 32.26 -5.48 5.22
N CYS V 184 32.58 -4.34 5.84
CA CYS V 184 32.11 -3.99 7.18
C CYS V 184 31.01 -2.92 7.07
N HIS V 185 29.83 -3.21 7.62
CA HIS V 185 28.68 -2.34 7.46
C HIS V 185 28.22 -1.79 8.80
N GLY V 186 27.89 -0.52 8.83
CA GLY V 186 27.78 0.28 10.06
C GLY V 186 26.64 1.23 10.32
N TRP V 187 26.83 2.51 10.19
CA TRP V 187 26.12 3.74 10.05
C TRP V 187 26.31 4.63 11.26
N VAL V 188 26.91 5.82 11.04
CA VAL V 188 26.92 6.88 12.01
C VAL V 188 26.02 7.98 11.46
N LEU V 189 24.97 8.33 12.21
CA LEU V 189 23.95 9.25 11.75
C LEU V 189 23.85 10.47 12.66
N GLY V 190 22.98 11.42 12.30
CA GLY V 190 22.79 12.63 13.09
C GLY V 190 23.78 13.74 12.72
N GLU V 191 24.27 14.45 13.75
CA GLU V 191 25.22 15.54 13.57
C GLU V 191 26.57 14.98 13.14
N HIS V 192 27.15 15.63 12.12
CA HIS V 192 28.56 15.46 11.84
C HIS V 192 29.31 16.22 12.93
N GLY V 193 29.52 15.56 14.06
CA GLY V 193 30.09 16.23 15.22
C GLY V 193 29.94 15.34 16.45
N ASP V 194 29.96 16.01 17.62
CA ASP V 194 30.08 15.34 18.90
C ASP V 194 28.83 14.50 19.21
N SER V 195 27.67 14.86 18.66
CA SER V 195 26.41 14.18 18.98
C SER V 195 26.01 13.17 17.91
N SER V 196 27.00 12.65 17.17
CA SER V 196 26.72 11.61 16.18
C SER V 196 26.23 10.34 16.86
N VAL V 197 25.40 9.57 16.13
CA VAL V 197 24.74 8.39 16.67
C VAL V 197 25.22 7.16 15.91
N PRO V 198 25.93 6.23 16.56
CA PRO V 198 26.32 4.96 15.92
C PRO V 198 25.16 3.97 16.02
N VAL V 199 24.77 3.41 14.87
CA VAL V 199 23.62 2.52 14.81
C VAL V 199 24.12 1.08 14.97
N TRP V 200 24.29 0.69 16.24
CA TRP V 200 24.75 -0.64 16.64
C TRP V 200 23.85 -1.72 16.08
N SER V 201 22.54 -1.42 16.01
CA SER V 201 21.56 -2.39 15.56
C SER V 201 21.79 -2.82 14.11
N GLY V 202 22.46 -1.95 13.33
CA GLY V 202 22.67 -2.16 11.91
C GLY V 202 24.04 -2.74 11.55
N MET V 203 24.95 -2.79 12.52
CA MET V 203 26.32 -3.22 12.30
C MET V 203 26.35 -4.70 11.92
N ASN V 204 27.01 -5.01 10.81
CA ASN V 204 27.03 -6.38 10.32
C ASN V 204 28.20 -6.63 9.38
N VAL V 205 28.57 -7.91 9.28
CA VAL V 205 29.47 -8.41 8.24
C VAL V 205 28.72 -9.55 7.56
N ALA V 206 28.69 -9.54 6.22
CA ALA V 206 28.05 -10.58 5.43
C ALA V 206 26.62 -10.82 5.87
N GLY V 207 25.95 -9.77 6.36
CA GLY V 207 24.54 -9.83 6.73
C GLY V 207 24.30 -10.38 8.13
N VAL V 208 25.39 -10.70 8.85
CA VAL V 208 25.30 -11.25 10.18
C VAL V 208 25.32 -10.09 11.17
N SER V 209 24.21 -9.88 11.90
CA SER V 209 24.10 -8.81 12.88
C SER V 209 25.07 -9.02 14.03
N LEU V 210 25.93 -8.01 14.26
CA LEU V 210 26.95 -8.10 15.30
C LEU V 210 26.29 -7.97 16.69
N LYS V 211 25.20 -7.19 16.76
CA LYS V 211 24.48 -7.01 18.00
C LYS V 211 23.79 -8.31 18.41
N THR V 212 23.33 -9.09 17.42
CA THR V 212 22.75 -10.40 17.65
C THR V 212 23.79 -11.33 18.27
N LEU V 213 25.00 -11.31 17.70
CA LEU V 213 26.09 -12.17 18.15
C LEU V 213 26.57 -11.72 19.53
N HIS V 214 26.50 -10.40 19.78
CA HIS V 214 27.13 -9.79 20.94
C HIS V 214 26.22 -8.68 21.45
N PRO V 215 25.21 -9.02 22.29
CA PRO V 215 24.21 -8.04 22.71
C PRO V 215 24.78 -6.86 23.51
N ASP V 216 25.96 -7.02 24.07
CA ASP V 216 26.60 -5.95 24.83
C ASP V 216 27.13 -4.85 23.90
N LEU V 217 27.20 -5.13 22.59
CA LEU V 217 27.76 -4.21 21.60
C LEU V 217 27.14 -2.82 21.77
N GLY V 218 27.98 -1.83 22.01
CA GLY V 218 27.57 -0.43 22.10
C GLY V 218 27.19 0.06 23.48
N THR V 219 27.20 -0.85 24.46
CA THR V 219 26.88 -0.49 25.82
C THR V 219 28.16 -0.30 26.62
N ASP V 220 28.05 0.26 27.81
CA ASP V 220 29.17 0.47 28.72
C ASP V 220 29.62 -0.86 29.33
N LYS V 221 28.69 -1.82 29.44
CA LYS V 221 29.01 -3.10 30.03
C LYS V 221 29.89 -3.93 29.12
N ASP V 222 29.91 -3.59 27.82
CA ASP V 222 30.63 -4.30 26.77
C ASP V 222 32.09 -4.52 27.14
N LYS V 223 32.45 -5.81 27.33
CA LYS V 223 33.79 -6.23 27.65
C LYS V 223 34.76 -5.83 26.54
N GLU V 224 34.26 -5.77 25.31
CA GLU V 224 35.09 -5.48 24.14
C GLU V 224 35.16 -3.99 23.84
N GLN V 225 34.27 -3.22 24.48
CA GLN V 225 34.30 -1.78 24.43
C GLN V 225 34.13 -1.27 23.01
N TRP V 226 33.06 -1.74 22.35
CA TRP V 226 32.81 -1.27 20.99
C TRP V 226 32.41 0.20 20.94
N LYS V 227 31.94 0.71 22.08
CA LYS V 227 31.57 2.11 22.19
C LYS V 227 32.74 3.01 21.84
N GLU V 228 33.96 2.52 22.12
CA GLU V 228 35.21 3.22 21.89
C GLU V 228 35.45 3.46 20.40
N VAL V 229 34.92 2.57 19.56
CA VAL V 229 35.05 2.76 18.12
C VAL V 229 34.34 4.04 17.72
N HIS V 230 33.14 4.27 18.25
CA HIS V 230 32.43 5.50 17.94
C HIS V 230 33.13 6.70 18.57
N LYS V 231 33.72 6.50 19.74
CA LYS V 231 34.39 7.60 20.41
C LYS V 231 35.56 8.07 19.54
N GLN V 232 36.19 7.10 18.87
CA GLN V 232 37.29 7.39 18.00
C GLN V 232 36.82 8.11 16.74
N VAL V 233 35.56 7.86 16.36
CA VAL V 233 34.99 8.52 15.20
C VAL V 233 34.77 10.00 15.51
N VAL V 234 34.19 10.28 16.67
CA VAL V 234 33.95 11.64 17.12
C VAL V 234 35.27 12.40 17.23
N GLU V 235 36.31 11.70 17.66
CA GLU V 235 37.58 12.33 18.02
C GLU V 235 38.56 12.39 16.85
N SER V 236 38.23 11.72 15.73
CA SER V 236 39.11 11.63 14.58
C SER V 236 39.55 13.02 14.12
N ALA V 237 38.55 13.86 13.80
CA ALA V 237 38.81 15.20 13.25
C ALA V 237 39.76 15.97 14.17
N TYR V 238 39.47 15.92 15.48
CA TYR V 238 40.24 16.64 16.46
C TYR V 238 41.66 16.08 16.53
N GLU V 239 41.80 14.77 16.43
CA GLU V 239 43.12 14.17 16.56
C GLU V 239 43.96 14.48 15.32
N VAL V 240 43.35 14.43 14.13
CA VAL V 240 44.08 14.76 12.92
C VAL V 240 44.47 16.24 12.96
N ILE V 241 43.53 17.10 13.38
CA ILE V 241 43.79 18.53 13.51
C ILE V 241 44.97 18.74 14.46
N LYS V 242 44.95 18.03 15.60
CA LYS V 242 46.01 18.11 16.58
C LYS V 242 47.34 17.74 15.95
N LEU V 243 47.33 16.73 15.07
CA LEU V 243 48.58 16.16 14.56
C LEU V 243 49.11 16.94 13.36
N LYS V 244 48.23 17.37 12.44
CA LYS V 244 48.69 17.98 11.20
C LYS V 244 48.07 19.36 10.93
N GLY V 245 47.16 19.80 11.80
CA GLY V 245 46.64 21.16 11.74
C GLY V 245 45.26 21.24 11.10
N TYR V 246 44.91 20.25 10.27
CA TYR V 246 43.64 20.25 9.57
C TYR V 246 43.37 18.85 9.05
N THR V 247 42.16 18.61 8.54
CA THR V 247 41.89 17.40 7.78
C THR V 247 41.62 17.80 6.32
N SER V 248 42.03 16.96 5.39
CA SER V 248 41.88 17.28 3.97
C SER V 248 41.56 16.03 3.15
N TRP V 249 42.42 15.02 3.24
CA TRP V 249 42.37 13.93 2.28
C TRP V 249 41.09 13.11 2.43
N ALA V 250 40.70 12.79 3.66
CA ALA V 250 39.57 11.92 3.93
C ALA V 250 38.26 12.58 3.50
N ILE V 251 38.12 13.87 3.86
CA ILE V 251 36.92 14.62 3.49
C ILE V 251 36.87 14.80 1.98
N GLY V 252 38.03 14.99 1.36
CA GLY V 252 38.16 15.16 -0.09
C GLY V 252 37.62 13.93 -0.82
N LEU V 253 38.11 12.75 -0.41
CA LEU V 253 37.69 11.49 -0.97
C LEU V 253 36.21 11.26 -0.71
N SER V 254 35.75 11.60 0.51
CA SER V 254 34.35 11.42 0.89
C SER V 254 33.45 12.24 -0.03
N VAL V 255 33.86 13.47 -0.33
CA VAL V 255 33.11 14.40 -1.17
C VAL V 255 33.08 13.89 -2.62
N ALA V 256 34.22 13.36 -3.10
CA ALA V 256 34.27 12.84 -4.46
C ALA V 256 33.37 11.60 -4.57
N ASP V 257 33.26 10.88 -3.45
CA ASP V 257 32.39 9.72 -3.37
C ASP V 257 30.95 10.15 -3.63
N LEU V 258 30.54 11.24 -2.97
CA LEU V 258 29.19 11.75 -3.11
C LEU V 258 28.99 12.30 -4.52
N ALA V 259 30.00 13.04 -5.01
CA ALA V 259 29.98 13.62 -6.34
C ALA V 259 29.78 12.53 -7.40
N GLU V 260 30.46 11.39 -7.20
CA GLU V 260 30.38 10.27 -8.13
C GLU V 260 28.95 9.77 -8.25
N SER V 261 28.28 9.61 -7.10
CA SER V 261 26.91 9.12 -7.07
C SER V 261 25.96 10.11 -7.74
N ILE V 262 26.21 11.41 -7.53
CA ILE V 262 25.34 12.42 -8.11
C ILE V 262 25.54 12.47 -9.63
N MET V 263 26.80 12.62 -10.06
CA MET V 263 27.12 12.85 -11.47
C MET V 263 26.76 11.64 -12.33
N LYS V 264 26.94 10.42 -11.79
CA LYS V 264 26.71 9.21 -12.56
C LYS V 264 25.33 8.61 -12.28
N ASN V 265 24.52 9.28 -11.45
CA ASN V 265 23.15 8.90 -11.13
C ASN V 265 23.09 7.46 -10.62
N LEU V 266 23.98 7.11 -9.69
CA LEU V 266 24.16 5.74 -9.26
C LEU V 266 23.01 5.23 -8.39
N ARG V 267 22.38 6.14 -7.63
CA ARG V 267 21.35 5.75 -6.66
C ARG V 267 21.96 4.84 -5.60
N ARG V 268 23.17 5.20 -5.18
CA ARG V 268 23.79 4.60 -4.01
C ARG V 268 23.26 5.28 -2.75
N VAL V 269 23.44 4.60 -1.61
CA VAL V 269 22.97 5.09 -0.33
C VAL V 269 24.14 5.66 0.46
N HIS V 270 24.02 6.92 0.88
CA HIS V 270 25.05 7.61 1.64
C HIS V 270 24.40 8.33 2.82
N PRO V 271 25.06 8.38 3.99
CA PRO V 271 24.55 9.15 5.13
C PRO V 271 24.94 10.61 4.98
N VAL V 272 23.98 11.44 4.56
CA VAL V 272 24.24 12.82 4.20
C VAL V 272 23.20 13.70 4.86
N SER V 273 23.50 15.01 5.02
CA SER V 273 22.62 15.92 5.72
C SER V 273 21.42 16.29 4.86
N THR V 274 20.23 16.06 5.41
CA THR V 274 19.00 16.42 4.72
C THR V 274 17.94 16.72 5.75
N MET V 275 16.81 17.25 5.28
CA MET V 275 15.75 17.60 6.20
C MET V 275 15.06 16.32 6.66
N ILE V 276 14.96 16.15 7.99
CA ILE V 276 14.39 14.96 8.59
C ILE V 276 13.09 15.26 9.34
N LYS V 277 12.55 16.47 9.18
CA LYS V 277 11.26 16.82 9.73
C LYS V 277 10.25 15.70 9.41
N GLY V 278 9.51 15.25 10.43
CA GLY V 278 8.50 14.22 10.29
C GLY V 278 9.00 12.81 10.60
N LEU V 279 10.31 12.64 10.79
CA LEU V 279 10.87 11.36 11.15
C LEU V 279 11.36 11.39 12.60
N TYR V 280 11.20 10.26 13.28
CA TYR V 280 11.69 10.07 14.64
C TYR V 280 11.15 11.14 15.58
N GLY V 281 9.96 11.66 15.27
CA GLY V 281 9.26 12.61 16.14
C GLY V 281 9.88 14.01 16.13
N ILE V 282 10.76 14.25 15.16
CA ILE V 282 11.31 15.60 14.95
C ILE V 282 10.27 16.40 14.19
N LYS V 283 9.94 17.59 14.70
CA LYS V 283 8.83 18.38 14.17
C LYS V 283 9.32 19.68 13.51
N ASP V 284 10.63 19.96 13.64
CA ASP V 284 11.18 21.21 13.14
C ASP V 284 12.01 20.95 11.89
N ASP V 285 12.46 22.05 11.26
CA ASP V 285 13.18 22.00 10.01
C ASP V 285 14.65 21.66 10.25
N VAL V 286 14.90 20.53 10.91
CA VAL V 286 16.26 20.17 11.27
C VAL V 286 16.85 19.38 10.09
N PHE V 287 18.09 19.70 9.75
CA PHE V 287 18.87 18.87 8.84
C PHE V 287 19.88 18.04 9.63
N LEU V 288 19.90 16.74 9.39
CA LEU V 288 21.03 15.92 9.84
C LEU V 288 21.16 14.70 8.93
N SER V 289 22.14 13.87 9.25
CA SER V 289 22.47 12.74 8.38
C SER V 289 21.57 11.54 8.66
N VAL V 290 20.92 11.07 7.60
CA VAL V 290 20.29 9.75 7.52
C VAL V 290 20.72 9.13 6.20
N PRO V 291 20.61 7.79 5.99
CA PRO V 291 20.96 7.19 4.71
C PRO V 291 20.00 7.67 3.62
N CYS V 292 20.58 8.25 2.57
CA CYS V 292 19.81 8.79 1.45
C CYS V 292 20.26 8.16 0.14
N ILE V 293 19.31 8.02 -0.79
CA ILE V 293 19.60 7.58 -2.14
C ILE V 293 20.02 8.79 -2.97
N LEU V 294 21.23 8.72 -3.53
CA LEU V 294 21.86 9.85 -4.21
C LEU V 294 21.95 9.58 -5.71
N GLY V 295 21.45 10.54 -6.47
CA GLY V 295 21.51 10.47 -7.92
C GLY V 295 21.53 11.85 -8.53
N GLN V 296 21.15 11.91 -9.81
CA GLN V 296 21.29 13.11 -10.62
C GLN V 296 20.31 14.20 -10.19
N ASN V 297 19.32 13.87 -9.36
CA ASN V 297 18.43 14.88 -8.80
C ASN V 297 18.76 15.14 -7.34
N GLY V 298 19.94 14.68 -6.91
CA GLY V 298 20.35 14.80 -5.52
C GLY V 298 19.76 13.68 -4.68
N ILE V 299 19.13 14.05 -3.56
CA ILE V 299 18.52 13.08 -2.66
C ILE V 299 17.11 12.83 -3.15
N SER V 300 16.89 11.65 -3.75
CA SER V 300 15.58 11.28 -4.25
C SER V 300 14.76 10.57 -3.17
N ASP V 301 15.44 9.95 -2.20
CA ASP V 301 14.81 9.09 -1.21
C ASP V 301 15.65 9.06 0.06
N LEU V 302 14.98 8.81 1.19
CA LEU V 302 15.62 8.48 2.45
C LEU V 302 15.34 7.02 2.79
N VAL V 303 16.32 6.36 3.39
CA VAL V 303 16.06 5.09 4.07
C VAL V 303 15.62 5.43 5.48
N LYS V 304 14.48 4.83 5.88
CA LYS V 304 13.93 5.06 7.21
C LYS V 304 14.51 4.00 8.13
N VAL V 305 15.69 4.29 8.69
CA VAL V 305 16.39 3.31 9.51
C VAL V 305 15.56 3.06 10.76
N THR V 306 15.45 1.79 11.15
CA THR V 306 14.88 1.44 12.44
C THR V 306 15.93 1.61 13.52
N LEU V 307 15.57 2.38 14.56
CA LEU V 307 16.49 2.69 15.65
C LEU V 307 15.98 2.09 16.96
N THR V 308 16.90 1.62 17.79
CA THR V 308 16.54 1.32 19.17
C THR V 308 16.07 2.62 19.82
N SER V 309 15.25 2.50 20.86
CA SER V 309 14.74 3.67 21.57
C SER V 309 15.89 4.59 22.02
N GLU V 310 17.02 4.00 22.38
CA GLU V 310 18.16 4.79 22.81
C GLU V 310 18.82 5.47 21.61
N GLU V 311 19.04 4.71 20.53
CA GLU V 311 19.58 5.24 19.28
C GLU V 311 18.68 6.40 18.82
N GLU V 312 17.36 6.23 18.93
CA GLU V 312 16.42 7.26 18.54
C GLU V 312 16.51 8.45 19.49
N ALA V 313 16.69 8.17 20.78
CA ALA V 313 16.83 9.23 21.77
C ALA V 313 18.07 10.08 21.47
N ARG V 314 19.18 9.44 21.10
CA ARG V 314 20.41 10.13 20.77
C ARG V 314 20.25 11.00 19.53
N LEU V 315 19.46 10.51 18.55
CA LEU V 315 19.20 11.25 17.32
C LEU V 315 18.30 12.46 17.59
N LYS V 316 17.34 12.31 18.51
CA LYS V 316 16.46 13.40 18.88
C LYS V 316 17.26 14.46 19.64
N LYS V 317 18.26 14.01 20.42
CA LYS V 317 19.17 14.89 21.16
C LYS V 317 20.02 15.70 20.18
N SER V 318 20.52 15.01 19.15
CA SER V 318 21.31 15.64 18.10
C SER V 318 20.43 16.70 17.41
N ALA V 319 19.19 16.32 17.12
CA ALA V 319 18.24 17.20 16.46
C ALA V 319 18.00 18.47 17.29
N ASP V 320 17.83 18.28 18.61
CA ASP V 320 17.54 19.39 19.53
C ASP V 320 18.70 20.36 19.55
N THR V 321 19.92 19.83 19.72
CA THR V 321 21.13 20.65 19.73
C THR V 321 21.14 21.55 18.50
N LEU V 322 20.91 20.93 17.34
CA LEU V 322 21.02 21.62 16.06
C LEU V 322 19.91 22.67 15.94
N TRP V 323 18.69 22.28 16.30
CA TRP V 323 17.55 23.18 16.19
C TRP V 323 17.72 24.39 17.11
N GLY V 324 18.33 24.14 18.28
CA GLY V 324 18.60 25.21 19.23
C GLY V 324 19.37 26.35 18.57
N ILE V 325 20.37 25.96 17.77
CA ILE V 325 21.26 26.90 17.15
C ILE V 325 20.62 27.49 15.90
N GLN V 326 19.86 26.66 15.17
CA GLN V 326 19.07 27.12 14.03
C GLN V 326 18.15 28.28 14.41
N LYS V 327 17.60 28.27 15.68
CA LYS V 327 16.72 29.31 16.11
C LYS V 327 17.32 30.74 15.99
N GLU V 328 18.63 30.77 16.17
CA GLU V 328 19.35 32.04 16.29
C GLU V 328 19.74 32.59 14.93
N LEU V 329 19.48 31.85 13.86
CA LEU V 329 19.90 32.26 12.53
C LEU V 329 19.12 33.47 11.96
N GLN V 330 19.89 34.50 11.61
CA GLN V 330 19.29 35.80 11.33
C GLN V 330 19.47 36.12 9.86
N PHE V 331 18.46 35.73 9.08
CA PHE V 331 18.30 36.14 7.69
C PHE V 331 17.01 36.97 7.65
N ALA W 1 2.00 -0.27 6.02
CA ALA W 1 2.74 0.06 4.78
C ALA W 1 3.52 -1.16 4.29
N THR W 2 3.90 -1.11 3.01
CA THR W 2 4.70 -2.14 2.35
C THR W 2 6.14 -2.09 2.87
N LEU W 3 6.91 -3.16 2.64
CA LEU W 3 8.31 -3.23 3.01
C LEU W 3 9.09 -2.09 2.35
N LYS W 4 8.79 -1.86 1.05
CA LYS W 4 9.45 -0.82 0.29
C LYS W 4 9.26 0.55 0.97
N ASP W 5 8.04 0.82 1.44
CA ASP W 5 7.70 2.08 2.08
C ASP W 5 8.30 2.20 3.48
N GLN W 6 8.39 1.07 4.19
CA GLN W 6 9.02 1.05 5.50
C GLN W 6 10.51 1.37 5.35
N LEU W 7 11.11 0.92 4.25
CA LEU W 7 12.55 1.00 4.08
C LEU W 7 12.95 2.33 3.43
N ILE W 8 12.13 2.80 2.48
CA ILE W 8 12.54 3.88 1.58
C ILE W 8 11.52 5.02 1.64
N TYR W 9 12.00 6.24 1.87
CA TYR W 9 11.14 7.41 1.90
C TYR W 9 10.53 7.93 0.59
N ASN W 10 11.32 8.57 -0.22
CA ASN W 10 10.94 9.30 -1.43
C ASN W 10 10.72 10.81 -1.30
N LEU W 11 11.64 11.59 -1.86
CA LEU W 11 11.54 13.02 -2.09
C LEU W 11 11.06 13.26 -3.53
N LEU W 12 11.55 12.42 -4.45
CA LEU W 12 11.53 12.75 -5.85
C LEU W 12 11.15 11.55 -6.69
N LYS W 13 10.34 11.74 -7.72
CA LYS W 13 9.64 10.68 -8.40
C LYS W 13 10.26 10.28 -9.76
N GLU W 14 10.46 11.23 -10.70
CA GLU W 14 10.29 10.93 -12.13
C GLU W 14 11.64 10.67 -12.79
N GLU W 15 12.13 9.42 -12.74
CA GLU W 15 13.58 9.12 -12.84
C GLU W 15 13.95 8.96 -14.31
N GLN W 16 13.96 10.07 -15.04
CA GLN W 16 14.48 10.06 -16.40
C GLN W 16 15.17 11.37 -16.78
N THR W 17 15.11 11.62 -18.09
CA THR W 17 15.98 12.43 -18.95
C THR W 17 17.46 12.10 -18.82
N PRO W 18 18.04 11.27 -19.71
CA PRO W 18 19.45 10.89 -19.57
C PRO W 18 20.34 12.08 -19.95
N GLN W 19 21.47 12.21 -19.24
CA GLN W 19 22.34 13.34 -19.46
C GLN W 19 23.52 12.94 -20.39
N ASN W 20 23.86 11.65 -20.38
CA ASN W 20 25.05 11.17 -21.06
C ASN W 20 24.78 9.81 -21.67
N LYS W 21 23.77 9.75 -22.53
CA LYS W 21 23.28 8.49 -23.05
C LYS W 21 24.02 8.12 -24.34
N ILE W 22 24.41 6.85 -24.43
CA ILE W 22 24.99 6.29 -25.64
C ILE W 22 24.12 5.15 -26.13
N THR W 23 23.87 5.13 -27.44
CA THR W 23 23.18 4.04 -28.09
C THR W 23 24.16 3.28 -28.99
N VAL W 24 24.10 1.96 -28.90
CA VAL W 24 24.79 1.10 -29.84
C VAL W 24 23.74 0.36 -30.67
N VAL W 25 23.76 0.60 -31.98
CA VAL W 25 22.89 -0.08 -32.92
C VAL W 25 23.65 -1.28 -33.48
N GLY W 26 23.09 -2.48 -33.34
CA GLY W 26 23.73 -3.72 -33.73
C GLY W 26 24.39 -4.40 -32.52
N VAL W 27 23.94 -5.61 -32.18
CA VAL W 27 24.49 -6.35 -31.04
C VAL W 27 25.23 -7.59 -31.54
N GLY W 28 25.85 -7.48 -32.71
CA GLY W 28 26.84 -8.43 -33.20
C GLY W 28 28.11 -8.31 -32.36
N ALA W 29 29.15 -9.09 -32.69
CA ALA W 29 30.34 -9.14 -31.85
C ALA W 29 30.94 -7.74 -31.70
N VAL W 30 30.86 -6.94 -32.77
CA VAL W 30 31.43 -5.61 -32.77
C VAL W 30 30.63 -4.70 -31.85
N GLY W 31 29.31 -4.72 -32.00
CA GLY W 31 28.42 -3.91 -31.19
C GLY W 31 28.62 -4.16 -29.70
N MET W 32 28.75 -5.44 -29.34
CA MET W 32 28.83 -5.81 -27.95
C MET W 32 30.21 -5.51 -27.37
N ALA W 33 31.25 -5.56 -28.22
CA ALA W 33 32.59 -5.17 -27.79
C ALA W 33 32.63 -3.65 -27.54
N CYS W 34 31.90 -2.89 -28.37
CA CYS W 34 31.74 -1.46 -28.15
C CYS W 34 31.02 -1.23 -26.83
N ALA W 35 29.94 -1.99 -26.59
CA ALA W 35 29.12 -1.87 -25.39
C ALA W 35 29.96 -2.11 -24.13
N ILE W 36 30.65 -3.26 -24.06
CA ILE W 36 31.42 -3.62 -22.87
C ILE W 36 32.52 -2.59 -22.62
N SER W 37 33.17 -2.14 -23.69
CA SER W 37 34.27 -1.19 -23.61
C SER W 37 33.78 0.14 -23.05
N ILE W 38 32.63 0.59 -23.54
CA ILE W 38 32.01 1.82 -23.09
C ILE W 38 31.55 1.68 -21.64
N LEU W 39 30.97 0.53 -21.30
CA LEU W 39 30.50 0.31 -19.94
C LEU W 39 31.66 0.36 -18.96
N MET W 40 32.82 -0.16 -19.35
CA MET W 40 33.91 -0.26 -18.40
C MET W 40 34.73 1.03 -18.37
N LYS W 41 34.45 1.98 -19.27
CA LYS W 41 35.16 3.25 -19.24
C LYS W 41 34.28 4.37 -18.66
N ASP W 42 33.07 4.00 -18.21
CA ASP W 42 32.12 4.87 -17.51
C ASP W 42 31.75 6.08 -18.36
N LEU W 43 31.55 5.89 -19.67
CA LEU W 43 31.34 7.01 -20.56
C LEU W 43 29.86 7.44 -20.61
N ALA W 44 28.98 6.59 -20.08
CA ALA W 44 27.54 6.77 -20.24
C ALA W 44 26.80 6.59 -18.92
N ASP W 45 25.72 7.37 -18.74
CA ASP W 45 24.80 7.20 -17.62
C ASP W 45 23.64 6.30 -18.04
N GLU W 46 23.51 6.08 -19.35
CA GLU W 46 22.52 5.17 -19.91
C GLU W 46 23.06 4.60 -21.21
N LEU W 47 22.96 3.27 -21.35
CA LEU W 47 23.31 2.58 -22.58
C LEU W 47 22.06 1.93 -23.15
N ALA W 48 21.79 2.22 -24.41
CA ALA W 48 20.70 1.59 -25.14
C ALA W 48 21.29 0.72 -26.24
N LEU W 49 20.76 -0.51 -26.37
CA LEU W 49 21.11 -1.39 -27.47
C LEU W 49 19.88 -1.56 -28.37
N VAL W 50 20.11 -1.50 -29.69
CA VAL W 50 19.04 -1.78 -30.64
C VAL W 50 19.54 -2.78 -31.68
N ASP W 51 18.64 -3.70 -32.05
CA ASP W 51 18.87 -4.64 -33.15
C ASP W 51 17.51 -5.09 -33.67
N VAL W 52 17.53 -5.96 -34.68
CA VAL W 52 16.31 -6.52 -35.25
C VAL W 52 16.07 -7.92 -34.69
N ILE W 53 17.12 -8.59 -34.26
CA ILE W 53 17.03 -9.92 -33.68
C ILE W 53 16.68 -9.76 -32.20
N GLU W 54 15.42 -10.09 -31.86
CA GLU W 54 14.86 -9.69 -30.58
C GLU W 54 15.36 -10.58 -29.45
N ASP W 55 15.54 -11.87 -29.74
CA ASP W 55 16.02 -12.81 -28.73
C ASP W 55 17.44 -12.48 -28.30
N LYS W 56 18.33 -12.32 -29.30
CA LYS W 56 19.74 -12.01 -29.07
C LYS W 56 19.86 -10.70 -28.31
N LEU W 57 19.05 -9.72 -28.70
CA LEU W 57 19.07 -8.37 -28.16
C LEU W 57 18.76 -8.41 -26.67
N LYS W 58 17.67 -9.08 -26.29
CA LYS W 58 17.25 -9.18 -24.91
C LYS W 58 18.30 -9.92 -24.09
N GLY W 59 18.86 -10.99 -24.67
CA GLY W 59 19.87 -11.79 -23.99
C GLY W 59 21.13 -10.99 -23.64
N GLU W 60 21.59 -10.20 -24.62
CA GLU W 60 22.76 -9.35 -24.46
C GLU W 60 22.52 -8.32 -23.37
N MET W 61 21.39 -7.62 -23.47
CA MET W 61 20.99 -6.63 -22.47
C MET W 61 21.05 -7.25 -21.07
N MET W 62 20.36 -8.39 -20.90
CA MET W 62 20.30 -9.08 -19.61
C MET W 62 21.68 -9.45 -19.10
N ASP W 63 22.56 -9.94 -19.99
CA ASP W 63 23.89 -10.37 -19.56
C ASP W 63 24.65 -9.17 -18.97
N LEU W 64 24.56 -8.02 -19.65
CA LEU W 64 25.19 -6.81 -19.17
C LEU W 64 24.55 -6.37 -17.85
N GLN W 65 23.22 -6.43 -17.79
CA GLN W 65 22.49 -6.02 -16.60
C GLN W 65 22.89 -6.82 -15.37
N HIS W 66 23.16 -8.12 -15.56
CA HIS W 66 23.51 -8.96 -14.43
C HIS W 66 24.85 -8.55 -13.81
N GLY W 67 25.65 -7.81 -14.58
CA GLY W 67 26.95 -7.36 -14.12
C GLY W 67 26.92 -5.93 -13.56
N SER W 68 25.72 -5.39 -13.34
CA SER W 68 25.52 -4.00 -12.95
C SER W 68 26.28 -3.65 -11.67
N LEU W 69 26.40 -4.64 -10.77
CA LEU W 69 27.10 -4.46 -9.51
C LEU W 69 28.52 -3.96 -9.77
N PHE W 70 29.10 -4.35 -10.90
CA PHE W 70 30.51 -4.11 -11.17
C PHE W 70 30.70 -2.97 -12.17
N LEU W 71 29.60 -2.29 -12.52
CA LEU W 71 29.67 -1.17 -13.44
C LEU W 71 29.18 0.10 -12.76
N ARG W 72 29.33 1.22 -13.49
CA ARG W 72 28.86 2.51 -13.01
C ARG W 72 28.01 3.15 -14.09
N THR W 73 27.31 2.30 -14.86
CA THR W 73 26.30 2.77 -15.78
C THR W 73 24.96 2.22 -15.28
N PRO W 74 24.11 3.06 -14.65
CA PRO W 74 22.95 2.56 -13.93
C PRO W 74 21.77 2.11 -14.78
N LYS W 75 21.72 2.52 -16.04
CA LYS W 75 20.58 2.18 -16.88
C LYS W 75 21.05 1.55 -18.19
N ILE W 76 20.70 0.27 -18.38
CA ILE W 76 20.93 -0.44 -19.63
C ILE W 76 19.56 -0.87 -20.15
N VAL W 77 19.24 -0.44 -21.38
CA VAL W 77 17.99 -0.78 -22.02
C VAL W 77 18.26 -1.33 -23.42
N SER W 78 17.29 -2.08 -23.93
CA SER W 78 17.31 -2.56 -25.31
C SER W 78 15.89 -2.62 -25.87
N GLY W 79 15.81 -2.68 -27.20
CA GLY W 79 14.53 -2.80 -27.88
C GLY W 79 14.73 -2.76 -29.39
N LYS W 80 13.81 -3.43 -30.11
CA LYS W 80 13.68 -3.29 -31.54
C LYS W 80 13.25 -1.88 -31.91
N ASP W 81 12.43 -1.29 -31.04
CA ASP W 81 11.88 0.03 -31.27
C ASP W 81 12.94 1.07 -30.92
N TYR W 82 13.12 2.05 -31.80
CA TYR W 82 14.15 3.08 -31.63
C TYR W 82 13.80 4.10 -30.55
N ASN W 83 12.64 3.95 -29.92
CA ASN W 83 12.27 4.88 -28.88
C ASN W 83 13.15 4.66 -27.64
N VAL W 84 13.78 3.49 -27.52
CA VAL W 84 14.70 3.23 -26.42
C VAL W 84 15.97 4.06 -26.59
N THR W 85 16.11 4.70 -27.77
CA THR W 85 17.33 5.40 -28.19
C THR W 85 17.25 6.88 -27.86
N ALA W 86 16.10 7.35 -27.36
CA ALA W 86 15.78 8.76 -27.28
C ALA W 86 16.80 9.52 -26.42
N ASN W 87 17.18 10.70 -26.91
CA ASN W 87 18.05 11.65 -26.22
C ASN W 87 19.46 11.08 -26.02
N SER W 88 19.94 10.34 -27.01
CA SER W 88 21.33 9.90 -27.02
C SER W 88 22.24 11.09 -27.38
N LYS W 89 23.38 11.19 -26.69
CA LYS W 89 24.41 12.13 -27.08
C LYS W 89 25.19 11.57 -28.26
N LEU W 90 25.37 10.24 -28.24
CA LEU W 90 26.19 9.54 -29.22
C LEU W 90 25.49 8.25 -29.60
N VAL W 91 25.36 8.03 -30.90
CA VAL W 91 24.76 6.82 -31.44
C VAL W 91 25.80 6.12 -32.31
N ILE W 92 26.14 4.88 -31.94
CA ILE W 92 27.17 4.13 -32.64
C ILE W 92 26.49 3.06 -33.50
N ILE W 93 26.68 3.12 -34.82
CA ILE W 93 26.07 2.19 -35.75
C ILE W 93 27.07 1.08 -36.08
N THR W 94 26.73 -0.15 -35.67
CA THR W 94 27.57 -1.31 -35.96
C THR W 94 26.77 -2.36 -36.73
N ALA W 95 25.52 -2.02 -37.08
CA ALA W 95 24.65 -2.99 -37.72
C ALA W 95 24.96 -3.08 -39.20
N GLY W 96 24.62 -4.24 -39.78
CA GLY W 96 24.87 -4.48 -41.19
C GLY W 96 25.63 -5.78 -41.43
N ALA W 97 25.92 -6.05 -42.71
CA ALA W 97 26.80 -7.13 -43.09
C ALA W 97 28.26 -6.81 -42.71
N ARG W 98 29.02 -7.86 -42.45
CA ARG W 98 30.48 -7.72 -42.29
C ARG W 98 31.14 -8.65 -43.28
N GLN W 99 32.41 -8.36 -43.58
CA GLN W 99 33.10 -9.08 -44.64
C GLN W 99 33.50 -10.47 -44.15
N GLN W 100 33.34 -11.46 -45.06
CA GLN W 100 33.89 -12.77 -44.83
C GLN W 100 35.33 -12.78 -45.29
N GLU W 101 35.94 -13.96 -45.04
CA GLU W 101 37.29 -14.27 -45.44
C GLU W 101 37.36 -14.02 -46.96
N GLY W 102 38.33 -13.18 -47.33
CA GLY W 102 38.58 -12.85 -48.73
C GLY W 102 37.74 -11.69 -49.27
N GLU W 103 36.70 -11.28 -48.54
CA GLU W 103 35.73 -10.31 -49.06
C GLU W 103 36.18 -8.88 -48.74
N SER W 104 36.21 -8.02 -49.75
CA SER W 104 36.48 -6.59 -49.58
C SER W 104 35.32 -5.94 -48.83
N ARG W 105 35.63 -5.02 -47.91
CA ARG W 105 34.61 -4.24 -47.23
C ARG W 105 33.74 -3.49 -48.23
N LEU W 106 34.31 -3.15 -49.39
CA LEU W 106 33.59 -2.38 -50.40
C LEU W 106 32.46 -3.21 -51.00
N ASN W 107 32.51 -4.52 -50.79
CA ASN W 107 31.52 -5.46 -51.31
C ASN W 107 30.26 -5.48 -50.46
N LEU W 108 30.31 -4.81 -49.30
CA LEU W 108 29.17 -4.74 -48.38
C LEU W 108 28.28 -3.54 -48.69
N VAL W 109 28.61 -2.77 -49.74
CA VAL W 109 28.11 -1.41 -49.81
C VAL W 109 26.59 -1.35 -49.97
N GLN W 110 26.07 -2.08 -50.97
CA GLN W 110 24.66 -1.93 -51.29
C GLN W 110 23.79 -2.53 -50.18
N ARG W 111 24.26 -3.65 -49.59
CA ARG W 111 23.51 -4.29 -48.54
C ARG W 111 23.37 -3.35 -47.35
N ASN W 112 24.49 -2.70 -46.98
CA ASN W 112 24.52 -1.89 -45.79
C ASN W 112 23.91 -0.50 -46.07
N VAL W 113 23.95 -0.03 -47.32
CA VAL W 113 23.29 1.22 -47.67
C VAL W 113 21.78 1.03 -47.45
N ASN W 114 21.27 -0.14 -47.88
CA ASN W 114 19.85 -0.43 -47.72
C ASN W 114 19.47 -0.41 -46.24
N ILE W 115 20.33 -1.01 -45.41
CA ILE W 115 20.12 -1.11 -43.97
C ILE W 115 20.07 0.30 -43.37
N PHE W 116 20.99 1.16 -43.81
CA PHE W 116 21.13 2.51 -43.29
C PHE W 116 19.91 3.36 -43.62
N LYS W 117 19.26 3.07 -44.75
CA LYS W 117 18.03 3.75 -45.14
C LYS W 117 16.93 3.56 -44.08
N PHE W 118 17.02 2.47 -43.31
CA PHE W 118 16.06 2.21 -42.25
C PHE W 118 16.56 2.80 -40.93
N ILE W 119 17.84 2.56 -40.64
CA ILE W 119 18.42 2.83 -39.34
C ILE W 119 18.52 4.33 -39.11
N ILE W 120 19.12 5.05 -40.06
CA ILE W 120 19.56 6.41 -39.82
C ILE W 120 18.39 7.33 -39.50
N PRO W 121 17.28 7.32 -40.30
CA PRO W 121 16.11 8.16 -40.01
C PRO W 121 15.48 7.89 -38.65
N ASN W 122 15.55 6.63 -38.21
CA ASN W 122 15.01 6.24 -36.91
C ASN W 122 15.86 6.78 -35.77
N VAL W 123 17.18 6.71 -35.94
CA VAL W 123 18.11 7.26 -34.96
C VAL W 123 17.87 8.75 -34.82
N VAL W 124 17.76 9.43 -35.96
CA VAL W 124 17.65 10.89 -36.02
C VAL W 124 16.32 11.33 -35.43
N LYS W 125 15.27 10.54 -35.66
CA LYS W 125 13.95 10.82 -35.11
C LYS W 125 14.03 11.03 -33.60
N TYR W 126 14.74 10.14 -32.89
CA TYR W 126 14.69 10.07 -31.43
C TYR W 126 15.85 10.81 -30.76
N SER W 127 16.94 11.03 -31.49
CA SER W 127 18.09 11.77 -30.97
C SER W 127 18.59 12.74 -32.03
N PRO W 128 17.83 13.82 -32.34
CA PRO W 128 18.20 14.73 -33.43
C PRO W 128 19.51 15.48 -33.22
N ASN W 129 19.96 15.57 -31.96
CA ASN W 129 21.15 16.35 -31.67
C ASN W 129 22.35 15.47 -31.33
N CYS W 130 22.24 14.18 -31.65
CA CYS W 130 23.31 13.26 -31.32
C CYS W 130 24.48 13.44 -32.28
N LYS W 131 25.62 12.87 -31.91
CA LYS W 131 26.68 12.60 -32.86
C LYS W 131 26.51 11.17 -33.33
N LEU W 132 26.69 10.97 -34.63
CA LEU W 132 26.64 9.66 -35.24
C LEU W 132 28.06 9.15 -35.43
N LEU W 133 28.37 8.00 -34.83
CA LEU W 133 29.64 7.34 -35.05
C LEU W 133 29.39 6.06 -35.85
N ILE W 134 29.83 6.06 -37.11
CA ILE W 134 29.59 4.93 -38.01
C ILE W 134 30.76 3.96 -37.91
N VAL W 135 30.43 2.68 -37.70
CA VAL W 135 31.44 1.64 -37.56
C VAL W 135 31.26 0.60 -38.66
N SER W 136 30.02 0.44 -39.14
CA SER W 136 29.67 -0.48 -40.22
C SER W 136 30.52 -0.21 -41.45
N ASN W 137 30.79 -1.27 -42.23
CA ASN W 137 31.70 -1.18 -43.36
C ASN W 137 30.93 -1.19 -44.67
N PRO W 138 31.45 -0.59 -45.78
CA PRO W 138 32.67 0.20 -45.75
C PRO W 138 32.43 1.55 -45.07
N VAL W 139 33.17 1.79 -43.99
CA VAL W 139 32.87 2.84 -43.03
C VAL W 139 32.94 4.21 -43.70
N ASP W 140 33.84 4.37 -44.69
CA ASP W 140 34.08 5.69 -45.27
C ASP W 140 32.88 6.08 -46.13
N ILE W 141 32.40 5.14 -46.94
CA ILE W 141 31.24 5.36 -47.77
C ILE W 141 29.99 5.47 -46.90
N LEU W 142 29.87 4.59 -45.90
CA LEU W 142 28.69 4.57 -45.05
C LEU W 142 28.61 5.81 -44.17
N THR W 143 29.75 6.46 -43.88
CA THR W 143 29.74 7.72 -43.15
C THR W 143 29.08 8.79 -44.01
N TYR W 144 29.48 8.80 -45.29
CA TYR W 144 28.91 9.70 -46.28
C TYR W 144 27.41 9.43 -46.40
N VAL W 145 27.02 8.15 -46.42
CA VAL W 145 25.62 7.77 -46.54
C VAL W 145 24.85 8.27 -45.33
N ALA W 146 25.37 8.02 -44.11
CA ALA W 146 24.72 8.45 -42.89
C ALA W 146 24.58 9.97 -42.90
N TRP W 147 25.53 10.68 -43.52
CA TRP W 147 25.52 12.13 -43.57
C TRP W 147 24.41 12.61 -44.49
N LYS W 148 24.31 12.01 -45.69
CA LYS W 148 23.28 12.33 -46.65
C LYS W 148 21.89 12.03 -46.08
N ILE W 149 21.74 10.85 -45.45
CA ILE W 149 20.44 10.41 -44.99
C ILE W 149 19.97 11.25 -43.80
N SER W 150 20.86 11.43 -42.80
CA SER W 150 20.53 12.10 -41.55
C SER W 150 20.18 13.57 -41.75
N GLY W 151 20.89 14.22 -42.68
CA GLY W 151 20.78 15.66 -42.88
C GLY W 151 21.54 16.46 -41.83
N PHE W 152 22.37 15.76 -41.05
CA PHE W 152 23.17 16.37 -40.00
C PHE W 152 24.27 17.22 -40.63
N PRO W 153 24.79 18.23 -39.90
CA PRO W 153 26.02 18.91 -40.30
C PRO W 153 27.14 17.88 -40.22
N LYS W 154 28.20 18.10 -41.00
CA LYS W 154 29.23 17.10 -41.22
C LYS W 154 30.03 16.82 -39.93
N ASN W 155 30.01 17.79 -39.01
CA ASN W 155 30.76 17.62 -37.77
C ASN W 155 30.15 16.54 -36.89
N ARG W 156 28.86 16.23 -37.09
CA ARG W 156 28.17 15.28 -36.24
C ARG W 156 28.04 13.91 -36.89
N VAL W 157 28.77 13.67 -37.98
CA VAL W 157 28.79 12.34 -38.60
C VAL W 157 30.24 11.91 -38.74
N ILE W 158 30.63 10.91 -37.95
CA ILE W 158 32.02 10.49 -37.79
C ILE W 158 32.10 9.00 -38.10
N GLY W 159 33.04 8.61 -38.98
CA GLY W 159 33.30 7.19 -39.22
C GLY W 159 34.50 6.75 -38.41
N SER W 160 34.42 5.54 -37.81
CA SER W 160 35.51 5.02 -36.99
C SER W 160 36.82 5.01 -37.78
N GLY W 161 36.69 4.86 -39.11
CA GLY W 161 37.77 5.11 -40.05
C GLY W 161 39.03 4.33 -39.70
N CYS W 162 40.16 5.04 -39.72
CA CYS W 162 41.47 4.41 -39.57
C CYS W 162 42.00 4.52 -38.14
N ASN W 163 41.12 4.82 -37.16
CA ASN W 163 41.53 4.86 -35.76
C ASN W 163 42.12 3.49 -35.41
N LEU W 164 41.46 2.42 -35.87
CA LEU W 164 41.90 1.07 -35.58
C LEU W 164 43.16 0.72 -36.39
N ASP W 165 43.21 1.12 -37.66
CA ASP W 165 44.36 0.85 -38.51
C ASP W 165 45.61 1.46 -37.90
N SER W 166 45.48 2.70 -37.41
CA SER W 166 46.60 3.39 -36.80
C SER W 166 47.00 2.68 -35.49
N ALA W 167 46.01 2.20 -34.74
CA ALA W 167 46.23 1.47 -33.50
C ALA W 167 47.02 0.19 -33.76
N ARG W 168 46.62 -0.54 -34.81
CA ARG W 168 47.32 -1.75 -35.23
C ARG W 168 48.74 -1.40 -35.64
N PHE W 169 48.87 -0.33 -36.43
CA PHE W 169 50.16 0.13 -36.94
C PHE W 169 51.11 0.38 -35.78
N ARG W 170 50.61 1.09 -34.76
CA ARG W 170 51.41 1.46 -33.61
C ARG W 170 51.74 0.23 -32.76
N TYR W 171 50.83 -0.74 -32.73
CA TYR W 171 51.09 -1.97 -32.02
C TYR W 171 52.28 -2.69 -32.63
N LEU W 172 52.25 -2.83 -33.96
CA LEU W 172 53.29 -3.53 -34.70
C LEU W 172 54.61 -2.76 -34.64
N MET W 173 54.53 -1.43 -34.75
CA MET W 173 55.68 -0.56 -34.59
C MET W 173 56.34 -0.85 -33.25
N GLY W 174 55.51 -0.87 -32.21
CA GLY W 174 55.96 -1.11 -30.84
C GLY W 174 56.62 -2.48 -30.66
N GLU W 175 56.06 -3.50 -31.33
CA GLU W 175 56.57 -4.85 -31.27
C GLU W 175 58.00 -4.88 -31.79
N ARG W 176 58.22 -4.17 -32.91
CA ARG W 176 59.53 -4.14 -33.54
C ARG W 176 60.54 -3.37 -32.69
N LEU W 177 60.09 -2.29 -32.03
CA LEU W 177 61.02 -1.38 -31.38
C LEU W 177 61.20 -1.68 -29.90
N GLY W 178 60.32 -2.50 -29.32
CA GLY W 178 60.34 -2.81 -27.89
C GLY W 178 59.85 -1.63 -27.04
N VAL W 179 58.86 -0.91 -27.60
CA VAL W 179 58.28 0.26 -26.96
C VAL W 179 56.76 0.08 -26.92
N HIS W 180 56.13 0.57 -25.85
CA HIS W 180 54.69 0.53 -25.76
C HIS W 180 54.10 1.32 -26.91
N PRO W 181 53.00 0.83 -27.55
CA PRO W 181 52.36 1.57 -28.64
C PRO W 181 52.05 3.02 -28.31
N LEU W 182 51.84 3.33 -27.03
CA LEU W 182 51.50 4.68 -26.61
C LEU W 182 52.64 5.63 -26.97
N SER W 183 53.88 5.11 -26.98
CA SER W 183 55.06 5.92 -27.25
C SER W 183 55.55 5.78 -28.69
N CYS W 184 54.83 5.00 -29.50
CA CYS W 184 55.10 4.83 -30.93
C CYS W 184 54.07 5.61 -31.74
N HIS W 185 54.50 6.52 -32.60
CA HIS W 185 53.60 7.39 -33.33
C HIS W 185 53.72 7.13 -34.83
N GLY W 186 52.58 7.19 -35.51
CA GLY W 186 52.45 6.87 -36.91
C GLY W 186 50.98 6.79 -37.32
N TRP W 187 50.67 7.36 -38.48
CA TRP W 187 49.29 7.52 -38.92
C TRP W 187 49.05 6.71 -40.20
N VAL W 188 47.93 5.98 -40.19
CA VAL W 188 47.40 5.36 -41.39
C VAL W 188 46.13 6.12 -41.76
N LEU W 189 46.11 6.69 -42.97
CA LEU W 189 45.02 7.56 -43.40
C LEU W 189 44.32 7.01 -44.65
N GLY W 190 43.25 7.68 -45.06
CA GLY W 190 42.50 7.29 -46.25
C GLY W 190 41.41 6.27 -45.95
N GLU W 191 41.26 5.27 -46.83
CA GLU W 191 40.26 4.23 -46.68
C GLU W 191 40.64 3.30 -45.54
N HIS W 192 39.65 3.00 -44.69
CA HIS W 192 39.76 1.88 -43.79
C HIS W 192 39.61 0.62 -44.63
N GLY W 193 40.70 0.17 -45.22
CA GLY W 193 40.66 -0.92 -46.17
C GLY W 193 41.98 -1.04 -46.91
N ASP W 194 41.91 -1.64 -48.10
CA ASP W 194 43.08 -2.06 -48.85
C ASP W 194 43.91 -0.86 -49.33
N SER W 195 43.28 0.31 -49.51
CA SER W 195 43.97 1.46 -50.06
C SER W 195 44.39 2.47 -48.98
N SER W 196 44.56 1.98 -47.75
CA SER W 196 45.03 2.85 -46.67
C SER W 196 46.46 3.33 -46.95
N VAL W 197 46.77 4.52 -46.44
CA VAL W 197 48.03 5.18 -46.70
C VAL W 197 48.82 5.32 -45.40
N PRO W 198 49.97 4.65 -45.25
CA PRO W 198 50.84 4.84 -44.09
C PRO W 198 51.72 6.07 -44.31
N VAL W 199 51.69 6.98 -43.33
CA VAL W 199 52.42 8.23 -43.43
C VAL W 199 53.80 8.04 -42.80
N TRP W 200 54.73 7.51 -43.63
CA TRP W 200 56.10 7.22 -43.18
C TRP W 200 56.78 8.49 -42.69
N SER W 201 56.44 9.63 -43.30
CA SER W 201 57.06 10.90 -42.96
C SER W 201 56.80 11.31 -41.50
N GLY W 202 55.70 10.79 -40.93
CA GLY W 202 55.24 11.16 -39.61
C GLY W 202 55.63 10.19 -38.50
N MET W 203 56.15 9.02 -38.90
CA MET W 203 56.48 7.97 -37.95
C MET W 203 57.62 8.41 -37.04
N ASN W 204 57.43 8.30 -35.72
CA ASN W 204 58.42 8.79 -34.78
C ASN W 204 58.26 8.13 -33.41
N VAL W 205 59.37 8.14 -32.66
CA VAL W 205 59.39 7.83 -31.24
C VAL W 205 60.06 9.02 -30.56
N ALA W 206 59.42 9.53 -29.50
CA ALA W 206 59.95 10.64 -28.71
C ALA W 206 60.31 11.83 -29.60
N GLY W 207 59.57 12.01 -30.71
CA GLY W 207 59.74 13.15 -31.59
C GLY W 207 60.85 12.96 -32.61
N VAL W 208 61.50 11.80 -32.59
CA VAL W 208 62.60 11.51 -33.49
C VAL W 208 62.04 10.84 -34.74
N SER W 209 62.14 11.52 -35.90
CA SER W 209 61.64 10.99 -37.16
C SER W 209 62.39 9.73 -37.57
N LEU W 210 61.62 8.64 -37.77
CA LEU W 210 62.20 7.35 -38.11
C LEU W 210 62.71 7.37 -39.56
N LYS W 211 62.03 8.13 -40.42
CA LYS W 211 62.43 8.25 -41.82
C LYS W 211 63.76 9.00 -41.93
N THR W 212 63.96 9.97 -41.03
CA THR W 212 65.22 10.71 -40.95
C THR W 212 66.36 9.76 -40.60
N LEU W 213 66.11 8.91 -39.60
CA LEU W 213 67.11 7.94 -39.13
C LEU W 213 67.37 6.88 -40.17
N HIS W 214 66.32 6.53 -40.94
CA HIS W 214 66.32 5.36 -41.81
C HIS W 214 65.55 5.71 -43.08
N PRO W 215 66.21 6.36 -44.06
CA PRO W 215 65.52 6.85 -45.25
C PRO W 215 64.84 5.79 -46.09
N ASP W 216 65.28 4.52 -45.95
CA ASP W 216 64.66 3.43 -46.69
C ASP W 216 63.28 3.09 -46.16
N LEU W 217 62.94 3.60 -44.96
CA LEU W 217 61.68 3.28 -44.30
C LEU W 217 60.52 3.46 -45.27
N GLY W 218 59.74 2.40 -45.48
CA GLY W 218 58.51 2.50 -46.29
C GLY W 218 58.73 2.08 -47.75
N THR W 219 60.00 1.90 -48.17
CA THR W 219 60.27 1.63 -49.58
C THR W 219 60.55 0.15 -49.75
N ASP W 220 60.59 -0.34 -50.98
CA ASP W 220 60.86 -1.72 -51.31
C ASP W 220 62.33 -2.05 -51.06
N LYS W 221 63.21 -1.04 -51.15
CA LYS W 221 64.64 -1.28 -50.97
C LYS W 221 64.97 -1.56 -49.50
N ASP W 222 64.05 -1.18 -48.60
CA ASP W 222 64.22 -1.28 -47.16
C ASP W 222 64.60 -2.69 -46.72
N LYS W 223 65.82 -2.81 -46.19
CA LYS W 223 66.38 -4.07 -45.69
C LYS W 223 65.52 -4.59 -44.53
N GLU W 224 64.89 -3.67 -43.80
CA GLU W 224 64.13 -4.03 -42.62
C GLU W 224 62.66 -4.28 -42.95
N GLN W 225 62.26 -3.90 -44.16
CA GLN W 225 60.94 -4.22 -44.69
C GLN W 225 59.85 -3.59 -43.84
N TRP W 226 59.96 -2.29 -43.58
CA TRP W 226 58.93 -1.64 -42.78
C TRP W 226 57.61 -1.54 -43.55
N LYS W 227 57.67 -1.67 -44.88
CA LYS W 227 56.46 -1.63 -45.69
C LYS W 227 55.52 -2.77 -45.28
N GLU W 228 56.11 -3.86 -44.79
CA GLU W 228 55.40 -5.05 -44.35
C GLU W 228 54.54 -4.76 -43.13
N VAL W 229 54.94 -3.78 -42.31
CA VAL W 229 54.13 -3.40 -41.17
C VAL W 229 52.78 -2.88 -41.66
N HIS W 230 52.78 -2.05 -42.70
CA HIS W 230 51.52 -1.56 -43.25
C HIS W 230 50.77 -2.69 -43.91
N LYS W 231 51.49 -3.61 -44.54
CA LYS W 231 50.83 -4.71 -45.23
C LYS W 231 50.07 -5.56 -44.22
N GLN W 232 50.65 -5.66 -43.02
CA GLN W 232 50.05 -6.41 -41.94
C GLN W 232 48.83 -5.67 -41.40
N VAL W 233 48.84 -4.34 -41.53
CA VAL W 233 47.70 -3.56 -41.08
C VAL W 233 46.50 -3.82 -41.99
N VAL W 234 46.75 -3.78 -43.30
CA VAL W 234 45.73 -4.03 -44.30
C VAL W 234 45.16 -5.44 -44.12
N GLU W 235 46.03 -6.38 -43.76
CA GLU W 235 45.69 -7.79 -43.78
C GLU W 235 45.17 -8.28 -42.43
N SER W 236 45.24 -7.43 -41.40
CA SER W 236 44.87 -7.79 -40.03
C SER W 236 43.46 -8.35 -39.99
N ALA W 237 42.51 -7.53 -40.49
CA ALA W 237 41.10 -7.87 -40.44
C ALA W 237 40.86 -9.24 -41.07
N TYR W 238 41.46 -9.45 -42.23
CA TYR W 238 41.29 -10.68 -42.98
C TYR W 238 41.89 -11.86 -42.22
N GLU W 239 43.04 -11.63 -41.59
CA GLU W 239 43.71 -12.74 -40.91
C GLU W 239 42.93 -13.11 -39.65
N VAL W 240 42.44 -12.10 -38.90
CA VAL W 240 41.66 -12.39 -37.71
C VAL W 240 40.37 -13.08 -38.12
N ILE W 241 39.71 -12.59 -39.18
CA ILE W 241 38.49 -13.20 -39.70
C ILE W 241 38.77 -14.66 -40.04
N LYS W 242 39.89 -14.90 -40.74
CA LYS W 242 40.28 -16.24 -41.12
C LYS W 242 40.41 -17.12 -39.87
N LEU W 243 40.96 -16.55 -38.78
CA LEU W 243 41.30 -17.36 -37.63
C LEU W 243 40.12 -17.57 -36.69
N LYS W 244 39.30 -16.53 -36.47
CA LYS W 244 38.26 -16.62 -35.45
C LYS W 244 36.87 -16.25 -36.00
N GLY W 245 36.79 -15.86 -37.27
CA GLY W 245 35.51 -15.65 -37.92
C GLY W 245 35.10 -14.19 -38.02
N TYR W 246 35.64 -13.35 -37.14
CA TYR W 246 35.29 -11.94 -37.08
C TYR W 246 36.35 -11.19 -36.28
N THR W 247 36.28 -9.86 -36.28
CA THR W 247 37.06 -9.07 -35.34
C THR W 247 36.09 -8.37 -34.39
N SER W 248 36.51 -8.16 -33.14
CA SER W 248 35.62 -7.59 -32.15
C SER W 248 36.36 -6.68 -31.17
N TRP W 249 37.38 -7.22 -30.50
CA TRP W 249 37.93 -6.55 -29.33
C TRP W 249 38.61 -5.24 -29.69
N ALA W 250 39.42 -5.27 -30.76
CA ALA W 250 40.22 -4.13 -31.17
C ALA W 250 39.32 -2.98 -31.63
N ILE W 251 38.34 -3.30 -32.47
CA ILE W 251 37.42 -2.29 -32.97
C ILE W 251 36.58 -1.73 -31.81
N GLY W 252 36.23 -2.60 -30.85
CA GLY W 252 35.48 -2.21 -29.68
C GLY W 252 36.21 -1.14 -28.86
N LEU W 253 37.48 -1.44 -28.55
CA LEU W 253 38.33 -0.54 -27.82
C LEU W 253 38.52 0.76 -28.60
N SER W 254 38.73 0.62 -29.93
CA SER W 254 38.95 1.78 -30.79
C SER W 254 37.75 2.73 -30.73
N VAL W 255 36.53 2.16 -30.75
CA VAL W 255 35.29 2.90 -30.74
C VAL W 255 35.10 3.59 -29.38
N ALA W 256 35.45 2.89 -28.29
CA ALA W 256 35.33 3.48 -26.96
C ALA W 256 36.31 4.65 -26.83
N ASP W 257 37.45 4.51 -27.52
CA ASP W 257 38.45 5.56 -27.54
C ASP W 257 37.85 6.83 -28.14
N LEU W 258 37.13 6.67 -29.26
CA LEU W 258 36.51 7.80 -29.93
C LEU W 258 35.39 8.36 -29.07
N ALA W 259 34.58 7.45 -28.50
CA ALA W 259 33.48 7.82 -27.63
C ALA W 259 33.98 8.65 -26.45
N GLU W 260 35.13 8.27 -25.89
CA GLU W 260 35.70 8.97 -24.76
C GLU W 260 36.00 10.43 -25.12
N SER W 261 36.59 10.64 -26.30
CA SER W 261 36.95 11.98 -26.75
C SER W 261 35.70 12.82 -26.99
N ILE W 262 34.64 12.19 -27.53
CA ILE W 262 33.42 12.91 -27.81
C ILE W 262 32.72 13.28 -26.50
N MET W 263 32.48 12.29 -25.63
CA MET W 263 31.70 12.45 -24.42
C MET W 263 32.36 13.41 -23.44
N LYS W 264 33.70 13.37 -23.36
CA LYS W 264 34.42 14.16 -22.38
C LYS W 264 34.99 15.43 -23.00
N ASN W 265 34.69 15.69 -24.29
CA ASN W 265 35.07 16.90 -25.01
C ASN W 265 36.57 17.14 -24.93
N LEU W 266 37.36 16.08 -25.18
CA LEU W 266 38.79 16.11 -24.94
C LEU W 266 39.54 16.96 -25.97
N ARG W 267 39.02 17.01 -27.21
CA ARG W 267 39.72 17.66 -28.31
C ARG W 267 41.05 16.96 -28.57
N ARG W 268 41.01 15.62 -28.51
CA ARG W 268 42.11 14.80 -28.95
C ARG W 268 42.03 14.62 -30.47
N VAL W 269 43.15 14.21 -31.04
CA VAL W 269 43.25 14.02 -32.49
C VAL W 269 43.18 12.54 -32.82
N HIS W 270 42.24 12.16 -33.69
CA HIS W 270 42.02 10.78 -34.11
C HIS W 270 41.88 10.75 -35.62
N PRO W 271 42.40 9.70 -36.30
CA PRO W 271 42.18 9.53 -37.74
C PRO W 271 40.82 8.87 -37.97
N VAL W 272 39.82 9.68 -38.37
CA VAL W 272 38.44 9.23 -38.47
C VAL W 272 37.88 9.70 -39.80
N SER W 273 36.81 9.05 -40.28
CA SER W 273 36.25 9.34 -41.59
C SER W 273 35.45 10.64 -41.54
N THR W 274 35.81 11.55 -42.43
CA THR W 274 35.12 12.81 -42.54
C THR W 274 35.23 13.31 -43.97
N MET W 275 34.46 14.36 -44.28
CA MET W 275 34.49 14.88 -45.62
C MET W 275 35.80 15.66 -45.82
N ILE W 276 36.55 15.32 -46.87
CA ILE W 276 37.85 15.90 -47.14
C ILE W 276 37.86 16.72 -48.43
N LYS W 277 36.68 16.97 -48.99
CA LYS W 277 36.55 17.85 -50.14
C LYS W 277 37.33 19.14 -49.89
N GLY W 278 38.15 19.53 -50.88
CA GLY W 278 38.96 20.74 -50.82
C GLY W 278 40.39 20.52 -50.32
N LEU W 279 40.69 19.31 -49.83
CA LEU W 279 42.05 18.98 -49.39
C LEU W 279 42.68 18.01 -50.38
N TYR W 280 44.00 18.18 -50.58
CA TYR W 280 44.82 17.32 -51.41
C TYR W 280 44.24 17.18 -52.82
N GLY W 281 43.55 18.24 -53.28
CA GLY W 281 43.06 18.33 -54.64
C GLY W 281 41.84 17.44 -54.89
N ILE W 282 41.23 16.94 -53.81
CA ILE W 282 39.98 16.19 -53.92
C ILE W 282 38.84 17.20 -54.06
N LYS W 283 37.99 17.01 -55.07
CA LYS W 283 36.98 18.00 -55.41
C LYS W 283 35.55 17.48 -55.14
N ASP W 284 35.44 16.18 -54.80
CA ASP W 284 34.15 15.57 -54.58
C ASP W 284 33.85 15.36 -53.11
N ASP W 285 32.61 14.91 -52.84
CA ASP W 285 32.13 14.72 -51.48
C ASP W 285 32.65 13.41 -50.91
N VAL W 286 33.96 13.21 -50.92
CA VAL W 286 34.54 11.96 -50.48
C VAL W 286 34.74 12.03 -48.97
N PHE W 287 34.38 10.95 -48.27
CA PHE W 287 34.77 10.80 -46.88
C PHE W 287 35.93 9.82 -46.77
N LEU W 288 36.98 10.21 -46.06
CA LEU W 288 37.99 9.25 -45.64
C LEU W 288 38.67 9.77 -44.39
N SER W 289 39.63 8.98 -43.89
CA SER W 289 40.27 9.28 -42.61
C SER W 289 41.41 10.28 -42.80
N VAL W 290 41.32 11.37 -42.05
CA VAL W 290 42.42 12.30 -41.81
C VAL W 290 42.39 12.57 -40.30
N PRO W 291 43.50 13.08 -39.69
CA PRO W 291 43.48 13.40 -38.26
C PRO W 291 42.51 14.54 -37.99
N CYS W 292 41.56 14.28 -37.08
CA CYS W 292 40.54 15.24 -36.73
C CYS W 292 40.54 15.49 -35.22
N ILE W 293 40.18 16.72 -34.83
CA ILE W 293 39.98 17.07 -33.44
C ILE W 293 38.55 16.69 -33.05
N LEU W 294 38.45 15.84 -32.01
CA LEU W 294 37.19 15.25 -31.60
C LEU W 294 36.78 15.79 -30.24
N GLY W 295 35.54 16.28 -30.18
CA GLY W 295 34.98 16.77 -28.95
C GLY W 295 33.45 16.63 -28.94
N GLN W 296 32.81 17.42 -28.07
CA GLN W 296 31.40 17.27 -27.79
C GLN W 296 30.53 17.70 -28.97
N ASN W 297 31.12 18.37 -29.97
CA ASN W 297 30.37 18.70 -31.19
C ASN W 297 30.82 17.80 -32.33
N GLY W 298 31.51 16.70 -31.99
CA GLY W 298 32.05 15.80 -32.99
C GLY W 298 33.38 16.31 -33.54
N ILE W 299 33.48 16.35 -34.87
CA ILE W 299 34.73 16.73 -35.49
C ILE W 299 35.38 18.00 -34.92
N SER W 300 35.17 19.10 -35.54
CA SER W 300 35.46 20.45 -35.09
C SER W 300 36.56 21.05 -35.93
N ASP W 301 37.59 20.26 -36.20
CA ASP W 301 38.76 20.67 -36.93
C ASP W 301 39.41 19.43 -37.55
N LEU W 302 40.11 19.67 -38.68
CA LEU W 302 40.98 18.68 -39.31
C LEU W 302 42.42 19.18 -39.18
N VAL W 303 43.33 18.23 -38.97
CA VAL W 303 44.75 18.54 -39.12
C VAL W 303 45.09 18.34 -40.59
N LYS W 304 45.75 19.34 -41.18
CA LYS W 304 46.14 19.28 -42.57
C LYS W 304 47.54 18.69 -42.63
N VAL W 305 47.60 17.34 -42.66
CA VAL W 305 48.88 16.66 -42.61
C VAL W 305 49.63 16.97 -43.90
N THR W 306 50.93 17.22 -43.77
CA THR W 306 51.81 17.32 -44.91
C THR W 306 52.21 15.92 -45.37
N LEU W 307 51.98 15.66 -46.66
CA LEU W 307 52.23 14.35 -47.25
C LEU W 307 53.32 14.48 -48.30
N THR W 308 54.17 13.44 -48.41
CA THR W 308 55.03 13.33 -49.57
C THR W 308 54.13 13.22 -50.80
N SER W 309 54.66 13.59 -51.97
CA SER W 309 53.91 13.52 -53.20
C SER W 309 53.34 12.12 -53.44
N GLU W 310 54.09 11.10 -53.02
CA GLU W 310 53.62 9.72 -53.16
C GLU W 310 52.51 9.42 -52.17
N GLU W 311 52.72 9.81 -50.90
CA GLU W 311 51.72 9.65 -49.86
C GLU W 311 50.43 10.36 -50.31
N GLU W 312 50.57 11.55 -50.91
CA GLU W 312 49.42 12.29 -51.40
C GLU W 312 48.78 11.57 -52.59
N ALA W 313 49.63 11.00 -53.45
CA ALA W 313 49.14 10.27 -54.61
C ALA W 313 48.29 9.07 -54.15
N ARG W 314 48.76 8.36 -53.13
CA ARG W 314 48.08 7.19 -52.57
C ARG W 314 46.73 7.59 -51.98
N LEU W 315 46.68 8.76 -51.32
CA LEU W 315 45.47 9.27 -50.71
C LEU W 315 44.46 9.70 -51.77
N LYS W 316 44.94 10.26 -52.89
CA LYS W 316 44.07 10.65 -53.99
C LYS W 316 43.51 9.39 -54.66
N LYS W 317 44.33 8.33 -54.70
CA LYS W 317 43.92 7.04 -55.24
C LYS W 317 42.82 6.41 -54.39
N SER W 318 43.00 6.51 -53.06
CA SER W 318 42.02 6.04 -52.09
C SER W 318 40.71 6.81 -52.31
N ALA W 319 40.84 8.13 -52.47
CA ALA W 319 39.70 9.01 -52.68
C ALA W 319 38.93 8.60 -53.94
N ASP W 320 39.67 8.32 -55.02
CA ASP W 320 39.08 7.97 -56.31
C ASP W 320 38.28 6.67 -56.18
N THR W 321 38.91 5.64 -55.59
CA THR W 321 38.28 4.35 -55.36
C THR W 321 36.92 4.57 -54.70
N LEU W 322 36.93 5.35 -53.61
CA LEU W 322 35.75 5.56 -52.78
C LEU W 322 34.70 6.33 -53.55
N TRP W 323 35.13 7.39 -54.25
CA TRP W 323 34.19 8.23 -54.99
C TRP W 323 33.54 7.43 -56.11
N GLY W 324 34.32 6.52 -56.71
CA GLY W 324 33.80 5.66 -57.75
C GLY W 324 32.55 4.92 -57.29
N ILE W 325 32.57 4.44 -56.05
CA ILE W 325 31.45 3.68 -55.53
C ILE W 325 30.35 4.64 -55.06
N GLN W 326 30.76 5.74 -54.45
CA GLN W 326 29.86 6.72 -53.86
C GLN W 326 28.92 7.30 -54.93
N LYS W 327 29.48 7.61 -56.07
CA LYS W 327 28.74 8.21 -57.19
C LYS W 327 27.82 7.09 -57.69
N GLU W 328 26.57 7.34 -57.63
CA GLU W 328 25.51 6.31 -57.66
C GLU W 328 24.54 6.58 -56.50
N LEU W 329 25.00 7.33 -55.44
CA LEU W 329 24.09 7.54 -54.33
C LEU W 329 23.06 8.63 -54.65
N GLN W 330 21.87 8.44 -54.10
CA GLN W 330 20.86 9.48 -53.94
C GLN W 330 21.02 10.39 -52.70
N PHE W 331 20.64 11.66 -52.91
CA PHE W 331 20.45 12.63 -51.84
C PHE W 331 19.04 13.20 -51.96
N ALA X 1 74.11 -1.59 -38.22
CA ALA X 1 73.18 -1.95 -37.12
C ALA X 1 71.73 -1.84 -37.61
N THR X 2 70.84 -2.53 -36.89
CA THR X 2 69.40 -2.51 -37.16
C THR X 2 68.82 -1.15 -36.77
N LEU X 3 67.61 -0.85 -37.26
CA LEU X 3 66.90 0.38 -36.91
C LEU X 3 66.70 0.45 -35.40
N LYS X 4 66.31 -0.67 -34.80
CA LYS X 4 66.07 -0.76 -33.36
C LYS X 4 67.33 -0.32 -32.60
N ASP X 5 68.50 -0.80 -33.05
CA ASP X 5 69.78 -0.51 -32.39
C ASP X 5 70.22 0.93 -32.63
N GLN X 6 69.91 1.48 -33.82
CA GLN X 6 70.21 2.87 -34.12
C GLN X 6 69.37 3.78 -33.21
N LEU X 7 68.15 3.35 -32.89
CA LEU X 7 67.20 4.20 -32.18
C LEU X 7 67.35 4.04 -30.67
N ILE X 8 67.62 2.80 -30.22
CA ILE X 8 67.51 2.47 -28.81
C ILE X 8 68.82 1.87 -28.30
N TYR X 9 69.34 2.45 -27.20
CA TYR X 9 70.48 1.90 -26.51
C TYR X 9 69.97 1.06 -25.34
N ASN X 10 70.43 -0.19 -25.28
CA ASN X 10 69.99 -1.19 -24.34
C ASN X 10 70.88 -1.19 -23.11
N LEU X 11 70.27 -1.15 -21.92
CA LEU X 11 70.98 -1.32 -20.66
C LEU X 11 70.88 -2.78 -20.21
N LEU X 12 69.73 -3.38 -20.46
CA LEU X 12 69.32 -4.58 -19.74
C LEU X 12 68.65 -5.53 -20.73
N LYS X 13 68.99 -6.82 -20.66
CA LYS X 13 68.68 -7.76 -21.73
C LYS X 13 67.54 -8.70 -21.30
N GLU X 14 67.68 -9.24 -20.10
CA GLU X 14 66.72 -10.16 -19.50
C GLU X 14 65.63 -9.39 -18.74
N GLU X 15 64.48 -9.29 -19.41
CA GLU X 15 63.34 -8.44 -19.06
C GLU X 15 62.08 -9.28 -19.27
N GLN X 16 61.56 -9.87 -18.19
CA GLN X 16 60.64 -11.00 -18.34
C GLN X 16 59.85 -11.25 -17.09
N THR X 17 60.17 -12.38 -16.43
CA THR X 17 59.43 -13.17 -15.44
C THR X 17 58.27 -12.49 -14.70
N PRO X 18 57.03 -12.97 -14.91
CA PRO X 18 55.84 -12.17 -14.55
C PRO X 18 55.70 -12.11 -13.03
N GLN X 19 55.21 -10.97 -12.55
CA GLN X 19 55.01 -10.79 -11.12
C GLN X 19 53.52 -11.00 -10.78
N ASN X 20 52.65 -10.77 -11.75
CA ASN X 20 51.21 -10.73 -11.48
C ASN X 20 50.45 -11.36 -12.64
N LYS X 21 50.77 -12.62 -12.93
CA LYS X 21 50.28 -13.28 -14.12
C LYS X 21 48.96 -14.00 -13.81
N ILE X 22 48.02 -13.85 -14.75
CA ILE X 22 46.76 -14.57 -14.70
C ILE X 22 46.63 -15.42 -15.96
N THR X 23 46.21 -16.68 -15.78
CA THR X 23 45.90 -17.57 -16.88
C THR X 23 44.41 -17.83 -16.91
N VAL X 24 43.84 -17.76 -18.11
CA VAL X 24 42.48 -18.21 -18.35
C VAL X 24 42.53 -19.44 -19.25
N VAL X 25 42.04 -20.56 -18.73
CA VAL X 25 41.92 -21.79 -19.48
C VAL X 25 40.52 -21.87 -20.06
N GLY X 26 40.41 -22.01 -21.39
CA GLY X 26 39.15 -21.99 -22.11
C GLY X 26 38.88 -20.59 -22.70
N VAL X 27 38.79 -20.50 -24.04
CA VAL X 27 38.54 -19.22 -24.70
C VAL X 27 37.16 -19.25 -25.36
N GLY X 28 36.21 -19.94 -24.71
CA GLY X 28 34.79 -19.82 -25.01
C GLY X 28 34.29 -18.46 -24.55
N ALA X 29 32.99 -18.20 -24.71
CA ALA X 29 32.45 -16.88 -24.43
C ALA X 29 32.75 -16.47 -22.99
N VAL X 30 32.72 -17.45 -22.08
CA VAL X 30 32.94 -17.18 -20.66
C VAL X 30 34.41 -16.82 -20.43
N GLY X 31 35.31 -17.63 -20.98
CA GLY X 31 36.73 -17.40 -20.85
C GLY X 31 37.14 -16.01 -21.33
N MET X 32 36.58 -15.61 -22.47
CA MET X 32 36.97 -14.36 -23.09
C MET X 32 36.34 -13.17 -22.37
N ALA X 33 35.16 -13.37 -21.76
CA ALA X 33 34.56 -12.33 -20.94
C ALA X 33 35.37 -12.13 -19.67
N CYS X 34 35.91 -13.22 -19.12
CA CYS X 34 36.83 -13.14 -17.99
C CYS X 34 38.08 -12.38 -18.40
N ALA X 35 38.62 -12.71 -19.58
CA ALA X 35 39.83 -12.10 -20.12
C ALA X 35 39.66 -10.59 -20.26
N ILE X 36 38.61 -10.15 -20.98
CA ILE X 36 38.41 -8.73 -21.25
C ILE X 36 38.21 -7.97 -19.94
N SER X 37 37.45 -8.57 -19.02
CA SER X 37 37.13 -7.95 -17.75
C SER X 37 38.41 -7.75 -16.92
N ILE X 38 39.26 -8.77 -16.91
CA ILE X 38 40.53 -8.72 -16.19
C ILE X 38 41.46 -7.70 -16.86
N LEU X 39 41.48 -7.68 -18.20
CA LEU X 39 42.35 -6.77 -18.92
C LEU X 39 41.97 -5.32 -18.60
N MET X 40 40.66 -5.06 -18.47
CA MET X 40 40.24 -3.69 -18.30
C MET X 40 40.26 -3.25 -16.84
N LYS X 41 40.52 -4.19 -15.92
CA LYS X 41 40.64 -3.83 -14.52
C LYS X 41 42.10 -3.79 -14.05
N ASP X 42 43.03 -4.02 -14.99
CA ASP X 42 44.46 -3.92 -14.81
C ASP X 42 44.96 -4.88 -13.71
N LEU X 43 44.42 -6.10 -13.65
CA LEU X 43 44.70 -6.99 -12.55
C LEU X 43 46.00 -7.79 -12.80
N ALA X 44 46.48 -7.78 -14.06
CA ALA X 44 47.57 -8.66 -14.46
C ALA X 44 48.64 -7.89 -15.25
N ASP X 45 49.91 -8.30 -15.06
CA ASP X 45 51.01 -7.82 -15.87
C ASP X 45 51.24 -8.75 -17.06
N GLU X 46 50.63 -9.94 -17.00
CA GLU X 46 50.68 -10.90 -18.09
C GLU X 46 49.40 -11.73 -18.05
N LEU X 47 48.76 -11.87 -19.23
CA LEU X 47 47.60 -12.72 -19.39
C LEU X 47 47.96 -13.84 -20.36
N ALA X 48 47.72 -15.08 -19.91
CA ALA X 48 47.90 -16.25 -20.76
C ALA X 48 46.54 -16.89 -21.02
N LEU X 49 46.29 -17.24 -22.28
CA LEU X 49 45.09 -17.99 -22.65
C LEU X 49 45.51 -19.38 -23.11
N VAL X 50 44.77 -20.40 -22.67
CA VAL X 50 44.99 -21.76 -23.13
C VAL X 50 43.67 -22.39 -23.57
N ASP X 51 43.73 -23.14 -24.67
CA ASP X 51 42.61 -23.94 -25.14
C ASP X 51 43.17 -25.06 -26.00
N VAL X 52 42.27 -25.91 -26.53
CA VAL X 52 42.66 -27.01 -27.40
C VAL X 52 42.43 -26.63 -28.86
N ILE X 53 41.50 -25.69 -29.10
CA ILE X 53 41.20 -25.25 -30.45
C ILE X 53 42.20 -24.16 -30.81
N GLU X 54 43.12 -24.49 -31.71
CA GLU X 54 44.33 -23.70 -31.92
C GLU X 54 44.04 -22.44 -32.72
N ASP X 55 43.15 -22.56 -33.71
CA ASP X 55 42.78 -21.43 -34.55
C ASP X 55 42.09 -20.34 -33.75
N LYS X 56 41.05 -20.74 -33.00
CA LYS X 56 40.26 -19.84 -32.17
C LYS X 56 41.15 -19.15 -31.14
N LEU X 57 42.06 -19.94 -30.55
CA LEU X 57 42.93 -19.49 -29.48
C LEU X 57 43.83 -18.37 -29.98
N LYS X 58 44.49 -18.59 -31.13
CA LYS X 58 45.39 -17.62 -31.71
C LYS X 58 44.62 -16.36 -32.10
N GLY X 59 43.42 -16.54 -32.65
CA GLY X 59 42.59 -15.42 -33.09
C GLY X 59 42.19 -14.51 -31.93
N GLU X 60 41.78 -15.12 -30.82
CA GLU X 60 41.38 -14.40 -29.62
C GLU X 60 42.57 -13.61 -29.07
N MET X 61 43.72 -14.27 -28.92
CA MET X 61 44.94 -13.63 -28.46
C MET X 61 45.24 -12.41 -29.30
N MET X 62 45.28 -12.59 -30.63
CA MET X 62 45.59 -11.51 -31.57
C MET X 62 44.61 -10.35 -31.43
N ASP X 63 43.32 -10.64 -31.28
CA ASP X 63 42.32 -9.59 -31.19
C ASP X 63 42.59 -8.72 -29.97
N LEU X 64 42.90 -9.36 -28.84
CA LEU X 64 43.22 -8.65 -27.61
C LEU X 64 44.51 -7.86 -27.82
N GLN X 65 45.52 -8.49 -28.44
CA GLN X 65 46.81 -7.86 -28.65
C GLN X 65 46.68 -6.58 -29.47
N HIS X 66 45.78 -6.57 -30.45
CA HIS X 66 45.63 -5.41 -31.32
C HIS X 66 45.10 -4.21 -30.54
N GLY X 67 44.51 -4.47 -29.38
CA GLY X 67 43.97 -3.40 -28.55
C GLY X 67 44.91 -2.98 -27.43
N SER X 68 46.19 -3.40 -27.51
CA SER X 68 47.18 -3.20 -26.46
C SER X 68 47.35 -1.72 -26.14
N LEU X 69 47.19 -0.87 -27.15
CA LEU X 69 47.31 0.58 -27.00
C LEU X 69 46.37 1.07 -25.89
N PHE X 70 45.24 0.37 -25.71
CA PHE X 70 44.18 0.84 -24.84
C PHE X 70 44.16 0.06 -23.52
N LEU X 71 45.15 -0.80 -23.32
CA LEU X 71 45.23 -1.59 -22.10
C LEU X 71 46.53 -1.28 -21.35
N ARG X 72 46.62 -1.84 -20.14
CA ARG X 72 47.81 -1.69 -19.32
C ARG X 72 48.27 -3.06 -18.87
N THR X 73 48.03 -4.06 -19.73
CA THR X 73 48.60 -5.39 -19.54
C THR X 73 49.55 -5.62 -20.70
N PRO X 74 50.88 -5.54 -20.47
CA PRO X 74 51.84 -5.50 -21.57
C PRO X 74 52.11 -6.82 -22.28
N LYS X 75 51.76 -7.94 -21.64
CA LYS X 75 52.05 -9.25 -22.23
C LYS X 75 50.79 -10.10 -22.28
N ILE X 76 50.34 -10.42 -23.49
CA ILE X 76 49.27 -11.37 -23.73
C ILE X 76 49.84 -12.51 -24.57
N VAL X 77 49.72 -13.73 -24.03
CA VAL X 77 50.21 -14.91 -24.71
C VAL X 77 49.10 -15.96 -24.75
N SER X 78 49.23 -16.90 -25.69
CA SER X 78 48.35 -18.05 -25.78
C SER X 78 49.13 -19.26 -26.28
N GLY X 79 48.57 -20.44 -26.07
CA GLY X 79 49.14 -21.68 -26.57
C GLY X 79 48.33 -22.87 -26.10
N LYS X 80 48.38 -23.94 -26.90
CA LYS X 80 47.88 -25.25 -26.51
C LYS X 80 48.74 -25.81 -25.37
N ASP X 81 50.02 -25.49 -25.40
CA ASP X 81 50.98 -25.99 -24.45
C ASP X 81 50.87 -25.17 -23.17
N TYR X 82 50.80 -25.86 -22.03
CA TYR X 82 50.62 -25.20 -20.73
C TYR X 82 51.87 -24.48 -20.25
N ASN X 83 52.95 -24.51 -21.03
CA ASN X 83 54.14 -23.80 -20.60
C ASN X 83 53.93 -22.29 -20.71
N VAL X 84 52.94 -21.85 -21.48
CA VAL X 84 52.62 -20.44 -21.59
C VAL X 84 51.97 -19.96 -20.28
N THR X 85 51.66 -20.91 -19.39
CA THR X 85 50.90 -20.66 -18.16
C THR X 85 51.83 -20.45 -16.97
N ALA X 86 53.13 -20.61 -17.17
CA ALA X 86 54.11 -20.71 -16.09
C ALA X 86 54.11 -19.48 -15.21
N ASN X 87 54.18 -19.71 -13.89
CA ASN X 87 54.30 -18.69 -12.85
C ASN X 87 53.06 -17.80 -12.79
N SER X 88 51.89 -18.41 -13.00
CA SER X 88 50.64 -17.70 -12.79
C SER X 88 50.38 -17.57 -11.28
N LYS X 89 49.88 -16.41 -10.87
CA LYS X 89 49.39 -16.23 -9.51
C LYS X 89 48.00 -16.84 -9.39
N LEU X 90 47.23 -16.71 -10.47
CA LEU X 90 45.84 -17.11 -10.51
C LEU X 90 45.55 -17.77 -11.85
N VAL X 91 44.95 -18.97 -11.80
CA VAL X 91 44.57 -19.70 -12.99
C VAL X 91 43.06 -19.91 -12.95
N ILE X 92 42.36 -19.39 -13.97
CA ILE X 92 40.91 -19.46 -14.03
C ILE X 92 40.51 -20.52 -15.06
N ILE X 93 39.80 -21.57 -14.60
CA ILE X 93 39.38 -22.65 -15.48
C ILE X 93 37.94 -22.41 -15.93
N THR X 94 37.77 -22.21 -17.24
CA THR X 94 36.45 -22.00 -17.82
C THR X 94 36.19 -23.04 -18.91
N ALA X 95 37.13 -24.00 -19.06
CA ALA X 95 37.01 -24.98 -20.14
C ALA X 95 36.05 -26.09 -19.74
N GLY X 96 35.47 -26.76 -20.73
CA GLY X 96 34.55 -27.86 -20.48
C GLY X 96 33.23 -27.68 -21.23
N ALA X 97 32.36 -28.66 -21.07
CA ALA X 97 31.02 -28.62 -21.65
C ALA X 97 30.14 -27.70 -20.82
N ARG X 98 29.20 -27.02 -21.46
CA ARG X 98 28.27 -26.14 -20.74
C ARG X 98 26.84 -26.62 -21.02
N GLN X 99 25.92 -26.22 -20.14
CA GLN X 99 24.57 -26.76 -20.19
C GLN X 99 23.79 -26.10 -21.31
N GLN X 100 22.95 -26.91 -21.95
CA GLN X 100 21.96 -26.39 -22.89
C GLN X 100 20.73 -25.97 -22.10
N GLU X 101 19.88 -25.27 -22.82
CA GLU X 101 18.56 -24.80 -22.35
C GLU X 101 18.09 -25.38 -21.00
N GLY X 102 17.34 -26.50 -20.96
CA GLY X 102 16.78 -27.00 -19.73
C GLY X 102 17.69 -28.03 -19.05
N GLU X 103 19.00 -28.04 -19.37
CA GLU X 103 19.92 -29.03 -18.84
C GLU X 103 20.52 -28.56 -17.52
N SER X 104 20.45 -29.40 -16.50
CA SER X 104 21.06 -29.13 -15.20
C SER X 104 22.58 -29.15 -15.34
N ARG X 105 23.25 -28.21 -14.66
CA ARG X 105 24.70 -28.16 -14.63
C ARG X 105 25.27 -29.48 -14.12
N LEU X 106 24.52 -30.19 -13.27
CA LEU X 106 24.99 -31.44 -12.68
C LEU X 106 25.14 -32.52 -13.75
N ASN X 107 24.54 -32.29 -14.92
CA ASN X 107 24.56 -33.24 -16.02
C ASN X 107 25.88 -33.15 -16.79
N LEU X 108 26.69 -32.15 -16.49
CA LEU X 108 27.98 -31.94 -17.14
C LEU X 108 29.11 -32.68 -16.42
N VAL X 109 28.79 -33.40 -15.34
CA VAL X 109 29.81 -33.71 -14.35
C VAL X 109 30.88 -34.63 -14.93
N GLN X 110 30.48 -35.75 -15.55
CA GLN X 110 31.47 -36.73 -15.92
C GLN X 110 32.33 -36.23 -17.09
N ARG X 111 31.70 -35.49 -18.00
CA ARG X 111 32.39 -34.95 -19.15
C ARG X 111 33.48 -33.99 -18.68
N ASN X 112 33.12 -33.12 -17.73
CA ASN X 112 34.04 -32.08 -17.30
C ASN X 112 35.05 -32.62 -16.30
N VAL X 113 34.70 -33.69 -15.56
CA VAL X 113 35.66 -34.33 -14.67
C VAL X 113 36.80 -34.90 -15.53
N ASN X 114 36.41 -35.53 -16.65
CA ASN X 114 37.39 -36.10 -17.57
C ASN X 114 38.34 -35.02 -18.08
N ILE X 115 37.77 -33.86 -18.43
CA ILE X 115 38.53 -32.73 -18.96
C ILE X 115 39.53 -32.25 -17.90
N PHE X 116 39.07 -32.17 -16.65
CA PHE X 116 39.85 -31.67 -15.54
C PHE X 116 41.04 -32.58 -15.25
N LYS X 117 40.88 -33.89 -15.51
CA LYS X 117 41.95 -34.85 -15.35
C LYS X 117 43.15 -34.51 -16.24
N PHE X 118 42.90 -33.78 -17.32
CA PHE X 118 43.96 -33.35 -18.21
C PHE X 118 44.47 -31.97 -17.79
N ILE X 119 43.53 -31.07 -17.53
CA ILE X 119 43.81 -29.66 -17.35
C ILE X 119 44.58 -29.42 -16.05
N ILE X 120 44.06 -29.97 -14.94
CA ILE X 120 44.49 -29.55 -13.62
C ILE X 120 45.97 -29.90 -13.40
N PRO X 121 46.42 -31.15 -13.68
CA PRO X 121 47.84 -31.50 -13.52
C PRO X 121 48.79 -30.64 -14.34
N ASN X 122 48.34 -30.20 -15.52
CA ASN X 122 49.14 -29.36 -16.39
C ASN X 122 49.27 -27.96 -15.82
N VAL X 123 48.16 -27.42 -15.27
CA VAL X 123 48.18 -26.12 -14.63
C VAL X 123 49.16 -26.14 -13.46
N VAL X 124 49.05 -27.21 -12.63
CA VAL X 124 49.82 -27.33 -11.40
C VAL X 124 51.29 -27.50 -11.72
N LYS X 125 51.59 -28.22 -12.81
CA LYS X 125 52.95 -28.43 -13.25
C LYS X 125 53.69 -27.10 -13.38
N TYR X 126 53.04 -26.11 -14.02
CA TYR X 126 53.71 -24.88 -14.44
C TYR X 126 53.50 -23.72 -13.46
N SER X 127 52.46 -23.80 -12.63
CA SER X 127 52.19 -22.78 -11.61
C SER X 127 51.82 -23.47 -10.30
N PRO X 128 52.76 -24.15 -9.61
CA PRO X 128 52.44 -24.91 -8.41
C PRO X 128 51.92 -24.07 -7.23
N ASN X 129 52.18 -22.76 -7.27
CA ASN X 129 51.82 -21.91 -6.13
C ASN X 129 50.64 -21.01 -6.48
N CYS X 130 49.95 -21.31 -7.59
CA CYS X 130 48.85 -20.46 -8.01
C CYS X 130 47.64 -20.71 -7.13
N LYS X 131 46.66 -19.79 -7.23
CA LYS X 131 45.31 -20.04 -6.77
C LYS X 131 44.54 -20.53 -7.99
N LEU X 132 43.71 -21.55 -7.78
CA LEU X 132 42.84 -22.08 -8.82
C LEU X 132 41.45 -21.51 -8.61
N LEU X 133 40.93 -20.81 -9.63
CA LEU X 133 39.55 -20.35 -9.60
C LEU X 133 38.75 -21.13 -10.64
N ILE X 134 37.85 -22.00 -10.16
CA ILE X 134 37.07 -22.87 -11.03
C ILE X 134 35.78 -22.17 -11.41
N VAL X 135 35.49 -22.12 -12.72
CA VAL X 135 34.28 -21.47 -13.21
C VAL X 135 33.40 -22.50 -13.94
N SER X 136 34.04 -23.53 -14.50
CA SER X 136 33.37 -24.63 -15.20
C SER X 136 32.32 -25.28 -14.31
N ASN X 137 31.25 -25.79 -14.92
CA ASN X 137 30.10 -26.30 -14.19
C ASN X 137 30.08 -27.83 -14.22
N PRO X 138 29.50 -28.53 -13.22
CA PRO X 138 28.98 -27.90 -12.01
C PRO X 138 30.12 -27.44 -11.11
N VAL X 139 30.17 -26.14 -10.83
CA VAL X 139 31.35 -25.49 -10.27
C VAL X 139 31.66 -26.06 -8.89
N ASP X 140 30.64 -26.45 -8.14
CA ASP X 140 30.85 -26.87 -6.75
C ASP X 140 31.54 -28.22 -6.71
N ILE X 141 31.07 -29.14 -7.55
CA ILE X 141 31.69 -30.45 -7.67
C ILE X 141 33.06 -30.33 -8.33
N LEU X 142 33.17 -29.51 -9.37
CA LEU X 142 34.42 -29.38 -10.10
C LEU X 142 35.49 -28.68 -9.25
N THR X 143 35.08 -27.87 -8.27
CA THR X 143 36.03 -27.28 -7.34
C THR X 143 36.65 -28.38 -6.49
N TYR X 144 35.78 -29.29 -6.02
CA TYR X 144 36.19 -30.46 -5.27
C TYR X 144 37.14 -31.31 -6.12
N VAL X 145 36.78 -31.49 -7.39
CA VAL X 145 37.60 -32.28 -8.31
C VAL X 145 38.97 -31.64 -8.47
N ALA X 146 39.01 -30.33 -8.74
CA ALA X 146 40.26 -29.62 -8.91
C ALA X 146 41.10 -29.74 -7.64
N TRP X 147 40.45 -29.80 -6.48
CA TRP X 147 41.13 -29.89 -5.20
C TRP X 147 41.79 -31.27 -5.05
N LYS X 148 41.02 -32.32 -5.35
CA LYS X 148 41.52 -33.69 -5.29
C LYS X 148 42.66 -33.88 -6.28
N ILE X 149 42.50 -33.39 -7.51
CA ILE X 149 43.46 -33.65 -8.56
C ILE X 149 44.75 -32.86 -8.31
N SER X 150 44.62 -31.57 -7.99
CA SER X 150 45.77 -30.67 -7.84
C SER X 150 46.65 -31.05 -6.64
N GLY X 151 46.01 -31.51 -5.56
CA GLY X 151 46.70 -31.77 -4.31
C GLY X 151 46.99 -30.49 -3.52
N PHE X 152 46.38 -29.38 -3.96
CA PHE X 152 46.56 -28.09 -3.32
C PHE X 152 45.85 -28.08 -1.97
N PRO X 153 46.29 -27.21 -1.04
CA PRO X 153 45.51 -26.95 0.17
C PRO X 153 44.21 -26.28 -0.26
N LYS X 154 43.17 -26.43 0.56
CA LYS X 154 41.82 -26.07 0.14
C LYS X 154 41.67 -24.55 -0.02
N ASN X 155 42.57 -23.78 0.60
CA ASN X 155 42.50 -22.33 0.49
C ASN X 155 42.83 -21.86 -0.92
N ARG X 156 43.55 -22.69 -1.69
CA ARG X 156 44.00 -22.29 -3.01
C ARG X 156 43.13 -22.88 -4.12
N VAL X 157 41.97 -23.44 -3.77
CA VAL X 157 41.04 -23.94 -4.78
C VAL X 157 39.68 -23.32 -4.50
N ILE X 158 39.26 -22.42 -5.38
CA ILE X 158 38.09 -21.56 -5.20
C ILE X 158 37.15 -21.77 -6.39
N GLY X 159 35.88 -22.04 -6.12
CA GLY X 159 34.89 -22.08 -7.17
C GLY X 159 34.13 -20.75 -7.24
N SER X 160 33.86 -20.26 -8.46
CA SER X 160 33.18 -18.99 -8.64
C SER X 160 31.84 -19.01 -7.89
N GLY X 161 31.26 -20.21 -7.77
CA GLY X 161 30.15 -20.47 -6.86
C GLY X 161 29.00 -19.51 -7.06
N CYS X 162 28.49 -18.97 -5.95
CA CYS X 162 27.28 -18.16 -5.97
C CYS X 162 27.59 -16.66 -5.97
N ASN X 163 28.83 -16.27 -6.34
CA ASN X 163 29.18 -14.86 -6.45
C ASN X 163 28.22 -14.21 -7.44
N LEU X 164 27.97 -14.91 -8.55
CA LEU X 164 27.09 -14.39 -9.59
C LEU X 164 25.63 -14.44 -9.15
N ASP X 165 25.23 -15.53 -8.49
CA ASP X 165 23.85 -15.69 -8.01
C ASP X 165 23.51 -14.54 -7.07
N SER X 166 24.44 -14.23 -6.16
CA SER X 166 24.23 -13.16 -5.20
C SER X 166 24.17 -11.81 -5.91
N ALA X 167 25.00 -11.64 -6.96
CA ALA X 167 25.01 -10.43 -7.76
C ALA X 167 23.66 -10.22 -8.45
N ARG X 168 23.12 -11.30 -9.03
CA ARG X 168 21.82 -11.26 -9.65
C ARG X 168 20.75 -10.93 -8.61
N PHE X 169 20.84 -11.60 -7.46
CA PHE X 169 19.91 -11.41 -6.36
C PHE X 169 19.84 -9.94 -5.98
N ARG X 170 21.02 -9.33 -5.82
CA ARG X 170 21.11 -7.94 -5.39
C ARG X 170 20.63 -7.00 -6.49
N TYR X 171 20.83 -7.40 -7.75
CA TYR X 171 20.33 -6.60 -8.86
C TYR X 171 18.80 -6.53 -8.79
N LEU X 172 18.17 -7.69 -8.63
CA LEU X 172 16.72 -7.80 -8.61
C LEU X 172 16.15 -7.14 -7.36
N MET X 173 16.83 -7.32 -6.22
CA MET X 173 16.49 -6.65 -4.97
C MET X 173 16.44 -5.14 -5.22
N GLY X 174 17.50 -4.64 -5.85
CA GLY X 174 17.63 -3.22 -6.15
C GLY X 174 16.53 -2.70 -7.07
N GLU X 175 16.14 -3.52 -8.05
CA GLU X 175 15.09 -3.18 -9.01
C GLU X 175 13.80 -2.94 -8.26
N ARG X 176 13.49 -3.83 -7.30
CA ARG X 176 12.26 -3.77 -6.53
C ARG X 176 12.27 -2.55 -5.60
N LEU X 177 13.43 -2.23 -5.03
CA LEU X 177 13.48 -1.24 -3.94
C LEU X 177 13.84 0.15 -4.44
N GLY X 178 14.34 0.27 -5.69
CA GLY X 178 14.78 1.53 -6.25
C GLY X 178 16.12 1.99 -5.65
N VAL X 179 16.98 1.01 -5.37
CA VAL X 179 18.29 1.23 -4.78
C VAL X 179 19.34 0.55 -5.64
N HIS X 180 20.52 1.16 -5.76
CA HIS X 180 21.61 0.53 -6.48
C HIS X 180 21.95 -0.80 -5.81
N PRO X 181 22.23 -1.87 -6.59
CA PRO X 181 22.62 -3.14 -6.00
C PRO X 181 23.73 -3.07 -4.97
N LEU X 182 24.61 -2.05 -5.11
CA LEU X 182 25.73 -1.89 -4.21
C LEU X 182 25.22 -1.69 -2.78
N SER X 183 24.04 -1.07 -2.65
CA SER X 183 23.46 -0.74 -1.36
C SER X 183 22.41 -1.76 -0.91
N CYS X 184 22.18 -2.80 -1.74
CA CYS X 184 21.29 -3.90 -1.41
C CYS X 184 22.10 -5.14 -1.01
N HIS X 185 21.84 -5.68 0.18
CA HIS X 185 22.65 -6.78 0.69
C HIS X 185 21.78 -8.01 0.88
N GLY X 186 22.38 -9.18 0.58
CA GLY X 186 21.62 -10.42 0.47
C GLY X 186 22.47 -11.53 -0.13
N TRP X 187 22.43 -12.72 0.47
CA TRP X 187 23.33 -13.79 0.08
C TRP X 187 22.53 -14.97 -0.46
N VAL X 188 22.99 -15.50 -1.60
CA VAL X 188 22.54 -16.80 -2.09
C VAL X 188 23.70 -17.77 -1.92
N LEU X 189 23.47 -18.84 -1.15
CA LEU X 189 24.52 -19.77 -0.78
C LEU X 189 24.19 -21.19 -1.26
N GLY X 190 25.12 -22.11 -1.04
CA GLY X 190 24.94 -23.50 -1.44
C GLY X 190 25.39 -23.76 -2.88
N GLU X 191 24.60 -24.57 -3.61
CA GLU X 191 24.89 -24.93 -4.99
C GLU X 191 24.66 -23.72 -5.89
N HIS X 192 25.62 -23.49 -6.78
CA HIS X 192 25.40 -22.62 -7.92
C HIS X 192 24.53 -23.42 -8.88
N GLY X 193 23.21 -23.35 -8.66
CA GLY X 193 22.29 -24.17 -9.40
C GLY X 193 20.91 -24.14 -8.74
N ASP X 194 20.13 -25.18 -9.03
CA ASP X 194 18.72 -25.23 -8.72
C ASP X 194 18.48 -25.26 -7.21
N SER X 195 19.44 -25.76 -6.42
CA SER X 195 19.25 -25.92 -4.98
C SER X 195 19.90 -24.79 -4.18
N SER X 196 20.10 -23.63 -4.81
CA SER X 196 20.68 -22.50 -4.08
C SER X 196 19.74 -22.03 -2.97
N VAL X 197 20.34 -21.46 -1.92
CA VAL X 197 19.62 -21.07 -0.71
C VAL X 197 19.70 -19.56 -0.54
N PRO X 198 18.57 -18.83 -0.63
CA PRO X 198 18.54 -17.40 -0.35
C PRO X 198 18.42 -17.18 1.15
N VAL X 199 19.35 -16.38 1.70
CA VAL X 199 19.39 -16.16 3.14
C VAL X 199 18.57 -14.90 3.44
N TRP X 200 17.26 -15.12 3.60
CA TRP X 200 16.27 -14.07 3.88
C TRP X 200 16.64 -13.34 5.16
N SER X 201 17.20 -14.07 6.13
CA SER X 201 17.53 -13.51 7.44
C SER X 201 18.59 -12.41 7.33
N GLY X 202 19.40 -12.44 6.26
CA GLY X 202 20.52 -11.55 6.07
C GLY X 202 20.23 -10.35 5.15
N MET X 203 19.08 -10.40 4.46
CA MET X 203 18.73 -9.37 3.50
C MET X 203 18.49 -8.04 4.19
N ASN X 204 19.17 -6.99 3.71
CA ASN X 204 19.08 -5.70 4.37
C ASN X 204 19.47 -4.57 3.43
N VAL X 205 18.98 -3.36 3.75
CA VAL X 205 19.46 -2.12 3.17
C VAL X 205 19.84 -1.23 4.35
N ALA X 206 21.05 -0.64 4.28
CA ALA X 206 21.56 0.26 5.30
C ALA X 206 21.47 -0.35 6.69
N GLY X 207 21.62 -1.69 6.77
CA GLY X 207 21.68 -2.39 8.04
C GLY X 207 20.29 -2.72 8.60
N VAL X 208 19.24 -2.34 7.86
CA VAL X 208 17.87 -2.58 8.32
C VAL X 208 17.43 -3.93 7.76
N SER X 209 17.18 -4.90 8.66
CA SER X 209 16.75 -6.24 8.28
C SER X 209 15.38 -6.19 7.61
N LEU X 210 15.31 -6.73 6.38
CA LEU X 210 14.07 -6.73 5.62
C LEU X 210 13.08 -7.73 6.21
N LYS X 211 13.62 -8.84 6.76
CA LYS X 211 12.78 -9.86 7.37
C LYS X 211 12.13 -9.32 8.64
N THR X 212 12.84 -8.44 9.36
CA THR X 212 12.31 -7.77 10.55
C THR X 212 11.13 -6.88 10.15
N LEU X 213 11.31 -6.13 9.06
CA LEU X 213 10.28 -5.23 8.56
C LEU X 213 9.10 -6.01 8.02
N HIS X 214 9.38 -7.18 7.44
CA HIS X 214 8.41 -7.94 6.67
C HIS X 214 8.62 -9.43 6.94
N PRO X 215 8.05 -9.96 8.04
CA PRO X 215 8.32 -11.35 8.45
C PRO X 215 7.91 -12.41 7.43
N ASP X 216 6.99 -12.05 6.53
CA ASP X 216 6.56 -12.99 5.50
C ASP X 216 7.63 -13.20 4.44
N LEU X 217 8.66 -12.33 4.41
CA LEU X 217 9.70 -12.34 3.40
C LEU X 217 10.25 -13.76 3.24
N GLY X 218 10.17 -14.30 2.02
CA GLY X 218 10.74 -15.59 1.69
C GLY X 218 9.80 -16.78 1.85
N THR X 219 8.61 -16.53 2.38
CA THR X 219 7.64 -17.60 2.57
C THR X 219 6.63 -17.58 1.44
N ASP X 220 5.82 -18.65 1.34
CA ASP X 220 4.76 -18.76 0.35
C ASP X 220 3.61 -17.82 0.68
N LYS X 221 3.42 -17.51 1.96
CA LYS X 221 2.34 -16.66 2.39
C LYS X 221 2.57 -15.21 1.98
N ASP X 222 3.83 -14.87 1.67
CA ASP X 222 4.27 -13.52 1.35
C ASP X 222 3.44 -12.91 0.22
N LYS X 223 2.68 -11.86 0.58
CA LYS X 223 1.85 -11.11 -0.33
C LYS X 223 2.68 -10.49 -1.46
N GLU X 224 3.94 -10.16 -1.12
CA GLU X 224 4.83 -9.47 -2.04
C GLU X 224 5.64 -10.45 -2.88
N GLN X 225 5.63 -11.72 -2.49
CA GLN X 225 6.21 -12.80 -3.26
C GLN X 225 7.72 -12.58 -3.44
N TRP X 226 8.42 -12.36 -2.34
CA TRP X 226 9.85 -12.17 -2.45
C TRP X 226 10.58 -13.45 -2.87
N LYS X 227 9.92 -14.58 -2.66
CA LYS X 227 10.46 -15.87 -3.05
C LYS X 227 10.74 -15.89 -4.54
N GLU X 228 9.97 -15.12 -5.31
CA GLU X 228 10.08 -15.02 -6.75
C GLU X 228 11.41 -14.40 -7.17
N VAL X 229 11.99 -13.55 -6.30
CA VAL X 229 13.29 -12.99 -6.60
C VAL X 229 14.33 -14.11 -6.69
N HIS X 230 14.28 -15.03 -5.73
CA HIS X 230 15.22 -16.16 -5.78
C HIS X 230 14.88 -17.09 -6.95
N LYS X 231 13.68 -17.04 -7.47
CA LYS X 231 13.26 -18.07 -8.40
C LYS X 231 13.80 -17.55 -9.72
N GLN X 232 13.91 -16.22 -9.76
CA GLN X 232 14.48 -15.55 -10.92
C GLN X 232 15.99 -15.79 -10.96
N VAL X 233 16.58 -15.92 -9.78
CA VAL X 233 18.02 -16.11 -9.70
C VAL X 233 18.38 -17.49 -10.24
N VAL X 234 17.64 -18.50 -9.80
CA VAL X 234 17.84 -19.87 -10.23
C VAL X 234 17.69 -19.97 -11.75
N GLU X 235 16.72 -19.20 -12.28
CA GLU X 235 16.30 -19.37 -13.66
C GLU X 235 17.05 -18.44 -14.61
N SER X 236 17.85 -17.52 -14.07
CA SER X 236 18.56 -16.52 -14.86
C SER X 236 19.37 -17.18 -15.98
N ALA X 237 20.25 -18.09 -15.60
CA ALA X 237 21.16 -18.75 -16.53
C ALA X 237 20.38 -19.37 -17.69
N TYR X 238 19.30 -20.08 -17.34
CA TYR X 238 18.48 -20.76 -18.31
C TYR X 238 17.79 -19.77 -19.23
N GLU X 239 17.33 -18.65 -18.65
CA GLU X 239 16.59 -17.68 -19.46
C GLU X 239 17.56 -16.95 -20.40
N VAL X 240 18.75 -16.61 -19.93
CA VAL X 240 19.72 -15.96 -20.79
C VAL X 240 20.14 -16.93 -21.89
N ILE X 241 20.38 -18.21 -21.52
CA ILE X 241 20.73 -19.25 -22.49
C ILE X 241 19.64 -19.33 -23.55
N LYS X 242 18.38 -19.35 -23.09
CA LYS X 242 17.23 -19.43 -23.97
C LYS X 242 17.25 -18.25 -24.95
N LEU X 243 17.65 -17.05 -24.46
CA LEU X 243 17.50 -15.84 -25.24
C LEU X 243 18.69 -15.63 -26.17
N LYS X 244 19.92 -15.89 -25.71
CA LYS X 244 21.09 -15.55 -26.50
C LYS X 244 22.05 -16.74 -26.71
N GLY X 245 21.73 -17.89 -26.10
CA GLY X 245 22.46 -19.12 -26.37
C GLY X 245 23.46 -19.48 -25.28
N TYR X 246 23.90 -18.47 -24.51
CA TYR X 246 24.89 -18.68 -23.47
C TYR X 246 24.88 -17.49 -22.52
N THR X 247 25.60 -17.59 -21.41
CA THR X 247 25.87 -16.41 -20.59
C THR X 247 27.36 -16.12 -20.65
N SER X 248 27.73 -14.84 -20.59
CA SER X 248 29.14 -14.46 -20.71
C SER X 248 29.47 -13.26 -19.83
N TRP X 249 28.76 -12.15 -20.03
CA TRP X 249 29.20 -10.88 -19.47
C TRP X 249 29.15 -10.88 -17.95
N ALA X 250 28.05 -11.39 -17.38
CA ALA X 250 27.83 -11.35 -15.94
C ALA X 250 28.84 -12.22 -15.20
N ILE X 251 29.04 -13.44 -15.72
CA ILE X 251 29.99 -14.37 -15.13
C ILE X 251 31.41 -13.81 -15.26
N GLY X 252 31.68 -13.15 -16.40
CA GLY X 252 32.98 -12.54 -16.66
C GLY X 252 33.31 -11.49 -15.62
N LEU X 253 32.37 -10.57 -15.40
CA LEU X 253 32.52 -9.52 -14.41
C LEU X 253 32.64 -10.12 -13.01
N SER X 254 31.83 -11.14 -12.73
CA SER X 254 31.84 -11.80 -11.43
C SER X 254 33.22 -12.40 -11.14
N VAL X 255 33.83 -13.01 -12.15
CA VAL X 255 35.14 -13.65 -12.05
C VAL X 255 36.22 -12.60 -11.86
N ALA X 256 36.12 -11.46 -12.57
CA ALA X 256 37.10 -10.39 -12.42
C ALA X 256 37.00 -9.80 -11.01
N ASP X 257 35.77 -9.82 -10.47
CA ASP X 257 35.52 -9.35 -9.12
C ASP X 257 36.33 -10.19 -8.13
N LEU X 258 36.28 -11.51 -8.32
CA LEU X 258 36.98 -12.43 -7.45
C LEU X 258 38.49 -12.27 -7.66
N ALA X 259 38.91 -12.17 -8.92
CA ALA X 259 40.31 -11.99 -9.29
C ALA X 259 40.87 -10.75 -8.61
N GLU X 260 40.08 -9.67 -8.58
CA GLU X 260 40.50 -8.40 -7.99
C GLU X 260 40.83 -8.60 -6.51
N SER X 261 39.96 -9.31 -5.79
CA SER X 261 40.14 -9.55 -4.37
C SER X 261 41.39 -10.40 -4.12
N ILE X 262 41.61 -11.39 -4.99
CA ILE X 262 42.75 -12.28 -4.83
C ILE X 262 44.05 -11.51 -5.11
N MET X 263 44.13 -10.87 -6.28
CA MET X 263 45.35 -10.23 -6.76
C MET X 263 45.77 -9.07 -5.86
N LYS X 264 44.79 -8.32 -5.35
CA LYS X 264 45.08 -7.13 -4.56
C LYS X 264 45.01 -7.41 -3.07
N ASN X 265 44.76 -8.66 -2.68
CA ASN X 265 44.74 -9.14 -1.29
C ASN X 265 43.77 -8.29 -0.46
N LEU X 266 42.57 -8.07 -0.98
CA LEU X 266 41.62 -7.13 -0.39
C LEU X 266 41.01 -7.67 0.91
N ARG X 267 40.86 -9.00 1.02
CA ARG X 267 40.17 -9.62 2.14
C ARG X 267 38.71 -9.14 2.17
N ARG X 268 38.13 -9.08 0.97
CA ARG X 268 36.69 -8.88 0.85
C ARG X 268 35.98 -10.23 1.02
N VAL X 269 34.68 -10.13 1.32
CA VAL X 269 33.92 -11.35 1.58
C VAL X 269 33.94 -12.39 0.50
N HIS X 270 32.91 -12.55 -0.30
CA HIS X 270 32.49 -13.32 -1.47
C HIS X 270 31.89 -14.70 -1.20
N PRO X 271 30.68 -15.00 -1.74
CA PRO X 271 30.12 -16.34 -1.63
C PRO X 271 30.69 -17.23 -2.73
N VAL X 272 31.66 -18.09 -2.38
CA VAL X 272 32.41 -18.86 -3.34
C VAL X 272 32.46 -20.31 -2.86
N SER X 273 32.72 -21.25 -3.79
CA SER X 273 32.69 -22.67 -3.47
C SER X 273 33.94 -23.07 -2.69
N THR X 274 33.72 -23.67 -1.53
CA THR X 274 34.81 -24.17 -0.72
C THR X 274 34.32 -25.36 0.10
N MET X 275 35.27 -26.03 0.75
CA MET X 275 34.89 -27.20 1.53
C MET X 275 34.21 -26.74 2.82
N ILE X 276 33.00 -27.26 3.06
CA ILE X 276 32.20 -26.88 4.22
C ILE X 276 32.03 -28.04 5.20
N LYS X 277 32.77 -29.12 5.01
CA LYS X 277 32.78 -30.22 5.97
C LYS X 277 32.96 -29.66 7.39
N GLY X 278 32.10 -30.10 8.31
CA GLY X 278 32.13 -29.69 9.71
C GLY X 278 31.21 -28.51 10.04
N LEU X 279 30.60 -27.90 9.01
CA LEU X 279 29.66 -26.81 9.24
C LEU X 279 28.24 -27.29 8.91
N TYR X 280 27.28 -26.79 9.70
CA TYR X 280 25.87 -27.05 9.50
C TYR X 280 25.58 -28.55 9.45
N GLY X 281 26.39 -29.35 10.16
CA GLY X 281 26.18 -30.78 10.32
C GLY X 281 26.51 -31.57 9.07
N ILE X 282 27.20 -30.94 8.11
CA ILE X 282 27.68 -31.64 6.92
C ILE X 282 28.97 -32.36 7.31
N LYS X 283 29.02 -33.68 7.00
CA LYS X 283 30.10 -34.54 7.48
C LYS X 283 30.97 -35.03 6.33
N ASP X 284 30.59 -34.71 5.08
CA ASP X 284 31.33 -35.19 3.93
C ASP X 284 32.13 -34.07 3.30
N ASP X 285 32.95 -34.43 2.29
CA ASP X 285 33.85 -33.50 1.64
C ASP X 285 33.09 -32.69 0.60
N VAL X 286 32.03 -32.01 1.02
CA VAL X 286 31.20 -31.27 0.09
C VAL X 286 31.78 -29.89 -0.10
N PHE X 287 31.83 -29.42 -1.35
CA PHE X 287 32.12 -28.03 -1.63
C PHE X 287 30.82 -27.33 -2.01
N LEU X 288 30.55 -26.19 -1.37
CA LEU X 288 29.53 -25.29 -1.86
C LEU X 288 29.83 -23.87 -1.39
N SER X 289 28.97 -22.94 -1.78
CA SER X 289 29.21 -21.52 -1.53
C SER X 289 28.78 -21.13 -0.13
N VAL X 290 29.73 -20.55 0.62
CA VAL X 290 29.47 -19.79 1.83
C VAL X 290 30.29 -18.50 1.71
N PRO X 291 30.01 -17.43 2.50
CA PRO X 291 30.82 -16.21 2.43
C PRO X 291 32.23 -16.49 2.93
N CYS X 292 33.21 -16.19 2.07
CA CYS X 292 34.61 -16.43 2.38
C CYS X 292 35.40 -15.13 2.24
N ILE X 293 36.45 -14.99 3.07
CA ILE X 293 37.39 -13.89 2.97
C ILE X 293 38.43 -14.25 1.92
N LEU X 294 38.55 -13.40 0.89
CA LEU X 294 39.37 -13.66 -0.28
C LEU X 294 40.57 -12.73 -0.31
N GLY X 295 41.75 -13.32 -0.45
CA GLY X 295 42.98 -12.57 -0.55
C GLY X 295 44.03 -13.33 -1.32
N GLN X 296 45.29 -12.94 -1.12
CA GLN X 296 46.41 -13.42 -1.90
C GLN X 296 46.72 -14.89 -1.61
N ASN X 297 46.15 -15.46 -0.54
CA ASN X 297 46.31 -16.88 -0.27
C ASN X 297 45.01 -17.62 -0.58
N GLY X 298 44.13 -16.96 -1.33
CA GLY X 298 42.83 -17.53 -1.67
C GLY X 298 41.83 -17.32 -0.54
N ILE X 299 41.16 -18.41 -0.14
CA ILE X 299 40.20 -18.34 0.95
C ILE X 299 40.96 -18.54 2.27
N SER X 300 41.11 -17.45 3.02
CA SER X 300 41.81 -17.50 4.29
C SER X 300 40.84 -17.83 5.43
N ASP X 301 39.55 -17.50 5.25
CA ASP X 301 38.56 -17.59 6.30
C ASP X 301 37.18 -17.78 5.69
N LEU X 302 36.28 -18.40 6.47
CA LEU X 302 34.86 -18.50 6.16
C LEU X 302 34.10 -17.66 7.18
N VAL X 303 33.03 -17.01 6.73
CA VAL X 303 32.07 -16.43 7.65
C VAL X 303 31.07 -17.54 7.97
N LYS X 304 30.82 -17.73 9.27
CA LYS X 304 29.89 -18.75 9.72
C LYS X 304 28.53 -18.10 9.83
N VAL X 305 27.80 -18.07 8.71
CA VAL X 305 26.52 -17.39 8.66
C VAL X 305 25.55 -18.12 9.58
N THR X 306 24.77 -17.35 10.34
CA THR X 306 23.66 -17.90 11.09
C THR X 306 22.46 -18.08 10.16
N LEU X 307 21.93 -19.32 10.15
CA LEU X 307 20.83 -19.66 9.27
C LEU X 307 19.61 -20.02 10.11
N THR X 308 18.42 -19.65 9.62
CA THR X 308 17.21 -20.21 10.18
C THR X 308 17.25 -21.72 9.95
N SER X 309 16.51 -22.48 10.78
CA SER X 309 16.48 -23.92 10.66
C SER X 309 16.09 -24.36 9.25
N GLU X 310 15.22 -23.58 8.60
CA GLU X 310 14.80 -23.90 7.25
C GLU X 310 15.92 -23.59 6.25
N GLU X 311 16.54 -22.41 6.40
CA GLU X 311 17.68 -22.01 5.57
C GLU X 311 18.78 -23.07 5.72
N GLU X 312 18.99 -23.56 6.95
CA GLU X 312 19.99 -24.59 7.18
C GLU X 312 19.57 -25.91 6.56
N ALA X 313 18.26 -26.21 6.64
CA ALA X 313 17.73 -27.43 6.05
C ALA X 313 17.97 -27.43 4.54
N ARG X 314 17.73 -26.28 3.89
CA ARG X 314 17.90 -26.10 2.45
C ARG X 314 19.37 -26.29 2.06
N LEU X 315 20.28 -25.79 2.91
CA LEU X 315 21.71 -25.90 2.66
C LEU X 315 22.19 -27.35 2.83
N LYS X 316 21.60 -28.08 3.78
CA LYS X 316 21.93 -29.48 3.98
C LYS X 316 21.41 -30.30 2.80
N LYS X 317 20.27 -29.88 2.24
CA LYS X 317 19.67 -30.51 1.07
C LYS X 317 20.56 -30.30 -0.15
N SER X 318 21.09 -29.07 -0.30
CA SER X 318 22.01 -28.72 -1.35
C SER X 318 23.26 -29.59 -1.23
N ALA X 319 23.75 -29.72 0.02
CA ALA X 319 24.93 -30.52 0.31
C ALA X 319 24.71 -31.97 -0.11
N ASP X 320 23.54 -32.52 0.23
CA ASP X 320 23.21 -33.90 -0.06
C ASP X 320 23.19 -34.15 -1.57
N THR X 321 22.49 -33.27 -2.30
CA THR X 321 22.42 -33.35 -3.76
C THR X 321 23.82 -33.47 -4.33
N LEU X 322 24.70 -32.57 -3.88
CA LEU X 322 26.05 -32.47 -4.42
C LEU X 322 26.87 -33.70 -4.04
N TRP X 323 26.76 -34.13 -2.78
CA TRP X 323 27.50 -35.28 -2.32
C TRP X 323 27.06 -36.54 -3.06
N GLY X 324 25.77 -36.62 -3.35
CA GLY X 324 25.24 -37.73 -4.12
C GLY X 324 25.99 -37.93 -5.45
N ILE X 325 26.26 -36.81 -6.10
CA ILE X 325 26.87 -36.81 -7.41
C ILE X 325 28.39 -36.98 -7.26
N GLN X 326 28.97 -36.42 -6.20
CA GLN X 326 30.38 -36.62 -5.87
C GLN X 326 30.69 -38.12 -5.72
N LYS X 327 29.73 -38.96 -5.25
CA LYS X 327 29.92 -40.38 -5.16
C LYS X 327 30.38 -41.06 -6.47
N GLU X 328 29.97 -40.48 -7.57
CA GLU X 328 30.15 -41.08 -8.89
C GLU X 328 31.53 -40.73 -9.47
N LEU X 329 32.29 -39.87 -8.79
CA LEU X 329 33.57 -39.41 -9.27
C LEU X 329 34.64 -40.49 -9.11
N GLN X 330 35.52 -40.57 -10.11
CA GLN X 330 36.76 -41.32 -10.05
C GLN X 330 37.79 -40.24 -10.16
N PHE X 331 39.03 -40.50 -9.73
CA PHE X 331 40.01 -39.44 -9.59
C PHE X 331 41.31 -39.81 -10.27
#